data_6KWW
#
_entry.id   6KWW
#
_cell.length_a   146.618
_cell.length_b   189.602
_cell.length_c   215.813
_cell.angle_alpha   90.000
_cell.angle_beta   92.617
_cell.angle_gamma   90.000
#
_symmetry.space_group_name_H-M   'P 1 21 1'
#
_entity_poly.entity_id   1
_entity_poly.type   'polypeptide(L)'
_entity_poly.pdbx_seq_one_letter_code
;HHHHENLYFQGAASMDTAGIRLTPKEIVSKLNEYIVGQNDAKRKVAIALRNRYRRSLLDEESKQEISPKNILMIGPTGVG
KTEIARRMAKVVGAPFIKVEATKFTELGYVGRDVESMVRDLVDVSVRLVKAQKKSLVQDEATAKANEKLVKLLVPSMKKK
ASQTNNPLESLFGGAIPNFGQNNEDEEEPPTEEIKTKRSEIKRQLEEGKLEKEKVRIKVEQDPGALGMLGTNQNQQMQEM
MNQLMPKKKVEREVAVETARKILADSYADELIDQESANQEALELAEQMGIIFIDEIDKVATNNHNSGQDVSRQGVQRDIL
PILEGSVIQTKYGTVNTEHMLFIGAGAFHVSKPSDLIPELQGRFPIRVELDSLSVEDFVRILTEPKLSLIKQYEALLQTE
EVTVNFTDEAITRLAEIAYQVNQDTDNIGARRLHTILEKMLEDLSFEAPSMPNAVVDITPQYVDDKLKSISTNKDLSAFI
L
;
_entity_poly.pdbx_strand_id   M,N,O,P,Q,R,S,T,U,V,W,X,A,B,C,D,E,F,G,H,I,J,K,L
#
# COMPACT_ATOMS: atom_id res chain seq x y z
N ALA A 18 -12.58 -17.90 -96.15
CA ALA A 18 -12.59 -16.95 -97.26
C ALA A 18 -13.75 -15.96 -97.14
N GLY A 19 -14.04 -15.55 -95.91
CA GLY A 19 -14.93 -14.43 -95.67
C GLY A 19 -14.26 -13.08 -95.76
N ILE A 20 -12.96 -13.07 -96.05
CA ILE A 20 -12.23 -11.82 -96.26
C ILE A 20 -12.57 -11.19 -97.60
N ARG A 21 -13.06 -11.98 -98.55
CA ARG A 21 -13.39 -11.49 -99.88
C ARG A 21 -14.67 -10.64 -99.90
N LEU A 22 -15.31 -10.43 -98.76
CA LEU A 22 -16.55 -9.65 -98.73
C LEU A 22 -16.28 -8.20 -99.12
N THR A 23 -17.02 -7.73 -100.12
CA THR A 23 -16.95 -6.32 -100.49
C THR A 23 -17.52 -5.45 -99.38
N PRO A 24 -17.15 -4.18 -99.32
CA PRO A 24 -17.67 -3.31 -98.25
C PRO A 24 -19.19 -3.23 -98.22
N LYS A 25 -19.85 -3.22 -99.39
CA LYS A 25 -21.31 -3.15 -99.41
C LYS A 25 -21.93 -4.38 -98.77
N GLU A 26 -21.30 -5.55 -98.91
CA GLU A 26 -21.83 -6.75 -98.30
C GLU A 26 -21.68 -6.72 -96.78
N ILE A 27 -20.56 -6.16 -96.29
CA ILE A 27 -20.33 -6.11 -94.85
C ILE A 27 -21.33 -5.17 -94.18
N VAL A 28 -21.64 -4.04 -94.83
CA VAL A 28 -22.66 -3.14 -94.29
C VAL A 28 -24.00 -3.84 -94.22
N SER A 29 -24.30 -4.70 -95.19
CA SER A 29 -25.55 -5.47 -95.14
C SER A 29 -25.50 -6.52 -94.04
N LYS A 30 -24.36 -7.18 -93.88
CA LYS A 30 -24.22 -8.16 -92.79
C LYS A 30 -24.36 -7.49 -91.43
N LEU A 31 -23.73 -6.32 -91.25
CA LEU A 31 -23.77 -5.64 -89.96
C LEU A 31 -25.13 -5.01 -89.68
N ASN A 32 -25.98 -4.86 -90.69
CA ASN A 32 -27.32 -4.32 -90.44
C ASN A 32 -28.23 -5.33 -89.77
N GLU A 33 -27.94 -6.63 -89.90
CA GLU A 33 -28.76 -7.65 -89.26
C GLU A 33 -28.64 -7.62 -87.75
N TYR A 34 -27.59 -6.99 -87.21
CA TYR A 34 -27.34 -6.98 -85.78
C TYR A 34 -27.26 -5.59 -85.17
N ILE A 35 -26.84 -4.58 -85.93
CA ILE A 35 -26.64 -3.23 -85.40
C ILE A 35 -27.57 -2.27 -86.15
N VAL A 36 -28.37 -1.53 -85.38
CA VAL A 36 -29.31 -0.58 -85.95
C VAL A 36 -28.60 0.74 -86.21
N GLY A 37 -28.81 1.30 -87.41
CA GLY A 37 -28.23 2.59 -87.73
C GLY A 37 -26.71 2.54 -87.83
N GLN A 38 -26.08 3.66 -87.49
CA GLN A 38 -24.62 3.78 -87.51
C GLN A 38 -24.06 3.40 -88.89
N ASN A 39 -24.75 3.84 -89.94
CA ASN A 39 -24.30 3.54 -91.29
C ASN A 39 -22.92 4.13 -91.55
N ASP A 40 -22.65 5.32 -91.02
CA ASP A 40 -21.34 5.93 -91.20
C ASP A 40 -20.24 5.07 -90.61
N ALA A 41 -20.47 4.50 -89.43
CA ALA A 41 -19.47 3.66 -88.79
C ALA A 41 -19.33 2.30 -89.47
N LYS A 42 -20.36 1.84 -90.18
CA LYS A 42 -20.28 0.55 -90.86
C LYS A 42 -19.44 0.61 -92.13
N ARG A 43 -19.48 1.72 -92.86
CA ARG A 43 -18.65 1.87 -94.05
C ARG A 43 -17.18 1.87 -93.68
N LYS A 44 -16.78 2.76 -92.77
CA LYS A 44 -15.37 2.91 -92.43
C LYS A 44 -14.80 1.63 -91.82
N VAL A 45 -15.62 0.88 -91.09
CA VAL A 45 -15.21 -0.45 -90.62
C VAL A 45 -15.02 -1.41 -91.80
N ALA A 46 -15.83 -1.27 -92.84
CA ALA A 46 -15.77 -2.20 -93.97
C ALA A 46 -14.59 -1.92 -94.88
N ILE A 47 -14.26 -0.65 -95.12
CA ILE A 47 -13.13 -0.33 -95.98
C ILE A 47 -11.82 -0.61 -95.28
N ALA A 48 -11.82 -0.74 -93.96
CA ALA A 48 -10.62 -1.19 -93.25
C ALA A 48 -10.37 -2.67 -93.50
N LEU A 49 -11.43 -3.48 -93.45
CA LEU A 49 -11.32 -4.90 -93.79
C LEU A 49 -10.96 -5.08 -95.26
N ARG A 50 -11.63 -4.33 -96.14
CA ARG A 50 -11.37 -4.45 -97.57
C ARG A 50 -9.90 -4.15 -97.89
N ASN A 51 -9.28 -3.23 -97.14
CA ASN A 51 -7.86 -2.97 -97.34
C ASN A 51 -7.00 -4.15 -96.95
N ARG A 52 -7.44 -4.94 -95.96
CA ARG A 52 -6.69 -6.14 -95.59
C ARG A 52 -6.72 -7.17 -96.71
N TYR A 53 -7.87 -7.29 -97.39
CA TYR A 53 -7.95 -8.15 -98.57
C TYR A 53 -7.02 -7.65 -99.66
N ARG A 54 -7.17 -6.39 -100.07
CA ARG A 54 -6.35 -5.81 -101.12
C ARG A 54 -4.86 -5.93 -100.82
N ARG A 55 -4.47 -5.88 -99.54
CA ARG A 55 -3.06 -5.99 -99.20
C ARG A 55 -2.49 -7.35 -99.58
N SER A 56 -3.30 -8.41 -99.45
CA SER A 56 -2.80 -9.76 -99.69
C SER A 56 -2.60 -10.05 -101.17
N LEU A 57 -3.34 -9.38 -102.06
CA LEU A 57 -3.19 -9.60 -103.49
C LEU A 57 -1.99 -8.85 -104.09
N LEU A 58 -1.16 -8.22 -103.27
CA LEU A 58 -0.04 -7.44 -103.76
C LEU A 58 1.26 -8.26 -103.70
N ASP A 59 2.34 -7.65 -104.16
CA ASP A 59 3.65 -8.28 -104.14
C ASP A 59 4.22 -8.29 -102.72
N GLU A 60 5.23 -9.12 -102.51
CA GLU A 60 5.72 -9.38 -101.15
C GLU A 60 6.38 -8.14 -100.55
N GLU A 61 7.14 -7.38 -101.34
CA GLU A 61 7.81 -6.21 -100.79
C GLU A 61 6.82 -5.09 -100.49
N SER A 62 5.69 -5.05 -101.20
CA SER A 62 4.66 -4.05 -100.94
C SER A 62 3.63 -4.53 -99.94
N LYS A 63 3.34 -5.84 -99.91
CA LYS A 63 2.40 -6.39 -98.95
C LYS A 63 2.84 -6.21 -97.51
N GLN A 64 4.14 -5.99 -97.28
CA GLN A 64 4.68 -5.94 -95.92
C GLN A 64 4.99 -4.54 -95.43
N GLU A 65 5.10 -3.55 -96.32
CA GLU A 65 5.51 -2.21 -95.92
C GLU A 65 4.36 -1.24 -95.78
N ILE A 66 3.12 -1.66 -95.98
CA ILE A 66 1.97 -0.81 -95.74
C ILE A 66 1.39 -1.17 -94.38
N SER A 67 0.68 -0.22 -93.78
CA SER A 67 0.12 -0.45 -92.46
C SER A 67 -1.40 -0.56 -92.52
N PRO A 68 -2.01 -1.30 -91.59
CA PRO A 68 -3.47 -1.45 -91.60
C PRO A 68 -4.18 -0.10 -91.42
N LYS A 69 -5.43 -0.07 -91.86
CA LYS A 69 -6.26 1.13 -91.75
C LYS A 69 -7.02 1.09 -90.42
N ASN A 70 -6.25 1.28 -89.34
CA ASN A 70 -6.83 1.24 -88.00
C ASN A 70 -7.93 2.29 -87.86
N ILE A 71 -8.91 1.99 -87.02
CA ILE A 71 -10.12 2.80 -86.88
C ILE A 71 -10.13 3.44 -85.50
N LEU A 72 -10.50 4.70 -85.44
CA LEU A 72 -10.66 5.43 -84.19
C LEU A 72 -12.14 5.81 -84.06
N MET A 73 -12.87 5.05 -83.24
CA MET A 73 -14.29 5.31 -83.04
C MET A 73 -14.47 6.38 -81.97
N ILE A 74 -15.35 7.35 -82.23
CA ILE A 74 -15.61 8.46 -81.34
C ILE A 74 -17.11 8.52 -81.08
N GLY A 75 -17.52 8.35 -79.82
CA GLY A 75 -18.91 8.38 -79.46
C GLY A 75 -19.16 7.99 -78.02
N PRO A 76 -20.39 8.17 -77.55
CA PRO A 76 -20.73 7.84 -76.16
C PRO A 76 -20.99 6.34 -76.00
N THR A 77 -21.38 5.97 -74.79
CA THR A 77 -21.74 4.58 -74.51
C THR A 77 -23.17 4.31 -74.97
N GLY A 78 -23.46 3.03 -75.20
CA GLY A 78 -24.79 2.61 -75.62
C GLY A 78 -25.12 2.87 -77.07
N VAL A 79 -24.17 3.37 -77.86
CA VAL A 79 -24.41 3.57 -79.28
C VAL A 79 -23.99 2.37 -80.12
N GLY A 80 -23.34 1.37 -79.51
CA GLY A 80 -23.03 0.13 -80.19
C GLY A 80 -21.74 0.13 -80.98
N LYS A 81 -20.71 0.80 -80.49
CA LYS A 81 -19.42 0.78 -81.18
C LYS A 81 -18.60 -0.47 -80.87
N THR A 82 -18.92 -1.18 -79.79
CA THR A 82 -18.26 -2.46 -79.54
C THR A 82 -18.92 -3.59 -80.31
N GLU A 83 -20.25 -3.54 -80.49
CA GLU A 83 -20.92 -4.55 -81.31
C GLU A 83 -20.51 -4.46 -82.77
N ILE A 84 -20.32 -3.24 -83.28
CA ILE A 84 -19.89 -3.06 -84.66
C ILE A 84 -18.55 -3.74 -84.90
N ALA A 85 -17.66 -3.71 -83.91
CA ALA A 85 -16.35 -4.34 -84.07
C ALA A 85 -16.41 -5.83 -83.79
N ARG A 86 -17.17 -6.23 -82.76
CA ARG A 86 -17.23 -7.65 -82.38
C ARG A 86 -17.92 -8.46 -83.47
N ARG A 87 -19.07 -7.98 -83.96
CA ARG A 87 -19.75 -8.66 -85.05
C ARG A 87 -18.94 -8.59 -86.34
N MET A 88 -18.10 -7.57 -86.49
CA MET A 88 -17.25 -7.45 -87.67
C MET A 88 -16.31 -8.64 -87.80
N ALA A 89 -15.66 -9.02 -86.69
CA ALA A 89 -14.78 -10.17 -86.72
C ALA A 89 -15.56 -11.47 -86.78
N LYS A 90 -16.79 -11.48 -86.25
CA LYS A 90 -17.58 -12.70 -86.27
C LYS A 90 -17.99 -13.09 -87.68
N VAL A 91 -18.24 -12.10 -88.55
CA VAL A 91 -18.70 -12.42 -89.90
C VAL A 91 -17.54 -12.74 -90.83
N VAL A 92 -16.37 -12.10 -90.64
CA VAL A 92 -15.21 -12.40 -91.47
C VAL A 92 -14.35 -13.50 -90.87
N GLY A 93 -14.74 -14.06 -89.73
CA GLY A 93 -13.97 -15.13 -89.12
C GLY A 93 -12.62 -14.70 -88.60
N ALA A 94 -12.57 -13.54 -87.95
CA ALA A 94 -11.33 -12.99 -87.41
C ALA A 94 -11.29 -13.13 -85.90
N PRO A 95 -10.10 -13.36 -85.33
CA PRO A 95 -9.98 -13.37 -83.87
C PRO A 95 -10.21 -11.98 -83.30
N PHE A 96 -11.04 -11.90 -82.27
CA PHE A 96 -11.43 -10.62 -81.68
C PHE A 96 -11.12 -10.62 -80.19
N ILE A 97 -10.54 -9.52 -79.71
CA ILE A 97 -10.29 -9.30 -78.29
C ILE A 97 -10.64 -7.85 -77.97
N LYS A 98 -11.11 -7.62 -76.74
CA LYS A 98 -11.49 -6.30 -76.26
C LYS A 98 -10.78 -6.04 -74.94
N VAL A 99 -9.97 -4.98 -74.90
CA VAL A 99 -9.21 -4.62 -73.71
C VAL A 99 -9.57 -3.20 -73.28
N GLU A 100 -9.62 -2.99 -71.97
CA GLU A 100 -9.85 -1.66 -71.41
C GLU A 100 -8.50 -0.98 -71.21
N ALA A 101 -8.27 0.13 -71.92
CA ALA A 101 -6.99 0.81 -71.84
C ALA A 101 -6.71 1.37 -70.45
N THR A 102 -7.75 1.58 -69.64
CA THR A 102 -7.59 2.14 -68.30
C THR A 102 -7.17 1.11 -67.26
N LYS A 103 -6.93 -0.14 -67.67
CA LYS A 103 -6.36 -1.13 -66.79
C LYS A 103 -4.84 -1.11 -66.79
N PHE A 104 -4.22 -0.48 -67.79
CA PHE A 104 -2.78 -0.43 -67.94
C PHE A 104 -2.15 0.81 -67.30
N THR A 105 -2.95 1.69 -66.70
CA THR A 105 -2.43 2.93 -66.14
C THR A 105 -1.44 2.67 -65.00
N GLU A 106 -1.47 1.49 -64.40
CA GLU A 106 -0.62 1.19 -63.26
C GLU A 106 0.84 1.08 -63.65
N LEU A 107 1.70 1.65 -62.79
CA LEU A 107 3.17 1.50 -62.86
C LEU A 107 3.75 1.54 -64.27
N ARG A 112 3.37 -3.04 -66.16
CA ARG A 112 2.19 -3.38 -66.95
C ARG A 112 2.57 -4.30 -68.11
N ASP A 113 1.74 -5.32 -68.34
CA ASP A 113 1.98 -6.28 -69.41
C ASP A 113 1.01 -5.99 -70.58
N VAL A 114 1.28 -4.87 -71.24
CA VAL A 114 0.43 -4.44 -72.36
C VAL A 114 0.38 -5.49 -73.44
N GLU A 115 1.44 -6.30 -73.57
CA GLU A 115 1.46 -7.38 -74.55
C GLU A 115 0.44 -8.47 -74.26
N SER A 116 -0.22 -8.44 -73.10
CA SER A 116 -1.23 -9.44 -72.79
C SER A 116 -2.42 -9.34 -73.75
N MET A 117 -2.66 -8.16 -74.30
CA MET A 117 -3.72 -8.02 -75.30
C MET A 117 -3.43 -8.83 -76.56
N VAL A 118 -2.16 -9.13 -76.82
CA VAL A 118 -1.79 -9.92 -77.99
C VAL A 118 -1.83 -11.41 -77.69
N ARG A 119 -1.31 -11.82 -76.53
CA ARG A 119 -1.35 -13.23 -76.16
C ARG A 119 -2.78 -13.71 -75.96
N ASP A 120 -3.66 -12.82 -75.50
CA ASP A 120 -5.08 -13.16 -75.41
C ASP A 120 -5.72 -13.28 -76.79
N LEU A 121 -5.15 -12.62 -77.80
CA LEU A 121 -5.65 -12.79 -79.16
C LEU A 121 -5.22 -14.13 -79.73
N VAL A 122 -4.01 -14.59 -79.39
CA VAL A 122 -3.59 -15.91 -79.81
C VAL A 122 -4.37 -16.98 -79.05
N ASP A 123 -4.75 -16.70 -77.80
CA ASP A 123 -5.56 -17.65 -77.04
C ASP A 123 -6.96 -17.77 -77.61
N VAL A 124 -7.53 -16.67 -78.11
CA VAL A 124 -8.86 -16.74 -78.71
C VAL A 124 -8.79 -17.22 -80.16
N SER A 125 -7.64 -17.10 -80.81
CA SER A 125 -7.53 -17.58 -82.19
C SER A 125 -7.46 -19.10 -82.24
N VAL A 126 -6.80 -19.73 -81.25
CA VAL A 126 -6.71 -21.18 -81.25
C VAL A 126 -8.08 -21.81 -81.00
N ARG A 127 -8.89 -21.17 -80.15
CA ARG A 127 -10.25 -21.68 -79.94
C ARG A 127 -11.11 -21.50 -81.17
N LEU A 128 -10.91 -20.39 -81.91
CA LEU A 128 -11.65 -20.19 -83.14
C LEU A 128 -11.21 -21.18 -84.22
N VAL A 129 -9.91 -21.43 -84.34
CA VAL A 129 -9.42 -22.36 -85.36
C VAL A 129 -9.84 -23.78 -85.03
N LYS A 130 -9.70 -24.20 -83.76
CA LYS A 130 -10.15 -25.53 -83.37
C LYS A 130 -11.65 -25.68 -83.57
N ALA A 131 -12.42 -24.61 -83.34
CA ALA A 131 -13.86 -24.68 -83.54
C ALA A 131 -14.21 -24.92 -85.00
N GLN A 132 -13.46 -24.32 -85.92
CA GLN A 132 -13.68 -24.55 -87.34
C GLN A 132 -12.87 -25.72 -87.89
N LYS A 133 -11.87 -26.21 -87.14
CA LYS A 133 -11.27 -27.48 -87.49
C LYS A 133 -12.24 -28.63 -87.24
N LYS A 134 -13.06 -28.52 -86.19
CA LYS A 134 -14.18 -29.43 -85.99
C LYS A 134 -15.35 -29.00 -86.87
N SER A 135 -16.45 -29.77 -86.80
CA SER A 135 -17.61 -29.57 -87.65
C SER A 135 -17.22 -29.57 -89.14
N LEU A 136 -16.16 -30.28 -89.46
CA LEU A 136 -15.61 -30.32 -90.81
C LEU A 136 -14.94 -31.66 -91.06
N ALA A 268 -14.83 -34.26 -77.64
CA ALA A 268 -14.27 -35.54 -77.24
C ALA A 268 -13.97 -36.41 -78.47
N ASP A 269 -13.67 -35.75 -79.59
CA ASP A 269 -13.39 -36.41 -80.87
C ASP A 269 -12.34 -35.58 -81.62
N GLU A 270 -11.12 -35.59 -81.09
CA GLU A 270 -10.03 -34.78 -81.64
C GLU A 270 -9.34 -35.55 -82.77
N LEU A 271 -9.92 -35.43 -83.97
CA LEU A 271 -9.31 -35.97 -85.18
C LEU A 271 -8.58 -34.91 -85.99
N ILE A 272 -8.23 -33.79 -85.35
CA ILE A 272 -7.56 -32.68 -86.00
C ILE A 272 -6.12 -32.61 -85.49
N ASP A 273 -5.19 -32.31 -86.39
CA ASP A 273 -3.78 -32.18 -86.01
C ASP A 273 -3.61 -30.93 -85.17
N GLN A 274 -3.34 -31.11 -83.87
CA GLN A 274 -3.21 -29.96 -82.97
C GLN A 274 -2.04 -29.07 -83.37
N GLU A 275 -0.97 -29.64 -83.90
CA GLU A 275 0.20 -28.84 -84.27
C GLU A 275 -0.14 -27.89 -85.42
N SER A 276 -0.67 -28.44 -86.52
CA SER A 276 -1.04 -27.59 -87.65
C SER A 276 -2.19 -26.65 -87.31
N ALA A 277 -3.07 -27.06 -86.39
CA ALA A 277 -4.15 -26.18 -85.97
C ALA A 277 -3.63 -24.98 -85.21
N ASN A 278 -2.76 -25.21 -84.23
CA ASN A 278 -2.19 -24.11 -83.45
C ASN A 278 -1.34 -23.20 -84.34
N GLN A 279 -0.63 -23.77 -85.30
CA GLN A 279 0.20 -22.97 -86.20
C GLN A 279 -0.62 -22.23 -87.24
N GLU A 280 -1.88 -22.61 -87.46
CA GLU A 280 -2.76 -21.82 -88.31
C GLU A 280 -3.40 -20.68 -87.54
N ALA A 281 -3.81 -20.94 -86.29
CA ALA A 281 -4.32 -19.86 -85.44
C ALA A 281 -3.24 -18.83 -85.17
N LEU A 282 -2.00 -19.28 -85.00
CA LEU A 282 -0.88 -18.36 -84.83
C LEU A 282 -0.76 -17.44 -86.04
N GLU A 283 -1.06 -17.95 -87.23
CA GLU A 283 -1.02 -17.13 -88.43
C GLU A 283 -2.32 -16.35 -88.62
N LEU A 284 -3.46 -16.95 -88.26
CA LEU A 284 -4.74 -16.26 -88.41
C LEU A 284 -4.80 -15.02 -87.54
N ALA A 285 -4.20 -15.08 -86.34
CA ALA A 285 -4.20 -13.91 -85.46
C ALA A 285 -3.37 -12.78 -86.04
N GLU A 286 -2.17 -13.09 -86.53
CA GLU A 286 -1.27 -12.06 -87.03
C GLU A 286 -1.63 -11.57 -88.43
N GLN A 287 -2.42 -12.33 -89.17
CA GLN A 287 -2.84 -11.92 -90.51
C GLN A 287 -4.28 -11.43 -90.55
N MET A 288 -5.05 -11.67 -89.51
CA MET A 288 -6.48 -11.34 -89.54
C MET A 288 -7.04 -10.88 -88.20
N GLY A 289 -6.24 -10.80 -87.14
CA GLY A 289 -6.76 -10.46 -85.83
C GLY A 289 -7.26 -9.03 -85.74
N ILE A 290 -8.13 -8.80 -84.76
CA ILE A 290 -8.71 -7.49 -84.50
C ILE A 290 -8.68 -7.23 -83.00
N ILE A 291 -8.02 -6.15 -82.59
CA ILE A 291 -7.92 -5.77 -81.18
C ILE A 291 -8.72 -4.48 -80.99
N PHE A 292 -9.67 -4.52 -80.06
CA PHE A 292 -10.53 -3.38 -79.75
C PHE A 292 -10.07 -2.77 -78.43
N ILE A 293 -9.45 -1.59 -78.50
CA ILE A 293 -8.94 -0.90 -77.33
C ILE A 293 -10.01 0.11 -76.91
N ASP A 294 -10.77 -0.24 -75.87
CA ASP A 294 -11.86 0.58 -75.38
C ASP A 294 -11.35 1.62 -74.38
N GLU A 295 -12.06 2.75 -74.31
CA GLU A 295 -11.76 3.82 -73.37
C GLU A 295 -10.32 4.31 -73.54
N ILE A 296 -9.96 4.59 -74.79
CA ILE A 296 -8.60 5.05 -75.10
C ILE A 296 -8.45 6.56 -74.95
N ASP A 297 -9.55 7.29 -74.78
CA ASP A 297 -9.45 8.71 -74.49
C ASP A 297 -8.99 8.99 -73.06
N LYS A 298 -8.89 7.95 -72.23
CA LYS A 298 -8.45 8.09 -70.85
C LYS A 298 -6.95 7.88 -70.68
N VAL A 299 -6.25 7.50 -71.74
CA VAL A 299 -4.79 7.46 -71.73
C VAL A 299 -4.20 8.65 -72.49
N ALA A 300 -5.00 9.69 -72.70
CA ALA A 300 -4.58 10.88 -73.42
C ALA A 300 -4.78 12.12 -72.55
N THR A 301 -4.15 13.22 -72.97
CA THR A 301 -4.25 14.47 -72.24
C THR A 301 -4.27 15.67 -73.19
N GLY A 314 2.21 7.90 -71.38
CA GLY A 314 2.81 6.84 -70.60
C GLY A 314 2.34 5.46 -71.00
N VAL A 315 1.01 5.29 -71.05
CA VAL A 315 0.44 4.02 -71.50
C VAL A 315 0.45 3.93 -73.02
N GLN A 316 0.27 5.06 -73.72
CA GLN A 316 0.29 5.04 -75.18
C GLN A 316 1.64 4.61 -75.71
N ARG A 317 2.73 4.88 -74.96
CA ARG A 317 4.05 4.50 -75.42
C ARG A 317 4.24 2.98 -75.44
N ASP A 318 3.57 2.27 -74.52
CA ASP A 318 3.67 0.81 -74.51
C ASP A 318 2.74 0.16 -75.53
N ILE A 319 1.62 0.80 -75.85
CA ILE A 319 0.77 0.31 -76.93
C ILE A 319 1.43 0.53 -78.28
N LEU A 320 2.37 1.48 -78.37
CA LEU A 320 2.99 1.84 -79.65
C LEU A 320 3.65 0.67 -80.36
N PRO A 321 4.61 -0.06 -79.75
CA PRO A 321 5.29 -1.11 -80.51
C PRO A 321 4.36 -2.18 -81.03
N ILE A 322 3.20 -2.38 -80.39
CA ILE A 322 2.22 -3.32 -80.91
C ILE A 322 1.64 -2.81 -82.21
N LEU A 323 1.28 -1.52 -82.27
CA LEU A 323 0.76 -0.94 -83.50
C LEU A 323 1.87 -0.70 -84.52
N GLU A 324 3.06 -0.31 -84.05
CA GLU A 324 4.18 -0.11 -84.94
C GLU A 324 4.65 -1.40 -85.60
N GLY A 325 4.28 -2.55 -85.02
CA GLY A 325 4.73 -3.82 -85.55
C GLY A 325 5.88 -4.40 -84.77
N SER A 326 5.59 -5.35 -83.88
CA SER A 326 6.60 -6.06 -83.13
C SER A 326 6.19 -7.51 -83.01
N VAL A 327 7.16 -8.36 -82.67
CA VAL A 327 6.94 -9.80 -82.54
C VAL A 327 6.84 -10.13 -81.06
N ILE A 328 5.66 -10.56 -80.63
CA ILE A 328 5.34 -10.76 -79.22
C ILE A 328 5.41 -12.25 -78.92
N GLN A 329 5.99 -12.58 -77.77
CA GLN A 329 6.14 -13.97 -77.35
C GLN A 329 4.83 -14.48 -76.75
N THR A 330 4.34 -15.60 -77.27
CA THR A 330 3.16 -16.28 -76.74
C THR A 330 3.52 -17.72 -76.43
N LYS A 331 2.63 -18.39 -75.68
CA LYS A 331 2.89 -19.76 -75.29
C LYS A 331 2.92 -20.70 -76.50
N TYR A 332 2.19 -20.36 -77.56
CA TYR A 332 2.17 -21.19 -78.75
C TYR A 332 3.25 -20.84 -79.76
N GLY A 333 3.97 -19.75 -79.55
CA GLY A 333 4.99 -19.31 -80.48
C GLY A 333 5.05 -17.79 -80.50
N THR A 334 5.62 -17.26 -81.57
CA THR A 334 5.78 -15.82 -81.74
C THR A 334 4.86 -15.33 -82.84
N VAL A 335 4.14 -14.25 -82.56
CA VAL A 335 3.23 -13.63 -83.51
C VAL A 335 3.75 -12.23 -83.83
N ASN A 336 3.44 -11.76 -85.04
CA ASN A 336 3.86 -10.45 -85.51
C ASN A 336 2.63 -9.55 -85.57
N THR A 337 2.70 -8.41 -84.87
CA THR A 337 1.57 -7.50 -84.74
C THR A 337 1.60 -6.38 -85.78
N GLU A 338 2.15 -6.63 -86.96
CA GLU A 338 2.23 -5.59 -87.98
C GLU A 338 0.90 -5.40 -88.71
N HIS A 339 0.23 -6.50 -89.03
CA HIS A 339 -0.99 -6.46 -89.84
C HIS A 339 -2.25 -6.75 -89.03
N MET A 340 -2.21 -6.52 -87.72
CA MET A 340 -3.40 -6.65 -86.90
C MET A 340 -4.20 -5.36 -86.95
N LEU A 341 -5.50 -5.49 -87.17
CA LEU A 341 -6.38 -4.32 -87.23
C LEU A 341 -6.72 -3.85 -85.82
N PHE A 342 -6.44 -2.59 -85.53
CA PHE A 342 -6.68 -2.01 -84.22
C PHE A 342 -7.82 -1.00 -84.29
N ILE A 343 -8.67 -1.03 -83.26
CA ILE A 343 -9.79 -0.11 -83.14
C ILE A 343 -9.73 0.54 -81.77
N GLY A 344 -9.57 1.87 -81.75
CA GLY A 344 -9.66 2.64 -80.53
C GLY A 344 -11.03 3.27 -80.40
N ALA A 345 -11.56 3.26 -79.19
CA ALA A 345 -12.89 3.82 -78.94
C ALA A 345 -12.89 4.61 -77.64
N GLY A 346 -13.80 5.57 -77.57
CA GLY A 346 -13.95 6.40 -76.40
C GLY A 346 -14.95 7.51 -76.67
N ALA A 347 -15.33 8.19 -75.58
CA ALA A 347 -16.24 9.30 -75.72
C ALA A 347 -15.53 10.58 -76.14
N PHE A 348 -14.30 10.77 -75.69
CA PHE A 348 -13.52 11.99 -75.96
C PHE A 348 -14.25 13.24 -75.49
N HIS A 349 -14.79 13.17 -74.28
CA HIS A 349 -15.50 14.30 -73.71
C HIS A 349 -14.55 15.35 -73.14
N VAL A 350 -13.39 14.94 -72.65
CA VAL A 350 -12.39 15.85 -72.11
C VAL A 350 -11.20 15.98 -73.04
N SER A 351 -10.68 14.86 -73.55
CA SER A 351 -9.55 14.87 -74.45
C SER A 351 -10.03 14.66 -75.89
N LYS A 352 -9.19 15.07 -76.83
CA LYS A 352 -9.46 14.92 -78.25
C LYS A 352 -8.51 13.92 -78.87
N PRO A 353 -8.86 13.35 -80.04
CA PRO A 353 -7.89 12.51 -80.76
C PRO A 353 -6.58 13.22 -81.05
N SER A 354 -6.61 14.55 -81.21
CA SER A 354 -5.38 15.32 -81.37
C SER A 354 -4.54 15.35 -80.10
N ASP A 355 -5.09 14.91 -78.97
CA ASP A 355 -4.33 14.81 -77.72
C ASP A 355 -3.61 13.47 -77.58
N LEU A 356 -3.81 12.54 -78.51
CA LEU A 356 -3.03 11.32 -78.54
C LEU A 356 -1.61 11.65 -79.02
N ILE A 357 -0.68 10.72 -78.76
CA ILE A 357 0.69 10.91 -79.20
C ILE A 357 0.69 10.90 -80.73
N PRO A 358 1.57 11.67 -81.37
CA PRO A 358 1.50 11.75 -82.85
C PRO A 358 1.64 10.41 -83.54
N GLU A 359 2.46 9.51 -83.00
CA GLU A 359 2.61 8.19 -83.59
C GLU A 359 1.27 7.46 -83.63
N LEU A 360 0.43 7.66 -82.61
CA LEU A 360 -0.88 7.03 -82.60
C LEU A 360 -1.83 7.70 -83.58
N GLN A 361 -1.73 9.03 -83.73
CA GLN A 361 -2.63 9.75 -84.62
C GLN A 361 -2.44 9.31 -86.08
N GLY A 362 -1.20 9.23 -86.52
CA GLY A 362 -0.93 8.80 -87.89
C GLY A 362 -1.33 7.36 -88.13
N ARG A 363 -1.32 6.53 -87.10
CA ARG A 363 -1.67 5.12 -87.20
C ARG A 363 -3.14 4.86 -86.93
N PHE A 364 -3.99 5.88 -87.02
CA PHE A 364 -5.45 5.73 -86.99
C PHE A 364 -6.04 6.50 -88.16
N PRO A 365 -5.75 6.07 -89.39
CA PRO A 365 -6.18 6.87 -90.56
C PRO A 365 -7.69 6.97 -90.70
N ILE A 366 -8.41 5.92 -90.31
CA ILE A 366 -9.87 5.90 -90.39
C ILE A 366 -10.42 6.38 -89.06
N ARG A 367 -11.24 7.43 -89.10
CA ARG A 367 -11.85 7.99 -87.91
C ARG A 367 -13.33 8.24 -88.19
N VAL A 368 -14.18 7.83 -87.25
CA VAL A 368 -15.63 7.95 -87.38
C VAL A 368 -16.18 8.59 -86.11
N GLU A 369 -17.22 9.41 -86.28
CA GLU A 369 -17.92 10.04 -85.17
C GLU A 369 -19.35 9.48 -85.17
N LEU A 370 -19.60 8.52 -84.28
CA LEU A 370 -20.89 7.85 -84.24
C LEU A 370 -21.98 8.80 -83.73
N ASP A 371 -23.21 8.50 -84.10
CA ASP A 371 -24.34 9.37 -83.84
C ASP A 371 -25.02 9.00 -82.52
N SER A 372 -25.74 9.96 -81.97
CA SER A 372 -26.54 9.73 -80.77
C SER A 372 -27.82 8.97 -81.14
N LEU A 373 -28.48 8.44 -80.12
CA LEU A 373 -29.69 7.64 -80.30
C LEU A 373 -30.91 8.46 -79.92
N SER A 374 -31.90 8.47 -80.81
CA SER A 374 -33.17 9.13 -80.54
C SER A 374 -34.16 8.13 -79.95
N VAL A 375 -35.30 8.66 -79.49
CA VAL A 375 -36.32 7.80 -78.88
C VAL A 375 -36.86 6.80 -79.90
N GLU A 376 -36.82 7.15 -81.18
CA GLU A 376 -37.27 6.22 -82.22
C GLU A 376 -36.18 5.22 -82.62
N ASP A 377 -34.95 5.42 -82.16
CA ASP A 377 -33.91 4.43 -82.41
C ASP A 377 -33.97 3.26 -81.44
N PHE A 378 -34.53 3.48 -80.25
CA PHE A 378 -34.64 2.39 -79.28
C PHE A 378 -35.64 1.35 -79.72
N VAL A 379 -36.76 1.77 -80.33
CA VAL A 379 -37.78 0.82 -80.77
C VAL A 379 -37.20 -0.13 -81.82
N ARG A 380 -36.17 0.30 -82.54
CA ARG A 380 -35.51 -0.60 -83.48
C ARG A 380 -34.52 -1.50 -82.77
N ILE A 381 -33.69 -0.93 -81.89
CA ILE A 381 -32.78 -1.72 -81.06
C ILE A 381 -33.56 -2.74 -80.23
N LEU A 382 -34.80 -2.42 -79.88
CA LEU A 382 -35.59 -3.30 -79.04
C LEU A 382 -36.21 -4.46 -79.83
N THR A 383 -36.49 -4.26 -81.12
CA THR A 383 -37.25 -5.23 -81.90
C THR A 383 -36.52 -5.80 -83.10
N GLU A 384 -35.66 -5.03 -83.76
CA GLU A 384 -35.21 -5.37 -85.10
C GLU A 384 -34.03 -6.35 -85.18
N PRO A 385 -32.91 -6.13 -84.47
CA PRO A 385 -31.72 -6.95 -84.73
C PRO A 385 -31.96 -8.43 -84.47
N LYS A 386 -31.09 -9.24 -85.08
CA LYS A 386 -31.16 -10.69 -84.88
C LYS A 386 -30.92 -11.03 -83.42
N LEU A 387 -31.94 -11.59 -82.77
CA LEU A 387 -31.95 -11.83 -81.33
C LEU A 387 -31.79 -10.51 -80.57
N SER A 388 -32.84 -9.71 -80.65
CA SER A 388 -32.92 -8.44 -79.92
C SER A 388 -33.22 -8.72 -78.45
N LEU A 389 -33.46 -7.67 -77.68
CA LEU A 389 -33.68 -7.84 -76.24
C LEU A 389 -35.00 -8.56 -75.96
N ILE A 390 -36.08 -8.14 -76.62
CA ILE A 390 -37.38 -8.74 -76.34
C ILE A 390 -37.49 -10.13 -76.97
N LYS A 391 -36.74 -10.37 -78.05
CA LYS A 391 -36.70 -11.72 -78.60
C LYS A 391 -36.05 -12.69 -77.61
N GLN A 392 -35.15 -12.20 -76.77
CA GLN A 392 -34.53 -13.05 -75.76
C GLN A 392 -35.52 -13.42 -74.67
N TYR A 393 -36.29 -12.45 -74.18
CA TYR A 393 -37.28 -12.74 -73.14
C TYR A 393 -38.43 -13.60 -73.67
N GLU A 394 -38.69 -13.55 -74.97
CA GLU A 394 -39.68 -14.45 -75.56
C GLU A 394 -39.21 -15.90 -75.47
N ALA A 395 -37.99 -16.17 -75.95
CA ALA A 395 -37.46 -17.52 -75.91
C ALA A 395 -37.17 -17.99 -74.50
N LEU A 396 -36.85 -17.05 -73.59
CA LEU A 396 -36.59 -17.43 -72.21
C LEU A 396 -37.88 -17.84 -71.50
N LEU A 397 -38.95 -17.06 -71.65
CA LEU A 397 -40.22 -17.43 -71.07
C LEU A 397 -40.90 -18.56 -71.85
N GLN A 398 -40.47 -18.82 -73.09
CA GLN A 398 -40.97 -19.97 -73.82
C GLN A 398 -40.44 -21.28 -73.26
N THR A 399 -39.35 -21.22 -72.49
CA THR A 399 -38.89 -22.41 -71.77
C THR A 399 -39.90 -22.83 -70.72
N GLU A 400 -40.51 -21.86 -70.04
CA GLU A 400 -41.58 -22.11 -69.09
C GLU A 400 -42.93 -22.32 -69.76
N GLU A 401 -42.95 -22.47 -71.08
CA GLU A 401 -44.19 -22.64 -71.86
C GLU A 401 -45.12 -21.44 -71.66
N VAL A 402 -44.58 -20.25 -71.87
CA VAL A 402 -45.35 -19.01 -71.77
C VAL A 402 -45.07 -18.19 -73.03
N THR A 403 -46.12 -17.92 -73.80
CA THR A 403 -46.01 -17.10 -75.01
C THR A 403 -46.20 -15.64 -74.63
N VAL A 404 -45.24 -14.81 -74.99
CA VAL A 404 -45.24 -13.39 -74.66
C VAL A 404 -45.40 -12.60 -75.96
N ASN A 405 -46.23 -11.55 -75.90
CA ASN A 405 -46.46 -10.70 -77.05
C ASN A 405 -46.33 -9.25 -76.61
N PHE A 406 -45.49 -8.48 -77.31
CA PHE A 406 -45.29 -7.07 -77.04
C PHE A 406 -46.00 -6.26 -78.12
N THR A 407 -47.07 -5.56 -77.74
CA THR A 407 -47.71 -4.65 -78.67
C THR A 407 -46.76 -3.51 -79.01
N ASP A 408 -46.80 -3.07 -80.27
CA ASP A 408 -45.91 -2.01 -80.73
C ASP A 408 -46.08 -0.75 -79.90
N GLU A 409 -47.28 -0.51 -79.36
CA GLU A 409 -47.49 0.64 -78.49
C GLU A 409 -46.79 0.46 -77.16
N ALA A 410 -46.56 -0.79 -76.75
CA ALA A 410 -45.84 -1.05 -75.50
C ALA A 410 -44.33 -1.05 -75.70
N ILE A 411 -43.86 -1.47 -76.88
CA ILE A 411 -42.44 -1.35 -77.20
C ILE A 411 -42.05 0.12 -77.30
N THR A 412 -42.90 0.93 -77.92
CA THR A 412 -42.65 2.36 -77.99
C THR A 412 -42.74 3.02 -76.61
N ARG A 413 -43.54 2.45 -75.72
CA ARG A 413 -43.63 2.99 -74.36
C ARG A 413 -42.41 2.65 -73.52
N LEU A 414 -41.76 1.52 -73.81
CA LEU A 414 -40.50 1.20 -73.13
C LEU A 414 -39.36 2.07 -73.65
N ALA A 415 -39.37 2.37 -74.94
CA ALA A 415 -38.34 3.24 -75.51
C ALA A 415 -38.46 4.67 -75.00
N GLU A 416 -39.70 5.16 -74.86
CA GLU A 416 -39.90 6.50 -74.33
C GLU A 416 -39.47 6.62 -72.88
N ILE A 417 -39.57 5.53 -72.12
CA ILE A 417 -39.18 5.56 -70.71
C ILE A 417 -37.67 5.47 -70.56
N ALA A 418 -37.03 4.58 -71.34
CA ALA A 418 -35.58 4.45 -71.27
C ALA A 418 -34.90 5.74 -71.72
N TYR A 419 -35.37 6.33 -72.82
CA TYR A 419 -34.83 7.61 -73.28
C TYR A 419 -35.07 8.72 -72.26
N GLN A 420 -36.22 8.67 -71.58
CA GLN A 420 -36.53 9.70 -70.59
C GLN A 420 -35.67 9.54 -69.34
N VAL A 421 -35.49 8.31 -68.86
CA VAL A 421 -34.66 8.11 -67.67
C VAL A 421 -33.18 8.28 -68.00
N ASN A 422 -32.79 8.07 -69.27
CA ASN A 422 -31.43 8.40 -69.69
C ASN A 422 -31.16 9.89 -69.70
N GLN A 423 -32.20 10.71 -69.53
CA GLN A 423 -32.07 12.16 -69.49
C GLN A 423 -32.02 12.72 -68.09
N ASP A 424 -32.79 12.14 -67.16
CA ASP A 424 -32.89 12.70 -65.81
C ASP A 424 -31.59 12.53 -65.04
N THR A 425 -31.06 11.32 -65.02
CA THR A 425 -29.82 11.05 -64.28
C THR A 425 -28.61 11.20 -65.20
N ASP A 426 -28.15 10.09 -65.77
CA ASP A 426 -27.05 10.10 -66.73
C ASP A 426 -27.36 9.16 -67.87
N ASN A 427 -26.85 9.50 -69.06
CA ASN A 427 -27.16 8.76 -70.28
C ASN A 427 -26.18 7.61 -70.43
N ILE A 428 -26.71 6.39 -70.47
CA ILE A 428 -25.91 5.19 -70.73
C ILE A 428 -26.26 4.54 -72.07
N GLY A 429 -27.18 5.12 -72.83
CA GLY A 429 -27.48 4.60 -74.16
C GLY A 429 -28.47 3.44 -74.12
N ALA A 430 -28.27 2.50 -75.04
CA ALA A 430 -29.13 1.33 -75.13
C ALA A 430 -28.96 0.39 -73.96
N ARG A 431 -27.85 0.51 -73.20
CA ARG A 431 -27.66 -0.29 -72.00
C ARG A 431 -28.77 -0.08 -70.99
N ARG A 432 -29.46 1.06 -71.05
CA ARG A 432 -30.58 1.31 -70.15
C ARG A 432 -31.70 0.29 -70.36
N LEU A 433 -31.83 -0.24 -71.58
CA LEU A 433 -32.93 -1.14 -71.89
C LEU A 433 -32.88 -2.41 -71.05
N HIS A 434 -31.69 -2.85 -70.65
CA HIS A 434 -31.58 -4.10 -69.89
C HIS A 434 -32.29 -4.01 -68.56
N THR A 435 -32.05 -2.92 -67.81
CA THR A 435 -32.68 -2.77 -66.51
C THR A 435 -34.16 -2.44 -66.64
N ILE A 436 -34.55 -1.75 -67.71
CA ILE A 436 -35.96 -1.41 -67.92
C ILE A 436 -36.79 -2.66 -68.16
N LEU A 437 -36.29 -3.57 -69.02
CA LEU A 437 -37.05 -4.76 -69.37
C LEU A 437 -37.20 -5.69 -68.16
N GLU A 438 -36.08 -6.00 -67.49
CA GLU A 438 -36.13 -6.95 -66.38
C GLU A 438 -37.02 -6.45 -65.26
N LYS A 439 -37.06 -5.13 -65.03
CA LYS A 439 -37.90 -4.59 -63.97
C LYS A 439 -39.38 -4.81 -64.28
N MET A 440 -39.80 -4.52 -65.50
CA MET A 440 -41.21 -4.65 -65.85
C MET A 440 -41.64 -6.11 -65.95
N LEU A 441 -40.75 -6.99 -66.40
CA LEU A 441 -41.03 -8.41 -66.55
C LEU A 441 -40.80 -9.20 -65.27
N GLU A 442 -40.77 -8.53 -64.11
CA GLU A 442 -40.46 -9.23 -62.87
C GLU A 442 -41.60 -10.13 -62.43
N ASP A 443 -42.83 -9.60 -62.39
CA ASP A 443 -43.98 -10.40 -61.98
C ASP A 443 -44.20 -11.57 -62.93
N LEU A 444 -44.03 -11.34 -64.23
CA LEU A 444 -44.19 -12.43 -65.19
C LEU A 444 -43.12 -13.50 -65.00
N SER A 445 -41.87 -13.08 -64.75
CA SER A 445 -40.79 -14.05 -64.60
C SER A 445 -40.95 -14.87 -63.32
N PHE A 446 -41.41 -14.23 -62.24
CA PHE A 446 -41.56 -14.96 -60.98
C PHE A 446 -42.67 -16.00 -61.06
N GLU A 447 -43.77 -15.67 -61.74
CA GLU A 447 -44.94 -16.54 -61.79
C GLU A 447 -45.01 -17.36 -63.08
N ALA A 448 -43.95 -17.35 -63.89
CA ALA A 448 -43.99 -18.09 -65.15
C ALA A 448 -44.13 -19.60 -64.99
N PRO A 449 -43.44 -20.28 -64.07
CA PRO A 449 -43.63 -21.73 -63.96
C PRO A 449 -45.06 -22.12 -63.57
N SER A 450 -45.69 -21.36 -62.67
CA SER A 450 -47.05 -21.67 -62.24
C SER A 450 -48.06 -21.07 -63.21
N MET A 451 -47.71 -21.01 -64.49
CA MET A 451 -48.55 -20.37 -65.50
C MET A 451 -48.28 -21.02 -66.86
N PRO A 452 -48.51 -22.33 -67.01
CA PRO A 452 -48.08 -23.01 -68.23
C PRO A 452 -49.04 -22.83 -69.39
N ASN A 453 -48.46 -22.84 -70.59
CA ASN A 453 -49.21 -22.76 -71.85
C ASN A 453 -50.11 -21.53 -71.90
N ALA A 454 -49.66 -20.44 -71.28
CA ALA A 454 -50.39 -19.18 -71.27
C ALA A 454 -49.86 -18.25 -72.36
N VAL A 455 -50.69 -17.26 -72.70
CA VAL A 455 -50.33 -16.24 -73.69
C VAL A 455 -50.52 -14.89 -73.01
N VAL A 456 -49.43 -14.16 -72.81
CA VAL A 456 -49.43 -12.89 -72.12
C VAL A 456 -49.14 -11.78 -73.13
N ASP A 457 -50.01 -10.78 -73.18
CA ASP A 457 -49.86 -9.62 -74.04
C ASP A 457 -49.45 -8.42 -73.20
N ILE A 458 -48.34 -7.79 -73.57
CA ILE A 458 -47.83 -6.64 -72.84
C ILE A 458 -48.39 -5.37 -73.49
N THR A 459 -49.17 -4.62 -72.73
CA THR A 459 -49.78 -3.38 -73.17
C THR A 459 -49.07 -2.18 -72.53
N PRO A 460 -49.22 -0.99 -73.12
CA PRO A 460 -48.63 0.20 -72.48
C PRO A 460 -49.14 0.46 -71.08
N GLN A 461 -50.38 0.05 -70.79
CA GLN A 461 -50.90 0.21 -69.43
C GLN A 461 -50.11 -0.63 -68.44
N TYR A 462 -49.78 -1.87 -68.80
CA TYR A 462 -48.99 -2.71 -67.91
C TYR A 462 -47.58 -2.17 -67.73
N VAL A 463 -47.05 -1.46 -68.73
CA VAL A 463 -45.72 -0.88 -68.61
C VAL A 463 -45.73 0.27 -67.60
N ASP A 464 -46.68 1.19 -67.73
CA ASP A 464 -46.75 2.33 -66.82
C ASP A 464 -47.11 1.90 -65.41
N ASP A 465 -47.86 0.81 -65.25
CA ASP A 465 -48.20 0.32 -63.93
C ASP A 465 -46.97 -0.15 -63.16
N LYS A 466 -45.87 -0.47 -63.84
CA LYS A 466 -44.67 -0.95 -63.20
C LYS A 466 -43.48 0.00 -63.28
N LEU A 467 -43.53 0.99 -64.17
CA LEU A 467 -42.37 1.85 -64.40
C LEU A 467 -42.69 3.33 -64.27
N LYS A 468 -43.87 3.77 -64.69
CA LYS A 468 -44.14 5.21 -64.78
C LYS A 468 -44.03 5.90 -63.43
N SER A 469 -44.41 5.21 -62.34
CA SER A 469 -44.27 5.81 -61.02
C SER A 469 -42.81 5.88 -60.58
N ILE A 470 -41.98 4.96 -61.07
CA ILE A 470 -40.56 4.96 -60.72
C ILE A 470 -39.77 5.90 -61.62
N SER A 471 -40.03 5.86 -62.94
CA SER A 471 -39.30 6.69 -63.87
C SER A 471 -39.57 8.18 -63.67
N THR A 472 -40.64 8.53 -62.97
CA THR A 472 -40.91 9.94 -62.68
C THR A 472 -40.09 10.45 -61.51
N ASN A 473 -39.76 9.58 -60.55
CA ASN A 473 -38.95 9.95 -59.40
C ASN A 473 -37.48 9.79 -59.75
N LYS A 474 -36.78 10.92 -59.91
CA LYS A 474 -35.37 10.88 -60.32
C LYS A 474 -34.50 10.23 -59.25
N ASP A 475 -34.73 10.56 -57.98
CA ASP A 475 -33.90 10.03 -56.92
C ASP A 475 -34.03 8.52 -56.79
N LEU A 476 -35.22 7.98 -57.07
CA LEU A 476 -35.38 6.53 -57.08
C LEU A 476 -34.72 5.88 -58.29
N SER A 477 -34.69 6.59 -59.43
CA SER A 477 -34.18 6.00 -60.66
C SER A 477 -32.69 5.71 -60.57
N ALA A 478 -31.93 6.57 -59.89
CA ALA A 478 -30.48 6.36 -59.80
C ALA A 478 -30.12 5.04 -59.13
N PHE A 479 -31.05 4.44 -58.39
CA PHE A 479 -30.79 3.21 -57.65
C PHE A 479 -31.39 1.96 -58.30
N ILE A 480 -32.69 1.98 -58.57
CA ILE A 480 -33.42 0.74 -58.82
C ILE A 480 -33.58 0.40 -60.31
N LEU A 481 -33.37 1.35 -61.21
CA LEU A 481 -33.48 1.03 -62.64
C LEU A 481 -32.68 1.98 -63.53
N GLY B 19 -30.71 -27.30 -56.85
CA GLY B 19 -30.79 -27.72 -58.23
C GLY B 19 -31.20 -26.62 -59.18
N ILE B 20 -30.96 -26.84 -60.48
CA ILE B 20 -31.33 -25.86 -61.49
C ILE B 20 -32.84 -25.73 -61.64
N ARG B 21 -33.60 -26.75 -61.25
CA ARG B 21 -35.01 -26.86 -61.60
C ARG B 21 -35.94 -26.12 -60.65
N LEU B 22 -35.44 -25.62 -59.52
CA LEU B 22 -36.34 -25.08 -58.50
C LEU B 22 -37.11 -23.86 -59.02
N THR B 23 -38.42 -23.89 -58.80
CA THR B 23 -39.27 -22.75 -59.13
C THR B 23 -38.85 -21.54 -58.31
N PRO B 24 -38.94 -20.33 -58.87
CA PRO B 24 -38.80 -19.14 -58.03
C PRO B 24 -39.65 -19.17 -56.78
N LYS B 25 -40.90 -19.65 -56.90
CA LYS B 25 -41.74 -19.84 -55.73
C LYS B 25 -41.15 -20.89 -54.78
N GLU B 26 -40.48 -21.91 -55.33
CA GLU B 26 -39.84 -22.91 -54.49
C GLU B 26 -38.63 -22.35 -53.77
N ILE B 27 -37.84 -21.52 -54.45
CA ILE B 27 -36.62 -20.98 -53.86
C ILE B 27 -36.96 -20.07 -52.68
N VAL B 28 -38.04 -19.30 -52.79
CA VAL B 28 -38.44 -18.42 -51.68
C VAL B 28 -38.82 -19.24 -50.46
N SER B 29 -39.52 -20.35 -50.66
CA SER B 29 -39.90 -21.20 -49.54
C SER B 29 -38.68 -21.76 -48.83
N LYS B 30 -37.70 -22.25 -49.59
CA LYS B 30 -36.46 -22.72 -48.99
C LYS B 30 -35.74 -21.60 -48.27
N LEU B 31 -35.82 -20.38 -48.81
CA LEU B 31 -35.14 -19.24 -48.18
C LEU B 31 -35.89 -18.74 -46.96
N ASN B 32 -37.23 -18.76 -46.98
CA ASN B 32 -38.01 -18.39 -45.81
C ASN B 32 -37.70 -19.27 -44.61
N GLU B 33 -37.21 -20.49 -44.85
CA GLU B 33 -36.84 -21.39 -43.76
C GLU B 33 -35.63 -20.88 -42.99
N TYR B 34 -34.80 -20.03 -43.60
CA TYR B 34 -33.57 -19.56 -42.97
C TYR B 34 -33.48 -18.04 -42.83
N ILE B 35 -34.19 -17.27 -43.65
CA ILE B 35 -34.12 -15.81 -43.62
C ILE B 35 -35.49 -15.26 -43.26
N VAL B 36 -35.50 -14.27 -42.37
CA VAL B 36 -36.72 -13.61 -41.93
C VAL B 36 -36.82 -12.26 -42.63
N GLY B 37 -37.99 -11.94 -43.16
CA GLY B 37 -38.17 -10.68 -43.85
C GLY B 37 -37.44 -10.69 -45.18
N GLN B 38 -37.29 -9.49 -45.74
CA GLN B 38 -36.63 -9.30 -47.04
C GLN B 38 -37.24 -10.20 -48.11
N ASN B 39 -38.57 -10.30 -48.10
CA ASN B 39 -39.26 -11.12 -49.09
C ASN B 39 -38.99 -10.61 -50.50
N ASP B 40 -39.07 -9.28 -50.69
CA ASP B 40 -38.81 -8.70 -52.00
C ASP B 40 -37.39 -9.00 -52.48
N ALA B 41 -36.46 -9.18 -51.54
CA ALA B 41 -35.11 -9.57 -51.92
C ALA B 41 -35.07 -11.04 -52.37
N LYS B 42 -35.77 -11.92 -51.65
CA LYS B 42 -35.76 -13.33 -52.00
C LYS B 42 -36.38 -13.58 -53.37
N ARG B 43 -37.44 -12.83 -53.70
CA ARG B 43 -38.11 -13.03 -54.97
C ARG B 43 -37.19 -12.70 -56.14
N LYS B 44 -36.63 -11.48 -56.15
CA LYS B 44 -35.71 -11.09 -57.22
C LYS B 44 -34.48 -11.99 -57.24
N VAL B 45 -34.01 -12.40 -56.07
CA VAL B 45 -32.92 -13.38 -56.00
C VAL B 45 -33.33 -14.70 -56.64
N ALA B 46 -34.59 -15.08 -56.49
CA ALA B 46 -35.06 -16.34 -57.06
C ALA B 46 -35.22 -16.25 -58.58
N ILE B 47 -35.74 -15.13 -59.09
CA ILE B 47 -35.92 -15.00 -60.52
C ILE B 47 -34.59 -14.87 -61.26
N ALA B 48 -33.51 -14.55 -60.53
CA ALA B 48 -32.19 -14.52 -61.16
C ALA B 48 -31.65 -15.93 -61.40
N LEU B 49 -31.84 -16.83 -60.44
CA LEU B 49 -31.42 -18.22 -60.62
C LEU B 49 -32.24 -18.90 -61.71
N ARG B 50 -33.55 -18.66 -61.74
CA ARG B 50 -34.41 -19.33 -62.71
C ARG B 50 -34.04 -18.95 -64.14
N ASN B 51 -33.50 -17.75 -64.34
CA ASN B 51 -33.09 -17.35 -65.69
C ASN B 51 -31.90 -18.16 -66.18
N ARG B 52 -31.05 -18.63 -65.26
CA ARG B 52 -29.99 -19.56 -65.67
C ARG B 52 -30.57 -20.89 -66.11
N TYR B 53 -31.66 -21.33 -65.46
CA TYR B 53 -32.33 -22.55 -65.89
C TYR B 53 -32.96 -22.38 -67.28
N ARG B 54 -33.59 -21.22 -67.51
CA ARG B 54 -34.16 -20.94 -68.83
C ARG B 54 -33.07 -20.84 -69.89
N ARG B 55 -31.94 -20.21 -69.55
CA ARG B 55 -30.85 -20.11 -70.50
C ARG B 55 -30.26 -21.48 -70.81
N SER B 56 -30.21 -22.37 -69.81
CA SER B 56 -29.64 -23.70 -70.00
C SER B 56 -30.51 -24.60 -70.87
N LEU B 57 -31.71 -24.16 -71.25
CA LEU B 57 -32.62 -24.96 -72.06
C LEU B 57 -32.91 -24.30 -73.41
N LEU B 58 -32.08 -23.33 -73.82
CA LEU B 58 -32.33 -22.57 -75.04
C LEU B 58 -31.58 -23.20 -76.23
N ASP B 59 -31.58 -22.48 -77.34
CA ASP B 59 -30.90 -22.93 -78.55
C ASP B 59 -29.39 -23.06 -78.29
N GLU B 60 -28.73 -23.81 -79.17
CA GLU B 60 -27.31 -24.13 -78.98
C GLU B 60 -26.45 -22.87 -78.88
N GLU B 61 -26.75 -21.86 -79.71
CA GLU B 61 -25.98 -20.63 -79.70
C GLU B 61 -26.82 -19.39 -79.40
N SER B 62 -28.11 -19.55 -79.10
CA SER B 62 -28.90 -18.41 -78.64
C SER B 62 -28.64 -18.07 -77.18
N LYS B 63 -28.19 -19.05 -76.39
CA LYS B 63 -27.81 -18.81 -75.00
C LYS B 63 -26.44 -18.17 -74.87
N GLN B 64 -25.73 -17.97 -75.98
CA GLN B 64 -24.46 -17.27 -75.96
C GLN B 64 -24.60 -15.79 -76.30
N GLU B 65 -25.75 -15.37 -76.83
CA GLU B 65 -25.99 -13.99 -77.17
C GLU B 65 -26.70 -13.21 -76.06
N ILE B 66 -27.25 -13.89 -75.07
CA ILE B 66 -27.91 -13.22 -73.95
C ILE B 66 -26.91 -13.10 -72.81
N SER B 67 -27.16 -12.12 -71.94
CA SER B 67 -26.31 -11.89 -70.79
C SER B 67 -26.99 -12.37 -69.51
N PRO B 68 -26.23 -12.73 -68.48
CA PRO B 68 -26.85 -13.16 -67.22
C PRO B 68 -27.55 -11.99 -66.52
N LYS B 69 -28.47 -12.36 -65.63
CA LYS B 69 -29.23 -11.37 -64.87
C LYS B 69 -28.65 -11.24 -63.47
N ASN B 70 -27.48 -10.61 -63.42
CA ASN B 70 -26.78 -10.44 -62.14
C ASN B 70 -27.53 -9.48 -61.23
N ILE B 71 -27.38 -9.69 -59.92
CA ILE B 71 -28.13 -8.97 -58.91
C ILE B 71 -27.25 -7.88 -58.31
N LEU B 72 -27.88 -6.78 -57.91
CA LEU B 72 -27.21 -5.66 -57.25
C LEU B 72 -27.98 -5.34 -55.98
N MET B 73 -27.51 -5.87 -54.85
CA MET B 73 -28.18 -5.65 -53.57
C MET B 73 -27.81 -4.30 -53.00
N ILE B 74 -28.82 -3.59 -52.50
CA ILE B 74 -28.66 -2.26 -51.91
C ILE B 74 -29.26 -2.29 -50.51
N GLY B 75 -28.51 -1.76 -49.54
CA GLY B 75 -28.97 -1.72 -48.17
C GLY B 75 -27.84 -1.60 -47.18
N PRO B 76 -28.15 -1.14 -45.97
CA PRO B 76 -27.11 -0.92 -44.96
C PRO B 76 -26.57 -2.23 -44.39
N THR B 77 -25.69 -2.12 -43.40
CA THR B 77 -25.10 -3.31 -42.79
C THR B 77 -26.12 -4.02 -41.91
N GLY B 78 -25.93 -5.33 -41.76
CA GLY B 78 -26.74 -6.12 -40.85
C GLY B 78 -28.14 -6.42 -41.33
N VAL B 79 -28.48 -6.08 -42.58
CA VAL B 79 -29.81 -6.39 -43.11
C VAL B 79 -29.88 -7.77 -43.74
N GLY B 80 -28.74 -8.40 -44.01
CA GLY B 80 -28.74 -9.76 -44.54
C GLY B 80 -28.49 -9.84 -46.04
N LYS B 81 -27.64 -8.96 -46.57
CA LYS B 81 -27.31 -9.04 -47.98
C LYS B 81 -26.48 -10.29 -48.28
N THR B 82 -25.42 -10.51 -47.50
CA THR B 82 -24.58 -11.69 -47.70
C THR B 82 -25.30 -12.97 -47.31
N GLU B 83 -26.14 -12.92 -46.28
CA GLU B 83 -26.85 -14.12 -45.83
C GLU B 83 -27.73 -14.69 -46.95
N ILE B 84 -28.53 -13.83 -47.58
CA ILE B 84 -29.40 -14.28 -48.66
C ILE B 84 -28.59 -14.93 -49.77
N ALA B 85 -27.45 -14.32 -50.14
CA ALA B 85 -26.64 -14.87 -51.21
C ALA B 85 -25.98 -16.17 -50.81
N ARG B 86 -25.44 -16.25 -49.59
CA ARG B 86 -24.74 -17.46 -49.17
C ARG B 86 -25.71 -18.61 -48.98
N ARG B 87 -26.90 -18.34 -48.44
CA ARG B 87 -27.91 -19.39 -48.32
C ARG B 87 -28.49 -19.76 -49.67
N MET B 88 -28.62 -18.79 -50.57
CA MET B 88 -29.16 -19.06 -51.91
C MET B 88 -28.35 -20.14 -52.61
N ALA B 89 -27.01 -20.03 -52.56
CA ALA B 89 -26.16 -21.05 -53.17
C ALA B 89 -26.29 -22.38 -52.45
N LYS B 90 -26.72 -22.39 -51.20
CA LYS B 90 -26.84 -23.63 -50.46
C LYS B 90 -28.15 -24.36 -50.77
N VAL B 91 -29.25 -23.61 -50.95
CA VAL B 91 -30.51 -24.25 -51.29
C VAL B 91 -30.50 -24.79 -52.71
N VAL B 92 -29.57 -24.34 -53.54
CA VAL B 92 -29.39 -24.86 -54.89
C VAL B 92 -28.13 -25.68 -55.03
N GLY B 93 -27.34 -25.83 -53.97
CA GLY B 93 -26.13 -26.63 -54.02
C GLY B 93 -25.05 -26.07 -54.93
N ALA B 94 -24.85 -24.75 -54.91
CA ALA B 94 -23.91 -24.09 -55.78
C ALA B 94 -22.68 -23.62 -55.01
N PRO B 95 -21.52 -23.56 -55.67
CA PRO B 95 -20.35 -22.96 -55.01
C PRO B 95 -20.53 -21.46 -54.87
N PHE B 96 -20.14 -20.96 -53.70
CA PHE B 96 -20.33 -19.56 -53.35
C PHE B 96 -19.00 -18.96 -52.89
N ILE B 97 -18.80 -17.68 -53.19
CA ILE B 97 -17.59 -16.98 -52.79
C ILE B 97 -17.91 -15.50 -52.65
N LYS B 98 -17.34 -14.89 -51.61
CA LYS B 98 -17.53 -13.47 -51.33
C LYS B 98 -16.19 -12.76 -51.37
N VAL B 99 -16.12 -11.68 -52.14
CA VAL B 99 -14.90 -10.90 -52.27
C VAL B 99 -15.21 -9.45 -51.92
N GLU B 100 -14.19 -8.74 -51.46
CA GLU B 100 -14.30 -7.32 -51.15
C GLU B 100 -13.72 -6.54 -52.33
N ALA B 101 -14.54 -5.68 -52.94
CA ALA B 101 -14.06 -4.89 -54.07
C ALA B 101 -12.91 -3.97 -53.67
N THR B 102 -12.94 -3.46 -52.44
CA THR B 102 -11.88 -2.55 -51.99
C THR B 102 -10.53 -3.25 -51.93
N LYS B 103 -10.52 -4.58 -51.77
CA LYS B 103 -9.26 -5.32 -51.72
C LYS B 103 -8.42 -5.12 -52.97
N PHE B 104 -9.06 -4.91 -54.12
CA PHE B 104 -8.37 -4.84 -55.39
C PHE B 104 -7.80 -3.46 -55.71
N THR B 105 -8.04 -2.45 -54.88
CA THR B 105 -7.51 -1.10 -55.12
C THR B 105 -6.06 -1.04 -54.64
N GLU B 106 -5.22 -1.82 -55.33
CA GLU B 106 -3.80 -1.89 -55.00
C GLU B 106 -3.04 -2.44 -56.21
N LEU B 107 -1.87 -1.86 -56.47
CA LEU B 107 -1.02 -2.27 -57.58
C LEU B 107 0.33 -1.57 -57.55
N GLY B 111 -6.80 -2.23 -60.49
CA GLY B 111 -6.83 -3.51 -59.80
C GLY B 111 -6.15 -4.62 -60.56
N ARG B 112 -5.39 -5.45 -59.83
CA ARG B 112 -4.65 -6.55 -60.42
C ARG B 112 -5.14 -7.88 -59.84
N ASP B 113 -5.04 -8.93 -60.67
CA ASP B 113 -5.42 -10.29 -60.30
C ASP B 113 -6.89 -10.35 -59.84
N VAL B 114 -7.77 -9.76 -60.64
CA VAL B 114 -9.20 -9.84 -60.37
C VAL B 114 -9.68 -11.29 -60.52
N GLU B 115 -9.04 -12.06 -61.39
CA GLU B 115 -9.40 -13.47 -61.59
C GLU B 115 -9.24 -14.31 -60.33
N SER B 116 -8.62 -13.76 -59.27
CA SER B 116 -8.54 -14.49 -58.01
C SER B 116 -9.92 -14.80 -57.45
N MET B 117 -10.92 -13.95 -57.74
CA MET B 117 -12.28 -14.23 -57.29
C MET B 117 -12.88 -15.43 -58.02
N VAL B 118 -12.34 -15.80 -59.18
CA VAL B 118 -12.79 -16.99 -59.89
C VAL B 118 -12.03 -18.24 -59.43
N ARG B 119 -10.71 -18.12 -59.26
CA ARG B 119 -9.93 -19.24 -58.75
C ARG B 119 -10.37 -19.60 -57.33
N ASP B 120 -10.75 -18.61 -56.53
CA ASP B 120 -11.32 -18.89 -55.21
C ASP B 120 -12.65 -19.62 -55.33
N LEU B 121 -13.39 -19.39 -56.42
CA LEU B 121 -14.64 -20.12 -56.63
C LEU B 121 -14.37 -21.57 -56.99
N VAL B 122 -13.35 -21.83 -57.80
CA VAL B 122 -12.97 -23.20 -58.10
C VAL B 122 -12.35 -23.87 -56.88
N ASP B 123 -11.59 -23.11 -56.09
CA ASP B 123 -11.05 -23.64 -54.84
C ASP B 123 -12.18 -24.03 -53.89
N VAL B 124 -13.22 -23.20 -53.79
CA VAL B 124 -14.34 -23.52 -52.90
C VAL B 124 -15.25 -24.58 -53.53
N SER B 125 -15.14 -24.81 -54.84
CA SER B 125 -15.98 -25.82 -55.49
C SER B 125 -15.42 -27.22 -55.32
N VAL B 126 -14.09 -27.37 -55.45
CA VAL B 126 -13.48 -28.68 -55.25
C VAL B 126 -13.66 -29.16 -53.82
N ARG B 127 -13.90 -28.25 -52.88
CA ARG B 127 -14.20 -28.66 -51.51
C ARG B 127 -15.65 -29.13 -51.39
N LEU B 128 -16.57 -28.50 -52.12
CA LEU B 128 -17.98 -28.90 -52.07
C LEU B 128 -18.17 -30.31 -52.59
N VAL B 129 -17.55 -30.62 -53.73
CA VAL B 129 -17.71 -31.95 -54.32
C VAL B 129 -17.03 -33.01 -53.46
N LYS B 130 -15.81 -32.74 -53.01
CA LYS B 130 -15.10 -33.71 -52.20
C LYS B 130 -15.77 -33.91 -50.84
N ALA B 131 -16.45 -32.89 -50.31
CA ALA B 131 -17.17 -33.05 -49.06
C ALA B 131 -18.48 -33.80 -49.26
N GLN B 132 -19.24 -33.44 -50.29
CA GLN B 132 -20.45 -34.17 -50.61
C GLN B 132 -20.15 -35.58 -51.12
N LYS B 133 -18.88 -35.89 -51.42
CA LYS B 133 -18.47 -37.26 -51.69
C LYS B 133 -18.23 -38.02 -50.39
N LYS B 134 -17.44 -37.44 -49.48
CA LYS B 134 -17.13 -38.07 -48.21
C LYS B 134 -18.31 -38.07 -47.25
N SER B 135 -19.42 -37.43 -47.61
CA SER B 135 -20.64 -37.51 -46.82
C SER B 135 -21.49 -38.72 -47.16
N LEU B 136 -21.24 -39.35 -48.30
CA LEU B 136 -21.98 -40.54 -48.72
C LEU B 136 -21.29 -41.83 -48.34
N VAL B 137 -20.28 -41.77 -47.47
CA VAL B 137 -19.55 -42.97 -47.04
C VAL B 137 -19.21 -42.89 -45.55
N ALA B 277 -13.42 -36.49 -61.12
CA ALA B 277 -13.00 -36.03 -59.78
C ALA B 277 -13.15 -34.51 -59.67
N ASN B 278 -12.02 -33.80 -59.84
CA ASN B 278 -12.06 -32.34 -59.83
C ASN B 278 -12.78 -31.78 -61.04
N GLN B 279 -12.86 -32.52 -62.14
CA GLN B 279 -13.55 -32.05 -63.34
C GLN B 279 -15.03 -31.79 -63.08
N GLU B 280 -15.62 -32.44 -62.08
CA GLU B 280 -17.00 -32.14 -61.73
C GLU B 280 -17.13 -30.80 -61.02
N ALA B 281 -16.13 -30.43 -60.21
CA ALA B 281 -16.19 -29.16 -59.50
C ALA B 281 -16.01 -27.98 -60.44
N LEU B 282 -15.13 -28.10 -61.43
CA LEU B 282 -14.99 -27.05 -62.43
C LEU B 282 -16.31 -26.83 -63.17
N GLU B 283 -16.95 -27.93 -63.59
CA GLU B 283 -18.22 -27.81 -64.30
C GLU B 283 -19.31 -27.28 -63.39
N LEU B 284 -19.30 -27.67 -62.12
CA LEU B 284 -20.25 -27.10 -61.16
C LEU B 284 -19.99 -25.62 -60.96
N ALA B 285 -18.73 -25.18 -61.01
CA ALA B 285 -18.42 -23.78 -60.79
C ALA B 285 -18.81 -22.91 -61.98
N GLU B 286 -18.50 -23.37 -63.20
CA GLU B 286 -18.76 -22.56 -64.38
C GLU B 286 -20.23 -22.56 -64.77
N GLN B 287 -21.02 -23.52 -64.31
CA GLN B 287 -22.44 -23.60 -64.63
C GLN B 287 -23.35 -23.22 -63.47
N MET B 288 -22.85 -23.19 -62.24
CA MET B 288 -23.70 -22.95 -61.09
C MET B 288 -23.13 -21.96 -60.07
N GLY B 289 -21.85 -21.61 -60.16
CA GLY B 289 -21.22 -20.84 -59.09
C GLY B 289 -21.76 -19.43 -58.99
N ILE B 290 -21.66 -18.86 -57.79
CA ILE B 290 -22.10 -17.51 -57.50
C ILE B 290 -20.95 -16.73 -56.89
N ILE B 291 -20.70 -15.54 -57.42
CA ILE B 291 -19.63 -14.66 -56.93
C ILE B 291 -20.27 -13.44 -56.31
N PHE B 292 -19.99 -13.21 -55.03
CA PHE B 292 -20.53 -12.08 -54.28
C PHE B 292 -19.46 -11.00 -54.17
N ILE B 293 -19.69 -9.86 -54.83
CA ILE B 293 -18.74 -8.76 -54.85
C ILE B 293 -19.26 -7.69 -53.89
N ASP B 294 -18.73 -7.69 -52.67
CA ASP B 294 -19.17 -6.78 -51.63
C ASP B 294 -18.41 -5.46 -51.75
N GLU B 295 -18.99 -4.41 -51.14
CA GLU B 295 -18.41 -3.07 -51.11
C GLU B 295 -18.20 -2.51 -52.52
N ILE B 296 -19.04 -2.94 -53.47
CA ILE B 296 -18.90 -2.48 -54.85
C ILE B 296 -19.25 -1.01 -55.02
N ASP B 297 -19.92 -0.41 -54.03
CA ASP B 297 -20.17 1.02 -54.08
C ASP B 297 -18.90 1.83 -53.82
N LYS B 298 -17.89 1.22 -53.21
CA LYS B 298 -16.65 1.89 -52.88
C LYS B 298 -15.68 1.98 -54.06
N VAL B 299 -16.11 1.59 -55.25
CA VAL B 299 -15.29 1.73 -56.45
C VAL B 299 -16.11 2.46 -57.51
N ALA B 300 -17.09 3.25 -57.05
CA ALA B 300 -18.05 3.89 -57.95
C ALA B 300 -17.64 5.32 -58.33
N THR B 301 -17.37 6.16 -57.34
CA THR B 301 -17.06 7.58 -57.50
C THR B 301 -17.98 8.25 -58.53
N ARG B 312 -9.90 3.38 -58.53
CA ARG B 312 -11.26 2.92 -58.29
C ARG B 312 -11.97 2.57 -59.60
N GLN B 313 -12.00 3.51 -60.54
CA GLN B 313 -12.62 3.24 -61.83
C GLN B 313 -11.85 2.19 -62.61
N GLY B 314 -10.52 2.15 -62.46
CA GLY B 314 -9.74 1.10 -63.06
C GLY B 314 -10.04 -0.29 -62.52
N VAL B 315 -10.80 -0.38 -61.43
CA VAL B 315 -11.18 -1.67 -60.88
C VAL B 315 -12.46 -2.20 -61.52
N GLN B 316 -13.43 -1.31 -61.77
CA GLN B 316 -14.65 -1.76 -62.43
C GLN B 316 -14.38 -2.30 -63.82
N ARG B 317 -13.35 -1.78 -64.49
CA ARG B 317 -13.01 -2.21 -65.84
C ARG B 317 -12.16 -3.47 -65.85
N ASP B 318 -11.63 -3.90 -64.71
CA ASP B 318 -11.02 -5.22 -64.58
C ASP B 318 -12.04 -6.27 -64.15
N ILE B 319 -13.09 -5.85 -63.44
CA ILE B 319 -14.20 -6.75 -63.15
C ILE B 319 -15.01 -7.02 -64.41
N LEU B 320 -15.02 -6.06 -65.34
CA LEU B 320 -15.83 -6.18 -66.55
C LEU B 320 -15.57 -7.43 -67.36
N PRO B 321 -14.32 -7.81 -67.69
CA PRO B 321 -14.11 -9.02 -68.50
C PRO B 321 -14.69 -10.27 -67.86
N ILE B 322 -14.77 -10.32 -66.53
CA ILE B 322 -15.36 -11.49 -65.87
C ILE B 322 -16.88 -11.50 -66.06
N LEU B 323 -17.51 -10.33 -65.95
CA LEU B 323 -18.96 -10.24 -66.14
C LEU B 323 -19.36 -10.28 -67.62
N GLU B 324 -18.42 -9.98 -68.52
CA GLU B 324 -18.69 -10.16 -69.94
C GLU B 324 -18.56 -11.63 -70.34
N GLY B 325 -17.59 -12.32 -69.75
CA GLY B 325 -17.28 -13.69 -70.13
C GLY B 325 -15.84 -13.83 -70.56
N SER B 326 -15.09 -14.68 -69.86
CA SER B 326 -13.68 -14.87 -70.18
C SER B 326 -13.23 -16.22 -69.63
N VAL B 327 -12.19 -16.78 -70.27
CA VAL B 327 -11.62 -18.05 -69.87
C VAL B 327 -10.52 -17.79 -68.85
N ILE B 328 -10.78 -18.15 -67.60
CA ILE B 328 -9.84 -17.93 -66.50
C ILE B 328 -9.07 -19.21 -66.24
N GLN B 329 -7.77 -19.08 -66.01
CA GLN B 329 -6.89 -20.22 -65.77
C GLN B 329 -6.85 -20.55 -64.29
N THR B 330 -7.05 -21.83 -63.96
CA THR B 330 -7.00 -22.31 -62.59
C THR B 330 -6.02 -23.47 -62.49
N LYS B 331 -5.70 -23.86 -61.25
CA LYS B 331 -4.80 -24.99 -61.03
C LYS B 331 -5.41 -26.30 -61.52
N TYR B 332 -6.74 -26.35 -61.66
CA TYR B 332 -7.43 -27.55 -62.11
C TYR B 332 -7.82 -27.50 -63.58
N GLY B 333 -7.53 -26.40 -64.26
CA GLY B 333 -7.84 -26.29 -65.68
C GLY B 333 -8.20 -24.89 -66.10
N THR B 334 -9.27 -24.75 -66.87
CA THR B 334 -9.77 -23.46 -67.33
C THR B 334 -11.26 -23.38 -67.07
N VAL B 335 -11.72 -22.20 -66.68
CA VAL B 335 -13.12 -21.97 -66.36
C VAL B 335 -13.65 -20.81 -67.18
N ASN B 336 -14.92 -20.90 -67.54
CA ASN B 336 -15.60 -19.87 -68.31
C ASN B 336 -16.63 -19.16 -67.43
N THR B 337 -16.63 -17.84 -67.48
CA THR B 337 -17.50 -17.03 -66.61
C THR B 337 -18.79 -16.61 -67.30
N GLU B 338 -19.18 -17.30 -68.37
CA GLU B 338 -20.40 -16.93 -69.08
C GLU B 338 -21.64 -17.16 -68.24
N HIS B 339 -21.68 -18.23 -67.47
CA HIS B 339 -22.88 -18.64 -66.76
C HIS B 339 -22.80 -18.43 -65.26
N MET B 340 -21.71 -17.87 -64.75
CA MET B 340 -21.61 -17.59 -63.33
C MET B 340 -22.53 -16.43 -62.95
N LEU B 341 -23.06 -16.49 -61.74
CA LEU B 341 -24.04 -15.51 -61.26
C LEU B 341 -23.35 -14.55 -60.30
N PHE B 342 -23.27 -13.29 -60.68
CA PHE B 342 -22.62 -12.26 -59.88
C PHE B 342 -23.66 -11.48 -59.08
N ILE B 343 -23.30 -11.15 -57.84
CA ILE B 343 -24.16 -10.38 -56.96
C ILE B 343 -23.31 -9.23 -56.42
N GLY B 344 -23.53 -8.03 -56.93
CA GLY B 344 -22.91 -6.85 -56.35
C GLY B 344 -23.70 -6.36 -55.15
N ALA B 345 -22.99 -5.88 -54.14
CA ALA B 345 -23.62 -5.41 -52.91
C ALA B 345 -22.95 -4.12 -52.46
N GLY B 346 -23.69 -3.36 -51.66
CA GLY B 346 -23.19 -2.12 -51.12
C GLY B 346 -24.25 -1.29 -50.43
N ALA B 347 -23.84 -0.47 -49.46
CA ALA B 347 -24.78 0.40 -48.77
C ALA B 347 -25.15 1.62 -49.61
N PHE B 348 -24.23 2.07 -50.48
CA PHE B 348 -24.47 3.18 -51.38
C PHE B 348 -24.80 4.47 -50.63
N HIS B 349 -24.09 4.71 -49.52
CA HIS B 349 -24.25 5.95 -48.78
C HIS B 349 -23.50 7.09 -49.44
N VAL B 350 -22.38 6.81 -50.11
CA VAL B 350 -21.52 7.84 -50.66
C VAL B 350 -21.76 7.99 -52.15
N SER B 351 -22.15 6.90 -52.81
CA SER B 351 -22.39 6.91 -54.24
C SER B 351 -23.66 6.14 -54.55
N LYS B 352 -24.16 6.35 -55.76
CA LYS B 352 -25.37 5.71 -56.27
C LYS B 352 -25.01 4.66 -57.31
N PRO B 353 -25.88 3.67 -57.55
CA PRO B 353 -25.62 2.70 -58.62
C PRO B 353 -25.46 3.34 -59.98
N SER B 354 -25.98 4.56 -60.17
CA SER B 354 -25.79 5.29 -61.41
C SER B 354 -24.37 5.80 -61.58
N ASP B 355 -23.55 5.72 -60.55
CA ASP B 355 -22.15 6.13 -60.64
C ASP B 355 -21.23 5.00 -61.10
N LEU B 356 -21.75 3.78 -61.19
CA LEU B 356 -20.97 2.69 -61.77
C LEU B 356 -20.76 2.93 -63.27
N ILE B 357 -19.77 2.25 -63.82
CA ILE B 357 -19.49 2.37 -65.25
C ILE B 357 -20.70 1.85 -66.01
N PRO B 358 -21.02 2.40 -67.19
CA PRO B 358 -22.27 2.02 -67.87
C PRO B 358 -22.35 0.55 -68.21
N GLU B 359 -21.21 -0.09 -68.52
CA GLU B 359 -21.23 -1.51 -68.81
C GLU B 359 -21.71 -2.32 -67.61
N LEU B 360 -21.24 -1.94 -66.41
CA LEU B 360 -21.66 -2.63 -65.20
C LEU B 360 -23.14 -2.38 -64.89
N GLN B 361 -23.64 -1.20 -65.25
CA GLN B 361 -25.05 -0.90 -64.99
C GLN B 361 -25.97 -1.82 -65.79
N GLY B 362 -25.65 -2.05 -67.05
CA GLY B 362 -26.47 -2.90 -67.89
C GLY B 362 -26.40 -4.38 -67.54
N ARG B 363 -25.39 -4.79 -66.78
CA ARG B 363 -25.19 -6.19 -66.41
C ARG B 363 -25.62 -6.49 -64.98
N PHE B 364 -26.25 -5.53 -64.30
CA PHE B 364 -26.92 -5.75 -63.02
C PHE B 364 -28.37 -5.32 -63.16
N PRO B 365 -29.16 -6.00 -63.99
CA PRO B 365 -30.52 -5.53 -64.26
C PRO B 365 -31.46 -5.72 -63.10
N ILE B 366 -31.25 -6.75 -62.28
CA ILE B 366 -32.10 -7.02 -61.12
C ILE B 366 -31.51 -6.27 -59.94
N ARG B 367 -32.19 -5.22 -59.50
CA ARG B 367 -31.72 -4.37 -58.42
C ARG B 367 -32.75 -4.40 -57.29
N VAL B 368 -32.28 -4.67 -56.08
CA VAL B 368 -33.14 -4.81 -54.91
C VAL B 368 -32.60 -3.95 -53.78
N GLU B 369 -33.47 -3.15 -53.17
CA GLU B 369 -33.15 -2.40 -51.96
C GLU B 369 -33.71 -3.17 -50.77
N LEU B 370 -32.81 -3.68 -49.92
CA LEU B 370 -33.25 -4.50 -48.81
C LEU B 370 -33.88 -3.66 -47.71
N ASP B 371 -34.87 -4.24 -47.04
CA ASP B 371 -35.58 -3.55 -45.98
C ASP B 371 -34.66 -3.26 -44.79
N SER B 372 -34.86 -2.10 -44.18
CA SER B 372 -34.17 -1.77 -42.94
C SER B 372 -34.86 -2.46 -41.76
N LEU B 373 -34.06 -2.83 -40.76
CA LEU B 373 -34.52 -3.71 -39.70
C LEU B 373 -35.18 -2.92 -38.58
N SER B 374 -36.18 -3.54 -37.95
CA SER B 374 -36.87 -2.98 -36.80
C SER B 374 -36.71 -3.91 -35.60
N VAL B 375 -37.09 -3.41 -34.43
CA VAL B 375 -36.94 -4.19 -33.20
C VAL B 375 -37.79 -5.45 -33.26
N GLU B 376 -38.97 -5.35 -33.86
CA GLU B 376 -39.81 -6.54 -34.06
C GLU B 376 -39.16 -7.55 -35.00
N ASP B 377 -38.25 -7.10 -35.87
CA ASP B 377 -37.55 -8.04 -36.74
C ASP B 377 -36.52 -8.84 -35.95
N PHE B 378 -35.87 -8.22 -34.98
CA PHE B 378 -34.82 -8.90 -34.23
C PHE B 378 -35.36 -10.11 -33.47
N VAL B 379 -36.51 -9.97 -32.82
CA VAL B 379 -37.10 -11.11 -32.14
C VAL B 379 -37.51 -12.18 -33.13
N ARG B 380 -37.94 -11.80 -34.33
CA ARG B 380 -38.17 -12.78 -35.38
C ARG B 380 -36.85 -13.44 -35.82
N ILE B 381 -35.78 -12.65 -35.91
CA ILE B 381 -34.48 -13.21 -36.24
C ILE B 381 -34.02 -14.18 -35.16
N LEU B 382 -34.35 -13.89 -33.90
CA LEU B 382 -33.86 -14.72 -32.80
C LEU B 382 -34.58 -16.06 -32.74
N THR B 383 -35.88 -16.09 -33.04
CA THR B 383 -36.71 -17.27 -32.78
C THR B 383 -37.11 -18.03 -34.02
N GLU B 384 -37.42 -17.35 -35.14
CA GLU B 384 -38.08 -18.02 -36.25
C GLU B 384 -37.13 -18.92 -37.05
N PRO B 385 -36.02 -18.43 -37.59
CA PRO B 385 -35.31 -19.21 -38.62
C PRO B 385 -34.70 -20.50 -38.06
N LYS B 386 -34.53 -21.46 -38.97
CA LYS B 386 -33.77 -22.65 -38.64
C LYS B 386 -32.35 -22.27 -38.24
N LEU B 387 -31.85 -22.93 -37.20
CA LEU B 387 -30.51 -22.63 -36.66
C LEU B 387 -30.41 -21.18 -36.23
N SER B 388 -31.44 -20.67 -35.55
CA SER B 388 -31.43 -19.30 -35.06
C SER B 388 -30.50 -19.20 -33.85
N LEU B 389 -30.35 -17.97 -33.35
CA LEU B 389 -29.37 -17.73 -32.29
C LEU B 389 -29.78 -18.39 -30.98
N ILE B 390 -31.05 -18.23 -30.57
CA ILE B 390 -31.48 -18.90 -29.34
C ILE B 390 -31.61 -20.40 -29.57
N LYS B 391 -31.92 -20.82 -30.80
CA LYS B 391 -31.94 -22.25 -31.10
C LYS B 391 -30.55 -22.86 -30.98
N GLN B 392 -29.50 -22.09 -31.23
CA GLN B 392 -28.14 -22.60 -31.11
C GLN B 392 -27.71 -22.69 -29.66
N TYR B 393 -27.99 -21.67 -28.84
CA TYR B 393 -27.62 -21.73 -27.44
C TYR B 393 -28.37 -22.82 -26.69
N GLU B 394 -29.61 -23.10 -27.09
CA GLU B 394 -30.33 -24.23 -26.51
C GLU B 394 -29.60 -25.54 -26.76
N ALA B 395 -29.20 -25.78 -28.02
CA ALA B 395 -28.49 -27.01 -28.35
C ALA B 395 -27.09 -27.02 -27.75
N LEU B 396 -26.44 -25.87 -27.66
CA LEU B 396 -25.09 -25.81 -27.10
C LEU B 396 -25.10 -26.15 -25.62
N LEU B 397 -26.04 -25.57 -24.87
CA LEU B 397 -26.15 -25.86 -23.44
C LEU B 397 -26.86 -27.17 -23.15
N GLN B 398 -27.56 -27.74 -24.13
CA GLN B 398 -28.13 -29.07 -23.94
C GLN B 398 -27.05 -30.14 -23.93
N THR B 399 -25.92 -29.89 -24.60
CA THR B 399 -24.79 -30.80 -24.50
C THR B 399 -24.33 -30.93 -23.05
N GLU B 400 -24.35 -29.84 -22.31
CA GLU B 400 -24.04 -29.85 -20.88
C GLU B 400 -25.18 -30.40 -20.04
N GLU B 401 -26.21 -30.98 -20.66
CA GLU B 401 -27.40 -31.47 -19.97
C GLU B 401 -28.10 -30.36 -19.20
N VAL B 402 -28.14 -29.17 -19.79
CA VAL B 402 -28.80 -28.00 -19.22
C VAL B 402 -29.87 -27.53 -20.20
N THR B 403 -31.05 -27.21 -19.67
CA THR B 403 -32.18 -26.77 -20.49
C THR B 403 -32.44 -25.29 -20.19
N VAL B 404 -32.09 -24.44 -21.14
CA VAL B 404 -32.38 -23.01 -21.04
C VAL B 404 -33.69 -22.72 -21.75
N ASN B 405 -34.54 -21.94 -21.10
CA ASN B 405 -35.84 -21.56 -21.66
C ASN B 405 -35.85 -20.04 -21.80
N PHE B 406 -35.86 -19.57 -23.04
CA PHE B 406 -35.90 -18.15 -23.34
C PHE B 406 -37.36 -17.72 -23.43
N THR B 407 -37.81 -16.92 -22.46
CA THR B 407 -39.19 -16.48 -22.46
C THR B 407 -39.41 -15.44 -23.56
N ASP B 408 -40.67 -15.33 -23.99
CA ASP B 408 -41.01 -14.36 -25.02
C ASP B 408 -40.89 -12.93 -24.55
N GLU B 409 -40.82 -12.70 -23.24
CA GLU B 409 -40.58 -11.37 -22.70
C GLU B 409 -39.10 -11.03 -22.62
N ALA B 410 -38.25 -12.04 -22.39
CA ALA B 410 -36.81 -11.80 -22.40
C ALA B 410 -36.28 -11.68 -23.83
N ILE B 411 -36.76 -12.54 -24.72
CA ILE B 411 -36.39 -12.43 -26.14
C ILE B 411 -36.82 -11.08 -26.69
N THR B 412 -37.97 -10.58 -26.24
CA THR B 412 -38.38 -9.23 -26.60
C THR B 412 -37.47 -8.18 -25.95
N ARG B 413 -36.94 -8.49 -24.76
CA ARG B 413 -36.04 -7.55 -24.10
C ARG B 413 -34.68 -7.51 -24.77
N LEU B 414 -34.19 -8.67 -25.23
CA LEU B 414 -32.90 -8.71 -25.91
C LEU B 414 -32.95 -7.92 -27.22
N ALA B 415 -34.03 -8.05 -27.97
CA ALA B 415 -34.15 -7.36 -29.25
C ALA B 415 -34.12 -5.85 -29.06
N GLU B 416 -34.83 -5.34 -28.05
CA GLU B 416 -34.85 -3.91 -27.80
C GLU B 416 -33.49 -3.39 -27.36
N ILE B 417 -32.71 -4.21 -26.65
CA ILE B 417 -31.41 -3.76 -26.17
C ILE B 417 -30.38 -3.74 -27.30
N ALA B 418 -30.41 -4.73 -28.17
CA ALA B 418 -29.57 -4.68 -29.36
C ALA B 418 -29.95 -3.51 -30.26
N TYR B 419 -31.25 -3.24 -30.39
CA TYR B 419 -31.70 -2.08 -31.16
C TYR B 419 -31.24 -0.79 -30.50
N GLN B 420 -31.32 -0.71 -29.16
CA GLN B 420 -30.97 0.52 -28.48
C GLN B 420 -29.48 0.81 -28.60
N VAL B 421 -28.62 -0.19 -28.42
CA VAL B 421 -27.19 0.03 -28.55
C VAL B 421 -26.83 0.44 -29.97
N ASN B 422 -27.55 -0.10 -30.97
CA ASN B 422 -27.29 0.27 -32.36
C ASN B 422 -27.63 1.73 -32.64
N GLN B 423 -28.50 2.35 -31.86
CA GLN B 423 -28.80 3.76 -32.07
C GLN B 423 -27.88 4.67 -31.27
N ASP B 424 -27.50 4.26 -30.06
CA ASP B 424 -26.60 5.08 -29.25
C ASP B 424 -25.23 5.22 -29.90
N THR B 425 -24.68 4.10 -30.37
CA THR B 425 -23.35 4.11 -30.97
C THR B 425 -23.45 3.89 -32.48
N ASP B 426 -23.04 2.72 -32.95
CA ASP B 426 -23.01 2.39 -34.37
C ASP B 426 -24.11 1.38 -34.70
N ASN B 427 -24.79 1.60 -35.82
CA ASN B 427 -25.85 0.70 -36.27
C ASN B 427 -25.23 -0.38 -37.15
N ILE B 428 -25.23 -1.62 -36.66
CA ILE B 428 -24.64 -2.74 -37.38
C ILE B 428 -25.66 -3.83 -37.70
N GLY B 429 -26.95 -3.56 -37.48
CA GLY B 429 -27.99 -4.51 -37.84
C GLY B 429 -28.02 -5.72 -36.93
N ALA B 430 -28.41 -6.86 -37.51
CA ALA B 430 -28.52 -8.11 -36.77
C ALA B 430 -27.19 -8.60 -36.24
N ARG B 431 -26.07 -8.01 -36.68
CA ARG B 431 -24.76 -8.38 -36.14
C ARG B 431 -24.64 -8.07 -34.66
N ARG B 432 -25.50 -7.20 -34.13
CA ARG B 432 -25.44 -6.82 -32.72
C ARG B 432 -25.92 -7.94 -31.80
N LEU B 433 -26.72 -8.89 -32.30
CA LEU B 433 -27.29 -9.92 -31.45
C LEU B 433 -26.24 -10.89 -30.92
N HIS B 434 -25.10 -11.04 -31.63
CA HIS B 434 -24.08 -11.97 -31.19
C HIS B 434 -23.48 -11.55 -29.84
N THR B 435 -23.06 -10.28 -29.74
CA THR B 435 -22.45 -9.80 -28.51
C THR B 435 -23.46 -9.69 -27.37
N ILE B 436 -24.71 -9.35 -27.69
CA ILE B 436 -25.73 -9.19 -26.66
C ILE B 436 -26.04 -10.54 -26.01
N LEU B 437 -26.28 -11.57 -26.83
CA LEU B 437 -26.55 -12.89 -26.27
C LEU B 437 -25.36 -13.43 -25.48
N GLU B 438 -24.14 -13.07 -25.88
CA GLU B 438 -22.97 -13.62 -25.20
C GLU B 438 -22.81 -13.01 -23.80
N LYS B 439 -23.04 -11.71 -23.67
CA LYS B 439 -22.93 -11.07 -22.36
C LYS B 439 -24.00 -11.55 -21.38
N MET B 440 -25.11 -12.08 -21.88
CA MET B 440 -26.18 -12.56 -21.03
C MET B 440 -25.97 -14.02 -20.61
N LEU B 441 -25.63 -14.89 -21.57
CA LEU B 441 -25.29 -16.28 -21.26
C LEU B 441 -23.92 -16.43 -20.61
N GLU B 442 -23.30 -15.30 -20.26
CA GLU B 442 -21.94 -15.25 -19.74
C GLU B 442 -21.76 -16.15 -18.53
N ASP B 443 -22.41 -15.81 -17.42
CA ASP B 443 -22.21 -16.56 -16.18
C ASP B 443 -22.90 -17.93 -16.22
N LEU B 444 -23.89 -18.12 -17.08
CA LEU B 444 -24.54 -19.42 -17.19
C LEU B 444 -23.62 -20.42 -17.89
N SER B 445 -23.06 -20.04 -19.04
CA SER B 445 -22.25 -20.97 -19.83
C SER B 445 -20.98 -21.40 -19.11
N PHE B 446 -20.52 -20.63 -18.13
CA PHE B 446 -19.31 -21.01 -17.41
C PHE B 446 -19.59 -22.04 -16.34
N GLU B 447 -20.75 -21.94 -15.68
CA GLU B 447 -21.13 -22.84 -14.60
C GLU B 447 -21.96 -24.03 -15.07
N ALA B 448 -22.36 -24.04 -16.34
CA ALA B 448 -23.24 -25.11 -16.82
C ALA B 448 -22.68 -26.51 -16.64
N PRO B 449 -21.39 -26.79 -16.84
CA PRO B 449 -20.91 -28.16 -16.55
C PRO B 449 -21.05 -28.54 -15.10
N SER B 450 -20.94 -27.60 -14.18
CA SER B 450 -21.24 -27.83 -12.77
C SER B 450 -22.71 -27.60 -12.44
N MET B 451 -23.56 -27.52 -13.46
CA MET B 451 -24.99 -27.25 -13.29
C MET B 451 -25.80 -28.29 -14.07
N PRO B 452 -25.59 -29.57 -13.80
CA PRO B 452 -26.17 -30.60 -14.67
C PRO B 452 -27.65 -30.85 -14.36
N ASN B 453 -28.36 -31.30 -15.40
CA ASN B 453 -29.77 -31.64 -15.32
C ASN B 453 -30.63 -30.50 -14.79
N ALA B 454 -30.15 -29.27 -14.91
CA ALA B 454 -30.87 -28.11 -14.42
C ALA B 454 -31.88 -27.61 -15.44
N VAL B 455 -32.78 -26.75 -15.00
CA VAL B 455 -33.76 -26.10 -15.86
C VAL B 455 -33.72 -24.60 -15.53
N VAL B 456 -33.18 -23.81 -16.44
CA VAL B 456 -33.02 -22.37 -16.25
C VAL B 456 -33.97 -21.65 -17.18
N ASP B 457 -34.75 -20.72 -16.63
CA ASP B 457 -35.68 -19.91 -17.40
C ASP B 457 -35.12 -18.51 -17.54
N ILE B 458 -34.80 -18.12 -18.77
CA ILE B 458 -34.29 -16.78 -19.03
C ILE B 458 -35.44 -15.79 -18.91
N THR B 459 -35.56 -15.17 -17.75
CA THR B 459 -36.59 -14.17 -17.48
C THR B 459 -36.11 -12.80 -17.95
N PRO B 460 -37.04 -11.92 -18.35
CA PRO B 460 -36.64 -10.56 -18.75
C PRO B 460 -35.95 -9.79 -17.64
N GLN B 461 -36.16 -10.15 -16.37
CA GLN B 461 -35.42 -9.50 -15.29
C GLN B 461 -33.96 -9.89 -15.32
N TYR B 462 -33.64 -11.10 -15.81
CA TYR B 462 -32.24 -11.51 -15.93
C TYR B 462 -31.51 -10.71 -17.01
N VAL B 463 -32.23 -10.31 -18.07
CA VAL B 463 -31.62 -9.50 -19.12
C VAL B 463 -31.23 -8.14 -18.57
N ASP B 464 -32.15 -7.48 -17.87
CA ASP B 464 -31.82 -6.21 -17.23
C ASP B 464 -30.79 -6.38 -16.12
N ASP B 465 -30.75 -7.57 -15.50
CA ASP B 465 -29.73 -7.84 -14.49
C ASP B 465 -28.33 -7.90 -15.10
N LYS B 466 -28.23 -8.36 -16.35
CA LYS B 466 -26.93 -8.63 -16.96
C LYS B 466 -26.37 -7.43 -17.72
N LEU B 467 -27.14 -6.90 -18.68
CA LEU B 467 -26.58 -5.91 -19.60
C LEU B 467 -27.52 -4.73 -19.79
N LYS B 468 -28.21 -4.30 -18.72
CA LYS B 468 -28.99 -3.07 -18.85
C LYS B 468 -28.18 -1.84 -18.46
N SER B 469 -27.42 -1.91 -17.37
CA SER B 469 -26.56 -0.80 -16.98
C SER B 469 -25.42 -0.59 -17.98
N ILE B 470 -25.13 -1.59 -18.82
CA ILE B 470 -24.13 -1.42 -19.86
C ILE B 470 -24.72 -0.73 -21.07
N SER B 471 -25.95 -1.09 -21.45
CA SER B 471 -26.60 -0.45 -22.60
C SER B 471 -26.88 1.03 -22.32
N THR B 472 -27.08 1.40 -21.06
CA THR B 472 -27.21 2.80 -20.70
C THR B 472 -25.89 3.54 -20.81
N ASN B 473 -24.77 2.83 -20.71
CA ASN B 473 -23.44 3.42 -20.75
C ASN B 473 -22.97 3.45 -22.20
N LYS B 474 -23.03 4.62 -22.82
CA LYS B 474 -22.62 4.73 -24.23
C LYS B 474 -21.12 4.52 -24.38
N ASP B 475 -20.32 5.09 -23.48
CA ASP B 475 -18.87 4.96 -23.59
C ASP B 475 -18.38 3.56 -23.26
N LEU B 476 -19.15 2.79 -22.48
CA LEU B 476 -18.76 1.43 -22.15
C LEU B 476 -19.24 0.42 -23.18
N SER B 477 -20.46 0.58 -23.69
CA SER B 477 -20.98 -0.34 -24.70
C SER B 477 -20.24 -0.23 -26.02
N ALA B 478 -19.47 0.84 -26.23
CA ALA B 478 -18.63 0.93 -27.42
C ALA B 478 -17.43 0.00 -27.35
N PHE B 479 -17.11 -0.54 -26.17
CA PHE B 479 -16.01 -1.47 -25.99
C PHE B 479 -16.46 -2.90 -25.74
N ILE B 480 -17.39 -3.10 -24.81
CA ILE B 480 -17.72 -4.43 -24.31
C ILE B 480 -19.01 -4.97 -24.90
N LEU B 481 -19.72 -4.19 -25.72
CA LEU B 481 -20.99 -4.62 -26.28
C LEU B 481 -21.04 -4.54 -27.80
N ALA C 18 -8.53 -34.53 -21.69
CA ALA C 18 -7.94 -34.78 -23.01
C ALA C 18 -7.91 -33.51 -23.83
N GLY C 19 -7.61 -32.39 -23.18
CA GLY C 19 -7.53 -31.11 -23.85
C GLY C 19 -8.89 -30.52 -24.19
N ILE C 20 -9.58 -31.15 -25.16
CA ILE C 20 -10.88 -30.64 -25.58
C ILE C 20 -11.93 -30.84 -24.50
N ARG C 21 -11.84 -31.93 -23.75
CA ARG C 21 -12.84 -32.25 -22.74
C ARG C 21 -12.71 -31.39 -21.49
N LEU C 22 -11.65 -30.60 -21.38
CA LEU C 22 -11.38 -29.86 -20.14
C LEU C 22 -12.50 -28.88 -19.83
N THR C 23 -12.98 -28.91 -18.58
CA THR C 23 -14.05 -28.02 -18.16
C THR C 23 -13.51 -26.60 -17.95
N PRO C 24 -14.39 -25.59 -18.02
CA PRO C 24 -13.92 -24.20 -17.87
C PRO C 24 -13.17 -23.95 -16.57
N LYS C 25 -13.73 -24.39 -15.43
CA LYS C 25 -13.06 -24.18 -14.15
C LYS C 25 -11.69 -24.84 -14.13
N GLU C 26 -11.58 -26.02 -14.73
CA GLU C 26 -10.27 -26.68 -14.81
C GLU C 26 -9.28 -25.86 -15.62
N ILE C 27 -9.75 -25.17 -16.67
CA ILE C 27 -8.86 -24.35 -17.47
C ILE C 27 -8.32 -23.18 -16.65
N VAL C 28 -9.21 -22.49 -15.92
CA VAL C 28 -8.78 -21.37 -15.09
C VAL C 28 -7.79 -21.83 -14.04
N SER C 29 -7.99 -23.04 -13.50
CA SER C 29 -7.04 -23.57 -12.52
C SER C 29 -5.67 -23.83 -13.15
N LYS C 30 -5.66 -24.42 -14.36
CA LYS C 30 -4.38 -24.63 -15.03
C LYS C 30 -3.79 -23.31 -15.51
N LEU C 31 -4.62 -22.32 -15.80
CA LEU C 31 -4.11 -21.01 -16.21
C LEU C 31 -3.60 -20.20 -15.04
N ASN C 32 -4.17 -20.41 -13.84
CA ASN C 32 -3.74 -19.66 -12.67
C ASN C 32 -2.34 -20.03 -12.22
N GLU C 33 -1.82 -21.19 -12.65
CA GLU C 33 -0.46 -21.56 -12.31
C GLU C 33 0.58 -20.67 -12.96
N TYR C 34 0.21 -19.96 -14.02
CA TYR C 34 1.14 -19.14 -14.78
C TYR C 34 0.79 -17.67 -14.84
N ILE C 35 -0.49 -17.32 -14.77
CA ILE C 35 -0.94 -15.93 -14.95
C ILE C 35 -1.55 -15.45 -13.63
N VAL C 36 -1.15 -14.26 -13.21
CA VAL C 36 -1.66 -13.66 -11.98
C VAL C 36 -2.88 -12.82 -12.31
N GLY C 37 -3.96 -13.03 -11.56
CA GLY C 37 -5.16 -12.22 -11.71
C GLY C 37 -5.85 -12.43 -13.05
N GLN C 38 -6.52 -11.37 -13.51
CA GLN C 38 -7.25 -11.38 -14.78
C GLN C 38 -8.21 -12.56 -14.85
N ASN C 39 -9.00 -12.73 -13.79
CA ASN C 39 -9.95 -13.84 -13.76
C ASN C 39 -11.03 -13.66 -14.81
N ASP C 40 -11.47 -12.42 -15.04
CA ASP C 40 -12.48 -12.14 -16.05
C ASP C 40 -12.03 -12.61 -17.42
N ALA C 41 -10.78 -12.31 -17.79
CA ALA C 41 -10.27 -12.75 -19.08
C ALA C 41 -10.13 -14.27 -19.12
N LYS C 42 -9.60 -14.88 -18.05
CA LYS C 42 -9.47 -16.33 -18.00
C LYS C 42 -10.83 -17.02 -18.09
N ARG C 43 -11.87 -16.41 -17.51
CA ARG C 43 -13.21 -16.98 -17.62
C ARG C 43 -13.69 -16.96 -19.07
N LYS C 44 -13.74 -15.77 -19.67
CA LYS C 44 -14.28 -15.63 -21.02
C LYS C 44 -13.46 -16.38 -22.05
N VAL C 45 -12.20 -16.68 -21.76
CA VAL C 45 -11.43 -17.56 -22.64
C VAL C 45 -11.97 -18.98 -22.57
N ALA C 46 -12.15 -19.50 -21.35
CA ALA C 46 -12.55 -20.89 -21.18
C ALA C 46 -13.91 -21.16 -21.80
N ILE C 47 -14.84 -20.19 -21.72
CA ILE C 47 -16.16 -20.40 -22.30
C ILE C 47 -16.10 -20.39 -23.83
N ALA C 48 -15.02 -19.87 -24.41
CA ALA C 48 -14.84 -20.00 -25.85
C ALA C 48 -14.27 -21.36 -26.22
N LEU C 49 -13.47 -21.97 -25.33
CA LEU C 49 -12.95 -23.30 -25.58
C LEU C 49 -13.98 -24.38 -25.27
N ARG C 50 -14.78 -24.18 -24.21
CA ARG C 50 -15.86 -25.11 -23.93
C ARG C 50 -16.90 -25.13 -25.04
N ASN C 51 -16.98 -24.05 -25.82
CA ASN C 51 -17.87 -24.03 -26.98
C ASN C 51 -17.38 -24.97 -28.08
N ARG C 52 -16.06 -25.18 -28.17
CA ARG C 52 -15.54 -26.20 -29.08
C ARG C 52 -15.97 -27.59 -28.66
N TYR C 53 -16.16 -27.82 -27.36
CA TYR C 53 -16.65 -29.11 -26.89
C TYR C 53 -18.15 -29.25 -27.10
N ARG C 54 -18.90 -28.16 -26.98
CA ARG C 54 -20.33 -28.21 -27.21
C ARG C 54 -20.67 -28.28 -28.70
N ARG C 55 -19.85 -27.65 -29.54
CA ARG C 55 -20.10 -27.73 -30.98
C ARG C 55 -19.87 -29.14 -31.51
N SER C 56 -18.78 -29.79 -31.06
CA SER C 56 -18.42 -31.10 -31.58
C SER C 56 -19.44 -32.18 -31.24
N LEU C 57 -20.44 -31.89 -30.41
CA LEU C 57 -21.44 -32.86 -30.01
C LEU C 57 -22.83 -32.55 -30.57
N LEU C 58 -22.89 -31.76 -31.64
CA LEU C 58 -24.14 -31.41 -32.29
C LEU C 58 -24.22 -32.08 -33.66
N ASP C 59 -25.41 -32.00 -34.27
CA ASP C 59 -25.59 -32.53 -35.61
C ASP C 59 -24.69 -31.79 -36.60
N GLU C 60 -24.43 -32.44 -37.73
CA GLU C 60 -23.44 -31.90 -38.67
C GLU C 60 -23.84 -30.54 -39.21
N GLU C 61 -25.15 -30.27 -39.33
CA GLU C 61 -25.57 -28.95 -39.79
C GLU C 61 -25.42 -27.90 -38.70
N SER C 62 -25.59 -28.28 -37.42
CA SER C 62 -25.45 -27.31 -36.34
C SER C 62 -23.99 -26.99 -36.06
N LYS C 63 -23.12 -27.99 -36.05
CA LYS C 63 -21.72 -27.77 -35.72
C LYS C 63 -20.93 -27.12 -36.84
N GLN C 64 -21.55 -26.87 -38.00
CA GLN C 64 -20.89 -26.20 -39.10
C GLN C 64 -21.53 -24.86 -39.42
N GLU C 65 -22.62 -24.49 -38.75
CA GLU C 65 -23.28 -23.20 -38.92
C GLU C 65 -23.16 -22.32 -37.69
N ILE C 66 -22.40 -22.74 -36.68
CA ILE C 66 -22.19 -21.98 -35.46
C ILE C 66 -20.75 -21.47 -35.48
N SER C 67 -20.59 -20.15 -35.41
CA SER C 67 -19.28 -19.54 -35.51
C SER C 67 -18.56 -19.59 -34.16
N PRO C 68 -17.22 -19.60 -34.17
CA PRO C 68 -16.48 -19.65 -32.90
C PRO C 68 -16.67 -18.37 -32.10
N LYS C 69 -16.70 -18.53 -30.77
CA LYS C 69 -16.86 -17.40 -29.86
C LYS C 69 -15.52 -16.68 -29.77
N ASN C 70 -15.20 -15.93 -30.81
CA ASN C 70 -13.94 -15.20 -30.87
C ASN C 70 -13.89 -14.15 -29.77
N ILE C 71 -12.67 -13.91 -29.27
CA ILE C 71 -12.45 -13.06 -28.11
C ILE C 71 -11.79 -11.77 -28.56
N LEU C 72 -12.05 -10.70 -27.82
CA LEU C 72 -11.46 -9.38 -28.07
C LEU C 72 -10.93 -8.84 -26.75
N MET C 73 -9.63 -9.00 -26.52
CA MET C 73 -9.02 -8.53 -25.29
C MET C 73 -8.68 -7.05 -25.39
N ILE C 74 -9.04 -6.29 -24.36
CA ILE C 74 -8.85 -4.85 -24.34
C ILE C 74 -8.10 -4.50 -23.06
N GLY C 75 -6.83 -4.14 -23.19
CA GLY C 75 -6.02 -3.78 -22.05
C GLY C 75 -4.67 -3.21 -22.45
N PRO C 76 -3.96 -2.61 -21.51
CA PRO C 76 -2.64 -2.04 -21.83
C PRO C 76 -1.57 -3.10 -22.00
N THR C 77 -0.31 -2.67 -22.09
CA THR C 77 0.79 -3.62 -22.17
C THR C 77 1.18 -4.10 -20.78
N GLY C 78 1.80 -5.28 -20.73
CA GLY C 78 2.25 -5.84 -19.49
C GLY C 78 1.18 -6.45 -18.61
N VAL C 79 -0.09 -6.45 -19.04
CA VAL C 79 -1.16 -7.03 -18.23
C VAL C 79 -1.31 -8.52 -18.46
N GLY C 80 -0.70 -9.07 -19.50
CA GLY C 80 -0.66 -10.51 -19.71
C GLY C 80 -1.78 -11.09 -20.53
N LYS C 81 -2.18 -10.41 -21.61
CA LYS C 81 -3.23 -10.95 -22.46
C LYS C 81 -2.70 -11.87 -23.56
N THR C 82 -1.42 -11.75 -23.92
CA THR C 82 -0.84 -12.74 -24.83
C THR C 82 -0.47 -14.02 -24.09
N GLU C 83 -0.08 -13.93 -22.82
CA GLU C 83 0.20 -15.13 -22.04
C GLU C 83 -1.06 -15.94 -21.78
N ILE C 84 -2.22 -15.28 -21.64
CA ILE C 84 -3.46 -16.01 -21.42
C ILE C 84 -3.81 -16.84 -22.65
N ALA C 85 -3.61 -16.28 -23.85
CA ALA C 85 -3.93 -17.02 -25.07
C ALA C 85 -2.89 -18.07 -25.37
N ARG C 86 -1.60 -17.74 -25.20
CA ARG C 86 -0.54 -18.70 -25.50
C ARG C 86 -0.59 -19.90 -24.57
N ARG C 87 -0.84 -19.67 -23.28
CA ARG C 87 -0.85 -20.76 -22.31
C ARG C 87 -2.11 -21.60 -22.44
N MET C 88 -3.25 -20.95 -22.71
CA MET C 88 -4.51 -21.69 -22.83
C MET C 88 -4.44 -22.69 -23.98
N ALA C 89 -3.75 -22.35 -25.06
CA ALA C 89 -3.56 -23.29 -26.16
C ALA C 89 -2.67 -24.45 -25.76
N LYS C 90 -1.71 -24.22 -24.85
CA LYS C 90 -0.85 -25.31 -24.41
C LYS C 90 -1.62 -26.35 -23.60
N VAL C 91 -2.51 -25.89 -22.71
CA VAL C 91 -3.20 -26.83 -21.80
C VAL C 91 -4.23 -27.67 -22.54
N VAL C 92 -4.72 -27.21 -23.69
CA VAL C 92 -5.64 -27.99 -24.51
C VAL C 92 -4.96 -28.52 -25.76
N GLY C 93 -3.66 -28.30 -25.90
CA GLY C 93 -2.92 -28.84 -27.03
C GLY C 93 -3.34 -28.28 -28.37
N ALA C 94 -3.62 -26.97 -28.42
CA ALA C 94 -4.08 -26.32 -29.63
C ALA C 94 -2.95 -25.53 -30.29
N PRO C 95 -2.84 -25.62 -31.61
CA PRO C 95 -1.80 -24.85 -32.31
C PRO C 95 -2.04 -23.36 -32.15
N PHE C 96 -0.99 -22.63 -31.78
CA PHE C 96 -1.09 -21.21 -31.47
C PHE C 96 -0.10 -20.44 -32.33
N ILE C 97 -0.58 -19.32 -32.89
CA ILE C 97 0.27 -18.39 -33.62
C ILE C 97 -0.09 -16.97 -33.18
N LYS C 98 0.93 -16.13 -33.03
CA LYS C 98 0.74 -14.72 -32.70
C LYS C 98 1.24 -13.88 -33.86
N VAL C 99 0.40 -12.97 -34.34
CA VAL C 99 0.75 -12.09 -35.45
C VAL C 99 0.46 -10.65 -35.03
N GLU C 100 1.17 -9.72 -35.68
CA GLU C 100 0.99 -8.30 -35.46
C GLU C 100 0.20 -7.73 -36.63
N ALA C 101 -1.01 -7.25 -36.35
CA ALA C 101 -1.86 -6.69 -37.39
C ALA C 101 -1.18 -5.51 -38.09
N THR C 102 -0.31 -4.79 -37.38
CA THR C 102 0.37 -3.63 -37.96
C THR C 102 1.40 -4.00 -39.01
N LYS C 103 1.72 -5.28 -39.18
CA LYS C 103 2.66 -5.69 -40.21
C LYS C 103 2.01 -5.85 -41.57
N PHE C 104 0.68 -5.84 -41.65
CA PHE C 104 -0.04 -6.10 -42.89
C PHE C 104 -0.43 -4.83 -43.63
N THR C 105 0.38 -3.79 -43.53
CA THR C 105 0.11 -2.53 -44.22
C THR C 105 1.12 -2.39 -45.36
N GLU C 106 0.86 -3.14 -46.45
CA GLU C 106 1.74 -3.17 -47.61
C GLU C 106 0.98 -2.86 -48.90
N LEU C 107 -0.19 -2.22 -48.79
CA LEU C 107 -1.07 -1.89 -49.93
C LEU C 107 -1.21 -3.03 -50.93
N VAL C 110 0.69 -4.32 -53.56
CA VAL C 110 1.27 -5.61 -53.21
C VAL C 110 0.32 -6.38 -52.29
N GLY C 111 0.26 -7.70 -52.47
CA GLY C 111 -0.61 -8.52 -51.66
C GLY C 111 -0.33 -8.42 -50.17
N ARG C 112 -1.37 -8.23 -49.36
CA ARG C 112 -1.21 -8.24 -47.92
C ARG C 112 -0.66 -9.58 -47.45
N ASP C 113 -1.11 -10.67 -48.06
CA ASP C 113 -0.74 -12.03 -47.66
C ASP C 113 -1.19 -12.32 -46.24
N VAL C 114 -2.41 -11.89 -45.91
CA VAL C 114 -2.96 -12.13 -44.57
C VAL C 114 -3.10 -13.63 -44.30
N GLU C 115 -3.24 -14.45 -45.35
CA GLU C 115 -3.29 -15.89 -45.19
C GLU C 115 -2.02 -16.47 -44.59
N SER C 116 -0.99 -15.63 -44.37
CA SER C 116 0.23 -16.10 -43.72
C SER C 116 -0.05 -16.63 -42.33
N MET C 117 -0.99 -16.01 -41.61
CA MET C 117 -1.37 -16.52 -40.29
C MET C 117 -1.85 -17.97 -40.38
N VAL C 118 -2.79 -18.23 -41.28
CA VAL C 118 -3.34 -19.58 -41.40
C VAL C 118 -2.28 -20.53 -41.94
N ARG C 119 -1.37 -20.05 -42.79
CA ARG C 119 -0.29 -20.91 -43.25
C ARG C 119 0.69 -21.21 -42.12
N ASP C 120 1.03 -20.21 -41.31
CA ASP C 120 1.89 -20.45 -40.15
C ASP C 120 1.21 -21.33 -39.12
N LEU C 121 -0.12 -21.25 -39.00
CA LEU C 121 -0.84 -22.08 -38.05
C LEU C 121 -0.69 -23.56 -38.42
N VAL C 122 -0.85 -23.89 -39.71
CA VAL C 122 -0.69 -25.27 -40.13
C VAL C 122 0.76 -25.72 -39.98
N ASP C 123 1.71 -24.78 -40.08
CA ASP C 123 3.12 -25.14 -39.89
C ASP C 123 3.39 -25.57 -38.45
N VAL C 124 2.78 -24.88 -37.47
CA VAL C 124 2.94 -25.30 -36.09
C VAL C 124 2.01 -26.46 -35.75
N SER C 125 0.96 -26.70 -36.55
CA SER C 125 0.10 -27.85 -36.30
C SER C 125 0.80 -29.15 -36.66
N VAL C 126 1.52 -29.16 -37.80
CA VAL C 126 2.23 -30.38 -38.18
C VAL C 126 3.42 -30.62 -37.27
N ARG C 127 4.03 -29.56 -36.75
CA ARG C 127 5.11 -29.74 -35.78
C ARG C 127 4.59 -30.14 -34.41
N LEU C 128 3.31 -29.92 -34.14
CA LEU C 128 2.72 -30.33 -32.87
C LEU C 128 2.27 -31.79 -32.92
N VAL C 129 1.81 -32.27 -34.07
CA VAL C 129 1.43 -33.67 -34.19
C VAL C 129 2.65 -34.55 -34.38
N LYS C 130 3.64 -34.07 -35.14
CA LYS C 130 4.91 -34.80 -35.28
C LYS C 130 5.53 -35.07 -33.92
N ALA C 131 5.56 -34.05 -33.05
CA ALA C 131 6.07 -34.24 -31.70
C ALA C 131 5.13 -35.09 -30.86
N GLN C 132 3.84 -35.16 -31.23
CA GLN C 132 2.89 -36.00 -30.49
C GLN C 132 3.04 -37.47 -30.90
N LYS C 133 3.03 -37.74 -32.20
CA LYS C 133 3.20 -39.11 -32.68
C LYS C 133 4.56 -39.69 -32.31
N LYS C 134 5.54 -38.83 -32.03
CA LYS C 134 6.90 -39.29 -31.75
C LYS C 134 7.01 -39.89 -30.36
N SER C 135 6.52 -39.15 -29.34
CA SER C 135 6.62 -39.65 -27.97
C SER C 135 5.76 -40.89 -27.76
N LEU C 136 4.61 -40.98 -28.45
CA LEU C 136 3.72 -42.13 -28.27
C LEU C 136 4.33 -43.39 -28.87
N VAL C 137 4.78 -43.32 -30.13
CA VAL C 137 5.42 -44.45 -30.78
C VAL C 137 6.91 -44.41 -30.47
N GLN C 138 7.27 -44.77 -29.25
CA GLN C 138 8.67 -44.71 -28.81
C GLN C 138 9.16 -46.07 -28.31
N GLN C 287 -9.50 -28.47 -36.44
CA GLN C 287 -10.35 -27.40 -35.93
C GLN C 287 -10.16 -27.22 -34.42
N MET C 288 -8.99 -26.70 -34.05
CA MET C 288 -8.65 -26.50 -32.64
C MET C 288 -7.66 -25.34 -32.53
N GLY C 289 -7.06 -24.95 -33.66
CA GLY C 289 -6.03 -23.92 -33.63
C GLY C 289 -6.58 -22.56 -33.25
N ILE C 290 -5.70 -21.73 -32.72
CA ILE C 290 -6.04 -20.41 -32.21
C ILE C 290 -5.04 -19.40 -32.78
N ILE C 291 -5.55 -18.28 -33.30
CA ILE C 291 -4.72 -17.23 -33.90
C ILE C 291 -4.91 -15.96 -33.09
N PHE C 292 -3.82 -15.44 -32.53
CA PHE C 292 -3.83 -14.23 -31.72
C PHE C 292 -3.41 -13.05 -32.58
N ILE C 293 -4.37 -12.22 -32.96
CA ILE C 293 -4.12 -11.05 -33.81
C ILE C 293 -3.84 -9.87 -32.89
N ASP C 294 -2.56 -9.61 -32.65
CA ASP C 294 -2.15 -8.54 -31.75
C ASP C 294 -2.20 -7.19 -32.46
N GLU C 295 -2.43 -6.14 -31.69
CA GLU C 295 -2.46 -4.76 -32.18
C GLU C 295 -3.56 -4.58 -33.23
N ILE C 296 -4.71 -5.22 -32.99
CA ILE C 296 -5.83 -5.07 -33.92
C ILE C 296 -6.50 -3.69 -33.77
N ASP C 297 -6.22 -2.98 -32.68
CA ASP C 297 -6.77 -1.64 -32.53
C ASP C 297 -6.14 -0.65 -33.51
N LYS C 298 -4.90 -0.90 -33.93
CA LYS C 298 -4.18 0.03 -34.78
C LYS C 298 -4.60 -0.05 -36.24
N VAL C 299 -5.21 -1.16 -36.67
CA VAL C 299 -5.67 -1.29 -38.05
C VAL C 299 -7.14 -0.91 -38.11
N ALA C 300 -7.57 -0.03 -37.22
CA ALA C 300 -8.91 0.52 -37.20
C ALA C 300 -8.83 2.04 -37.31
N THR C 301 -9.99 2.70 -37.28
CA THR C 301 -10.04 4.15 -37.39
C THR C 301 -11.38 4.70 -36.90
N GLY C 314 -9.42 -1.29 -44.26
CA GLY C 314 -8.17 -1.59 -44.94
C GLY C 314 -7.68 -3.01 -44.69
N VAL C 315 -6.90 -3.18 -43.62
CA VAL C 315 -6.43 -4.52 -43.27
C VAL C 315 -7.58 -5.39 -42.77
N GLN C 316 -8.61 -4.77 -42.19
CA GLN C 316 -9.72 -5.54 -41.66
C GLN C 316 -10.51 -6.23 -42.77
N ARG C 317 -10.59 -5.62 -43.95
CA ARG C 317 -11.31 -6.24 -45.05
C ARG C 317 -10.58 -7.44 -45.62
N ASP C 318 -9.29 -7.59 -45.32
CA ASP C 318 -8.54 -8.79 -45.68
C ASP C 318 -8.51 -9.82 -44.57
N ILE C 319 -8.61 -9.38 -43.32
CA ILE C 319 -8.82 -10.29 -42.20
C ILE C 319 -10.22 -10.89 -42.26
N LEU C 320 -11.17 -10.14 -42.84
CA LEU C 320 -12.58 -10.57 -42.88
C LEU C 320 -12.80 -11.96 -43.48
N PRO C 321 -12.31 -12.30 -44.68
CA PRO C 321 -12.63 -13.62 -45.24
C PRO C 321 -12.13 -14.76 -44.37
N ILE C 322 -11.01 -14.56 -43.67
CA ILE C 322 -10.54 -15.56 -42.72
C ILE C 322 -11.57 -15.74 -41.61
N LEU C 323 -12.12 -14.64 -41.09
CA LEU C 323 -13.09 -14.72 -40.01
C LEU C 323 -14.42 -15.29 -40.51
N GLU C 324 -14.89 -14.84 -41.67
CA GLU C 324 -16.13 -15.38 -42.23
C GLU C 324 -15.96 -16.81 -42.70
N GLY C 325 -14.73 -17.28 -42.88
CA GLY C 325 -14.50 -18.66 -43.28
C GLY C 325 -14.13 -18.80 -44.74
N SER C 326 -12.84 -18.95 -45.03
CA SER C 326 -12.34 -19.10 -46.39
C SER C 326 -11.40 -20.29 -46.46
N VAL C 327 -11.25 -20.83 -47.66
CA VAL C 327 -10.34 -21.95 -47.92
C VAL C 327 -8.98 -21.39 -48.32
N ILE C 328 -7.94 -21.79 -47.59
CA ILE C 328 -6.59 -21.28 -47.79
C ILE C 328 -5.73 -22.43 -48.33
N GLN C 329 -4.91 -22.13 -49.32
CA GLN C 329 -3.97 -23.09 -49.87
C GLN C 329 -2.69 -23.09 -49.06
N THR C 330 -2.30 -24.25 -48.54
CA THR C 330 -1.03 -24.47 -47.89
C THR C 330 -0.26 -25.55 -48.64
N LYS C 331 1.02 -25.71 -48.29
CA LYS C 331 1.81 -26.75 -48.97
C LYS C 331 1.36 -28.14 -48.56
N TYR C 332 0.78 -28.29 -47.37
CA TYR C 332 0.24 -29.56 -46.94
C TYR C 332 -1.18 -29.81 -47.45
N GLY C 333 -1.77 -28.84 -48.14
CA GLY C 333 -3.13 -28.99 -48.63
C GLY C 333 -3.97 -27.74 -48.42
N THR C 334 -5.29 -27.92 -48.35
CA THR C 334 -6.20 -26.81 -48.15
C THR C 334 -6.84 -26.90 -46.77
N VAL C 335 -7.03 -25.74 -46.13
CA VAL C 335 -7.69 -25.66 -44.84
C VAL C 335 -8.80 -24.63 -44.94
N ASN C 336 -9.85 -24.83 -44.15
CA ASN C 336 -10.96 -23.87 -44.05
C ASN C 336 -10.92 -23.23 -42.67
N THR C 337 -10.81 -21.90 -42.64
CA THR C 337 -10.69 -21.14 -41.41
C THR C 337 -12.02 -20.92 -40.70
N GLU C 338 -13.02 -21.75 -40.99
CA GLU C 338 -14.38 -21.50 -40.50
C GLU C 338 -14.46 -21.62 -38.98
N HIS C 339 -13.78 -22.59 -38.39
CA HIS C 339 -13.92 -22.89 -36.98
C HIS C 339 -12.61 -22.72 -36.21
N MET C 340 -11.76 -21.81 -36.67
CA MET C 340 -10.57 -21.43 -35.93
C MET C 340 -10.90 -20.29 -34.98
N LEU C 341 -10.33 -20.34 -33.78
CA LEU C 341 -10.60 -19.34 -32.76
C LEU C 341 -9.65 -18.16 -32.94
N PHE C 342 -10.21 -16.94 -32.95
CA PHE C 342 -9.44 -15.73 -33.19
C PHE C 342 -9.56 -14.80 -31.99
N ILE C 343 -8.42 -14.24 -31.58
CA ILE C 343 -8.34 -13.40 -30.39
C ILE C 343 -7.70 -12.08 -30.83
N GLY C 344 -8.51 -11.05 -31.02
CA GLY C 344 -7.98 -9.72 -31.23
C GLY C 344 -7.60 -9.05 -29.92
N ALA C 345 -6.62 -8.16 -29.99
CA ALA C 345 -6.14 -7.50 -28.79
C ALA C 345 -5.61 -6.12 -29.13
N GLY C 346 -5.47 -5.29 -28.11
CA GLY C 346 -4.97 -3.95 -28.26
C GLY C 346 -5.33 -3.11 -27.06
N ALA C 347 -4.59 -2.01 -26.89
CA ALA C 347 -4.87 -1.08 -25.80
C ALA C 347 -6.11 -0.25 -26.08
N PHE C 348 -6.40 0.01 -27.35
CA PHE C 348 -7.53 0.85 -27.76
C PHE C 348 -7.47 2.22 -27.10
N HIS C 349 -6.25 2.76 -27.01
CA HIS C 349 -6.07 4.11 -26.50
C HIS C 349 -6.55 5.15 -27.50
N VAL C 350 -6.38 4.88 -28.79
CA VAL C 350 -6.67 5.85 -29.84
C VAL C 350 -7.95 5.51 -30.60
N SER C 351 -8.58 4.38 -30.30
CA SER C 351 -9.81 4.00 -30.99
C SER C 351 -10.61 3.08 -30.08
N LYS C 352 -11.81 2.74 -30.54
CA LYS C 352 -12.73 1.84 -29.85
C LYS C 352 -12.95 0.61 -30.69
N PRO C 353 -13.38 -0.50 -30.09
CA PRO C 353 -13.81 -1.65 -30.90
C PRO C 353 -14.94 -1.31 -31.84
N SER C 354 -15.80 -0.35 -31.47
CA SER C 354 -16.86 0.10 -32.37
C SER C 354 -16.32 0.78 -33.62
N ASP C 355 -15.03 1.14 -33.65
CA ASP C 355 -14.42 1.69 -34.84
C ASP C 355 -13.97 0.61 -35.83
N LEU C 356 -14.02 -0.66 -35.43
CA LEU C 356 -13.80 -1.74 -36.37
C LEU C 356 -14.95 -1.79 -37.38
N ILE C 357 -14.74 -2.51 -38.47
CA ILE C 357 -15.80 -2.67 -39.47
C ILE C 357 -16.91 -3.48 -38.82
N PRO C 358 -18.17 -3.23 -39.15
CA PRO C 358 -19.27 -3.94 -38.46
C PRO C 358 -19.18 -5.46 -38.59
N GLU C 359 -18.60 -5.97 -39.67
CA GLU C 359 -18.45 -7.42 -39.79
C GLU C 359 -17.54 -7.97 -38.71
N LEU C 360 -16.43 -7.29 -38.43
CA LEU C 360 -15.54 -7.75 -37.37
C LEU C 360 -16.18 -7.61 -35.99
N GLN C 361 -17.02 -6.59 -35.79
CA GLN C 361 -17.68 -6.42 -34.50
C GLN C 361 -18.56 -7.62 -34.19
N GLY C 362 -19.37 -8.06 -35.17
CA GLY C 362 -20.24 -9.20 -34.96
C GLY C 362 -19.51 -10.52 -34.84
N ARG C 363 -18.25 -10.58 -35.24
CA ARG C 363 -17.49 -11.82 -35.21
C ARG C 363 -16.49 -11.86 -34.05
N PHE C 364 -16.62 -10.95 -33.09
CA PHE C 364 -15.93 -11.03 -31.80
C PHE C 364 -16.98 -10.96 -30.70
N PRO C 365 -17.74 -12.03 -30.50
CA PRO C 365 -18.86 -11.96 -29.54
C PRO C 365 -18.41 -11.81 -28.11
N ILE C 366 -17.29 -12.43 -27.75
CA ILE C 366 -16.73 -12.31 -26.40
C ILE C 366 -15.84 -11.08 -26.35
N ARG C 367 -16.08 -10.21 -25.38
CA ARG C 367 -15.28 -9.00 -25.21
C ARG C 367 -14.98 -8.80 -23.74
N VAL C 368 -13.69 -8.76 -23.40
CA VAL C 368 -13.23 -8.62 -22.03
C VAL C 368 -12.28 -7.44 -21.94
N GLU C 369 -12.38 -6.68 -20.86
CA GLU C 369 -11.52 -5.53 -20.59
C GLU C 369 -10.64 -5.88 -19.40
N LEU C 370 -9.35 -6.06 -19.64
CA LEU C 370 -8.46 -6.54 -18.61
C LEU C 370 -8.12 -5.43 -17.61
N ASP C 371 -7.68 -5.84 -16.42
CA ASP C 371 -7.40 -4.94 -15.32
C ASP C 371 -5.97 -4.41 -15.41
N SER C 372 -5.78 -3.20 -14.90
CA SER C 372 -4.43 -2.65 -14.78
C SER C 372 -3.72 -3.31 -13.59
N LEU C 373 -2.40 -3.14 -13.54
CA LEU C 373 -1.57 -3.73 -12.49
C LEU C 373 -1.34 -2.70 -11.39
N SER C 374 -1.59 -3.11 -10.15
CA SER C 374 -1.19 -2.34 -8.99
C SER C 374 0.21 -2.76 -8.56
N VAL C 375 0.78 -2.00 -7.61
CA VAL C 375 2.11 -2.34 -7.12
C VAL C 375 2.10 -3.71 -6.46
N GLU C 376 0.99 -4.07 -5.80
CA GLU C 376 0.89 -5.40 -5.20
C GLU C 376 0.68 -6.49 -6.23
N ASP C 377 0.26 -6.15 -7.45
CA ASP C 377 0.19 -7.15 -8.50
C ASP C 377 1.58 -7.56 -8.96
N PHE C 378 2.56 -6.66 -8.87
CA PHE C 378 3.91 -6.99 -9.30
C PHE C 378 4.58 -7.98 -8.35
N VAL C 379 4.38 -7.82 -7.04
CA VAL C 379 4.92 -8.80 -6.11
C VAL C 379 4.27 -10.17 -6.30
N ARG C 380 3.04 -10.20 -6.83
CA ARG C 380 2.42 -11.47 -7.17
C ARG C 380 3.08 -12.09 -8.40
N ILE C 381 3.16 -11.34 -9.50
CA ILE C 381 3.84 -11.81 -10.71
C ILE C 381 5.27 -12.20 -10.41
N LEU C 382 5.87 -11.59 -9.39
CA LEU C 382 7.26 -11.84 -9.05
C LEU C 382 7.46 -13.10 -8.22
N THR C 383 6.42 -13.54 -7.49
CA THR C 383 6.57 -14.65 -6.56
C THR C 383 5.52 -15.75 -6.68
N GLU C 384 4.40 -15.52 -7.36
CA GLU C 384 3.33 -16.51 -7.38
C GLU C 384 3.39 -17.49 -8.55
N PRO C 385 3.49 -17.06 -9.80
CA PRO C 385 3.33 -17.99 -10.92
C PRO C 385 4.43 -19.03 -10.97
N LYS C 386 4.10 -20.18 -11.57
CA LYS C 386 5.10 -21.19 -11.88
C LYS C 386 6.16 -20.58 -12.80
N LEU C 387 7.42 -20.76 -12.42
CA LEU C 387 8.55 -20.20 -13.18
C LEU C 387 8.49 -18.67 -13.21
N SER C 388 8.34 -18.08 -12.02
CA SER C 388 8.34 -16.62 -11.91
C SER C 388 9.77 -16.10 -12.09
N LEU C 389 9.87 -14.77 -12.19
CA LEU C 389 11.16 -14.16 -12.50
C LEU C 389 12.20 -14.42 -11.41
N ILE C 390 11.81 -14.31 -10.14
CA ILE C 390 12.80 -14.56 -9.09
C ILE C 390 13.05 -16.05 -8.93
N LYS C 391 12.08 -16.91 -9.27
CA LYS C 391 12.35 -18.34 -9.27
C LYS C 391 13.31 -18.71 -10.38
N GLN C 392 13.32 -17.95 -11.48
CA GLN C 392 14.31 -18.15 -12.53
C GLN C 392 15.71 -17.81 -12.02
N TYR C 393 15.89 -16.60 -11.50
CA TYR C 393 17.19 -16.20 -10.98
C TYR C 393 17.62 -17.04 -9.80
N GLU C 394 16.66 -17.63 -9.07
CA GLU C 394 17.02 -18.61 -8.05
C GLU C 394 17.68 -19.83 -8.67
N ALA C 395 17.00 -20.45 -9.63
CA ALA C 395 17.56 -21.64 -10.29
C ALA C 395 18.77 -21.30 -11.14
N LEU C 396 18.82 -20.10 -11.72
CA LEU C 396 19.95 -19.71 -12.55
C LEU C 396 21.23 -19.58 -11.72
N LEU C 397 21.19 -18.79 -10.65
CA LEU C 397 22.35 -18.67 -9.79
C LEU C 397 22.61 -19.92 -8.96
N GLN C 398 21.64 -20.84 -8.88
CA GLN C 398 21.87 -22.09 -8.17
C GLN C 398 22.78 -23.02 -8.97
N THR C 399 22.79 -22.89 -10.30
CA THR C 399 23.66 -23.71 -11.13
C THR C 399 25.13 -23.40 -10.90
N GLU C 400 25.44 -22.30 -10.23
CA GLU C 400 26.81 -21.95 -9.84
C GLU C 400 27.02 -22.09 -8.34
N GLU C 401 26.20 -22.89 -7.68
CA GLU C 401 26.32 -23.18 -6.25
C GLU C 401 26.15 -21.90 -5.41
N VAL C 402 25.12 -21.13 -5.74
CA VAL C 402 24.80 -19.89 -5.03
C VAL C 402 23.32 -19.89 -4.69
N THR C 403 23.01 -19.54 -3.45
CA THR C 403 21.63 -19.46 -2.97
C THR C 403 21.26 -17.99 -2.76
N VAL C 404 20.22 -17.55 -3.46
CA VAL C 404 19.74 -16.17 -3.39
C VAL C 404 18.42 -16.18 -2.62
N ASN C 405 18.33 -15.32 -1.61
CA ASN C 405 17.17 -15.26 -0.73
C ASN C 405 16.53 -13.89 -0.89
N PHE C 406 15.47 -13.82 -1.69
CA PHE C 406 14.71 -12.58 -1.88
C PHE C 406 13.75 -12.43 -0.71
N THR C 407 14.09 -11.59 0.25
CA THR C 407 13.20 -11.33 1.36
C THR C 407 11.94 -10.63 0.87
N ASP C 408 10.85 -10.80 1.62
CA ASP C 408 9.56 -10.26 1.19
C ASP C 408 9.58 -8.75 1.10
N GLU C 409 10.44 -8.09 1.88
CA GLU C 409 10.57 -6.64 1.77
C GLU C 409 11.34 -6.24 0.52
N ALA C 410 12.26 -7.08 0.07
CA ALA C 410 12.98 -6.80 -1.18
C ALA C 410 12.07 -6.98 -2.39
N ILE C 411 11.16 -7.96 -2.34
CA ILE C 411 10.21 -8.14 -3.42
C ILE C 411 9.30 -6.91 -3.54
N THR C 412 8.85 -6.39 -2.39
CA THR C 412 8.01 -5.19 -2.40
C THR C 412 8.78 -3.99 -2.94
N ARG C 413 10.06 -3.87 -2.58
CA ARG C 413 10.83 -2.72 -3.04
C ARG C 413 11.12 -2.80 -4.53
N LEU C 414 11.24 -4.01 -5.09
CA LEU C 414 11.42 -4.13 -6.53
C LEU C 414 10.14 -3.75 -7.27
N ALA C 415 8.98 -4.11 -6.71
CA ALA C 415 7.71 -3.79 -7.36
C ALA C 415 7.45 -2.29 -7.33
N GLU C 416 7.78 -1.63 -6.23
CA GLU C 416 7.58 -0.18 -6.14
C GLU C 416 8.45 0.55 -7.16
N ILE C 417 9.72 0.17 -7.25
CA ILE C 417 10.62 0.82 -8.20
C ILE C 417 10.19 0.53 -9.64
N ALA C 418 9.73 -0.69 -9.91
CA ALA C 418 9.18 -0.99 -11.22
C ALA C 418 7.92 -0.18 -11.48
N TYR C 419 6.99 -0.16 -10.53
CA TYR C 419 5.77 0.62 -10.70
C TYR C 419 6.07 2.11 -10.83
N GLN C 420 7.08 2.59 -10.10
CA GLN C 420 7.41 4.02 -10.13
C GLN C 420 7.96 4.44 -11.49
N VAL C 421 8.95 3.69 -12.00
CA VAL C 421 9.56 4.05 -13.27
C VAL C 421 8.56 3.90 -14.42
N ASN C 422 7.52 3.08 -14.24
CA ASN C 422 6.43 3.07 -15.22
C ASN C 422 5.66 4.39 -15.21
N GLN C 423 5.59 5.05 -14.06
CA GLN C 423 4.92 6.35 -13.98
C GLN C 423 5.81 7.47 -14.48
N ASP C 424 7.11 7.39 -14.25
CA ASP C 424 8.01 8.50 -14.60
C ASP C 424 8.35 8.52 -16.08
N THR C 425 8.34 7.36 -16.75
CA THR C 425 8.69 7.29 -18.16
C THR C 425 7.48 6.75 -18.91
N ASP C 426 7.62 5.63 -19.62
CA ASP C 426 6.52 5.00 -20.34
C ASP C 426 6.12 3.73 -19.61
N ASN C 427 4.83 3.60 -19.31
CA ASN C 427 4.34 2.44 -18.57
C ASN C 427 4.27 1.23 -19.49
N ILE C 428 5.22 0.32 -19.32
CA ILE C 428 5.25 -0.91 -20.12
C ILE C 428 4.60 -2.03 -19.31
N GLY C 429 4.03 -1.68 -18.16
CA GLY C 429 3.36 -2.65 -17.31
C GLY C 429 4.30 -3.61 -16.59
N ALA C 430 3.96 -4.89 -16.57
CA ALA C 430 4.82 -5.87 -15.91
C ALA C 430 6.11 -6.15 -16.67
N ARG C 431 6.23 -5.66 -17.90
CA ARG C 431 7.46 -5.82 -18.67
C ARG C 431 8.66 -5.16 -17.99
N ARG C 432 8.41 -4.28 -17.02
CA ARG C 432 9.49 -3.57 -16.35
C ARG C 432 10.31 -4.50 -15.46
N LEU C 433 9.71 -5.59 -14.97
CA LEU C 433 10.39 -6.44 -13.99
C LEU C 433 11.67 -7.04 -14.54
N HIS C 434 11.74 -7.30 -15.84
CA HIS C 434 12.94 -7.90 -16.42
C HIS C 434 14.15 -6.98 -16.25
N THR C 435 13.97 -5.69 -16.57
CA THR C 435 15.09 -4.77 -16.51
C THR C 435 15.47 -4.43 -15.08
N ILE C 436 14.48 -4.24 -14.21
CA ILE C 436 14.75 -3.90 -12.82
C ILE C 436 15.52 -5.02 -12.12
N LEU C 437 15.15 -6.26 -12.39
CA LEU C 437 15.80 -7.39 -11.72
C LEU C 437 17.22 -7.58 -12.23
N GLU C 438 17.41 -7.62 -13.55
CA GLU C 438 18.74 -7.88 -14.11
C GLU C 438 19.74 -6.82 -13.69
N LYS C 439 19.30 -5.56 -13.54
CA LYS C 439 20.22 -4.50 -13.18
C LYS C 439 20.76 -4.67 -11.77
N MET C 440 19.89 -5.00 -10.82
CA MET C 440 20.31 -5.10 -9.43
C MET C 440 21.02 -6.41 -9.12
N LEU C 441 20.97 -7.39 -10.02
CA LEU C 441 21.67 -8.65 -9.86
C LEU C 441 22.95 -8.73 -10.68
N GLU C 442 23.41 -7.59 -11.23
CA GLU C 442 24.59 -7.61 -12.08
C GLU C 442 25.83 -8.04 -11.31
N ASP C 443 26.10 -7.38 -10.19
CA ASP C 443 27.31 -7.67 -9.42
C ASP C 443 27.32 -9.10 -8.90
N LEU C 444 26.14 -9.68 -8.65
CA LEU C 444 26.08 -11.06 -8.19
C LEU C 444 26.31 -12.04 -9.34
N SER C 445 25.66 -11.80 -10.49
CA SER C 445 25.82 -12.71 -11.62
C SER C 445 27.26 -12.74 -12.11
N PHE C 446 27.92 -11.59 -12.14
CA PHE C 446 29.31 -11.54 -12.60
C PHE C 446 30.24 -12.23 -11.61
N GLU C 447 30.00 -12.04 -10.32
CA GLU C 447 30.81 -12.64 -9.27
C GLU C 447 30.12 -13.85 -8.65
N ALA C 448 29.60 -14.75 -9.48
CA ALA C 448 28.90 -15.92 -8.95
C ALA C 448 29.77 -17.17 -9.06
N PRO C 449 30.40 -17.47 -10.21
CA PRO C 449 31.31 -18.63 -10.23
C PRO C 449 32.49 -18.47 -9.27
N SER C 450 32.94 -17.25 -9.01
CA SER C 450 33.96 -17.00 -8.00
C SER C 450 33.39 -16.98 -6.58
N MET C 451 32.21 -17.56 -6.39
CA MET C 451 31.48 -17.46 -5.13
C MET C 451 30.69 -18.74 -4.89
N PRO C 452 31.32 -19.90 -4.85
CA PRO C 452 30.57 -21.16 -4.79
C PRO C 452 30.16 -21.55 -3.38
N ASN C 453 29.06 -22.31 -3.32
CA ASN C 453 28.50 -22.79 -2.05
C ASN C 453 28.25 -21.63 -1.09
N ALA C 454 27.80 -20.50 -1.62
CA ALA C 454 27.57 -19.28 -0.86
C ALA C 454 26.08 -19.01 -0.75
N VAL C 455 25.74 -18.07 0.13
CA VAL C 455 24.36 -17.66 0.38
C VAL C 455 24.32 -16.15 0.39
N VAL C 456 23.49 -15.56 -0.47
CA VAL C 456 23.37 -14.11 -0.60
C VAL C 456 21.94 -13.73 -0.23
N ASP C 457 21.81 -12.88 0.77
CA ASP C 457 20.52 -12.35 1.19
C ASP C 457 20.24 -11.05 0.44
N ILE C 458 19.06 -10.95 -0.16
CA ILE C 458 18.64 -9.76 -0.88
C ILE C 458 17.72 -8.98 0.04
N THR C 459 18.25 -7.96 0.69
CA THR C 459 17.46 -7.08 1.54
C THR C 459 17.01 -5.86 0.77
N PRO C 460 15.98 -5.16 1.25
CA PRO C 460 15.58 -3.90 0.58
C PRO C 460 16.68 -2.86 0.58
N GLN C 461 17.67 -2.96 1.46
CA GLN C 461 18.80 -2.03 1.42
C GLN C 461 19.65 -2.26 0.18
N TYR C 462 19.88 -3.52 -0.19
CA TYR C 462 20.67 -3.84 -1.36
C TYR C 462 19.97 -3.40 -2.65
N VAL C 463 18.63 -3.46 -2.68
CA VAL C 463 17.89 -3.00 -3.84
C VAL C 463 18.08 -1.50 -4.04
N ASP C 464 17.86 -0.72 -2.97
CA ASP C 464 18.12 0.71 -3.05
C ASP C 464 19.60 0.98 -3.31
N ASP C 465 20.48 0.14 -2.80
CA ASP C 465 21.90 0.31 -3.04
C ASP C 465 22.25 0.16 -4.51
N LYS C 466 21.45 -0.61 -5.26
CA LYS C 466 21.77 -0.94 -6.65
C LYS C 466 21.05 -0.06 -7.66
N LEU C 467 19.85 0.43 -7.37
CA LEU C 467 19.13 1.22 -8.35
C LEU C 467 18.13 2.19 -7.76
N LYS C 468 18.45 2.81 -6.61
CA LYS C 468 17.63 3.90 -6.13
C LYS C 468 18.02 5.24 -6.75
N SER C 469 19.31 5.53 -6.83
CA SER C 469 19.74 6.77 -7.46
C SER C 469 19.38 6.79 -8.94
N ILE C 470 19.30 5.61 -9.58
CA ILE C 470 18.95 5.56 -11.00
C ILE C 470 17.47 5.83 -11.19
N SER C 471 16.62 5.10 -10.45
CA SER C 471 15.18 5.25 -10.62
C SER C 471 14.71 6.67 -10.28
N THR C 472 15.45 7.36 -9.40
CA THR C 472 15.14 8.75 -9.12
C THR C 472 15.42 9.65 -10.30
N ASN C 473 16.30 9.22 -11.21
CA ASN C 473 16.70 10.00 -12.38
C ASN C 473 15.85 9.57 -13.56
N LYS C 474 14.77 10.33 -13.83
CA LYS C 474 13.92 10.01 -14.97
C LYS C 474 14.70 10.05 -16.28
N ASP C 475 15.61 11.02 -16.42
CA ASP C 475 16.37 11.15 -17.66
C ASP C 475 17.26 9.94 -17.90
N LEU C 476 17.86 9.40 -16.83
CA LEU C 476 18.74 8.26 -16.97
C LEU C 476 17.95 6.95 -17.09
N SER C 477 16.89 6.79 -16.29
CA SER C 477 16.11 5.56 -16.34
C SER C 477 15.35 5.42 -17.65
N ALA C 478 15.29 6.44 -18.49
CA ALA C 478 14.73 6.28 -19.82
C ALA C 478 15.65 5.50 -20.75
N PHE C 479 16.92 5.37 -20.38
CA PHE C 479 17.92 4.66 -21.18
C PHE C 479 18.27 3.30 -20.59
N ILE C 480 18.84 3.27 -19.40
CA ILE C 480 19.39 2.04 -18.85
C ILE C 480 18.31 1.20 -18.17
N LEU C 481 17.27 1.83 -17.62
CA LEU C 481 16.27 1.10 -16.86
C LEU C 481 14.97 0.93 -17.64
N GLY D 19 33.61 -23.02 -25.56
CA GLY D 19 33.85 -21.87 -24.71
C GLY D 19 32.59 -21.40 -23.99
N ILE D 20 31.65 -22.33 -23.80
CA ILE D 20 30.40 -21.99 -23.14
C ILE D 20 30.58 -21.87 -21.64
N ARG D 21 31.42 -22.73 -21.05
CA ARG D 21 31.73 -22.73 -19.63
C ARG D 21 32.63 -21.57 -19.22
N LEU D 22 32.93 -20.64 -20.13
CA LEU D 22 33.82 -19.55 -19.81
C LEU D 22 33.21 -18.64 -18.75
N THR D 23 33.96 -18.43 -17.67
CA THR D 23 33.53 -17.54 -16.60
C THR D 23 33.30 -16.13 -17.14
N PRO D 24 32.29 -15.41 -16.64
CA PRO D 24 32.19 -13.98 -16.97
C PRO D 24 33.48 -13.22 -16.73
N LYS D 25 34.24 -13.60 -15.71
CA LYS D 25 35.54 -12.98 -15.47
C LYS D 25 36.56 -13.38 -16.52
N GLU D 26 36.47 -14.61 -17.04
CA GLU D 26 37.38 -15.06 -18.08
C GLU D 26 37.02 -14.51 -19.46
N ILE D 27 35.77 -14.06 -19.65
CA ILE D 27 35.39 -13.45 -20.92
C ILE D 27 35.92 -12.03 -21.02
N VAL D 28 35.91 -11.30 -19.90
CA VAL D 28 36.49 -9.95 -19.90
C VAL D 28 37.98 -10.01 -20.16
N SER D 29 38.66 -11.03 -19.62
CA SER D 29 40.08 -11.19 -19.86
C SER D 29 40.36 -11.42 -21.35
N LYS D 30 39.66 -12.39 -21.96
CA LYS D 30 39.84 -12.64 -23.38
C LYS D 30 39.48 -11.41 -24.21
N LEU D 31 38.48 -10.65 -23.78
CA LEU D 31 38.10 -9.44 -24.51
C LEU D 31 39.12 -8.33 -24.35
N ASN D 32 39.79 -8.25 -23.20
CA ASN D 32 40.75 -7.19 -22.97
C ASN D 32 41.96 -7.27 -23.92
N GLU D 33 42.17 -8.43 -24.55
CA GLU D 33 43.27 -8.56 -25.50
C GLU D 33 43.01 -7.78 -26.78
N TYR D 34 41.75 -7.58 -27.14
CA TYR D 34 41.38 -6.92 -28.39
C TYR D 34 40.68 -5.58 -28.20
N ILE D 35 39.94 -5.39 -27.10
CA ILE D 35 39.15 -4.19 -26.87
C ILE D 35 39.72 -3.45 -25.66
N VAL D 36 39.91 -2.15 -25.81
CA VAL D 36 40.48 -1.29 -24.77
C VAL D 36 39.35 -0.56 -24.07
N GLY D 37 39.39 -0.57 -22.73
CA GLY D 37 38.39 0.15 -21.96
C GLY D 37 37.00 -0.48 -22.10
N GLN D 38 35.98 0.36 -21.86
CA GLN D 38 34.59 -0.06 -21.90
C GLN D 38 34.34 -1.26 -21.00
N ASN D 39 34.92 -1.23 -19.80
CA ASN D 39 34.86 -2.38 -18.91
C ASN D 39 33.42 -2.69 -18.49
N ASP D 40 32.58 -1.66 -18.38
CA ASP D 40 31.17 -1.89 -18.07
C ASP D 40 30.50 -2.70 -19.18
N ALA D 41 30.78 -2.37 -20.43
CA ALA D 41 30.23 -3.13 -21.55
C ALA D 41 30.75 -4.57 -21.55
N LYS D 42 32.05 -4.74 -21.30
CA LYS D 42 32.62 -6.08 -21.24
C LYS D 42 31.96 -6.92 -20.14
N ARG D 43 31.72 -6.32 -18.98
CA ARG D 43 31.07 -7.03 -17.89
C ARG D 43 29.68 -7.50 -18.28
N LYS D 44 28.80 -6.56 -18.64
CA LYS D 44 27.41 -6.90 -18.91
C LYS D 44 27.29 -7.80 -20.13
N VAL D 45 28.19 -7.65 -21.11
CA VAL D 45 28.14 -8.53 -22.28
C VAL D 45 28.58 -9.94 -21.90
N ALA D 46 29.44 -10.06 -20.89
CA ALA D 46 29.92 -11.38 -20.48
C ALA D 46 28.89 -12.14 -19.67
N ILE D 47 28.15 -11.44 -18.80
CA ILE D 47 27.13 -12.11 -18.00
C ILE D 47 25.99 -12.62 -18.87
N ALA D 48 25.86 -12.13 -20.09
CA ALA D 48 24.84 -12.64 -20.99
C ALA D 48 25.22 -14.02 -21.52
N LEU D 49 26.49 -14.23 -21.86
CA LEU D 49 26.93 -15.55 -22.28
C LEU D 49 26.82 -16.55 -21.15
N ARG D 50 27.03 -16.10 -19.90
CA ARG D 50 26.96 -17.02 -18.77
C ARG D 50 25.54 -17.50 -18.53
N ASN D 51 24.55 -16.61 -18.66
CA ASN D 51 23.17 -17.03 -18.51
C ASN D 51 22.79 -18.11 -19.51
N ARG D 52 23.48 -18.15 -20.65
CA ARG D 52 23.25 -19.22 -21.61
C ARG D 52 23.82 -20.55 -21.10
N TYR D 53 24.97 -20.50 -20.43
CA TYR D 53 25.50 -21.70 -19.79
C TYR D 53 24.63 -22.12 -18.62
N ARG D 54 24.18 -21.16 -17.81
CA ARG D 54 23.32 -21.46 -16.68
C ARG D 54 22.00 -22.08 -17.14
N ARG D 55 21.42 -21.54 -18.21
CA ARG D 55 20.15 -22.04 -18.70
C ARG D 55 20.25 -23.48 -19.17
N SER D 56 21.41 -23.88 -19.70
CA SER D 56 21.56 -25.23 -20.24
C SER D 56 21.51 -26.29 -19.15
N LEU D 57 21.93 -25.95 -17.93
CA LEU D 57 22.02 -26.89 -16.83
C LEU D 57 20.72 -27.01 -16.04
N LEU D 58 19.60 -26.58 -16.60
CA LEU D 58 18.33 -26.53 -15.90
C LEU D 58 17.35 -27.55 -16.48
N ASP D 59 16.25 -27.74 -15.75
CA ASP D 59 15.18 -28.63 -16.17
C ASP D 59 14.58 -28.14 -17.48
N GLU D 60 14.19 -29.10 -18.33
CA GLU D 60 13.69 -28.76 -19.67
C GLU D 60 12.45 -27.87 -19.62
N GLU D 61 11.68 -27.93 -18.54
CA GLU D 61 10.55 -27.01 -18.41
C GLU D 61 11.03 -25.61 -18.03
N SER D 62 11.93 -25.52 -17.04
CA SER D 62 12.51 -24.23 -16.69
C SER D 62 13.44 -23.72 -17.78
N LYS D 63 14.09 -24.62 -18.53
CA LYS D 63 15.04 -24.20 -19.54
C LYS D 63 14.35 -23.52 -20.71
N GLN D 64 13.20 -24.06 -21.14
CA GLN D 64 12.51 -23.56 -22.32
C GLN D 64 11.52 -22.44 -22.02
N GLU D 65 11.69 -21.75 -20.88
CA GLU D 65 10.76 -20.70 -20.51
C GLU D 65 11.41 -19.38 -20.11
N ILE D 66 12.73 -19.33 -19.91
CA ILE D 66 13.42 -18.06 -19.66
C ILE D 66 13.99 -17.56 -20.97
N SER D 67 13.90 -16.27 -21.18
CA SER D 67 14.41 -15.71 -22.41
C SER D 67 15.84 -15.21 -22.22
N PRO D 68 16.63 -15.18 -23.30
CA PRO D 68 18.01 -14.72 -23.18
C PRO D 68 18.09 -13.28 -22.69
N LYS D 69 19.22 -12.95 -22.07
CA LYS D 69 19.46 -11.60 -21.56
C LYS D 69 20.01 -10.75 -22.69
N ASN D 70 19.11 -10.35 -23.60
CA ASN D 70 19.50 -9.52 -24.73
C ASN D 70 20.04 -8.17 -24.24
N ILE D 71 20.93 -7.60 -25.03
CA ILE D 71 21.69 -6.43 -24.63
C ILE D 71 21.33 -5.26 -25.55
N LEU D 72 21.17 -4.09 -24.95
CA LEU D 72 20.95 -2.85 -25.69
C LEU D 72 22.15 -1.94 -25.45
N MET D 73 22.96 -1.74 -26.49
CA MET D 73 24.16 -0.92 -26.39
C MET D 73 23.86 0.51 -26.83
N ILE D 74 24.12 1.46 -25.93
CA ILE D 74 23.87 2.88 -26.19
C ILE D 74 25.21 3.59 -26.19
N GLY D 75 25.50 4.31 -27.27
CA GLY D 75 26.74 5.03 -27.38
C GLY D 75 26.97 5.63 -28.76
N PRO D 76 27.94 6.55 -28.85
CA PRO D 76 28.24 7.18 -30.15
C PRO D 76 29.02 6.24 -31.06
N THR D 77 29.46 6.77 -32.20
CA THR D 77 30.18 5.95 -33.17
C THR D 77 31.65 5.82 -32.78
N GLY D 78 32.26 4.72 -33.21
CA GLY D 78 33.68 4.54 -33.00
C GLY D 78 34.10 4.29 -31.58
N VAL D 79 33.20 3.83 -30.72
CA VAL D 79 33.54 3.52 -29.34
C VAL D 79 33.58 2.03 -29.07
N GLY D 80 33.37 1.20 -30.08
CA GLY D 80 33.56 -0.24 -29.95
C GLY D 80 32.32 -1.06 -29.67
N LYS D 81 31.14 -0.60 -30.06
CA LYS D 81 29.92 -1.37 -29.81
C LYS D 81 29.92 -2.68 -30.59
N THR D 82 30.27 -2.62 -31.89
CA THR D 82 30.21 -3.81 -32.71
C THR D 82 31.35 -4.78 -32.40
N GLU D 83 32.55 -4.24 -32.12
CA GLU D 83 33.70 -5.11 -31.89
C GLU D 83 33.56 -5.93 -30.63
N ILE D 84 32.98 -5.34 -29.57
CA ILE D 84 32.75 -6.08 -28.33
C ILE D 84 31.84 -7.27 -28.58
N ALA D 85 30.86 -7.11 -29.46
CA ALA D 85 29.96 -8.22 -29.80
C ALA D 85 30.57 -9.15 -30.85
N ARG D 86 31.27 -8.58 -31.83
CA ARG D 86 31.85 -9.40 -32.90
C ARG D 86 32.97 -10.29 -32.37
N ARG D 87 33.83 -9.74 -31.51
CA ARG D 87 34.94 -10.53 -30.99
C ARG D 87 34.49 -11.54 -29.95
N MET D 88 33.49 -11.20 -29.14
CA MET D 88 33.02 -12.13 -28.12
C MET D 88 32.37 -13.37 -28.71
N ALA D 89 31.86 -13.28 -29.95
CA ALA D 89 31.40 -14.49 -30.63
C ALA D 89 32.59 -15.35 -31.02
N LYS D 90 33.69 -14.73 -31.43
CA LYS D 90 34.88 -15.48 -31.80
C LYS D 90 35.53 -16.14 -30.60
N VAL D 91 35.42 -15.54 -29.40
CA VAL D 91 36.03 -16.13 -28.22
C VAL D 91 35.19 -17.25 -27.62
N VAL D 92 33.96 -17.43 -28.08
CA VAL D 92 33.11 -18.53 -27.63
C VAL D 92 32.66 -19.43 -28.76
N GLY D 93 33.10 -19.18 -29.99
CA GLY D 93 32.70 -19.97 -31.13
C GLY D 93 31.31 -19.68 -31.65
N ALA D 94 30.69 -18.60 -31.21
CA ALA D 94 29.33 -18.29 -31.61
C ALA D 94 29.31 -17.77 -33.05
N PRO D 95 28.29 -18.15 -33.84
CA PRO D 95 28.12 -17.51 -35.15
C PRO D 95 27.60 -16.10 -34.97
N PHE D 96 28.23 -15.14 -35.64
CA PHE D 96 27.91 -13.73 -35.48
C PHE D 96 27.41 -13.18 -36.81
N ILE D 97 26.32 -12.41 -36.74
CA ILE D 97 25.79 -11.70 -37.91
C ILE D 97 25.37 -10.31 -37.46
N LYS D 98 25.65 -9.32 -38.29
CA LYS D 98 25.29 -7.93 -38.03
C LYS D 98 24.45 -7.42 -39.19
N VAL D 99 23.29 -6.86 -38.86
CA VAL D 99 22.39 -6.28 -39.85
C VAL D 99 22.04 -4.86 -39.43
N GLU D 100 21.56 -4.08 -40.39
CA GLU D 100 21.15 -2.71 -40.17
C GLU D 100 19.62 -2.66 -40.13
N ALA D 101 19.07 -2.20 -39.01
CA ALA D 101 17.61 -2.15 -38.86
C ALA D 101 16.99 -1.20 -39.87
N THR D 102 17.73 -0.20 -40.32
CA THR D 102 17.22 0.77 -41.29
C THR D 102 17.09 0.21 -42.70
N LYS D 103 17.68 -0.96 -42.96
CA LYS D 103 17.52 -1.57 -44.28
C LYS D 103 16.13 -2.16 -44.48
N PHE D 104 15.43 -2.48 -43.39
CA PHE D 104 14.08 -3.03 -43.47
C PHE D 104 13.00 -1.96 -43.53
N THR D 105 13.38 -0.69 -43.72
CA THR D 105 12.40 0.39 -43.78
C THR D 105 11.71 0.48 -45.14
N GLU D 106 12.26 -0.15 -46.18
CA GLU D 106 11.63 -0.14 -47.50
C GLU D 106 10.35 -0.95 -47.45
N LEU D 107 9.21 -0.28 -47.59
CA LEU D 107 7.88 -0.90 -47.51
C LEU D 107 7.70 -1.72 -46.24
N ARG D 112 9.71 -6.91 -46.95
CA ARG D 112 10.55 -6.55 -45.83
C ARG D 112 11.55 -7.66 -45.52
N ASP D 113 11.02 -8.85 -45.21
CA ASP D 113 11.81 -10.06 -44.97
C ASP D 113 12.83 -9.85 -43.85
N VAL D 114 12.31 -9.54 -42.66
CA VAL D 114 13.17 -9.45 -41.48
C VAL D 114 13.83 -10.80 -41.21
N GLU D 115 13.17 -11.90 -41.57
CA GLU D 115 13.74 -13.23 -41.39
C GLU D 115 15.05 -13.43 -42.13
N SER D 116 15.43 -12.49 -43.02
CA SER D 116 16.70 -12.62 -43.73
C SER D 116 17.88 -12.58 -42.78
N MET D 117 17.75 -11.87 -41.66
CA MET D 117 18.84 -11.83 -40.69
C MET D 117 19.07 -13.19 -40.04
N VAL D 118 18.01 -13.99 -39.91
CA VAL D 118 18.15 -15.31 -39.31
C VAL D 118 18.77 -16.28 -40.31
N ARG D 119 18.34 -16.22 -41.57
CA ARG D 119 18.90 -17.09 -42.59
C ARG D 119 20.38 -16.81 -42.82
N ASP D 120 20.80 -15.55 -42.65
CA ASP D 120 22.23 -15.24 -42.76
C ASP D 120 23.02 -15.78 -41.57
N LEU D 121 22.42 -15.79 -40.38
CA LEU D 121 23.07 -16.44 -39.24
C LEU D 121 23.21 -17.93 -39.47
N VAL D 122 22.21 -18.55 -40.11
CA VAL D 122 22.31 -19.97 -40.45
C VAL D 122 23.36 -20.19 -41.52
N ASP D 123 23.44 -19.29 -42.50
CA ASP D 123 24.51 -19.37 -43.49
C ASP D 123 25.88 -19.28 -42.82
N VAL D 124 26.01 -18.42 -41.81
CA VAL D 124 27.29 -18.30 -41.11
C VAL D 124 27.55 -19.52 -40.25
N SER D 125 26.52 -20.04 -39.58
CA SER D 125 26.71 -21.15 -38.65
C SER D 125 27.13 -22.44 -39.33
N VAL D 126 26.85 -22.60 -40.63
CA VAL D 126 27.25 -23.81 -41.33
C VAL D 126 28.64 -23.67 -41.94
N ARG D 127 28.97 -22.50 -42.49
CA ARG D 127 30.31 -22.29 -43.01
C ARG D 127 31.36 -22.29 -41.92
N LEU D 128 30.94 -22.11 -40.66
CA LEU D 128 31.85 -22.30 -39.53
C LEU D 128 32.25 -23.76 -39.40
N VAL D 129 31.25 -24.65 -39.29
CA VAL D 129 31.54 -26.08 -39.17
C VAL D 129 32.07 -26.62 -40.49
N LYS D 130 31.67 -26.03 -41.62
CA LYS D 130 32.25 -26.41 -42.90
C LYS D 130 33.74 -26.16 -42.94
N ALA D 131 34.21 -25.12 -42.23
CA ALA D 131 35.63 -24.81 -42.10
C ALA D 131 36.24 -25.44 -40.85
N GLN D 132 35.79 -26.64 -40.49
CA GLN D 132 36.33 -27.34 -39.32
C GLN D 132 36.53 -28.82 -39.62
N ALA D 281 24.79 -28.20 -37.02
CA ALA D 281 25.15 -26.79 -37.15
C ALA D 281 23.95 -25.89 -36.84
N LEU D 282 22.75 -26.38 -37.16
CA LEU D 282 21.53 -25.63 -36.85
C LEU D 282 21.35 -25.46 -35.36
N GLU D 283 21.72 -26.48 -34.58
CA GLU D 283 21.63 -26.36 -33.13
C GLU D 283 22.59 -25.32 -32.60
N LEU D 284 23.78 -25.22 -33.20
CA LEU D 284 24.72 -24.18 -32.80
C LEU D 284 24.12 -22.79 -33.02
N ALA D 285 23.45 -22.59 -34.16
CA ALA D 285 22.86 -21.30 -34.46
C ALA D 285 21.73 -20.96 -33.50
N GLU D 286 20.87 -21.92 -33.19
CA GLU D 286 19.68 -21.68 -32.37
C GLU D 286 19.94 -21.87 -30.88
N GLN D 287 21.15 -22.24 -30.48
CA GLN D 287 21.51 -22.36 -29.07
C GLN D 287 22.73 -21.54 -28.70
N MET D 288 23.50 -21.04 -29.67
CA MET D 288 24.71 -20.28 -29.38
C MET D 288 24.92 -19.17 -30.41
N GLY D 289 23.85 -18.65 -30.99
CA GLY D 289 23.93 -17.63 -32.02
C GLY D 289 23.77 -16.23 -31.47
N ILE D 290 24.40 -15.27 -32.15
CA ILE D 290 24.41 -13.87 -31.74
C ILE D 290 24.04 -13.01 -32.94
N ILE D 291 23.04 -12.15 -32.77
CA ILE D 291 22.56 -11.26 -33.83
C ILE D 291 22.68 -9.83 -33.35
N PHE D 292 23.40 -9.00 -34.12
CA PHE D 292 23.69 -7.62 -33.77
C PHE D 292 22.83 -6.72 -34.65
N ILE D 293 21.90 -5.99 -34.03
CA ILE D 293 21.02 -5.07 -34.75
C ILE D 293 21.54 -3.66 -34.50
N ASP D 294 22.18 -3.10 -35.51
CA ASP D 294 22.71 -1.74 -35.42
C ASP D 294 21.67 -0.73 -35.89
N GLU D 295 21.83 0.51 -35.42
CA GLU D 295 20.93 1.61 -35.75
C GLU D 295 19.50 1.31 -35.34
N ILE D 296 19.32 0.53 -34.27
CA ILE D 296 17.99 0.21 -33.80
C ILE D 296 17.28 1.44 -33.25
N ASP D 297 18.03 2.48 -32.87
CA ASP D 297 17.41 3.72 -32.42
C ASP D 297 16.68 4.44 -33.54
N LYS D 298 17.05 4.15 -34.80
CA LYS D 298 16.49 4.87 -35.94
C LYS D 298 15.10 4.35 -36.34
N VAL D 299 14.73 3.15 -35.91
CA VAL D 299 13.42 2.60 -36.24
C VAL D 299 12.48 2.82 -35.06
N ALA D 300 12.65 3.93 -34.36
CA ALA D 300 11.81 4.26 -33.21
C ALA D 300 11.18 5.65 -33.36
N VAL D 310 4.92 4.86 -38.17
CA VAL D 310 4.15 3.82 -38.83
C VAL D 310 5.09 2.77 -39.44
N SER D 311 5.93 3.22 -40.38
CA SER D 311 6.89 2.29 -40.98
C SER D 311 8.01 1.95 -40.01
N ARG D 312 8.47 2.93 -39.22
CA ARG D 312 9.47 2.65 -38.20
C ARG D 312 8.94 1.68 -37.16
N GLN D 313 7.72 1.92 -36.68
CA GLN D 313 7.10 0.98 -35.75
C GLN D 313 6.77 -0.34 -36.42
N GLY D 314 6.63 -0.36 -37.75
CA GLY D 314 6.41 -1.61 -38.45
C GLY D 314 7.65 -2.50 -38.44
N VAL D 315 8.83 -1.88 -38.53
CA VAL D 315 10.07 -2.65 -38.47
C VAL D 315 10.20 -3.34 -37.11
N GLN D 316 9.83 -2.64 -36.03
CA GLN D 316 9.93 -3.23 -34.70
C GLN D 316 8.99 -4.42 -34.55
N ARG D 317 7.73 -4.25 -34.96
CA ARG D 317 6.77 -5.35 -34.85
C ARG D 317 7.08 -6.48 -35.83
N ASP D 318 7.90 -6.23 -36.84
CA ASP D 318 8.41 -7.30 -37.68
C ASP D 318 9.64 -7.96 -37.07
N ILE D 319 10.49 -7.17 -36.40
CA ILE D 319 11.59 -7.75 -35.65
C ILE D 319 11.07 -8.55 -34.46
N LEU D 320 9.96 -8.11 -33.87
CA LEU D 320 9.36 -8.69 -32.65
C LEU D 320 9.29 -10.21 -32.64
N PRO D 321 8.65 -10.87 -33.62
CA PRO D 321 8.51 -12.33 -33.53
C PRO D 321 9.84 -13.06 -33.53
N ILE D 322 10.91 -12.45 -34.07
CA ILE D 322 12.22 -13.07 -34.01
C ILE D 322 12.74 -13.09 -32.57
N LEU D 323 12.49 -12.03 -31.81
CA LEU D 323 12.94 -12.00 -30.43
C LEU D 323 11.98 -12.72 -29.50
N GLU D 324 10.67 -12.72 -29.82
CA GLU D 324 9.72 -13.47 -29.02
C GLU D 324 10.02 -14.96 -29.06
N GLY D 325 10.51 -15.46 -30.19
CA GLY D 325 10.74 -16.87 -30.38
C GLY D 325 9.81 -17.46 -31.43
N SER D 326 10.32 -17.57 -32.66
CA SER D 326 9.55 -18.17 -33.74
C SER D 326 10.45 -19.10 -34.53
N VAL D 327 9.85 -20.05 -35.22
CA VAL D 327 10.56 -21.01 -36.04
C VAL D 327 10.59 -20.49 -37.47
N ILE D 328 11.80 -20.30 -38.00
CA ILE D 328 12.01 -19.68 -39.31
C ILE D 328 12.41 -20.76 -40.31
N GLN D 329 11.84 -20.68 -41.50
CA GLN D 329 12.19 -21.60 -42.58
C GLN D 329 13.51 -21.15 -43.22
N THR D 330 14.49 -22.04 -43.25
CA THR D 330 15.75 -21.77 -43.92
C THR D 330 15.84 -22.59 -45.20
N LYS D 331 17.03 -23.10 -45.51
CA LYS D 331 17.18 -24.07 -46.59
C LYS D 331 17.91 -25.33 -46.17
N TYR D 332 18.46 -25.38 -44.96
CA TYR D 332 19.01 -26.60 -44.38
C TYR D 332 18.07 -27.24 -43.38
N GLY D 333 16.93 -26.63 -43.12
CA GLY D 333 15.97 -27.09 -42.15
C GLY D 333 15.18 -25.91 -41.60
N THR D 334 14.81 -26.02 -40.32
CA THR D 334 14.11 -24.95 -39.62
C THR D 334 14.79 -24.71 -38.28
N VAL D 335 15.02 -23.44 -37.96
CA VAL D 335 15.61 -23.04 -36.69
C VAL D 335 14.60 -22.19 -35.94
N ASN D 336 14.70 -22.19 -34.61
CA ASN D 336 13.85 -21.37 -33.77
C ASN D 336 14.72 -20.37 -33.01
N THR D 337 14.21 -19.15 -32.87
CA THR D 337 14.98 -18.02 -32.36
C THR D 337 14.77 -17.80 -30.86
N GLU D 338 14.31 -18.82 -30.14
CA GLU D 338 14.05 -18.66 -28.71
C GLU D 338 15.31 -18.25 -27.96
N HIS D 339 16.40 -18.99 -28.15
CA HIS D 339 17.59 -18.85 -27.31
C HIS D 339 18.77 -18.27 -28.08
N MET D 340 18.53 -17.56 -29.17
CA MET D 340 19.54 -16.75 -29.80
C MET D 340 19.69 -15.43 -29.05
N LEU D 341 20.91 -14.92 -28.99
CA LEU D 341 21.20 -13.69 -28.27
C LEU D 341 21.17 -12.51 -29.22
N PHE D 342 20.40 -11.48 -28.87
CA PHE D 342 20.24 -10.29 -29.68
C PHE D 342 20.88 -9.09 -29.00
N ILE D 343 21.49 -8.23 -29.81
CA ILE D 343 22.18 -7.04 -29.32
C ILE D 343 21.71 -5.86 -30.14
N GLY D 344 20.90 -4.98 -29.53
CA GLY D 344 20.53 -3.74 -30.16
C GLY D 344 21.55 -2.66 -29.85
N ALA D 345 21.90 -1.90 -30.87
CA ALA D 345 22.90 -0.84 -30.74
C ALA D 345 22.38 0.45 -31.38
N GLY D 346 22.80 1.57 -30.82
CA GLY D 346 22.39 2.86 -31.35
C GLY D 346 23.02 3.97 -30.54
N ALA D 347 22.90 5.18 -31.09
CA ALA D 347 23.40 6.38 -30.42
C ALA D 347 22.32 7.03 -29.58
N PHE D 348 21.07 6.99 -30.03
CA PHE D 348 19.93 7.54 -29.30
C PHE D 348 20.11 9.03 -29.04
N HIS D 349 20.37 9.79 -30.11
CA HIS D 349 20.37 11.24 -30.04
C HIS D 349 18.96 11.81 -30.24
N VAL D 350 18.17 11.19 -31.10
CA VAL D 350 16.81 11.66 -31.38
C VAL D 350 15.78 10.95 -30.51
N SER D 351 15.89 9.64 -30.37
CA SER D 351 14.96 8.85 -29.57
C SER D 351 15.67 8.24 -28.37
N LYS D 352 14.88 7.63 -27.49
CA LYS D 352 15.38 6.99 -26.29
C LYS D 352 14.99 5.51 -26.32
N PRO D 353 15.64 4.68 -25.50
CA PRO D 353 15.21 3.27 -25.41
C PRO D 353 13.78 3.12 -24.94
N SER D 354 13.26 4.08 -24.17
CA SER D 354 11.85 4.06 -23.79
C SER D 354 10.93 4.32 -24.98
N ASP D 355 11.45 4.81 -26.10
CA ASP D 355 10.64 5.03 -27.29
C ASP D 355 10.47 3.78 -28.13
N LEU D 356 11.14 2.68 -27.80
CA LEU D 356 10.87 1.41 -28.44
C LEU D 356 9.50 0.90 -28.02
N ILE D 357 8.94 -0.01 -28.81
CA ILE D 357 7.67 -0.61 -28.46
C ILE D 357 7.86 -1.36 -27.15
N PRO D 358 6.83 -1.46 -26.30
CA PRO D 358 7.05 -2.06 -24.97
C PRO D 358 7.60 -3.47 -25.02
N GLU D 359 7.13 -4.31 -25.94
CA GLU D 359 7.61 -5.68 -26.02
C GLU D 359 9.12 -5.73 -26.21
N LEU D 360 9.67 -4.81 -27.01
CA LEU D 360 11.12 -4.75 -27.20
C LEU D 360 11.83 -4.35 -25.92
N GLN D 361 11.25 -3.43 -25.14
CA GLN D 361 11.89 -3.00 -23.91
C GLN D 361 12.06 -4.16 -22.95
N GLY D 362 10.98 -4.91 -22.71
CA GLY D 362 11.05 -6.05 -21.81
C GLY D 362 11.98 -7.14 -22.26
N ARG D 363 12.33 -7.17 -23.54
CA ARG D 363 13.24 -8.18 -24.09
C ARG D 363 14.64 -7.64 -24.29
N PHE D 364 15.00 -6.55 -23.62
CA PHE D 364 16.38 -6.07 -23.54
C PHE D 364 16.71 -5.80 -22.08
N PRO D 365 16.87 -6.86 -21.28
CA PRO D 365 17.10 -6.65 -19.84
C PRO D 365 18.45 -6.02 -19.53
N ILE D 366 19.49 -6.39 -20.27
CA ILE D 366 20.82 -5.82 -20.07
C ILE D 366 20.94 -4.56 -20.90
N ARG D 367 21.32 -3.47 -20.25
CA ARG D 367 21.49 -2.18 -20.92
C ARG D 367 22.75 -1.51 -20.39
N VAL D 368 23.61 -1.07 -21.30
CA VAL D 368 24.87 -0.43 -20.96
C VAL D 368 25.09 0.77 -21.87
N GLU D 369 25.53 1.87 -21.28
CA GLU D 369 25.92 3.06 -22.03
C GLU D 369 27.45 3.05 -22.13
N LEU D 370 27.96 3.00 -23.36
CA LEU D 370 29.39 2.97 -23.53
C LEU D 370 30.00 4.35 -23.38
N ASP D 371 31.30 4.37 -23.07
CA ASP D 371 31.99 5.61 -22.76
C ASP D 371 32.44 6.31 -24.03
N SER D 372 32.56 7.64 -23.95
CA SER D 372 33.20 8.39 -25.01
C SER D 372 34.71 8.18 -24.94
N LEU D 373 35.38 8.44 -26.06
CA LEU D 373 36.80 8.18 -26.18
C LEU D 373 37.58 9.47 -25.95
N SER D 374 38.49 9.43 -24.98
CA SER D 374 39.39 10.55 -24.72
C SER D 374 40.64 10.43 -25.58
N VAL D 375 41.45 11.49 -25.57
CA VAL D 375 42.67 11.49 -26.37
C VAL D 375 43.64 10.42 -25.86
N GLU D 376 43.64 10.15 -24.56
CA GLU D 376 44.46 9.08 -24.01
C GLU D 376 43.89 7.70 -24.27
N ASP D 377 42.61 7.60 -24.67
CA ASP D 377 42.09 6.32 -25.12
C ASP D 377 42.63 5.96 -26.50
N PHE D 378 42.86 6.96 -27.35
CA PHE D 378 43.37 6.69 -28.69
C PHE D 378 44.80 6.16 -28.64
N VAL D 379 45.62 6.63 -27.70
CA VAL D 379 46.99 6.10 -27.59
C VAL D 379 46.98 4.65 -27.14
N ARG D 380 45.92 4.19 -26.47
CA ARG D 380 45.83 2.79 -26.12
C ARG D 380 45.26 1.97 -27.28
N ILE D 381 44.23 2.47 -27.94
CA ILE D 381 43.70 1.80 -29.14
C ILE D 381 44.77 1.64 -30.20
N LEU D 382 45.74 2.56 -30.24
CA LEU D 382 46.79 2.48 -31.24
C LEU D 382 47.83 1.40 -30.95
N THR D 383 48.08 1.11 -29.68
CA THR D 383 49.20 0.23 -29.31
C THR D 383 48.75 -1.03 -28.58
N GLU D 384 47.89 -0.90 -27.56
CA GLU D 384 47.64 -2.02 -26.66
C GLU D 384 47.00 -3.24 -27.33
N PRO D 385 45.89 -3.13 -28.05
CA PRO D 385 45.15 -4.35 -28.44
C PRO D 385 45.97 -5.25 -29.35
N LYS D 386 45.71 -6.55 -29.23
CA LYS D 386 46.25 -7.51 -30.18
C LYS D 386 45.77 -7.16 -31.58
N LEU D 387 46.71 -7.10 -32.53
CA LEU D 387 46.41 -6.66 -33.90
C LEU D 387 45.85 -5.24 -33.89
N SER D 388 46.53 -4.34 -33.19
CA SER D 388 46.13 -2.95 -33.15
C SER D 388 46.42 -2.30 -34.50
N LEU D 389 46.18 -0.98 -34.59
CA LEU D 389 46.29 -0.30 -35.87
C LEU D 389 47.75 -0.10 -36.27
N ILE D 390 48.59 0.40 -35.36
CA ILE D 390 49.99 0.62 -35.73
C ILE D 390 50.73 -0.70 -35.82
N LYS D 391 50.24 -1.76 -35.16
CA LYS D 391 50.88 -3.07 -35.32
C LYS D 391 50.59 -3.66 -36.69
N GLN D 392 49.47 -3.28 -37.31
CA GLN D 392 49.19 -3.72 -38.67
C GLN D 392 50.17 -3.09 -39.66
N TYR D 393 50.42 -1.79 -39.53
CA TYR D 393 51.35 -1.13 -40.43
C TYR D 393 52.78 -1.56 -40.16
N GLU D 394 53.11 -1.89 -38.90
CA GLU D 394 54.41 -2.47 -38.61
C GLU D 394 54.59 -3.81 -39.32
N ALA D 395 53.50 -4.58 -39.46
CA ALA D 395 53.57 -5.86 -40.14
C ALA D 395 53.54 -5.70 -41.66
N LEU D 396 52.74 -4.76 -42.16
CA LEU D 396 52.62 -4.58 -43.60
C LEU D 396 53.89 -4.01 -44.20
N LEU D 397 54.48 -3.01 -43.56
CA LEU D 397 55.72 -2.42 -44.05
C LEU D 397 56.93 -3.30 -43.78
N GLN D 398 56.82 -4.24 -42.84
CA GLN D 398 57.89 -5.20 -42.65
C GLN D 398 57.97 -6.19 -43.81
N THR D 399 56.86 -6.40 -44.51
CA THR D 399 56.88 -7.21 -45.72
C THR D 399 57.84 -6.63 -46.75
N GLU D 400 57.90 -5.30 -46.83
CA GLU D 400 58.87 -4.62 -47.70
C GLU D 400 60.26 -4.53 -47.07
N GLU D 401 60.50 -5.29 -45.99
CA GLU D 401 61.76 -5.27 -45.24
C GLU D 401 62.05 -3.90 -44.66
N VAL D 402 61.02 -3.16 -44.28
CA VAL D 402 61.16 -1.85 -43.65
C VAL D 402 60.73 -1.96 -42.20
N THR D 403 61.56 -1.49 -41.28
CA THR D 403 61.28 -1.51 -39.85
C THR D 403 60.82 -0.11 -39.44
N VAL D 404 59.55 0.02 -39.08
CA VAL D 404 58.95 1.29 -38.69
C VAL D 404 58.87 1.33 -37.17
N ASN D 405 59.32 2.44 -36.60
CA ASN D 405 59.33 2.64 -35.15
C ASN D 405 58.53 3.89 -34.81
N PHE D 406 57.59 3.75 -33.86
CA PHE D 406 56.76 4.85 -33.41
C PHE D 406 57.19 5.24 -32.00
N THR D 407 57.76 6.44 -31.87
CA THR D 407 58.03 6.96 -30.54
C THR D 407 56.71 7.20 -29.80
N ASP D 408 56.73 6.99 -28.49
CA ASP D 408 55.52 7.12 -27.70
C ASP D 408 54.91 8.52 -27.85
N GLU D 409 55.74 9.53 -28.08
CA GLU D 409 55.23 10.86 -28.32
C GLU D 409 54.58 10.97 -29.70
N ALA D 410 55.06 10.20 -30.68
CA ALA D 410 54.42 10.20 -31.99
C ALA D 410 53.07 9.50 -31.94
N ILE D 411 52.96 8.44 -31.15
CA ILE D 411 51.65 7.80 -30.94
C ILE D 411 50.70 8.77 -30.27
N THR D 412 51.21 9.55 -29.30
CA THR D 412 50.39 10.58 -28.66
C THR D 412 49.98 11.65 -29.66
N ARG D 413 50.87 12.00 -30.59
CA ARG D 413 50.59 13.09 -31.53
C ARG D 413 49.48 12.72 -32.50
N LEU D 414 49.51 11.49 -33.02
CA LEU D 414 48.43 11.03 -33.88
C LEU D 414 47.10 11.01 -33.14
N ALA D 415 47.12 10.70 -31.84
CA ALA D 415 45.89 10.66 -31.07
C ALA D 415 45.25 12.04 -30.97
N GLU D 416 46.06 13.05 -30.65
CA GLU D 416 45.53 14.40 -30.51
C GLU D 416 44.97 14.91 -31.83
N ILE D 417 45.68 14.67 -32.94
CA ILE D 417 45.22 15.14 -34.23
C ILE D 417 43.91 14.46 -34.61
N ALA D 418 43.82 13.15 -34.39
CA ALA D 418 42.57 12.45 -34.65
C ALA D 418 41.47 12.94 -33.71
N TYR D 419 41.82 13.23 -32.46
CA TYR D 419 40.84 13.79 -31.53
C TYR D 419 40.45 15.20 -31.95
N GLN D 420 41.40 15.98 -32.46
CA GLN D 420 41.14 17.37 -32.82
C GLN D 420 40.24 17.47 -34.04
N VAL D 421 40.51 16.67 -35.08
CA VAL D 421 39.71 16.73 -36.30
C VAL D 421 38.31 16.16 -36.05
N ASN D 422 38.14 15.31 -35.03
CA ASN D 422 36.81 14.84 -34.66
C ASN D 422 35.96 15.94 -34.03
N GLN D 423 36.58 17.02 -33.55
CA GLN D 423 35.85 18.14 -32.99
C GLN D 423 35.61 19.27 -33.98
N ASP D 424 36.42 19.35 -35.05
CA ASP D 424 36.21 20.40 -36.04
C ASP D 424 35.13 20.03 -37.04
N THR D 425 35.10 18.78 -37.48
CA THR D 425 34.11 18.33 -38.45
C THR D 425 33.13 17.34 -37.81
N ASP D 426 33.03 16.14 -38.38
CA ASP D 426 32.18 15.09 -37.83
C ASP D 426 32.96 14.26 -36.82
N ASN D 427 32.28 13.85 -35.75
CA ASN D 427 32.88 13.07 -34.68
C ASN D 427 32.60 11.59 -34.93
N ILE D 428 33.60 10.87 -35.43
CA ILE D 428 33.44 9.47 -35.81
C ILE D 428 34.20 8.54 -34.87
N GLY D 429 34.64 9.03 -33.71
CA GLY D 429 35.29 8.16 -32.74
C GLY D 429 36.62 7.62 -33.25
N ALA D 430 36.92 6.37 -32.89
CA ALA D 430 38.18 5.76 -33.28
C ALA D 430 38.26 5.45 -34.77
N ARG D 431 37.14 5.58 -35.50
CA ARG D 431 37.17 5.39 -36.95
C ARG D 431 38.03 6.44 -37.64
N ARG D 432 38.30 7.56 -36.98
CA ARG D 432 39.13 8.60 -37.59
C ARG D 432 40.56 8.14 -37.78
N LEU D 433 41.02 7.20 -36.95
CA LEU D 433 42.42 6.79 -36.98
C LEU D 433 42.82 6.08 -38.27
N HIS D 434 41.87 5.47 -38.97
CA HIS D 434 42.22 4.79 -40.21
C HIS D 434 42.70 5.77 -41.27
N THR D 435 42.07 6.95 -41.33
CA THR D 435 42.45 7.95 -42.33
C THR D 435 43.71 8.72 -41.91
N ILE D 436 43.88 8.94 -40.60
CA ILE D 436 45.04 9.70 -40.12
C ILE D 436 46.33 8.96 -40.42
N LEU D 437 46.40 7.69 -39.99
CA LEU D 437 47.64 6.93 -40.16
C LEU D 437 47.94 6.66 -41.63
N GLU D 438 46.92 6.34 -42.42
CA GLU D 438 47.13 6.10 -43.84
C GLU D 438 47.71 7.33 -44.53
N LYS D 439 47.26 8.52 -44.13
CA LYS D 439 47.73 9.74 -44.78
C LYS D 439 49.18 10.05 -44.41
N MET D 440 49.55 9.80 -43.15
CA MET D 440 50.90 10.17 -42.74
C MET D 440 51.93 9.13 -43.19
N LEU D 441 51.51 7.88 -43.38
CA LEU D 441 52.37 6.85 -43.94
C LEU D 441 52.29 6.78 -45.46
N GLU D 442 51.63 7.76 -46.09
CA GLU D 442 51.44 7.75 -47.53
C GLU D 442 52.78 7.72 -48.26
N ASP D 443 53.71 8.61 -47.88
CA ASP D 443 55.00 8.64 -48.55
C ASP D 443 55.84 7.42 -48.21
N LEU D 444 55.74 6.93 -46.97
CA LEU D 444 56.50 5.74 -46.59
C LEU D 444 55.99 4.50 -47.30
N SER D 445 54.66 4.33 -47.36
CA SER D 445 54.10 3.15 -48.00
C SER D 445 54.40 3.13 -49.49
N PHE D 446 54.55 4.30 -50.12
CA PHE D 446 54.79 4.34 -51.56
C PHE D 446 56.20 3.87 -51.90
N GLU D 447 57.21 4.47 -51.27
CA GLU D 447 58.60 4.25 -51.64
C GLU D 447 59.28 3.20 -50.74
N ALA D 448 58.50 2.29 -50.16
CA ALA D 448 59.04 1.25 -49.30
C ALA D 448 59.75 0.13 -50.07
N PRO D 449 59.17 -0.40 -51.16
CA PRO D 449 59.89 -1.46 -51.89
C PRO D 449 61.24 -1.03 -52.43
N SER D 450 61.44 0.26 -52.68
CA SER D 450 62.76 0.78 -53.04
C SER D 450 63.54 1.25 -51.83
N MET D 451 63.20 0.76 -50.64
CA MET D 451 63.80 1.20 -49.39
C MET D 451 64.02 0.01 -48.46
N PRO D 452 64.65 -1.07 -48.92
CA PRO D 452 64.70 -2.28 -48.10
C PRO D 452 65.74 -2.21 -46.99
N ASN D 453 65.47 -2.98 -45.94
CA ASN D 453 66.32 -3.08 -44.74
C ASN D 453 66.53 -1.73 -44.06
N ALA D 454 65.76 -0.72 -44.41
CA ALA D 454 65.84 0.57 -43.75
C ALA D 454 65.04 0.54 -42.46
N VAL D 455 65.45 1.38 -41.51
CA VAL D 455 64.79 1.52 -40.22
C VAL D 455 64.29 2.95 -40.13
N VAL D 456 62.97 3.14 -40.26
CA VAL D 456 62.34 4.45 -40.22
C VAL D 456 61.75 4.65 -38.83
N ASP D 457 61.99 5.82 -38.25
CA ASP D 457 61.45 6.18 -36.94
C ASP D 457 60.44 7.31 -37.11
N ILE D 458 59.24 7.12 -36.58
CA ILE D 458 58.19 8.14 -36.64
C ILE D 458 58.30 9.00 -35.40
N THR D 459 58.51 10.29 -35.59
CA THR D 459 58.66 11.27 -34.53
C THR D 459 57.52 12.29 -34.59
N PRO D 460 57.23 12.97 -33.48
CA PRO D 460 56.14 13.97 -33.50
C PRO D 460 56.31 15.02 -34.57
N GLN D 461 57.53 15.43 -34.88
CA GLN D 461 57.73 16.38 -35.97
C GLN D 461 57.37 15.76 -37.31
N TYR D 462 57.55 14.44 -37.46
CA TYR D 462 57.18 13.78 -38.71
C TYR D 462 55.67 13.74 -38.90
N VAL D 463 54.92 13.52 -37.82
CA VAL D 463 53.47 13.60 -37.88
C VAL D 463 53.03 14.99 -38.29
N ASP D 464 53.59 16.02 -37.63
CA ASP D 464 53.22 17.40 -37.92
C ASP D 464 53.61 17.79 -39.35
N ASP D 465 54.74 17.28 -39.84
CA ASP D 465 55.15 17.59 -41.21
C ASP D 465 54.14 17.05 -42.22
N LYS D 466 53.48 15.95 -41.90
CA LYS D 466 52.56 15.30 -42.83
C LYS D 466 51.11 15.66 -42.62
N LEU D 467 50.70 15.94 -41.38
CA LEU D 467 49.29 16.10 -41.04
C LEU D 467 48.91 17.48 -40.54
N LYS D 468 49.81 18.19 -39.85
CA LYS D 468 49.40 19.42 -39.17
C LYS D 468 48.91 20.47 -40.16
N SER D 469 49.49 20.50 -41.36
CA SER D 469 49.03 21.46 -42.37
C SER D 469 47.57 21.21 -42.73
N ILE D 470 47.18 19.94 -42.84
CA ILE D 470 45.83 19.60 -43.25
C ILE D 470 44.86 19.66 -42.08
N SER D 471 45.29 19.19 -40.90
CA SER D 471 44.39 19.07 -39.77
C SER D 471 43.85 20.44 -39.33
N THR D 472 44.67 21.49 -39.46
CA THR D 472 44.22 22.83 -39.07
C THR D 472 43.26 23.44 -40.08
N ASN D 473 43.23 22.94 -41.31
CA ASN D 473 42.28 23.39 -42.33
C ASN D 473 41.06 22.49 -42.24
N LYS D 474 40.02 22.96 -41.54
CA LYS D 474 38.84 22.11 -41.33
C LYS D 474 37.98 21.98 -42.58
N ASP D 475 38.03 22.95 -43.49
CA ASP D 475 37.34 22.78 -44.77
C ASP D 475 38.04 21.76 -45.65
N LEU D 476 39.34 21.54 -45.44
CA LEU D 476 40.06 20.48 -46.14
C LEU D 476 39.87 19.12 -45.45
N SER D 477 39.83 19.11 -44.12
CA SER D 477 39.65 17.86 -43.37
C SER D 477 38.32 17.18 -43.69
N ALA D 478 37.30 17.94 -44.10
CA ALA D 478 36.03 17.33 -44.46
C ALA D 478 36.13 16.49 -45.72
N PHE D 479 37.14 16.72 -46.56
CA PHE D 479 37.34 15.96 -47.79
C PHE D 479 38.49 14.97 -47.68
N ILE D 480 39.71 15.45 -47.49
CA ILE D 480 40.90 14.61 -47.59
C ILE D 480 41.21 13.87 -46.30
N LEU D 481 40.62 14.27 -45.18
CA LEU D 481 40.96 13.67 -43.89
C LEU D 481 39.76 13.03 -43.21
N GLY E 19 52.19 -9.67 -61.78
CA GLY E 19 50.96 -8.91 -61.77
C GLY E 19 50.58 -8.41 -60.39
N ILE E 20 50.32 -9.36 -59.48
CA ILE E 20 49.98 -9.00 -58.11
C ILE E 20 51.18 -8.40 -57.40
N ARG E 21 52.39 -8.86 -57.73
CA ARG E 21 53.62 -8.42 -57.09
C ARG E 21 54.22 -7.18 -57.74
N LEU E 22 53.40 -6.38 -58.43
CA LEU E 22 53.87 -5.12 -58.96
C LEU E 22 54.20 -4.14 -57.83
N THR E 23 55.06 -3.19 -58.14
CA THR E 23 55.47 -2.19 -57.16
C THR E 23 54.74 -0.88 -57.41
N PRO E 24 54.65 -0.01 -56.41
CA PRO E 24 53.94 1.27 -56.61
C PRO E 24 54.50 2.12 -57.72
N LYS E 25 55.81 2.06 -57.98
CA LYS E 25 56.38 2.85 -59.07
C LYS E 25 56.10 2.21 -60.43
N GLU E 26 56.10 0.88 -60.49
CA GLU E 26 55.75 0.19 -61.73
C GLU E 26 54.31 0.46 -62.12
N ILE E 27 53.42 0.56 -61.13
CA ILE E 27 52.02 0.84 -61.42
C ILE E 27 51.85 2.25 -61.96
N VAL E 28 52.56 3.23 -61.37
CA VAL E 28 52.48 4.59 -61.86
C VAL E 28 53.03 4.68 -63.28
N SER E 29 54.14 4.00 -63.55
CA SER E 29 54.72 4.04 -64.89
C SER E 29 53.82 3.36 -65.91
N LYS E 30 53.14 2.27 -65.53
CA LYS E 30 52.21 1.64 -66.45
C LYS E 30 50.93 2.46 -66.61
N LEU E 31 50.52 3.18 -65.57
CA LEU E 31 49.35 4.04 -65.68
C LEU E 31 49.63 5.27 -66.52
N ASN E 32 50.86 5.77 -66.49
CA ASN E 32 51.22 6.93 -67.31
C ASN E 32 51.10 6.64 -68.80
N GLU E 33 51.17 5.38 -69.20
CA GLU E 33 51.02 5.03 -70.62
C GLU E 33 49.66 5.46 -71.15
N TYR E 34 48.62 5.37 -70.31
CA TYR E 34 47.25 5.57 -70.74
C TYR E 34 46.59 6.82 -70.18
N ILE E 35 47.04 7.29 -69.01
CA ILE E 35 46.42 8.42 -68.33
C ILE E 35 47.42 9.57 -68.26
N VAL E 36 46.94 10.78 -68.53
CA VAL E 36 47.75 11.99 -68.49
C VAL E 36 47.45 12.74 -67.19
N GLY E 37 48.51 13.14 -66.48
CA GLY E 37 48.34 13.92 -65.27
C GLY E 37 47.85 13.07 -64.10
N GLN E 38 47.30 13.77 -63.10
CA GLN E 38 46.76 13.16 -61.89
C GLN E 38 47.79 12.24 -61.24
N ASN E 39 49.01 12.75 -61.08
CA ASN E 39 50.06 11.95 -60.47
C ASN E 39 49.72 11.60 -59.03
N ASP E 40 49.13 12.54 -58.30
CA ASP E 40 48.72 12.26 -56.92
C ASP E 40 47.68 11.16 -56.88
N ALA E 41 46.80 11.09 -57.88
CA ALA E 41 45.84 9.98 -57.94
C ALA E 41 46.54 8.66 -58.18
N LYS E 42 47.50 8.62 -59.11
CA LYS E 42 48.17 7.37 -59.44
C LYS E 42 48.97 6.83 -58.25
N ARG E 43 49.59 7.72 -57.47
CA ARG E 43 50.39 7.26 -56.33
C ARG E 43 49.51 6.62 -55.26
N LYS E 44 48.41 7.28 -54.90
CA LYS E 44 47.51 6.71 -53.90
C LYS E 44 46.80 5.47 -54.42
N VAL E 45 46.60 5.39 -55.74
CA VAL E 45 46.05 4.18 -56.34
C VAL E 45 47.06 3.04 -56.25
N ALA E 46 48.34 3.33 -56.51
CA ALA E 46 49.35 2.29 -56.46
C ALA E 46 49.51 1.74 -55.04
N ILE E 47 49.52 2.63 -54.03
CA ILE E 47 49.75 2.15 -52.67
C ILE E 47 48.55 1.38 -52.14
N ALA E 48 47.36 1.57 -52.73
CA ALA E 48 46.23 0.72 -52.36
C ALA E 48 46.40 -0.69 -52.91
N LEU E 49 46.89 -0.81 -54.15
CA LEU E 49 47.15 -2.13 -54.72
C LEU E 49 48.27 -2.83 -53.98
N ARG E 50 49.35 -2.11 -53.66
CA ARG E 50 50.49 -2.71 -52.98
C ARG E 50 50.10 -3.25 -51.61
N ASN E 51 49.16 -2.59 -50.92
CA ASN E 51 48.73 -3.07 -49.62
C ASN E 51 48.03 -4.42 -49.69
N ARG E 52 47.49 -4.78 -50.87
CA ARG E 52 46.91 -6.11 -51.01
C ARG E 52 47.99 -7.18 -51.08
N TYR E 53 49.07 -6.91 -51.83
CA TYR E 53 50.19 -7.84 -51.86
C TYR E 53 50.87 -7.93 -50.50
N ARG E 54 50.88 -6.83 -49.74
CA ARG E 54 51.48 -6.86 -48.41
C ARG E 54 50.65 -7.69 -47.44
N ARG E 55 49.32 -7.62 -47.56
CA ARG E 55 48.47 -8.41 -46.68
C ARG E 55 48.56 -9.90 -46.96
N SER E 56 48.79 -10.27 -48.23
CA SER E 56 48.82 -11.67 -48.64
C SER E 56 49.98 -12.45 -48.06
N LEU E 57 50.94 -11.77 -47.41
CA LEU E 57 52.16 -12.42 -46.92
C LEU E 57 52.19 -12.52 -45.40
N LEU E 58 51.08 -12.21 -44.72
CA LEU E 58 51.03 -12.21 -43.27
C LEU E 58 50.45 -13.51 -42.74
N ASP E 59 50.53 -13.67 -41.41
CA ASP E 59 49.91 -14.82 -40.76
C ASP E 59 48.39 -14.80 -41.00
N GLU E 60 47.78 -15.98 -40.85
CA GLU E 60 46.38 -16.14 -41.24
C GLU E 60 45.46 -15.21 -40.44
N GLU E 61 45.82 -14.89 -39.20
CA GLU E 61 44.97 -13.99 -38.42
C GLU E 61 45.08 -12.56 -38.94
N SER E 62 46.30 -12.04 -39.07
CA SER E 62 46.48 -10.71 -39.64
C SER E 62 46.00 -10.64 -41.08
N LYS E 63 46.23 -11.71 -41.85
CA LYS E 63 45.83 -11.76 -43.25
C LYS E 63 44.33 -11.58 -43.43
N GLN E 64 43.54 -11.87 -42.38
CA GLN E 64 42.08 -11.78 -42.48
C GLN E 64 41.50 -10.86 -41.41
N GLU E 65 42.30 -9.96 -40.85
CA GLU E 65 41.81 -9.02 -39.85
C GLU E 65 42.16 -7.57 -40.15
N ILE E 66 42.87 -7.28 -41.23
CA ILE E 66 43.12 -5.91 -41.65
C ILE E 66 42.18 -5.58 -42.79
N SER E 67 41.77 -4.33 -42.87
CA SER E 67 40.80 -3.99 -43.89
C SER E 67 41.48 -3.42 -45.13
N PRO E 68 40.87 -3.56 -46.30
CA PRO E 68 41.49 -3.05 -47.53
C PRO E 68 41.63 -1.53 -47.49
N LYS E 69 42.55 -1.03 -48.31
CA LYS E 69 42.79 0.41 -48.41
C LYS E 69 41.93 0.98 -49.54
N ASN E 70 40.64 1.09 -49.25
CA ASN E 70 39.70 1.62 -50.22
C ASN E 70 40.00 3.08 -50.53
N ILE E 71 39.59 3.51 -51.72
CA ILE E 71 39.92 4.83 -52.24
C ILE E 71 38.63 5.62 -52.43
N LEU E 72 38.68 6.91 -52.11
CA LEU E 72 37.56 7.83 -52.33
C LEU E 72 38.04 8.92 -53.29
N MET E 73 37.71 8.78 -54.57
CA MET E 73 38.11 9.76 -55.57
C MET E 73 37.14 10.93 -55.58
N ILE E 74 37.69 12.14 -55.54
CA ILE E 74 36.91 13.37 -55.51
C ILE E 74 37.37 14.25 -56.67
N GLY E 75 36.43 14.65 -57.51
CA GLY E 75 36.73 15.50 -58.64
C GLY E 75 35.54 15.71 -59.57
N PRO E 76 35.66 16.68 -60.47
CA PRO E 76 34.58 16.92 -61.43
C PRO E 76 34.48 15.84 -62.50
N THR E 77 33.76 16.12 -63.57
CA THR E 77 33.60 15.16 -64.66
C THR E 77 34.71 15.32 -65.68
N GLY E 78 35.02 14.23 -66.36
CA GLY E 78 36.02 14.26 -67.41
C GLY E 78 37.44 14.52 -66.93
N VAL E 79 37.76 14.13 -65.70
CA VAL E 79 39.10 14.35 -65.16
C VAL E 79 39.95 13.08 -65.16
N GLY E 80 39.37 11.93 -65.47
CA GLY E 80 40.09 10.67 -65.46
C GLY E 80 39.86 9.79 -64.26
N LYS E 81 38.79 10.04 -63.48
CA LYS E 81 38.51 9.23 -62.30
C LYS E 81 38.25 7.78 -62.67
N THR E 82 37.23 7.55 -63.51
CA THR E 82 36.88 6.19 -63.89
C THR E 82 38.00 5.54 -64.69
N GLU E 83 38.64 6.30 -65.58
CA GLU E 83 39.67 5.73 -66.43
C GLU E 83 40.87 5.23 -65.64
N ILE E 84 41.19 5.90 -64.52
CA ILE E 84 42.31 5.45 -63.69
C ILE E 84 42.01 4.08 -63.09
N ALA E 85 40.85 3.94 -62.44
CA ALA E 85 40.50 2.67 -61.81
C ALA E 85 40.25 1.59 -62.86
N ARG E 86 39.64 1.95 -63.99
CA ARG E 86 39.38 0.97 -65.04
C ARG E 86 40.68 0.44 -65.63
N ARG E 87 41.66 1.32 -65.86
CA ARG E 87 42.98 0.88 -66.31
C ARG E 87 43.79 0.28 -65.18
N MET E 88 43.56 0.73 -63.94
CA MET E 88 44.25 0.16 -62.79
C MET E 88 44.07 -1.34 -62.73
N ALA E 89 42.85 -1.82 -63.01
CA ALA E 89 42.57 -3.25 -62.96
C ALA E 89 43.09 -3.99 -64.18
N LYS E 90 43.20 -3.29 -65.32
CA LYS E 90 43.71 -3.94 -66.53
C LYS E 90 45.18 -4.31 -66.39
N VAL E 91 45.97 -3.52 -65.67
CA VAL E 91 47.40 -3.76 -65.63
C VAL E 91 47.77 -4.82 -64.60
N VAL E 92 46.97 -4.97 -63.54
CA VAL E 92 47.25 -5.97 -62.51
C VAL E 92 46.48 -7.26 -62.76
N GLY E 93 45.67 -7.32 -63.81
CA GLY E 93 44.91 -8.52 -64.11
C GLY E 93 43.80 -8.77 -63.11
N ALA E 94 43.02 -7.73 -62.81
CA ALA E 94 41.95 -7.84 -61.83
C ALA E 94 40.60 -7.63 -62.49
N PRO E 95 39.56 -8.32 -62.02
CA PRO E 95 38.21 -8.04 -62.52
C PRO E 95 37.72 -6.70 -62.01
N PHE E 96 37.08 -5.94 -62.90
CA PHE E 96 36.65 -4.58 -62.59
C PHE E 96 35.19 -4.40 -62.98
N ILE E 97 34.42 -3.79 -62.09
CA ILE E 97 33.02 -3.46 -62.35
C ILE E 97 32.79 -2.03 -61.89
N LYS E 98 31.94 -1.31 -62.63
CA LYS E 98 31.57 0.06 -62.30
C LYS E 98 30.06 0.14 -62.15
N VAL E 99 29.60 0.55 -60.99
CA VAL E 99 28.17 0.69 -60.72
C VAL E 99 27.88 2.12 -60.30
N GLU E 100 26.65 2.55 -60.54
CA GLU E 100 26.18 3.87 -60.13
C GLU E 100 25.45 3.71 -58.80
N ALA E 101 25.91 4.43 -57.78
CA ALA E 101 25.25 4.38 -56.48
C ALA E 101 23.82 4.89 -56.54
N THR E 102 23.46 5.64 -57.58
CA THR E 102 22.12 6.19 -57.71
C THR E 102 21.09 5.16 -58.15
N LYS E 103 21.52 4.05 -58.76
CA LYS E 103 20.58 3.03 -59.22
C LYS E 103 20.01 2.20 -58.07
N PHE E 104 20.45 2.44 -56.84
CA PHE E 104 19.96 1.71 -55.67
C PHE E 104 18.90 2.49 -54.89
N THR E 105 18.17 3.37 -55.57
CA THR E 105 17.13 4.17 -54.93
C THR E 105 15.78 3.98 -55.62
N ARG E 112 18.40 -1.48 -52.74
CA ARG E 112 17.73 -2.75 -53.01
C ARG E 112 18.49 -3.56 -54.05
N ASP E 113 18.78 -4.82 -53.70
CA ASP E 113 19.62 -5.69 -54.53
C ASP E 113 21.01 -5.08 -54.73
N VAL E 114 21.54 -4.49 -53.67
CA VAL E 114 22.86 -3.88 -53.72
C VAL E 114 23.94 -4.93 -53.97
N GLU E 115 23.70 -6.18 -53.55
CA GLU E 115 24.67 -7.26 -53.71
C GLU E 115 24.87 -7.62 -55.17
N SER E 116 24.09 -7.00 -56.07
CA SER E 116 24.25 -7.29 -57.49
C SER E 116 25.61 -6.85 -58.01
N MET E 117 26.19 -5.80 -57.42
CA MET E 117 27.50 -5.34 -57.89
C MET E 117 28.60 -6.36 -57.60
N VAL E 118 28.44 -7.14 -56.52
CA VAL E 118 29.34 -8.26 -56.29
C VAL E 118 29.02 -9.40 -57.23
N ARG E 119 27.74 -9.58 -57.55
CA ARG E 119 27.35 -10.64 -58.48
C ARG E 119 27.84 -10.35 -59.89
N ASP E 120 27.78 -9.08 -60.32
CA ASP E 120 28.25 -8.73 -61.65
C ASP E 120 29.77 -8.74 -61.74
N LEU E 121 30.45 -8.56 -60.61
CA LEU E 121 31.91 -8.66 -60.61
C LEU E 121 32.35 -10.11 -60.74
N VAL E 122 31.64 -11.03 -60.07
CA VAL E 122 31.94 -12.45 -60.21
C VAL E 122 31.73 -12.91 -61.65
N ASP E 123 30.71 -12.37 -62.32
CA ASP E 123 30.47 -12.72 -63.71
C ASP E 123 31.66 -12.36 -64.58
N VAL E 124 32.01 -11.07 -64.64
CA VAL E 124 33.14 -10.66 -65.47
C VAL E 124 34.44 -11.31 -65.01
N SER E 125 34.50 -11.80 -63.78
CA SER E 125 35.66 -12.56 -63.34
C SER E 125 35.74 -13.91 -64.05
N VAL E 126 34.62 -14.62 -64.14
CA VAL E 126 34.61 -15.89 -64.87
C VAL E 126 34.59 -15.67 -66.37
N ARG E 127 34.15 -14.50 -66.84
CA ARG E 127 34.12 -14.24 -68.28
C ARG E 127 35.54 -14.08 -68.84
N LEU E 128 36.46 -13.51 -68.07
CA LEU E 128 37.83 -13.34 -68.54
C LEU E 128 38.77 -14.45 -68.09
N VAL E 129 38.47 -15.12 -66.97
CA VAL E 129 39.28 -16.27 -66.59
C VAL E 129 39.10 -17.41 -67.59
N LYS E 130 38.00 -17.40 -68.34
CA LYS E 130 37.80 -18.33 -69.45
C LYS E 130 38.41 -17.79 -70.74
N ALA E 131 39.68 -17.39 -70.64
CA ALA E 131 40.40 -16.84 -71.78
C ALA E 131 41.91 -16.93 -71.56
N GLU E 275 35.02 -25.74 -64.65
CA GLU E 275 34.86 -26.69 -63.55
C GLU E 275 35.65 -26.21 -62.34
N SER E 276 36.97 -26.06 -62.52
CA SER E 276 37.83 -25.45 -61.52
C SER E 276 38.26 -24.04 -61.87
N ALA E 277 38.09 -23.63 -63.13
CA ALA E 277 38.33 -22.24 -63.50
C ALA E 277 37.38 -21.31 -62.75
N ASN E 278 36.19 -21.80 -62.39
CA ASN E 278 35.31 -21.03 -61.52
C ASN E 278 35.96 -20.79 -60.17
N GLN E 279 36.37 -21.87 -59.49
CA GLN E 279 36.99 -21.75 -58.17
C GLN E 279 38.29 -20.95 -58.20
N GLU E 280 38.85 -20.70 -59.39
CA GLU E 280 39.93 -19.73 -59.53
C GLU E 280 39.40 -18.32 -59.78
N ALA E 281 38.25 -18.21 -60.46
CA ALA E 281 37.68 -16.89 -60.73
C ALA E 281 37.05 -16.29 -59.48
N LEU E 282 36.32 -17.10 -58.71
CA LEU E 282 35.74 -16.61 -57.47
C LEU E 282 36.83 -16.13 -56.52
N GLU E 283 37.96 -16.84 -56.47
CA GLU E 283 39.09 -16.37 -55.70
C GLU E 283 39.73 -15.15 -56.34
N LEU E 284 39.79 -15.11 -57.68
CA LEU E 284 40.25 -13.91 -58.36
C LEU E 284 39.30 -12.75 -58.10
N ALA E 285 38.01 -13.03 -57.89
CA ALA E 285 37.08 -11.97 -57.54
C ALA E 285 37.20 -11.60 -56.06
N GLU E 286 37.48 -12.59 -55.21
CA GLU E 286 37.64 -12.31 -53.79
C GLU E 286 38.99 -11.64 -53.52
N GLN E 287 40.08 -12.32 -53.90
CA GLN E 287 41.42 -11.84 -53.58
C GLN E 287 41.87 -10.68 -54.47
N MET E 288 41.12 -10.35 -55.50
CA MET E 288 41.61 -9.35 -56.46
C MET E 288 40.53 -8.47 -57.07
N GLY E 289 39.26 -8.64 -56.71
CA GLY E 289 38.21 -7.87 -57.35
C GLY E 289 38.31 -6.39 -57.04
N ILE E 290 37.79 -5.58 -57.97
CA ILE E 290 37.75 -4.12 -57.83
C ILE E 290 36.35 -3.65 -58.21
N ILE E 291 35.72 -2.90 -57.31
CA ILE E 291 34.37 -2.36 -57.53
C ILE E 291 34.46 -0.84 -57.51
N PHE E 292 33.87 -0.20 -58.52
CA PHE E 292 33.88 1.26 -58.66
C PHE E 292 32.47 1.77 -58.45
N ILE E 293 32.21 2.27 -57.24
CA ILE E 293 30.88 2.77 -56.87
C ILE E 293 30.83 4.24 -57.28
N ASP E 294 30.38 4.47 -58.51
CA ASP E 294 30.32 5.82 -59.06
C ASP E 294 29.19 6.62 -58.42
N GLU E 295 29.37 7.95 -58.41
CA GLU E 295 28.35 8.89 -57.93
C GLU E 295 27.96 8.61 -56.48
N ILE E 296 28.94 8.30 -55.65
CA ILE E 296 28.66 7.98 -54.25
C ILE E 296 28.33 9.23 -53.44
N ASP E 297 28.67 10.42 -53.93
CA ASP E 297 28.32 11.64 -53.22
C ASP E 297 26.80 11.85 -53.20
N LYS E 298 26.09 11.32 -54.21
CA LYS E 298 24.66 11.51 -54.32
C LYS E 298 23.85 10.69 -53.33
N VAL E 299 24.47 9.73 -52.64
CA VAL E 299 23.78 8.95 -51.62
C VAL E 299 24.24 9.40 -50.23
N ALA E 300 24.66 10.65 -50.12
CA ALA E 300 25.05 11.24 -48.85
C ALA E 300 24.03 12.30 -48.43
N THR E 301 24.33 12.99 -47.33
CA THR E 301 23.47 14.04 -46.81
C THR E 301 23.27 15.17 -47.81
N GLN E 313 20.25 7.65 -47.19
CA GLN E 313 21.06 7.18 -46.07
C GLN E 313 20.86 5.69 -45.85
N GLY E 314 19.92 5.11 -46.60
CA GLY E 314 19.66 3.68 -46.53
C GLY E 314 20.45 2.91 -47.56
N VAL E 315 20.95 3.60 -48.59
CA VAL E 315 21.77 2.96 -49.61
C VAL E 315 23.18 2.72 -49.09
N GLN E 316 23.73 3.67 -48.32
CA GLN E 316 25.04 3.46 -47.72
C GLN E 316 25.04 2.31 -46.73
N ARG E 317 23.92 2.12 -46.02
CA ARG E 317 23.82 1.04 -45.06
C ARG E 317 23.53 -0.31 -45.70
N ASP E 318 23.23 -0.34 -47.00
CA ASP E 318 23.21 -1.59 -47.75
C ASP E 318 24.53 -1.85 -48.46
N ILE E 319 25.24 -0.78 -48.86
CA ILE E 319 26.61 -0.94 -49.34
C ILE E 319 27.52 -1.35 -48.18
N LEU E 320 27.19 -0.92 -46.96
CA LEU E 320 28.06 -1.12 -45.81
C LEU E 320 28.44 -2.58 -45.59
N PRO E 321 27.51 -3.54 -45.58
CA PRO E 321 27.93 -4.94 -45.36
C PRO E 321 28.92 -5.43 -46.40
N ILE E 322 28.83 -4.93 -47.63
CA ILE E 322 29.79 -5.31 -48.66
C ILE E 322 31.19 -4.84 -48.27
N LEU E 323 31.28 -3.63 -47.70
CA LEU E 323 32.59 -3.08 -47.35
C LEU E 323 33.17 -3.78 -46.12
N GLU E 324 32.32 -4.09 -45.13
CA GLU E 324 32.77 -4.85 -43.98
C GLU E 324 33.31 -6.21 -44.41
N GLY E 325 32.49 -6.98 -45.10
CA GLY E 325 32.83 -8.34 -45.47
C GLY E 325 31.69 -9.28 -45.15
N SER E 326 30.97 -9.70 -46.18
CA SER E 326 29.86 -10.62 -46.03
C SER E 326 29.90 -11.63 -47.17
N VAL E 327 29.39 -12.83 -46.90
CA VAL E 327 29.32 -13.87 -47.92
C VAL E 327 28.06 -13.66 -48.74
N ILE E 328 28.20 -13.72 -50.06
CA ILE E 328 27.13 -13.39 -50.99
C ILE E 328 26.93 -14.55 -51.95
N GLN E 329 25.66 -14.94 -52.15
CA GLN E 329 25.35 -16.04 -53.05
C GLN E 329 25.39 -15.57 -54.50
N THR E 330 26.07 -16.34 -55.34
CA THR E 330 26.12 -16.11 -56.78
C THR E 330 25.57 -17.34 -57.50
N LYS E 331 25.65 -17.31 -58.83
CA LYS E 331 25.26 -18.45 -59.63
C LYS E 331 26.43 -19.37 -59.96
N TYR E 332 27.65 -19.00 -59.59
CA TYR E 332 28.82 -19.84 -59.75
C TYR E 332 29.40 -20.31 -58.43
N GLY E 333 28.80 -19.93 -57.31
CA GLY E 333 29.27 -20.28 -56.00
C GLY E 333 28.94 -19.20 -54.99
N THR E 334 29.83 -19.02 -54.02
CA THR E 334 29.70 -18.00 -52.99
C THR E 334 31.03 -17.29 -52.80
N VAL E 335 30.96 -15.97 -52.64
CA VAL E 335 32.15 -15.14 -52.52
C VAL E 335 32.12 -14.40 -51.20
N ASN E 336 33.30 -13.99 -50.75
CA ASN E 336 33.46 -13.16 -49.56
C ASN E 336 34.06 -11.84 -49.97
N THR E 337 33.40 -10.74 -49.62
CA THR E 337 33.82 -9.40 -50.01
C THR E 337 34.78 -8.77 -49.00
N GLU E 338 35.55 -9.59 -48.27
CA GLU E 338 36.44 -9.05 -47.24
C GLU E 338 37.52 -8.16 -47.84
N HIS E 339 38.07 -8.56 -48.99
CA HIS E 339 39.27 -7.91 -49.52
C HIS E 339 39.11 -7.44 -50.95
N MET E 340 37.87 -7.27 -51.41
CA MET E 340 37.65 -6.61 -52.68
C MET E 340 37.93 -5.12 -52.53
N LEU E 341 38.77 -4.59 -53.42
CA LEU E 341 39.11 -3.18 -53.36
C LEU E 341 37.95 -2.34 -53.87
N PHE E 342 37.59 -1.31 -53.12
CA PHE E 342 36.48 -0.43 -53.45
C PHE E 342 36.99 0.97 -53.74
N ILE E 343 36.61 1.51 -54.88
CA ILE E 343 36.84 2.91 -55.22
C ILE E 343 35.49 3.59 -55.30
N GLY E 344 35.25 4.55 -54.40
CA GLY E 344 34.06 5.38 -54.45
C GLY E 344 34.41 6.74 -55.00
N ALA E 345 33.62 7.19 -55.97
CA ALA E 345 33.91 8.41 -56.69
C ALA E 345 32.70 9.33 -56.69
N GLY E 346 32.97 10.63 -56.77
CA GLY E 346 31.93 11.62 -56.81
C GLY E 346 32.54 13.00 -56.92
N ALA E 347 31.70 13.96 -57.30
CA ALA E 347 32.15 15.34 -57.38
C ALA E 347 32.07 16.04 -56.03
N PHE E 348 31.19 15.58 -55.16
CA PHE E 348 31.05 16.12 -53.80
C PHE E 348 30.86 17.64 -53.84
N HIS E 349 29.90 18.08 -54.65
CA HIS E 349 29.54 19.48 -54.70
C HIS E 349 28.36 19.81 -53.82
N VAL E 350 27.35 18.94 -53.77
CA VAL E 350 26.21 19.17 -52.89
C VAL E 350 26.50 18.70 -51.47
N SER E 351 27.34 17.68 -51.31
CA SER E 351 27.68 17.15 -49.99
C SER E 351 29.19 16.98 -49.89
N LYS E 352 29.65 16.60 -48.71
CA LYS E 352 31.06 16.41 -48.42
C LYS E 352 31.33 14.95 -48.04
N PRO E 353 32.57 14.50 -48.16
CA PRO E 353 32.91 13.15 -47.66
C PRO E 353 32.64 12.98 -46.18
N SER E 354 32.60 14.06 -45.40
CA SER E 354 32.22 13.97 -44.00
C SER E 354 30.72 13.74 -43.82
N ASP E 355 29.93 13.89 -44.87
CA ASP E 355 28.51 13.60 -44.83
C ASP E 355 28.20 12.13 -45.10
N LEU E 356 29.21 11.32 -45.39
CA LEU E 356 29.02 9.88 -45.45
C LEU E 356 28.85 9.31 -44.05
N ILE E 357 28.21 8.15 -43.96
CA ILE E 357 28.02 7.51 -42.67
C ILE E 357 29.40 7.19 -42.10
N PRO E 358 29.56 7.21 -40.78
CA PRO E 358 30.92 7.10 -40.21
C PRO E 358 31.64 5.82 -40.59
N GLU E 359 30.91 4.70 -40.69
CA GLU E 359 31.55 3.44 -41.05
C GLU E 359 32.18 3.52 -42.43
N LEU E 360 31.60 4.29 -43.35
CA LEU E 360 32.19 4.45 -44.67
C LEU E 360 33.39 5.40 -44.63
N GLN E 361 33.36 6.42 -43.77
CA GLN E 361 34.50 7.32 -43.65
C GLN E 361 35.74 6.57 -43.15
N GLY E 362 35.55 5.68 -42.19
CA GLY E 362 36.66 4.88 -41.71
C GLY E 362 37.13 3.83 -42.69
N ARG E 363 36.27 3.42 -43.62
CA ARG E 363 36.60 2.41 -44.61
C ARG E 363 36.97 3.00 -45.96
N PHE E 364 37.32 4.28 -45.99
CA PHE E 364 37.94 4.92 -47.16
C PHE E 364 39.20 5.63 -46.70
N PRO E 365 40.23 4.88 -46.30
CA PRO E 365 41.42 5.53 -45.72
C PRO E 365 42.18 6.36 -46.72
N ILE E 366 42.22 5.94 -47.98
CA ILE E 366 42.94 6.65 -49.02
C ILE E 366 41.97 7.59 -49.73
N ARG E 367 42.27 8.88 -49.72
CA ARG E 367 41.42 9.88 -50.34
C ARG E 367 42.26 10.81 -51.19
N VAL E 368 41.84 11.02 -52.43
CA VAL E 368 42.57 11.83 -53.39
C VAL E 368 41.60 12.81 -54.05
N GLU E 369 42.05 14.05 -54.22
CA GLU E 369 41.27 15.11 -54.85
C GLU E 369 41.91 15.40 -56.19
N LEU E 370 41.31 14.89 -57.26
CA LEU E 370 41.90 14.99 -58.59
C LEU E 370 41.98 16.44 -59.05
N ASP E 371 42.85 16.67 -60.03
CA ASP E 371 43.09 18.00 -60.58
C ASP E 371 42.08 18.32 -61.67
N SER E 372 41.87 19.63 -61.88
CA SER E 372 41.00 20.10 -62.95
C SER E 372 41.80 20.25 -64.22
N LEU E 373 41.18 19.89 -65.35
CA LEU E 373 41.88 19.88 -66.63
C LEU E 373 41.92 21.26 -67.24
N SER E 374 43.08 21.63 -67.77
CA SER E 374 43.29 22.90 -68.46
C SER E 374 43.32 22.68 -69.97
N VAL E 375 43.39 23.79 -70.70
CA VAL E 375 43.50 23.71 -72.16
C VAL E 375 44.81 23.03 -72.55
N GLU E 376 45.88 23.32 -71.79
CA GLU E 376 47.16 22.67 -72.06
C GLU E 376 47.10 21.18 -71.78
N ASP E 377 46.23 20.76 -70.86
CA ASP E 377 46.06 19.33 -70.60
C ASP E 377 45.33 18.63 -71.73
N PHE E 378 44.39 19.33 -72.39
CA PHE E 378 43.61 18.70 -73.44
C PHE E 378 44.48 18.28 -74.62
N VAL E 379 45.47 19.12 -74.97
CA VAL E 379 46.37 18.76 -76.06
C VAL E 379 47.19 17.53 -75.69
N ARG E 380 47.36 17.26 -74.40
CA ARG E 380 48.04 16.05 -73.96
C ARG E 380 47.10 14.85 -73.97
N ILE E 381 45.89 15.03 -73.42
CA ILE E 381 44.87 13.99 -73.52
C ILE E 381 44.62 13.62 -74.98
N LEU E 382 44.79 14.58 -75.89
CA LEU E 382 44.47 14.37 -77.29
C LEU E 382 45.59 13.69 -78.08
N THR E 383 46.82 13.70 -77.57
CA THR E 383 47.95 13.14 -78.32
C THR E 383 48.81 12.20 -77.50
N GLU E 384 49.11 12.54 -76.26
CA GLU E 384 50.10 11.80 -75.48
C GLU E 384 49.74 10.33 -75.25
N PRO E 385 48.56 9.97 -74.74
CA PRO E 385 48.39 8.61 -74.24
C PRO E 385 48.32 7.59 -75.35
N LYS E 386 48.68 6.36 -75.02
CA LYS E 386 48.41 5.23 -75.90
C LYS E 386 46.91 5.15 -76.18
N LEU E 387 46.57 4.87 -77.44
CA LEU E 387 45.17 4.86 -77.88
C LEU E 387 44.54 6.24 -77.73
N SER E 388 45.34 7.28 -77.98
CA SER E 388 44.86 8.65 -77.94
C SER E 388 43.72 8.83 -78.94
N LEU E 389 42.91 9.87 -78.72
CA LEU E 389 41.75 10.10 -79.56
C LEU E 389 42.14 10.35 -81.01
N ILE E 390 43.18 11.15 -81.24
CA ILE E 390 43.60 11.37 -82.63
C ILE E 390 44.35 10.15 -83.17
N LYS E 391 45.02 9.39 -82.30
CA LYS E 391 45.68 8.17 -82.74
C LYS E 391 44.67 7.14 -83.25
N GLN E 392 43.47 7.14 -82.67
CA GLN E 392 42.40 6.30 -83.21
C GLN E 392 41.94 6.82 -84.56
N TYR E 393 41.68 8.14 -84.65
CA TYR E 393 41.21 8.71 -85.91
C TYR E 393 42.28 8.67 -86.99
N GLU E 394 43.56 8.69 -86.61
CA GLU E 394 44.63 8.47 -87.57
C GLU E 394 44.52 7.06 -88.17
N ALA E 395 44.40 6.05 -87.30
CA ALA E 395 44.30 4.68 -87.77
C ALA E 395 42.94 4.38 -88.38
N LEU E 396 41.89 5.06 -87.92
CA LEU E 396 40.55 4.81 -88.47
C LEU E 396 40.46 5.25 -89.92
N LEU E 397 41.09 6.37 -90.26
CA LEU E 397 41.09 6.86 -91.63
C LEU E 397 42.21 6.27 -92.48
N GLN E 398 43.23 5.70 -91.85
CA GLN E 398 44.27 5.01 -92.61
C GLN E 398 43.73 3.76 -93.28
N THR E 399 42.77 3.08 -92.63
CA THR E 399 42.15 1.91 -93.25
C THR E 399 41.41 2.27 -94.54
N GLU E 400 41.05 3.54 -94.72
CA GLU E 400 40.52 4.05 -95.97
C GLU E 400 41.62 4.54 -96.91
N GLU E 401 42.86 4.13 -96.67
CA GLU E 401 44.02 4.54 -97.47
C GLU E 401 44.19 6.06 -97.45
N VAL E 402 43.92 6.67 -96.30
CA VAL E 402 44.02 8.12 -96.12
C VAL E 402 44.97 8.41 -94.98
N THR E 403 45.97 9.24 -95.24
CA THR E 403 46.91 9.68 -94.22
C THR E 403 46.51 11.07 -93.74
N VAL E 404 46.13 11.16 -92.47
CA VAL E 404 45.71 12.42 -91.86
C VAL E 404 46.78 12.86 -90.88
N ASN E 405 47.25 14.10 -91.03
CA ASN E 405 48.29 14.66 -90.17
C ASN E 405 47.71 15.83 -89.41
N PHE E 406 47.86 15.81 -88.08
CA PHE E 406 47.42 16.89 -87.22
C PHE E 406 48.63 17.74 -86.86
N THR E 407 48.65 18.98 -87.34
CA THR E 407 49.67 19.91 -86.90
C THR E 407 49.50 20.21 -85.41
N ASP E 408 50.63 20.44 -84.74
CA ASP E 408 50.57 20.79 -83.33
C ASP E 408 49.80 22.08 -83.09
N GLU E 409 49.66 22.92 -84.12
CA GLU E 409 48.88 24.13 -84.00
C GLU E 409 47.38 23.84 -84.00
N ALA E 410 46.95 22.86 -84.81
CA ALA E 410 45.54 22.47 -84.84
C ALA E 410 45.15 21.65 -83.62
N ILE E 411 46.06 20.82 -83.11
CA ILE E 411 45.77 20.09 -81.88
C ILE E 411 45.55 21.09 -80.73
N THR E 412 46.38 22.12 -80.66
CA THR E 412 46.13 23.20 -79.70
C THR E 412 44.80 23.89 -79.98
N ARG E 413 44.48 24.07 -81.26
CA ARG E 413 43.23 24.75 -81.62
C ARG E 413 42.02 23.92 -81.27
N LEU E 414 42.10 22.59 -81.45
CA LEU E 414 41.00 21.71 -81.08
C LEU E 414 40.74 21.77 -79.58
N ALA E 415 41.81 21.89 -78.78
CA ALA E 415 41.65 21.92 -77.32
C ALA E 415 41.03 23.23 -76.87
N GLU E 416 41.47 24.35 -77.45
CA GLU E 416 40.92 25.65 -77.06
C GLU E 416 39.42 25.71 -77.32
N ILE E 417 38.96 25.09 -78.41
CA ILE E 417 37.54 25.08 -78.72
C ILE E 417 36.80 24.19 -77.73
N ALA E 418 37.34 22.99 -77.47
CA ALA E 418 36.71 22.08 -76.52
C ALA E 418 36.69 22.68 -75.11
N TYR E 419 37.75 23.40 -74.74
CA TYR E 419 37.81 24.01 -73.42
C TYR E 419 36.84 25.18 -73.28
N GLN E 420 36.61 25.92 -74.38
CA GLN E 420 35.79 27.12 -74.30
C GLN E 420 34.30 26.76 -74.15
N VAL E 421 33.82 25.82 -74.96
CA VAL E 421 32.41 25.45 -74.90
C VAL E 421 32.08 24.80 -73.57
N ASN E 422 33.07 24.17 -72.92
CA ASN E 422 32.86 23.68 -71.57
C ASN E 422 32.62 24.82 -70.59
N GLN E 423 33.21 26.00 -70.86
CA GLN E 423 33.03 27.14 -69.98
C GLN E 423 31.77 27.93 -70.29
N ASP E 424 31.25 27.83 -71.52
CA ASP E 424 30.08 28.59 -71.94
C ASP E 424 28.77 27.85 -71.71
N THR E 425 28.81 26.52 -71.54
CA THR E 425 27.58 25.77 -71.33
C THR E 425 27.74 24.83 -70.14
N ASP E 426 27.78 23.53 -70.41
CA ASP E 426 27.99 22.52 -69.38
C ASP E 426 29.43 22.03 -69.47
N ASN E 427 30.15 22.09 -68.34
CA ASN E 427 31.54 21.64 -68.30
C ASN E 427 31.56 20.12 -68.11
N ILE E 428 31.91 19.40 -69.16
CA ILE E 428 31.97 17.94 -69.11
C ILE E 428 33.40 17.43 -69.16
N GLY E 429 34.39 18.31 -69.08
CA GLY E 429 35.76 17.85 -68.98
C GLY E 429 36.29 17.35 -70.31
N ALA E 430 37.07 16.28 -70.24
CA ALA E 430 37.72 15.71 -71.42
C ALA E 430 36.75 15.00 -72.36
N ARG E 431 35.46 14.94 -72.02
CA ARG E 431 34.49 14.30 -72.91
C ARG E 431 34.08 15.20 -74.07
N ARG E 432 34.39 16.50 -73.98
CA ARG E 432 34.09 17.40 -75.10
C ARG E 432 34.88 17.03 -76.34
N LEU E 433 36.06 16.42 -76.17
CA LEU E 433 36.89 16.06 -77.30
C LEU E 433 36.19 15.10 -78.26
N HIS E 434 35.33 14.23 -77.73
CA HIS E 434 34.62 13.28 -78.59
C HIS E 434 33.69 13.99 -79.56
N THR E 435 32.90 14.93 -79.05
CA THR E 435 31.99 15.66 -79.93
C THR E 435 32.75 16.64 -80.82
N ILE E 436 33.81 17.25 -80.28
CA ILE E 436 34.56 18.26 -81.03
C ILE E 436 35.24 17.63 -82.25
N LEU E 437 35.86 16.47 -82.07
CA LEU E 437 36.62 15.85 -83.16
C LEU E 437 35.70 15.35 -84.27
N GLU E 438 34.66 14.60 -83.90
CA GLU E 438 33.78 14.02 -84.91
C GLU E 438 33.13 15.08 -85.79
N LYS E 439 32.97 16.30 -85.26
CA LYS E 439 32.34 17.36 -86.04
C LYS E 439 33.22 17.81 -87.20
N MET E 440 34.50 18.09 -86.92
CA MET E 440 35.36 18.61 -87.97
C MET E 440 35.84 17.53 -88.92
N LEU E 441 35.90 16.28 -88.47
CA LEU E 441 36.25 15.16 -89.34
C LEU E 441 35.05 14.62 -90.12
N GLU E 442 33.95 15.37 -90.19
CA GLU E 442 32.75 14.96 -90.91
C GLU E 442 33.04 14.70 -92.39
N ASP E 443 33.37 15.77 -93.12
CA ASP E 443 33.55 15.67 -94.56
C ASP E 443 34.63 14.67 -94.91
N LEU E 444 35.69 14.61 -94.11
CA LEU E 444 36.77 13.65 -94.36
C LEU E 444 36.25 12.22 -94.22
N SER E 445 35.73 11.87 -93.03
CA SER E 445 35.28 10.51 -92.78
C SER E 445 34.14 10.09 -93.71
N PHE E 446 33.47 11.03 -94.36
CA PHE E 446 32.41 10.67 -95.30
C PHE E 446 32.98 10.34 -96.67
N GLU E 447 33.86 11.19 -97.19
CA GLU E 447 34.41 11.03 -98.54
C GLU E 447 35.79 10.37 -98.53
N ALA E 448 36.26 9.89 -97.38
CA ALA E 448 37.54 9.19 -97.34
C ALA E 448 37.59 7.93 -98.20
N PRO E 449 36.53 7.11 -98.29
CA PRO E 449 36.59 5.97 -99.22
C PRO E 449 36.86 6.40 -100.66
N SER E 450 36.27 7.51 -101.10
CA SER E 450 36.54 8.06 -102.43
C SER E 450 37.77 8.97 -102.44
N MET E 451 38.76 8.68 -101.60
CA MET E 451 39.92 9.55 -101.45
C MET E 451 41.16 8.74 -101.16
N PRO E 452 41.49 7.74 -101.98
CA PRO E 452 42.58 6.82 -101.60
C PRO E 452 43.95 7.45 -101.80
N ASN E 453 44.88 7.03 -100.95
CA ASN E 453 46.29 7.47 -101.01
C ASN E 453 46.40 8.98 -100.91
N ALA E 454 45.45 9.62 -100.24
CA ALA E 454 45.45 11.07 -100.05
C ALA E 454 46.12 11.43 -98.73
N VAL E 455 46.71 12.62 -98.70
CA VAL E 455 47.37 13.14 -97.51
C VAL E 455 46.69 14.46 -97.16
N VAL E 456 45.93 14.46 -96.08
CA VAL E 456 45.23 15.65 -95.60
C VAL E 456 45.92 16.11 -94.32
N ASP E 457 46.16 17.42 -94.23
CA ASP E 457 46.81 18.03 -93.08
C ASP E 457 45.81 18.94 -92.39
N ILE E 458 45.51 18.63 -91.12
CA ILE E 458 44.58 19.43 -90.34
C ILE E 458 45.33 20.64 -89.79
N THR E 459 45.00 21.82 -90.30
CA THR E 459 45.56 23.07 -89.84
C THR E 459 44.53 23.85 -89.04
N PRO E 460 44.96 24.84 -88.25
CA PRO E 460 43.99 25.65 -87.50
C PRO E 460 42.90 26.26 -88.37
N GLN E 461 43.20 26.61 -89.62
CA GLN E 461 42.18 27.12 -90.51
C GLN E 461 41.15 26.04 -90.85
N TYR E 462 41.58 24.77 -90.91
CA TYR E 462 40.62 23.70 -91.12
C TYR E 462 39.74 23.49 -89.90
N VAL E 463 40.31 23.60 -88.70
CA VAL E 463 39.53 23.44 -87.49
C VAL E 463 38.52 24.57 -87.34
N ASP E 464 38.96 25.81 -87.58
CA ASP E 464 38.06 26.95 -87.42
C ASP E 464 36.92 26.92 -88.43
N ASP E 465 37.22 26.57 -89.69
CA ASP E 465 36.18 26.58 -90.70
C ASP E 465 35.08 25.56 -90.39
N LYS E 466 35.40 24.51 -89.63
CA LYS E 466 34.42 23.49 -89.30
C LYS E 466 33.82 23.67 -87.91
N LEU E 467 34.44 24.49 -87.05
CA LEU E 467 34.02 24.58 -85.64
C LEU E 467 33.90 25.99 -85.10
N LYS E 468 34.65 26.97 -85.62
CA LYS E 468 34.67 28.30 -85.01
C LYS E 468 33.30 28.96 -85.08
N SER E 469 32.65 28.89 -86.26
CA SER E 469 31.34 29.52 -86.41
C SER E 469 30.30 28.87 -85.50
N ILE E 470 30.48 27.59 -85.17
CA ILE E 470 29.55 26.90 -84.28
C ILE E 470 29.89 27.14 -82.81
N SER E 471 31.16 27.08 -82.46
CA SER E 471 31.56 27.20 -81.06
C SER E 471 31.24 28.57 -80.49
N THR E 472 31.21 29.60 -81.35
CA THR E 472 30.87 30.94 -80.89
C THR E 472 29.38 31.12 -80.65
N ASN E 473 28.56 30.14 -81.02
CA ASN E 473 27.12 30.18 -80.79
C ASN E 473 26.82 29.29 -79.58
N LYS E 474 26.68 29.93 -78.42
CA LYS E 474 26.43 29.18 -77.19
C LYS E 474 25.10 28.43 -77.26
N ASP E 475 24.09 29.06 -77.85
CA ASP E 475 22.78 28.40 -77.97
C ASP E 475 22.84 27.21 -78.92
N LEU E 476 23.74 27.22 -79.89
CA LEU E 476 23.88 26.11 -80.82
C LEU E 476 24.73 24.99 -80.22
N SER E 477 25.81 25.33 -79.51
CA SER E 477 26.68 24.32 -78.93
C SER E 477 25.99 23.51 -77.85
N ALA E 478 24.90 24.01 -77.27
CA ALA E 478 24.13 23.23 -76.32
C ALA E 478 23.47 22.02 -76.96
N PHE E 479 23.34 22.01 -78.29
CA PHE E 479 22.72 20.91 -79.02
C PHE E 479 23.70 20.06 -79.81
N ILE E 480 24.66 20.67 -80.50
CA ILE E 480 25.47 19.97 -81.48
C ILE E 480 26.86 19.63 -80.93
N LEU E 481 27.43 20.51 -80.11
CA LEU E 481 28.78 20.28 -79.57
C LEU E 481 28.74 19.68 -78.15
N ALA F 18 28.29 -8.07 -96.53
CA ALA F 18 28.33 -7.26 -97.75
C ALA F 18 27.93 -5.82 -97.45
N GLY F 19 26.87 -5.66 -96.67
CA GLY F 19 26.44 -4.32 -96.27
C GLY F 19 27.34 -3.64 -95.29
N ILE F 20 28.26 -4.38 -94.65
CA ILE F 20 29.17 -3.77 -93.69
C ILE F 20 30.18 -2.87 -94.40
N ARG F 21 30.57 -3.22 -95.61
CA ARG F 21 31.59 -2.48 -96.36
C ARG F 21 30.99 -1.57 -97.43
N LEU F 22 29.77 -1.08 -97.22
CA LEU F 22 29.20 -0.09 -98.12
C LEU F 22 29.85 1.26 -97.92
N THR F 23 30.11 1.95 -99.02
CA THR F 23 30.61 3.31 -98.93
C THR F 23 29.56 4.20 -98.26
N PRO F 24 29.96 5.17 -97.45
CA PRO F 24 28.98 6.17 -96.96
C PRO F 24 28.15 6.79 -98.08
N LYS F 25 28.76 7.03 -99.24
CA LYS F 25 27.99 7.53 -100.37
C LYS F 25 27.04 6.47 -100.91
N GLU F 26 27.43 5.19 -100.82
CA GLU F 26 26.52 4.12 -101.23
C GLU F 26 25.34 4.00 -100.28
N ILE F 27 25.58 4.18 -98.98
CA ILE F 27 24.49 4.08 -98.01
C ILE F 27 23.47 5.17 -98.24
N VAL F 28 23.93 6.39 -98.52
CA VAL F 28 22.99 7.49 -98.79
C VAL F 28 22.18 7.21 -100.05
N SER F 29 22.82 6.63 -101.07
CA SER F 29 22.12 6.30 -102.30
C SER F 29 20.95 5.36 -102.02
N LYS F 30 21.20 4.29 -101.26
CA LYS F 30 20.12 3.36 -100.95
C LYS F 30 19.11 3.96 -99.97
N LEU F 31 19.55 4.91 -99.14
CA LEU F 31 18.64 5.58 -98.24
C LEU F 31 17.76 6.60 -98.95
N ASN F 32 18.23 7.15 -100.07
CA ASN F 32 17.45 8.16 -100.80
C ASN F 32 16.27 7.55 -101.53
N GLU F 33 16.25 6.23 -101.73
CA GLU F 33 15.12 5.59 -102.38
C GLU F 33 13.86 5.66 -101.53
N TYR F 34 14.01 5.66 -100.20
CA TYR F 34 12.88 5.56 -99.30
C TYR F 34 12.59 6.85 -98.54
N ILE F 35 13.61 7.62 -98.20
CA ILE F 35 13.44 8.84 -97.41
C ILE F 35 13.74 10.03 -98.31
N VAL F 36 12.81 10.97 -98.38
CA VAL F 36 12.98 12.19 -99.17
C VAL F 36 13.58 13.28 -98.29
N GLY F 37 14.65 13.89 -98.78
CA GLY F 37 15.28 14.98 -98.05
C GLY F 37 16.09 14.49 -96.88
N GLN F 38 16.25 15.37 -95.89
CA GLN F 38 17.04 15.10 -94.69
C GLN F 38 18.41 14.54 -95.06
N ASN F 39 19.14 15.34 -95.86
CA ASN F 39 20.43 14.87 -96.35
C ASN F 39 21.47 14.85 -95.25
N ASP F 40 21.48 15.86 -94.37
CA ASP F 40 22.46 15.89 -93.30
C ASP F 40 22.30 14.72 -92.36
N ALA F 41 21.06 14.30 -92.11
CA ALA F 41 20.82 13.11 -91.30
C ALA F 41 21.34 11.86 -91.99
N LYS F 42 21.02 11.69 -93.28
CA LYS F 42 21.53 10.54 -94.03
C LYS F 42 23.04 10.56 -94.08
N ARG F 43 23.64 11.74 -94.19
CA ARG F 43 25.09 11.85 -94.29
C ARG F 43 25.77 11.37 -93.02
N LYS F 44 25.29 11.83 -91.86
CA LYS F 44 25.92 11.48 -90.60
C LYS F 44 25.60 10.04 -90.21
N VAL F 45 24.40 9.56 -90.52
CA VAL F 45 24.03 8.19 -90.19
C VAL F 45 24.84 7.19 -91.00
N ALA F 46 25.46 7.63 -92.10
CA ALA F 46 26.30 6.76 -92.91
C ALA F 46 27.73 6.70 -92.43
N ILE F 47 28.25 7.80 -91.86
CA ILE F 47 29.62 7.78 -91.36
C ILE F 47 29.70 7.09 -89.99
N ALA F 48 28.57 6.91 -89.31
CA ALA F 48 28.57 6.10 -88.10
C ALA F 48 28.69 4.61 -88.42
N LEU F 49 28.06 4.18 -89.51
CA LEU F 49 28.15 2.78 -89.91
C LEU F 49 29.53 2.48 -90.49
N ARG F 50 30.10 3.40 -91.26
CA ARG F 50 31.40 3.16 -91.86
C ARG F 50 32.50 3.04 -90.81
N ASN F 51 32.34 3.73 -89.67
CA ASN F 51 33.34 3.61 -88.60
C ASN F 51 33.39 2.21 -88.02
N ARG F 52 32.36 1.39 -88.22
CA ARG F 52 32.41 0.01 -87.74
C ARG F 52 33.17 -0.88 -88.71
N TYR F 53 33.03 -0.62 -90.01
CA TYR F 53 33.90 -1.29 -90.99
C TYR F 53 35.36 -0.91 -90.77
N ARG F 54 35.60 0.37 -90.47
CA ARG F 54 36.96 0.82 -90.18
C ARG F 54 37.48 0.23 -88.87
N ARG F 55 36.61 0.03 -87.89
CA ARG F 55 37.04 -0.55 -86.63
C ARG F 55 37.36 -2.03 -86.78
N SER F 56 36.64 -2.75 -87.64
CA SER F 56 36.83 -4.17 -87.82
C SER F 56 38.12 -4.53 -88.53
N LEU F 57 38.94 -3.53 -88.91
CA LEU F 57 40.17 -3.77 -89.67
C LEU F 57 41.41 -3.35 -88.89
N LEU F 58 41.30 -3.20 -87.58
CA LEU F 58 42.39 -2.68 -86.76
C LEU F 58 42.91 -3.74 -85.81
N ASP F 59 43.92 -3.35 -85.02
CA ASP F 59 44.46 -4.24 -84.00
C ASP F 59 43.44 -4.45 -82.89
N GLU F 60 43.48 -5.64 -82.27
CA GLU F 60 42.47 -6.02 -81.29
C GLU F 60 42.45 -5.11 -80.07
N GLU F 61 43.55 -4.42 -79.77
CA GLU F 61 43.49 -3.40 -78.72
C GLU F 61 42.76 -2.15 -79.20
N SER F 62 43.07 -1.71 -80.42
CA SER F 62 42.33 -0.60 -81.00
C SER F 62 40.91 -1.02 -81.39
N LYS F 63 40.73 -2.29 -81.74
CA LYS F 63 39.42 -2.79 -82.14
C LYS F 63 38.41 -2.80 -81.01
N GLN F 64 38.85 -2.63 -79.76
CA GLN F 64 37.95 -2.66 -78.62
C GLN F 64 38.02 -1.42 -77.74
N GLU F 65 39.05 -0.59 -77.87
CA GLU F 65 39.20 0.58 -77.02
C GLU F 65 38.67 1.86 -77.66
N ILE F 66 38.13 1.79 -78.88
CA ILE F 66 37.44 2.93 -79.47
C ILE F 66 35.94 2.64 -79.41
N SER F 67 35.16 3.70 -79.19
CA SER F 67 33.75 3.51 -78.97
C SER F 67 32.94 3.88 -80.21
N PRO F 68 31.77 3.28 -80.38
CA PRO F 68 30.93 3.59 -81.54
C PRO F 68 30.60 5.08 -81.61
N LYS F 69 30.35 5.55 -82.82
CA LYS F 69 29.99 6.95 -83.05
C LYS F 69 28.47 7.09 -83.01
N ASN F 70 27.95 6.95 -81.80
CA ASN F 70 26.51 7.04 -81.58
C ASN F 70 25.97 8.39 -82.05
N ILE F 71 24.71 8.39 -82.48
CA ILE F 71 24.08 9.54 -83.11
C ILE F 71 22.97 10.06 -82.21
N LEU F 72 22.80 11.38 -82.19
CA LEU F 72 21.71 12.03 -81.48
C LEU F 72 20.88 12.80 -82.51
N MET F 73 19.76 12.22 -82.93
CA MET F 73 18.86 12.89 -83.85
C MET F 73 17.97 13.86 -83.10
N ILE F 74 17.97 15.12 -83.51
CA ILE F 74 17.19 16.18 -82.87
C ILE F 74 16.21 16.73 -83.90
N GLY F 75 14.93 16.68 -83.58
CA GLY F 75 13.91 17.21 -84.46
C GLY F 75 12.49 16.86 -84.04
N PRO F 76 11.51 17.51 -84.67
CA PRO F 76 10.10 17.22 -84.34
C PRO F 76 9.66 15.85 -84.83
N THR F 77 8.37 15.55 -84.70
CA THR F 77 7.84 14.32 -85.26
C THR F 77 7.54 14.49 -86.75
N GLY F 78 7.33 13.36 -87.42
CA GLY F 78 6.99 13.38 -88.83
C GLY F 78 8.10 13.79 -89.76
N VAL F 79 9.32 13.98 -89.26
CA VAL F 79 10.43 14.37 -90.12
C VAL F 79 11.21 13.17 -90.66
N GLY F 80 11.17 12.03 -89.98
CA GLY F 80 11.80 10.83 -90.48
C GLY F 80 12.97 10.32 -89.67
N LYS F 81 12.99 10.61 -88.37
CA LYS F 81 14.10 10.16 -87.53
C LYS F 81 14.14 8.64 -87.45
N THR F 82 13.01 8.01 -87.11
CA THR F 82 12.98 6.56 -86.96
C THR F 82 13.14 5.86 -88.31
N GLU F 83 12.44 6.35 -89.34
CA GLU F 83 12.52 5.71 -90.65
C GLU F 83 13.94 5.69 -91.18
N ILE F 84 14.69 6.78 -90.97
CA ILE F 84 16.09 6.80 -91.40
C ILE F 84 16.87 5.70 -90.72
N ALA F 85 16.70 5.55 -89.41
CA ALA F 85 17.41 4.49 -88.69
C ALA F 85 16.84 3.12 -89.02
N ARG F 86 15.50 3.01 -89.07
CA ARG F 86 14.87 1.73 -89.38
C ARG F 86 15.27 1.24 -90.77
N ARG F 87 15.26 2.13 -91.76
CA ARG F 87 15.66 1.75 -93.11
C ARG F 87 17.16 1.51 -93.20
N MET F 88 17.96 2.26 -92.44
CA MET F 88 19.41 2.11 -92.51
C MET F 88 19.84 0.71 -92.09
N ALA F 89 19.25 0.17 -91.03
CA ALA F 89 19.62 -1.17 -90.58
C ALA F 89 19.29 -2.22 -91.62
N LYS F 90 18.21 -2.01 -92.39
CA LYS F 90 17.81 -3.01 -93.37
C LYS F 90 18.72 -3.01 -94.59
N VAL F 91 19.29 -1.87 -94.96
CA VAL F 91 20.15 -1.83 -96.14
C VAL F 91 21.53 -2.42 -95.85
N VAL F 92 21.89 -2.60 -94.59
CA VAL F 92 23.14 -3.25 -94.23
C VAL F 92 22.91 -4.60 -93.56
N GLY F 93 21.67 -5.01 -93.38
CA GLY F 93 21.36 -6.30 -92.76
C GLY F 93 21.66 -6.34 -91.28
N ALA F 94 21.34 -5.27 -90.55
CA ALA F 94 21.65 -5.15 -89.14
C ALA F 94 20.39 -5.33 -88.29
N PRO F 95 20.51 -6.00 -87.13
CA PRO F 95 19.36 -6.11 -86.24
C PRO F 95 19.02 -4.77 -85.61
N PHE F 96 17.74 -4.40 -85.66
CA PHE F 96 17.28 -3.09 -85.25
C PHE F 96 16.18 -3.25 -84.21
N ILE F 97 16.20 -2.39 -83.20
CA ILE F 97 15.16 -2.35 -82.18
C ILE F 97 14.88 -0.89 -81.82
N LYS F 98 13.61 -0.58 -81.55
CA LYS F 98 13.18 0.76 -81.17
C LYS F 98 12.46 0.69 -79.84
N VAL F 99 13.04 1.35 -78.83
CA VAL F 99 12.46 1.40 -77.50
C VAL F 99 12.24 2.85 -77.10
N GLU F 100 11.15 3.08 -76.37
CA GLU F 100 10.82 4.41 -75.87
C GLU F 100 11.47 4.61 -74.50
N ALA F 101 12.22 5.70 -74.37
CA ALA F 101 12.90 5.98 -73.10
C ALA F 101 11.90 6.24 -71.98
N THR F 102 10.70 6.73 -72.33
CA THR F 102 9.72 7.07 -71.30
C THR F 102 9.08 5.85 -70.67
N LYS F 103 9.19 4.67 -71.28
CA LYS F 103 8.64 3.47 -70.66
C LYS F 103 9.47 3.03 -69.45
N PHE F 104 10.71 3.50 -69.34
CA PHE F 104 11.55 3.19 -68.19
C PHE F 104 11.42 4.20 -67.07
N THR F 105 10.76 5.33 -67.29
CA THR F 105 10.75 6.42 -66.31
C THR F 105 10.14 5.95 -64.99
N GLU F 106 8.99 5.29 -65.06
CA GLU F 106 8.25 4.87 -63.86
C GLU F 106 8.39 3.35 -63.71
N LEU F 107 9.52 2.93 -63.13
CA LEU F 107 9.80 1.54 -62.75
C LEU F 107 9.27 0.49 -63.73
N ARG F 112 12.34 -1.39 -63.65
CA ARG F 112 13.06 -0.75 -64.73
C ARG F 112 14.12 -1.70 -65.30
N ASP F 113 13.65 -2.64 -66.13
CA ASP F 113 14.53 -3.63 -66.76
C ASP F 113 15.13 -2.99 -68.01
N VAL F 114 16.14 -2.15 -67.78
CA VAL F 114 16.76 -1.40 -68.88
C VAL F 114 17.46 -2.36 -69.85
N GLU F 115 17.90 -3.52 -69.38
CA GLU F 115 18.57 -4.48 -70.25
C GLU F 115 17.62 -5.15 -71.23
N SER F 116 16.31 -4.95 -71.10
CA SER F 116 15.37 -5.60 -71.99
C SER F 116 15.59 -5.20 -73.45
N MET F 117 16.07 -3.98 -73.69
CA MET F 117 16.31 -3.54 -75.06
C MET F 117 17.39 -4.36 -75.73
N VAL F 118 18.37 -4.84 -74.97
CA VAL F 118 19.40 -5.69 -75.55
C VAL F 118 18.90 -7.11 -75.75
N ARG F 119 18.09 -7.61 -74.81
CA ARG F 119 17.48 -8.91 -74.98
C ARG F 119 16.55 -8.93 -76.19
N ASP F 120 15.81 -7.84 -76.42
CA ASP F 120 14.97 -7.74 -77.60
C ASP F 120 15.81 -7.66 -78.87
N LEU F 121 16.96 -7.00 -78.81
CA LEU F 121 17.84 -6.94 -79.97
C LEU F 121 18.33 -8.32 -80.36
N VAL F 122 18.72 -9.13 -79.37
CA VAL F 122 19.13 -10.51 -79.65
C VAL F 122 17.96 -11.31 -80.20
N ASP F 123 16.74 -11.02 -79.72
CA ASP F 123 15.56 -11.69 -80.27
C ASP F 123 15.36 -11.34 -81.74
N VAL F 124 15.45 -10.04 -82.08
CA VAL F 124 15.33 -9.64 -83.48
C VAL F 124 16.50 -10.16 -84.32
N SER F 125 17.64 -10.46 -83.68
CA SER F 125 18.80 -10.93 -84.43
C SER F 125 18.69 -12.41 -84.78
N VAL F 126 18.21 -13.24 -83.84
CA VAL F 126 18.14 -14.67 -84.11
C VAL F 126 17.09 -14.96 -85.17
N ARG F 127 15.97 -14.23 -85.15
CA ARG F 127 14.97 -14.42 -86.20
C ARG F 127 15.44 -13.89 -87.54
N LEU F 128 16.32 -12.89 -87.52
CA LEU F 128 16.86 -12.35 -88.77
C LEU F 128 17.84 -13.33 -89.40
N VAL F 129 18.63 -14.03 -88.58
CA VAL F 129 19.61 -14.98 -89.12
C VAL F 129 18.93 -16.26 -89.58
N LYS F 130 18.00 -16.79 -88.77
CA LYS F 130 17.29 -18.01 -89.17
C LYS F 130 16.45 -17.76 -90.42
N ALA F 131 16.03 -16.52 -90.65
CA ALA F 131 15.28 -16.21 -91.87
C ALA F 131 16.17 -16.30 -93.11
N GLN F 132 17.39 -15.77 -93.01
CA GLN F 132 18.33 -15.87 -94.13
C GLN F 132 19.05 -17.21 -94.17
N LYS F 133 18.92 -18.03 -93.14
CA LYS F 133 19.39 -19.41 -93.20
C LYS F 133 18.31 -20.34 -93.78
N LYS F 134 17.04 -20.09 -93.42
CA LYS F 134 15.92 -20.82 -94.01
C LYS F 134 15.51 -20.27 -95.36
N SER F 135 16.36 -19.45 -95.99
CA SER F 135 16.13 -18.98 -97.35
C SER F 135 17.25 -19.34 -98.31
N LEU F 136 18.39 -19.81 -97.81
CA LEU F 136 19.45 -20.32 -98.67
C LEU F 136 19.27 -21.81 -98.97
N VAL F 137 18.40 -22.51 -98.25
CA VAL F 137 18.16 -23.93 -98.46
C VAL F 137 16.68 -24.18 -98.64
N GLN F 138 15.90 -23.10 -98.82
CA GLN F 138 14.45 -23.24 -98.94
C GLN F 138 14.07 -23.94 -100.24
N ASP F 139 14.68 -23.54 -101.36
CA ASP F 139 14.41 -24.21 -102.62
C ASP F 139 14.96 -25.64 -102.62
N GLU F 140 16.06 -25.87 -101.91
CA GLU F 140 16.62 -27.21 -101.83
C GLU F 140 15.71 -28.14 -101.02
N ALA F 141 15.20 -27.67 -99.87
CA ALA F 141 14.32 -28.49 -99.06
C ALA F 141 12.97 -28.72 -99.72
N THR F 142 12.50 -27.75 -100.50
CA THR F 142 11.25 -27.94 -101.24
C THR F 142 11.37 -29.08 -102.22
N ALA F 143 12.52 -29.18 -102.92
CA ALA F 143 12.74 -30.31 -103.81
C ALA F 143 12.74 -31.64 -103.04
N LYS F 144 13.39 -31.66 -101.87
CA LYS F 144 13.36 -32.85 -101.03
C LYS F 144 11.92 -33.24 -100.68
N ALA F 145 11.08 -32.25 -100.37
CA ALA F 145 9.69 -32.53 -100.05
C ALA F 145 8.98 -33.18 -101.23
N ASN F 146 9.05 -32.54 -102.41
CA ASN F 146 8.34 -33.07 -103.58
C ASN F 146 8.92 -34.40 -104.04
N GLU F 147 10.18 -34.68 -103.74
CA GLU F 147 10.81 -35.92 -104.20
C GLU F 147 10.80 -37.03 -103.16
N LYS F 148 10.66 -36.70 -101.88
CA LYS F 148 10.49 -37.72 -100.85
C LYS F 148 9.02 -37.94 -100.49
N LEU F 149 8.10 -37.27 -101.18
CA LEU F 149 6.68 -37.57 -101.04
C LEU F 149 6.16 -38.45 -102.16
N VAL F 150 6.84 -38.50 -103.30
CA VAL F 150 6.50 -39.51 -104.30
C VAL F 150 6.80 -40.90 -103.78
N LYS F 151 7.74 -41.02 -102.84
CA LYS F 151 7.90 -42.28 -102.12
C LYS F 151 6.71 -42.58 -101.23
N LEU F 152 5.93 -41.57 -100.88
CA LEU F 152 4.64 -41.76 -100.22
C LEU F 152 3.47 -41.78 -101.19
N LEU F 153 3.62 -41.13 -102.35
CA LEU F 153 2.59 -41.20 -103.38
C LEU F 153 2.50 -42.61 -103.96
N VAL F 154 3.63 -43.12 -104.46
CA VAL F 154 3.69 -44.49 -104.98
C VAL F 154 4.97 -45.16 -104.49
N ASP F 273 21.60 -25.41 -88.67
CA ASP F 273 21.99 -25.77 -87.31
C ASP F 273 21.76 -24.61 -86.35
N GLN F 274 20.87 -24.82 -85.37
CA GLN F 274 20.48 -23.74 -84.47
C GLN F 274 21.64 -23.26 -83.62
N GLU F 275 22.44 -24.19 -83.08
CA GLU F 275 23.52 -23.79 -82.18
C GLU F 275 24.56 -22.93 -82.90
N SER F 276 24.91 -23.30 -84.14
CA SER F 276 25.90 -22.53 -84.89
C SER F 276 25.30 -21.31 -85.57
N ALA F 277 23.98 -21.24 -85.69
CA ALA F 277 23.33 -20.06 -86.24
C ALA F 277 23.05 -19.01 -85.17
N ASN F 278 22.56 -19.44 -83.99
CA ASN F 278 22.34 -18.51 -82.91
C ASN F 278 23.63 -17.86 -82.45
N GLN F 279 24.75 -18.60 -82.50
CA GLN F 279 26.04 -18.00 -82.17
C GLN F 279 26.43 -16.94 -83.17
N GLU F 280 26.05 -17.10 -84.45
CA GLU F 280 26.25 -16.05 -85.42
C GLU F 280 25.32 -14.87 -85.16
N ALA F 281 24.07 -15.16 -84.79
CA ALA F 281 23.11 -14.10 -84.51
C ALA F 281 23.56 -13.23 -83.34
N LEU F 282 24.18 -13.84 -82.32
CA LEU F 282 24.64 -13.08 -81.18
C LEU F 282 25.76 -12.12 -81.57
N GLU F 283 26.75 -12.60 -82.31
CA GLU F 283 27.81 -11.71 -82.77
C GLU F 283 27.29 -10.67 -83.73
N LEU F 284 26.23 -10.99 -84.48
CA LEU F 284 25.60 -10.00 -85.34
C LEU F 284 25.01 -8.86 -84.52
N ALA F 285 24.46 -9.18 -83.34
CA ALA F 285 23.98 -8.13 -82.45
C ALA F 285 25.12 -7.41 -81.75
N GLU F 286 26.20 -8.13 -81.44
CA GLU F 286 27.33 -7.50 -80.76
C GLU F 286 28.07 -6.53 -81.68
N GLN F 287 28.21 -6.89 -82.95
CA GLN F 287 29.04 -6.11 -83.88
C GLN F 287 28.24 -5.27 -84.87
N MET F 288 26.98 -5.61 -85.13
CA MET F 288 26.18 -4.88 -86.11
C MET F 288 24.86 -4.36 -85.55
N GLY F 289 24.51 -4.67 -84.31
CA GLY F 289 23.21 -4.30 -83.78
C GLY F 289 23.03 -2.80 -83.70
N ILE F 290 21.76 -2.39 -83.70
CA ILE F 290 21.36 -0.98 -83.67
C ILE F 290 20.16 -0.84 -82.75
N ILE F 291 20.29 -0.02 -81.71
CA ILE F 291 19.22 0.24 -80.76
C ILE F 291 18.80 1.70 -80.88
N PHE F 292 17.52 1.93 -81.13
CA PHE F 292 16.97 3.26 -81.35
C PHE F 292 16.17 3.65 -80.11
N ILE F 293 16.81 4.40 -79.21
CA ILE F 293 16.14 4.87 -78.00
C ILE F 293 15.35 6.13 -78.33
N ASP F 294 14.08 5.95 -78.71
CA ASP F 294 13.22 7.07 -79.05
C ASP F 294 12.82 7.83 -77.79
N GLU F 295 12.48 9.11 -77.97
CA GLU F 295 11.93 9.96 -76.92
C GLU F 295 12.92 10.10 -75.76
N ILE F 296 14.17 10.42 -76.10
CA ILE F 296 15.22 10.47 -75.08
C ILE F 296 15.34 11.82 -74.40
N ASP F 297 14.78 12.88 -74.97
CA ASP F 297 14.81 14.16 -74.28
C ASP F 297 13.87 14.21 -73.08
N LYS F 298 13.05 13.17 -72.90
CA LYS F 298 12.10 13.10 -71.80
C LYS F 298 12.68 12.44 -70.55
N VAL F 299 13.94 12.01 -70.59
CA VAL F 299 14.63 11.49 -69.42
C VAL F 299 15.78 12.42 -69.02
N ALA F 300 15.71 13.68 -69.44
CA ALA F 300 16.74 14.67 -69.11
C ALA F 300 16.23 15.66 -68.07
N GLN F 313 16.94 11.71 -63.91
CA GLN F 313 18.35 11.45 -64.12
C GLN F 313 18.68 9.99 -63.81
N GLY F 314 17.73 9.30 -63.17
CA GLY F 314 17.94 7.90 -62.82
C GLY F 314 17.83 6.95 -64.00
N VAL F 315 17.05 7.32 -65.02
CA VAL F 315 16.91 6.46 -66.19
C VAL F 315 18.17 6.51 -67.04
N GLN F 316 18.82 7.67 -67.11
CA GLN F 316 20.06 7.79 -67.88
C GLN F 316 21.15 6.92 -67.28
N ARG F 317 21.32 6.96 -65.97
CA ARG F 317 22.36 6.18 -65.32
C ARG F 317 22.09 4.68 -65.34
N ASP F 318 20.88 4.26 -65.72
CA ASP F 318 20.60 2.86 -65.97
C ASP F 318 20.87 2.50 -67.43
N ILE F 319 20.61 3.42 -68.35
CA ILE F 319 21.00 3.23 -69.74
C ILE F 319 22.51 3.33 -69.88
N LEU F 320 23.17 4.06 -68.97
CA LEU F 320 24.61 4.29 -69.03
C LEU F 320 25.45 3.02 -69.21
N PRO F 321 25.34 1.99 -68.35
CA PRO F 321 26.26 0.85 -68.49
C PRO F 321 26.10 0.10 -69.80
N ILE F 322 24.98 0.28 -70.51
CA ILE F 322 24.80 -0.36 -71.81
C ILE F 322 25.69 0.32 -72.85
N LEU F 323 25.77 1.65 -72.81
CA LEU F 323 26.58 2.36 -73.78
C LEU F 323 28.07 2.30 -73.46
N GLU F 324 28.43 2.23 -72.17
CA GLU F 324 29.83 2.07 -71.80
C GLU F 324 30.35 0.71 -72.22
N GLY F 325 29.55 -0.34 -72.03
CA GLY F 325 29.97 -1.69 -72.35
C GLY F 325 29.78 -2.64 -71.19
N SER F 326 28.76 -3.49 -71.27
CA SER F 326 28.45 -4.43 -70.20
C SER F 326 28.02 -5.76 -70.82
N VAL F 327 28.04 -6.80 -69.99
CA VAL F 327 27.64 -8.14 -70.39
C VAL F 327 26.22 -8.40 -69.89
N ILE F 328 25.32 -8.77 -70.80
CA ILE F 328 23.91 -8.93 -70.51
C ILE F 328 23.50 -10.37 -70.84
N GLN F 329 22.91 -11.05 -69.86
CA GLN F 329 22.46 -12.42 -70.08
C GLN F 329 21.22 -12.42 -70.98
N THR F 330 21.26 -13.26 -72.01
CA THR F 330 20.12 -13.56 -72.85
C THR F 330 19.84 -15.06 -72.77
N LYS F 331 18.71 -15.47 -73.34
CA LYS F 331 18.37 -16.89 -73.30
C LYS F 331 19.18 -17.72 -74.29
N TYR F 332 19.94 -17.08 -75.18
CA TYR F 332 20.83 -17.78 -76.09
C TYR F 332 22.29 -17.65 -75.67
N GLY F 333 22.57 -16.99 -74.55
CA GLY F 333 23.90 -16.77 -74.05
C GLY F 333 24.05 -15.36 -73.54
N THR F 334 25.26 -14.84 -73.58
CA THR F 334 25.56 -13.48 -73.17
C THR F 334 26.12 -12.70 -74.35
N VAL F 335 26.05 -11.36 -74.24
CA VAL F 335 26.51 -10.48 -75.30
C VAL F 335 27.28 -9.31 -74.69
N ASN F 336 28.15 -8.72 -75.50
CA ASN F 336 28.81 -7.46 -75.17
C ASN F 336 28.13 -6.34 -75.94
N THR F 337 27.82 -5.25 -75.24
CA THR F 337 27.18 -4.09 -75.85
C THR F 337 28.16 -2.96 -76.11
N GLU F 338 29.47 -3.23 -76.05
CA GLU F 338 30.46 -2.18 -76.23
C GLU F 338 30.39 -1.58 -77.63
N HIS F 339 30.20 -2.42 -78.64
CA HIS F 339 30.28 -2.01 -80.03
C HIS F 339 28.93 -1.95 -80.72
N MET F 340 27.84 -2.08 -79.97
CA MET F 340 26.52 -1.80 -80.50
C MET F 340 26.37 -0.31 -80.77
N LEU F 341 25.57 0.03 -81.78
CA LEU F 341 25.37 1.40 -82.19
C LEU F 341 24.04 1.93 -81.63
N PHE F 342 24.11 3.02 -80.89
CA PHE F 342 22.94 3.63 -80.26
C PHE F 342 22.56 4.91 -80.97
N ILE F 343 21.26 5.07 -81.21
CA ILE F 343 20.72 6.28 -81.83
C ILE F 343 19.70 6.85 -80.86
N GLY F 344 20.06 7.95 -80.20
CA GLY F 344 19.14 8.65 -79.32
C GLY F 344 18.35 9.71 -80.05
N ALA F 345 17.03 9.62 -80.01
CA ALA F 345 16.17 10.55 -80.72
C ALA F 345 15.34 11.38 -79.75
N GLY F 346 14.99 12.58 -80.17
CA GLY F 346 14.18 13.45 -79.35
C GLY F 346 13.98 14.79 -80.03
N ALA F 347 12.90 15.47 -79.63
CA ALA F 347 12.63 16.80 -80.17
C ALA F 347 13.39 17.88 -79.40
N PHE F 348 13.66 17.64 -78.12
CA PHE F 348 14.42 18.58 -77.29
C PHE F 348 13.75 19.95 -77.29
N HIS F 349 12.45 19.98 -77.04
CA HIS F 349 11.69 21.21 -76.97
C HIS F 349 11.66 21.79 -75.55
N VAL F 350 11.93 20.99 -74.54
CA VAL F 350 11.98 21.46 -73.16
C VAL F 350 13.31 21.20 -72.48
N SER F 351 14.24 20.51 -73.14
CA SER F 351 15.56 20.24 -72.57
C SER F 351 16.55 20.05 -73.70
N LYS F 352 17.68 20.73 -73.61
CA LYS F 352 18.71 20.62 -74.63
C LYS F 352 19.64 19.46 -74.31
N PRO F 353 20.35 18.93 -75.31
CA PRO F 353 21.26 17.81 -75.06
C PRO F 353 22.31 18.10 -74.00
N SER F 354 22.63 19.38 -73.74
CA SER F 354 23.48 19.72 -72.62
C SER F 354 22.86 19.35 -71.27
N ASP F 355 21.56 19.06 -71.24
CA ASP F 355 20.89 18.61 -70.02
C ASP F 355 21.06 17.12 -69.78
N LEU F 356 21.54 16.36 -70.76
CA LEU F 356 21.88 14.97 -70.53
C LEU F 356 23.09 14.88 -69.61
N ILE F 357 23.22 13.73 -68.93
CA ILE F 357 24.32 13.53 -68.00
C ILE F 357 25.62 13.54 -68.80
N PRO F 358 26.73 14.02 -68.22
CA PRO F 358 27.95 14.21 -69.03
C PRO F 358 28.46 12.93 -69.67
N GLU F 359 28.26 11.78 -69.02
CA GLU F 359 28.72 10.52 -69.60
C GLU F 359 27.95 10.18 -70.87
N LEU F 360 26.66 10.52 -70.93
CA LEU F 360 25.89 10.30 -72.15
C LEU F 360 26.29 11.29 -73.25
N GLN F 361 26.65 12.52 -72.87
CA GLN F 361 26.99 13.53 -73.86
C GLN F 361 28.22 13.11 -74.66
N GLY F 362 29.28 12.65 -73.98
CA GLY F 362 30.47 12.23 -74.66
C GLY F 362 30.30 10.96 -75.48
N ARG F 363 29.22 10.21 -75.23
CA ARG F 363 28.96 8.98 -75.97
C ARG F 363 27.93 9.18 -77.07
N PHE F 364 27.71 10.42 -77.51
CA PHE F 364 26.92 10.73 -78.71
C PHE F 364 27.68 11.76 -79.52
N PRO F 365 28.82 11.37 -80.11
CA PRO F 365 29.64 12.37 -80.83
C PRO F 365 28.95 12.91 -82.06
N ILE F 366 28.32 12.04 -82.85
CA ILE F 366 27.57 12.47 -84.02
C ILE F 366 26.26 13.07 -83.58
N ARG F 367 26.00 14.31 -84.01
CA ARG F 367 24.76 15.00 -83.66
C ARG F 367 24.21 15.70 -84.88
N VAL F 368 22.89 15.62 -85.06
CA VAL F 368 22.23 16.11 -86.26
C VAL F 368 20.91 16.75 -85.86
N GLU F 369 20.63 17.93 -86.40
CA GLU F 369 19.35 18.60 -86.24
C GLU F 369 18.57 18.44 -87.55
N LEU F 370 17.52 17.62 -87.52
CA LEU F 370 16.74 17.40 -88.72
C LEU F 370 15.89 18.63 -89.04
N ASP F 371 15.59 18.79 -90.32
CA ASP F 371 14.93 19.99 -90.82
C ASP F 371 13.41 19.85 -90.73
N SER F 372 12.74 21.00 -90.64
CA SER F 372 11.29 21.01 -90.69
C SER F 372 10.81 20.69 -92.11
N LEU F 373 9.51 20.43 -92.23
CA LEU F 373 8.90 20.04 -93.49
C LEU F 373 8.06 21.16 -94.05
N SER F 374 7.98 21.22 -95.37
CA SER F 374 7.16 22.19 -96.08
C SER F 374 6.14 21.47 -96.95
N VAL F 375 5.19 22.25 -97.48
CA VAL F 375 4.20 21.67 -98.38
C VAL F 375 4.88 21.10 -99.62
N GLU F 376 5.95 21.76 -100.08
CA GLU F 376 6.71 21.24 -101.21
C GLU F 376 7.42 19.95 -100.84
N ASP F 377 7.91 19.85 -99.60
CA ASP F 377 8.51 18.59 -99.16
C ASP F 377 7.49 17.47 -99.10
N PHE F 378 6.22 17.80 -98.83
CA PHE F 378 5.18 16.78 -98.75
C PHE F 378 4.99 16.08 -100.09
N VAL F 379 4.71 16.86 -101.15
CA VAL F 379 4.45 16.27 -102.46
C VAL F 379 5.59 15.36 -102.90
N ARG F 380 6.82 15.66 -102.44
CA ARG F 380 7.92 14.74 -102.67
C ARG F 380 7.72 13.45 -101.87
N ILE F 381 7.26 13.56 -100.62
CA ILE F 381 7.02 12.37 -99.81
C ILE F 381 5.85 11.58 -100.36
N LEU F 382 4.82 12.26 -100.88
CA LEU F 382 3.67 11.53 -101.43
C LEU F 382 4.04 10.75 -102.68
N THR F 383 4.99 11.24 -103.47
CA THR F 383 5.20 10.71 -104.82
C THR F 383 6.56 10.04 -105.00
N GLU F 384 7.65 10.66 -104.55
CA GLU F 384 8.98 10.19 -104.93
C GLU F 384 9.38 8.87 -104.29
N PRO F 385 9.22 8.64 -102.98
CA PRO F 385 9.86 7.47 -102.37
C PRO F 385 9.27 6.17 -102.90
N LYS F 386 10.06 5.10 -102.77
CA LYS F 386 9.54 3.76 -102.99
C LYS F 386 8.43 3.48 -101.98
N LEU F 387 7.36 2.85 -102.46
CA LEU F 387 6.24 2.46 -101.61
C LEU F 387 5.61 3.68 -100.94
N SER F 388 5.57 4.80 -101.66
CA SER F 388 4.94 6.00 -101.13
C SER F 388 3.43 5.79 -100.99
N LEU F 389 2.77 6.74 -100.33
CA LEU F 389 1.37 6.56 -99.97
C LEU F 389 0.48 6.48 -101.21
N ILE F 390 0.70 7.34 -102.20
CA ILE F 390 -0.16 7.28 -103.38
C ILE F 390 0.19 6.09 -104.26
N LYS F 391 1.45 5.62 -104.22
CA LYS F 391 1.76 4.37 -104.89
C LYS F 391 1.03 3.20 -104.26
N GLN F 392 0.81 3.24 -102.94
CA GLN F 392 0.09 2.17 -102.28
C GLN F 392 -1.38 2.15 -102.68
N TYR F 393 -2.04 3.32 -102.64
CA TYR F 393 -3.44 3.38 -103.04
C TYR F 393 -3.63 3.07 -104.51
N GLU F 394 -2.64 3.38 -105.35
CA GLU F 394 -2.69 2.94 -106.74
C GLU F 394 -2.67 1.42 -106.83
N ALA F 395 -1.76 0.78 -106.11
CA ALA F 395 -1.66 -0.68 -106.15
C ALA F 395 -2.78 -1.35 -105.37
N LEU F 396 -3.27 -0.69 -104.30
CA LEU F 396 -4.35 -1.27 -103.52
C LEU F 396 -5.66 -1.27 -104.28
N LEU F 397 -5.88 -0.27 -105.13
CA LEU F 397 -7.14 -0.17 -105.86
C LEU F 397 -7.11 -0.82 -107.23
N GLN F 398 -5.92 -1.03 -107.81
CA GLN F 398 -5.86 -1.87 -109.01
C GLN F 398 -6.15 -3.32 -108.68
N THR F 399 -5.99 -3.72 -107.42
CA THR F 399 -6.49 -5.02 -106.98
C THR F 399 -7.97 -5.16 -107.27
N GLU F 400 -8.73 -4.07 -107.11
CA GLU F 400 -10.13 -4.01 -107.49
C GLU F 400 -10.32 -3.70 -108.97
N GLU F 401 -9.25 -3.77 -109.76
CA GLU F 401 -9.27 -3.43 -111.19
C GLU F 401 -9.76 -2.00 -111.40
N VAL F 402 -9.26 -1.07 -110.57
CA VAL F 402 -9.59 0.34 -110.67
C VAL F 402 -8.29 1.13 -110.81
N THR F 403 -8.17 1.88 -111.90
CA THR F 403 -6.99 2.70 -112.14
C THR F 403 -7.23 4.11 -111.59
N VAL F 404 -6.45 4.50 -110.60
CA VAL F 404 -6.56 5.82 -109.98
C VAL F 404 -5.41 6.67 -110.48
N ASN F 405 -5.73 7.82 -111.05
CA ASN F 405 -4.75 8.77 -111.55
C ASN F 405 -4.78 10.01 -110.67
N PHE F 406 -3.65 10.31 -110.04
CA PHE F 406 -3.51 11.48 -109.18
C PHE F 406 -2.81 12.58 -109.97
N THR F 407 -3.58 13.59 -110.38
CA THR F 407 -3.02 14.71 -111.10
C THR F 407 -2.07 15.50 -110.21
N ASP F 408 -1.14 16.21 -110.85
CA ASP F 408 -0.13 16.94 -110.10
C ASP F 408 -0.76 18.03 -109.24
N GLU F 409 -1.75 18.73 -109.77
CA GLU F 409 -2.40 19.80 -109.01
C GLU F 409 -3.17 19.27 -107.82
N ALA F 410 -3.57 18.00 -107.84
CA ALA F 410 -4.24 17.41 -106.68
C ALA F 410 -3.24 16.96 -105.61
N ILE F 411 -2.05 16.52 -106.03
CA ILE F 411 -1.03 16.15 -105.05
C ILE F 411 -0.60 17.37 -104.25
N THR F 412 -0.44 18.52 -104.92
CA THR F 412 -0.12 19.75 -104.21
C THR F 412 -1.27 20.17 -103.29
N ARG F 413 -2.51 19.99 -103.75
CA ARG F 413 -3.66 20.33 -102.92
C ARG F 413 -3.74 19.42 -101.69
N LEU F 414 -3.45 18.12 -101.88
CA LEU F 414 -3.43 17.20 -100.75
C LEU F 414 -2.36 17.58 -99.74
N ALA F 415 -1.22 18.11 -100.21
CA ALA F 415 -0.16 18.51 -99.31
C ALA F 415 -0.47 19.83 -98.62
N GLU F 416 -1.00 20.80 -99.36
CA GLU F 416 -1.36 22.09 -98.77
C GLU F 416 -2.36 21.91 -97.63
N ILE F 417 -3.30 20.98 -97.78
CA ILE F 417 -4.31 20.78 -96.74
C ILE F 417 -3.69 20.11 -95.51
N ALA F 418 -2.80 19.14 -95.72
CA ALA F 418 -2.14 18.50 -94.59
C ALA F 418 -1.22 19.46 -93.85
N TYR F 419 -0.60 20.40 -94.58
CA TYR F 419 0.23 21.40 -93.92
C TYR F 419 -0.61 22.39 -93.14
N GLN F 420 -1.82 22.71 -93.63
CA GLN F 420 -2.68 23.66 -92.93
C GLN F 420 -3.17 23.08 -91.61
N VAL F 421 -3.73 21.87 -91.64
CA VAL F 421 -4.29 21.28 -90.43
C VAL F 421 -3.21 20.98 -89.39
N ASN F 422 -1.95 20.90 -89.81
CA ASN F 422 -0.86 20.79 -88.84
C ASN F 422 -0.64 22.11 -88.10
N GLN F 423 -0.95 23.23 -88.73
CA GLN F 423 -0.82 24.53 -88.07
C GLN F 423 -2.05 24.89 -87.24
N ASP F 424 -3.21 24.37 -87.61
CA ASP F 424 -4.45 24.72 -86.90
C ASP F 424 -4.63 23.89 -85.64
N THR F 425 -4.17 22.64 -85.63
CA THR F 425 -4.31 21.79 -84.46
C THR F 425 -2.95 21.46 -83.86
N ASP F 426 -2.50 20.22 -84.03
CA ASP F 426 -1.19 19.77 -83.57
C ASP F 426 -0.35 19.36 -84.77
N ASN F 427 0.87 19.87 -84.87
CA ASN F 427 1.75 19.58 -85.99
C ASN F 427 2.42 18.23 -85.77
N ILE F 428 1.99 17.22 -86.52
CA ILE F 428 2.54 15.87 -86.42
C ILE F 428 3.38 15.52 -87.63
N GLY F 429 3.71 16.50 -88.47
CA GLY F 429 4.63 16.24 -89.57
C GLY F 429 4.00 15.42 -90.69
N ALA F 430 4.82 14.57 -91.31
CA ALA F 430 4.36 13.80 -92.45
C ALA F 430 3.28 12.78 -92.11
N ARG F 431 3.11 12.46 -90.82
CA ARG F 431 2.09 11.48 -90.45
C ARG F 431 0.68 12.03 -90.55
N ARG F 432 0.51 13.30 -90.94
CA ARG F 432 -0.81 13.83 -91.23
C ARG F 432 -1.37 13.33 -92.56
N LEU F 433 -0.49 12.83 -93.45
CA LEU F 433 -0.94 12.41 -94.77
C LEU F 433 -1.82 11.17 -94.72
N HIS F 434 -1.61 10.28 -93.74
CA HIS F 434 -2.38 9.05 -93.67
C HIS F 434 -3.86 9.34 -93.46
N THR F 435 -4.18 10.33 -92.61
CA THR F 435 -5.56 10.67 -92.34
C THR F 435 -6.17 11.50 -93.45
N ILE F 436 -5.35 12.32 -94.13
CA ILE F 436 -5.87 13.17 -95.20
C ILE F 436 -6.25 12.34 -96.42
N LEU F 437 -5.41 11.37 -96.78
CA LEU F 437 -5.69 10.55 -97.95
C LEU F 437 -6.90 9.64 -97.71
N GLU F 438 -6.85 8.81 -96.67
CA GLU F 438 -7.91 7.85 -96.41
C GLU F 438 -9.28 8.50 -96.28
N LYS F 439 -9.34 9.82 -96.08
CA LYS F 439 -10.63 10.49 -95.96
C LYS F 439 -11.25 10.78 -97.33
N MET F 440 -10.44 11.17 -98.31
CA MET F 440 -10.99 11.46 -99.63
C MET F 440 -11.09 10.22 -100.50
N LEU F 441 -10.21 9.24 -100.31
CA LEU F 441 -10.38 7.94 -100.94
C LEU F 441 -11.45 7.10 -100.27
N GLU F 442 -12.21 7.68 -99.34
CA GLU F 442 -13.24 6.95 -98.63
C GLU F 442 -14.34 6.48 -99.59
N ASP F 443 -14.95 7.41 -100.31
CA ASP F 443 -16.03 7.06 -101.23
C ASP F 443 -15.51 6.20 -102.39
N LEU F 444 -14.26 6.40 -102.79
CA LEU F 444 -13.69 5.59 -103.86
C LEU F 444 -13.45 4.16 -103.39
N SER F 445 -12.87 3.99 -102.20
CA SER F 445 -12.54 2.66 -101.70
C SER F 445 -13.78 1.84 -101.41
N PHE F 446 -14.87 2.49 -100.98
CA PHE F 446 -16.08 1.74 -100.62
C PHE F 446 -16.75 1.15 -101.86
N GLU F 447 -16.87 1.92 -102.94
CA GLU F 447 -17.59 1.51 -104.13
C GLU F 447 -16.64 1.12 -105.26
N ALA F 448 -15.55 0.43 -104.94
CA ALA F 448 -14.57 0.02 -105.94
C ALA F 448 -14.91 -1.34 -106.57
N PRO F 449 -15.34 -2.35 -105.81
CA PRO F 449 -15.76 -3.60 -106.47
C PRO F 449 -16.96 -3.42 -107.38
N SER F 450 -17.86 -2.49 -107.06
CA SER F 450 -18.96 -2.12 -107.94
C SER F 450 -18.54 -1.19 -109.07
N MET F 451 -17.24 -1.12 -109.36
CA MET F 451 -16.68 -0.17 -110.29
C MET F 451 -15.49 -0.76 -111.04
N PRO F 452 -15.64 -1.92 -111.66
CA PRO F 452 -14.47 -2.59 -112.25
C PRO F 452 -14.03 -1.95 -113.55
N ASN F 453 -12.73 -2.09 -113.84
CA ASN F 453 -12.10 -1.58 -115.06
C ASN F 453 -12.27 -0.08 -115.23
N ALA F 454 -12.64 0.63 -114.17
CA ALA F 454 -12.82 2.07 -114.26
C ALA F 454 -11.48 2.79 -114.15
N VAL F 455 -11.46 4.03 -114.61
CA VAL F 455 -10.32 4.93 -114.46
C VAL F 455 -10.82 6.18 -113.76
N VAL F 456 -10.23 6.50 -112.61
CA VAL F 456 -10.66 7.63 -111.80
C VAL F 456 -9.59 8.72 -111.89
N ASP F 457 -10.01 9.94 -112.14
CA ASP F 457 -9.13 11.10 -112.24
C ASP F 457 -9.32 11.95 -110.98
N ILE F 458 -8.29 12.03 -110.16
CA ILE F 458 -8.33 12.83 -108.93
C ILE F 458 -7.88 14.24 -109.27
N THR F 459 -8.83 15.17 -109.33
CA THR F 459 -8.61 16.58 -109.59
C THR F 459 -8.66 17.36 -108.28
N PRO F 460 -8.06 18.56 -108.23
CA PRO F 460 -8.13 19.36 -107.00
C PRO F 460 -9.55 19.65 -106.54
N GLN F 461 -10.51 19.71 -107.47
CA GLN F 461 -11.89 19.97 -107.08
C GLN F 461 -12.44 18.83 -106.23
N TYR F 462 -12.06 17.59 -106.57
CA TYR F 462 -12.51 16.45 -105.77
C TYR F 462 -11.85 16.45 -104.39
N VAL F 463 -10.58 16.85 -104.33
CA VAL F 463 -9.90 16.96 -103.04
C VAL F 463 -10.60 17.99 -102.16
N ASP F 464 -10.91 19.16 -102.74
CA ASP F 464 -11.64 20.17 -101.99
C ASP F 464 -13.08 19.74 -101.71
N ASP F 465 -13.66 18.90 -102.56
CA ASP F 465 -15.00 18.41 -102.30
C ASP F 465 -15.05 17.47 -101.09
N LYS F 466 -13.90 17.04 -100.58
CA LYS F 466 -13.85 16.14 -99.43
C LYS F 466 -13.18 16.75 -98.21
N LEU F 467 -12.04 17.40 -98.39
CA LEU F 467 -11.27 17.91 -97.25
C LEU F 467 -11.50 19.39 -96.94
N LYS F 468 -11.87 20.20 -97.95
CA LYS F 468 -11.89 21.64 -97.78
C LYS F 468 -12.80 22.07 -96.64
N SER F 469 -14.05 21.60 -96.63
CA SER F 469 -14.99 22.00 -95.59
C SER F 469 -14.55 21.52 -94.21
N ILE F 470 -13.90 20.36 -94.14
CA ILE F 470 -13.47 19.83 -92.85
C ILE F 470 -12.16 20.45 -92.40
N SER F 471 -11.24 20.70 -93.33
CA SER F 471 -9.93 21.21 -92.96
C SER F 471 -10.02 22.61 -92.36
N THR F 472 -11.04 23.38 -92.71
CA THR F 472 -11.23 24.71 -92.14
C THR F 472 -11.89 24.66 -90.77
N ASN F 473 -12.58 23.57 -90.45
CA ASN F 473 -13.24 23.40 -89.15
C ASN F 473 -12.21 22.85 -88.17
N LYS F 474 -11.57 23.75 -87.43
CA LYS F 474 -10.46 23.36 -86.56
C LYS F 474 -10.91 22.38 -85.49
N ASP F 475 -12.06 22.65 -84.86
CA ASP F 475 -12.55 21.78 -83.79
C ASP F 475 -13.02 20.43 -84.33
N LEU F 476 -13.39 20.36 -85.61
CA LEU F 476 -13.76 19.08 -86.20
C LEU F 476 -12.52 18.33 -86.66
N SER F 477 -11.61 19.02 -87.35
CA SER F 477 -10.38 18.39 -87.82
C SER F 477 -9.44 17.99 -86.68
N ALA F 478 -9.73 18.42 -85.45
CA ALA F 478 -9.00 17.89 -84.30
C ALA F 478 -9.46 16.49 -83.94
N PHE F 479 -10.72 16.16 -84.23
CA PHE F 479 -11.26 14.84 -83.96
C PHE F 479 -11.10 13.91 -85.15
N ILE F 480 -11.72 14.27 -86.28
CA ILE F 480 -11.86 13.34 -87.40
C ILE F 480 -10.72 13.41 -88.40
N LEU F 481 -9.89 14.44 -88.35
CA LEU F 481 -8.85 14.62 -89.36
C LEU F 481 -7.45 14.60 -88.75
N GLY G 19 15.55 44.40 -7.32
CA GLY G 19 14.12 44.33 -7.11
C GLY G 19 13.71 44.49 -5.66
N ILE G 20 12.74 43.70 -5.21
CA ILE G 20 12.34 43.73 -3.82
C ILE G 20 13.53 43.34 -2.94
N ARG G 21 13.60 43.93 -1.75
CA ARG G 21 14.67 43.65 -0.79
C ARG G 21 14.56 42.27 -0.16
N LEU G 22 13.63 41.43 -0.63
CA LEU G 22 13.43 40.12 -0.04
C LEU G 22 14.67 39.25 -0.20
N THR G 23 14.84 38.32 0.72
CA THR G 23 15.82 37.26 0.99
C THR G 23 15.36 35.95 0.36
N PRO G 24 16.27 35.17 -0.22
CA PRO G 24 15.89 33.85 -0.74
C PRO G 24 15.16 32.99 0.27
N LYS G 25 15.45 33.14 1.56
CA LYS G 25 14.65 32.45 2.58
C LYS G 25 13.26 33.05 2.67
N GLU G 26 13.16 34.38 2.65
CA GLU G 26 11.87 35.04 2.78
C GLU G 26 10.93 34.72 1.63
N ILE G 27 11.47 34.57 0.42
CA ILE G 27 10.62 34.29 -0.74
C ILE G 27 10.08 32.87 -0.68
N VAL G 28 10.93 31.90 -0.35
CA VAL G 28 10.49 30.51 -0.27
C VAL G 28 9.42 30.35 0.79
N SER G 29 9.57 31.03 1.92
CA SER G 29 8.55 30.94 2.97
C SER G 29 7.25 31.60 2.53
N LYS G 30 7.33 32.74 1.85
CA LYS G 30 6.13 33.35 1.29
C LYS G 30 5.48 32.45 0.25
N LEU G 31 6.29 31.65 -0.45
CA LEU G 31 5.75 30.72 -1.43
C LEU G 31 5.09 29.51 -0.78
N ASN G 32 5.58 29.11 0.40
CA ASN G 32 5.05 27.91 1.05
C ASN G 32 3.60 28.04 1.45
N GLU G 33 3.06 29.26 1.50
CA GLU G 33 1.65 29.45 1.84
C GLU G 33 0.71 29.17 0.68
N TYR G 34 1.25 28.91 -0.52
CA TYR G 34 0.41 28.65 -1.68
C TYR G 34 0.80 27.39 -2.46
N ILE G 35 2.04 26.93 -2.36
CA ILE G 35 2.52 25.77 -3.12
C ILE G 35 2.89 24.67 -2.13
N VAL G 36 2.62 23.42 -2.51
CA VAL G 36 2.94 22.26 -1.70
C VAL G 36 4.14 21.55 -2.32
N GLY G 37 5.16 21.29 -1.51
CA GLY G 37 6.34 20.61 -2.00
C GLY G 37 7.12 21.47 -2.98
N GLN G 38 7.87 20.78 -3.84
CA GLN G 38 8.70 21.44 -4.86
C GLN G 38 9.65 22.46 -4.24
N ASN G 39 10.28 22.07 -3.13
CA ASN G 39 11.26 22.95 -2.49
C ASN G 39 12.38 23.30 -3.44
N ASP G 40 12.86 22.31 -4.21
CA ASP G 40 13.95 22.55 -5.15
C ASP G 40 13.58 23.65 -6.14
N ALA G 41 12.38 23.60 -6.70
CA ALA G 41 11.94 24.66 -7.61
C ALA G 41 11.83 25.98 -6.89
N LYS G 42 11.36 25.97 -5.64
CA LYS G 42 11.23 27.21 -4.87
C LYS G 42 12.59 27.85 -4.62
N ARG G 43 13.61 27.04 -4.35
CA ARG G 43 14.93 27.58 -4.06
C ARG G 43 15.52 28.28 -5.28
N LYS G 44 15.64 27.55 -6.40
CA LYS G 44 16.27 28.12 -7.59
C LYS G 44 15.45 29.28 -8.14
N VAL G 45 14.13 29.24 -7.98
CA VAL G 45 13.29 30.38 -8.36
C VAL G 45 13.58 31.58 -7.46
N ALA G 46 13.82 31.32 -6.17
CA ALA G 46 14.09 32.41 -5.24
C ALA G 46 15.39 33.11 -5.56
N ILE G 47 16.43 32.35 -5.95
CA ILE G 47 17.74 32.96 -6.20
C ILE G 47 17.83 33.58 -7.57
N ALA G 48 16.78 33.51 -8.38
CA ALA G 48 16.71 34.31 -9.59
C ALA G 48 16.13 35.69 -9.34
N LEU G 49 15.22 35.80 -8.37
CA LEU G 49 14.70 37.11 -7.97
C LEU G 49 15.72 37.86 -7.12
N ARG G 50 16.47 37.14 -6.28
CA ARG G 50 17.51 37.78 -5.48
C ARG G 50 18.62 38.35 -6.36
N ASN G 51 18.94 37.65 -7.45
CA ASN G 51 19.92 38.15 -8.39
C ASN G 51 19.48 39.48 -9.02
N ARG G 52 18.17 39.75 -9.04
CA ARG G 52 17.70 41.05 -9.50
C ARG G 52 18.10 42.15 -8.54
N TYR G 53 17.92 41.90 -7.23
CA TYR G 53 18.30 42.89 -6.22
C TYR G 53 19.81 43.11 -6.20
N ARG G 54 20.58 42.04 -6.45
CA ARG G 54 22.05 42.18 -6.46
C ARG G 54 22.51 42.99 -7.67
N ARG G 55 21.84 42.85 -8.81
CA ARG G 55 22.25 43.57 -10.01
C ARG G 55 22.00 45.07 -9.86
N SER G 56 20.91 45.44 -9.19
CA SER G 56 20.56 46.85 -9.03
C SER G 56 21.51 47.60 -8.11
N LEU G 57 22.42 46.91 -7.43
CA LEU G 57 23.32 47.53 -6.47
C LEU G 57 24.75 47.65 -7.02
N LEU G 58 24.92 47.59 -8.33
CA LEU G 58 26.22 47.70 -8.98
C LEU G 58 26.25 48.95 -9.86
N ASP G 59 27.42 49.23 -10.42
CA ASP G 59 27.57 50.37 -11.32
C ASP G 59 26.89 50.08 -12.65
N GLU G 60 26.62 51.16 -13.41
CA GLU G 60 25.85 51.03 -14.63
C GLU G 60 26.54 50.16 -15.66
N GLU G 61 27.88 50.11 -15.65
CA GLU G 61 28.59 49.21 -16.56
C GLU G 61 28.24 47.76 -16.28
N SER G 62 28.40 47.33 -15.03
CA SER G 62 28.05 45.97 -14.66
C SER G 62 26.55 45.76 -14.64
N LYS G 63 25.78 46.81 -14.40
CA LYS G 63 24.32 46.67 -14.30
C LYS G 63 23.70 46.36 -15.66
N GLN G 64 24.31 46.82 -16.74
CA GLN G 64 23.74 46.62 -18.07
C GLN G 64 24.17 45.30 -18.70
N GLU G 65 25.40 44.86 -18.47
CA GLU G 65 25.99 43.79 -19.25
C GLU G 65 25.64 42.39 -18.79
N ILE G 66 25.25 42.21 -17.52
CA ILE G 66 24.97 40.87 -17.02
C ILE G 66 23.49 40.57 -17.19
N SER G 67 23.19 39.34 -17.64
CA SER G 67 21.86 38.94 -18.05
C SER G 67 21.09 38.36 -16.87
N PRO G 68 19.76 38.38 -16.92
CA PRO G 68 18.96 37.78 -15.84
C PRO G 68 19.17 36.27 -15.77
N LYS G 69 18.88 35.71 -14.60
CA LYS G 69 19.00 34.27 -14.38
C LYS G 69 17.66 33.61 -14.72
N ASN G 70 17.38 33.55 -16.02
CA ASN G 70 16.15 32.93 -16.50
C ASN G 70 16.08 31.47 -16.06
N ILE G 71 14.85 30.97 -15.91
CA ILE G 71 14.59 29.65 -15.37
C ILE G 71 13.95 28.78 -16.44
N LEU G 72 14.34 27.50 -16.46
CA LEU G 72 13.75 26.52 -17.35
C LEU G 72 13.13 25.42 -16.49
N MET G 73 11.82 25.50 -16.28
CA MET G 73 11.12 24.52 -15.47
C MET G 73 10.80 23.29 -16.30
N ILE G 74 11.23 22.12 -15.82
CA ILE G 74 11.05 20.86 -16.50
C ILE G 74 10.18 19.97 -15.62
N GLY G 75 9.01 19.59 -16.11
CA GLY G 75 8.11 18.76 -15.34
C GLY G 75 6.82 18.43 -16.07
N PRO G 76 6.11 17.40 -15.59
CA PRO G 76 4.84 17.02 -16.24
C PRO G 76 3.73 18.02 -15.97
N THR G 77 2.50 17.65 -16.29
CA THR G 77 1.35 18.52 -16.07
C THR G 77 0.82 18.32 -14.66
N GLY G 78 0.22 19.38 -14.12
CA GLY G 78 -0.38 19.34 -12.79
C GLY G 78 0.61 19.40 -11.64
N VAL G 79 1.91 19.44 -11.92
CA VAL G 79 2.90 19.52 -10.84
C VAL G 79 2.99 20.91 -10.22
N GLY G 80 2.42 21.91 -10.88
CA GLY G 80 2.37 23.25 -10.31
C GLY G 80 3.48 24.18 -10.73
N LYS G 81 4.08 23.96 -11.90
CA LYS G 81 5.16 24.84 -12.33
C LYS G 81 4.64 26.18 -12.82
N THR G 82 3.41 26.22 -13.33
CA THR G 82 2.83 27.51 -13.69
C THR G 82 2.44 28.32 -12.47
N GLU G 83 2.05 27.65 -11.38
CA GLU G 83 1.65 28.37 -10.16
C GLU G 83 2.87 28.98 -9.46
N ILE G 84 4.03 28.34 -9.55
CA ILE G 84 5.21 28.85 -8.87
C ILE G 84 5.66 30.17 -9.52
N ALA G 85 5.71 30.21 -10.85
CA ALA G 85 6.16 31.42 -11.53
C ALA G 85 5.16 32.56 -11.35
N ARG G 86 3.89 32.25 -11.13
CA ARG G 86 2.88 33.29 -10.97
C ARG G 86 2.85 33.83 -9.54
N ARG G 87 2.93 32.94 -8.55
CA ARG G 87 2.87 33.38 -7.17
C ARG G 87 4.11 34.18 -6.78
N MET G 88 5.28 33.81 -7.31
CA MET G 88 6.48 34.56 -7.01
C MET G 88 6.40 35.98 -7.55
N ALA G 89 5.61 36.20 -8.60
CA ALA G 89 5.39 37.55 -9.10
C ALA G 89 4.49 38.33 -8.15
N LYS G 90 3.50 37.67 -7.55
CA LYS G 90 2.61 38.34 -6.61
C LYS G 90 3.34 38.72 -5.33
N VAL G 91 4.13 37.78 -4.78
CA VAL G 91 4.80 38.01 -3.50
C VAL G 91 5.89 39.06 -3.56
N VAL G 92 6.30 39.49 -4.76
CA VAL G 92 7.26 40.58 -4.91
C VAL G 92 6.66 41.79 -5.61
N GLY G 93 5.39 41.73 -6.01
CA GLY G 93 4.74 42.85 -6.67
C GLY G 93 5.27 43.08 -8.07
N ALA G 94 5.38 42.00 -8.84
CA ALA G 94 5.92 42.07 -10.19
C ALA G 94 4.86 41.74 -11.23
N PRO G 95 4.91 42.40 -12.39
CA PRO G 95 3.97 42.04 -13.46
C PRO G 95 4.28 40.66 -13.99
N PHE G 96 3.22 39.87 -14.21
CA PHE G 96 3.36 38.50 -14.68
C PHE G 96 2.52 38.31 -15.93
N ILE G 97 3.04 37.53 -16.88
CA ILE G 97 2.32 37.16 -18.08
C ILE G 97 2.63 35.70 -18.38
N LYS G 98 1.68 35.02 -19.01
CA LYS G 98 1.83 33.62 -19.39
C LYS G 98 1.41 33.47 -20.83
N VAL G 99 2.34 33.05 -21.69
CA VAL G 99 2.05 32.84 -23.10
C VAL G 99 2.34 31.38 -23.43
N GLU G 100 1.61 30.87 -24.43
CA GLU G 100 1.82 29.53 -24.94
C GLU G 100 2.68 29.62 -26.19
N ALA G 101 3.81 28.91 -26.20
CA ALA G 101 4.70 28.96 -27.36
C ALA G 101 4.00 28.47 -28.62
N THR G 102 3.03 27.56 -28.48
CA THR G 102 2.34 27.00 -29.64
C THR G 102 1.48 28.03 -30.36
N LYS G 103 1.04 29.10 -29.67
CA LYS G 103 0.24 30.12 -30.34
C LYS G 103 1.04 30.90 -31.37
N PHE G 104 2.37 30.85 -31.29
CA PHE G 104 3.22 31.59 -32.22
C PHE G 104 3.65 30.76 -33.43
N THR G 105 3.39 29.46 -33.43
CA THR G 105 3.55 28.66 -34.64
C THR G 105 2.45 29.05 -35.62
N GLU G 106 2.86 29.54 -36.80
CA GLU G 106 1.96 30.10 -37.81
C GLU G 106 0.92 31.04 -37.21
N ASP G 113 3.48 37.39 -34.29
CA ASP G 113 3.81 38.59 -33.53
C ASP G 113 4.32 38.22 -32.15
N VAL G 114 5.63 37.99 -32.06
CA VAL G 114 6.21 37.53 -30.80
C VAL G 114 6.23 38.66 -29.77
N GLU G 115 6.26 39.91 -30.22
CA GLU G 115 6.40 41.04 -29.30
C GLU G 115 5.13 41.33 -28.53
N SER G 116 4.00 40.71 -28.89
CA SER G 116 2.76 40.98 -28.18
C SER G 116 2.84 40.56 -26.71
N MET G 117 3.71 39.59 -26.39
CA MET G 117 3.88 39.20 -24.99
C MET G 117 4.53 40.32 -24.17
N VAL G 118 5.33 41.17 -24.81
CA VAL G 118 5.96 42.27 -24.09
C VAL G 118 5.00 43.43 -23.91
N ARG G 119 4.16 43.69 -24.92
CA ARG G 119 3.12 44.70 -24.78
C ARG G 119 2.12 44.32 -23.70
N ASP G 120 1.73 43.04 -23.67
CA ASP G 120 0.81 42.57 -22.64
C ASP G 120 1.43 42.71 -21.25
N LEU G 121 2.74 42.47 -21.14
CA LEU G 121 3.42 42.66 -19.86
C LEU G 121 3.38 44.12 -19.42
N VAL G 122 3.39 45.05 -20.37
CA VAL G 122 3.25 46.47 -20.03
C VAL G 122 1.83 46.77 -19.58
N ASP G 123 0.83 46.21 -20.29
CA ASP G 123 -0.56 46.48 -19.95
C ASP G 123 -0.87 46.05 -18.52
N VAL G 124 -0.45 44.84 -18.13
CA VAL G 124 -0.66 44.41 -16.75
C VAL G 124 0.20 45.24 -15.80
N SER G 125 1.34 45.74 -16.26
CA SER G 125 2.18 46.56 -15.40
C SER G 125 1.51 47.89 -15.07
N VAL G 126 0.86 48.52 -16.06
CA VAL G 126 0.17 49.77 -15.78
C VAL G 126 -1.10 49.52 -14.98
N ARG G 127 -1.70 48.32 -15.12
CA ARG G 127 -2.84 47.98 -14.30
C ARG G 127 -2.42 47.64 -12.87
N LEU G 128 -1.19 47.17 -12.69
CA LEU G 128 -0.71 46.85 -11.35
C LEU G 128 -0.26 48.11 -10.61
N VAL G 129 0.38 49.03 -11.31
CA VAL G 129 0.81 50.29 -10.67
C VAL G 129 -0.39 51.14 -10.31
N LYS G 130 -1.41 51.16 -11.17
CA LYS G 130 -2.65 51.86 -10.83
C LYS G 130 -3.24 51.32 -9.54
N ALA G 131 -3.28 50.00 -9.39
CA ALA G 131 -3.71 49.41 -8.13
C ALA G 131 -2.70 49.69 -7.01
N GLN G 132 -1.41 49.75 -7.34
CA GLN G 132 -0.41 50.06 -6.33
C GLN G 132 -0.50 51.52 -5.90
N LYS G 133 -0.65 52.44 -6.87
CA LYS G 133 -0.70 53.86 -6.54
C LYS G 133 -2.00 54.23 -5.84
N LYS G 134 -3.14 53.88 -6.45
CA LYS G 134 -4.45 54.27 -5.95
C LYS G 134 -4.92 53.41 -4.77
N SER G 135 -4.01 52.82 -4.01
CA SER G 135 -4.38 51.99 -2.86
C SER G 135 -4.29 52.82 -1.57
N LEU G 136 -5.11 53.87 -1.53
CA LEU G 136 -5.20 54.73 -0.36
C LEU G 136 -6.48 55.58 -0.40
N GLU G 275 -0.96 59.24 -15.21
CA GLU G 275 -0.23 60.32 -15.87
C GLU G 275 1.27 60.20 -15.57
N SER G 276 1.61 60.21 -14.28
CA SER G 276 2.96 59.92 -13.82
C SER G 276 3.11 58.47 -13.40
N ALA G 277 2.09 57.65 -13.64
CA ALA G 277 2.08 56.25 -13.21
C ALA G 277 2.57 55.32 -14.32
N ASN G 278 2.05 55.48 -15.54
CA ASN G 278 2.43 54.59 -16.62
C ASN G 278 3.93 54.71 -16.94
N GLN G 279 4.50 55.90 -16.76
CA GLN G 279 5.94 56.04 -16.95
C GLN G 279 6.72 55.24 -15.92
N GLU G 280 6.17 55.08 -14.70
CA GLU G 280 6.78 54.20 -13.72
C GLU G 280 6.50 52.74 -14.03
N ALA G 281 5.29 52.44 -14.52
CA ALA G 281 4.94 51.07 -14.86
C ALA G 281 5.81 50.54 -15.99
N LEU G 282 6.26 51.41 -16.89
CA LEU G 282 7.17 51.00 -17.94
C LEU G 282 8.48 50.48 -17.35
N GLU G 283 9.12 51.29 -16.50
CA GLU G 283 10.37 50.88 -15.88
C GLU G 283 10.17 49.71 -14.92
N LEU G 284 8.96 49.56 -14.38
CA LEU G 284 8.67 48.41 -13.54
C LEU G 284 8.69 47.12 -14.35
N ALA G 285 8.10 47.15 -15.54
CA ALA G 285 8.16 45.98 -16.41
C ALA G 285 9.59 45.67 -16.83
N GLU G 286 10.40 46.71 -17.02
CA GLU G 286 11.79 46.50 -17.40
C GLU G 286 12.62 45.94 -16.25
N GLN G 287 12.31 46.37 -15.02
CA GLN G 287 13.10 45.99 -13.86
C GLN G 287 12.46 44.87 -13.05
N MET G 288 11.19 44.55 -13.28
CA MET G 288 10.51 43.53 -12.48
C MET G 288 9.65 42.57 -13.31
N GLY G 289 9.56 42.76 -14.62
CA GLY G 289 8.65 41.94 -15.41
C GLY G 289 9.07 40.47 -15.43
N ILE G 290 8.09 39.59 -15.27
CA ILE G 290 8.28 38.15 -15.32
C ILE G 290 7.42 37.60 -16.45
N ILE G 291 8.05 36.90 -17.39
CA ILE G 291 7.36 36.36 -18.55
C ILE G 291 7.50 34.84 -18.54
N PHE G 292 6.37 34.14 -18.60
CA PHE G 292 6.31 32.68 -18.48
C PHE G 292 5.91 32.09 -19.84
N ILE G 293 6.87 31.52 -20.54
CA ILE G 293 6.64 30.91 -21.85
C ILE G 293 6.31 29.44 -21.62
N ASP G 294 5.03 29.12 -21.62
CA ASP G 294 4.58 27.77 -21.34
C ASP G 294 4.78 26.86 -22.54
N GLU G 295 5.16 25.61 -22.28
CA GLU G 295 5.30 24.60 -23.32
C GLU G 295 6.33 25.01 -24.37
N ILE G 296 7.48 25.50 -23.90
CA ILE G 296 8.56 25.89 -24.79
C ILE G 296 9.19 24.69 -25.47
N ASP G 297 8.93 23.47 -24.97
CA ASP G 297 9.47 22.28 -25.61
C ASP G 297 8.82 21.99 -26.96
N LYS G 298 7.62 22.52 -27.19
CA LYS G 298 6.91 22.26 -28.45
C LYS G 298 7.55 22.99 -29.64
N VAL G 299 8.32 24.03 -29.38
CA VAL G 299 9.01 24.75 -30.44
C VAL G 299 10.50 24.41 -30.45
N ALA G 300 10.89 23.33 -29.78
CA ALA G 300 12.29 22.92 -29.71
C ALA G 300 12.77 22.35 -31.05
N VAL G 310 13.10 25.32 -39.96
CA VAL G 310 11.81 24.75 -39.58
C VAL G 310 10.94 25.80 -38.90
N SER G 311 9.65 25.78 -39.20
CA SER G 311 8.71 26.67 -38.53
C SER G 311 8.70 26.43 -37.03
N ARG G 312 8.91 25.17 -36.61
CA ARG G 312 9.07 24.88 -35.19
C ARG G 312 10.34 25.55 -34.65
N GLN G 313 11.41 25.55 -35.43
CA GLN G 313 12.64 26.25 -35.06
C GLN G 313 12.56 27.75 -35.29
N GLY G 314 11.44 28.26 -35.81
CA GLY G 314 11.29 29.68 -36.09
C GLY G 314 10.74 30.47 -34.92
N VAL G 315 9.93 29.82 -34.08
CA VAL G 315 9.41 30.48 -32.89
C VAL G 315 10.56 30.86 -31.95
N GLN G 316 11.57 30.00 -31.86
CA GLN G 316 12.72 30.29 -31.02
C GLN G 316 13.49 31.50 -31.53
N ARG G 317 13.73 31.54 -32.85
CA ARG G 317 14.47 32.67 -33.42
C ARG G 317 13.73 33.99 -33.27
N ASP G 318 12.41 33.95 -33.10
CA ASP G 318 11.64 35.16 -32.87
C ASP G 318 11.53 35.51 -31.40
N ILE G 319 11.48 34.51 -30.52
CA ILE G 319 11.54 34.77 -29.09
C ILE G 319 12.93 35.27 -28.70
N LEU G 320 13.97 34.79 -29.39
CA LEU G 320 15.38 35.05 -29.12
C LEU G 320 15.68 36.53 -28.87
N PRO G 321 15.33 37.46 -29.78
CA PRO G 321 15.74 38.86 -29.56
C PRO G 321 15.15 39.46 -28.29
N ILE G 322 13.97 39.00 -27.87
CA ILE G 322 13.41 39.50 -26.62
C ILE G 322 14.25 39.06 -25.43
N LEU G 323 14.84 37.86 -25.49
CA LEU G 323 15.71 37.41 -24.42
C LEU G 323 17.08 38.09 -24.48
N GLU G 324 17.56 38.41 -25.68
CA GLU G 324 18.81 39.14 -25.81
C GLU G 324 18.66 40.60 -25.43
N GLY G 325 17.43 41.12 -25.42
CA GLY G 325 17.20 42.53 -25.16
C GLY G 325 16.90 43.27 -26.44
N SER G 326 15.76 43.95 -26.48
CA SER G 326 15.36 44.73 -27.65
C SER G 326 14.34 45.77 -27.22
N VAL G 327 14.05 46.70 -28.12
CA VAL G 327 13.09 47.77 -27.89
C VAL G 327 11.78 47.40 -28.55
N ILE G 328 10.72 47.29 -27.75
CA ILE G 328 9.39 46.95 -28.23
C ILE G 328 8.51 48.19 -28.09
N GLN G 329 7.81 48.53 -29.17
CA GLN G 329 6.90 49.68 -29.14
C GLN G 329 5.58 49.27 -28.54
N THR G 330 5.14 50.02 -27.53
CA THR G 330 3.82 49.85 -26.91
C THR G 330 3.06 51.16 -27.00
N LYS G 331 1.76 51.08 -26.71
CA LYS G 331 0.93 52.29 -26.73
C LYS G 331 1.24 53.23 -25.58
N TYR G 332 1.98 52.78 -24.56
CA TYR G 332 2.42 53.63 -23.47
C TYR G 332 3.88 54.05 -23.63
N GLY G 333 4.48 53.77 -24.78
CA GLY G 333 5.89 54.10 -25.00
C GLY G 333 6.71 52.87 -25.35
N THR G 334 8.02 52.96 -25.18
CA THR G 334 8.93 51.86 -25.46
C THR G 334 9.51 51.31 -24.17
N VAL G 335 9.94 50.04 -24.23
CA VAL G 335 10.54 49.36 -23.09
C VAL G 335 11.75 48.56 -23.54
N ASN G 336 12.63 48.26 -22.58
CA ASN G 336 13.80 47.42 -22.80
C ASN G 336 13.55 46.07 -22.13
N THR G 337 13.61 45.00 -22.94
CA THR G 337 13.42 43.64 -22.45
C THR G 337 14.71 43.02 -21.93
N GLU G 338 15.74 43.83 -21.67
CA GLU G 338 17.06 43.30 -21.32
C GLU G 338 17.03 42.58 -19.98
N HIS G 339 16.41 43.19 -18.96
CA HIS G 339 16.48 42.68 -17.61
C HIS G 339 15.16 42.10 -17.12
N MET G 340 14.28 41.74 -18.05
CA MET G 340 13.08 40.99 -17.70
C MET G 340 13.44 39.53 -17.46
N LEU G 341 12.68 38.89 -16.58
CA LEU G 341 12.94 37.51 -16.18
C LEU G 341 12.01 36.57 -16.94
N PHE G 342 12.58 35.55 -17.56
CA PHE G 342 11.83 34.58 -18.34
C PHE G 342 11.86 33.22 -17.66
N ILE G 343 10.72 32.53 -17.67
CA ILE G 343 10.61 31.15 -17.21
C ILE G 343 10.07 30.33 -18.36
N GLY G 344 10.81 29.30 -18.76
CA GLY G 344 10.39 28.38 -19.80
C GLY G 344 9.97 27.06 -19.19
N ALA G 345 8.79 26.61 -19.56
CA ALA G 345 8.22 25.38 -19.02
C ALA G 345 7.96 24.38 -20.13
N GLY G 346 7.60 23.18 -19.72
CA GLY G 346 7.36 22.08 -20.64
C GLY G 346 7.74 20.77 -20.00
N ALA G 347 7.25 19.68 -20.58
CA ALA G 347 7.51 18.35 -20.05
C ALA G 347 8.72 17.69 -20.69
N PHE G 348 9.04 18.05 -21.93
CA PHE G 348 10.19 17.50 -22.65
C PHE G 348 10.10 15.98 -22.78
N HIS G 349 8.92 15.48 -23.10
CA HIS G 349 8.77 14.07 -23.42
C HIS G 349 9.20 13.77 -24.84
N VAL G 350 8.99 14.72 -25.77
CA VAL G 350 9.36 14.49 -27.16
C VAL G 350 10.75 15.02 -27.49
N SER G 351 11.29 15.95 -26.70
CA SER G 351 12.58 16.57 -26.99
C SER G 351 13.32 16.75 -25.68
N LYS G 352 14.47 17.43 -25.75
CA LYS G 352 15.32 17.70 -24.62
C LYS G 352 15.71 19.17 -24.62
N PRO G 353 16.01 19.75 -23.45
CA PRO G 353 16.50 21.13 -23.42
C PRO G 353 17.70 21.38 -24.31
N SER G 354 18.53 20.35 -24.53
CA SER G 354 19.66 20.46 -25.44
C SER G 354 19.24 20.59 -26.90
N ASP G 355 17.95 20.35 -27.21
CA ASP G 355 17.44 20.52 -28.56
C ASP G 355 16.95 21.93 -28.82
N LEU G 356 16.89 22.78 -27.80
CA LEU G 356 16.65 24.20 -28.02
C LEU G 356 17.83 24.81 -28.78
N ILE G 357 17.56 25.93 -29.45
CA ILE G 357 18.68 26.59 -30.15
C ILE G 357 19.73 27.00 -29.14
N PRO G 358 21.02 26.90 -29.46
CA PRO G 358 22.04 27.08 -28.41
C PRO G 358 22.01 28.44 -27.74
N GLU G 359 21.57 29.49 -28.45
CA GLU G 359 21.44 30.79 -27.82
C GLU G 359 20.45 30.75 -26.66
N LEU G 360 19.38 29.96 -26.80
CA LEU G 360 18.41 29.84 -25.72
C LEU G 360 18.97 29.04 -24.55
N GLN G 361 19.79 28.03 -24.84
CA GLN G 361 20.33 27.19 -23.77
C GLN G 361 21.22 28.01 -22.83
N GLY G 362 22.10 28.84 -23.39
CA GLY G 362 22.95 29.69 -22.57
C GLY G 362 22.20 30.75 -21.80
N ARG G 363 20.99 31.12 -22.26
CA ARG G 363 20.19 32.15 -21.59
C ARG G 363 19.13 31.54 -20.67
N PHE G 364 19.30 30.28 -20.29
CA PHE G 364 18.51 29.65 -19.22
C PHE G 364 19.48 29.01 -18.22
N PRO G 365 20.20 29.83 -17.46
CA PRO G 365 21.23 29.24 -16.58
C PRO G 365 20.66 28.39 -15.47
N ILE G 366 19.51 28.78 -14.92
CA ILE G 366 18.86 28.05 -13.85
C ILE G 366 17.92 27.03 -14.48
N ARG G 367 18.10 25.75 -14.13
CA ARG G 367 17.28 24.68 -14.67
C ARG G 367 16.86 23.78 -13.53
N VAL G 368 15.57 23.45 -13.47
CA VAL G 368 14.99 22.70 -12.37
C VAL G 368 14.05 21.64 -12.93
N GLU G 369 14.16 20.43 -12.40
CA GLU G 369 13.23 19.35 -12.72
C GLU G 369 12.26 19.20 -11.55
N LEU G 370 11.00 19.55 -11.76
CA LEU G 370 10.01 19.45 -10.70
C LEU G 370 9.67 17.98 -10.42
N ASP G 371 9.05 17.76 -9.27
CA ASP G 371 8.72 16.43 -8.81
C ASP G 371 7.34 16.02 -9.31
N SER G 372 7.16 14.71 -9.51
CA SER G 372 5.83 14.18 -9.74
C SER G 372 5.04 14.15 -8.43
N LEU G 373 3.74 13.94 -8.55
CA LEU G 373 2.85 13.94 -7.40
C LEU G 373 2.55 12.53 -6.93
N SER G 374 2.26 12.39 -5.64
CA SER G 374 1.82 11.15 -5.03
C SER G 374 0.42 11.35 -4.46
N VAL G 375 -0.20 10.23 -4.09
CA VAL G 375 -1.52 10.31 -3.47
C VAL G 375 -1.45 11.11 -2.17
N GLU G 376 -0.33 11.00 -1.45
CA GLU G 376 -0.14 11.82 -0.26
C GLU G 376 -0.02 13.29 -0.62
N ASP G 377 0.58 13.61 -1.77
CA ASP G 377 0.68 15.01 -2.20
C ASP G 377 -0.70 15.59 -2.52
N PHE G 378 -1.61 14.77 -3.05
CA PHE G 378 -2.92 15.29 -3.43
C PHE G 378 -3.72 15.76 -2.22
N VAL G 379 -3.59 15.07 -1.08
CA VAL G 379 -4.29 15.54 0.11
C VAL G 379 -3.71 16.83 0.64
N ARG G 380 -2.46 17.15 0.28
CA ARG G 380 -1.84 18.39 0.72
C ARG G 380 -2.16 19.56 -0.21
N ILE G 381 -2.32 19.31 -1.51
CA ILE G 381 -2.90 20.33 -2.37
C ILE G 381 -4.34 20.59 -1.98
N LEU G 382 -5.02 19.57 -1.45
CA LEU G 382 -6.45 19.63 -1.22
C LEU G 382 -6.80 20.37 0.07
N THR G 383 -5.92 20.36 1.07
CA THR G 383 -6.25 20.89 2.38
C THR G 383 -5.32 21.99 2.88
N GLU G 384 -4.06 22.00 2.47
CA GLU G 384 -3.05 22.83 3.14
C GLU G 384 -2.94 24.27 2.63
N PRO G 385 -2.77 24.52 1.33
CA PRO G 385 -2.41 25.88 0.90
C PRO G 385 -3.51 26.88 1.18
N LYS G 386 -3.13 28.15 1.20
CA LYS G 386 -4.13 29.22 1.28
C LYS G 386 -5.00 29.19 0.02
N LEU G 387 -6.29 29.41 0.23
CA LEU G 387 -7.29 29.27 -0.84
C LEU G 387 -7.20 27.89 -1.49
N SER G 388 -7.04 26.87 -0.65
CA SER G 388 -7.02 25.49 -1.12
C SER G 388 -8.35 25.13 -1.79
N LEU G 389 -8.36 23.96 -2.43
CA LEU G 389 -9.54 23.60 -3.23
C LEU G 389 -10.75 23.34 -2.34
N ILE G 390 -10.57 22.60 -1.23
CA ILE G 390 -11.71 22.38 -0.34
C ILE G 390 -12.01 23.60 0.51
N LYS G 391 -11.05 24.50 0.70
CA LYS G 391 -11.35 25.75 1.39
C LYS G 391 -12.26 26.65 0.56
N GLN G 392 -12.27 26.47 -0.76
CA GLN G 392 -13.17 27.23 -1.62
C GLN G 392 -14.60 26.73 -1.51
N TYR G 393 -14.80 25.41 -1.69
CA TYR G 393 -16.13 24.85 -1.50
C TYR G 393 -16.63 25.04 -0.08
N GLU G 394 -15.72 25.09 0.90
CA GLU G 394 -16.10 25.49 2.25
C GLU G 394 -16.66 26.91 2.24
N ALA G 395 -15.94 27.84 1.61
CA ALA G 395 -16.36 29.24 1.57
C ALA G 395 -17.50 29.47 0.58
N LEU G 396 -17.57 28.68 -0.48
CA LEU G 396 -18.64 28.85 -1.47
C LEU G 396 -19.98 28.42 -0.90
N LEU G 397 -20.01 27.29 -0.20
CA LEU G 397 -21.27 26.79 0.35
C LEU G 397 -21.65 27.46 1.66
N GLN G 398 -20.71 28.10 2.34
CA GLN G 398 -21.08 28.94 3.48
C GLN G 398 -21.87 30.15 3.03
N THR G 399 -21.67 30.60 1.79
CA THR G 399 -22.52 31.63 1.21
C THR G 399 -23.98 31.18 1.20
N GLU G 400 -24.22 29.90 0.93
CA GLU G 400 -25.56 29.32 1.02
C GLU G 400 -25.96 28.99 2.45
N GLU G 401 -25.24 29.48 3.45
CA GLU G 401 -25.48 29.20 4.86
C GLU G 401 -25.35 27.72 5.18
N VAL G 402 -24.59 26.97 4.38
CA VAL G 402 -24.41 25.53 4.57
C VAL G 402 -22.98 25.28 5.04
N THR G 403 -22.84 24.36 5.99
CA THR G 403 -21.54 23.98 6.54
C THR G 403 -21.19 22.59 6.02
N VAL G 404 -20.07 22.49 5.31
CA VAL G 404 -19.61 21.24 4.74
C VAL G 404 -18.32 20.83 5.45
N ASN G 405 -18.33 19.64 6.04
CA ASN G 405 -17.21 19.11 6.79
C ASN G 405 -16.57 17.97 5.98
N PHE G 406 -15.46 18.27 5.33
CA PHE G 406 -14.68 17.26 4.62
C PHE G 406 -13.87 16.48 5.64
N THR G 407 -14.25 15.22 5.88
CA THR G 407 -13.48 14.39 6.78
C THR G 407 -12.16 13.98 6.14
N ASP G 408 -11.12 13.87 6.96
CA ASP G 408 -9.81 13.46 6.46
C ASP G 408 -9.90 12.10 5.77
N GLU G 409 -10.78 11.22 6.24
CA GLU G 409 -10.99 9.95 5.57
C GLU G 409 -11.59 10.15 4.18
N ALA G 410 -12.41 11.19 3.99
CA ALA G 410 -12.97 11.48 2.68
C ALA G 410 -12.01 12.24 1.79
N ILE G 411 -11.20 13.13 2.38
CA ILE G 411 -10.17 13.82 1.61
C ILE G 411 -9.19 12.81 1.01
N THR G 412 -8.75 11.84 1.82
CA THR G 412 -7.87 10.80 1.32
C THR G 412 -8.55 9.95 0.26
N ARG G 413 -9.86 9.76 0.37
CA ARG G 413 -10.58 8.99 -0.64
C ARG G 413 -10.65 9.74 -1.96
N LEU G 414 -10.84 11.06 -1.90
CA LEU G 414 -10.83 11.87 -3.12
C LEU G 414 -9.47 11.86 -3.79
N ALA G 415 -8.40 11.89 -2.99
CA ALA G 415 -7.05 11.90 -3.55
C ALA G 415 -6.73 10.58 -4.21
N GLU G 416 -7.15 9.47 -3.61
CA GLU G 416 -6.91 8.15 -4.22
C GLU G 416 -7.65 8.02 -5.55
N ILE G 417 -8.90 8.47 -5.60
CA ILE G 417 -9.68 8.35 -6.84
C ILE G 417 -9.10 9.24 -7.92
N ALA G 418 -8.66 10.46 -7.57
CA ALA G 418 -8.03 11.33 -8.55
C ALA G 418 -6.73 10.72 -9.05
N TYR G 419 -5.89 10.23 -8.13
CA TYR G 419 -4.62 9.63 -8.52
C TYR G 419 -4.83 8.38 -9.36
N GLN G 420 -5.88 7.61 -9.06
CA GLN G 420 -6.08 6.35 -9.78
C GLN G 420 -6.59 6.61 -11.20
N VAL G 421 -7.43 7.63 -11.39
CA VAL G 421 -7.89 7.94 -12.74
C VAL G 421 -6.74 8.48 -13.58
N ASN G 422 -5.76 9.13 -12.94
CA ASN G 422 -4.58 9.60 -13.67
C ASN G 422 -3.78 8.45 -14.25
N GLN G 423 -3.82 7.27 -13.60
CA GLN G 423 -3.06 6.11 -14.04
C GLN G 423 -3.81 5.26 -15.05
N ASP G 424 -5.09 5.56 -15.32
CA ASP G 424 -5.89 4.71 -16.19
C ASP G 424 -6.11 5.29 -17.58
N THR G 425 -5.90 6.60 -17.77
CA THR G 425 -6.06 7.22 -19.07
C THR G 425 -5.04 8.33 -19.30
N ASP G 426 -5.37 9.54 -18.85
CA ASP G 426 -4.57 10.73 -19.08
C ASP G 426 -4.09 11.27 -17.74
N ASN G 427 -2.78 11.30 -17.55
CA ASN G 427 -2.21 11.77 -16.29
C ASN G 427 -2.10 13.29 -16.35
N ILE G 428 -3.14 13.97 -15.86
CA ILE G 428 -3.17 15.43 -15.84
C ILE G 428 -2.70 15.98 -14.49
N GLY G 429 -2.15 15.15 -13.64
CA GLY G 429 -1.59 15.65 -12.39
C GLY G 429 -2.67 16.17 -11.46
N ALA G 430 -2.43 17.34 -10.85
CA ALA G 430 -3.36 17.91 -9.87
C ALA G 430 -4.61 18.51 -10.50
N ARG G 431 -4.62 18.73 -11.82
CA ARG G 431 -5.82 19.25 -12.48
C ARG G 431 -7.00 18.29 -12.35
N ARG G 432 -6.74 17.04 -11.98
CA ARG G 432 -7.83 16.07 -11.82
C ARG G 432 -8.75 16.44 -10.67
N LEU G 433 -8.22 17.13 -9.65
CA LEU G 433 -9.00 17.41 -8.45
C LEU G 433 -10.22 18.28 -8.73
N HIS G 434 -10.17 19.11 -9.78
CA HIS G 434 -11.29 20.00 -10.06
C HIS G 434 -12.53 19.21 -10.49
N THR G 435 -12.35 18.17 -11.31
CA THR G 435 -13.48 17.38 -11.77
C THR G 435 -13.95 16.37 -10.74
N ILE G 436 -13.02 15.83 -9.94
CA ILE G 436 -13.38 14.83 -8.93
C ILE G 436 -14.30 15.43 -7.88
N LEU G 437 -13.94 16.62 -7.38
CA LEU G 437 -14.71 17.21 -6.30
C LEU G 437 -16.05 17.76 -6.79
N GLU G 438 -16.06 18.37 -7.98
CA GLU G 438 -17.32 18.89 -8.51
C GLU G 438 -18.34 17.78 -8.75
N LYS G 439 -17.89 16.56 -9.02
CA LYS G 439 -18.81 15.47 -9.33
C LYS G 439 -19.46 14.89 -8.08
N MET G 440 -18.75 14.84 -6.95
CA MET G 440 -19.37 14.28 -5.76
C MET G 440 -20.01 15.35 -4.89
N LEU G 441 -19.62 16.61 -5.05
CA LEU G 441 -20.32 17.75 -4.45
C LEU G 441 -21.53 18.17 -5.28
N GLU G 442 -21.99 17.28 -6.17
CA GLU G 442 -23.00 17.63 -7.15
C GLU G 442 -24.38 17.77 -6.51
N ASP G 443 -24.85 16.71 -5.85
CA ASP G 443 -26.17 16.75 -5.23
C ASP G 443 -26.23 17.79 -4.12
N LEU G 444 -25.10 18.07 -3.48
CA LEU G 444 -25.07 19.07 -2.41
C LEU G 444 -25.27 20.47 -2.98
N SER G 445 -24.53 20.82 -4.03
CA SER G 445 -24.61 22.17 -4.59
C SER G 445 -25.99 22.46 -5.16
N PHE G 446 -26.65 21.47 -5.74
CA PHE G 446 -27.97 21.68 -6.33
C PHE G 446 -29.02 21.92 -5.25
N GLU G 447 -28.96 21.16 -4.16
CA GLU G 447 -29.92 21.29 -3.06
C GLU G 447 -29.45 22.23 -1.97
N ALA G 448 -28.35 22.96 -2.20
CA ALA G 448 -27.79 23.79 -1.13
C ALA G 448 -28.70 24.95 -0.74
N PRO G 449 -29.21 25.79 -1.66
CA PRO G 449 -30.02 26.94 -1.21
C PRO G 449 -31.32 26.55 -0.53
N SER G 450 -31.80 25.32 -0.69
CA SER G 450 -32.95 24.81 0.05
C SER G 450 -32.53 24.02 1.29
N MET G 451 -31.44 24.45 1.92
CA MET G 451 -30.84 23.71 3.03
C MET G 451 -30.07 24.64 3.93
N PRO G 452 -30.70 25.68 4.50
CA PRO G 452 -29.94 26.67 5.26
C PRO G 452 -29.62 26.19 6.67
N ASN G 453 -28.52 26.75 7.20
CA ASN G 453 -28.05 26.48 8.56
C ASN G 453 -27.77 24.99 8.80
N ALA G 454 -27.54 24.23 7.74
CA ALA G 454 -27.25 22.81 7.85
C ALA G 454 -25.75 22.59 8.03
N VAL G 455 -25.42 21.43 8.58
CA VAL G 455 -24.03 21.00 8.74
C VAL G 455 -23.92 19.63 8.08
N VAL G 456 -23.23 19.57 6.94
CA VAL G 456 -23.14 18.37 6.13
C VAL G 456 -21.75 17.75 6.31
N ASP G 457 -21.71 16.44 6.50
CA ASP G 457 -20.47 15.69 6.68
C ASP G 457 -20.17 14.91 5.41
N ILE G 458 -18.94 15.04 4.92
CA ILE G 458 -18.46 14.28 3.78
C ILE G 458 -17.72 13.06 4.30
N THR G 459 -18.24 11.87 4.00
CA THR G 459 -17.67 10.62 4.45
C THR G 459 -17.12 9.83 3.28
N PRO G 460 -16.19 8.90 3.52
CA PRO G 460 -15.69 8.06 2.41
C PRO G 460 -16.80 7.25 1.76
N GLN G 461 -17.75 6.77 2.56
CA GLN G 461 -18.86 6.00 2.00
C GLN G 461 -19.71 6.85 1.07
N TYR G 462 -19.81 8.16 1.36
CA TYR G 462 -20.51 9.05 0.44
C TYR G 462 -19.67 9.37 -0.79
N VAL G 463 -18.34 9.28 -0.68
CA VAL G 463 -17.50 9.48 -1.85
C VAL G 463 -17.49 8.23 -2.73
N ASP G 464 -17.53 7.05 -2.12
CA ASP G 464 -17.49 5.81 -2.89
C ASP G 464 -18.76 5.61 -3.71
N ASP G 465 -19.91 5.64 -3.05
CA ASP G 465 -21.16 5.45 -3.78
C ASP G 465 -21.46 6.60 -4.74
N LYS G 466 -20.65 7.66 -4.72
CA LYS G 466 -20.76 8.76 -5.67
C LYS G 466 -19.71 8.73 -6.76
N LEU G 467 -18.52 8.18 -6.49
CA LEU G 467 -17.41 8.18 -7.44
C LEU G 467 -16.86 6.80 -7.76
N LYS G 468 -16.89 5.85 -6.81
CA LYS G 468 -16.18 4.59 -7.00
C LYS G 468 -16.72 3.81 -8.20
N SER G 469 -18.01 3.89 -8.47
CA SER G 469 -18.57 3.19 -9.63
C SER G 469 -18.04 3.78 -10.93
N ILE G 470 -18.01 5.11 -11.04
CA ILE G 470 -17.47 5.75 -12.23
C ILE G 470 -15.95 5.62 -12.27
N SER G 471 -15.30 5.64 -11.11
CA SER G 471 -13.84 5.64 -11.06
C SER G 471 -13.26 4.36 -11.67
N THR G 472 -13.90 3.22 -11.42
CA THR G 472 -13.42 1.94 -11.94
C THR G 472 -13.83 1.71 -13.38
N ASN G 473 -14.75 2.50 -13.93
CA ASN G 473 -15.12 2.40 -15.35
C ASN G 473 -14.25 3.37 -16.12
N LYS G 474 -13.15 2.84 -16.69
CA LYS G 474 -12.19 3.70 -17.36
C LYS G 474 -12.77 4.31 -18.64
N ASP G 475 -13.64 3.57 -19.33
CA ASP G 475 -14.28 4.12 -20.52
C ASP G 475 -15.21 5.27 -20.17
N LEU G 476 -15.85 5.20 -18.99
CA LEU G 476 -16.67 6.31 -18.53
C LEU G 476 -15.82 7.48 -18.06
N SER G 477 -14.72 7.18 -17.35
CA SER G 477 -13.91 8.24 -16.75
C SER G 477 -13.26 9.11 -17.82
N ALA G 478 -13.06 8.57 -19.01
CA ALA G 478 -12.51 9.37 -20.10
C ALA G 478 -13.46 10.48 -20.53
N PHE G 479 -14.75 10.35 -20.23
CA PHE G 479 -15.74 11.36 -20.58
C PHE G 479 -16.15 12.20 -19.36
N ILE G 480 -16.75 11.56 -18.36
CA ILE G 480 -17.21 12.28 -17.17
C ILE G 480 -16.23 12.09 -16.02
N GLY H 19 -31.43 38.43 -11.48
CA GLY H 19 -31.17 37.46 -12.53
C GLY H 19 -30.12 36.44 -12.15
N ILE H 20 -29.20 36.84 -11.27
CA ILE H 20 -28.14 35.95 -10.80
C ILE H 20 -28.52 35.25 -9.50
N ARG H 21 -29.45 35.82 -8.71
CA ARG H 21 -29.86 35.21 -7.45
C ARG H 21 -30.68 33.94 -7.65
N LEU H 22 -31.03 33.59 -8.87
CA LEU H 22 -31.91 32.46 -9.13
C LEU H 22 -31.27 31.16 -8.61
N THR H 23 -31.99 30.47 -7.75
CA THR H 23 -31.50 29.21 -7.20
C THR H 23 -31.60 28.11 -8.26
N PRO H 24 -30.78 27.05 -8.12
CA PRO H 24 -30.85 25.96 -9.11
C PRO H 24 -32.23 25.34 -9.25
N LYS H 25 -32.98 25.23 -8.15
CA LYS H 25 -34.31 24.63 -8.23
C LYS H 25 -35.23 25.46 -9.12
N GLU H 26 -35.09 26.79 -9.06
CA GLU H 26 -35.93 27.66 -9.89
C GLU H 26 -35.51 27.60 -11.35
N ILE H 27 -34.22 27.49 -11.61
CA ILE H 27 -33.73 27.50 -12.99
C ILE H 27 -34.13 26.23 -13.71
N VAL H 28 -34.13 25.09 -13.01
CA VAL H 28 -34.57 23.84 -13.62
C VAL H 28 -36.05 23.91 -13.95
N SER H 29 -36.85 24.56 -13.09
CA SER H 29 -38.28 24.66 -13.34
C SER H 29 -38.58 25.52 -14.57
N LYS H 30 -37.94 26.69 -14.65
CA LYS H 30 -38.13 27.54 -15.81
C LYS H 30 -37.61 26.89 -17.09
N LEU H 31 -36.54 26.08 -16.97
CA LEU H 31 -36.06 25.34 -18.13
C LEU H 31 -37.05 24.27 -18.57
N ASN H 32 -37.81 23.70 -17.62
CA ASN H 32 -38.79 22.68 -17.97
C ASN H 32 -39.95 23.24 -18.77
N GLU H 33 -40.15 24.56 -18.76
CA GLU H 33 -41.20 25.18 -19.56
C GLU H 33 -40.91 25.10 -21.05
N TYR H 34 -39.65 24.96 -21.44
CA TYR H 34 -39.26 25.01 -22.85
C TYR H 34 -38.57 23.75 -23.36
N ILE H 35 -37.98 22.94 -22.48
CA ILE H 35 -37.21 21.77 -22.88
C ILE H 35 -37.82 20.52 -22.24
N VAL H 36 -37.92 19.46 -23.03
CA VAL H 36 -38.48 18.18 -22.57
C VAL H 36 -37.33 17.23 -22.27
N GLY H 37 -37.35 16.65 -21.06
CA GLY H 37 -36.34 15.69 -20.70
C GLY H 37 -35.00 16.37 -20.39
N GLN H 38 -33.94 15.56 -20.48
CA GLN H 38 -32.57 16.01 -20.20
C GLN H 38 -32.51 16.68 -18.83
N ASN H 39 -33.07 16.01 -17.83
CA ASN H 39 -33.07 16.55 -16.48
C ASN H 39 -31.64 16.67 -15.93
N ASP H 40 -30.81 15.66 -16.19
CA ASP H 40 -29.44 15.69 -15.69
C ASP H 40 -28.70 16.92 -16.19
N ALA H 41 -28.92 17.31 -17.45
CA ALA H 41 -28.26 18.49 -17.98
C ALA H 41 -28.79 19.77 -17.34
N LYS H 42 -30.10 19.84 -17.12
CA LYS H 42 -30.67 21.02 -16.49
C LYS H 42 -30.11 21.24 -15.09
N ARG H 43 -29.92 20.16 -14.34
CA ARG H 43 -29.32 20.28 -13.02
C ARG H 43 -27.90 20.84 -13.10
N LYS H 44 -27.05 20.21 -13.91
CA LYS H 44 -25.65 20.61 -13.99
C LYS H 44 -25.49 22.00 -14.59
N VAL H 45 -26.32 22.34 -15.58
CA VAL H 45 -26.26 23.68 -16.16
C VAL H 45 -26.74 24.72 -15.17
N ALA H 46 -27.48 24.32 -14.13
CA ALA H 46 -27.97 25.27 -13.15
C ALA H 46 -26.94 25.53 -12.04
N ILE H 47 -26.29 24.48 -11.54
CA ILE H 47 -25.31 24.66 -10.48
C ILE H 47 -24.08 25.42 -10.98
N ALA H 48 -23.86 25.44 -12.30
CA ALA H 48 -22.78 26.26 -12.83
C ALA H 48 -23.12 27.74 -12.73
N LEU H 49 -24.39 28.08 -12.91
CA LEU H 49 -24.82 29.46 -12.68
C LEU H 49 -24.81 29.81 -11.20
N ARG H 50 -25.08 28.82 -10.33
CA ARG H 50 -25.13 29.10 -8.91
C ARG H 50 -23.74 29.32 -8.34
N ASN H 51 -22.73 28.61 -8.86
CA ASN H 51 -21.36 28.81 -8.41
C ASN H 51 -20.84 30.21 -8.71
N ARG H 52 -21.53 30.96 -9.57
CA ARG H 52 -21.14 32.34 -9.81
C ARG H 52 -21.72 33.27 -8.76
N TYR H 53 -23.00 33.09 -8.41
CA TYR H 53 -23.59 33.87 -7.33
C TYR H 53 -22.87 33.63 -6.02
N ARG H 54 -22.37 32.41 -5.79
CA ARG H 54 -21.57 32.15 -4.61
C ARG H 54 -20.22 32.85 -4.68
N ARG H 55 -19.57 32.80 -5.84
CA ARG H 55 -18.26 33.42 -5.99
C ARG H 55 -18.35 34.94 -5.84
N SER H 56 -19.42 35.54 -6.35
CA SER H 56 -19.57 36.99 -6.26
C SER H 56 -19.80 37.46 -4.83
N LEU H 57 -20.18 36.56 -3.93
CA LEU H 57 -20.47 36.93 -2.55
C LEU H 57 -19.28 36.71 -1.63
N LEU H 58 -18.13 36.31 -2.15
CA LEU H 58 -16.95 36.05 -1.33
C LEU H 58 -16.08 37.30 -1.23
N ASP H 59 -15.04 37.20 -0.40
CA ASP H 59 -14.10 38.28 -0.22
C ASP H 59 -13.37 38.58 -1.52
N GLU H 60 -12.79 39.77 -1.61
CA GLU H 60 -12.21 40.23 -2.87
C GLU H 60 -10.96 39.43 -3.24
N GLU H 61 -10.16 39.04 -2.26
CA GLU H 61 -8.96 38.26 -2.56
C GLU H 61 -9.27 36.79 -2.83
N SER H 62 -10.52 36.36 -2.64
CA SER H 62 -10.96 35.03 -3.04
C SER H 62 -11.99 35.05 -4.15
N LYS H 63 -12.75 36.13 -4.30
CA LYS H 63 -13.70 36.24 -5.39
C LYS H 63 -13.01 36.16 -6.74
N GLN H 64 -11.76 36.61 -6.82
CA GLN H 64 -11.01 36.64 -8.07
C GLN H 64 -9.80 35.72 -8.01
N GLU H 65 -9.97 34.55 -7.38
CA GLU H 65 -8.94 33.52 -7.44
C GLU H 65 -9.51 32.11 -7.32
N ILE H 66 -10.79 31.93 -7.63
CA ILE H 66 -11.38 30.60 -7.81
C ILE H 66 -11.87 30.50 -9.25
N SER H 67 -11.89 29.29 -9.77
CA SER H 67 -12.20 29.20 -11.19
C SER H 67 -13.67 28.90 -11.41
N PRO H 68 -14.24 29.42 -12.50
CA PRO H 68 -15.64 29.09 -12.82
C PRO H 68 -15.78 27.63 -13.16
N LYS H 69 -16.97 27.09 -12.88
CA LYS H 69 -17.27 25.69 -13.17
C LYS H 69 -17.83 25.61 -14.58
N ASN H 70 -16.94 25.73 -15.56
CA ASN H 70 -17.34 25.66 -16.96
C ASN H 70 -17.89 24.28 -17.30
N ILE H 71 -18.74 24.23 -18.31
CA ILE H 71 -19.52 23.05 -18.64
C ILE H 71 -19.00 22.43 -19.93
N LEU H 72 -18.96 21.11 -19.98
CA LEU H 72 -18.66 20.36 -21.20
C LEU H 72 -19.82 19.41 -21.46
N MET H 73 -20.54 19.63 -22.55
CA MET H 73 -21.70 18.81 -22.90
C MET H 73 -21.31 17.77 -23.94
N ILE H 74 -21.82 16.55 -23.74
CA ILE H 74 -21.52 15.42 -24.60
C ILE H 74 -22.83 14.79 -25.05
N GLY H 75 -22.97 14.56 -26.35
CA GLY H 75 -24.15 13.93 -26.90
C GLY H 75 -24.25 14.08 -28.40
N PRO H 76 -25.14 13.30 -29.03
CA PRO H 76 -25.30 13.40 -30.48
C PRO H 76 -26.00 14.70 -30.90
N THR H 77 -26.37 14.80 -32.17
CA THR H 77 -27.05 15.99 -32.66
C THR H 77 -28.54 15.90 -32.38
N GLY H 78 -29.16 17.07 -32.21
CA GLY H 78 -30.59 17.14 -32.02
C GLY H 78 -31.09 16.69 -30.67
N VAL H 79 -30.20 16.48 -29.69
CA VAL H 79 -30.63 16.11 -28.35
C VAL H 79 -30.90 17.32 -27.48
N GLY H 80 -30.64 18.52 -27.97
CA GLY H 80 -30.94 19.74 -27.24
C GLY H 80 -29.79 20.37 -26.50
N LYS H 81 -28.54 20.13 -26.92
CA LYS H 81 -27.40 20.72 -26.22
C LYS H 81 -27.41 22.24 -26.34
N THR H 82 -27.49 22.75 -27.57
CA THR H 82 -27.44 24.19 -27.79
C THR H 82 -28.65 24.88 -27.18
N GLU H 83 -29.84 24.28 -27.33
CA GLU H 83 -31.06 24.95 -26.88
C GLU H 83 -31.14 25.03 -25.35
N ILE H 84 -30.60 24.02 -24.65
CA ILE H 84 -30.56 24.10 -23.19
C ILE H 84 -29.69 25.26 -22.75
N ALA H 85 -28.54 25.44 -23.39
CA ALA H 85 -27.65 26.54 -23.03
C ALA H 85 -28.22 27.88 -23.46
N ARG H 86 -28.84 27.94 -24.64
CA ARG H 86 -29.39 29.19 -25.14
C ARG H 86 -30.59 29.62 -24.31
N ARG H 87 -31.46 28.67 -23.95
CA ARG H 87 -32.57 28.98 -23.05
C ARG H 87 -32.07 29.29 -21.65
N MET H 88 -30.94 28.71 -21.26
CA MET H 88 -30.39 28.95 -19.93
C MET H 88 -30.00 30.41 -19.75
N ALA H 89 -29.45 31.04 -20.79
CA ALA H 89 -29.07 32.45 -20.71
C ALA H 89 -30.30 33.34 -20.71
N LYS H 90 -31.40 32.90 -21.33
CA LYS H 90 -32.59 33.74 -21.39
C LYS H 90 -33.28 33.84 -20.03
N VAL H 91 -33.39 32.72 -19.30
CA VAL H 91 -34.09 32.74 -18.02
C VAL H 91 -33.31 33.52 -16.97
N VAL H 92 -32.03 33.80 -17.20
CA VAL H 92 -31.23 34.62 -16.31
C VAL H 92 -30.84 35.94 -16.94
N GLY H 93 -31.25 36.19 -18.19
CA GLY H 93 -30.93 37.43 -18.86
C GLY H 93 -29.44 37.61 -19.10
N ALA H 94 -28.81 36.60 -19.70
CA ALA H 94 -27.38 36.61 -19.91
C ALA H 94 -27.06 36.71 -21.40
N PRO H 95 -26.01 37.46 -21.77
CA PRO H 95 -25.59 37.49 -23.18
C PRO H 95 -25.08 36.13 -23.61
N PHE H 96 -25.67 35.59 -24.67
CA PHE H 96 -25.33 34.27 -25.18
C PHE H 96 -24.70 34.41 -26.56
N ILE H 97 -23.60 33.67 -26.77
CA ILE H 97 -22.93 33.62 -28.07
C ILE H 97 -22.52 32.17 -28.32
N LYS H 98 -22.73 31.71 -29.55
CA LYS H 98 -22.35 30.37 -29.96
C LYS H 98 -21.36 30.46 -31.11
N VAL H 99 -20.22 29.82 -30.96
CA VAL H 99 -19.20 29.78 -32.01
C VAL H 99 -18.89 28.33 -32.32
N GLU H 100 -18.53 28.07 -33.57
CA GLU H 100 -18.06 26.77 -34.01
C GLU H 100 -16.55 26.74 -33.88
N ALA H 101 -16.03 26.01 -32.89
CA ALA H 101 -14.59 25.98 -32.65
C ALA H 101 -13.81 25.54 -33.88
N THR H 102 -14.44 24.81 -34.79
CA THR H 102 -13.76 24.34 -36.00
C THR H 102 -13.37 25.48 -36.93
N LYS H 103 -13.91 26.68 -36.74
CA LYS H 103 -13.59 27.78 -37.62
C LYS H 103 -12.14 28.23 -37.46
N PHE H 104 -11.59 28.12 -36.24
CA PHE H 104 -10.25 28.60 -35.97
C PHE H 104 -9.16 27.68 -36.50
N THR H 105 -9.50 26.49 -36.99
CA THR H 105 -8.55 25.60 -37.64
C THR H 105 -8.31 26.11 -39.07
N GLU H 106 -7.60 27.23 -39.16
CA GLU H 106 -7.44 27.93 -40.42
C GLU H 106 -6.15 28.74 -40.49
N LEU H 107 -5.77 29.36 -39.39
CA LEU H 107 -4.58 30.22 -39.37
C LEU H 107 -3.80 30.05 -38.07
N GLY H 111 -5.03 28.75 -34.52
CA GLY H 111 -6.17 29.64 -34.39
C GLY H 111 -5.79 31.10 -34.42
N ARG H 112 -6.65 31.94 -35.01
CA ARG H 112 -6.39 33.36 -35.12
C ARG H 112 -7.66 34.14 -34.79
N ASP H 113 -7.47 35.28 -34.13
CA ASP H 113 -8.58 36.14 -33.71
C ASP H 113 -9.60 35.37 -32.86
N VAL H 114 -9.09 34.54 -31.94
CA VAL H 114 -9.97 33.80 -31.07
C VAL H 114 -10.65 34.73 -30.06
N GLU H 115 -10.10 35.92 -29.85
CA GLU H 115 -10.74 36.90 -28.98
C GLU H 115 -12.05 37.42 -29.54
N SER H 116 -12.39 37.08 -30.80
CA SER H 116 -13.61 37.59 -31.42
C SER H 116 -14.85 37.12 -30.68
N MET H 117 -14.83 35.90 -30.13
CA MET H 117 -16.00 35.41 -29.41
C MET H 117 -16.34 36.29 -28.21
N VAL H 118 -15.34 36.96 -27.65
CA VAL H 118 -15.60 37.90 -26.56
C VAL H 118 -16.15 39.21 -27.11
N ARG H 119 -15.58 39.69 -28.22
CA ARG H 119 -16.11 40.90 -28.85
C ARG H 119 -17.51 40.65 -29.40
N ASP H 120 -17.74 39.48 -29.98
CA ASP H 120 -19.09 39.13 -30.44
C ASP H 120 -20.04 38.78 -29.30
N LEU H 121 -19.54 38.70 -28.07
CA LEU H 121 -20.42 38.58 -26.90
C LEU H 121 -20.85 39.95 -26.39
N VAL H 122 -19.96 40.93 -26.45
CA VAL H 122 -20.35 42.29 -26.06
C VAL H 122 -21.30 42.90 -27.07
N ASP H 123 -21.13 42.57 -28.36
CA ASP H 123 -22.01 43.13 -29.39
C ASP H 123 -23.43 42.60 -29.24
N VAL H 124 -23.59 41.34 -28.84
CA VAL H 124 -24.93 40.83 -28.56
C VAL H 124 -25.44 41.28 -27.19
N SER H 125 -24.56 41.83 -26.35
CA SER H 125 -24.95 42.30 -25.03
C SER H 125 -25.45 43.75 -25.05
N VAL H 126 -24.87 44.60 -25.90
CA VAL H 126 -25.35 45.97 -25.99
C VAL H 126 -26.69 46.01 -26.72
N ARG H 127 -26.96 45.04 -27.57
CA ARG H 127 -28.27 44.93 -28.20
C ARG H 127 -29.31 44.37 -27.24
N LEU H 128 -28.89 43.83 -26.09
CA LEU H 128 -29.81 43.28 -25.10
C LEU H 128 -30.29 44.34 -24.11
N VAL H 129 -29.35 45.11 -23.53
CA VAL H 129 -29.74 46.13 -22.57
C VAL H 129 -30.52 47.25 -23.24
N LYS H 130 -30.30 47.46 -24.55
CA LYS H 130 -31.12 48.41 -25.28
C LYS H 130 -32.54 47.90 -25.42
N ALA H 131 -32.70 46.59 -25.59
CA ALA H 131 -34.03 46.00 -25.66
C ALA H 131 -34.65 45.81 -24.28
N GLN H 132 -33.83 45.50 -23.27
CA GLN H 132 -34.34 45.43 -21.90
C GLN H 132 -34.85 46.78 -21.44
N LYS H 133 -34.13 47.86 -21.76
CA LYS H 133 -34.60 49.20 -21.44
C LYS H 133 -35.76 49.65 -22.31
N LYS H 134 -36.13 48.88 -23.33
CA LYS H 134 -37.29 49.19 -24.16
C LYS H 134 -38.55 48.55 -23.62
N SER H 135 -38.47 47.30 -23.16
CA SER H 135 -39.64 46.60 -22.61
C SER H 135 -40.08 47.17 -21.27
N LEU H 136 -39.36 48.15 -20.73
CA LEU H 136 -39.75 48.80 -19.48
C LEU H 136 -40.40 50.17 -19.70
N VAL H 137 -40.46 50.65 -20.94
CA VAL H 137 -41.01 51.97 -21.23
C VAL H 137 -41.98 51.90 -22.40
N GLN H 138 -41.98 50.77 -23.12
CA GLN H 138 -42.89 50.63 -24.26
C GLN H 138 -44.35 50.68 -23.85
N ASP H 139 -44.65 50.41 -22.57
CA ASP H 139 -46.00 50.63 -22.06
C ASP H 139 -46.27 52.11 -21.84
N GLU H 140 -45.36 52.79 -21.14
CA GLU H 140 -45.52 54.22 -20.92
C GLU H 140 -45.39 55.02 -22.21
N ALA H 141 -44.57 54.53 -23.16
CA ALA H 141 -44.45 55.20 -24.44
C ALA H 141 -45.73 55.08 -25.25
N THR H 142 -46.27 53.87 -25.36
CA THR H 142 -47.53 53.66 -26.08
C THR H 142 -48.68 54.39 -25.41
N ALA H 143 -48.67 54.47 -24.07
CA ALA H 143 -49.73 55.18 -23.37
C ALA H 143 -49.72 56.66 -23.71
N LYS H 144 -48.57 57.32 -23.54
CA LYS H 144 -48.47 58.73 -23.86
C LYS H 144 -48.63 59.01 -25.36
N ALA H 145 -48.37 58.01 -26.20
CA ALA H 145 -48.64 58.17 -27.63
C ALA H 145 -50.13 58.16 -27.91
N ASN H 146 -50.86 57.21 -27.30
CA ASN H 146 -52.31 57.16 -27.50
C ASN H 146 -53.00 58.35 -26.83
N GLU H 147 -52.45 58.85 -25.73
CA GLU H 147 -53.03 60.02 -25.08
C GLU H 147 -52.68 61.32 -25.80
N LYS H 148 -51.63 61.31 -26.63
CA LYS H 148 -51.33 62.45 -27.48
C LYS H 148 -52.09 62.41 -28.79
N LEU H 149 -52.32 61.22 -29.34
CA LEU H 149 -53.07 61.11 -30.59
C LEU H 149 -54.51 61.56 -30.43
N VAL H 150 -55.11 61.36 -29.25
CA VAL H 150 -56.50 61.76 -29.05
C VAL H 150 -56.59 63.28 -28.89
N LYS H 151 -55.62 63.90 -28.21
CA LYS H 151 -55.66 65.34 -27.99
C LYS H 151 -55.57 66.11 -29.30
N LEU H 152 -54.69 65.66 -30.22
CA LEU H 152 -54.54 66.36 -31.48
C LEU H 152 -55.61 65.99 -32.50
N LEU H 153 -56.23 64.81 -32.36
CA LEU H 153 -57.31 64.45 -33.26
C LEU H 153 -58.59 65.23 -33.00
N VAL H 154 -58.65 66.00 -31.92
CA VAL H 154 -59.82 66.83 -31.61
C VAL H 154 -59.38 68.28 -31.40
N GLN H 279 -20.98 50.82 -22.06
CA GLN H 279 -20.50 50.90 -20.68
C GLN H 279 -21.44 50.15 -19.74
N GLU H 280 -22.74 50.22 -20.03
CA GLU H 280 -23.73 49.53 -19.20
C GLU H 280 -23.80 48.04 -19.52
N ALA H 281 -23.48 47.66 -20.76
CA ALA H 281 -23.58 46.27 -21.18
C ALA H 281 -22.26 45.52 -21.15
N LEU H 282 -21.12 46.22 -21.13
CA LEU H 282 -19.85 45.56 -20.94
C LEU H 282 -19.85 44.76 -19.64
N GLU H 283 -20.41 45.34 -18.58
CA GLU H 283 -20.44 44.66 -17.28
C GLU H 283 -21.35 43.45 -17.30
N LEU H 284 -22.46 43.50 -18.06
CA LEU H 284 -23.32 42.34 -18.16
C LEU H 284 -22.63 41.18 -18.86
N ALA H 285 -21.74 41.48 -19.81
CA ALA H 285 -21.01 40.42 -20.51
C ALA H 285 -19.94 39.82 -19.62
N GLU H 286 -19.13 40.67 -18.97
CA GLU H 286 -18.03 40.16 -18.16
C GLU H 286 -18.48 39.55 -16.84
N GLN H 287 -19.70 39.88 -16.38
CA GLN H 287 -20.21 39.34 -15.13
C GLN H 287 -21.30 38.29 -15.32
N MET H 288 -21.92 38.24 -16.50
CA MET H 288 -23.00 37.29 -16.73
C MET H 288 -22.90 36.58 -18.07
N GLY H 289 -21.91 36.89 -18.90
CA GLY H 289 -21.87 36.34 -20.24
C GLY H 289 -21.65 34.83 -20.26
N ILE H 290 -22.10 34.21 -21.34
CA ILE H 290 -22.06 32.77 -21.54
C ILE H 290 -21.59 32.52 -22.96
N ILE H 291 -20.39 31.95 -23.11
CA ILE H 291 -19.82 31.66 -24.43
C ILE H 291 -19.94 30.16 -24.67
N PHE H 292 -20.58 29.79 -25.78
CA PHE H 292 -20.86 28.40 -26.13
C PHE H 292 -19.92 27.97 -27.24
N ILE H 293 -18.94 27.14 -26.91
CA ILE H 293 -17.92 26.69 -27.86
C ILE H 293 -18.36 25.33 -28.37
N ASP H 294 -18.96 25.31 -29.55
CA ASP H 294 -19.49 24.09 -30.15
C ASP H 294 -18.41 23.36 -30.95
N GLU H 295 -18.56 22.03 -31.02
CA GLU H 295 -17.63 21.16 -31.75
C GLU H 295 -16.22 21.25 -31.18
N ILE H 296 -16.13 21.26 -29.84
CA ILE H 296 -14.82 21.31 -29.20
C ILE H 296 -14.10 19.97 -29.30
N ASP H 297 -14.81 18.89 -29.63
CA ASP H 297 -14.14 17.60 -29.81
C ASP H 297 -13.31 17.59 -31.08
N LYS H 298 -13.71 18.37 -32.09
CA LYS H 298 -13.04 18.36 -33.38
C LYS H 298 -11.72 19.12 -33.36
N VAL H 299 -11.49 19.96 -32.35
CA VAL H 299 -10.18 20.58 -32.17
C VAL H 299 -9.31 19.81 -31.19
N ALA H 300 -9.77 18.64 -30.74
CA ALA H 300 -8.97 17.74 -29.93
C ALA H 300 -8.25 16.74 -30.82
N THR H 301 -7.06 16.32 -30.37
CA THR H 301 -6.21 15.42 -31.15
C THR H 301 -5.95 14.15 -30.36
N ASN H 302 -6.46 13.03 -30.86
CA ASN H 302 -5.99 11.73 -30.36
C ASN H 302 -4.65 11.37 -30.98
N ASN H 303 -4.49 11.58 -32.28
CA ASN H 303 -3.23 11.36 -32.97
C ASN H 303 -3.10 12.30 -34.16
N VAL H 310 -1.46 19.93 -34.02
CA VAL H 310 -0.82 21.24 -33.95
C VAL H 310 -1.82 22.33 -34.32
N SER H 311 -2.48 22.16 -35.47
CA SER H 311 -3.54 23.09 -35.83
C SER H 311 -4.71 23.00 -34.86
N ARG H 312 -5.16 21.77 -34.57
CA ARG H 312 -6.22 21.59 -33.60
C ARG H 312 -5.71 21.85 -32.18
N GLN H 313 -4.48 21.43 -31.88
CA GLN H 313 -3.89 21.73 -30.58
C GLN H 313 -3.67 23.22 -30.40
N GLY H 314 -3.25 23.92 -31.47
CA GLY H 314 -3.03 25.35 -31.38
C GLY H 314 -4.30 26.13 -31.09
N VAL H 315 -5.45 25.61 -31.50
CA VAL H 315 -6.71 26.27 -31.19
C VAL H 315 -6.99 26.22 -29.69
N GLN H 316 -6.81 25.05 -29.08
CA GLN H 316 -7.06 24.92 -27.64
C GLN H 316 -6.16 25.86 -26.84
N ARG H 317 -4.88 25.95 -27.20
CA ARG H 317 -3.97 26.84 -26.50
C ARG H 317 -4.26 28.30 -26.80
N ASP H 318 -4.95 28.60 -27.91
CA ASP H 318 -5.41 29.96 -28.17
C ASP H 318 -6.61 30.31 -27.31
N ILE H 319 -7.52 29.35 -27.13
CA ILE H 319 -8.69 29.59 -26.28
C ILE H 319 -8.32 29.61 -24.81
N LEU H 320 -7.22 28.95 -24.44
CA LEU H 320 -6.81 28.86 -23.04
C LEU H 320 -6.80 30.19 -22.30
N PRO H 321 -6.11 31.25 -22.77
CA PRO H 321 -6.10 32.49 -22.00
C PRO H 321 -7.45 33.16 -21.88
N ILE H 322 -8.42 32.79 -22.73
CA ILE H 322 -9.74 33.39 -22.64
C ILE H 322 -10.45 32.96 -21.35
N LEU H 323 -10.53 31.65 -21.11
CA LEU H 323 -11.14 31.16 -19.88
C LEU H 323 -10.16 31.09 -18.72
N GLU H 324 -8.89 31.41 -18.95
CA GLU H 324 -7.95 31.59 -17.85
C GLU H 324 -8.05 32.97 -17.21
N GLY H 325 -8.88 33.85 -17.75
CA GLY H 325 -9.00 35.20 -17.24
C GLY H 325 -8.08 36.17 -17.93
N SER H 326 -8.60 36.94 -18.88
CA SER H 326 -7.79 37.90 -19.62
C SER H 326 -8.67 39.05 -20.07
N VAL H 327 -8.03 40.16 -20.44
CA VAL H 327 -8.72 41.36 -20.87
C VAL H 327 -8.66 41.46 -22.38
N ILE H 328 -9.80 41.83 -22.98
CA ILE H 328 -9.94 41.89 -24.43
C ILE H 328 -10.49 43.27 -24.79
N GLN H 329 -9.92 43.88 -25.84
CA GLN H 329 -10.38 45.19 -26.28
C GLN H 329 -11.59 45.05 -27.19
N THR H 330 -12.59 45.88 -26.96
CA THR H 330 -13.78 45.96 -27.81
C THR H 330 -13.93 47.40 -28.30
N LYS H 331 -14.91 47.62 -29.18
CA LYS H 331 -15.19 48.97 -29.64
C LYS H 331 -15.86 49.81 -28.56
N TYR H 332 -16.45 49.17 -27.54
CA TYR H 332 -17.04 49.88 -26.42
C TYR H 332 -16.13 49.93 -25.21
N GLY H 333 -14.90 49.42 -25.31
CA GLY H 333 -13.97 49.44 -24.21
C GLY H 333 -13.21 48.14 -24.00
N THR H 334 -12.80 47.87 -22.77
CA THR H 334 -12.08 46.64 -22.43
C THR H 334 -12.93 45.80 -21.49
N VAL H 335 -12.98 44.50 -21.76
CA VAL H 335 -13.76 43.56 -20.97
C VAL H 335 -12.83 42.53 -20.35
N ASN H 336 -13.28 41.94 -19.23
CA ASN H 336 -12.53 40.95 -18.49
C ASN H 336 -13.29 39.62 -18.54
N THR H 337 -12.59 38.57 -18.96
CA THR H 337 -13.22 37.27 -19.17
C THR H 337 -13.08 36.33 -17.97
N GLU H 338 -12.79 36.88 -16.79
CA GLU H 338 -12.58 36.04 -15.61
C GLU H 338 -13.86 35.31 -15.20
N HIS H 339 -14.97 36.04 -15.10
CA HIS H 339 -16.19 35.49 -14.54
C HIS H 339 -17.15 34.94 -15.58
N MET H 340 -16.77 34.95 -16.87
CA MET H 340 -17.67 34.45 -17.90
C MET H 340 -17.80 32.94 -17.82
N LEU H 341 -18.97 32.44 -18.20
CA LEU H 341 -19.27 31.02 -18.18
C LEU H 341 -19.04 30.43 -19.57
N PHE H 342 -18.29 29.35 -19.64
CA PHE H 342 -17.94 28.71 -20.89
C PHE H 342 -18.56 27.32 -20.97
N ILE H 343 -19.14 27.00 -22.12
CA ILE H 343 -19.77 25.71 -22.37
C ILE H 343 -19.12 25.10 -23.60
N GLY H 344 -18.58 23.89 -23.44
CA GLY H 344 -18.06 23.12 -24.56
C GLY H 344 -19.06 22.03 -24.94
N ALA H 345 -19.26 21.86 -26.23
CA ALA H 345 -20.21 20.87 -26.73
C ALA H 345 -19.55 20.02 -27.81
N GLY H 346 -20.06 18.81 -27.99
CA GLY H 346 -19.54 17.90 -28.99
C GLY H 346 -20.10 16.51 -28.84
N ALA H 347 -20.21 15.78 -29.95
CA ALA H 347 -20.62 14.39 -29.88
C ALA H 347 -19.51 13.47 -29.38
N PHE H 348 -18.25 13.87 -29.57
CA PHE H 348 -17.10 13.10 -29.11
C PHE H 348 -17.08 11.70 -29.71
N HIS H 349 -17.54 11.59 -30.97
CA HIS H 349 -17.38 10.35 -31.71
C HIS H 349 -15.91 10.14 -32.09
N VAL H 350 -15.24 11.21 -32.51
CA VAL H 350 -13.87 11.09 -32.99
C VAL H 350 -12.89 10.93 -31.83
N SER H 351 -13.08 11.69 -30.76
CA SER H 351 -12.15 11.68 -29.63
C SER H 351 -12.94 11.71 -28.33
N LYS H 352 -12.22 11.79 -27.22
CA LYS H 352 -12.78 11.84 -25.89
C LYS H 352 -12.39 13.14 -25.22
N PRO H 353 -13.10 13.55 -24.15
CA PRO H 353 -12.66 14.73 -23.39
C PRO H 353 -11.30 14.58 -22.76
N SER H 354 -10.84 13.35 -22.55
CA SER H 354 -9.47 13.13 -22.06
C SER H 354 -8.43 13.51 -23.09
N ASP H 355 -8.82 13.74 -24.35
CA ASP H 355 -7.91 14.16 -25.41
C ASP H 355 -7.77 15.67 -25.49
N LEU H 356 -8.50 16.42 -24.67
CA LEU H 356 -8.27 17.85 -24.58
C LEU H 356 -6.95 18.13 -23.86
N ILE H 357 -6.41 19.33 -24.07
CA ILE H 357 -5.20 19.69 -23.33
C ILE H 357 -5.52 19.74 -21.85
N PRO H 358 -4.60 19.33 -20.98
CA PRO H 358 -4.95 19.19 -19.56
C PRO H 358 -5.41 20.49 -18.90
N GLU H 359 -4.99 21.64 -19.42
CA GLU H 359 -5.45 22.91 -18.86
C GLU H 359 -6.94 23.11 -19.14
N LEU H 360 -7.38 22.88 -20.38
CA LEU H 360 -8.80 22.93 -20.69
C LEU H 360 -9.56 21.80 -20.01
N GLN H 361 -8.91 20.63 -19.91
CA GLN H 361 -9.57 19.46 -19.33
C GLN H 361 -9.94 19.68 -17.88
N GLY H 362 -9.14 20.44 -17.14
CA GLY H 362 -9.41 20.70 -15.75
C GLY H 362 -10.33 21.89 -15.51
N ARG H 363 -10.46 22.76 -16.50
CA ARG H 363 -11.29 23.96 -16.37
C ARG H 363 -12.73 23.74 -16.85
N PHE H 364 -13.11 22.49 -17.16
CA PHE H 364 -14.50 22.11 -17.39
C PHE H 364 -14.90 21.10 -16.32
N PRO H 365 -15.03 21.54 -15.06
CA PRO H 365 -15.30 20.58 -13.97
C PRO H 365 -16.68 19.96 -14.04
N ILE H 366 -17.65 20.62 -14.67
CA ILE H 366 -19.01 20.12 -14.77
C ILE H 366 -19.16 19.49 -16.15
N ARG H 367 -19.45 18.19 -16.18
CA ARG H 367 -19.54 17.43 -17.41
C ARG H 367 -20.83 16.63 -17.41
N VAL H 368 -21.59 16.72 -18.51
CA VAL H 368 -22.86 16.02 -18.65
C VAL H 368 -22.86 15.27 -19.98
N GLU H 369 -23.40 14.05 -19.94
CA GLU H 369 -23.61 13.25 -21.14
C GLU H 369 -25.11 13.15 -21.37
N LEU H 370 -25.62 13.97 -22.30
CA LEU H 370 -27.05 13.98 -22.57
C LEU H 370 -27.52 12.65 -23.12
N ASP H 371 -28.83 12.43 -23.05
CA ASP H 371 -29.43 11.17 -23.41
C ASP H 371 -29.99 11.23 -24.83
N SER H 372 -30.03 10.07 -25.49
CA SER H 372 -30.68 9.98 -26.78
C SER H 372 -32.18 10.13 -26.63
N LEU H 373 -32.86 10.37 -27.75
CA LEU H 373 -34.28 10.61 -27.77
C LEU H 373 -35.02 9.44 -28.39
N SER H 374 -36.24 9.21 -27.93
CA SER H 374 -37.10 8.15 -28.43
C SER H 374 -38.37 8.74 -29.02
N VAL H 375 -39.22 7.88 -29.57
CA VAL H 375 -40.46 8.34 -30.17
C VAL H 375 -41.40 8.88 -29.10
N GLU H 376 -41.41 8.25 -27.92
CA GLU H 376 -42.19 8.77 -26.81
C GLU H 376 -41.71 10.15 -26.39
N ASP H 377 -40.42 10.43 -26.60
CA ASP H 377 -39.89 11.77 -26.34
C ASP H 377 -40.30 12.76 -27.42
N PHE H 378 -40.40 12.31 -28.67
CA PHE H 378 -40.76 13.20 -29.77
C PHE H 378 -42.13 13.84 -29.55
N VAL H 379 -43.15 13.01 -29.29
CA VAL H 379 -44.51 13.52 -29.14
C VAL H 379 -44.58 14.57 -28.04
N ARG H 380 -43.65 14.51 -27.08
CA ARG H 380 -43.59 15.54 -26.05
C ARG H 380 -42.91 16.81 -26.57
N ILE H 381 -42.05 16.70 -27.59
CA ILE H 381 -41.45 17.88 -28.17
C ILE H 381 -42.47 18.66 -28.99
N LEU H 382 -43.36 17.95 -29.69
CA LEU H 382 -44.36 18.64 -30.51
C LEU H 382 -45.38 19.39 -29.65
N THR H 383 -45.68 18.90 -28.46
CA THR H 383 -46.86 19.33 -27.71
C THR H 383 -46.54 20.09 -26.43
N GLU H 384 -45.69 19.54 -25.56
CA GLU H 384 -45.61 20.05 -24.19
C GLU H 384 -44.99 21.43 -24.08
N PRO H 385 -43.80 21.71 -24.61
CA PRO H 385 -43.09 22.94 -24.20
C PRO H 385 -43.81 24.21 -24.63
N LYS H 386 -43.51 25.29 -23.92
CA LYS H 386 -43.94 26.62 -24.32
C LYS H 386 -43.41 26.91 -25.72
N LEU H 387 -44.31 27.27 -26.63
CA LEU H 387 -43.98 27.55 -28.01
C LEU H 387 -43.32 26.33 -28.67
N SER H 388 -43.98 25.19 -28.53
CA SER H 388 -43.53 23.96 -29.18
C SER H 388 -43.79 24.07 -30.68
N LEU H 389 -43.67 22.95 -31.39
CA LEU H 389 -43.84 22.98 -32.84
C LEU H 389 -45.30 23.16 -33.22
N ILE H 390 -46.18 22.27 -32.76
CA ILE H 390 -47.58 22.37 -33.14
C ILE H 390 -48.25 23.58 -32.52
N LYS H 391 -47.74 24.09 -31.39
CA LYS H 391 -48.26 25.34 -30.85
C LYS H 391 -47.98 26.51 -31.79
N GLN H 392 -46.90 26.44 -32.57
CA GLN H 392 -46.58 27.52 -33.49
C GLN H 392 -47.47 27.48 -34.72
N TYR H 393 -47.57 26.32 -35.38
CA TYR H 393 -48.42 26.21 -36.56
C TYR H 393 -49.89 26.45 -36.20
N GLU H 394 -50.31 26.07 -34.99
CA GLU H 394 -51.63 26.46 -34.52
C GLU H 394 -51.75 27.97 -34.43
N ALA H 395 -50.80 28.61 -33.75
CA ALA H 395 -50.82 30.07 -33.65
C ALA H 395 -50.63 30.72 -35.02
N LEU H 396 -49.78 30.13 -35.86
CA LEU H 396 -49.52 30.69 -37.18
C LEU H 396 -50.77 30.61 -38.05
N LEU H 397 -51.34 29.42 -38.20
CA LEU H 397 -52.54 29.26 -39.02
C LEU H 397 -53.78 29.87 -38.37
N GLN H 398 -53.71 30.22 -37.08
CA GLN H 398 -54.83 30.93 -36.46
C GLN H 398 -54.91 32.37 -36.90
N THR H 399 -53.83 32.92 -37.47
CA THR H 399 -53.87 34.29 -37.96
C THR H 399 -54.63 34.41 -39.28
N GLU H 400 -54.78 33.32 -40.01
CA GLU H 400 -55.67 33.26 -41.16
C GLU H 400 -57.10 32.94 -40.77
N GLU H 401 -57.42 33.05 -39.47
CA GLU H 401 -58.73 32.69 -38.92
C GLU H 401 -59.07 31.23 -39.23
N VAL H 402 -58.05 30.37 -39.20
CA VAL H 402 -58.22 28.94 -39.42
C VAL H 402 -57.77 28.20 -38.17
N THR H 403 -58.62 27.32 -37.67
CA THR H 403 -58.34 26.56 -36.45
C THR H 403 -57.93 25.14 -36.85
N VAL H 404 -56.66 24.81 -36.63
CA VAL H 404 -56.14 23.47 -36.87
C VAL H 404 -56.09 22.73 -35.53
N ASN H 405 -56.57 21.50 -35.53
CA ASN H 405 -56.65 20.68 -34.32
C ASN H 405 -55.88 19.40 -34.53
N PHE H 406 -54.83 19.20 -33.74
CA PHE H 406 -53.97 18.03 -33.87
C PHE H 406 -54.44 16.96 -32.89
N THR H 407 -54.87 15.82 -33.41
CA THR H 407 -55.28 14.70 -32.58
C THR H 407 -54.06 13.99 -32.03
N ASP H 408 -54.22 13.39 -30.84
CA ASP H 408 -53.11 12.71 -30.18
C ASP H 408 -52.62 11.50 -30.96
N GLU H 409 -53.47 10.91 -31.81
CA GLU H 409 -53.03 9.82 -32.67
C GLU H 409 -52.28 10.32 -33.89
N ALA H 410 -52.47 11.58 -34.28
CA ALA H 410 -51.71 12.15 -35.38
C ALA H 410 -50.32 12.59 -34.92
N ILE H 411 -50.20 13.08 -33.68
CA ILE H 411 -48.90 13.44 -33.14
C ILE H 411 -48.04 12.20 -32.93
N THR H 412 -48.64 11.13 -32.38
CA THR H 412 -47.92 9.87 -32.20
C THR H 412 -47.59 9.20 -33.53
N ARG H 413 -48.04 9.75 -34.65
CA ARG H 413 -47.65 9.25 -35.97
C ARG H 413 -46.67 10.18 -36.68
N LEU H 414 -46.79 11.50 -36.48
CA LEU H 414 -45.77 12.42 -36.99
C LEU H 414 -44.41 12.13 -36.37
N ALA H 415 -44.40 11.61 -35.14
CA ALA H 415 -43.15 11.26 -34.49
C ALA H 415 -42.57 9.96 -35.03
N GLU H 416 -43.42 8.94 -35.23
CA GLU H 416 -42.94 7.67 -35.75
C GLU H 416 -42.33 7.83 -37.14
N ILE H 417 -42.90 8.70 -37.96
CA ILE H 417 -42.33 8.95 -39.27
C ILE H 417 -41.01 9.70 -39.14
N ALA H 418 -40.91 10.59 -38.15
CA ALA H 418 -39.66 11.32 -37.94
C ALA H 418 -38.57 10.41 -37.37
N TYR H 419 -38.93 9.55 -36.42
CA TYR H 419 -37.97 8.62 -35.85
C TYR H 419 -37.48 7.62 -36.90
N GLN H 420 -38.42 7.06 -37.68
CA GLN H 420 -38.06 6.07 -38.69
C GLN H 420 -37.14 6.66 -39.75
N VAL H 421 -37.41 7.91 -40.16
CA VAL H 421 -36.56 8.55 -41.17
C VAL H 421 -35.15 8.74 -40.66
N ASN H 422 -35.00 9.06 -39.37
CA ASN H 422 -33.67 9.18 -38.79
C ASN H 422 -32.91 7.86 -38.83
N GLN H 423 -33.63 6.73 -38.84
CA GLN H 423 -32.96 5.44 -38.97
C GLN H 423 -32.67 5.11 -40.43
N ASP H 424 -33.60 5.41 -41.32
CA ASP H 424 -33.40 5.10 -42.74
C ASP H 424 -32.29 5.94 -43.35
N THR H 425 -32.17 7.21 -42.93
CA THR H 425 -31.18 8.09 -43.50
C THR H 425 -30.20 8.58 -42.44
N ASP H 426 -30.04 9.90 -42.34
CA ASP H 426 -29.16 10.51 -41.35
C ASP H 426 -29.95 10.83 -40.09
N ASN H 427 -29.47 10.33 -38.95
CA ASN H 427 -30.14 10.58 -37.68
C ASN H 427 -29.75 11.96 -37.18
N ILE H 428 -30.60 12.95 -37.42
CA ILE H 428 -30.33 14.33 -37.05
C ILE H 428 -31.03 14.72 -35.75
N GLY H 429 -31.68 13.77 -35.09
CA GLY H 429 -32.32 14.06 -33.81
C GLY H 429 -33.71 14.64 -33.99
N ALA H 430 -34.10 15.50 -33.04
CA ALA H 430 -35.41 16.14 -33.08
C ALA H 430 -35.51 17.19 -34.19
N ARG H 431 -34.40 17.52 -34.84
CA ARG H 431 -34.44 18.44 -35.98
C ARG H 431 -35.29 17.89 -37.13
N ARG H 432 -35.51 16.57 -37.16
CA ARG H 432 -36.28 15.97 -38.24
C ARG H 432 -37.73 16.45 -38.23
N LEU H 433 -38.23 16.86 -37.07
CA LEU H 433 -39.62 17.30 -36.96
C LEU H 433 -39.90 18.54 -37.81
N HIS H 434 -38.90 19.39 -38.03
CA HIS H 434 -39.12 20.63 -38.77
C HIS H 434 -39.52 20.36 -40.22
N THR H 435 -38.90 19.35 -40.84
CA THR H 435 -39.20 19.02 -42.23
C THR H 435 -40.45 18.16 -42.35
N ILE H 436 -40.89 17.53 -41.26
CA ILE H 436 -42.06 16.65 -41.31
C ILE H 436 -43.35 17.45 -41.26
N LEU H 437 -43.42 18.45 -40.36
CA LEU H 437 -44.63 19.26 -40.25
C LEU H 437 -44.84 20.10 -41.49
N GLU H 438 -43.86 20.93 -41.86
CA GLU H 438 -43.98 21.81 -43.01
C GLU H 438 -44.38 21.05 -44.27
N LYS H 439 -44.06 19.76 -44.33
CA LYS H 439 -44.42 18.96 -45.50
C LYS H 439 -45.90 18.62 -45.52
N MET H 440 -46.49 18.34 -44.35
CA MET H 440 -47.89 17.92 -44.31
C MET H 440 -48.86 19.07 -44.05
N LEU H 441 -48.39 20.20 -43.52
CA LEU H 441 -49.17 21.43 -43.54
C LEU H 441 -49.02 22.20 -44.84
N GLU H 442 -48.50 21.53 -45.88
CA GLU H 442 -48.15 22.21 -47.12
C GLU H 442 -49.40 22.65 -47.88
N ASP H 443 -50.29 21.71 -48.19
CA ASP H 443 -51.52 22.05 -48.89
C ASP H 443 -52.43 22.92 -48.03
N LEU H 444 -52.37 22.76 -46.71
CA LEU H 444 -53.18 23.58 -45.82
C LEU H 444 -52.69 25.03 -45.81
N SER H 445 -51.39 25.23 -45.63
CA SER H 445 -50.85 26.59 -45.50
C SER H 445 -51.03 27.39 -46.78
N PHE H 446 -50.97 26.73 -47.95
CA PHE H 446 -51.15 27.44 -49.21
C PHE H 446 -52.59 27.93 -49.38
N GLU H 447 -53.56 27.16 -48.89
CA GLU H 447 -54.98 27.50 -49.00
C GLU H 447 -55.54 28.13 -47.74
N ALA H 448 -54.71 28.36 -46.72
CA ALA H 448 -55.21 28.88 -45.46
C ALA H 448 -55.82 30.28 -45.55
N PRO H 449 -55.26 31.23 -46.30
CA PRO H 449 -55.94 32.55 -46.39
C PRO H 449 -57.36 32.47 -46.92
N SER H 450 -57.56 31.80 -48.06
CA SER H 450 -58.90 31.63 -48.61
C SER H 450 -59.62 30.47 -47.94
N MET H 451 -59.61 30.44 -46.61
CA MET H 451 -60.26 29.40 -45.82
C MET H 451 -60.74 29.94 -44.48
N PRO H 452 -61.36 31.13 -44.43
CA PRO H 452 -61.58 31.78 -43.13
C PRO H 452 -62.61 31.04 -42.29
N ASN H 453 -62.36 31.02 -40.98
CA ASN H 453 -63.26 30.44 -39.98
C ASN H 453 -63.44 28.94 -40.15
N ALA H 454 -62.56 28.29 -40.91
CA ALA H 454 -62.61 26.85 -41.06
C ALA H 454 -61.98 26.16 -39.85
N VAL H 455 -62.30 24.89 -39.67
CA VAL H 455 -61.73 24.06 -38.62
C VAL H 455 -61.24 22.76 -39.24
N VAL H 456 -59.95 22.50 -39.12
CA VAL H 456 -59.30 21.33 -39.71
C VAL H 456 -58.81 20.43 -38.57
N ASP H 457 -59.13 19.15 -38.66
CA ASP H 457 -58.70 18.15 -37.69
C ASP H 457 -57.64 17.27 -38.34
N ILE H 458 -56.39 17.42 -37.91
CA ILE H 458 -55.29 16.64 -38.44
C ILE H 458 -55.38 15.23 -37.84
N THR H 459 -55.73 14.27 -38.66
CA THR H 459 -55.86 12.87 -38.30
C THR H 459 -54.66 12.08 -38.80
N PRO H 460 -54.27 11.01 -38.10
CA PRO H 460 -53.12 10.22 -38.58
C PRO H 460 -53.33 9.60 -39.95
N GLN H 461 -54.57 9.47 -40.40
CA GLN H 461 -54.80 9.03 -41.78
C GLN H 461 -54.43 10.12 -42.77
N TYR H 462 -54.54 11.38 -42.38
CA TYR H 462 -54.13 12.48 -43.25
C TYR H 462 -52.61 12.62 -43.30
N VAL H 463 -51.93 12.27 -42.20
CA VAL H 463 -50.46 12.29 -42.20
C VAL H 463 -49.92 11.24 -43.14
N ASP H 464 -50.51 10.04 -43.13
CA ASP H 464 -50.04 8.98 -44.03
C ASP H 464 -50.30 9.33 -45.50
N ASP H 465 -51.38 10.08 -45.78
CA ASP H 465 -51.65 10.49 -47.14
C ASP H 465 -50.61 11.46 -47.67
N LYS H 466 -49.83 12.08 -46.79
CA LYS H 466 -48.83 13.06 -47.19
C LYS H 466 -47.39 12.57 -47.08
N LEU H 467 -47.08 11.73 -46.09
CA LEU H 467 -45.70 11.41 -45.78
C LEU H 467 -45.37 9.93 -45.82
N LYS H 468 -46.35 9.03 -45.84
CA LYS H 468 -46.03 7.61 -45.86
C LYS H 468 -45.46 7.18 -47.21
N SER H 469 -45.84 7.86 -48.29
CA SER H 469 -45.28 7.56 -49.60
C SER H 469 -43.81 7.95 -49.69
N ILE H 470 -43.43 9.02 -49.01
CA ILE H 470 -42.05 9.49 -49.06
C ILE H 470 -41.19 8.88 -47.96
N SER H 471 -41.79 8.53 -46.82
CA SER H 471 -41.01 8.04 -45.68
C SER H 471 -40.33 6.71 -46.00
N THR H 472 -41.03 5.81 -46.68
CA THR H 472 -40.44 4.51 -47.01
C THR H 472 -39.35 4.64 -48.07
N ASN H 473 -39.50 5.60 -48.98
CA ASN H 473 -38.53 5.80 -50.05
C ASN H 473 -37.25 6.39 -49.48
N LYS H 474 -36.26 5.54 -49.22
CA LYS H 474 -35.02 6.00 -48.59
C LYS H 474 -34.27 6.97 -49.49
N ASP H 475 -34.44 6.85 -50.80
CA ASP H 475 -33.71 7.73 -51.73
C ASP H 475 -34.37 9.08 -51.86
N LEU H 476 -35.70 9.15 -51.79
CA LEU H 476 -36.39 10.43 -51.86
C LEU H 476 -36.25 11.21 -50.57
N SER H 477 -36.41 10.55 -49.43
CA SER H 477 -36.34 11.23 -48.14
C SER H 477 -34.95 11.76 -47.82
N ALA H 478 -33.94 11.44 -48.62
CA ALA H 478 -32.64 12.07 -48.48
C ALA H 478 -32.59 13.46 -49.10
N PHE H 479 -33.52 13.76 -50.00
CA PHE H 479 -33.59 15.05 -50.67
C PHE H 479 -34.68 15.95 -50.10
N ILE H 480 -35.92 15.47 -50.06
CA ILE H 480 -37.06 16.32 -49.73
C ILE H 480 -37.49 16.22 -48.26
N LEU H 481 -37.04 15.21 -47.53
CA LEU H 481 -37.51 15.02 -46.16
C LEU H 481 -36.38 15.21 -45.14
N GLY I 19 -47.98 45.05 -49.69
CA GLY I 19 -46.83 44.32 -50.19
C GLY I 19 -46.56 43.02 -49.45
N ILE I 20 -46.39 43.12 -48.14
CA ILE I 20 -46.19 41.94 -47.31
C ILE I 20 -47.49 41.19 -47.05
N ARG I 21 -48.64 41.86 -47.19
CA ARG I 21 -49.93 41.27 -46.93
C ARG I 21 -50.40 40.33 -48.04
N LEU I 22 -49.59 40.10 -49.06
CA LEU I 22 -49.98 39.24 -50.17
C LEU I 22 -50.28 37.82 -49.72
N THR I 23 -51.29 37.19 -50.37
CA THR I 23 -51.58 35.80 -50.06
C THR I 23 -50.85 34.88 -51.03
N PRO I 24 -50.57 33.63 -50.63
CA PRO I 24 -49.77 32.75 -51.50
C PRO I 24 -50.38 32.51 -52.87
N LYS I 25 -51.71 32.46 -52.97
CA LYS I 25 -52.35 32.21 -54.26
C LYS I 25 -52.05 33.32 -55.25
N GLU I 26 -51.93 34.56 -54.77
CA GLU I 26 -51.63 35.68 -55.65
C GLU I 26 -50.15 35.79 -55.97
N ILE I 27 -49.29 35.36 -55.05
CA ILE I 27 -47.85 35.37 -55.33
C ILE I 27 -47.53 34.47 -56.52
N VAL I 28 -48.17 33.30 -56.58
CA VAL I 28 -47.98 32.40 -57.72
C VAL I 28 -48.49 33.06 -59.00
N SER I 29 -49.57 33.85 -58.89
CA SER I 29 -50.09 34.54 -60.06
C SER I 29 -49.14 35.62 -60.54
N LYS I 30 -48.51 36.34 -59.60
CA LYS I 30 -47.52 37.34 -60.00
C LYS I 30 -46.25 36.69 -60.52
N LEU I 31 -45.89 35.52 -59.99
CA LEU I 31 -44.71 34.82 -60.48
C LEU I 31 -44.94 34.21 -61.86
N ASN I 32 -46.19 33.87 -62.18
CA ASN I 32 -46.50 33.31 -63.49
C ASN I 32 -46.28 34.32 -64.62
N GLU I 33 -46.26 35.61 -64.31
CA GLU I 33 -46.01 36.62 -65.33
C GLU I 33 -44.58 36.54 -65.85
N TYR I 34 -43.65 36.09 -65.03
CA TYR I 34 -42.22 36.10 -65.36
C TYR I 34 -41.62 34.71 -65.50
N ILE I 35 -42.05 33.75 -64.70
CA ILE I 35 -41.50 32.40 -64.74
C ILE I 35 -42.52 31.47 -65.39
N VAL I 36 -42.02 30.49 -66.14
CA VAL I 36 -42.86 29.49 -66.79
C VAL I 36 -42.75 28.19 -66.00
N GLY I 37 -43.91 27.64 -65.61
CA GLY I 37 -43.90 26.36 -64.92
C GLY I 37 -43.40 26.47 -63.49
N GLN I 38 -42.94 25.33 -62.98
CA GLN I 38 -42.46 25.22 -61.59
C GLN I 38 -43.51 25.71 -60.61
N ASN I 39 -44.72 25.16 -60.74
CA ASN I 39 -45.79 25.54 -59.83
C ASN I 39 -45.48 25.10 -58.40
N ASP I 40 -44.92 23.89 -58.24
CA ASP I 40 -44.56 23.40 -56.91
C ASP I 40 -43.53 24.31 -56.25
N ALA I 41 -42.60 24.84 -57.03
CA ALA I 41 -41.60 25.75 -56.47
C ALA I 41 -42.22 27.09 -56.10
N LYS I 42 -43.07 27.65 -56.98
CA LYS I 42 -43.77 28.87 -56.66
C LYS I 42 -44.69 28.67 -55.44
N ARG I 43 -45.30 27.50 -55.34
CA ARG I 43 -46.17 27.20 -54.21
C ARG I 43 -45.42 27.31 -52.89
N LYS I 44 -44.31 26.58 -52.77
CA LYS I 44 -43.60 26.52 -51.50
C LYS I 44 -42.84 27.80 -51.20
N VAL I 45 -42.37 28.51 -52.24
CA VAL I 45 -41.75 29.80 -52.01
C VAL I 45 -42.78 30.84 -51.60
N ALA I 46 -44.06 30.58 -51.88
CA ALA I 46 -45.12 31.50 -51.47
C ALA I 46 -45.53 31.28 -50.02
N ILE I 47 -45.65 30.02 -49.60
CA ILE I 47 -45.97 29.74 -48.21
C ILE I 47 -44.82 30.10 -47.28
N ALA I 48 -43.62 30.33 -47.82
CA ALA I 48 -42.52 30.83 -47.01
C ALA I 48 -42.66 32.33 -46.76
N LEU I 49 -43.14 33.07 -47.76
CA LEU I 49 -43.37 34.50 -47.57
C LEU I 49 -44.61 34.75 -46.71
N ARG I 50 -45.66 33.96 -46.93
CA ARG I 50 -46.88 34.12 -46.15
C ARG I 50 -46.62 33.89 -44.66
N ASN I 51 -45.74 32.93 -44.34
CA ASN I 51 -45.41 32.67 -42.95
C ASN I 51 -44.70 33.85 -42.29
N ARG I 52 -44.09 34.74 -43.08
CA ARG I 52 -43.54 35.96 -42.51
C ARG I 52 -44.64 36.93 -42.13
N TYR I 53 -45.66 37.06 -42.98
CA TYR I 53 -46.84 37.84 -42.62
C TYR I 53 -47.51 37.27 -41.37
N ARG I 54 -47.66 35.95 -41.31
CA ARG I 54 -48.27 35.32 -40.16
C ARG I 54 -47.46 35.55 -38.89
N ARG I 55 -46.14 35.45 -38.99
CA ARG I 55 -45.29 35.68 -37.83
C ARG I 55 -45.38 37.12 -37.34
N SER I 56 -45.52 38.07 -38.27
CA SER I 56 -45.67 39.48 -37.88
C SER I 56 -46.96 39.74 -37.14
N LEU I 57 -47.92 38.83 -37.19
CA LEU I 57 -49.22 38.98 -36.54
C LEU I 57 -49.30 38.13 -35.27
N LEU I 58 -48.26 38.17 -34.44
CA LEU I 58 -48.21 37.32 -33.25
C LEU I 58 -47.63 38.13 -32.09
N ASP I 59 -47.81 37.57 -30.88
CA ASP I 59 -47.28 38.19 -29.68
C ASP I 59 -45.75 38.21 -29.72
N GLU I 60 -45.16 39.17 -29.01
CA GLU I 60 -43.71 39.37 -29.05
C GLU I 60 -42.93 38.35 -28.23
N GLU I 61 -43.37 37.09 -28.24
CA GLU I 61 -42.54 35.99 -27.78
C GLU I 61 -42.58 34.91 -28.85
N SER I 62 -43.78 34.58 -29.31
CA SER I 62 -43.93 33.73 -30.48
C SER I 62 -43.38 34.40 -31.74
N LYS I 63 -43.24 35.73 -31.73
CA LYS I 63 -42.78 36.44 -32.92
C LYS I 63 -41.29 36.26 -33.15
N GLN I 64 -40.49 36.25 -32.07
CA GLN I 64 -39.05 36.16 -32.17
C GLN I 64 -38.51 34.76 -31.88
N GLU I 65 -39.39 33.76 -31.75
CA GLU I 65 -38.97 32.41 -31.44
C GLU I 65 -39.23 31.39 -32.53
N ILE I 66 -40.00 31.73 -33.57
CA ILE I 66 -40.21 30.83 -34.70
C ILE I 66 -39.22 31.22 -35.79
N SER I 67 -38.79 30.22 -36.55
CA SER I 67 -37.74 30.43 -37.53
C SER I 67 -38.31 30.52 -38.94
N PRO I 68 -37.65 31.25 -39.84
CA PRO I 68 -38.15 31.34 -41.22
C PRO I 68 -38.09 29.99 -41.91
N LYS I 69 -39.15 29.70 -42.66
CA LYS I 69 -39.25 28.43 -43.38
C LYS I 69 -38.38 28.53 -44.64
N ASN I 70 -37.07 28.43 -44.43
CA ASN I 70 -36.12 28.50 -45.54
C ASN I 70 -36.38 27.38 -46.54
N ILE I 71 -36.04 27.66 -47.80
CA ILE I 71 -36.30 26.74 -48.90
C ILE I 71 -34.97 26.16 -49.37
N LEU I 72 -35.00 24.88 -49.73
CA LEU I 72 -33.86 24.21 -50.36
C LEU I 72 -34.29 23.77 -51.75
N MET I 73 -33.80 24.47 -52.78
CA MET I 73 -34.15 24.15 -54.16
C MET I 73 -33.18 23.13 -54.73
N ILE I 74 -33.71 22.16 -55.47
CA ILE I 74 -32.94 21.05 -56.02
C ILE I 74 -33.27 20.92 -57.49
N GLY I 75 -32.28 21.11 -58.36
CA GLY I 75 -32.47 20.98 -59.78
C GLY I 75 -31.25 21.44 -60.58
N PRO I 76 -31.22 21.11 -61.87
CA PRO I 76 -30.08 21.53 -62.70
C PRO I 76 -30.14 23.01 -63.05
N THR I 77 -29.15 23.49 -63.81
CA THR I 77 -29.15 24.90 -64.20
C THR I 77 -30.18 25.14 -65.29
N GLY I 78 -30.59 26.41 -65.42
CA GLY I 78 -31.51 26.80 -66.46
C GLY I 78 -32.93 26.33 -66.26
N VAL I 79 -33.33 26.00 -65.03
CA VAL I 79 -34.70 25.61 -64.72
C VAL I 79 -35.45 26.69 -63.96
N GLY I 80 -34.80 27.82 -63.66
CA GLY I 80 -35.46 28.91 -62.99
C GLY I 80 -35.36 28.92 -61.49
N LYS I 81 -34.31 28.32 -60.91
CA LYS I 81 -34.13 28.37 -59.46
C LYS I 81 -33.88 29.79 -58.99
N THR I 82 -32.88 30.46 -59.58
CA THR I 82 -32.55 31.82 -59.18
C THR I 82 -33.60 32.82 -59.63
N GLU I 83 -34.20 32.60 -60.81
CA GLU I 83 -35.16 33.56 -61.34
C GLU I 83 -36.40 33.69 -60.46
N ILE I 84 -36.81 32.60 -59.81
CA ILE I 84 -37.96 32.67 -58.92
C ILE I 84 -37.63 33.53 -57.71
N ALA I 85 -36.56 33.19 -56.99
CA ALA I 85 -36.21 33.92 -55.78
C ALA I 85 -35.94 35.39 -56.06
N ARG I 86 -35.20 35.68 -57.13
CA ARG I 86 -34.90 37.06 -57.49
C ARG I 86 -36.16 37.84 -57.81
N ARG I 87 -37.13 37.20 -58.49
CA ARG I 87 -38.39 37.85 -58.82
C ARG I 87 -39.34 37.85 -57.63
N MET I 88 -39.33 36.77 -56.84
CA MET I 88 -40.20 36.69 -55.67
C MET I 88 -39.91 37.82 -54.68
N ALA I 89 -38.66 38.27 -54.61
CA ALA I 89 -38.32 39.37 -53.72
C ALA I 89 -38.76 40.72 -54.27
N LYS I 90 -38.85 40.85 -55.59
CA LYS I 90 -39.23 42.12 -56.19
C LYS I 90 -40.71 42.44 -55.96
N VAL I 91 -41.55 41.42 -55.78
CA VAL I 91 -42.96 41.67 -55.58
C VAL I 91 -43.28 42.05 -54.14
N VAL I 92 -42.43 41.69 -53.19
CA VAL I 92 -42.66 42.01 -51.78
C VAL I 92 -41.78 43.17 -51.31
N GLY I 93 -41.04 43.80 -52.22
CA GLY I 93 -40.16 44.89 -51.83
C GLY I 93 -39.08 44.47 -50.86
N ALA I 94 -38.56 43.26 -51.02
CA ALA I 94 -37.56 42.69 -50.11
C ALA I 94 -36.18 42.80 -50.72
N PRO I 95 -35.17 43.22 -49.95
CA PRO I 95 -33.80 43.21 -50.45
C PRO I 95 -33.33 41.78 -50.74
N PHE I 96 -32.67 41.61 -51.88
CA PHE I 96 -32.24 40.30 -52.35
C PHE I 96 -30.78 40.34 -52.75
N ILE I 97 -30.02 39.33 -52.33
CA ILE I 97 -28.62 39.18 -52.72
C ILE I 97 -28.38 37.72 -53.07
N LYS I 98 -27.50 37.49 -54.04
CA LYS I 98 -27.17 36.15 -54.51
C LYS I 98 -25.68 35.90 -54.31
N VAL I 99 -25.35 34.75 -53.73
CA VAL I 99 -23.96 34.38 -53.46
C VAL I 99 -23.72 32.97 -53.99
N GLU I 100 -22.47 32.71 -54.36
CA GLU I 100 -22.01 31.38 -54.73
C GLU I 100 -21.28 30.81 -53.52
N ALA I 101 -21.83 29.75 -52.93
CA ALA I 101 -21.20 29.15 -51.75
C ALA I 101 -19.80 28.65 -52.03
N THR I 102 -19.47 28.38 -53.29
CA THR I 102 -18.15 27.87 -53.67
C THR I 102 -17.07 28.95 -53.69
N LYS I 103 -17.41 30.20 -53.43
CA LYS I 103 -16.41 31.26 -53.34
C LYS I 103 -15.82 31.39 -51.94
N PHE I 104 -16.33 30.64 -50.97
CA PHE I 104 -15.88 30.70 -49.59
C PHE I 104 -14.86 29.61 -49.25
N THR I 105 -14.25 29.00 -50.25
CA THR I 105 -13.27 27.93 -50.03
C THR I 105 -11.86 28.54 -50.03
N GLU I 106 -11.59 29.32 -48.98
CA GLU I 106 -10.30 29.98 -48.79
C GLU I 106 -9.56 29.46 -47.57
N LEU I 107 -10.20 29.49 -46.40
CA LEU I 107 -9.60 29.08 -45.13
C LEU I 107 -8.34 29.89 -44.85
N GLY I 108 -8.53 31.21 -44.80
CA GLY I 108 -7.42 32.13 -44.56
C GLY I 108 -7.78 33.59 -44.80
N ARG I 112 -11.40 33.60 -44.81
CA ARG I 112 -12.72 33.30 -45.34
C ARG I 112 -13.79 34.12 -44.61
N ASP I 113 -14.56 34.89 -45.37
CA ASP I 113 -15.46 35.90 -44.82
C ASP I 113 -16.88 35.63 -45.30
N VAL I 114 -17.54 34.66 -44.66
CA VAL I 114 -18.92 34.33 -45.04
C VAL I 114 -19.89 35.44 -44.63
N GLU I 115 -19.53 36.23 -43.62
CA GLU I 115 -20.41 37.33 -43.18
C GLU I 115 -20.59 38.41 -44.25
N SER I 116 -19.90 38.32 -45.39
CA SER I 116 -20.08 39.29 -46.46
C SER I 116 -21.45 39.20 -47.11
N MET I 117 -22.15 38.07 -46.96
CA MET I 117 -23.51 37.95 -47.48
C MET I 117 -24.43 38.97 -46.82
N VAL I 118 -24.49 38.94 -45.49
CA VAL I 118 -25.33 39.89 -44.76
C VAL I 118 -24.81 41.31 -44.94
N ARG I 119 -23.51 41.48 -45.04
CA ARG I 119 -22.94 42.82 -45.23
C ARG I 119 -23.34 43.38 -46.58
N ASP I 120 -23.38 42.54 -47.62
CA ASP I 120 -23.81 42.98 -48.94
C ASP I 120 -25.34 43.07 -49.05
N LEU I 121 -26.08 42.36 -48.20
CA LEU I 121 -27.52 42.48 -48.20
C LEU I 121 -27.96 43.82 -47.60
N VAL I 122 -27.31 44.23 -46.51
CA VAL I 122 -27.56 45.56 -45.95
C VAL I 122 -27.16 46.64 -46.94
N ASP I 123 -26.16 46.36 -47.79
CA ASP I 123 -25.75 47.33 -48.78
C ASP I 123 -26.87 47.63 -49.77
N VAL I 124 -27.62 46.61 -50.18
CA VAL I 124 -28.74 46.85 -51.09
C VAL I 124 -29.99 47.29 -50.33
N SER I 125 -30.05 47.05 -49.02
CA SER I 125 -31.18 47.54 -48.24
C SER I 125 -31.12 49.04 -48.02
N VAL I 126 -29.91 49.60 -47.92
CA VAL I 126 -29.80 51.05 -47.75
C VAL I 126 -30.01 51.77 -49.09
N ARG I 127 -29.58 51.17 -50.20
CA ARG I 127 -29.83 51.77 -51.50
C ARG I 127 -31.32 51.72 -51.84
N LEU I 128 -31.99 50.61 -51.49
CA LEU I 128 -33.41 50.49 -51.75
C LEU I 128 -34.22 51.52 -50.95
N VAL I 129 -33.85 51.73 -49.68
CA VAL I 129 -34.59 52.67 -48.84
C VAL I 129 -34.29 54.11 -49.25
N LYS I 130 -33.01 54.43 -49.50
CA LYS I 130 -32.66 55.79 -49.90
C LYS I 130 -33.24 56.15 -51.26
N ALA I 131 -33.54 55.17 -52.12
CA ALA I 131 -34.25 55.44 -53.35
C ALA I 131 -35.75 55.62 -53.11
N GLN I 132 -36.31 54.87 -52.15
CA GLN I 132 -37.71 55.06 -51.78
C GLN I 132 -37.95 56.39 -51.10
N LYS I 133 -36.92 56.94 -50.44
CA LYS I 133 -37.06 58.22 -49.76
C LYS I 133 -36.87 59.41 -50.69
N LYS I 134 -36.06 59.25 -51.74
CA LYS I 134 -35.92 60.32 -52.73
C LYS I 134 -37.16 60.42 -53.61
N SER I 135 -37.76 59.28 -53.95
CA SER I 135 -39.01 59.30 -54.72
C SER I 135 -40.15 59.90 -53.92
N LEU I 136 -40.15 59.71 -52.60
CA LEU I 136 -41.24 60.20 -51.78
C LEU I 136 -41.31 61.72 -51.77
N VAL I 137 -40.15 62.38 -51.74
CA VAL I 137 -40.08 63.81 -51.49
C VAL I 137 -39.77 64.61 -52.75
N GLN I 138 -39.76 63.96 -53.92
CA GLN I 138 -39.34 64.68 -55.12
C GLN I 138 -40.37 65.72 -55.55
N ASP I 139 -41.65 65.52 -55.22
CA ASP I 139 -42.63 66.57 -55.48
C ASP I 139 -42.45 67.73 -54.50
N GLU I 140 -42.18 67.42 -53.24
CA GLU I 140 -41.89 68.47 -52.27
C GLU I 140 -40.58 69.18 -52.62
N ALA I 141 -39.61 68.44 -53.15
CA ALA I 141 -38.32 69.04 -53.49
C ALA I 141 -38.41 69.86 -54.77
N THR I 142 -39.11 69.35 -55.79
CA THR I 142 -39.26 70.10 -57.03
C THR I 142 -40.13 71.33 -56.82
N ALA I 143 -41.08 71.27 -55.89
CA ALA I 143 -41.88 72.46 -55.56
C ALA I 143 -41.02 73.55 -54.93
N LYS I 144 -40.06 73.16 -54.09
CA LYS I 144 -39.15 74.14 -53.50
C LYS I 144 -38.17 74.68 -54.53
N ALA I 145 -37.86 73.90 -55.56
CA ALA I 145 -37.02 74.39 -56.65
C ALA I 145 -37.74 75.44 -57.48
N ASN I 146 -39.05 75.30 -57.64
CA ASN I 146 -39.82 76.29 -58.38
C ASN I 146 -39.94 77.60 -57.59
N GLU I 147 -40.07 77.50 -56.27
CA GLU I 147 -40.05 78.71 -55.44
C GLU I 147 -38.71 79.42 -55.51
N LYS I 148 -37.63 78.66 -55.68
CA LYS I 148 -36.29 79.22 -55.85
C LYS I 148 -36.19 79.92 -57.20
N LEU I 149 -36.80 81.09 -57.32
CA LEU I 149 -36.66 81.95 -58.50
C LEU I 149 -36.12 83.30 -58.04
N VAL I 150 -34.96 83.68 -58.58
CA VAL I 150 -34.31 84.92 -58.20
C VAL I 150 -33.51 85.49 -59.37
N ALA I 268 -32.95 69.07 -56.10
CA ALA I 268 -32.35 67.94 -55.40
C ALA I 268 -32.08 68.30 -53.94
N ASP I 269 -33.15 68.55 -53.20
CA ASP I 269 -33.07 68.88 -51.78
C ASP I 269 -33.11 67.58 -50.99
N GLU I 270 -31.94 67.05 -50.64
CA GLU I 270 -31.81 65.84 -49.84
C GLU I 270 -31.85 66.15 -48.35
N LEU I 271 -32.76 67.01 -47.92
CA LEU I 271 -32.91 67.35 -46.51
C LEU I 271 -33.87 66.34 -45.86
N ILE I 272 -33.39 65.10 -45.79
CA ILE I 272 -34.07 64.01 -45.11
C ILE I 272 -33.05 63.29 -44.25
N ASP I 273 -33.51 62.79 -43.10
CA ASP I 273 -32.61 62.20 -42.11
C ASP I 273 -31.98 60.93 -42.67
N GLN I 274 -30.68 60.99 -42.96
CA GLN I 274 -29.98 59.80 -43.43
C GLN I 274 -29.89 58.74 -42.34
N GLU I 275 -29.78 59.16 -41.07
CA GLU I 275 -29.66 58.19 -39.98
C GLU I 275 -30.99 57.51 -39.69
N SER I 276 -32.09 58.25 -39.76
CA SER I 276 -33.40 57.62 -39.64
C SER I 276 -33.68 56.69 -40.80
N ALA I 277 -33.17 57.04 -42.00
CA ALA I 277 -33.36 56.18 -43.16
C ALA I 277 -32.46 54.95 -43.12
N ASN I 278 -31.25 55.08 -42.56
CA ASN I 278 -30.37 53.93 -42.45
C ASN I 278 -30.92 52.90 -41.47
N GLN I 279 -31.48 53.35 -40.35
CA GLN I 279 -32.06 52.41 -39.39
C GLN I 279 -33.28 51.71 -39.97
N GLU I 280 -34.08 52.43 -40.78
CA GLU I 280 -35.18 51.77 -41.47
C GLU I 280 -34.68 50.73 -42.46
N ALA I 281 -33.47 50.94 -43.01
CA ALA I 281 -32.89 49.96 -43.92
C ALA I 281 -32.32 48.76 -43.17
N LEU I 282 -31.81 48.97 -41.95
CA LEU I 282 -31.34 47.85 -41.14
C LEU I 282 -32.49 46.93 -40.77
N GLU I 283 -33.56 47.48 -40.22
CA GLU I 283 -34.73 46.68 -39.86
C GLU I 283 -35.39 46.05 -41.07
N LEU I 284 -35.23 46.65 -42.26
CA LEU I 284 -35.78 46.04 -43.46
C LEU I 284 -35.09 44.72 -43.78
N ALA I 285 -33.75 44.75 -43.93
CA ALA I 285 -33.01 43.53 -44.17
C ALA I 285 -33.13 42.55 -43.00
N GLU I 286 -33.22 43.08 -41.77
CA GLU I 286 -33.41 42.21 -40.61
C GLU I 286 -34.71 41.42 -40.71
N GLN I 287 -35.79 42.09 -41.12
CA GLN I 287 -37.13 41.50 -41.06
C GLN I 287 -37.67 41.05 -42.41
N MET I 288 -37.11 41.53 -43.51
CA MET I 288 -37.63 41.21 -44.84
C MET I 288 -36.56 40.73 -45.81
N GLY I 289 -35.29 40.72 -45.42
CA GLY I 289 -34.23 40.37 -46.34
C GLY I 289 -34.29 38.92 -46.78
N ILE I 290 -33.79 38.68 -47.99
CA ILE I 290 -33.75 37.34 -48.58
C ILE I 290 -32.38 37.13 -49.21
N ILE I 291 -31.71 36.04 -48.85
CA ILE I 291 -30.38 35.73 -49.35
C ILE I 291 -30.42 34.38 -50.06
N PHE I 292 -29.77 34.31 -51.22
CA PHE I 292 -29.77 33.14 -52.09
C PHE I 292 -28.37 32.54 -52.11
N ILE I 293 -28.25 31.30 -51.66
CA ILE I 293 -26.98 30.58 -51.67
C ILE I 293 -27.01 29.59 -52.83
N ASP I 294 -26.28 29.90 -53.89
CA ASP I 294 -26.24 29.05 -55.07
C ASP I 294 -25.18 27.97 -54.92
N GLU I 295 -25.51 26.76 -55.36
CA GLU I 295 -24.61 25.61 -55.31
C GLU I 295 -24.09 25.38 -53.89
N ILE I 296 -25.04 25.10 -52.99
CA ILE I 296 -24.69 24.68 -51.64
C ILE I 296 -24.40 23.20 -51.55
N ASP I 297 -24.72 22.43 -52.60
CA ASP I 297 -24.37 21.02 -52.62
C ASP I 297 -22.87 20.80 -52.75
N LYS I 298 -22.14 21.81 -53.21
CA LYS I 298 -20.71 21.71 -53.42
C LYS I 298 -19.90 22.04 -52.18
N VAL I 299 -20.55 22.42 -51.08
CA VAL I 299 -19.90 22.56 -49.80
C VAL I 299 -20.28 21.42 -48.86
N ALA I 300 -20.77 20.31 -49.40
CA ALA I 300 -21.08 19.12 -48.65
C ALA I 300 -20.45 17.91 -49.34
N THR I 301 -19.96 16.96 -48.55
CA THR I 301 -19.36 15.76 -49.09
C THR I 301 -19.53 14.57 -48.15
N GLN I 313 -16.45 20.69 -44.39
CA GLN I 313 -17.54 21.24 -43.60
C GLN I 313 -17.23 22.67 -43.15
N GLY I 314 -16.10 23.20 -43.63
CA GLY I 314 -15.67 24.51 -43.20
C GLY I 314 -16.60 25.63 -43.59
N VAL I 315 -17.22 25.53 -44.77
CA VAL I 315 -18.14 26.58 -45.22
C VAL I 315 -19.48 26.45 -44.50
N GLN I 316 -19.97 25.23 -44.31
CA GLN I 316 -21.26 25.04 -43.64
C GLN I 316 -21.22 25.53 -42.21
N ARG I 317 -20.09 25.32 -41.51
CA ARG I 317 -20.00 25.75 -40.12
C ARG I 317 -19.93 27.27 -40.02
N ASP I 318 -19.40 27.94 -41.05
CA ASP I 318 -19.39 29.39 -41.07
C ASP I 318 -20.74 29.96 -41.49
N ILE I 319 -21.51 29.20 -42.26
CA ILE I 319 -22.87 29.60 -42.62
C ILE I 319 -23.82 29.39 -41.44
N LEU I 320 -23.50 28.46 -40.53
CA LEU I 320 -24.42 28.13 -39.45
C LEU I 320 -24.84 29.32 -38.59
N PRO I 321 -23.94 30.16 -38.07
CA PRO I 321 -24.40 31.27 -37.23
C PRO I 321 -25.33 32.23 -37.96
N ILE I 322 -25.13 32.41 -39.26
CA ILE I 322 -26.04 33.23 -40.06
C ILE I 322 -27.45 32.65 -39.99
N LEU I 323 -27.56 31.33 -40.23
CA LEU I 323 -28.86 30.68 -40.20
C LEU I 323 -29.42 30.59 -38.78
N GLU I 324 -28.56 30.46 -37.77
CA GLU I 324 -29.01 30.38 -36.39
C GLU I 324 -29.31 31.75 -35.79
N GLY I 325 -29.04 32.84 -36.52
CA GLY I 325 -29.30 34.17 -36.01
C GLY I 325 -28.12 34.73 -35.24
N SER I 326 -27.28 35.51 -35.94
CA SER I 326 -26.07 36.07 -35.35
C SER I 326 -26.02 37.57 -35.61
N VAL I 327 -25.44 38.29 -34.65
CA VAL I 327 -25.20 39.72 -34.81
C VAL I 327 -23.99 39.93 -35.69
N ILE I 328 -24.12 40.82 -36.68
CA ILE I 328 -23.09 41.03 -37.69
C ILE I 328 -22.89 42.53 -37.88
N GLN I 329 -21.63 42.95 -37.90
CA GLN I 329 -21.31 44.36 -38.02
C GLN I 329 -21.36 44.82 -39.48
N THR I 330 -21.89 46.01 -39.69
CA THR I 330 -21.87 46.69 -40.98
C THR I 330 -21.37 48.10 -40.76
N LYS I 331 -21.14 48.82 -41.88
CA LYS I 331 -20.73 50.21 -41.76
C LYS I 331 -21.84 51.10 -41.22
N TYR I 332 -23.07 50.59 -41.15
CA TYR I 332 -24.20 51.34 -40.61
C TYR I 332 -24.62 50.86 -39.21
N GLY I 333 -23.97 49.82 -38.68
CA GLY I 333 -24.30 49.27 -37.39
C GLY I 333 -24.39 47.76 -37.47
N THR I 334 -25.10 47.17 -36.51
CA THR I 334 -25.27 45.72 -36.46
C THR I 334 -26.70 45.34 -36.80
N VAL I 335 -26.85 44.16 -37.41
CA VAL I 335 -28.15 43.60 -37.72
C VAL I 335 -28.26 42.21 -37.10
N ASN I 336 -29.42 41.59 -37.24
CA ASN I 336 -29.67 40.24 -36.73
C ASN I 336 -30.28 39.40 -37.85
N THR I 337 -29.87 38.14 -37.93
CA THR I 337 -30.26 37.27 -39.03
C THR I 337 -31.23 36.18 -38.60
N GLU I 338 -31.90 36.35 -37.46
CA GLU I 338 -32.84 35.34 -37.00
C GLU I 338 -34.01 35.17 -37.96
N HIS I 339 -34.39 36.25 -38.66
CA HIS I 339 -35.60 36.25 -39.45
C HIS I 339 -35.35 36.53 -40.93
N MET I 340 -34.10 36.51 -41.37
CA MET I 340 -33.81 36.58 -42.79
C MET I 340 -34.20 35.26 -43.46
N LEU I 341 -34.52 35.33 -44.74
CA LEU I 341 -34.98 34.17 -45.49
C LEU I 341 -33.86 33.68 -46.41
N PHE I 342 -33.53 32.40 -46.29
CA PHE I 342 -32.45 31.80 -47.06
C PHE I 342 -33.00 30.73 -48.00
N ILE I 343 -32.51 30.73 -49.23
CA ILE I 343 -32.84 29.71 -50.22
C ILE I 343 -31.53 29.10 -50.69
N GLY I 344 -31.29 27.84 -50.32
CA GLY I 344 -30.12 27.12 -50.78
C GLY I 344 -30.45 26.39 -52.06
N ALA I 345 -29.60 26.58 -53.08
CA ALA I 345 -29.81 25.98 -54.38
C ALA I 345 -28.68 25.02 -54.71
N GLY I 346 -28.93 24.16 -55.70
CA GLY I 346 -27.95 23.19 -56.11
C GLY I 346 -28.59 22.06 -56.88
N ALA I 347 -27.79 21.42 -57.71
CA ALA I 347 -28.29 20.29 -58.51
C ALA I 347 -28.20 18.98 -57.75
N PHE I 348 -27.28 18.88 -56.80
CA PHE I 348 -27.12 17.69 -55.96
C PHE I 348 -26.88 16.43 -56.79
N HIS I 349 -25.92 16.53 -57.71
CA HIS I 349 -25.48 15.37 -58.47
C HIS I 349 -24.43 14.56 -57.74
N VAL I 350 -23.61 15.20 -56.92
CA VAL I 350 -22.52 14.53 -56.21
C VAL I 350 -22.91 14.17 -54.78
N SER I 351 -23.70 15.03 -54.12
CA SER I 351 -24.10 14.79 -52.74
C SER I 351 -25.57 15.11 -52.58
N LYS I 352 -26.16 14.60 -51.51
CA LYS I 352 -27.56 14.79 -51.21
C LYS I 352 -27.73 15.84 -50.12
N PRO I 353 -28.94 16.37 -49.94
CA PRO I 353 -29.20 17.21 -48.76
C PRO I 353 -28.96 16.49 -47.46
N SER I 354 -29.03 15.15 -47.46
CA SER I 354 -28.69 14.37 -46.28
C SER I 354 -27.21 14.42 -45.96
N ASP I 355 -26.39 14.87 -46.92
CA ASP I 355 -24.97 15.05 -46.70
C ASP I 355 -24.63 16.44 -46.16
N LEU I 356 -25.63 17.28 -45.90
CA LEU I 356 -25.40 18.55 -45.22
C LEU I 356 -25.27 18.33 -43.72
N ILE I 357 -24.72 19.31 -43.03
CA ILE I 357 -24.58 19.18 -41.57
C ILE I 357 -25.97 19.19 -40.94
N PRO I 358 -26.20 18.44 -39.87
CA PRO I 358 -27.58 18.29 -39.37
C PRO I 358 -28.24 19.60 -39.00
N GLU I 359 -27.48 20.57 -38.49
CA GLU I 359 -28.06 21.87 -38.16
C GLU I 359 -28.56 22.58 -39.40
N LEU I 360 -27.88 22.40 -40.55
CA LEU I 360 -28.37 23.01 -41.79
C LEU I 360 -29.61 22.31 -42.32
N GLN I 361 -29.74 21.00 -42.07
CA GLN I 361 -30.92 20.27 -42.55
C GLN I 361 -32.19 20.77 -41.87
N GLY I 362 -32.15 20.93 -40.55
CA GLY I 362 -33.32 21.37 -39.82
C GLY I 362 -33.73 22.80 -40.09
N ARG I 363 -32.80 23.63 -40.57
CA ARG I 363 -33.10 25.02 -40.88
C ARG I 363 -33.46 25.22 -42.34
N PHE I 364 -33.69 24.15 -43.09
CA PHE I 364 -34.29 24.19 -44.42
C PHE I 364 -35.54 23.33 -44.42
N PRO I 365 -36.61 23.79 -43.76
CA PRO I 365 -37.82 22.94 -43.67
C PRO I 365 -38.52 22.77 -45.00
N ILE I 366 -38.65 23.84 -45.78
CA ILE I 366 -39.27 23.76 -47.10
C ILE I 366 -38.24 23.24 -48.10
N ARG I 367 -38.61 22.21 -48.84
CA ARG I 367 -37.74 21.61 -49.84
C ARG I 367 -38.53 21.27 -51.09
N VAL I 368 -38.05 21.74 -52.24
CA VAL I 368 -38.72 21.53 -53.52
C VAL I 368 -37.72 20.94 -54.51
N GLU I 369 -38.20 20.01 -55.34
CA GLU I 369 -37.39 19.34 -56.35
C GLU I 369 -37.88 19.85 -57.70
N LEU I 370 -37.19 20.84 -58.24
CA LEU I 370 -37.64 21.51 -59.45
C LEU I 370 -37.64 20.58 -60.64
N ASP I 371 -38.64 20.72 -61.50
CA ASP I 371 -38.81 19.86 -62.66
C ASP I 371 -37.82 20.22 -63.76
N SER I 372 -37.33 19.19 -64.45
CA SER I 372 -36.45 19.40 -65.59
C SER I 372 -37.27 19.85 -66.80
N LEU I 373 -36.67 20.70 -67.62
CA LEU I 373 -37.39 21.33 -68.72
C LEU I 373 -37.47 20.41 -69.94
N SER I 374 -38.38 20.75 -70.84
CA SER I 374 -38.57 20.03 -72.09
C SER I 374 -38.64 21.04 -73.23
N VAL I 375 -38.77 20.53 -74.46
CA VAL I 375 -38.84 21.40 -75.62
C VAL I 375 -40.14 22.19 -75.61
N GLU I 376 -41.25 21.56 -75.19
CA GLU I 376 -42.49 22.31 -75.01
C GLU I 376 -42.37 23.34 -73.90
N ASP I 377 -41.50 23.09 -72.91
CA ASP I 377 -41.23 24.11 -71.92
C ASP I 377 -40.38 25.24 -72.49
N PHE I 378 -39.52 24.94 -73.47
CA PHE I 378 -38.69 25.96 -74.07
C PHE I 378 -39.52 26.96 -74.86
N VAL I 379 -40.40 26.47 -75.75
CA VAL I 379 -41.22 27.37 -76.56
C VAL I 379 -42.04 28.30 -75.68
N ARG I 380 -42.40 27.85 -74.47
CA ARG I 380 -43.08 28.73 -73.53
C ARG I 380 -42.12 29.80 -72.99
N ILE I 381 -40.90 29.39 -72.62
CA ILE I 381 -39.90 30.34 -72.14
C ILE I 381 -39.60 31.39 -73.21
N LEU I 382 -39.57 30.98 -74.48
CA LEU I 382 -39.28 31.91 -75.56
C LEU I 382 -40.33 33.02 -75.64
N THR I 383 -41.60 32.67 -75.44
CA THR I 383 -42.71 33.55 -75.77
C THR I 383 -43.51 34.03 -74.57
N GLU I 384 -43.82 33.13 -73.62
CA GLU I 384 -44.84 33.44 -72.62
C GLU I 384 -44.41 34.47 -71.58
N PRO I 385 -43.21 34.39 -70.97
CA PRO I 385 -42.90 35.33 -69.88
C PRO I 385 -42.95 36.78 -70.32
N LYS I 386 -43.27 37.65 -69.37
CA LYS I 386 -43.25 39.07 -69.62
C LYS I 386 -41.83 39.50 -70.00
N LEU I 387 -41.70 40.16 -71.15
CA LEU I 387 -40.41 40.55 -71.70
C LEU I 387 -39.51 39.33 -71.90
N SER I 388 -40.06 38.33 -72.59
CA SER I 388 -39.32 37.11 -72.89
C SER I 388 -38.24 37.42 -73.94
N LEU I 389 -37.59 36.37 -74.43
CA LEU I 389 -36.44 36.58 -75.31
C LEU I 389 -36.87 37.07 -76.69
N ILE I 390 -37.94 36.51 -77.26
CA ILE I 390 -38.37 36.97 -78.58
C ILE I 390 -38.96 38.38 -78.50
N LYS I 391 -39.63 38.70 -77.39
CA LYS I 391 -40.15 40.05 -77.23
C LYS I 391 -39.03 41.07 -77.09
N GLN I 392 -37.87 40.64 -76.61
CA GLN I 392 -36.71 41.53 -76.54
C GLN I 392 -36.23 41.90 -77.94
N TYR I 393 -35.97 40.91 -78.78
CA TYR I 393 -35.50 41.19 -80.13
C TYR I 393 -36.56 41.90 -80.96
N GLU I 394 -37.85 41.62 -80.71
CA GLU I 394 -38.91 42.35 -81.39
C GLU I 394 -38.85 43.84 -81.06
N ALA I 395 -38.50 44.16 -79.81
CA ALA I 395 -38.42 45.57 -79.40
C ALA I 395 -37.08 46.18 -79.75
N LEU I 396 -36.00 45.40 -79.65
CA LEU I 396 -34.68 45.91 -80.00
C LEU I 396 -34.57 46.22 -81.48
N LEU I 397 -35.05 45.30 -82.33
CA LEU I 397 -35.05 45.54 -83.76
C LEU I 397 -36.09 46.56 -84.18
N GLN I 398 -37.10 46.80 -83.34
CA GLN I 398 -38.06 47.87 -83.61
C GLN I 398 -37.42 49.24 -83.43
N THR I 399 -36.36 49.34 -82.62
CA THR I 399 -35.61 50.58 -82.52
C THR I 399 -35.05 51.00 -83.88
N GLU I 400 -34.68 50.02 -84.71
CA GLU I 400 -34.21 50.28 -86.07
C GLU I 400 -35.35 50.30 -87.08
N GLU I 401 -36.60 50.43 -86.62
CA GLU I 401 -37.79 50.43 -87.49
C GLU I 401 -37.89 49.15 -88.31
N VAL I 402 -37.75 48.01 -87.64
CA VAL I 402 -37.87 46.70 -88.28
C VAL I 402 -38.88 45.88 -87.49
N THR I 403 -39.89 45.36 -88.17
CA THR I 403 -40.91 44.53 -87.57
C THR I 403 -40.57 43.06 -87.83
N VAL I 404 -40.34 42.31 -86.76
CA VAL I 404 -39.91 40.91 -86.84
C VAL I 404 -41.06 40.02 -86.40
N ASN I 405 -41.26 38.93 -87.15
CA ASN I 405 -42.33 37.97 -86.85
C ASN I 405 -41.73 36.58 -86.78
N PHE I 406 -41.81 35.96 -85.62
CA PHE I 406 -41.36 34.59 -85.40
C PHE I 406 -42.56 33.67 -85.55
N THR I 407 -42.57 32.87 -86.61
CA THR I 407 -43.63 31.88 -86.77
C THR I 407 -43.53 30.83 -85.66
N ASP I 408 -44.69 30.35 -85.21
CA ASP I 408 -44.72 29.37 -84.12
C ASP I 408 -43.92 28.12 -84.47
N GLU I 409 -43.79 27.81 -85.77
CA GLU I 409 -42.96 26.69 -86.18
C GLU I 409 -41.48 27.01 -86.10
N ALA I 410 -41.11 28.27 -86.38
CA ALA I 410 -39.73 28.68 -86.17
C ALA I 410 -39.40 28.80 -84.69
N ILE I 411 -40.36 29.30 -83.90
CA ILE I 411 -40.21 29.29 -82.45
C ILE I 411 -39.95 27.87 -81.95
N THR I 412 -40.69 26.90 -82.48
CA THR I 412 -40.46 25.51 -82.13
C THR I 412 -39.12 25.01 -82.62
N ARG I 413 -38.68 25.48 -83.79
CA ARG I 413 -37.41 25.02 -84.34
C ARG I 413 -36.23 25.47 -83.49
N LEU I 414 -36.31 26.68 -82.93
CA LEU I 414 -35.26 27.15 -82.03
C LEU I 414 -35.20 26.32 -80.75
N ALA I 415 -36.37 25.97 -80.21
CA ALA I 415 -36.41 25.18 -78.99
C ALA I 415 -35.89 23.77 -79.23
N GLU I 416 -36.23 23.17 -80.37
CA GLU I 416 -35.75 21.84 -80.69
C GLU I 416 -34.23 21.83 -80.83
N ILE I 417 -33.67 22.84 -81.50
CA ILE I 417 -32.22 22.91 -81.66
C ILE I 417 -31.54 23.14 -80.32
N ALA I 418 -32.09 24.03 -79.49
CA ALA I 418 -31.51 24.27 -78.18
C ALA I 418 -31.58 23.02 -77.31
N TYR I 419 -32.69 22.28 -77.38
CA TYR I 419 -32.80 21.05 -76.61
C TYR I 419 -31.82 19.99 -77.11
N GLN I 420 -31.61 19.94 -78.42
CA GLN I 420 -30.75 18.90 -78.98
C GLN I 420 -29.29 19.13 -78.61
N VAL I 421 -28.79 20.36 -78.80
CA VAL I 421 -27.39 20.63 -78.49
C VAL I 421 -27.13 20.50 -77.00
N ASN I 422 -28.16 20.69 -76.17
CA ASN I 422 -28.02 20.39 -74.74
C ASN I 422 -27.79 18.91 -74.52
N GLN I 423 -28.35 18.05 -75.37
CA GLN I 423 -28.04 16.62 -75.29
C GLN I 423 -26.67 16.32 -75.86
N ASP I 424 -26.32 16.95 -77.00
CA ASP I 424 -25.09 16.60 -77.69
C ASP I 424 -23.85 17.06 -76.92
N THR I 425 -23.96 18.12 -76.12
CA THR I 425 -22.82 18.61 -75.35
C THR I 425 -23.14 18.63 -73.86
N ASP I 426 -23.23 19.82 -73.28
CA ASP I 426 -23.51 19.99 -71.86
C ASP I 426 -24.88 20.65 -71.69
N ASN I 427 -25.75 20.03 -70.90
CA ASN I 427 -27.12 20.50 -70.72
C ASN I 427 -27.11 21.69 -69.75
N ILE I 428 -27.14 22.90 -70.30
CA ILE I 428 -27.18 24.12 -69.50
C ILE I 428 -28.61 24.64 -69.34
N GLY I 429 -29.61 23.83 -69.68
CA GLY I 429 -30.99 24.23 -69.47
C GLY I 429 -31.44 25.32 -70.44
N ALA I 430 -32.34 26.18 -69.94
CA ALA I 430 -32.87 27.28 -70.75
C ALA I 430 -31.85 28.37 -71.02
N ARG I 431 -30.60 28.21 -70.58
CA ARG I 431 -29.54 29.15 -70.91
C ARG I 431 -29.04 28.97 -72.34
N ARG I 432 -29.42 27.88 -73.01
CA ARG I 432 -29.01 27.66 -74.39
C ARG I 432 -29.64 28.66 -75.35
N LEU I 433 -30.82 29.18 -74.99
CA LEU I 433 -31.57 30.03 -75.92
C LEU I 433 -30.82 31.31 -76.26
N HIS I 434 -30.03 31.84 -75.32
CA HIS I 434 -29.34 33.11 -75.56
C HIS I 434 -28.38 33.02 -76.74
N THR I 435 -27.73 31.87 -76.92
CA THR I 435 -26.80 31.71 -78.04
C THR I 435 -27.52 31.37 -79.32
N ILE I 436 -28.57 30.54 -79.25
CA ILE I 436 -29.29 30.10 -80.43
C ILE I 436 -29.93 31.29 -81.13
N LEU I 437 -30.52 32.20 -80.35
CA LEU I 437 -31.22 33.34 -80.95
C LEU I 437 -30.25 34.31 -81.60
N GLU I 438 -29.17 34.66 -80.90
CA GLU I 438 -28.22 35.61 -81.45
C GLU I 438 -27.52 35.08 -82.69
N LYS I 439 -27.53 33.77 -82.90
CA LYS I 439 -26.84 33.19 -84.06
C LYS I 439 -27.66 33.34 -85.34
N MET I 440 -28.99 33.16 -85.26
CA MET I 440 -29.79 33.31 -86.48
C MET I 440 -30.17 34.76 -86.74
N LEU I 441 -30.35 35.57 -85.70
CA LEU I 441 -30.52 37.00 -85.85
C LEU I 441 -29.19 37.72 -86.05
N GLU I 442 -28.11 36.97 -86.22
CA GLU I 442 -26.79 37.55 -86.42
C GLU I 442 -26.74 38.40 -87.69
N ASP I 443 -27.13 37.81 -88.83
CA ASP I 443 -27.12 38.56 -90.08
C ASP I 443 -28.16 39.67 -90.08
N LEU I 444 -29.31 39.44 -89.44
CA LEU I 444 -30.38 40.43 -89.44
C LEU I 444 -29.99 41.66 -88.61
N SER I 445 -29.41 41.44 -87.42
CA SER I 445 -29.08 42.55 -86.54
C SER I 445 -28.00 43.46 -87.15
N PHE I 446 -27.10 42.89 -87.96
CA PHE I 446 -26.06 43.70 -88.59
C PHE I 446 -26.61 44.54 -89.73
N GLU I 447 -27.68 44.10 -90.38
CA GLU I 447 -28.26 44.78 -91.53
C GLU I 447 -29.57 45.48 -91.20
N ALA I 448 -29.87 45.69 -89.90
CA ALA I 448 -31.15 46.27 -89.54
C ALA I 448 -31.27 47.73 -89.91
N PRO I 449 -30.32 48.63 -89.56
CA PRO I 449 -30.51 50.05 -89.91
C PRO I 449 -30.56 50.29 -91.42
N SER I 450 -29.86 49.48 -92.21
CA SER I 450 -29.94 49.56 -93.67
C SER I 450 -31.24 48.95 -94.21
N MET I 451 -32.19 48.64 -93.35
CA MET I 451 -33.40 47.94 -93.75
C MET I 451 -34.61 48.52 -93.01
N PRO I 452 -34.85 49.82 -93.05
CA PRO I 452 -35.89 50.42 -92.22
C PRO I 452 -37.29 50.18 -92.78
N ASN I 453 -38.27 50.23 -91.87
CA ASN I 453 -39.68 50.08 -92.20
C ASN I 453 -39.95 48.77 -92.94
N ALA I 454 -39.24 47.73 -92.54
CA ALA I 454 -39.36 46.41 -93.15
C ALA I 454 -40.05 45.45 -92.19
N VAL I 455 -40.68 44.42 -92.76
CA VAL I 455 -41.30 43.34 -92.00
C VAL I 455 -40.57 42.06 -92.37
N VAL I 456 -39.88 41.47 -91.40
CA VAL I 456 -39.12 40.24 -91.60
C VAL I 456 -39.87 39.10 -90.93
N ASP I 457 -39.94 37.97 -91.62
CA ASP I 457 -40.61 36.78 -91.12
C ASP I 457 -39.58 35.66 -90.97
N ILE I 458 -39.43 35.16 -89.74
CA ILE I 458 -38.48 34.09 -89.46
C ILE I 458 -39.20 32.76 -89.62
N THR I 459 -38.75 31.95 -90.56
CA THR I 459 -39.30 30.64 -90.85
C THR I 459 -38.34 29.54 -90.41
N PRO I 460 -38.84 28.32 -90.19
CA PRO I 460 -37.93 27.22 -89.85
C PRO I 460 -36.85 26.98 -90.89
N GLN I 461 -37.11 27.31 -92.16
CA GLN I 461 -36.06 27.23 -93.17
C GLN I 461 -34.93 28.20 -92.85
N TYR I 462 -35.27 29.41 -92.39
CA TYR I 462 -34.24 30.38 -92.00
C TYR I 462 -33.50 29.91 -90.76
N VAL I 463 -34.21 29.29 -89.82
CA VAL I 463 -33.55 28.72 -88.64
C VAL I 463 -32.56 27.63 -89.07
N ASP I 464 -33.01 26.72 -89.93
CA ASP I 464 -32.11 25.70 -90.45
C ASP I 464 -31.03 26.29 -91.35
N ASP I 465 -31.34 27.40 -92.04
CA ASP I 465 -30.34 28.08 -92.86
C ASP I 465 -29.18 28.60 -92.03
N LYS I 466 -29.36 28.74 -90.72
CA LYS I 466 -28.35 29.32 -89.85
C LYS I 466 -27.78 28.33 -88.85
N LEU I 467 -28.61 27.45 -88.28
CA LEU I 467 -28.19 26.66 -87.12
C LEU I 467 -28.09 25.17 -87.38
N LYS I 468 -28.79 24.62 -88.39
CA LYS I 468 -28.81 23.17 -88.56
C LYS I 468 -27.44 22.64 -88.98
N SER I 469 -26.66 23.42 -89.73
CA SER I 469 -25.36 22.95 -90.18
C SER I 469 -24.38 22.83 -89.02
N ILE I 470 -24.55 23.66 -87.98
CA ILE I 470 -23.65 23.66 -86.85
C ILE I 470 -24.23 22.99 -85.61
N SER I 471 -25.55 22.77 -85.56
CA SER I 471 -26.13 22.02 -84.44
C SER I 471 -25.74 20.55 -84.52
N THR I 472 -25.64 20.00 -85.73
CA THR I 472 -25.20 18.63 -85.91
C THR I 472 -23.69 18.47 -85.75
N ASN I 473 -22.94 19.56 -85.86
CA ASN I 473 -21.48 19.55 -85.67
C ASN I 473 -21.23 19.62 -84.17
N LYS I 474 -21.08 18.45 -83.54
CA LYS I 474 -20.93 18.38 -82.09
C LYS I 474 -19.61 19.00 -81.65
N ASP I 475 -18.54 18.79 -82.41
CA ASP I 475 -17.24 19.35 -82.04
C ASP I 475 -17.23 20.87 -82.18
N LEU I 476 -18.02 21.40 -83.12
CA LEU I 476 -18.08 22.84 -83.31
C LEU I 476 -19.07 23.50 -82.37
N SER I 477 -20.22 22.87 -82.13
CA SER I 477 -21.24 23.47 -81.28
C SER I 477 -20.77 23.64 -79.84
N ALA I 478 -19.73 22.91 -79.43
CA ALA I 478 -19.20 23.09 -78.09
C ALA I 478 -18.45 24.41 -77.93
N PHE I 479 -18.08 25.05 -79.03
CA PHE I 479 -17.36 26.32 -79.01
C PHE I 479 -18.25 27.52 -79.32
N ILE I 480 -19.05 27.43 -80.39
CA ILE I 480 -19.77 28.59 -80.92
C ILE I 480 -21.22 28.59 -80.45
N LEU I 481 -21.80 27.40 -80.27
CA LEU I 481 -23.21 27.31 -79.95
C LEU I 481 -23.44 26.95 -78.48
N ARG J 21 -24.44 55.58 -81.38
CA ARG J 21 -25.11 56.22 -82.50
C ARG J 21 -24.76 55.54 -83.82
N LEU J 22 -23.56 54.98 -83.88
CA LEU J 22 -23.04 54.41 -85.12
C LEU J 22 -23.82 53.15 -85.50
N THR J 23 -23.86 52.89 -86.80
CA THR J 23 -24.51 51.70 -87.32
C THR J 23 -23.51 50.55 -87.41
N PRO J 24 -23.97 49.31 -87.35
CA PRO J 24 -23.05 48.17 -87.43
C PRO J 24 -22.18 48.17 -88.69
N LYS J 25 -22.71 48.66 -89.81
CA LYS J 25 -21.88 48.76 -91.01
C LYS J 25 -20.82 49.83 -90.88
N GLU J 26 -21.11 50.91 -90.14
CA GLU J 26 -20.15 51.99 -89.97
C GLU J 26 -19.01 51.59 -89.05
N ILE J 27 -19.30 50.79 -88.02
CA ILE J 27 -18.24 50.36 -87.10
C ILE J 27 -17.19 49.54 -87.84
N VAL J 28 -17.64 48.61 -88.69
CA VAL J 28 -16.72 47.78 -89.45
C VAL J 28 -15.82 48.64 -90.33
N SER J 29 -16.36 49.71 -90.91
CA SER J 29 -15.55 50.58 -91.76
C SER J 29 -14.46 51.27 -90.94
N LYS J 30 -14.82 51.79 -89.76
CA LYS J 30 -13.83 52.45 -88.93
C LYS J 30 -12.81 51.45 -88.38
N LEU J 31 -13.22 50.19 -88.21
CA LEU J 31 -12.28 49.16 -87.76
C LEU J 31 -11.30 48.77 -88.86
N ASN J 32 -11.75 48.80 -90.12
CA ASN J 32 -10.87 48.43 -91.23
C ASN J 32 -9.69 49.37 -91.39
N GLU J 33 -9.78 50.60 -90.88
CA GLU J 33 -8.64 51.51 -90.92
C GLU J 33 -7.46 50.97 -90.11
N TYR J 34 -7.74 50.20 -89.06
CA TYR J 34 -6.71 49.81 -88.11
C TYR J 34 -6.49 48.30 -87.99
N ILE J 35 -7.51 47.49 -88.25
CA ILE J 35 -7.40 46.04 -88.16
C ILE J 35 -7.52 45.46 -89.55
N VAL J 36 -6.64 44.51 -89.88
CA VAL J 36 -6.65 43.82 -91.15
C VAL J 36 -7.37 42.48 -90.99
N GLY J 37 -8.30 42.20 -91.90
CA GLY J 37 -9.02 40.95 -91.83
C GLY J 37 -9.92 40.86 -90.61
N GLN J 38 -10.26 39.62 -90.26
CA GLN J 38 -11.13 39.32 -89.12
C GLN J 38 -12.48 40.04 -89.26
N ASN J 39 -13.07 39.97 -90.46
CA ASN J 39 -14.34 40.63 -90.69
C ASN J 39 -15.44 40.02 -89.85
N ASP J 40 -15.40 38.70 -89.66
CA ASP J 40 -16.44 38.03 -88.85
C ASP J 40 -16.42 38.53 -87.41
N ALA J 41 -15.22 38.77 -86.87
CA ALA J 41 -15.13 39.34 -85.53
C ALA J 41 -15.65 40.78 -85.53
N LYS J 42 -15.31 41.56 -86.56
CA LYS J 42 -15.75 42.94 -86.64
C LYS J 42 -17.26 43.06 -86.72
N ARG J 43 -17.92 42.10 -87.40
CA ARG J 43 -19.37 42.13 -87.51
C ARG J 43 -20.04 41.91 -86.15
N LYS J 44 -19.79 40.75 -85.55
CA LYS J 44 -20.44 40.40 -84.29
C LYS J 44 -20.08 41.38 -83.19
N VAL J 45 -18.87 41.96 -83.24
CA VAL J 45 -18.47 42.90 -82.22
C VAL J 45 -19.20 44.23 -82.41
N ALA J 46 -19.70 44.49 -83.61
CA ALA J 46 -20.47 45.70 -83.88
C ALA J 46 -21.96 45.53 -83.57
N ILE J 47 -22.51 44.32 -83.77
CA ILE J 47 -23.89 44.08 -83.35
C ILE J 47 -24.00 44.04 -81.85
N ALA J 48 -22.88 43.90 -81.13
CA ALA J 48 -22.89 44.03 -79.69
C ALA J 48 -22.86 45.48 -79.25
N LEU J 49 -22.16 46.34 -80.02
CA LEU J 49 -22.17 47.77 -79.73
C LEU J 49 -23.49 48.40 -80.13
N ARG J 50 -24.15 47.88 -81.18
CA ARG J 50 -25.41 48.45 -81.62
C ARG J 50 -26.55 48.10 -80.69
N ASN J 51 -26.53 46.91 -80.07
CA ASN J 51 -27.57 46.55 -79.12
C ASN J 51 -27.57 47.45 -77.90
N ARG J 52 -26.46 48.16 -77.62
CA ARG J 52 -26.45 49.16 -76.57
C ARG J 52 -27.11 50.46 -77.01
N TYR J 53 -27.20 50.70 -78.32
CA TYR J 53 -27.97 51.82 -78.82
C TYR J 53 -29.46 51.51 -78.86
N ARG J 54 -29.81 50.27 -79.24
CA ARG J 54 -31.21 49.88 -79.27
C ARG J 54 -31.79 49.75 -77.87
N ARG J 55 -31.01 49.23 -76.93
CA ARG J 55 -31.50 49.07 -75.57
C ARG J 55 -31.81 50.40 -74.91
N SER J 56 -31.01 51.43 -75.20
CA SER J 56 -31.16 52.75 -74.59
C SER J 56 -32.41 53.49 -75.04
N LEU J 57 -33.17 52.95 -75.99
CA LEU J 57 -34.33 53.64 -76.56
C LEU J 57 -35.64 52.92 -76.26
N LEU J 58 -35.66 52.05 -75.27
CA LEU J 58 -36.86 51.31 -74.88
C LEU J 58 -37.39 51.84 -73.56
N ASP J 59 -38.52 51.29 -73.13
CA ASP J 59 -39.09 51.65 -71.83
C ASP J 59 -38.12 51.26 -70.72
N GLU J 60 -38.15 52.04 -69.63
CA GLU J 60 -37.16 51.87 -68.57
C GLU J 60 -37.23 50.50 -67.92
N GLU J 61 -38.34 49.79 -68.05
CA GLU J 61 -38.41 48.42 -67.55
C GLU J 61 -37.52 47.49 -68.37
N SER J 62 -37.77 47.41 -69.69
CA SER J 62 -36.97 46.55 -70.55
C SER J 62 -35.56 47.08 -70.74
N LYS J 63 -35.32 48.38 -70.52
CA LYS J 63 -33.98 48.92 -70.67
C LYS J 63 -33.04 48.39 -69.60
N GLN J 64 -33.55 48.13 -68.39
CA GLN J 64 -32.73 47.67 -67.28
C GLN J 64 -32.97 46.20 -66.95
N GLU J 65 -33.63 45.45 -67.84
CA GLU J 65 -33.94 44.05 -67.59
C GLU J 65 -33.39 43.11 -68.66
N ILE J 66 -32.73 43.63 -69.69
CA ILE J 66 -32.15 42.80 -70.73
C ILE J 66 -30.63 42.99 -70.71
N SER J 67 -29.88 41.86 -70.81
CA SER J 67 -28.45 41.76 -70.58
C SER J 67 -27.66 42.12 -71.84
N PRO J 68 -26.44 42.64 -71.66
CA PRO J 68 -25.61 43.00 -72.81
C PRO J 68 -25.22 41.76 -73.62
N LYS J 69 -24.87 42.02 -74.88
CA LYS J 69 -24.47 40.94 -75.80
C LYS J 69 -22.96 40.75 -75.69
N ASN J 70 -22.56 40.04 -74.64
CA ASN J 70 -21.15 39.77 -74.40
C ASN J 70 -20.59 38.88 -75.50
N ILE J 71 -19.28 39.00 -75.72
CA ILE J 71 -18.59 38.34 -76.82
C ILE J 71 -17.50 37.44 -76.25
N LEU J 72 -17.43 36.21 -76.76
CA LEU J 72 -16.37 35.26 -76.41
C LEU J 72 -15.51 35.08 -77.66
N MET J 73 -14.34 35.71 -77.67
CA MET J 73 -13.43 35.66 -78.80
C MET J 73 -12.56 34.42 -78.67
N ILE J 74 -12.76 33.45 -79.56
CA ILE J 74 -12.00 32.21 -79.59
C ILE J 74 -10.95 32.30 -80.69
N GLY J 75 -9.72 31.93 -80.36
CA GLY J 75 -8.65 31.96 -81.34
C GLY J 75 -7.28 31.94 -80.70
N PRO J 76 -6.25 31.62 -81.49
CA PRO J 76 -4.89 31.56 -80.95
C PRO J 76 -4.32 32.94 -80.65
N THR J 77 -3.06 32.99 -80.26
CA THR J 77 -2.39 34.25 -79.94
C THR J 77 -1.82 34.88 -81.19
N GLY J 78 -1.76 36.22 -81.19
CA GLY J 78 -1.19 36.95 -82.30
C GLY J 78 -2.12 37.17 -83.46
N VAL J 79 -3.40 36.82 -83.33
CA VAL J 79 -4.37 37.07 -84.40
C VAL J 79 -5.05 38.42 -84.26
N GLY J 80 -4.88 39.10 -83.13
CA GLY J 80 -5.37 40.46 -82.96
C GLY J 80 -6.80 40.56 -82.46
N LYS J 81 -7.14 39.83 -81.42
CA LYS J 81 -8.47 39.94 -80.83
C LYS J 81 -8.53 40.92 -79.67
N THR J 82 -7.38 41.31 -79.11
CA THR J 82 -7.38 42.36 -78.10
C THR J 82 -7.49 43.74 -78.74
N GLU J 83 -6.83 43.95 -79.88
CA GLU J 83 -6.93 45.22 -80.57
C GLU J 83 -8.34 45.47 -81.09
N ILE J 84 -9.06 44.41 -81.48
CA ILE J 84 -10.44 44.58 -81.91
C ILE J 84 -11.29 45.14 -80.77
N ALA J 85 -11.11 44.60 -79.57
CA ALA J 85 -11.82 45.14 -78.40
C ALA J 85 -11.23 46.47 -77.95
N ARG J 86 -9.92 46.66 -78.13
CA ARG J 86 -9.29 47.91 -77.73
C ARG J 86 -9.69 49.05 -78.67
N ARG J 87 -9.60 48.81 -79.98
CA ARG J 87 -9.87 49.88 -80.94
C ARG J 87 -11.34 50.25 -81.01
N MET J 88 -12.23 49.27 -80.81
CA MET J 88 -13.66 49.58 -80.89
C MET J 88 -14.11 50.47 -79.74
N ALA J 89 -13.43 50.41 -78.60
CA ALA J 89 -13.75 51.32 -77.51
C ALA J 89 -13.25 52.73 -77.82
N LYS J 90 -12.22 52.85 -78.66
CA LYS J 90 -11.73 54.15 -79.08
C LYS J 90 -12.55 54.77 -80.21
N VAL J 91 -13.26 53.96 -80.99
CA VAL J 91 -14.09 54.51 -82.05
C VAL J 91 -15.47 54.94 -81.55
N VAL J 92 -15.88 54.47 -80.37
CA VAL J 92 -17.15 54.88 -79.77
C VAL J 92 -16.95 55.73 -78.54
N GLY J 93 -15.71 55.92 -78.09
CA GLY J 93 -15.45 56.71 -76.91
C GLY J 93 -15.92 56.02 -75.64
N ALA J 94 -15.46 54.79 -75.42
CA ALA J 94 -15.88 54.00 -74.28
C ALA J 94 -14.67 53.63 -73.41
N PRO J 95 -14.82 53.62 -72.09
CA PRO J 95 -13.70 53.20 -71.23
C PRO J 95 -13.45 51.70 -71.39
N PHE J 96 -12.18 51.34 -71.56
CA PHE J 96 -11.80 49.98 -71.85
C PHE J 96 -10.76 49.53 -70.84
N ILE J 97 -10.97 48.35 -70.26
CA ILE J 97 -9.99 47.73 -69.38
C ILE J 97 -9.72 46.32 -69.88
N LYS J 98 -8.52 45.82 -69.61
CA LYS J 98 -8.12 44.47 -69.97
C LYS J 98 -7.51 43.80 -68.76
N VAL J 99 -8.08 42.65 -68.36
CA VAL J 99 -7.60 41.90 -67.21
C VAL J 99 -7.31 40.47 -67.65
N GLU J 100 -6.39 39.83 -66.94
CA GLU J 100 -6.02 38.44 -67.20
C GLU J 100 -6.66 37.58 -66.12
N ALA J 101 -7.49 36.62 -66.54
CA ALA J 101 -8.25 35.83 -65.59
C ALA J 101 -7.34 35.00 -64.69
N THR J 102 -6.15 34.64 -65.19
CA THR J 102 -5.25 33.79 -64.42
C THR J 102 -4.75 34.47 -63.15
N LYS J 103 -4.75 35.80 -63.11
CA LYS J 103 -4.24 36.51 -61.94
C LYS J 103 -5.12 36.32 -60.71
N PHE J 104 -6.38 35.89 -60.89
CA PHE J 104 -7.33 35.77 -59.80
C PHE J 104 -7.28 34.42 -59.09
N THR J 105 -6.26 33.61 -59.36
CA THR J 105 -6.11 32.32 -58.68
C THR J 105 -5.27 32.50 -57.41
N GLU J 106 -5.78 33.36 -56.52
CA GLU J 106 -5.08 33.68 -55.28
C GLU J 106 -6.04 33.66 -54.09
N ARG J 112 -9.09 36.16 -55.91
CA ARG J 112 -9.72 36.67 -54.70
C ARG J 112 -10.44 37.98 -54.98
N ASP J 113 -9.69 39.08 -55.03
CA ASP J 113 -10.27 40.39 -55.29
C ASP J 113 -10.53 40.52 -56.78
N VAL J 114 -11.79 40.29 -57.18
CA VAL J 114 -12.17 40.35 -58.58
C VAL J 114 -12.84 41.66 -58.95
N GLU J 115 -13.26 42.46 -57.96
CA GLU J 115 -13.90 43.74 -58.23
C GLU J 115 -12.91 44.80 -58.71
N SER J 116 -11.61 44.50 -58.73
CA SER J 116 -10.63 45.51 -59.16
C SER J 116 -10.82 45.92 -60.61
N MET J 117 -11.29 45.00 -61.46
CA MET J 117 -11.53 45.33 -62.85
C MET J 117 -12.61 46.40 -62.99
N VAL J 118 -13.62 46.39 -62.11
CA VAL J 118 -14.66 47.39 -62.15
C VAL J 118 -14.16 48.72 -61.61
N ARG J 119 -13.29 48.68 -60.60
CA ARG J 119 -12.71 49.91 -60.08
C ARG J 119 -11.74 50.52 -61.08
N ASP J 120 -10.88 49.70 -61.69
CA ASP J 120 -9.98 50.21 -62.72
C ASP J 120 -10.74 50.78 -63.91
N LEU J 121 -11.92 50.22 -64.21
CA LEU J 121 -12.74 50.75 -65.29
C LEU J 121 -13.22 52.16 -64.98
N VAL J 122 -13.60 52.42 -63.73
CA VAL J 122 -14.02 53.75 -63.33
C VAL J 122 -12.84 54.72 -63.37
N ASP J 123 -11.65 54.26 -62.94
CA ASP J 123 -10.46 55.10 -63.04
C ASP J 123 -10.14 55.44 -64.48
N VAL J 124 -10.47 54.56 -65.43
CA VAL J 124 -10.29 54.87 -66.84
C VAL J 124 -11.33 55.88 -67.30
N SER J 125 -12.55 55.78 -66.77
CA SER J 125 -13.62 56.68 -67.21
C SER J 125 -13.39 58.10 -66.74
N VAL J 126 -13.01 58.28 -65.46
CA VAL J 126 -12.82 59.63 -64.94
C VAL J 126 -11.63 60.30 -65.60
N ARG J 127 -10.54 59.55 -65.83
CA ARG J 127 -9.41 60.11 -66.58
C ARG J 127 -9.79 60.41 -68.03
N LEU J 128 -10.83 59.75 -68.55
CA LEU J 128 -11.30 60.04 -69.89
C LEU J 128 -12.25 61.23 -69.90
N VAL J 129 -13.10 61.35 -68.87
CA VAL J 129 -14.04 62.46 -68.81
C VAL J 129 -13.31 63.76 -68.44
N LYS J 130 -12.43 63.70 -67.45
CA LYS J 130 -11.66 64.88 -67.06
C LYS J 130 -10.80 65.38 -68.21
N ALA J 131 -10.34 64.48 -69.09
CA ALA J 131 -9.60 64.91 -70.27
C ALA J 131 -10.47 65.76 -71.19
N GLN J 132 -11.78 65.51 -71.23
CA GLN J 132 -12.68 66.34 -72.02
C GLN J 132 -12.82 67.72 -71.40
N LYS J 133 -13.30 67.78 -70.16
CA LYS J 133 -13.54 69.05 -69.48
C LYS J 133 -12.26 69.60 -68.88
N GLU J 275 -14.64 71.23 -61.08
CA GLU J 275 -15.89 70.59 -61.44
C GLU J 275 -16.00 69.19 -60.84
N SER J 276 -17.22 68.66 -60.79
CA SER J 276 -17.47 67.31 -60.30
C SER J 276 -18.39 66.58 -61.27
N ALA J 277 -17.89 66.37 -62.49
CA ALA J 277 -18.62 65.64 -63.53
C ALA J 277 -18.47 64.14 -63.39
N ASN J 278 -18.20 63.64 -62.17
CA ASN J 278 -18.10 62.20 -61.97
C ASN J 278 -19.45 61.52 -62.14
N GLN J 279 -20.55 62.24 -61.94
CA GLN J 279 -21.87 61.65 -62.16
C GLN J 279 -22.03 61.20 -63.61
N GLU J 280 -21.56 62.01 -64.56
CA GLU J 280 -21.54 61.62 -65.96
C GLU J 280 -20.26 60.91 -66.36
N ALA J 281 -19.43 60.53 -65.39
CA ALA J 281 -18.22 59.76 -65.64
C ALA J 281 -18.38 58.30 -65.25
N LEU J 282 -18.96 58.02 -64.08
CA LEU J 282 -19.26 56.64 -63.74
C LEU J 282 -20.49 56.12 -64.47
N GLU J 283 -21.43 57.01 -64.80
CA GLU J 283 -22.53 56.62 -65.68
C GLU J 283 -22.04 56.29 -67.08
N LEU J 284 -20.89 56.83 -67.48
CA LEU J 284 -20.27 56.40 -68.73
C LEU J 284 -19.87 54.94 -68.67
N ALA J 285 -19.10 54.56 -67.64
CA ALA J 285 -18.67 53.17 -67.51
C ALA J 285 -19.85 52.23 -67.30
N GLU J 286 -20.90 52.70 -66.62
CA GLU J 286 -22.07 51.85 -66.38
C GLU J 286 -22.78 51.50 -67.69
N GLN J 287 -22.91 52.47 -68.59
CA GLN J 287 -23.62 52.26 -69.85
C GLN J 287 -22.71 52.16 -71.06
N MET J 288 -21.40 52.21 -70.87
CA MET J 288 -20.49 52.09 -72.00
C MET J 288 -19.20 51.35 -71.67
N GLY J 289 -19.01 50.87 -70.45
CA GLY J 289 -17.76 50.22 -70.10
C GLY J 289 -17.58 48.89 -70.82
N ILE J 290 -16.34 48.63 -71.22
CA ILE J 290 -15.97 47.40 -71.90
C ILE J 290 -14.82 46.76 -71.13
N ILE J 291 -15.04 45.55 -70.62
CA ILE J 291 -14.03 44.83 -69.85
C ILE J 291 -13.60 43.62 -70.68
N PHE J 292 -12.32 43.56 -71.00
CA PHE J 292 -11.74 42.46 -71.79
C PHE J 292 -11.11 41.48 -70.80
N ILE J 293 -11.80 40.36 -70.56
CA ILE J 293 -11.32 39.32 -69.66
C ILE J 293 -10.52 38.34 -70.51
N ASP J 294 -9.20 38.45 -70.48
CA ASP J 294 -8.33 37.61 -71.27
C ASP J 294 -7.98 36.34 -70.49
N GLU J 295 -7.62 35.30 -71.25
CA GLU J 295 -7.21 34.01 -70.68
C GLU J 295 -8.34 33.35 -69.88
N ILE J 296 -9.59 33.59 -70.28
CA ILE J 296 -10.72 33.00 -69.57
C ILE J 296 -10.81 31.50 -69.81
N ASP J 297 -10.10 30.97 -70.81
CA ASP J 297 -10.09 29.53 -71.03
C ASP J 297 -9.25 28.80 -70.00
N LYS J 298 -8.37 29.50 -69.30
CA LYS J 298 -7.49 28.87 -68.31
C LYS J 298 -8.15 28.68 -66.95
N VAL J 299 -9.29 29.31 -66.71
CA VAL J 299 -10.01 29.16 -65.45
C VAL J 299 -11.17 28.18 -65.56
N ALA J 300 -11.24 27.44 -66.65
CA ALA J 300 -12.31 26.46 -66.86
C ALA J 300 -11.90 25.08 -66.34
N GLN J 313 -12.63 26.49 -60.89
CA GLN J 313 -14.03 26.84 -61.11
C GLN J 313 -14.47 27.95 -60.16
N GLY J 314 -13.92 27.95 -58.95
CA GLY J 314 -14.19 29.01 -58.01
C GLY J 314 -13.76 30.38 -58.51
N VAL J 315 -12.87 30.42 -59.50
CA VAL J 315 -12.46 31.70 -60.07
C VAL J 315 -13.56 32.26 -60.96
N GLN J 316 -14.26 31.40 -61.69
CA GLN J 316 -15.34 31.87 -62.55
C GLN J 316 -16.52 32.37 -61.75
N ARG J 317 -16.80 31.75 -60.61
CA ARG J 317 -17.96 32.12 -59.80
C ARG J 317 -17.74 33.39 -59.00
N ASP J 318 -16.52 33.94 -59.01
CA ASP J 318 -16.29 35.28 -58.50
C ASP J 318 -16.51 36.34 -59.56
N ILE J 319 -16.12 36.03 -60.81
CA ILE J 319 -16.43 36.91 -61.92
C ILE J 319 -17.93 36.89 -62.21
N LEU J 320 -18.60 35.78 -61.89
CA LEU J 320 -20.00 35.60 -62.25
C LEU J 320 -20.92 36.70 -61.73
N PRO J 321 -20.83 37.13 -60.47
CA PRO J 321 -21.69 38.24 -60.02
C PRO J 321 -21.46 39.53 -60.80
N ILE J 322 -20.26 39.75 -61.33
CA ILE J 322 -20.01 40.95 -62.11
C ILE J 322 -20.77 40.90 -63.44
N LEU J 323 -20.93 39.71 -64.01
CA LEU J 323 -21.66 39.59 -65.27
C LEU J 323 -23.17 39.53 -65.06
N GLU J 324 -23.61 38.99 -63.93
CA GLU J 324 -25.04 39.02 -63.60
C GLU J 324 -25.55 40.45 -63.49
N GLY J 325 -24.92 41.23 -62.61
CA GLY J 325 -25.35 42.57 -62.32
C GLY J 325 -25.23 42.87 -60.84
N SER J 326 -24.25 43.70 -60.49
CA SER J 326 -23.98 44.00 -59.08
C SER J 326 -23.51 45.44 -58.97
N VAL J 327 -23.43 45.92 -57.73
CA VAL J 327 -23.00 47.28 -57.43
C VAL J 327 -21.67 47.21 -56.67
N ILE J 328 -20.65 47.85 -57.24
CA ILE J 328 -19.28 47.74 -56.76
C ILE J 328 -18.88 49.07 -56.15
N GLN J 329 -18.27 49.04 -54.97
CA GLN J 329 -17.79 50.24 -54.31
C GLN J 329 -16.52 50.73 -54.98
N THR J 330 -16.46 52.04 -55.24
CA THR J 330 -15.27 52.71 -55.75
C THR J 330 -15.02 53.96 -54.92
N LYS J 331 -13.84 54.56 -55.11
CA LYS J 331 -13.51 55.79 -54.40
C LYS J 331 -14.22 57.01 -54.98
N TYR J 332 -14.96 56.85 -56.07
CA TYR J 332 -15.77 57.91 -56.64
C TYR J 332 -17.26 57.65 -56.50
N GLY J 333 -17.66 56.56 -55.83
CA GLY J 333 -19.05 56.23 -55.67
C GLY J 333 -19.33 54.75 -55.86
N THR J 334 -20.53 54.42 -56.34
CA THR J 334 -20.91 53.05 -56.62
C THR J 334 -21.45 52.95 -58.04
N VAL J 335 -21.12 51.87 -58.73
CA VAL J 335 -21.53 51.67 -60.11
C VAL J 335 -22.21 50.32 -60.24
N ASN J 336 -23.18 50.24 -61.16
CA ASN J 336 -23.87 49.00 -61.47
C ASN J 336 -23.23 48.36 -62.69
N THR J 337 -22.80 47.10 -62.55
CA THR J 337 -22.19 46.36 -63.64
C THR J 337 -23.20 45.60 -64.49
N GLU J 338 -24.46 46.03 -64.47
CA GLU J 338 -25.51 45.29 -65.17
C GLU J 338 -25.45 45.47 -66.68
N HIS J 339 -24.99 46.63 -67.16
CA HIS J 339 -25.00 46.94 -68.59
C HIS J 339 -23.60 47.19 -69.13
N MET J 340 -22.57 46.73 -68.45
CA MET J 340 -21.22 46.78 -68.98
C MET J 340 -20.98 45.62 -69.93
N LEU J 341 -20.19 45.89 -70.97
CA LEU J 341 -19.95 44.90 -72.02
C LEU J 341 -18.67 44.13 -71.71
N PHE J 342 -18.81 42.82 -71.52
CA PHE J 342 -17.67 41.95 -71.24
C PHE J 342 -17.26 41.20 -72.50
N ILE J 343 -15.96 40.98 -72.64
CA ILE J 343 -15.40 40.21 -73.74
C ILE J 343 -14.41 39.22 -73.17
N GLY J 344 -14.73 37.92 -73.26
CA GLY J 344 -13.82 36.88 -72.87
C GLY J 344 -13.02 36.39 -74.06
N ALA J 345 -11.74 36.09 -73.82
CA ALA J 345 -10.86 35.63 -74.87
C ALA J 345 -10.11 34.38 -74.41
N GLY J 346 -9.49 33.70 -75.36
CA GLY J 346 -8.76 32.49 -75.08
C GLY J 346 -8.54 31.69 -76.35
N ALA J 347 -7.58 30.77 -76.27
CA ALA J 347 -7.30 29.89 -77.40
C ALA J 347 -8.05 28.58 -77.32
N PHE J 348 -8.36 28.13 -76.11
CA PHE J 348 -9.14 26.91 -75.89
C PHE J 348 -8.44 25.68 -76.48
N HIS J 349 -7.13 25.58 -76.24
CA HIS J 349 -6.39 24.37 -76.58
C HIS J 349 -6.64 23.27 -75.56
N VAL J 350 -6.78 23.63 -74.28
CA VAL J 350 -6.93 22.65 -73.22
C VAL J 350 -8.36 22.49 -72.75
N SER J 351 -9.25 23.43 -73.08
CA SER J 351 -10.65 23.34 -72.68
C SER J 351 -11.51 23.93 -73.79
N LYS J 352 -12.82 23.76 -73.64
CA LYS J 352 -13.81 24.28 -74.57
C LYS J 352 -14.70 25.29 -73.87
N PRO J 353 -15.38 26.16 -74.62
CA PRO J 353 -16.39 27.03 -73.99
C PRO J 353 -17.47 26.24 -73.26
N SER J 354 -17.75 25.01 -73.69
CA SER J 354 -18.68 24.14 -72.97
C SER J 354 -18.13 23.66 -71.64
N ASP J 355 -16.88 24.02 -71.29
CA ASP J 355 -16.32 23.71 -69.98
C ASP J 355 -16.43 24.87 -69.00
N LEU J 356 -16.83 26.05 -69.46
CA LEU J 356 -17.16 27.13 -68.54
C LEU J 356 -18.40 26.76 -67.74
N ILE J 357 -18.58 27.44 -66.61
CA ILE J 357 -19.76 27.21 -65.78
C ILE J 357 -20.99 27.60 -66.60
N PRO J 358 -22.13 26.93 -66.40
CA PRO J 358 -23.28 27.19 -67.29
C PRO J 358 -23.73 28.64 -67.32
N GLU J 359 -23.58 29.37 -66.22
CA GLU J 359 -24.07 30.75 -66.18
C GLU J 359 -23.24 31.65 -67.09
N LEU J 360 -21.92 31.45 -67.13
CA LEU J 360 -21.09 32.21 -68.05
C LEU J 360 -21.36 31.83 -69.50
N GLN J 361 -21.69 30.57 -69.76
CA GLN J 361 -22.06 30.16 -71.11
C GLN J 361 -23.27 30.96 -71.61
N GLY J 362 -24.33 31.02 -70.80
CA GLY J 362 -25.52 31.76 -71.19
C GLY J 362 -25.33 33.25 -71.27
N ARG J 363 -24.26 33.78 -70.67
CA ARG J 363 -24.00 35.21 -70.70
C ARG J 363 -22.91 35.59 -71.70
N PHE J 364 -22.60 34.68 -72.63
CA PHE J 364 -21.76 34.99 -73.79
C PHE J 364 -22.49 34.54 -75.05
N PRO J 365 -23.56 35.26 -75.42
CA PRO J 365 -24.36 34.81 -76.58
C PRO J 365 -23.67 35.03 -77.91
N ILE J 366 -22.86 36.08 -78.03
CA ILE J 366 -22.08 36.32 -79.24
C ILE J 366 -20.77 35.58 -79.12
N ARG J 367 -20.48 34.71 -80.09
CA ARG J 367 -19.25 33.93 -80.07
C ARG J 367 -18.66 33.92 -81.47
N VAL J 368 -17.35 34.12 -81.54
CA VAL J 368 -16.64 34.20 -82.81
C VAL J 368 -15.32 33.43 -82.68
N GLU J 369 -15.00 32.63 -83.69
CA GLU J 369 -13.72 31.95 -83.80
C GLU J 369 -12.87 32.68 -84.82
N LEU J 370 -11.87 33.42 -84.34
CA LEU J 370 -11.04 34.22 -85.23
C LEU J 370 -10.16 33.33 -86.10
N ASP J 371 -9.94 33.78 -87.33
CA ASP J 371 -9.11 33.04 -88.27
C ASP J 371 -7.64 33.11 -87.88
N SER J 372 -6.89 32.10 -88.31
CA SER J 372 -5.44 32.15 -88.18
C SER J 372 -4.86 33.14 -89.19
N LEU J 373 -3.55 33.34 -89.12
CA LEU J 373 -2.86 34.29 -89.96
C LEU J 373 -1.93 33.55 -90.91
N SER J 374 -1.99 33.91 -92.19
CA SER J 374 -1.09 33.36 -93.20
C SER J 374 -0.01 34.37 -93.53
N VAL J 375 1.01 33.92 -94.28
CA VAL J 375 2.03 34.83 -94.75
C VAL J 375 1.41 35.91 -95.62
N GLU J 376 0.33 35.59 -96.32
CA GLU J 376 -0.41 36.59 -97.09
C GLU J 376 -1.10 37.61 -96.20
N ASP J 377 -1.24 37.32 -94.91
CA ASP J 377 -1.82 38.28 -93.97
C ASP J 377 -0.77 39.13 -93.28
N PHE J 378 0.42 38.57 -93.01
CA PHE J 378 1.48 39.35 -92.38
C PHE J 378 1.91 40.53 -93.25
N VAL J 379 1.86 40.36 -94.57
CA VAL J 379 2.19 41.48 -95.46
C VAL J 379 1.15 42.60 -95.33
N ARG J 380 -0.06 42.28 -94.89
CA ARG J 380 -1.11 43.27 -94.74
C ARG J 380 -1.11 43.92 -93.36
N ILE J 381 -0.78 43.18 -92.31
CA ILE J 381 -0.55 43.79 -91.01
C ILE J 381 0.63 44.74 -91.06
N LEU J 382 1.54 44.52 -92.01
CA LEU J 382 2.75 45.33 -92.12
C LEU J 382 2.50 46.66 -92.83
N THR J 383 1.52 46.72 -93.74
CA THR J 383 1.38 47.88 -94.61
C THR J 383 0.02 48.56 -94.49
N GLU J 384 -1.08 47.81 -94.56
CA GLU J 384 -2.40 48.42 -94.78
C GLU J 384 -2.84 49.35 -93.65
N PRO J 385 -2.94 48.91 -92.40
CA PRO J 385 -3.67 49.72 -91.40
C PRO J 385 -2.98 51.05 -91.12
N LYS J 386 -3.78 52.03 -90.73
CA LYS J 386 -3.22 53.24 -90.14
C LYS J 386 -2.37 52.87 -88.95
N LEU J 387 -1.27 53.60 -88.74
CA LEU J 387 -0.35 53.32 -87.66
C LEU J 387 0.26 51.93 -87.78
N SER J 388 0.46 51.48 -89.01
CA SER J 388 1.05 50.18 -89.27
C SER J 388 2.49 50.13 -88.77
N LEU J 389 3.02 48.91 -88.68
CA LEU J 389 4.34 48.71 -88.08
C LEU J 389 5.43 49.38 -88.92
N ILE J 390 5.40 49.19 -90.24
CA ILE J 390 6.40 49.84 -91.06
C ILE J 390 6.10 51.32 -91.26
N LYS J 391 4.83 51.74 -91.06
CA LYS J 391 4.53 53.17 -91.05
C LYS J 391 5.16 53.85 -89.85
N GLN J 392 5.38 53.11 -88.75
CA GLN J 392 6.03 53.68 -87.58
C GLN J 392 7.52 53.84 -87.80
N TYR J 393 8.18 52.78 -88.28
CA TYR J 393 9.62 52.86 -88.54
C TYR J 393 9.93 53.85 -89.66
N GLU J 394 9.02 54.02 -90.61
CA GLU J 394 9.18 55.07 -91.60
C GLU J 394 9.08 56.45 -90.97
N ALA J 395 8.14 56.63 -90.03
CA ALA J 395 7.97 57.92 -89.37
C ALA J 395 9.01 58.16 -88.29
N LEU J 396 9.44 57.10 -87.59
CA LEU J 396 10.46 57.26 -86.55
C LEU J 396 11.80 57.64 -87.15
N LEU J 397 12.23 56.92 -88.18
CA LEU J 397 13.47 57.27 -88.87
C LEU J 397 13.33 58.57 -89.67
N GLN J 398 12.10 58.98 -89.98
CA GLN J 398 11.92 60.26 -90.66
C GLN J 398 12.41 61.42 -89.79
N THR J 399 12.27 61.30 -88.47
CA THR J 399 12.81 62.31 -87.56
C THR J 399 14.32 62.47 -87.75
N GLU J 400 15.02 61.37 -88.03
CA GLU J 400 16.44 61.41 -88.31
C GLU J 400 16.76 61.80 -89.76
N GLU J 401 15.76 62.30 -90.50
CA GLU J 401 15.94 62.72 -91.89
C GLU J 401 16.46 61.58 -92.76
N VAL J 402 15.81 60.43 -92.65
CA VAL J 402 16.11 59.26 -93.48
C VAL J 402 14.80 58.71 -94.00
N THR J 403 14.63 58.75 -95.32
CA THR J 403 13.43 58.23 -95.97
C THR J 403 13.66 56.76 -96.33
N VAL J 404 12.91 55.87 -95.68
CA VAL J 404 13.07 54.44 -95.85
C VAL J 404 11.92 53.92 -96.70
N ASN J 405 12.25 53.13 -97.72
CA ASN J 405 11.27 52.57 -98.64
C ASN J 405 11.41 51.06 -98.62
N PHE J 406 10.33 50.38 -98.22
CA PHE J 406 10.31 48.92 -98.18
C PHE J 406 9.69 48.42 -99.48
N THR J 407 10.48 47.70 -100.28
CA THR J 407 9.96 47.12 -101.51
C THR J 407 8.92 46.06 -101.18
N ASP J 408 7.99 45.84 -102.12
CA ASP J 408 6.93 44.87 -101.90
C ASP J 408 7.47 43.46 -101.72
N GLU J 409 8.66 43.17 -102.24
CA GLU J 409 9.26 41.86 -102.06
C GLU J 409 9.93 41.74 -100.69
N ALA J 410 10.47 42.85 -100.17
CA ALA J 410 11.04 42.82 -98.83
C ALA J 410 9.96 42.68 -97.76
N ILE J 411 8.79 43.28 -98.00
CA ILE J 411 7.67 43.06 -97.09
C ILE J 411 7.26 41.59 -97.11
N THR J 412 7.25 40.98 -98.30
CA THR J 412 6.96 39.55 -98.39
C THR J 412 8.06 38.73 -97.71
N ARG J 413 9.32 39.15 -97.85
CA ARG J 413 10.40 38.43 -97.20
C ARG J 413 10.32 38.55 -95.69
N LEU J 414 9.93 39.72 -95.18
CA LEU J 414 9.77 39.90 -93.74
C LEU J 414 8.61 39.08 -93.20
N ALA J 415 7.57 38.87 -94.01
CA ALA J 415 6.43 38.07 -93.56
C ALA J 415 6.76 36.59 -93.54
N GLU J 416 7.48 36.11 -94.56
CA GLU J 416 7.84 34.69 -94.59
C GLU J 416 8.75 34.33 -93.43
N ILE J 417 9.71 35.20 -93.10
CA ILE J 417 10.62 34.93 -91.99
C ILE J 417 9.85 34.88 -90.67
N ALA J 418 8.94 35.83 -90.45
CA ALA J 418 8.12 35.81 -89.25
C ALA J 418 7.23 34.58 -89.22
N TYR J 419 6.73 34.15 -90.39
CA TYR J 419 5.89 32.97 -90.44
C TYR J 419 6.70 31.70 -90.17
N GLN J 420 7.95 31.65 -90.61
CA GLN J 420 8.74 30.44 -90.45
C GLN J 420 9.20 30.26 -89.00
N VAL J 421 9.64 31.32 -88.34
CA VAL J 421 10.13 31.20 -86.98
C VAL J 421 8.98 30.87 -86.02
N ASN J 422 7.76 31.32 -86.35
CA ASN J 422 6.59 30.92 -85.55
C ASN J 422 6.35 29.43 -85.62
N GLN J 423 6.75 28.79 -86.72
CA GLN J 423 6.56 27.35 -86.86
C GLN J 423 7.67 26.57 -86.15
N ASP J 424 8.92 26.99 -86.33
CA ASP J 424 10.06 26.22 -85.82
C ASP J 424 10.18 26.28 -84.30
N THR J 425 9.52 27.23 -83.65
CA THR J 425 9.66 27.35 -82.20
C THR J 425 8.29 27.41 -81.53
N ASP J 426 7.75 28.62 -81.36
CA ASP J 426 6.46 28.83 -80.73
C ASP J 426 5.67 29.83 -81.56
N ASN J 427 4.47 29.44 -81.98
CA ASN J 427 3.64 30.29 -82.84
C ASN J 427 3.02 31.39 -82.00
N ILE J 428 3.52 32.61 -82.13
CA ILE J 428 3.00 33.76 -81.40
C ILE J 428 2.20 34.70 -82.30
N GLY J 429 1.96 34.31 -83.55
CA GLY J 429 1.14 35.13 -84.41
C GLY J 429 1.86 36.39 -84.88
N ALA J 430 1.09 37.47 -85.04
CA ALA J 430 1.65 38.74 -85.48
C ALA J 430 2.62 39.33 -84.46
N ARG J 431 2.62 38.82 -83.21
CA ARG J 431 3.56 39.28 -82.20
C ARG J 431 5.01 39.14 -82.66
N ARG J 432 5.29 38.22 -83.59
CA ARG J 432 6.65 38.00 -84.04
C ARG J 432 7.19 39.17 -84.85
N LEU J 433 6.32 40.00 -85.42
CA LEU J 433 6.77 41.05 -86.33
C LEU J 433 7.64 42.09 -85.63
N HIS J 434 7.42 42.32 -84.34
CA HIS J 434 8.22 43.31 -83.61
C HIS J 434 9.69 42.90 -83.56
N THR J 435 9.97 41.68 -83.10
CA THR J 435 11.35 41.23 -83.01
C THR J 435 11.97 41.04 -84.39
N ILE J 436 11.15 40.76 -85.40
CA ILE J 436 11.67 40.62 -86.76
C ILE J 436 12.13 41.97 -87.29
N LEU J 437 11.28 42.99 -87.18
CA LEU J 437 11.62 44.30 -87.73
C LEU J 437 12.77 44.95 -86.99
N GLU J 438 12.68 45.02 -85.65
CA GLU J 438 13.71 45.70 -84.88
C GLU J 438 15.09 45.07 -85.10
N LYS J 439 15.13 43.77 -85.43
CA LYS J 439 16.40 43.12 -85.68
C LYS J 439 17.06 43.64 -86.94
N MET J 440 16.34 43.61 -88.07
CA MET J 440 16.96 44.00 -89.33
C MET J 440 17.14 45.51 -89.44
N LEU J 441 16.35 46.31 -88.72
CA LEU J 441 16.54 47.75 -88.68
C LEU J 441 17.60 48.18 -87.66
N GLU J 442 18.31 47.23 -87.07
CA GLU J 442 19.35 47.49 -86.07
C GLU J 442 20.35 48.53 -86.54
N ASP J 443 21.14 48.17 -87.56
CA ASP J 443 22.21 49.05 -88.01
C ASP J 443 21.69 50.37 -88.56
N LEU J 444 20.49 50.37 -89.14
CA LEU J 444 19.91 51.60 -89.65
C LEU J 444 19.52 52.53 -88.51
N SER J 445 18.86 51.99 -87.48
CA SER J 445 18.42 52.82 -86.36
C SER J 445 19.60 53.41 -85.60
N PHE J 446 20.71 52.68 -85.50
CA PHE J 446 21.86 53.17 -84.79
C PHE J 446 22.61 54.23 -85.59
N GLU J 447 22.70 54.04 -86.92
CA GLU J 447 23.49 54.90 -87.78
C GLU J 447 22.68 56.03 -88.41
N ALA J 448 21.37 56.08 -88.19
CA ALA J 448 20.52 57.06 -88.87
C ALA J 448 20.94 58.52 -88.62
N PRO J 449 21.23 58.95 -87.38
CA PRO J 449 21.61 60.36 -87.19
C PRO J 449 22.91 60.75 -87.88
N SER J 450 23.89 59.85 -87.94
CA SER J 450 25.19 60.21 -88.52
C SER J 450 25.09 60.43 -90.02
N MET J 451 24.31 59.61 -90.71
CA MET J 451 24.18 59.68 -92.16
C MET J 451 23.19 60.76 -92.59
N ALA J 454 19.13 61.75 -97.01
CA ALA J 454 19.47 60.46 -97.59
C ALA J 454 18.22 59.60 -97.78
N VAL J 455 18.36 58.51 -98.54
CA VAL J 455 17.27 57.59 -98.83
C VAL J 455 17.81 56.16 -98.80
N VAL J 456 17.16 55.30 -98.03
CA VAL J 456 17.55 53.90 -97.90
C VAL J 456 16.42 53.03 -98.42
N ASP J 457 16.77 51.99 -99.17
CA ASP J 457 15.80 51.08 -99.79
C ASP J 457 16.00 49.68 -99.21
N ILE J 458 14.95 49.13 -98.62
CA ILE J 458 14.99 47.79 -98.05
C ILE J 458 14.57 46.79 -99.12
N THR J 459 15.42 45.80 -99.37
CA THR J 459 15.23 44.76 -100.35
C THR J 459 15.33 43.39 -99.69
N PRO J 460 14.72 42.36 -100.27
CA PRO J 460 14.95 40.99 -99.76
C PRO J 460 16.42 40.64 -99.65
N GLN J 461 17.27 41.26 -100.47
CA GLN J 461 18.71 41.17 -100.28
C GLN J 461 19.10 41.60 -98.86
N TYR J 462 18.51 42.69 -98.39
CA TYR J 462 18.85 43.22 -97.08
C TYR J 462 18.18 42.44 -95.95
N VAL J 463 16.99 41.90 -96.20
CA VAL J 463 16.27 41.17 -95.16
C VAL J 463 17.00 39.88 -94.79
N ASP J 464 17.35 39.09 -95.80
CA ASP J 464 18.14 37.88 -95.53
C ASP J 464 19.54 38.22 -95.02
N ASP J 465 20.04 39.41 -95.36
CA ASP J 465 21.36 39.81 -94.88
C ASP J 465 21.39 39.93 -93.36
N LYS J 466 20.25 40.28 -92.75
CA LYS J 466 20.19 40.51 -91.31
C LYS J 466 19.42 39.46 -90.54
N LEU J 467 18.72 38.54 -91.22
CA LEU J 467 17.82 37.62 -90.54
C LEU J 467 17.91 36.17 -90.97
N LYS J 468 18.43 35.85 -92.16
CA LYS J 468 18.34 34.47 -92.64
C LYS J 468 19.18 33.52 -91.80
N SER J 469 20.35 33.96 -91.34
CA SER J 469 21.19 33.10 -90.52
C SER J 469 20.52 32.81 -89.19
N ILE J 470 19.99 33.83 -88.54
CA ILE J 470 19.25 33.63 -87.29
C ILE J 470 17.95 32.88 -87.55
N SER J 471 17.39 33.02 -88.75
CA SER J 471 16.13 32.35 -89.07
C SER J 471 16.29 30.84 -89.05
N THR J 472 17.25 30.31 -89.81
CA THR J 472 17.45 28.87 -89.92
C THR J 472 18.13 28.26 -88.70
N ASN J 473 18.44 29.06 -87.69
CA ASN J 473 19.02 28.59 -86.44
C ASN J 473 17.93 28.63 -85.37
N LYS J 474 17.19 27.53 -85.25
CA LYS J 474 16.08 27.48 -84.28
C LYS J 474 16.56 27.71 -82.86
N ASP J 475 17.74 27.16 -82.52
CA ASP J 475 18.27 27.32 -81.17
C ASP J 475 18.55 28.79 -80.86
N LEU J 476 18.95 29.56 -81.87
CA LEU J 476 19.14 31.00 -81.68
C LEU J 476 17.81 31.73 -81.67
N SER J 477 16.87 31.30 -82.50
CA SER J 477 15.58 31.99 -82.60
C SER J 477 14.74 31.86 -81.34
N ALA J 478 15.04 30.87 -80.49
CA ALA J 478 14.36 30.79 -79.20
C ALA J 478 14.86 31.86 -78.23
N PHE J 479 16.01 32.47 -78.52
CA PHE J 479 16.60 33.51 -77.69
C PHE J 479 16.53 34.89 -78.31
N ILE J 480 16.73 35.01 -79.62
CA ILE J 480 16.98 36.28 -80.28
C ILE J 480 15.76 36.77 -81.06
N LEU J 481 15.10 35.89 -81.79
CA LEU J 481 13.99 36.31 -82.65
C LEU J 481 12.62 36.08 -82.01
N ILE K 20 19.04 63.40 -72.97
CA ILE K 20 17.87 62.91 -73.69
C ILE K 20 18.12 62.83 -75.19
N ARG K 21 18.56 63.94 -75.78
CA ARG K 21 18.74 64.03 -77.23
C ARG K 21 20.14 63.59 -77.68
N LEU K 22 20.84 62.81 -76.86
CA LEU K 22 22.13 62.28 -77.28
C LEU K 22 21.95 61.31 -78.43
N THR K 23 22.81 61.43 -79.44
CA THR K 23 22.81 60.45 -80.52
C THR K 23 23.26 59.10 -79.97
N PRO K 24 22.84 58.00 -80.59
CA PRO K 24 23.25 56.67 -80.09
C PRO K 24 24.75 56.51 -79.98
N LYS K 25 25.52 57.14 -80.86
CA LYS K 25 26.98 57.04 -80.74
C LYS K 25 27.50 57.86 -79.57
N GLU K 26 26.80 58.93 -79.20
CA GLU K 26 27.22 59.71 -78.03
C GLU K 26 26.96 58.96 -76.73
N ILE K 27 25.96 58.07 -76.72
CA ILE K 27 25.67 57.30 -75.51
C ILE K 27 26.71 56.19 -75.32
N VAL K 28 27.13 55.54 -76.41
CA VAL K 28 28.12 54.47 -76.31
C VAL K 28 29.45 55.03 -75.85
N SER K 29 29.82 56.23 -76.30
CA SER K 29 31.06 56.85 -75.87
C SER K 29 31.03 57.15 -74.37
N LYS K 30 29.88 57.59 -73.86
CA LYS K 30 29.76 57.86 -72.43
C LYS K 30 29.65 56.55 -71.63
N LEU K 31 29.07 55.51 -72.21
CA LEU K 31 28.98 54.23 -71.52
C LEU K 31 30.32 53.51 -71.51
N ASN K 32 31.17 53.73 -72.52
CA ASN K 32 32.49 53.12 -72.54
C ASN K 32 33.41 53.67 -71.46
N GLU K 33 33.04 54.79 -70.82
CA GLU K 33 33.85 55.29 -69.72
C GLU K 33 33.74 54.39 -68.50
N TYR K 34 32.57 53.81 -68.26
CA TYR K 34 32.30 53.05 -67.06
C TYR K 34 32.24 51.54 -67.28
N ILE K 35 31.79 51.08 -68.44
CA ILE K 35 31.70 49.66 -68.75
C ILE K 35 32.84 49.29 -69.70
N VAL K 36 33.29 48.05 -69.61
CA VAL K 36 34.31 47.52 -70.50
C VAL K 36 33.70 46.39 -71.31
N GLY K 37 33.86 46.45 -72.64
CA GLY K 37 33.32 45.43 -73.50
C GLY K 37 31.81 45.58 -73.68
N GLN K 38 31.19 44.50 -74.15
CA GLN K 38 29.75 44.44 -74.35
C GLN K 38 29.29 45.56 -75.28
N ASN K 39 30.02 45.74 -76.38
CA ASN K 39 29.69 46.82 -77.30
C ASN K 39 28.34 46.59 -77.98
N ASP K 40 28.03 45.34 -78.30
CA ASP K 40 26.73 45.03 -78.91
C ASP K 40 25.61 45.35 -77.93
N ALA K 41 25.82 45.09 -76.64
CA ALA K 41 24.81 45.41 -75.65
C ALA K 41 24.62 46.91 -75.48
N LYS K 42 25.64 47.70 -75.79
CA LYS K 42 25.52 49.15 -75.68
C LYS K 42 24.85 49.76 -76.90
N ARG K 43 25.06 49.18 -78.08
CA ARG K 43 24.38 49.67 -79.28
C ARG K 43 22.87 49.54 -79.15
N LYS K 44 22.40 48.38 -78.71
CA LYS K 44 20.96 48.15 -78.60
C LYS K 44 20.34 49.00 -77.50
N VAL K 45 21.08 49.26 -76.43
CA VAL K 45 20.58 50.13 -75.37
C VAL K 45 20.41 51.55 -75.88
N ALA K 46 21.34 52.02 -76.72
CA ALA K 46 21.26 53.38 -77.24
C ALA K 46 20.08 53.55 -78.19
N ILE K 47 19.85 52.59 -79.10
CA ILE K 47 18.76 52.73 -80.04
C ILE K 47 17.40 52.59 -79.36
N ALA K 48 17.36 52.00 -78.16
CA ALA K 48 16.10 51.99 -77.41
C ALA K 48 15.79 53.35 -76.82
N LEU K 49 16.83 54.15 -76.52
CA LEU K 49 16.61 55.48 -76.00
C LEU K 49 16.38 56.49 -77.12
N ARG K 50 17.00 56.27 -78.28
CA ARG K 50 16.80 57.17 -79.41
C ARG K 50 15.36 57.11 -79.92
N ASN K 51 14.70 55.96 -79.81
CA ASN K 51 13.30 55.87 -80.20
C ASN K 51 12.41 56.71 -79.30
N ARG K 52 12.79 56.86 -78.02
CA ARG K 52 12.06 57.78 -77.16
C ARG K 52 12.19 59.21 -77.65
N TYR K 53 13.37 59.56 -78.19
CA TYR K 53 13.55 60.86 -78.81
C TYR K 53 12.77 60.95 -80.12
N ARG K 54 12.83 59.91 -80.94
CA ARG K 54 12.11 59.91 -82.22
C ARG K 54 10.59 59.92 -82.00
N ARG K 55 10.12 59.38 -80.88
CA ARG K 55 8.69 59.37 -80.62
C ARG K 55 8.17 60.75 -80.25
N SER K 56 8.95 61.51 -79.48
CA SER K 56 8.52 62.81 -78.98
C SER K 56 8.31 63.83 -80.09
N LEU K 57 8.78 63.56 -81.32
CA LEU K 57 8.70 64.51 -82.42
C LEU K 57 7.67 64.11 -83.47
N LEU K 58 6.67 63.32 -83.10
CA LEU K 58 5.64 62.85 -84.01
C LEU K 58 4.29 63.47 -83.62
N ASP K 59 3.28 63.18 -84.44
CA ASP K 59 1.93 63.63 -84.13
C ASP K 59 1.41 62.92 -82.89
N GLU K 60 0.30 63.44 -82.34
CA GLU K 60 -0.15 63.01 -81.03
C GLU K 60 -0.59 61.55 -81.03
N GLU K 61 -1.22 61.09 -82.11
CA GLU K 61 -1.71 59.72 -82.13
C GLU K 61 -0.62 58.71 -82.49
N SER K 62 0.43 59.14 -83.19
CA SER K 62 1.58 58.28 -83.38
C SER K 62 2.46 58.24 -82.13
N LYS K 63 2.48 59.34 -81.36
CA LYS K 63 3.24 59.34 -80.10
C LYS K 63 2.69 58.33 -79.12
N GLN K 64 1.39 58.01 -79.21
CA GLN K 64 0.72 57.20 -78.21
C GLN K 64 0.53 55.75 -78.62
N GLU K 65 0.74 55.41 -79.89
CA GLU K 65 0.40 54.08 -80.40
C GLU K 65 1.61 53.25 -80.82
N ILE K 66 2.83 53.74 -80.62
CA ILE K 66 4.01 52.91 -80.79
C ILE K 66 4.52 52.55 -79.41
N SER K 67 5.11 51.36 -79.30
CA SER K 67 5.52 50.91 -77.98
C SER K 67 7.02 51.05 -77.79
N PRO K 68 7.47 51.20 -76.54
CA PRO K 68 8.91 51.28 -76.28
C PRO K 68 9.64 50.04 -76.75
N LYS K 69 10.84 50.25 -77.29
CA LYS K 69 11.70 49.15 -77.73
C LYS K 69 12.37 48.53 -76.50
N ASN K 70 11.57 47.81 -75.72
CA ASN K 70 12.05 47.20 -74.49
C ASN K 70 13.15 46.17 -74.80
N ILE K 71 14.06 46.01 -73.85
CA ILE K 71 15.27 45.22 -74.03
C ILE K 71 15.18 43.96 -73.19
N LEU K 72 15.66 42.86 -73.74
CA LEU K 72 15.81 41.59 -73.01
C LEU K 72 17.28 41.20 -73.09
N MET K 73 18.01 41.41 -71.99
CA MET K 73 19.42 41.06 -71.92
C MET K 73 19.58 39.61 -71.48
N ILE K 74 20.33 38.83 -72.25
CA ILE K 74 20.58 37.43 -71.95
C ILE K 74 22.08 37.26 -71.73
N GLY K 75 22.46 36.83 -70.53
CA GLY K 75 23.85 36.61 -70.20
C GLY K 75 24.07 36.10 -68.80
N PRO K 76 25.29 35.65 -68.51
CA PRO K 76 25.61 35.15 -67.16
C PRO K 76 25.72 36.27 -66.13
N THR K 77 26.05 35.91 -64.90
CA THR K 77 26.26 36.90 -63.85
C THR K 77 27.67 37.47 -63.93
N GLY K 78 27.81 38.72 -63.50
CA GLY K 78 29.10 39.39 -63.51
C GLY K 78 29.52 39.95 -64.84
N VAL K 79 28.71 39.79 -65.89
CA VAL K 79 29.08 40.32 -67.21
C VAL K 79 28.79 41.81 -67.31
N GLY K 80 28.00 42.36 -66.39
CA GLY K 80 27.78 43.79 -66.34
C GLY K 80 26.54 44.26 -67.08
N LYS K 81 25.44 43.52 -66.97
CA LYS K 81 24.21 43.92 -67.64
C LYS K 81 23.33 44.83 -66.80
N THR K 82 23.45 44.77 -65.47
CA THR K 82 22.74 45.75 -64.65
C THR K 82 23.42 47.11 -64.71
N GLU K 83 24.76 47.12 -64.77
CA GLU K 83 25.49 48.39 -64.83
C GLU K 83 25.21 49.13 -66.13
N ILE K 84 25.10 48.42 -67.25
CA ILE K 84 24.84 49.06 -68.53
C ILE K 84 23.51 49.81 -68.48
N ALA K 85 22.48 49.17 -67.93
CA ALA K 85 21.17 49.82 -67.85
C ALA K 85 21.18 50.97 -66.85
N ARG K 86 21.81 50.76 -65.69
CA ARG K 86 21.80 51.78 -64.65
C ARG K 86 22.60 53.01 -65.07
N ARG K 87 23.81 52.81 -65.58
CA ARG K 87 24.63 53.93 -66.01
C ARG K 87 24.03 54.65 -67.20
N MET K 88 23.35 53.93 -68.09
CA MET K 88 22.71 54.57 -69.24
C MET K 88 21.62 55.53 -68.80
N ALA K 89 20.89 55.19 -67.72
CA ALA K 89 19.93 56.13 -67.17
C ALA K 89 20.60 57.36 -66.58
N LYS K 90 21.82 57.19 -66.06
CA LYS K 90 22.53 58.33 -65.48
C LYS K 90 23.06 59.27 -66.54
N VAL K 91 23.34 58.78 -67.75
CA VAL K 91 23.85 59.65 -68.82
C VAL K 91 22.74 60.38 -69.56
N VAL K 92 21.49 60.02 -69.32
CA VAL K 92 20.35 60.71 -69.94
C VAL K 92 19.42 61.32 -68.91
N GLY K 93 19.73 61.22 -67.62
CA GLY K 93 18.87 61.78 -66.60
C GLY K 93 17.55 61.08 -66.45
N ALA K 94 17.53 59.76 -66.63
CA ALA K 94 16.28 59.01 -66.55
C ALA K 94 16.13 58.35 -65.19
N PRO K 95 14.93 58.38 -64.62
CA PRO K 95 14.68 57.66 -63.37
C PRO K 95 14.83 56.16 -63.58
N PHE K 96 15.57 55.51 -62.69
CA PHE K 96 15.91 54.11 -62.83
C PHE K 96 15.62 53.36 -61.53
N ILE K 97 15.09 52.15 -61.67
CA ILE K 97 14.87 51.27 -60.53
C ILE K 97 15.15 49.84 -60.98
N LYS K 98 15.75 49.05 -60.09
CA LYS K 98 16.01 47.64 -60.31
C LYS K 98 15.12 46.83 -59.38
N VAL K 99 14.45 45.81 -59.94
CA VAL K 99 13.57 44.94 -59.17
C VAL K 99 13.93 43.49 -59.46
N GLU K 100 13.58 42.62 -58.52
CA GLU K 100 13.80 41.18 -58.66
C GLU K 100 12.48 40.52 -59.02
N ALA K 101 12.47 39.77 -60.12
CA ALA K 101 11.25 39.06 -60.51
C ALA K 101 10.87 38.00 -59.47
N THR K 102 11.86 37.41 -58.80
CA THR K 102 11.59 36.42 -57.76
C THR K 102 10.89 37.02 -56.55
N LYS K 103 10.78 38.34 -56.48
CA LYS K 103 10.14 39.00 -55.34
C LYS K 103 8.63 38.80 -55.38
N PHE K 104 8.03 38.84 -56.57
CA PHE K 104 6.59 38.72 -56.70
C PHE K 104 6.15 37.25 -56.71
N THR K 105 6.62 36.47 -55.76
CA THR K 105 6.28 35.04 -55.70
C THR K 105 5.96 34.61 -54.27
N ARG K 112 -0.14 40.51 -54.26
CA ARG K 112 1.15 40.30 -54.89
C ARG K 112 1.90 41.62 -55.09
N ASP K 113 1.16 42.67 -55.45
CA ASP K 113 1.67 44.04 -55.52
C ASP K 113 2.80 44.17 -56.54
N VAL K 114 2.42 44.00 -57.81
CA VAL K 114 3.37 44.19 -58.90
C VAL K 114 3.51 45.67 -59.26
N GLU K 115 2.52 46.50 -58.92
CA GLU K 115 2.62 47.93 -59.13
C GLU K 115 3.68 48.58 -58.27
N SER K 116 4.19 47.87 -57.25
CA SER K 116 5.16 48.46 -56.32
C SER K 116 6.40 48.97 -57.05
N MET K 117 6.78 48.33 -58.16
CA MET K 117 7.95 48.79 -58.90
C MET K 117 7.70 50.11 -59.61
N VAL K 118 6.44 50.44 -59.90
CA VAL K 118 6.13 51.70 -60.57
C VAL K 118 6.01 52.85 -59.57
N ARG K 119 5.48 52.57 -58.38
CA ARG K 119 5.43 53.61 -57.35
C ARG K 119 6.82 54.02 -56.90
N ASP K 120 7.75 53.07 -56.86
CA ASP K 120 9.13 53.41 -56.51
C ASP K 120 9.81 54.20 -57.61
N LEU K 121 9.37 54.03 -58.87
CA LEU K 121 9.95 54.81 -59.96
C LEU K 121 9.62 56.29 -59.81
N VAL K 122 8.40 56.60 -59.37
CA VAL K 122 8.01 57.99 -59.16
C VAL K 122 8.80 58.60 -58.01
N ASP K 123 8.98 57.84 -56.92
CA ASP K 123 9.77 58.35 -55.80
C ASP K 123 11.19 58.67 -56.24
N VAL K 124 11.78 57.81 -57.07
CA VAL K 124 13.09 58.12 -57.65
C VAL K 124 13.00 59.34 -58.55
N SER K 125 11.85 59.54 -59.20
CA SER K 125 11.69 60.69 -60.08
C SER K 125 11.54 61.99 -59.28
N VAL K 126 10.78 61.96 -58.18
CA VAL K 126 10.61 63.19 -57.41
C VAL K 126 11.91 63.59 -56.74
N ARG K 127 12.74 62.62 -56.34
CA ARG K 127 14.06 62.96 -55.81
C ARG K 127 14.95 63.58 -56.88
N LEU K 128 14.77 63.17 -58.15
CA LEU K 128 15.51 63.80 -59.23
C LEU K 128 15.05 65.23 -59.47
N VAL K 129 13.74 65.42 -59.62
CA VAL K 129 13.23 66.75 -59.97
C VAL K 129 13.42 67.72 -58.82
N LYS K 130 13.22 67.27 -57.58
CA LYS K 130 13.52 68.13 -56.43
C LYS K 130 14.98 68.56 -56.45
N ALA K 131 15.88 67.66 -56.85
CA ALA K 131 17.29 68.01 -56.95
C ALA K 131 17.57 68.84 -58.19
N GLN K 132 16.94 68.51 -59.32
CA GLN K 132 17.14 69.29 -60.54
C GLN K 132 16.65 70.71 -60.38
N LYS K 133 15.50 70.89 -59.73
CA LYS K 133 14.97 72.23 -59.51
C LYS K 133 15.78 73.00 -58.47
N LYS K 134 16.34 72.30 -57.47
CA LYS K 134 17.12 72.97 -56.44
C LYS K 134 18.40 73.57 -56.99
N SER K 135 18.96 72.98 -58.04
CA SER K 135 20.21 73.49 -58.61
C SER K 135 19.98 74.66 -59.54
N LEU K 136 18.82 74.72 -60.20
CA LEU K 136 18.53 75.84 -61.10
C LEU K 136 18.45 77.16 -60.35
N VAL K 137 17.95 77.14 -59.11
CA VAL K 137 17.83 78.34 -58.29
C VAL K 137 18.86 78.29 -57.18
N GLN K 138 19.97 77.60 -57.42
CA GLN K 138 20.99 77.48 -56.38
C GLN K 138 21.72 78.80 -56.18
N ASP K 139 22.20 79.41 -57.26
CA ASP K 139 22.88 80.70 -57.14
C ASP K 139 21.95 81.77 -56.60
N GLU K 140 20.67 81.73 -57.00
CA GLU K 140 19.72 82.73 -56.55
C GLU K 140 19.44 82.61 -55.06
N ALA K 141 19.21 81.39 -54.57
CA ALA K 141 18.88 81.21 -53.16
C ALA K 141 20.08 81.45 -52.27
N THR K 142 21.28 81.08 -52.72
CA THR K 142 22.48 81.29 -51.91
C THR K 142 22.77 82.77 -51.72
N ALA K 143 22.61 83.57 -52.78
CA ALA K 143 22.81 85.01 -52.65
C ALA K 143 21.75 85.67 -51.77
N LYS K 144 20.57 85.05 -51.64
CA LYS K 144 19.52 85.61 -50.79
C LYS K 144 19.86 85.42 -49.31
N ALA K 145 20.38 84.25 -48.96
CA ALA K 145 20.70 83.97 -47.56
C ALA K 145 21.81 84.88 -47.05
N ASN K 146 22.70 85.34 -47.93
CA ASN K 146 23.77 86.24 -47.51
C ASN K 146 23.21 87.61 -47.13
N GLU K 147 22.43 88.21 -48.02
CA GLU K 147 21.83 89.52 -47.74
C GLU K 147 20.82 89.45 -46.60
N LYS K 148 20.37 88.25 -46.22
CA LYS K 148 19.58 88.10 -45.01
C LYS K 148 20.40 88.42 -43.76
N LEU K 149 21.71 88.30 -43.85
CA LEU K 149 22.60 88.57 -42.70
C LEU K 149 23.08 90.01 -42.71
N ILE K 272 10.65 76.96 -56.95
CA ILE K 272 9.46 76.87 -57.80
C ILE K 272 8.40 76.03 -57.08
N ASP K 273 7.14 76.20 -57.50
CA ASP K 273 6.02 75.49 -56.91
C ASP K 273 6.26 73.99 -56.89
N GLN K 274 6.21 73.40 -55.70
CA GLN K 274 6.46 71.97 -55.56
C GLN K 274 5.41 71.13 -56.25
N GLU K 275 4.15 71.58 -56.25
CA GLU K 275 3.09 70.80 -56.88
C GLU K 275 3.25 70.75 -58.39
N SER K 276 3.70 71.85 -59.00
CA SER K 276 4.01 71.83 -60.43
C SER K 276 5.31 71.11 -60.74
N ALA K 277 6.16 70.89 -59.75
CA ALA K 277 7.39 70.11 -59.94
C ALA K 277 7.13 68.62 -59.83
N ASN K 278 6.30 68.19 -58.87
CA ASN K 278 5.95 66.78 -58.77
C ASN K 278 5.16 66.30 -59.98
N GLN K 279 4.52 67.21 -60.72
CA GLN K 279 3.92 66.82 -61.99
C GLN K 279 4.97 66.61 -63.08
N GLU K 280 6.10 67.34 -62.99
CA GLU K 280 7.21 67.06 -63.90
C GLU K 280 7.83 65.71 -63.59
N ALA K 281 7.96 65.37 -62.31
CA ALA K 281 8.46 64.05 -61.94
C ALA K 281 7.51 62.95 -62.40
N LEU K 282 6.23 63.27 -62.59
CA LEU K 282 5.30 62.31 -63.18
C LEU K 282 5.53 62.19 -64.68
N GLU K 283 5.65 63.33 -65.37
CA GLU K 283 5.95 63.29 -66.81
C GLU K 283 7.30 62.66 -67.07
N LEU K 284 8.29 62.95 -66.23
CA LEU K 284 9.59 62.31 -66.36
C LEU K 284 9.47 60.80 -66.15
N ALA K 285 8.69 60.38 -65.15
CA ALA K 285 8.49 58.95 -64.94
C ALA K 285 7.75 58.32 -66.10
N GLU K 286 6.80 59.04 -66.70
CA GLU K 286 6.03 58.50 -67.81
C GLU K 286 6.82 58.48 -69.11
N GLN K 287 7.45 59.61 -69.45
CA GLN K 287 8.12 59.74 -70.74
C GLN K 287 9.59 59.35 -70.71
N MET K 288 10.16 59.07 -69.54
CA MET K 288 11.59 58.83 -69.44
C MET K 288 11.98 57.74 -68.45
N GLY K 289 11.02 57.14 -67.72
CA GLY K 289 11.36 56.15 -66.73
C GLY K 289 11.97 54.90 -67.33
N ILE K 290 12.76 54.20 -66.52
CA ILE K 290 13.43 52.97 -66.92
C ILE K 290 13.34 51.97 -65.76
N ILE K 291 12.77 50.79 -66.03
CA ILE K 291 12.61 49.75 -65.02
C ILE K 291 13.38 48.52 -65.49
N PHE K 292 14.31 48.06 -64.65
CA PHE K 292 15.15 46.91 -64.95
C PHE K 292 14.64 45.70 -64.16
N ILE K 293 14.02 44.76 -64.85
CA ILE K 293 13.48 43.55 -64.21
C ILE K 293 14.58 42.48 -64.25
N ASP K 294 15.12 42.16 -63.08
CA ASP K 294 16.20 41.18 -62.97
C ASP K 294 15.64 39.80 -62.66
N GLU K 295 16.38 38.77 -63.08
CA GLU K 295 15.99 37.38 -62.89
C GLU K 295 14.64 37.08 -63.54
N ILE K 296 14.40 37.68 -64.71
CA ILE K 296 13.13 37.44 -65.39
C ILE K 296 13.07 36.04 -65.98
N ASP K 297 14.21 35.37 -66.15
CA ASP K 297 14.19 34.01 -66.66
C ASP K 297 13.70 33.01 -65.62
N LYS K 298 13.67 33.41 -64.35
CA LYS K 298 13.25 32.55 -63.26
C LYS K 298 11.74 32.55 -63.05
N VAL K 299 10.98 33.16 -63.95
CA VAL K 299 9.53 33.16 -63.87
C VAL K 299 8.94 32.81 -65.23
N ALA K 300 9.49 31.78 -65.87
CA ALA K 300 9.04 31.36 -67.19
C ALA K 300 8.57 29.90 -67.19
N ARG K 312 4.05 30.59 -61.51
CA ARG K 312 4.93 31.69 -61.88
C ARG K 312 4.49 32.30 -63.22
N GLN K 313 3.68 31.56 -63.98
CA GLN K 313 3.07 32.14 -65.17
C GLN K 313 2.15 33.30 -64.80
N GLY K 314 1.50 33.21 -63.63
CA GLY K 314 0.70 34.33 -63.14
C GLY K 314 1.51 35.56 -62.81
N VAL K 315 2.82 35.41 -62.60
CA VAL K 315 3.67 36.58 -62.38
C VAL K 315 3.80 37.38 -63.67
N GLN K 316 4.03 36.69 -64.80
CA GLN K 316 4.08 37.38 -66.08
C GLN K 316 2.74 38.02 -66.42
N ARG K 317 1.64 37.34 -66.09
CA ARG K 317 0.31 37.89 -66.35
C ARG K 317 0.01 39.11 -65.50
N ASP K 318 0.69 39.27 -64.36
CA ASP K 318 0.57 40.47 -63.55
C ASP K 318 1.58 41.52 -63.93
N ILE K 319 2.74 41.11 -64.46
CA ILE K 319 3.70 42.06 -65.02
C ILE K 319 3.19 42.63 -66.33
N LEU K 320 2.40 41.86 -67.08
CA LEU K 320 1.85 42.23 -68.38
C LEU K 320 1.16 43.59 -68.39
N PRO K 321 0.13 43.84 -67.56
CA PRO K 321 -0.61 45.11 -67.69
C PRO K 321 0.27 46.34 -67.55
N ILE K 322 1.40 46.24 -66.86
CA ILE K 322 2.31 47.37 -66.76
C ILE K 322 3.00 47.62 -68.09
N LEU K 323 3.43 46.55 -68.77
CA LEU K 323 4.10 46.71 -70.06
C LEU K 323 3.11 47.04 -71.17
N GLU K 324 1.85 46.62 -71.03
CA GLU K 324 0.83 46.98 -72.01
C GLU K 324 0.44 48.45 -71.90
N GLY K 325 0.28 48.93 -70.67
CA GLY K 325 -0.08 50.32 -70.45
C GLY K 325 -1.32 50.49 -69.58
N SER K 326 -1.11 50.62 -68.26
CA SER K 326 -2.19 50.81 -67.33
C SER K 326 -1.91 52.06 -66.49
N VAL K 327 -2.96 52.56 -65.85
CA VAL K 327 -2.87 53.75 -65.01
C VAL K 327 -2.74 53.30 -63.56
N ILE K 328 -1.66 53.74 -62.91
CA ILE K 328 -1.29 53.26 -61.58
C ILE K 328 -1.47 54.39 -60.58
N GLN K 329 -1.99 54.05 -59.40
CA GLN K 329 -2.22 55.01 -58.33
C GLN K 329 -0.96 55.12 -57.49
N THR K 330 -0.29 56.26 -57.56
CA THR K 330 0.84 56.57 -56.69
C THR K 330 0.45 57.69 -55.74
N LYS K 331 1.24 57.85 -54.68
CA LYS K 331 0.93 58.86 -53.66
C LYS K 331 1.10 60.29 -54.18
N TYR K 332 1.56 60.48 -55.42
CA TYR K 332 1.64 61.79 -56.03
C TYR K 332 0.66 61.97 -57.17
N GLY K 333 -0.17 60.96 -57.47
CA GLY K 333 -1.12 61.00 -58.56
C GLY K 333 -1.03 59.76 -59.40
N THR K 334 -1.65 59.82 -60.58
CA THR K 334 -1.69 58.69 -61.49
C THR K 334 -0.62 58.83 -62.57
N VAL K 335 -0.15 57.69 -63.07
CA VAL K 335 0.85 57.64 -64.12
C VAL K 335 0.44 56.60 -65.15
N ASN K 336 0.90 56.79 -66.39
CA ASN K 336 0.68 55.83 -67.47
C ASN K 336 2.00 55.11 -67.73
N THR K 337 1.96 53.78 -67.67
CA THR K 337 3.13 52.94 -67.89
C THR K 337 3.32 52.55 -69.35
N GLU K 338 2.52 53.11 -70.25
CA GLU K 338 2.54 52.68 -71.66
C GLU K 338 3.83 53.06 -72.37
N HIS K 339 4.55 54.08 -71.91
CA HIS K 339 5.76 54.53 -72.59
C HIS K 339 6.99 54.44 -71.69
N MET K 340 6.95 53.63 -70.64
CA MET K 340 8.12 53.39 -69.81
C MET K 340 8.98 52.29 -70.43
N LEU K 341 10.29 52.51 -70.44
CA LEU K 341 11.21 51.55 -71.03
C LEU K 341 11.50 50.43 -70.04
N PHE K 342 11.31 49.19 -70.48
CA PHE K 342 11.51 48.02 -69.64
C PHE K 342 12.71 47.22 -70.14
N ILE K 343 13.57 46.83 -69.22
CA ILE K 343 14.74 46.01 -69.51
C ILE K 343 14.68 44.77 -68.61
N GLY K 344 14.61 43.60 -69.23
CA GLY K 344 14.61 42.34 -68.50
C GLY K 344 15.91 41.59 -68.75
N ALA K 345 16.45 41.00 -67.68
CA ALA K 345 17.71 40.29 -67.74
C ALA K 345 17.57 38.90 -67.15
N GLY K 346 18.49 38.04 -67.54
CA GLY K 346 18.50 36.68 -67.00
C GLY K 346 19.59 35.87 -67.67
N ALA K 347 19.98 34.79 -66.98
CA ALA K 347 20.95 33.87 -67.53
C ALA K 347 20.31 32.88 -68.50
N PHE K 348 19.04 32.54 -68.28
CA PHE K 348 18.29 31.65 -69.14
C PHE K 348 18.97 30.29 -69.28
N HIS K 349 19.54 29.79 -68.18
CA HIS K 349 20.15 28.46 -68.19
C HIS K 349 19.11 27.36 -68.27
N VAL K 350 17.93 27.57 -67.67
CA VAL K 350 16.90 26.56 -67.61
C VAL K 350 15.74 26.88 -68.55
N SER K 351 15.32 28.13 -68.63
CA SER K 351 14.26 28.56 -69.52
C SER K 351 14.85 29.33 -70.69
N LYS K 352 14.02 29.49 -71.73
CA LYS K 352 14.37 30.26 -72.90
C LYS K 352 13.40 31.43 -73.06
N PRO K 353 13.81 32.50 -73.75
CA PRO K 353 12.86 33.58 -74.04
C PRO K 353 11.63 33.11 -74.80
N SER K 354 11.74 32.00 -75.54
CA SER K 354 10.58 31.38 -76.17
C SER K 354 9.62 30.77 -75.16
N ASP K 355 10.00 30.71 -73.88
CA ASP K 355 9.14 30.19 -72.83
C ASP K 355 8.37 31.28 -72.09
N LEU K 356 8.70 32.55 -72.33
CA LEU K 356 7.87 33.63 -71.82
C LEU K 356 6.49 33.59 -72.49
N ILE K 357 5.52 34.22 -71.85
CA ILE K 357 4.18 34.29 -72.43
C ILE K 357 4.30 35.07 -73.73
N PRO K 358 3.48 34.76 -74.75
CA PRO K 358 3.67 35.40 -76.06
C PRO K 358 3.54 36.91 -76.02
N GLU K 359 2.80 37.45 -75.06
CA GLU K 359 2.66 38.90 -74.96
C GLU K 359 3.98 39.55 -74.55
N LEU K 360 4.59 39.04 -73.48
CA LEU K 360 5.92 39.52 -73.09
C LEU K 360 6.94 39.27 -74.19
N GLN K 361 6.86 38.11 -74.84
CA GLN K 361 7.81 37.73 -75.87
C GLN K 361 7.77 38.69 -77.05
N GLY K 362 6.64 39.36 -77.27
CA GLY K 362 6.53 40.31 -78.36
C GLY K 362 6.82 41.74 -77.95
N ARG K 363 6.81 42.00 -76.65
CA ARG K 363 7.05 43.35 -76.13
C ARG K 363 8.51 43.57 -75.74
N PHE K 364 9.40 42.64 -76.08
CA PHE K 364 10.84 42.85 -75.98
C PHE K 364 11.43 42.68 -77.38
N PRO K 365 11.21 43.68 -78.25
CA PRO K 365 11.68 43.53 -79.64
C PRO K 365 13.19 43.60 -79.75
N ILE K 366 13.86 44.30 -78.84
CA ILE K 366 15.32 44.35 -78.80
C ILE K 366 15.80 43.23 -77.88
N ARG K 367 16.62 42.34 -78.43
CA ARG K 367 17.17 41.23 -77.66
C ARG K 367 18.67 41.16 -77.91
N VAL K 368 19.43 41.03 -76.82
CA VAL K 368 20.88 41.08 -76.88
C VAL K 368 21.45 39.96 -76.03
N GLU K 369 22.56 39.39 -76.47
CA GLU K 369 23.21 38.25 -75.84
C GLU K 369 24.61 38.66 -75.43
N LEU K 370 24.79 38.99 -74.15
CA LEU K 370 26.06 39.53 -73.69
C LEU K 370 27.15 38.46 -73.69
N ASP K 371 28.40 38.91 -73.80
CA ASP K 371 29.53 38.01 -73.92
C ASP K 371 29.99 37.52 -72.55
N SER K 372 30.57 36.32 -72.55
CA SER K 372 31.29 35.85 -71.37
C SER K 372 32.60 36.62 -71.23
N LEU K 373 33.13 36.62 -70.00
CA LEU K 373 34.32 37.39 -69.67
C LEU K 373 35.54 36.48 -69.64
N SER K 374 36.61 36.92 -70.30
CA SER K 374 37.88 36.22 -70.32
C SER K 374 38.81 36.78 -69.25
N VAL K 375 39.94 36.09 -69.05
CA VAL K 375 40.93 36.57 -68.10
C VAL K 375 41.46 37.93 -68.53
N GLU K 376 41.61 38.15 -69.84
CA GLU K 376 42.02 39.45 -70.34
C GLU K 376 40.91 40.49 -70.25
N ASP K 377 39.66 40.06 -70.02
CA ASP K 377 38.62 41.03 -69.74
C ASP K 377 38.70 41.54 -68.31
N PHE K 378 39.03 40.68 -67.35
CA PHE K 378 39.15 41.11 -65.97
C PHE K 378 40.27 42.14 -65.81
N VAL K 379 41.38 41.99 -66.56
CA VAL K 379 42.44 42.99 -66.48
C VAL K 379 41.96 44.33 -66.98
N ARG K 380 40.91 44.35 -67.83
CA ARG K 380 40.34 45.61 -68.28
C ARG K 380 39.31 46.14 -67.28
N ILE K 381 38.44 45.29 -66.76
CA ILE K 381 37.52 45.68 -65.70
C ILE K 381 38.27 46.21 -64.49
N LEU K 382 39.53 45.81 -64.34
CA LEU K 382 40.31 46.16 -63.15
C LEU K 382 40.91 47.56 -63.27
N THR K 383 41.30 47.97 -64.47
CA THR K 383 42.07 49.20 -64.66
C THR K 383 41.37 50.24 -65.50
N GLU K 384 40.71 49.84 -66.60
CA GLU K 384 40.27 50.82 -67.59
C GLU K 384 39.13 51.72 -67.11
N PRO K 385 38.02 51.22 -66.56
CA PRO K 385 36.86 52.08 -66.33
C PRO K 385 37.15 53.20 -65.34
N LYS K 386 36.43 54.31 -65.51
CA LYS K 386 36.43 55.36 -64.50
C LYS K 386 35.88 54.80 -63.20
N LEU K 387 36.58 55.05 -62.10
CA LEU K 387 36.26 54.45 -60.81
C LEU K 387 36.29 52.91 -60.91
N SER K 388 37.42 52.41 -61.40
CA SER K 388 37.64 50.97 -61.48
C SER K 388 37.90 50.42 -60.08
N LEU K 389 38.33 49.15 -59.99
CA LEU K 389 38.48 48.54 -58.68
C LEU K 389 39.84 48.86 -58.06
N ILE K 390 40.93 48.72 -58.82
CA ILE K 390 42.24 49.04 -58.26
C ILE K 390 42.42 50.54 -58.12
N LYS K 391 41.66 51.35 -58.88
CA LYS K 391 41.72 52.79 -58.69
C LYS K 391 40.94 53.23 -57.45
N GLN K 392 40.01 52.41 -56.97
CA GLN K 392 39.35 52.70 -55.70
C GLN K 392 40.29 52.45 -54.53
N TYR K 393 41.00 51.32 -54.55
CA TYR K 393 41.93 51.01 -53.47
C TYR K 393 43.15 51.92 -53.48
N GLU K 394 43.47 52.53 -54.62
CA GLU K 394 44.48 53.58 -54.64
C GLU K 394 44.01 54.81 -53.87
N ALA K 395 42.81 55.31 -54.19
CA ALA K 395 42.28 56.49 -53.52
C ALA K 395 41.99 56.22 -52.05
N LEU K 396 41.59 55.00 -51.71
CA LEU K 396 41.31 54.67 -50.31
C LEU K 396 42.59 54.69 -49.47
N LEU K 397 43.64 54.03 -49.95
CA LEU K 397 44.90 53.99 -49.22
C LEU K 397 45.69 55.29 -49.34
N GLN K 398 45.33 56.16 -50.28
CA GLN K 398 45.93 57.49 -50.31
C GLN K 398 45.40 58.35 -49.17
N THR K 399 44.20 58.06 -48.66
CA THR K 399 43.73 58.70 -47.44
C THR K 399 44.69 58.43 -46.28
N GLU K 400 45.18 57.21 -46.18
CA GLU K 400 46.21 56.85 -45.21
C GLU K 400 47.60 57.30 -45.66
N GLU K 401 47.69 58.10 -46.73
CA GLU K 401 48.95 58.60 -47.26
C GLU K 401 49.89 57.44 -47.62
N VAL K 402 49.34 56.45 -48.32
CA VAL K 402 50.11 55.30 -48.78
C VAL K 402 49.92 55.17 -50.28
N THR K 403 51.03 55.09 -51.00
CA THR K 403 51.01 54.95 -52.45
C THR K 403 51.10 53.47 -52.80
N VAL K 404 50.09 52.95 -53.49
CA VAL K 404 50.03 51.56 -53.88
C VAL K 404 50.19 51.49 -55.39
N ASN K 405 51.21 50.78 -55.84
CA ASN K 405 51.50 50.61 -57.26
C ASN K 405 51.18 49.17 -57.65
N PHE K 406 50.14 49.00 -58.47
CA PHE K 406 49.80 47.71 -59.03
C PHE K 406 50.55 47.54 -60.35
N THR K 407 51.55 46.67 -60.37
CA THR K 407 52.26 46.39 -61.61
C THR K 407 51.35 45.64 -62.57
N ASP K 408 51.55 45.89 -63.87
CA ASP K 408 50.72 45.24 -64.88
C ASP K 408 50.79 43.72 -64.77
N GLU K 409 51.96 43.18 -64.39
CA GLU K 409 52.07 41.75 -64.21
C GLU K 409 51.27 41.27 -63.00
N ALA K 410 51.10 42.13 -61.99
CA ALA K 410 50.26 41.76 -60.85
C ALA K 410 48.78 41.93 -61.16
N ILE K 411 48.43 42.87 -62.03
CA ILE K 411 47.05 43.00 -62.46
C ILE K 411 46.63 41.77 -63.26
N THR K 412 47.55 41.23 -64.07
CA THR K 412 47.25 40.01 -64.82
C THR K 412 47.15 38.81 -63.90
N ARG K 413 48.00 38.74 -62.87
CA ARG K 413 47.94 37.62 -61.94
C ARG K 413 46.67 37.65 -61.11
N LEU K 414 46.18 38.84 -60.76
CA LEU K 414 44.91 38.95 -60.05
C LEU K 414 43.76 38.43 -60.89
N ALA K 415 43.76 38.74 -62.18
CA ALA K 415 42.68 38.29 -63.06
C ALA K 415 42.71 36.79 -63.26
N GLU K 416 43.92 36.22 -63.40
CA GLU K 416 44.04 34.77 -63.56
C GLU K 416 43.47 34.05 -62.35
N ILE K 417 43.71 34.57 -61.15
CA ILE K 417 43.25 33.91 -59.94
C ILE K 417 41.73 34.01 -59.82
N ALA K 418 41.17 35.18 -60.12
CA ALA K 418 39.71 35.34 -60.09
C ALA K 418 39.04 34.46 -61.14
N TYR K 419 39.61 34.42 -62.35
CA TYR K 419 39.07 33.55 -63.39
C TYR K 419 39.23 32.08 -63.02
N GLN K 420 40.30 31.73 -62.30
CA GLN K 420 40.54 30.34 -61.94
C GLN K 420 39.52 29.85 -60.92
N VAL K 421 39.38 30.56 -59.79
CA VAL K 421 38.45 30.14 -58.75
C VAL K 421 37.00 30.26 -59.18
N ASN K 422 36.73 30.96 -60.29
CA ASN K 422 35.36 31.01 -60.81
C ASN K 422 34.94 29.67 -61.38
N GLN K 423 35.85 28.99 -62.09
CA GLN K 423 35.55 27.68 -62.65
C GLN K 423 35.89 26.55 -61.69
N ASP K 424 36.51 26.85 -60.55
CA ASP K 424 36.79 25.85 -59.52
C ASP K 424 35.61 25.62 -58.60
N THR K 425 34.82 26.65 -58.32
CA THR K 425 33.69 26.54 -57.41
C THR K 425 32.43 27.06 -58.09
N ASP K 426 32.08 28.32 -57.85
CA ASP K 426 30.93 28.96 -58.48
C ASP K 426 31.42 30.09 -59.36
N ASN K 427 30.86 30.17 -60.58
CA ASN K 427 31.27 31.19 -61.54
C ASN K 427 30.38 32.41 -61.35
N ILE K 428 30.85 33.36 -60.53
CA ILE K 428 30.12 34.59 -60.27
C ILE K 428 30.59 35.74 -61.15
N GLY K 429 31.42 35.45 -62.16
CA GLY K 429 31.82 36.48 -63.10
C GLY K 429 32.82 37.47 -62.52
N ALA K 430 32.68 38.73 -62.94
CA ALA K 430 33.58 39.77 -62.46
C ALA K 430 33.37 40.11 -60.99
N ARG K 431 32.27 39.63 -60.38
CA ARG K 431 32.05 39.83 -58.95
C ARG K 431 33.07 39.11 -58.09
N ARG K 432 33.87 38.22 -58.68
CA ARG K 432 34.92 37.55 -57.93
C ARG K 432 36.06 38.50 -57.60
N LEU K 433 36.26 39.54 -58.40
CA LEU K 433 37.37 40.47 -58.20
C LEU K 433 37.29 41.20 -56.87
N HIS K 434 36.09 41.31 -56.28
CA HIS K 434 35.95 42.02 -55.01
C HIS K 434 36.67 41.28 -53.88
N THR K 435 36.48 39.96 -53.81
CA THR K 435 37.09 39.19 -52.73
C THR K 435 38.59 39.00 -52.94
N ILE K 436 39.02 38.91 -54.20
CA ILE K 436 40.43 38.70 -54.48
C ILE K 436 41.25 39.92 -54.08
N LEU K 437 40.76 41.12 -54.42
CA LEU K 437 41.49 42.35 -54.10
C LEU K 437 41.42 42.71 -52.63
N GLU K 438 40.47 42.16 -51.89
CA GLU K 438 40.39 42.45 -50.46
C GLU K 438 41.24 41.49 -49.63
N LYS K 439 41.44 40.26 -50.11
CA LYS K 439 42.20 39.29 -49.32
C LYS K 439 43.68 39.62 -49.31
N MET K 440 44.24 40.07 -50.43
CA MET K 440 45.68 40.33 -50.48
C MET K 440 46.02 41.71 -49.93
N LEU K 441 45.12 42.68 -50.03
CA LEU K 441 45.33 43.98 -49.42
C LEU K 441 44.93 44.01 -47.96
N GLU K 442 44.67 42.84 -47.36
CA GLU K 442 44.24 42.79 -45.97
C GLU K 442 45.36 43.21 -45.03
N ASP K 443 46.54 42.59 -45.17
CA ASP K 443 47.66 42.96 -44.32
C ASP K 443 48.11 44.39 -44.59
N LEU K 444 47.94 44.86 -45.83
CA LEU K 444 48.28 46.24 -46.16
C LEU K 444 47.31 47.21 -45.50
N SER K 445 46.02 47.06 -45.77
CA SER K 445 45.02 47.98 -45.24
C SER K 445 44.96 47.99 -43.72
N PHE K 446 45.47 46.94 -43.07
CA PHE K 446 45.51 46.93 -41.61
C PHE K 446 46.69 47.73 -41.07
N GLU K 447 47.82 47.72 -41.80
CA GLU K 447 49.03 48.37 -41.32
C GLU K 447 49.21 49.78 -41.86
N ALA K 448 48.44 50.18 -42.88
CA ALA K 448 48.62 51.49 -43.50
C ALA K 448 48.51 52.67 -42.53
N PRO K 449 47.54 52.72 -41.61
CA PRO K 449 47.47 53.91 -40.73
C PRO K 449 48.67 54.07 -39.82
N SER K 450 49.40 52.99 -39.51
CA SER K 450 50.66 53.08 -38.79
C SER K 450 51.85 53.22 -39.72
N MET K 451 51.60 53.36 -41.02
CA MET K 451 52.65 53.29 -42.05
C MET K 451 52.38 54.33 -43.13
N PRO K 452 52.51 55.61 -42.79
CA PRO K 452 52.20 56.66 -43.76
C PRO K 452 53.40 57.04 -44.62
N ASN K 453 53.10 57.67 -45.76
CA ASN K 453 54.10 58.06 -46.75
C ASN K 453 54.90 56.88 -47.25
N ALA K 454 54.29 55.70 -47.24
CA ALA K 454 54.91 54.47 -47.69
C ALA K 454 54.48 54.14 -49.11
N VAL K 455 55.39 53.51 -49.86
CA VAL K 455 55.11 53.02 -51.20
C VAL K 455 55.17 51.50 -51.16
N VAL K 456 54.08 50.87 -51.59
CA VAL K 456 53.96 49.41 -51.61
C VAL K 456 53.85 48.98 -53.06
N ASP K 457 54.84 48.21 -53.53
CA ASP K 457 54.85 47.70 -54.89
C ASP K 457 54.16 46.34 -54.91
N ILE K 458 52.98 46.27 -55.53
CA ILE K 458 52.24 45.03 -55.66
C ILE K 458 52.81 44.30 -56.88
N THR K 459 53.69 43.35 -56.64
CA THR K 459 54.23 42.48 -57.68
C THR K 459 53.46 41.17 -57.72
N PRO K 460 53.58 40.40 -58.81
CA PRO K 460 52.90 39.10 -58.85
C PRO K 460 53.21 38.20 -57.65
N GLN K 461 54.46 38.21 -57.18
CA GLN K 461 54.79 37.41 -56.01
C GLN K 461 54.03 37.88 -54.79
N TYR K 462 53.82 39.20 -54.67
CA TYR K 462 53.00 39.71 -53.58
C TYR K 462 51.58 39.16 -53.66
N VAL K 463 51.06 38.97 -54.87
CA VAL K 463 49.75 38.36 -55.04
C VAL K 463 49.78 36.89 -54.67
N ASP K 464 50.76 36.15 -55.20
CA ASP K 464 50.87 34.74 -54.87
C ASP K 464 51.17 34.53 -53.39
N ASP K 465 51.86 35.47 -52.75
CA ASP K 465 52.16 35.34 -51.33
C ASP K 465 50.91 35.43 -50.46
N LYS K 466 49.85 36.04 -50.97
CA LYS K 466 48.62 36.23 -50.20
C LYS K 466 47.44 35.40 -50.72
N LEU K 467 47.58 34.76 -51.88
CA LEU K 467 46.43 34.09 -52.50
C LEU K 467 46.73 32.72 -53.08
N LYS K 468 47.98 32.40 -53.44
CA LYS K 468 48.24 31.16 -54.19
C LYS K 468 47.91 29.92 -53.37
N SER K 469 48.14 29.96 -52.05
CA SER K 469 47.78 28.82 -51.21
C SER K 469 46.27 28.64 -51.15
N ILE K 470 45.53 29.73 -51.03
CA ILE K 470 44.07 29.66 -50.95
C ILE K 470 43.48 29.37 -52.32
N SER K 471 44.08 29.93 -53.39
CA SER K 471 43.56 29.72 -54.73
C SER K 471 43.60 28.25 -55.12
N THR K 472 44.59 27.51 -54.63
CA THR K 472 44.72 26.09 -54.92
C THR K 472 43.93 25.20 -53.96
N ASN K 473 43.35 25.78 -52.91
CA ASN K 473 42.51 25.04 -51.97
C ASN K 473 41.06 25.18 -52.40
N LYS K 474 40.59 24.23 -53.21
CA LYS K 474 39.22 24.29 -53.71
C LYS K 474 38.21 24.32 -52.58
N ASP K 475 38.46 23.58 -51.50
CA ASP K 475 37.50 23.50 -50.40
C ASP K 475 37.53 24.75 -49.52
N LEU K 476 38.67 25.44 -49.45
CA LEU K 476 38.78 26.63 -48.64
C LEU K 476 38.35 27.89 -49.40
N SER K 477 38.65 27.97 -50.70
CA SER K 477 38.23 29.12 -51.48
C SER K 477 36.70 29.19 -51.62
N ALA K 478 36.00 28.09 -51.41
CA ALA K 478 34.54 28.12 -51.39
C ALA K 478 33.99 28.76 -50.13
N PHE K 479 34.83 29.00 -49.12
CA PHE K 479 34.43 29.64 -47.87
C PHE K 479 35.00 31.04 -47.74
N ILE K 480 36.33 31.16 -47.71
CA ILE K 480 37.00 32.42 -47.37
C ILE K 480 37.37 33.24 -48.60
N LEU K 481 37.01 32.80 -49.79
CA LEU K 481 37.42 33.51 -51.00
C LEU K 481 36.45 33.25 -52.15
N GLY L 19 36.00 58.91 -32.62
CA GLY L 19 35.14 57.74 -32.78
C GLY L 19 35.47 56.94 -34.03
N ILE L 20 35.08 57.48 -35.18
CA ILE L 20 35.42 56.85 -36.44
C ILE L 20 36.91 56.95 -36.74
N ARG L 21 37.60 57.93 -36.15
CA ARG L 21 39.02 58.15 -36.39
C ARG L 21 39.90 57.08 -35.76
N LEU L 22 39.33 56.05 -35.13
CA LEU L 22 40.13 54.99 -34.52
C LEU L 22 40.80 54.16 -35.61
N THR L 23 42.09 53.91 -35.45
CA THR L 23 42.82 53.07 -36.39
C THR L 23 42.51 51.60 -36.12
N PRO L 24 42.75 50.73 -37.11
CA PRO L 24 42.52 49.29 -36.88
C PRO L 24 43.22 48.74 -35.64
N LYS L 25 44.51 49.03 -35.48
CA LYS L 25 45.24 48.50 -34.33
C LYS L 25 44.66 49.00 -33.02
N GLU L 26 44.16 50.24 -33.00
CA GLU L 26 43.47 50.75 -31.82
C GLU L 26 42.17 50.00 -31.58
N ILE L 27 41.45 49.66 -32.65
CA ILE L 27 40.19 48.94 -32.52
C ILE L 27 40.43 47.55 -31.94
N VAL L 28 41.53 46.90 -32.32
CA VAL L 28 41.81 45.56 -31.82
C VAL L 28 42.16 45.60 -30.34
N SER L 29 42.85 46.65 -29.89
CA SER L 29 43.20 46.76 -28.48
C SER L 29 41.96 46.97 -27.62
N LYS L 30 40.99 47.73 -28.10
CA LYS L 30 39.75 47.91 -27.36
C LYS L 30 38.90 46.65 -27.38
N LEU L 31 39.04 45.83 -28.41
CA LEU L 31 38.28 44.58 -28.46
C LEU L 31 38.91 43.50 -27.59
N ASN L 32 40.22 43.58 -27.34
CA ASN L 32 40.87 42.59 -26.47
C ASN L 32 40.43 42.72 -25.02
N GLU L 33 39.89 43.87 -24.62
CA GLU L 33 39.41 44.07 -23.26
C GLU L 33 38.11 43.35 -22.97
N TYR L 34 37.46 42.77 -23.98
CA TYR L 34 36.16 42.14 -23.79
C TYR L 34 36.11 40.75 -24.41
N ILE L 35 36.92 40.51 -25.45
CA ILE L 35 36.89 39.27 -26.21
C ILE L 35 38.24 38.57 -26.07
N VAL L 36 38.20 37.28 -25.80
CA VAL L 36 39.40 36.45 -25.69
C VAL L 36 39.62 35.73 -27.01
N GLY L 37 40.84 35.77 -27.51
CA GLY L 37 41.13 35.08 -28.75
C GLY L 37 40.42 35.71 -29.94
N GLN L 38 40.27 34.92 -30.99
CA GLN L 38 39.65 35.35 -32.24
C GLN L 38 40.31 36.62 -32.77
N ASN L 39 41.64 36.57 -32.86
CA ASN L 39 42.38 37.76 -33.28
C ASN L 39 42.18 38.04 -34.77
N ASP L 40 42.11 36.99 -35.59
CA ASP L 40 41.92 37.20 -37.02
C ASP L 40 40.59 37.87 -37.34
N ALA L 41 39.57 37.61 -36.52
CA ALA L 41 38.28 38.27 -36.73
C ALA L 41 38.33 39.74 -36.33
N LYS L 42 38.98 40.04 -35.20
CA LYS L 42 39.10 41.44 -34.78
C LYS L 42 39.82 42.29 -35.82
N ARG L 43 40.80 41.70 -36.51
CA ARG L 43 41.51 42.44 -37.56
C ARG L 43 40.58 42.76 -38.72
N LYS L 44 39.98 41.73 -39.33
CA LYS L 44 39.12 41.95 -40.48
C LYS L 44 37.91 42.83 -40.13
N VAL L 45 37.44 42.74 -38.89
CA VAL L 45 36.37 43.62 -38.44
C VAL L 45 36.85 45.07 -38.41
N ALA L 46 38.08 45.30 -37.97
CA ALA L 46 38.60 46.67 -37.88
C ALA L 46 38.93 47.26 -39.25
N ILE L 47 39.38 46.45 -40.20
CA ILE L 47 39.65 46.98 -41.53
C ILE L 47 38.37 47.28 -42.27
N ALA L 48 37.24 46.69 -41.86
CA ALA L 48 35.96 47.08 -42.41
C ALA L 48 35.51 48.44 -41.88
N LEU L 49 35.92 48.78 -40.65
CA LEU L 49 35.61 50.08 -40.09
C LEU L 49 36.50 51.16 -40.69
N ARG L 50 37.78 50.85 -40.89
CA ARG L 50 38.72 51.85 -41.40
C ARG L 50 38.36 52.31 -42.81
N ASN L 51 37.81 51.41 -43.63
CA ASN L 51 37.36 51.83 -44.96
C ASN L 51 36.24 52.86 -44.88
N ARG L 52 35.38 52.77 -43.87
CA ARG L 52 34.35 53.79 -43.68
C ARG L 52 34.97 55.14 -43.38
N TYR L 53 36.07 55.15 -42.62
CA TYR L 53 36.84 56.38 -42.45
C TYR L 53 37.48 56.79 -43.77
N ARG L 54 38.18 55.87 -44.43
CA ARG L 54 38.85 56.19 -45.69
C ARG L 54 37.87 56.68 -46.75
N ARG L 55 36.63 56.20 -46.71
CA ARG L 55 35.67 56.58 -47.74
C ARG L 55 35.19 58.02 -47.55
N SER L 56 35.06 58.45 -46.30
CA SER L 56 34.48 59.78 -46.05
C SER L 56 35.40 60.90 -46.53
N LEU L 57 36.71 60.66 -46.61
CA LEU L 57 37.64 61.67 -47.08
C LEU L 57 37.82 61.67 -48.59
N LEU L 58 36.95 60.99 -49.34
CA LEU L 58 37.09 60.90 -50.79
C LEU L 58 36.31 62.03 -51.45
N ASP L 59 36.03 61.91 -52.75
CA ASP L 59 35.41 62.98 -53.52
C ASP L 59 33.93 63.11 -53.22
N GLU L 60 33.18 63.74 -54.12
CA GLU L 60 31.73 63.88 -53.94
C GLU L 60 31.00 62.62 -54.38
N GLU L 61 31.28 62.15 -55.60
CA GLU L 61 30.66 60.95 -56.13
C GLU L 61 31.62 59.78 -56.21
N SER L 62 32.90 59.98 -55.88
CA SER L 62 33.81 58.85 -55.74
C SER L 62 33.59 58.11 -54.43
N LYS L 63 33.21 58.82 -53.37
CA LYS L 63 32.89 58.18 -52.11
C LYS L 63 31.47 57.65 -52.05
N GLN L 64 30.71 57.75 -53.16
CA GLN L 64 29.36 57.24 -53.22
C GLN L 64 29.21 56.04 -54.12
N GLU L 65 30.18 55.75 -54.98
CA GLU L 65 30.10 54.65 -55.93
C GLU L 65 30.92 53.44 -55.52
N ILE L 66 31.53 53.45 -54.34
CA ILE L 66 32.25 52.29 -53.83
C ILE L 66 31.49 51.76 -52.62
N SER L 67 31.43 50.45 -52.51
CA SER L 67 30.54 49.79 -51.57
C SER L 67 31.27 49.46 -50.26
N PRO L 68 30.52 49.34 -49.15
CA PRO L 68 31.14 48.96 -47.88
C PRO L 68 31.81 47.60 -47.96
N LYS L 69 32.79 47.40 -47.10
CA LYS L 69 33.53 46.13 -47.03
C LYS L 69 32.84 45.24 -46.00
N ASN L 70 31.73 44.63 -46.43
CA ASN L 70 30.93 43.80 -45.54
C ASN L 70 31.71 42.56 -45.11
N ILE L 71 31.45 42.13 -43.87
CA ILE L 71 32.13 40.99 -43.27
C ILE L 71 31.22 39.79 -43.30
N LEU L 72 31.77 38.62 -43.62
CA LEU L 72 31.05 37.35 -43.55
C LEU L 72 31.77 36.47 -42.54
N MET L 73 31.15 36.25 -41.39
CA MET L 73 31.74 35.46 -40.32
C MET L 73 31.31 33.99 -40.45
N ILE L 74 32.28 33.10 -40.47
CA ILE L 74 32.04 31.67 -40.66
C ILE L 74 32.57 30.94 -39.42
N GLY L 75 31.66 30.49 -38.56
CA GLY L 75 32.05 29.79 -37.36
C GLY L 75 30.88 29.16 -36.62
N PRO L 76 31.18 28.26 -35.70
CA PRO L 76 30.12 27.60 -34.92
C PRO L 76 29.57 28.49 -33.82
N THR L 77 28.69 27.93 -32.99
CA THR L 77 28.07 28.69 -31.91
C THR L 77 29.03 28.82 -30.74
N GLY L 78 29.03 30.00 -30.11
CA GLY L 78 29.79 30.23 -28.90
C GLY L 78 31.23 30.65 -29.09
N VAL L 79 31.64 31.01 -30.30
CA VAL L 79 33.03 31.38 -30.57
C VAL L 79 33.16 32.90 -30.54
N GLY L 80 32.10 33.59 -30.14
CA GLY L 80 32.14 35.04 -30.03
C GLY L 80 31.84 35.80 -31.30
N LYS L 81 30.97 35.27 -32.16
CA LYS L 81 30.66 35.95 -33.42
C LYS L 81 29.88 37.24 -33.19
N THR L 82 28.75 37.14 -32.47
CA THR L 82 27.92 38.31 -32.25
C THR L 82 28.57 39.31 -31.30
N GLU L 83 29.31 38.83 -30.29
CA GLU L 83 29.93 39.74 -29.34
C GLU L 83 31.00 40.60 -29.99
N ILE L 84 31.74 40.03 -30.94
CA ILE L 84 32.75 40.83 -31.66
C ILE L 84 32.08 41.99 -32.40
N ALA L 85 30.99 41.71 -33.11
CA ALA L 85 30.29 42.76 -33.83
C ALA L 85 29.61 43.73 -32.88
N ARG L 86 28.91 43.21 -31.87
CA ARG L 86 28.20 44.07 -30.93
C ARG L 86 29.16 44.97 -30.16
N ARG L 87 30.31 44.42 -29.75
CA ARG L 87 31.29 45.24 -29.04
C ARG L 87 31.97 46.23 -29.98
N MET L 88 32.22 45.82 -31.23
CA MET L 88 32.88 46.71 -32.18
C MET L 88 32.03 47.94 -32.47
N ALA L 89 30.70 47.77 -32.52
CA ALA L 89 29.82 48.91 -32.71
C ALA L 89 29.76 49.78 -31.46
N LYS L 90 30.00 49.18 -30.28
CA LYS L 90 29.96 49.95 -29.04
C LYS L 90 31.20 50.81 -28.87
N VAL L 91 32.36 50.35 -29.34
CA VAL L 91 33.61 51.07 -29.13
C VAL L 91 33.83 52.19 -30.14
N VAL L 92 32.97 52.32 -31.15
CA VAL L 92 33.04 53.41 -32.11
C VAL L 92 31.79 54.27 -32.11
N GLY L 93 30.84 54.01 -31.21
CA GLY L 93 29.64 54.81 -31.13
C GLY L 93 28.68 54.60 -32.29
N ALA L 94 28.56 53.38 -32.78
CA ALA L 94 27.75 53.05 -33.94
C ALA L 94 26.45 52.37 -33.54
N PRO L 95 25.35 52.67 -34.23
CA PRO L 95 24.09 51.95 -33.97
C PRO L 95 24.17 50.53 -34.50
N PHE L 96 23.76 49.57 -33.68
CA PHE L 96 23.89 48.15 -33.98
C PHE L 96 22.56 47.45 -33.82
N ILE L 97 22.28 46.52 -34.74
CA ILE L 97 21.07 45.71 -34.68
C ILE L 97 21.41 44.29 -35.11
N LYS L 98 20.77 43.32 -34.47
CA LYS L 98 20.93 41.91 -34.81
C LYS L 98 19.60 41.33 -35.23
N VAL L 99 19.56 40.69 -36.40
CA VAL L 99 18.36 40.05 -36.92
C VAL L 99 18.68 38.60 -37.25
N GLU L 100 17.63 37.79 -37.29
CA GLU L 100 17.74 36.39 -37.68
C GLU L 100 17.21 36.26 -39.11
N ALA L 101 18.07 35.80 -40.03
CA ALA L 101 17.67 35.71 -41.43
C ALA L 101 16.51 34.75 -41.63
N THR L 102 16.36 33.75 -40.75
CA THR L 102 15.25 32.82 -40.88
C THR L 102 13.91 33.46 -40.53
N LYS L 103 13.92 34.59 -39.82
CA LYS L 103 12.69 35.29 -39.52
C LYS L 103 11.97 35.76 -40.78
N PHE L 104 12.72 36.01 -41.86
CA PHE L 104 12.15 36.52 -43.11
C PHE L 104 11.71 35.38 -44.03
N THR L 105 10.78 34.58 -43.52
CA THR L 105 10.16 33.53 -44.33
C THR L 105 8.77 33.20 -43.81
N GLU L 106 8.70 32.65 -42.60
CA GLU L 106 7.44 32.23 -42.00
C GLU L 106 6.75 33.38 -41.29
N ARG L 112 7.62 39.65 -47.56
CA ARG L 112 8.62 39.73 -46.50
C ARG L 112 8.95 41.17 -46.14
N ASP L 113 8.85 41.49 -44.85
CA ASP L 113 9.19 42.83 -44.36
C ASP L 113 10.69 42.92 -44.08
N VAL L 114 11.47 42.77 -45.17
CA VAL L 114 12.92 42.79 -45.05
C VAL L 114 13.41 44.17 -44.60
N GLU L 115 12.72 45.22 -45.00
CA GLU L 115 13.10 46.58 -44.62
C GLU L 115 12.95 46.85 -43.14
N SER L 116 12.51 45.88 -42.34
CA SER L 116 12.35 46.10 -40.91
C SER L 116 13.68 46.42 -40.23
N MET L 117 14.73 45.69 -40.60
CA MET L 117 16.02 45.85 -39.92
C MET L 117 16.60 47.25 -40.12
N VAL L 118 16.29 47.90 -41.24
CA VAL L 118 16.70 49.30 -41.40
C VAL L 118 15.90 50.20 -40.47
N ARG L 119 14.60 49.94 -40.35
CA ARG L 119 13.78 50.71 -39.42
C ARG L 119 14.16 50.43 -37.97
N ASP L 120 14.56 49.20 -37.66
CA ASP L 120 15.06 48.89 -36.32
C ASP L 120 16.38 49.60 -36.06
N LEU L 121 17.22 49.74 -37.08
CA LEU L 121 18.52 50.40 -36.90
C LEU L 121 18.35 51.90 -36.65
N VAL L 122 17.43 52.54 -37.37
CA VAL L 122 17.19 53.96 -37.14
C VAL L 122 16.61 54.18 -35.74
N ASP L 123 15.82 53.23 -35.24
CA ASP L 123 15.28 53.36 -33.89
C ASP L 123 16.38 53.36 -32.84
N VAL L 124 17.35 52.45 -32.97
CA VAL L 124 18.44 52.42 -32.00
C VAL L 124 19.40 53.58 -32.21
N SER L 125 19.34 54.26 -33.35
CA SER L 125 20.20 55.41 -33.58
C SER L 125 19.68 56.64 -32.86
N VAL L 126 18.36 56.90 -32.95
CA VAL L 126 17.80 58.04 -32.23
C VAL L 126 17.82 57.77 -30.72
N ARG L 127 17.70 56.51 -30.31
CA ARG L 127 17.86 56.19 -28.89
C ARG L 127 19.30 56.40 -28.45
N LEU L 128 20.26 56.05 -29.31
CA LEU L 128 21.67 56.27 -28.98
C LEU L 128 22.01 57.76 -28.93
N VAL L 129 21.45 58.54 -29.86
CA VAL L 129 21.77 59.96 -29.93
C VAL L 129 21.12 60.71 -28.78
N LYS L 130 19.90 60.32 -28.39
CA LYS L 130 19.19 60.99 -27.31
C LYS L 130 19.99 60.92 -26.00
N ALA L 131 20.48 59.72 -25.66
CA ALA L 131 21.23 59.57 -24.42
C ALA L 131 22.53 60.34 -24.43
N GLN L 132 23.17 60.47 -25.60
CA GLN L 132 24.42 61.21 -25.68
C GLN L 132 24.18 62.71 -25.50
N LYS L 133 23.10 63.23 -26.09
CA LYS L 133 22.77 64.64 -25.91
C LYS L 133 22.26 64.93 -24.50
N LYS L 134 21.62 63.94 -23.86
CA LYS L 134 21.13 64.15 -22.51
C LYS L 134 22.28 64.22 -21.51
N SER L 135 23.31 63.38 -21.69
CA SER L 135 24.44 63.42 -20.78
C SER L 135 25.19 64.74 -20.89
N LEU L 136 25.19 65.37 -22.06
CA LEU L 136 25.85 66.66 -22.22
C LEU L 136 25.13 67.75 -21.43
N VAL L 137 23.80 67.74 -21.45
CA VAL L 137 23.03 68.76 -20.73
C VAL L 137 22.75 68.38 -19.28
N GLN L 138 23.02 67.13 -18.90
CA GLN L 138 22.85 66.67 -17.51
C GLN L 138 21.41 66.86 -17.02
N ASP L 273 17.66 70.34 -28.14
CA ASP L 273 17.27 70.36 -29.55
C ASP L 273 16.69 69.02 -29.97
N GLN L 274 15.44 69.03 -30.42
CA GLN L 274 14.75 67.80 -30.79
C GLN L 274 14.77 67.53 -32.29
N GLU L 275 14.70 68.56 -33.13
CA GLU L 275 14.66 68.34 -34.57
C GLU L 275 16.05 68.16 -35.17
N SER L 276 17.06 68.85 -34.62
CA SER L 276 18.42 68.71 -35.13
C SER L 276 19.11 67.44 -34.66
N ALA L 277 18.54 66.74 -33.68
CA ALA L 277 19.15 65.49 -33.21
C ALA L 277 18.87 64.35 -34.19
N ASN L 278 17.65 64.28 -34.73
CA ASN L 278 17.31 63.20 -35.64
C ASN L 278 18.13 63.28 -36.93
N GLN L 279 18.41 64.51 -37.40
CA GLN L 279 19.24 64.65 -38.60
C GLN L 279 20.66 64.14 -38.36
N GLU L 280 21.18 64.32 -37.15
CA GLU L 280 22.41 63.64 -36.78
C GLU L 280 22.20 62.14 -36.65
N ALA L 281 21.03 61.73 -36.17
CA ALA L 281 20.75 60.31 -36.01
C ALA L 281 20.62 59.60 -37.36
N LEU L 282 19.89 60.21 -38.30
CA LEU L 282 19.82 59.64 -39.64
C LEU L 282 21.19 59.59 -40.30
N GLU L 283 21.93 60.70 -40.21
CA GLU L 283 23.29 60.71 -40.75
C GLU L 283 24.19 59.74 -40.00
N LEU L 284 23.91 59.48 -38.72
CA LEU L 284 24.65 58.46 -38.00
C LEU L 284 24.37 57.08 -38.56
N ALA L 285 23.08 56.69 -38.59
CA ALA L 285 22.72 55.34 -39.00
C ALA L 285 23.12 55.05 -40.44
N GLU L 286 22.83 55.99 -41.35
CA GLU L 286 23.11 55.74 -42.77
C GLU L 286 24.57 55.98 -43.13
N GLN L 287 25.41 56.39 -42.18
CA GLN L 287 26.84 56.54 -42.41
C GLN L 287 27.68 55.82 -41.38
N MET L 288 27.06 55.25 -40.35
CA MET L 288 27.80 54.55 -39.30
C MET L 288 27.07 53.33 -38.77
N GLY L 289 25.89 52.99 -39.29
CA GLY L 289 25.14 51.87 -38.77
C GLY L 289 25.70 50.53 -39.20
N ILE L 290 25.43 49.52 -38.38
CA ILE L 290 25.93 48.16 -38.58
C ILE L 290 24.77 47.20 -38.36
N ILE L 291 24.49 46.38 -39.37
CA ILE L 291 23.38 45.42 -39.33
C ILE L 291 23.96 44.01 -39.34
N PHE L 292 23.74 43.27 -38.26
CA PHE L 292 24.19 41.89 -38.13
C PHE L 292 23.09 40.95 -38.63
N ILE L 293 23.44 40.06 -39.54
CA ILE L 293 22.49 39.10 -40.10
C ILE L 293 22.98 37.71 -39.71
N ASP L 294 22.49 37.22 -38.57
CA ASP L 294 22.85 35.88 -38.11
C ASP L 294 22.08 34.83 -38.89
N GLU L 295 22.67 33.63 -38.97
CA GLU L 295 22.06 32.49 -39.67
C GLU L 295 21.84 32.79 -41.15
N ILE L 296 22.73 33.59 -41.75
CA ILE L 296 22.60 33.86 -43.17
C ILE L 296 22.93 32.63 -44.01
N ASP L 297 23.65 31.66 -43.45
CA ASP L 297 23.92 30.41 -44.14
C ASP L 297 22.68 29.55 -44.33
N LYS L 298 21.57 29.90 -43.68
CA LYS L 298 20.37 29.09 -43.71
C LYS L 298 19.29 29.65 -44.62
N VAL L 299 19.48 30.84 -45.19
CA VAL L 299 18.63 31.31 -46.29
C VAL L 299 19.24 31.00 -47.64
N ALA L 300 20.39 30.31 -47.67
CA ALA L 300 21.01 29.85 -48.90
C ALA L 300 20.87 28.33 -48.99
N THR L 301 20.59 27.85 -50.19
CA THR L 301 20.34 26.44 -50.44
C THR L 301 21.51 25.82 -51.21
N ASN L 302 21.54 24.49 -51.21
CA ASN L 302 22.57 23.74 -51.93
C ASN L 302 22.42 23.92 -53.44
N SER L 311 11.48 30.30 -53.30
CA SER L 311 11.92 29.55 -52.12
C SER L 311 12.56 30.49 -51.10
N ARG L 312 13.70 30.07 -50.55
CA ARG L 312 14.49 30.93 -49.68
C ARG L 312 15.49 31.79 -50.44
N GLN L 313 15.72 31.51 -51.72
CA GLN L 313 16.49 32.43 -52.55
C GLN L 313 15.78 33.78 -52.64
N GLY L 314 14.46 33.80 -52.49
CA GLY L 314 13.73 35.04 -52.40
C GLY L 314 14.01 35.84 -51.15
N VAL L 315 14.57 35.20 -50.12
CA VAL L 315 15.02 35.94 -48.95
C VAL L 315 16.31 36.69 -49.26
N GLN L 316 17.25 36.03 -49.94
CA GLN L 316 18.49 36.69 -50.34
C GLN L 316 18.22 37.79 -51.36
N ARG L 317 17.26 37.57 -52.27
CA ARG L 317 16.94 38.57 -53.27
C ARG L 317 16.14 39.73 -52.72
N ASP L 318 15.60 39.61 -51.50
CA ASP L 318 14.96 40.74 -50.83
C ASP L 318 15.90 41.45 -49.87
N ILE L 319 16.91 40.74 -49.33
CA ILE L 319 17.96 41.41 -48.58
C ILE L 319 18.90 42.15 -49.53
N LEU L 320 19.00 41.70 -50.79
CA LEU L 320 19.89 42.31 -51.77
C LEU L 320 19.75 43.82 -51.90
N PRO L 321 18.55 44.40 -52.12
CA PRO L 321 18.49 45.85 -52.33
C PRO L 321 19.03 46.66 -51.16
N ILE L 322 18.95 46.11 -49.94
CA ILE L 322 19.50 46.83 -48.78
C ILE L 322 21.01 46.94 -48.88
N LEU L 323 21.68 45.92 -49.42
CA LEU L 323 23.12 46.00 -49.59
C LEU L 323 23.51 46.76 -50.85
N GLU L 324 22.69 46.68 -51.90
CA GLU L 324 22.98 47.44 -53.11
C GLU L 324 22.85 48.93 -52.86
N GLY L 325 21.96 49.34 -51.97
CA GLY L 325 21.75 50.74 -51.69
C GLY L 325 20.38 51.21 -52.12
N SER L 326 19.47 51.38 -51.16
CA SER L 326 18.11 51.81 -51.44
C SER L 326 17.62 52.71 -50.33
N VAL L 327 16.60 53.50 -50.64
CA VAL L 327 16.01 54.43 -49.69
C VAL L 327 14.83 53.76 -49.00
N ILE L 328 14.88 53.68 -47.68
CA ILE L 328 13.86 53.03 -46.88
C ILE L 328 13.14 54.10 -46.06
N GLN L 329 11.82 54.05 -46.05
CA GLN L 329 11.00 55.04 -45.35
C GLN L 329 10.82 54.64 -43.90
N THR L 330 11.20 55.52 -42.99
CA THR L 330 10.94 55.38 -41.56
C THR L 330 9.96 56.45 -41.13
N LYS L 331 9.73 56.54 -39.82
CA LYS L 331 8.91 57.63 -39.29
C LYS L 331 9.72 58.88 -39.03
N TYR L 332 11.01 58.74 -38.75
CA TYR L 332 11.89 59.89 -38.58
C TYR L 332 12.38 60.46 -39.91
N GLY L 333 11.95 59.89 -41.04
CA GLY L 333 12.34 60.34 -42.35
C GLY L 333 12.81 59.18 -43.20
N THR L 334 13.43 59.52 -44.32
CA THR L 334 13.96 58.52 -45.25
C THR L 334 15.46 58.41 -45.10
N VAL L 335 15.97 57.17 -45.15
CA VAL L 335 17.38 56.89 -45.07
C VAL L 335 17.76 55.95 -46.22
N ASN L 336 19.05 55.99 -46.58
CA ASN L 336 19.59 55.12 -47.62
C ASN L 336 20.66 54.22 -47.02
N THR L 337 20.60 52.94 -47.37
CA THR L 337 21.48 51.92 -46.83
C THR L 337 22.76 51.73 -47.65
N GLU L 338 23.11 52.73 -48.47
CA GLU L 338 24.26 52.58 -49.37
C GLU L 338 25.56 52.36 -48.60
N HIS L 339 25.70 53.02 -47.45
CA HIS L 339 26.97 53.02 -46.72
C HIS L 339 26.86 52.37 -45.35
N MET L 340 25.83 51.54 -45.14
CA MET L 340 25.73 50.78 -43.91
C MET L 340 26.59 49.54 -43.98
N LEU L 341 27.10 49.12 -42.83
CA LEU L 341 27.94 47.93 -42.74
C LEU L 341 27.09 46.71 -42.43
N PHE L 342 27.31 45.63 -43.17
CA PHE L 342 26.55 44.40 -43.00
C PHE L 342 27.50 43.28 -42.61
N ILE L 343 27.11 42.50 -41.60
CA ILE L 343 27.89 41.36 -41.13
C ILE L 343 26.98 40.14 -41.19
N GLY L 344 27.27 39.23 -42.13
CA GLY L 344 26.55 37.97 -42.20
C GLY L 344 27.30 36.89 -41.44
N ALA L 345 26.56 36.12 -40.65
CA ALA L 345 27.16 35.11 -39.80
C ALA L 345 26.41 33.78 -39.95
N GLY L 346 27.16 32.70 -39.79
CA GLY L 346 26.58 31.38 -39.89
C GLY L 346 27.63 30.32 -39.64
N ALA L 347 27.15 29.11 -39.35
CA ALA L 347 28.06 28.00 -39.14
C ALA L 347 28.46 27.35 -40.46
N PHE L 348 27.62 27.48 -41.49
CA PHE L 348 27.90 26.95 -42.83
C PHE L 348 28.26 25.47 -42.78
N HIS L 349 27.40 24.70 -42.10
CA HIS L 349 27.59 23.26 -41.98
C HIS L 349 26.82 22.47 -43.03
N VAL L 350 25.76 23.04 -43.58
CA VAL L 350 24.96 22.40 -44.63
C VAL L 350 24.95 23.20 -45.92
N SER L 351 25.73 24.28 -45.99
CA SER L 351 25.87 25.07 -47.20
C SER L 351 27.16 25.87 -47.11
N LYS L 352 27.68 26.24 -48.26
CA LYS L 352 28.91 27.00 -48.35
C LYS L 352 28.61 28.45 -48.69
N PRO L 353 29.52 29.37 -48.36
CA PRO L 353 29.34 30.76 -48.82
C PRO L 353 29.24 30.88 -50.32
N SER L 354 29.76 29.90 -51.08
CA SER L 354 29.56 29.87 -52.52
C SER L 354 28.13 29.52 -52.91
N ASP L 355 27.32 29.05 -51.97
CA ASP L 355 25.91 28.77 -52.24
C ASP L 355 25.04 30.00 -52.12
N LEU L 356 25.58 31.12 -51.65
CA LEU L 356 24.86 32.38 -51.67
C LEU L 356 24.67 32.84 -53.11
N ILE L 357 23.72 33.73 -53.32
CA ILE L 357 23.48 34.29 -54.64
C ILE L 357 24.72 35.06 -55.04
N PRO L 358 25.09 35.07 -56.33
CA PRO L 358 26.38 35.71 -56.72
C PRO L 358 26.52 37.14 -56.27
N GLU L 359 25.42 37.90 -56.21
CA GLU L 359 25.50 39.29 -55.79
C GLU L 359 25.94 39.40 -54.34
N LEU L 360 25.43 38.51 -53.47
CA LEU L 360 25.86 38.50 -52.08
C LEU L 360 27.33 38.12 -51.96
N GLN L 361 27.78 37.15 -52.75
CA GLN L 361 29.19 36.75 -52.71
C GLN L 361 30.09 37.94 -53.04
N GLY L 362 29.73 38.73 -54.04
CA GLY L 362 30.54 39.87 -54.42
C GLY L 362 30.44 41.04 -53.46
N ARG L 363 29.42 41.05 -52.60
CA ARG L 363 29.22 42.14 -51.66
C ARG L 363 29.62 41.78 -50.24
N PHE L 364 30.23 40.62 -50.04
CA PHE L 364 30.88 40.26 -48.78
C PHE L 364 32.36 40.01 -49.06
N PRO L 365 33.13 41.06 -49.34
CA PRO L 365 34.55 40.84 -49.68
C PRO L 365 35.38 40.37 -48.52
N ILE L 366 35.09 40.87 -47.32
CA ILE L 366 35.83 40.49 -46.12
C ILE L 366 35.21 39.22 -45.55
N ARG L 367 35.99 38.15 -45.47
CA ARG L 367 35.51 36.87 -44.98
C ARG L 367 36.52 36.30 -43.98
N VAL L 368 36.01 35.88 -42.83
CA VAL L 368 36.84 35.34 -41.75
C VAL L 368 36.20 34.05 -41.25
N GLU L 369 37.04 33.10 -40.86
CA GLU L 369 36.60 31.88 -40.19
C GLU L 369 37.12 31.90 -38.76
N LEU L 370 36.21 31.82 -37.79
CA LEU L 370 36.59 31.96 -36.40
C LEU L 370 37.19 30.66 -35.87
N ASP L 371 37.85 30.76 -34.72
CA ASP L 371 38.53 29.63 -34.11
C ASP L 371 37.59 28.83 -33.23
N SER L 372 37.71 27.51 -33.27
CA SER L 372 37.07 26.68 -32.27
C SER L 372 37.71 26.92 -30.90
N LEU L 373 36.96 26.58 -29.86
CA LEU L 373 37.36 26.90 -28.50
C LEU L 373 38.00 25.69 -27.83
N SER L 374 39.07 25.94 -27.09
CA SER L 374 39.75 24.91 -26.30
C SER L 374 39.51 25.18 -24.81
N VAL L 375 39.90 24.21 -23.99
CA VAL L 375 39.73 24.37 -22.55
C VAL L 375 40.62 25.49 -22.02
N GLU L 376 41.80 25.68 -22.63
CA GLU L 376 42.65 26.80 -22.26
C GLU L 376 41.97 28.13 -22.57
N ASP L 377 41.28 28.21 -23.71
CA ASP L 377 40.52 29.42 -24.02
C ASP L 377 39.37 29.64 -23.05
N PHE L 378 38.81 28.55 -22.49
CA PHE L 378 37.72 28.70 -21.54
C PHE L 378 38.18 29.37 -20.24
N VAL L 379 39.32 28.93 -19.69
CA VAL L 379 39.81 29.53 -18.45
C VAL L 379 40.06 31.03 -18.64
N ARG L 380 40.41 31.43 -19.86
CA ARG L 380 40.61 32.86 -20.13
C ARG L 380 39.28 33.58 -20.25
N ILE L 381 38.30 32.97 -20.93
CA ILE L 381 36.96 33.55 -20.96
C ILE L 381 36.41 33.72 -19.56
N LEU L 382 36.79 32.82 -18.64
CA LEU L 382 36.28 32.88 -17.27
C LEU L 382 36.87 34.07 -16.50
N THR L 383 38.12 34.43 -16.78
CA THR L 383 38.85 35.36 -15.92
C THR L 383 39.32 36.63 -16.63
N GLU L 384 39.81 36.52 -17.87
CA GLU L 384 40.52 37.64 -18.48
C GLU L 384 39.63 38.85 -18.80
N PRO L 385 38.51 38.71 -19.50
CA PRO L 385 37.85 39.91 -20.03
C PRO L 385 37.32 40.82 -18.92
N LYS L 386 37.19 42.10 -19.25
CA LYS L 386 36.44 43.00 -18.41
C LYS L 386 35.00 42.50 -18.29
N LEU L 387 34.46 42.58 -17.08
CA LEU L 387 33.10 42.09 -16.81
C LEU L 387 32.98 40.60 -17.13
N SER L 388 34.06 39.86 -16.84
CA SER L 388 34.07 38.42 -17.04
C SER L 388 33.02 37.74 -16.17
N LEU L 389 32.81 36.45 -16.42
CA LEU L 389 31.71 35.74 -15.77
C LEU L 389 31.94 35.61 -14.26
N ILE L 390 33.16 35.25 -13.84
CA ILE L 390 33.40 35.16 -12.41
C ILE L 390 33.48 36.56 -11.80
N LYS L 391 33.91 37.55 -12.57
CA LYS L 391 33.94 38.92 -12.06
C LYS L 391 32.54 39.41 -11.76
N GLN L 392 31.56 39.04 -12.58
CA GLN L 392 30.17 39.35 -12.29
C GLN L 392 29.74 38.71 -10.98
N TYR L 393 30.06 37.43 -10.79
CA TYR L 393 29.65 36.73 -9.58
C TYR L 393 30.36 37.26 -8.34
N GLU L 394 31.61 37.69 -8.49
CA GLU L 394 32.30 38.34 -7.38
C GLU L 394 31.57 39.62 -6.97
N ALA L 395 31.10 40.40 -7.94
CA ALA L 395 30.40 41.65 -7.63
C ALA L 395 29.00 41.41 -7.13
N LEU L 396 28.34 40.34 -7.58
CA LEU L 396 26.96 40.08 -7.16
C LEU L 396 26.91 39.55 -5.74
N LEU L 397 27.89 38.73 -5.35
CA LEU L 397 27.91 38.21 -3.99
C LEU L 397 28.55 39.16 -3.00
N GLN L 398 29.38 40.10 -3.48
CA GLN L 398 29.86 41.18 -2.61
C GLN L 398 28.73 42.13 -2.22
N THR L 399 27.67 42.17 -3.02
CA THR L 399 26.46 42.90 -2.62
C THR L 399 25.93 42.39 -1.29
N GLU L 400 26.07 41.08 -1.04
CA GLU L 400 25.64 40.46 0.21
C GLU L 400 26.75 40.41 1.25
N GLU L 401 27.78 41.26 1.12
CA GLU L 401 28.94 41.29 2.00
C GLU L 401 29.72 39.98 1.98
N VAL L 402 29.54 39.16 0.96
CA VAL L 402 30.24 37.88 0.84
C VAL L 402 31.38 38.05 -0.15
N THR L 403 32.57 37.60 0.23
CA THR L 403 33.76 37.66 -0.62
C THR L 403 34.06 36.27 -1.15
N VAL L 404 34.04 36.12 -2.47
CA VAL L 404 34.26 34.83 -3.12
C VAL L 404 35.63 34.84 -3.76
N ASN L 405 36.34 33.72 -3.65
CA ASN L 405 37.68 33.57 -4.19
C ASN L 405 37.72 32.30 -5.01
N PHE L 406 37.86 32.44 -6.33
CA PHE L 406 37.96 31.31 -7.23
C PHE L 406 39.42 30.97 -7.44
N THR L 407 39.86 29.83 -6.87
CA THR L 407 41.23 29.41 -7.06
C THR L 407 41.47 29.01 -8.51
N ASP L 408 42.71 29.17 -8.96
CA ASP L 408 43.06 28.85 -10.33
C ASP L 408 42.83 27.37 -10.63
N GLU L 409 42.87 26.52 -9.60
CA GLU L 409 42.58 25.11 -9.80
C GLU L 409 41.10 24.87 -10.06
N ALA L 410 40.23 25.75 -9.54
CA ALA L 410 38.80 25.62 -9.79
C ALA L 410 38.39 26.22 -11.12
N ILE L 411 39.04 27.31 -11.55
CA ILE L 411 38.78 27.88 -12.86
C ILE L 411 39.10 26.87 -13.95
N THR L 412 40.17 26.09 -13.77
CA THR L 412 40.49 25.04 -14.72
C THR L 412 39.51 23.88 -14.64
N ARG L 413 38.98 23.60 -13.45
CA ARG L 413 38.02 22.51 -13.32
C ARG L 413 36.67 22.87 -13.93
N LEU L 414 36.26 24.13 -13.78
CA LEU L 414 35.01 24.59 -14.39
C LEU L 414 35.12 24.60 -15.91
N ALA L 415 36.30 24.93 -16.43
CA ALA L 415 36.48 24.96 -17.88
C ALA L 415 36.43 23.56 -18.47
N GLU L 416 37.06 22.59 -17.80
CA GLU L 416 37.05 21.22 -18.30
C GLU L 416 35.65 20.63 -18.29
N ILE L 417 34.90 20.86 -17.20
CA ILE L 417 33.56 20.30 -17.10
C ILE L 417 32.65 20.87 -18.19
N ALA L 418 32.76 22.19 -18.44
CA ALA L 418 31.96 22.80 -19.49
C ALA L 418 32.44 22.35 -20.87
N TYR L 419 33.75 22.22 -21.06
CA TYR L 419 34.28 21.69 -22.31
C TYR L 419 33.94 20.21 -22.49
N GLN L 420 33.70 19.49 -21.39
CA GLN L 420 33.37 18.07 -21.48
C GLN L 420 31.95 17.86 -22.02
N VAL L 421 30.95 18.41 -21.33
CA VAL L 421 29.56 18.19 -21.71
C VAL L 421 29.25 18.77 -23.09
N ASN L 422 30.08 19.68 -23.59
CA ASN L 422 29.93 20.14 -24.97
C ASN L 422 30.15 19.00 -25.95
N GLN L 423 30.95 18.00 -25.57
CA GLN L 423 31.20 16.86 -26.44
C GLN L 423 30.17 15.76 -26.26
N ASP L 424 29.75 15.50 -25.02
CA ASP L 424 28.81 14.42 -24.77
C ASP L 424 27.42 14.75 -25.31
N THR L 425 26.95 15.97 -25.06
CA THR L 425 25.62 16.40 -25.48
C THR L 425 25.77 17.31 -26.70
N ASP L 426 25.23 18.53 -26.71
CA ASP L 426 25.36 19.45 -27.82
C ASP L 426 26.49 20.44 -27.54
N ASN L 427 27.32 20.69 -28.54
CA ASN L 427 28.42 21.64 -28.40
C ASN L 427 27.89 23.04 -28.64
N ILE L 428 27.84 23.85 -27.58
CA ILE L 428 27.33 25.21 -27.66
C ILE L 428 28.42 26.25 -27.36
N GLY L 429 29.68 25.81 -27.29
CA GLY L 429 30.77 26.77 -27.10
C GLY L 429 30.80 27.33 -25.69
N ALA L 430 31.20 28.61 -25.60
CA ALA L 430 31.32 29.27 -24.32
C ALA L 430 29.98 29.56 -23.66
N ARG L 431 28.87 29.36 -24.38
CA ARG L 431 27.56 29.48 -23.75
C ARG L 431 27.35 28.45 -22.65
N ARG L 432 28.12 27.36 -22.68
CA ARG L 432 27.99 26.32 -21.66
C ARG L 432 28.41 26.84 -20.28
N LEU L 433 29.30 27.84 -20.24
CA LEU L 433 29.83 28.31 -18.96
C LEU L 433 28.75 28.91 -18.07
N HIS L 434 27.69 29.45 -18.67
CA HIS L 434 26.64 30.08 -17.87
C HIS L 434 25.95 29.06 -16.97
N THR L 435 25.48 27.95 -17.55
CA THR L 435 24.78 26.95 -16.77
C THR L 435 25.72 26.28 -15.77
N ILE L 436 26.97 26.06 -16.16
CA ILE L 436 27.93 25.38 -15.30
C ILE L 436 28.19 26.19 -14.04
N LEU L 437 28.43 27.49 -14.19
CA LEU L 437 28.74 28.32 -13.03
C LEU L 437 27.54 28.47 -12.11
N GLU L 438 26.38 28.82 -12.68
CA GLU L 438 25.18 29.03 -11.86
C GLU L 438 24.80 27.77 -11.09
N LYS L 439 25.14 26.59 -11.61
CA LYS L 439 24.76 25.35 -10.93
C LYS L 439 25.64 25.10 -9.71
N MET L 440 26.95 25.35 -9.82
CA MET L 440 27.83 25.08 -8.70
C MET L 440 27.86 26.22 -7.69
N LEU L 441 27.41 27.41 -8.06
CA LEU L 441 27.20 28.51 -7.14
C LEU L 441 25.78 28.52 -6.57
N GLU L 442 25.10 27.39 -6.64
CA GLU L 442 23.69 27.31 -6.24
C GLU L 442 23.53 27.55 -4.75
N ASP L 443 24.22 26.75 -3.93
CA ASP L 443 24.04 26.85 -2.48
C ASP L 443 24.65 28.13 -1.92
N LEU L 444 25.73 28.63 -2.52
CA LEU L 444 26.31 29.88 -2.06
C LEU L 444 25.36 31.05 -2.32
N SER L 445 24.72 31.08 -3.49
CA SER L 445 23.83 32.20 -3.82
C SER L 445 22.60 32.23 -2.91
N PHE L 446 22.10 31.06 -2.53
CA PHE L 446 20.90 31.02 -1.70
C PHE L 446 21.19 31.47 -0.28
N GLU L 447 22.29 31.01 0.31
CA GLU L 447 22.64 31.32 1.68
C GLU L 447 23.57 32.52 1.80
N ALA L 448 23.77 33.27 0.72
CA ALA L 448 24.66 34.43 0.77
C ALA L 448 24.15 35.53 1.71
N PRO L 449 22.87 35.94 1.68
CA PRO L 449 22.43 37.00 2.60
C PRO L 449 22.51 36.62 4.07
N SER L 450 22.78 35.35 4.39
CA SER L 450 22.97 34.91 5.76
C SER L 450 24.44 34.69 6.11
N MET L 451 25.35 35.30 5.35
CA MET L 451 26.79 35.17 5.60
C MET L 451 27.46 36.54 5.46
N PRO L 452 27.09 37.50 6.30
CA PRO L 452 27.71 38.84 6.19
C PRO L 452 29.17 38.79 6.57
N ASN L 453 30.00 39.42 5.74
CA ASN L 453 31.46 39.48 5.95
C ASN L 453 32.08 38.09 5.98
N ALA L 454 31.62 37.22 5.09
CA ALA L 454 32.17 35.88 4.93
C ALA L 454 33.15 35.85 3.77
N VAL L 455 34.05 34.86 3.80
CA VAL L 455 35.05 34.67 2.76
C VAL L 455 35.02 33.20 2.35
N VAL L 456 34.68 32.95 1.09
CA VAL L 456 34.52 31.60 0.56
C VAL L 456 35.60 31.35 -0.49
N ASP L 457 36.26 30.20 -0.38
CA ASP L 457 37.27 29.79 -1.35
C ASP L 457 36.71 28.65 -2.17
N ILE L 458 36.59 28.86 -3.48
CA ILE L 458 36.09 27.82 -4.37
C ILE L 458 37.26 26.91 -4.72
N THR L 459 37.41 25.83 -3.96
CA THR L 459 38.43 24.84 -4.26
C THR L 459 38.02 24.00 -5.47
N PRO L 460 38.98 23.37 -6.14
CA PRO L 460 38.62 22.45 -7.23
C PRO L 460 37.79 21.26 -6.77
N GLN L 461 37.68 21.03 -5.47
CA GLN L 461 36.86 19.94 -4.96
C GLN L 461 35.41 20.34 -4.78
N TYR L 462 35.14 21.59 -4.42
CA TYR L 462 33.75 22.05 -4.33
C TYR L 462 33.09 22.03 -5.70
N VAL L 463 33.88 22.16 -6.77
CA VAL L 463 33.33 22.05 -8.12
C VAL L 463 32.95 20.60 -8.41
N ASP L 464 33.85 19.66 -8.11
CA ASP L 464 33.54 18.25 -8.31
C ASP L 464 32.40 17.80 -7.40
N ASP L 465 32.35 18.34 -6.17
CA ASP L 465 31.25 18.01 -5.28
C ASP L 465 29.91 18.45 -5.86
N LYS L 466 29.92 19.50 -6.68
CA LYS L 466 28.69 20.06 -7.24
C LYS L 466 28.40 19.57 -8.65
N LEU L 467 29.43 19.35 -9.47
CA LEU L 467 29.23 19.15 -10.91
C LEU L 467 29.72 17.82 -11.45
N LYS L 468 30.64 17.13 -10.75
CA LYS L 468 31.28 15.96 -11.36
C LYS L 468 30.28 14.84 -11.63
N SER L 469 29.47 14.48 -10.62
CA SER L 469 28.55 13.37 -10.79
C SER L 469 27.46 13.66 -11.81
N ILE L 470 27.00 14.92 -11.89
CA ILE L 470 25.93 15.26 -12.81
C ILE L 470 26.45 15.60 -14.20
N SER L 471 27.76 15.60 -14.41
CA SER L 471 28.34 15.80 -15.74
C SER L 471 28.78 14.50 -16.39
N THR L 472 29.19 13.50 -15.60
CA THR L 472 29.46 12.19 -16.17
C THR L 472 28.18 11.49 -16.62
N ASN L 473 27.05 11.85 -16.03
CA ASN L 473 25.75 11.36 -16.47
C ASN L 473 25.34 12.14 -17.71
N LYS L 474 25.43 11.51 -18.88
CA LYS L 474 25.16 12.23 -20.13
C LYS L 474 23.68 12.58 -20.26
N ASP L 475 22.79 11.68 -19.85
CA ASP L 475 21.36 11.92 -20.03
C ASP L 475 20.86 13.07 -19.17
N LEU L 476 21.38 13.20 -17.95
CA LEU L 476 20.92 14.26 -17.07
C LEU L 476 21.45 15.62 -17.51
N SER L 477 22.66 15.67 -18.05
CA SER L 477 23.23 16.95 -18.49
C SER L 477 22.49 17.53 -19.69
N ALA L 478 21.81 16.70 -20.48
CA ALA L 478 20.98 17.22 -21.56
C ALA L 478 19.81 18.04 -21.04
N PHE L 479 19.47 17.89 -19.76
CA PHE L 479 18.40 18.65 -19.13
C PHE L 479 18.90 19.72 -18.18
N ILE L 480 19.86 19.38 -17.30
CA ILE L 480 20.24 20.28 -16.22
C ILE L 480 21.42 21.17 -16.57
N LEU L 481 22.33 20.70 -17.43
CA LEU L 481 23.54 21.46 -17.73
C LEU L 481 23.50 22.04 -19.14
N ILE M 20 25.71 -57.27 80.00
CA ILE M 20 24.46 -57.12 80.72
C ILE M 20 24.66 -57.39 82.22
N ARG M 21 25.46 -58.41 82.53
CA ARG M 21 25.73 -58.77 83.91
C ARG M 21 26.53 -57.70 84.65
N LEU M 22 27.08 -56.72 83.94
CA LEU M 22 27.92 -55.71 84.57
C LEU M 22 27.11 -54.83 85.51
N THR M 23 27.76 -54.34 86.56
CA THR M 23 27.14 -53.52 87.57
C THR M 23 27.21 -52.05 87.19
N PRO M 24 26.37 -51.20 87.81
CA PRO M 24 26.47 -49.75 87.53
C PRO M 24 27.85 -49.16 87.75
N LYS M 25 28.53 -49.54 88.84
CA LYS M 25 29.87 -49.01 89.07
C LYS M 25 30.86 -49.52 88.03
N GLU M 26 30.60 -50.69 87.44
CA GLU M 26 31.46 -51.21 86.39
C GLU M 26 31.15 -50.56 85.04
N ILE M 27 29.87 -50.27 84.78
CA ILE M 27 29.51 -49.61 83.53
C ILE M 27 30.10 -48.21 83.46
N VAL M 28 30.06 -47.48 84.58
CA VAL M 28 30.62 -46.13 84.62
C VAL M 28 32.12 -46.17 84.33
N SER M 29 32.83 -47.15 84.89
CA SER M 29 34.27 -47.21 84.69
C SER M 29 34.63 -47.52 83.24
N LYS M 30 33.89 -48.45 82.61
CA LYS M 30 34.16 -48.76 81.21
C LYS M 30 33.75 -47.62 80.28
N LEU M 31 32.86 -46.73 80.72
CA LEU M 31 32.56 -45.53 79.96
C LEU M 31 33.61 -44.45 80.17
N ASN M 32 34.27 -44.45 81.34
CA ASN M 32 35.28 -43.44 81.64
C ASN M 32 36.52 -43.57 80.76
N GLU M 33 36.73 -44.74 80.15
CA GLU M 33 37.87 -44.90 79.25
C GLU M 33 37.70 -44.05 77.99
N TYR M 34 36.46 -43.93 77.50
CA TYR M 34 36.21 -43.22 76.25
C TYR M 34 35.61 -41.84 76.45
N ILE M 35 34.90 -41.59 77.55
CA ILE M 35 34.24 -40.32 77.79
C ILE M 35 34.91 -39.64 78.98
N VAL M 36 35.07 -38.32 78.89
CA VAL M 36 35.67 -37.51 79.94
C VAL M 36 34.59 -36.59 80.52
N GLY M 37 34.46 -36.59 81.84
CA GLY M 37 33.47 -35.78 82.50
C GLY M 37 32.07 -36.37 82.38
N GLN M 38 31.08 -35.52 82.65
CA GLN M 38 29.67 -35.89 82.57
C GLN M 38 29.40 -37.16 83.37
N ASN M 39 29.81 -37.13 84.65
CA ASN M 39 29.68 -38.32 85.48
C ASN M 39 28.23 -38.55 85.92
N ASP M 40 27.49 -37.48 86.20
CA ASP M 40 26.09 -37.65 86.60
C ASP M 40 25.28 -38.31 85.50
N ALA M 41 25.63 -38.04 84.23
CA ALA M 41 25.00 -38.77 83.14
C ALA M 41 25.46 -40.22 83.11
N LYS M 42 26.74 -40.46 83.37
CA LYS M 42 27.25 -41.83 83.41
C LYS M 42 26.59 -42.63 84.52
N ARG M 43 26.35 -42.00 85.68
CA ARG M 43 25.65 -42.68 86.76
C ARG M 43 24.26 -43.11 86.34
N LYS M 44 23.44 -42.16 85.90
CA LYS M 44 22.06 -42.46 85.57
C LYS M 44 21.94 -43.37 84.34
N VAL M 45 22.87 -43.24 83.38
CA VAL M 45 22.84 -44.12 82.22
C VAL M 45 23.18 -45.56 82.62
N ALA M 46 23.86 -45.74 83.76
CA ALA M 46 24.22 -47.07 84.23
C ALA M 46 23.09 -47.72 85.04
N ILE M 47 22.43 -46.95 85.91
CA ILE M 47 21.34 -47.51 86.69
C ILE M 47 20.14 -47.83 85.79
N ALA M 48 20.03 -47.17 84.64
CA ALA M 48 19.00 -47.54 83.67
C ALA M 48 19.31 -48.87 83.00
N LEU M 49 20.55 -49.33 83.08
CA LEU M 49 20.95 -50.61 82.51
C LEU M 49 20.83 -51.73 83.53
N ARG M 50 21.25 -51.51 84.77
CA ARG M 50 21.11 -52.52 85.80
C ARG M 50 19.65 -52.87 86.05
N ASN M 51 18.74 -51.91 85.83
CA ASN M 51 17.31 -52.21 85.92
C ASN M 51 16.90 -53.26 84.90
N ARG M 52 17.57 -53.31 83.74
CA ARG M 52 17.28 -54.35 82.77
C ARG M 52 17.73 -55.71 83.28
N TYR M 53 18.85 -55.76 84.00
CA TYR M 53 19.30 -57.02 84.59
C TYR M 53 18.36 -57.46 85.71
N ARG M 54 17.95 -56.52 86.57
CA ARG M 54 17.01 -56.85 87.63
C ARG M 54 15.66 -57.29 87.07
N ARG M 55 15.26 -56.76 85.92
CA ARG M 55 14.00 -57.15 85.31
C ARG M 55 14.03 -58.61 84.88
N SER M 56 15.15 -59.06 84.32
CA SER M 56 15.27 -60.42 83.80
C SER M 56 15.27 -61.48 84.88
N LEU M 57 15.19 -61.09 86.16
CA LEU M 57 15.29 -62.03 87.27
C LEU M 57 14.04 -62.05 88.14
N LEU M 58 12.99 -61.33 87.76
CA LEU M 58 11.82 -61.17 88.63
C LEU M 58 10.76 -62.22 88.32
N ASP M 59 9.62 -62.08 89.00
CA ASP M 59 8.45 -62.89 88.71
C ASP M 59 8.03 -62.72 87.25
N GLU M 60 7.74 -63.84 86.59
CA GLU M 60 7.50 -63.82 85.15
C GLU M 60 6.36 -62.87 84.78
N GLU M 61 5.31 -62.83 85.61
CA GLU M 61 4.20 -61.92 85.34
C GLU M 61 4.56 -60.48 85.68
N SER M 62 5.27 -60.26 86.79
CA SER M 62 5.77 -58.94 87.12
C SER M 62 6.92 -58.52 86.21
N LYS M 63 7.56 -59.47 85.53
CA LYS M 63 8.68 -59.16 84.66
C LYS M 63 8.27 -58.26 83.50
N GLN M 64 7.03 -58.36 83.05
CA GLN M 64 6.55 -57.61 81.89
C GLN M 64 5.45 -56.62 82.26
N GLU M 65 5.31 -56.28 83.53
CA GLU M 65 4.34 -55.29 83.97
C GLU M 65 4.99 -53.99 84.44
N ILE M 66 6.32 -53.90 84.41
CA ILE M 66 7.03 -52.66 84.73
C ILE M 66 7.64 -52.13 83.45
N SER M 67 7.81 -50.80 83.38
CA SER M 67 8.30 -50.18 82.18
C SER M 67 9.79 -49.84 82.31
N PRO M 68 10.53 -49.87 81.19
CA PRO M 68 11.95 -49.54 81.25
C PRO M 68 12.19 -48.11 81.71
N LYS M 69 13.31 -47.91 82.40
CA LYS M 69 13.66 -46.59 82.93
C LYS M 69 14.37 -45.82 81.83
N ASN M 70 13.58 -45.09 81.03
CA ASN M 70 14.10 -44.32 79.92
C ASN M 70 14.78 -43.04 80.40
N ILE M 71 15.75 -42.57 79.62
CA ILE M 71 16.61 -41.46 80.00
C ILE M 71 16.25 -40.26 79.13
N LEU M 72 16.30 -39.07 79.74
CA LEU M 72 16.04 -37.80 79.07
C LEU M 72 17.27 -36.92 79.28
N MET M 73 18.20 -36.98 78.33
CA MET M 73 19.43 -36.19 78.44
C MET M 73 19.18 -34.76 78.01
N ILE M 74 19.55 -33.81 78.86
CA ILE M 74 19.37 -32.39 78.62
C ILE M 74 20.73 -31.72 78.60
N GLY M 75 21.03 -31.01 77.52
CA GLY M 75 22.30 -30.32 77.40
C GLY M 75 22.52 -29.74 76.02
N PRO M 76 23.47 -28.81 75.92
CA PRO M 76 23.80 -28.22 74.61
C PRO M 76 24.54 -29.20 73.71
N THR M 77 24.99 -28.72 72.55
CA THR M 77 25.72 -29.56 71.62
C THR M 77 27.19 -29.67 72.05
N GLY M 78 27.83 -30.74 71.60
CA GLY M 78 29.24 -30.97 71.88
C GLY M 78 29.55 -31.46 73.28
N VAL M 79 28.56 -31.50 74.18
CA VAL M 79 28.82 -32.02 75.51
C VAL M 79 29.00 -33.53 75.51
N GLY M 80 28.57 -34.20 74.44
CA GLY M 80 28.81 -35.62 74.29
C GLY M 80 27.71 -36.53 74.78
N LYS M 81 26.45 -36.09 74.72
CA LYS M 81 25.35 -36.94 75.17
C LYS M 81 24.98 -38.02 74.16
N THR M 82 25.46 -37.94 72.93
CA THR M 82 25.25 -39.02 71.98
C THR M 82 26.30 -40.11 72.13
N GLU M 83 27.55 -39.73 72.40
CA GLU M 83 28.61 -40.72 72.59
C GLU M 83 28.41 -41.51 73.87
N ILE M 84 27.77 -40.92 74.87
CA ILE M 84 27.48 -41.66 76.10
C ILE M 84 26.54 -42.83 75.80
N ALA M 85 25.47 -42.57 75.04
CA ALA M 85 24.54 -43.63 74.70
C ALA M 85 25.13 -44.59 73.67
N ARG M 86 25.94 -44.08 72.74
CA ARG M 86 26.52 -44.94 71.72
C ARG M 86 27.55 -45.89 72.31
N ARG M 87 28.50 -45.36 73.09
CA ARG M 87 29.50 -46.21 73.74
C ARG M 87 28.87 -47.14 74.76
N MET M 88 27.78 -46.70 75.40
CA MET M 88 27.11 -47.54 76.39
C MET M 88 26.61 -48.84 75.77
N ALA M 89 26.13 -48.78 74.54
CA ALA M 89 25.71 -50.00 73.84
C ALA M 89 26.90 -50.87 73.45
N LYS M 90 28.09 -50.27 73.30
CA LYS M 90 29.27 -51.07 72.94
C LYS M 90 29.75 -51.90 74.12
N VAL M 91 29.72 -51.33 75.33
CA VAL M 91 30.23 -52.04 76.51
C VAL M 91 29.30 -53.12 77.02
N VAL M 92 28.07 -53.18 76.51
CA VAL M 92 27.13 -54.24 76.86
C VAL M 92 26.67 -55.03 75.65
N GLY M 93 27.19 -54.73 74.46
CA GLY M 93 26.79 -55.45 73.26
C GLY M 93 25.37 -55.21 72.84
N ALA M 94 24.82 -54.04 73.15
CA ALA M 94 23.44 -53.69 72.84
C ALA M 94 23.32 -53.13 71.42
N PRO M 95 22.26 -53.49 70.69
CA PRO M 95 22.00 -52.84 69.41
C PRO M 95 21.60 -51.40 69.61
N PHE M 96 22.20 -50.50 68.84
CA PHE M 96 22.05 -49.07 69.04
C PHE M 96 21.62 -48.41 67.74
N ILE M 97 20.79 -47.38 67.85
CA ILE M 97 20.27 -46.65 66.70
C ILE M 97 19.93 -45.23 67.12
N LYS M 98 20.35 -44.26 66.32
CA LYS M 98 20.07 -42.85 66.57
C LYS M 98 19.13 -42.31 65.50
N VAL M 99 18.05 -41.68 65.92
CA VAL M 99 17.10 -41.05 65.01
C VAL M 99 16.84 -39.62 65.45
N GLU M 100 16.48 -38.78 64.49
CA GLU M 100 16.15 -37.38 64.74
C GLU M 100 14.65 -37.21 64.73
N ALA M 101 14.12 -36.52 65.74
CA ALA M 101 12.67 -36.33 65.83
C ALA M 101 12.14 -35.41 64.74
N THR M 102 12.97 -34.53 64.19
CA THR M 102 12.54 -33.69 63.07
C THR M 102 12.33 -34.50 61.79
N LYS M 103 12.92 -35.69 61.71
CA LYS M 103 12.72 -36.56 60.56
C LYS M 103 11.25 -36.94 60.38
N PHE M 104 10.50 -37.03 61.47
CA PHE M 104 9.10 -37.43 61.43
C PHE M 104 8.15 -36.23 61.48
N THR M 105 8.65 -35.00 61.33
CA THR M 105 7.79 -33.82 61.41
C THR M 105 6.71 -33.85 60.34
N GLU M 106 7.04 -34.35 59.15
CA GLU M 106 6.09 -34.37 58.03
C GLU M 106 5.83 -35.80 57.57
N ASP M 113 5.84 -42.41 59.08
CA ASP M 113 6.33 -43.75 59.38
C ASP M 113 7.33 -43.72 60.53
N VAL M 114 6.83 -43.86 61.76
CA VAL M 114 7.69 -43.82 62.94
C VAL M 114 8.15 -45.20 63.37
N GLU M 115 7.54 -46.28 62.84
CA GLU M 115 8.02 -47.62 63.14
C GLU M 115 9.35 -47.94 62.46
N SER M 116 9.87 -47.03 61.62
CA SER M 116 11.13 -47.28 60.95
C SER M 116 12.29 -47.33 61.92
N MET M 117 12.22 -46.58 63.03
CA MET M 117 13.31 -46.57 63.99
C MET M 117 13.47 -47.93 64.67
N VAL M 118 12.39 -48.72 64.73
CA VAL M 118 12.49 -50.06 65.30
C VAL M 118 13.07 -51.02 64.27
N ARG M 119 12.61 -50.95 63.02
CA ARG M 119 13.15 -51.79 61.97
C ARG M 119 14.64 -51.52 61.75
N ASP M 120 15.08 -50.28 61.95
CA ASP M 120 16.51 -49.98 61.88
C ASP M 120 17.26 -50.64 63.03
N LEU M 121 16.67 -50.65 64.22
CA LEU M 121 17.30 -51.32 65.36
C LEU M 121 17.47 -52.81 65.09
N VAL M 122 16.50 -53.42 64.43
CA VAL M 122 16.66 -54.82 64.02
C VAL M 122 17.60 -54.91 62.83
N ASP M 123 17.62 -53.89 61.96
CA ASP M 123 18.54 -53.90 60.83
C ASP M 123 19.99 -53.84 61.29
N VAL M 124 20.25 -53.26 62.47
CA VAL M 124 21.59 -53.35 63.05
C VAL M 124 21.70 -54.52 64.01
N SER M 125 20.59 -55.16 64.36
CA SER M 125 20.64 -56.36 65.19
C SER M 125 20.94 -57.60 64.38
N VAL M 126 20.52 -57.64 63.11
CA VAL M 126 20.92 -58.73 62.23
C VAL M 126 22.42 -58.67 61.97
N ARG M 127 22.96 -57.46 61.80
CA ARG M 127 24.40 -57.31 61.55
C ARG M 127 25.21 -57.69 62.77
N LEU M 128 24.75 -57.30 63.96
CA LEU M 128 25.55 -57.47 65.17
C LEU M 128 25.76 -58.95 65.48
N VAL M 129 24.69 -59.74 65.46
CA VAL M 129 24.82 -61.16 65.78
C VAL M 129 25.61 -61.88 64.70
N LYS M 130 25.39 -61.54 63.43
CA LYS M 130 26.17 -62.14 62.35
C LYS M 130 27.66 -61.92 62.56
N ALA M 131 28.04 -60.70 62.94
CA ALA M 131 29.42 -60.44 63.33
C ALA M 131 29.80 -61.22 64.59
N GLN M 132 28.88 -61.25 65.57
CA GLN M 132 29.14 -62.01 66.79
C GLN M 132 29.16 -63.51 66.55
N LYS M 133 28.50 -64.00 65.50
CA LYS M 133 28.59 -65.41 65.12
C LYS M 133 29.71 -65.68 64.14
N LYS M 134 30.22 -64.64 63.45
CA LYS M 134 31.23 -64.84 62.43
C LYS M 134 32.56 -65.28 63.03
N SER M 135 33.03 -64.58 64.07
CA SER M 135 34.32 -64.88 64.67
C SER M 135 34.33 -66.22 65.40
N LEU M 136 33.17 -66.85 65.58
CA LEU M 136 33.13 -68.13 66.29
C LEU M 136 33.50 -69.30 65.39
N VAL M 137 33.13 -69.24 64.11
CA VAL M 137 33.39 -70.33 63.18
C VAL M 137 34.33 -69.84 62.09
N GLN M 138 35.14 -68.82 62.39
CA GLN M 138 36.08 -68.30 61.41
C GLN M 138 37.30 -69.19 61.22
N ASP M 139 37.53 -70.12 62.14
CA ASP M 139 38.71 -70.98 62.07
C ASP M 139 38.65 -71.87 60.83
N GLU M 140 39.72 -71.82 60.03
CA GLU M 140 39.80 -72.60 58.79
C GLU M 140 41.01 -73.54 58.82
N ASN M 278 20.44 -68.21 62.07
CA ASN M 278 19.32 -67.89 62.94
C ASN M 278 19.14 -66.38 63.14
N GLN M 279 18.22 -65.81 62.38
CA GLN M 279 17.85 -64.41 62.53
C GLN M 279 16.89 -64.18 63.69
N GLU M 280 16.65 -65.20 64.51
CA GLU M 280 15.76 -65.09 65.67
C GLU M 280 16.50 -64.79 66.97
N ALA M 281 17.75 -65.24 67.09
CA ALA M 281 18.54 -64.93 68.28
C ALA M 281 18.66 -63.42 68.48
N LEU M 282 18.72 -62.67 67.38
CA LEU M 282 18.74 -61.21 67.45
C LEU M 282 17.35 -60.63 67.68
N GLU M 283 16.29 -61.36 67.34
CA GLU M 283 14.96 -60.89 67.65
C GLU M 283 14.74 -60.81 69.15
N LEU M 284 15.35 -61.72 69.90
CA LEU M 284 15.35 -61.61 71.35
C LEU M 284 16.24 -60.48 71.84
N ALA M 285 17.20 -60.04 71.03
CA ALA M 285 17.99 -58.85 71.36
C ALA M 285 17.18 -57.57 71.28
N GLU M 286 15.85 -57.69 71.08
CA GLU M 286 14.96 -56.56 71.27
C GLU M 286 14.93 -56.12 72.73
N GLN M 287 15.11 -57.06 73.66
CA GLN M 287 15.15 -56.74 75.08
C GLN M 287 16.51 -56.22 75.53
N MET M 288 17.43 -56.00 74.60
CA MET M 288 18.69 -55.34 74.88
C MET M 288 18.91 -54.09 74.04
N GLY M 289 18.07 -53.86 73.02
CA GLY M 289 18.29 -52.75 72.12
C GLY M 289 18.05 -51.40 72.75
N ILE M 290 18.65 -50.39 72.15
CA ILE M 290 18.60 -49.01 72.64
C ILE M 290 18.34 -48.09 71.46
N ILE M 291 17.32 -47.24 71.59
CA ILE M 291 16.94 -46.28 70.55
C ILE M 291 17.19 -44.88 71.08
N PHE M 292 18.09 -44.16 70.42
CA PHE M 292 18.43 -42.79 70.79
C PHE M 292 17.63 -41.82 69.92
N ILE M 293 16.80 -41.00 70.57
CA ILE M 293 15.96 -40.05 69.84
C ILE M 293 16.49 -38.65 70.08
N ASP M 294 17.39 -38.20 69.20
CA ASP M 294 17.96 -36.87 69.31
C ASP M 294 16.98 -35.81 68.84
N GLU M 295 17.15 -34.59 69.34
CA GLU M 295 16.33 -33.44 68.95
C GLU M 295 14.87 -33.66 69.33
N ILE M 296 14.64 -34.22 70.52
CA ILE M 296 13.28 -34.51 70.95
C ILE M 296 12.56 -33.28 71.47
N ASP M 297 13.28 -32.20 71.79
CA ASP M 297 12.62 -31.00 72.26
C ASP M 297 11.88 -30.28 71.15
N LYS M 298 12.33 -30.44 69.91
CA LYS M 298 11.77 -29.73 68.77
C LYS M 298 10.39 -30.21 68.36
N VAL M 299 9.86 -31.26 68.99
CA VAL M 299 8.55 -31.77 68.65
C VAL M 299 7.61 -31.54 69.83
N ALA M 300 7.86 -30.48 70.60
CA ALA M 300 7.03 -30.13 71.74
C ALA M 300 6.09 -28.98 71.41
N GLN M 313 2.87 -32.23 68.16
CA GLN M 313 1.78 -32.86 68.90
C GLN M 313 1.61 -34.31 68.48
N GLY M 314 1.20 -34.51 67.22
CA GLY M 314 1.04 -35.84 66.67
C GLY M 314 2.33 -36.62 66.52
N VAL M 315 3.47 -35.92 66.42
CA VAL M 315 4.75 -36.60 66.31
C VAL M 315 5.04 -37.40 67.58
N GLN M 316 4.69 -36.84 68.74
CA GLN M 316 4.82 -37.57 70.00
C GLN M 316 3.72 -38.60 70.17
N ARG M 317 2.52 -38.32 69.67
CA ARG M 317 1.42 -39.28 69.73
C ARG M 317 1.70 -40.50 68.85
N ASP M 318 2.45 -40.31 67.76
CA ASP M 318 2.87 -41.45 66.94
C ASP M 318 4.06 -42.16 67.54
N ILE M 319 4.91 -41.44 68.27
CA ILE M 319 6.05 -42.06 68.95
C ILE M 319 5.59 -42.84 70.18
N LEU M 320 4.48 -42.41 70.80
CA LEU M 320 3.99 -43.03 72.03
C LEU M 320 3.80 -44.54 71.96
N PRO M 321 3.08 -45.11 70.98
CA PRO M 321 2.83 -46.57 71.04
C PRO M 321 4.09 -47.41 71.06
N ILE M 322 5.19 -46.88 70.52
CA ILE M 322 6.45 -47.64 70.54
C ILE M 322 7.00 -47.71 71.96
N LEU M 323 6.96 -46.59 72.69
CA LEU M 323 7.47 -46.59 74.06
C LEU M 323 6.55 -47.38 74.99
N GLU M 324 5.24 -47.31 74.76
CA GLU M 324 4.30 -48.10 75.55
C GLU M 324 4.57 -49.59 75.38
N GLY M 325 4.70 -50.04 74.15
CA GLY M 325 4.95 -51.44 73.88
C GLY M 325 4.01 -52.02 72.86
N SER M 326 4.44 -52.05 71.60
CA SER M 326 3.62 -52.55 70.50
C SER M 326 4.42 -53.54 69.69
N VAL M 327 3.70 -54.37 68.94
CA VAL M 327 4.32 -55.37 68.07
C VAL M 327 4.46 -54.78 66.67
N ILE M 328 5.70 -54.65 66.21
CA ILE M 328 6.02 -53.99 64.94
C ILE M 328 6.50 -55.06 63.96
N GLN M 329 5.96 -55.03 62.74
CA GLN M 329 6.35 -55.97 61.71
C GLN M 329 7.67 -55.56 61.10
N THR M 330 8.67 -56.44 61.18
CA THR M 330 9.94 -56.28 60.49
C THR M 330 10.05 -57.33 59.40
N LYS M 331 11.09 -57.22 58.58
CA LYS M 331 11.30 -58.18 57.50
C LYS M 331 11.96 -59.47 57.98
N TYR M 332 12.08 -59.66 59.31
CA TYR M 332 12.54 -60.91 59.89
C TYR M 332 11.54 -61.47 60.90
N GLY M 333 10.33 -60.90 60.96
CA GLY M 333 9.30 -61.30 61.89
C GLY M 333 8.73 -60.09 62.60
N THR M 334 8.05 -60.35 63.72
CA THR M 334 7.46 -59.32 64.55
C THR M 334 8.26 -59.17 65.83
N VAL M 335 8.40 -57.93 66.31
CA VAL M 335 9.18 -57.64 67.50
C VAL M 335 8.34 -56.79 68.45
N ASN M 336 8.55 -57.00 69.75
CA ASN M 336 7.88 -56.24 70.79
C ASN M 336 8.81 -55.18 71.34
N THR M 337 8.25 -54.03 71.70
CA THR M 337 9.03 -52.87 72.13
C THR M 337 8.83 -52.54 73.61
N GLU M 338 8.18 -53.43 74.38
CA GLU M 338 7.94 -53.13 75.79
C GLU M 338 9.22 -53.07 76.61
N HIS M 339 10.32 -53.66 76.12
CA HIS M 339 11.55 -53.77 76.90
C HIS M 339 12.72 -53.04 76.25
N MET M 340 12.47 -52.26 75.20
CA MET M 340 13.53 -51.48 74.58
C MET M 340 13.78 -50.20 75.37
N LEU M 341 15.04 -49.80 75.46
CA LEU M 341 15.42 -48.60 76.19
C LEU M 341 15.44 -47.40 75.25
N PHE M 342 14.82 -46.31 75.67
CA PHE M 342 14.72 -45.09 74.87
C PHE M 342 15.45 -43.95 75.56
N ILE M 343 16.22 -43.20 74.79
CA ILE M 343 16.98 -42.05 75.27
C ILE M 343 16.59 -40.85 74.43
N GLY M 344 15.95 -39.86 75.05
CA GLY M 344 15.60 -38.62 74.38
C GLY M 344 16.58 -37.53 74.75
N ALA M 345 17.07 -36.83 73.74
CA ALA M 345 18.08 -35.79 73.92
C ALA M 345 17.66 -34.50 73.24
N GLY M 346 18.10 -33.39 73.80
CA GLY M 346 17.80 -32.09 73.24
C GLY M 346 18.40 -30.99 74.10
N ALA M 347 18.47 -29.80 73.51
CA ALA M 347 19.03 -28.65 74.23
C ALA M 347 17.98 -27.98 75.10
N PHE M 348 16.71 -28.01 74.69
CA PHE M 348 15.61 -27.44 75.46
C PHE M 348 15.82 -25.94 75.72
N HIS M 349 16.22 -25.22 74.67
CA HIS M 349 16.36 -23.78 74.77
C HIS M 349 15.03 -23.06 74.56
N VAL M 350 14.16 -23.60 73.71
CA VAL M 350 12.86 -23.02 73.43
C VAL M 350 11.72 -23.80 74.03
N SER M 351 12.01 -24.87 74.78
CA SER M 351 10.98 -25.67 75.42
C SER M 351 11.58 -26.36 76.64
N LYS M 352 10.74 -27.01 77.40
CA LYS M 352 11.12 -27.75 78.60
C LYS M 352 10.54 -29.15 78.55
N PRO M 353 11.11 -30.09 79.29
CA PRO M 353 10.48 -31.42 79.41
C PRO M 353 9.06 -31.36 79.95
N SER M 354 8.71 -30.31 80.69
CA SER M 354 7.33 -30.12 81.13
C SER M 354 6.40 -29.70 80.00
N ASP M 355 6.91 -29.64 78.76
CA ASP M 355 6.09 -29.34 77.60
C ASP M 355 5.82 -30.56 76.72
N LEU M 356 6.51 -31.67 76.95
CA LEU M 356 6.16 -32.91 76.28
C LEU M 356 4.80 -33.39 76.77
N ILE M 357 4.17 -34.25 75.97
CA ILE M 357 2.85 -34.77 76.33
C ILE M 357 2.98 -35.54 77.63
N PRO M 358 1.95 -35.53 78.49
CA PRO M 358 2.10 -36.12 79.83
C PRO M 358 2.49 -37.59 79.82
N GLU M 359 2.12 -38.33 78.77
CA GLU M 359 2.52 -39.73 78.69
C GLU M 359 4.02 -39.90 78.50
N LEU M 360 4.71 -38.88 77.99
CA LEU M 360 6.15 -38.95 77.83
C LEU M 360 6.89 -38.49 79.07
N GLN M 361 6.38 -37.48 79.77
CA GLN M 361 6.99 -37.06 81.03
C GLN M 361 7.02 -38.21 82.04
N GLY M 362 6.02 -39.08 82.01
CA GLY M 362 5.93 -40.18 82.94
C GLY M 362 6.72 -41.40 82.50
N ARG M 363 7.11 -41.45 81.23
CA ARG M 363 7.88 -42.56 80.70
C ARG M 363 9.35 -42.21 80.49
N PHE M 364 9.79 -41.07 81.03
CA PHE M 364 11.21 -40.72 81.13
C PHE M 364 11.54 -40.52 82.61
N PRO M 365 11.62 -41.61 83.38
CA PRO M 365 11.84 -41.45 84.82
C PRO M 365 13.19 -40.86 85.16
N ILE M 366 14.18 -41.03 84.30
CA ILE M 366 15.56 -40.61 84.56
C ILE M 366 15.84 -39.38 83.72
N ARG M 367 16.16 -38.28 84.39
CA ARG M 367 16.45 -37.02 83.72
C ARG M 367 17.77 -36.46 84.25
N VAL M 368 18.60 -35.96 83.33
CA VAL M 368 19.93 -35.47 83.67
C VAL M 368 20.24 -34.26 82.81
N GLU M 369 20.76 -33.21 83.43
CA GLU M 369 21.23 -32.02 82.72
C GLU M 369 22.75 -32.10 82.62
N LEU M 370 23.25 -32.42 81.43
CA LEU M 370 24.69 -32.53 81.23
C LEU M 370 25.36 -31.18 81.43
N ASP M 371 26.56 -31.21 82.01
CA ASP M 371 27.30 -29.99 82.31
C ASP M 371 27.94 -29.43 81.04
N SER M 372 28.11 -28.10 81.03
CA SER M 372 28.80 -27.46 79.92
C SER M 372 30.27 -27.86 79.92
N LEU M 373 30.96 -27.48 78.86
CA LEU M 373 32.38 -27.80 78.68
C LEU M 373 33.20 -26.53 78.77
N SER M 374 34.25 -26.57 79.59
CA SER M 374 35.19 -25.47 79.71
C SER M 374 36.46 -25.78 78.94
N VAL M 375 37.35 -24.79 78.86
CA VAL M 375 38.60 -24.98 78.15
C VAL M 375 39.44 -26.06 78.81
N GLU M 376 39.34 -26.21 80.13
CA GLU M 376 40.04 -27.28 80.82
C GLU M 376 39.48 -28.65 80.45
N ASP M 377 38.20 -28.71 80.06
CA ASP M 377 37.65 -29.97 79.60
C ASP M 377 38.09 -30.29 78.18
N PHE M 378 38.40 -29.26 77.38
CA PHE M 378 38.88 -29.52 76.02
C PHE M 378 40.27 -30.12 76.03
N VAL M 379 41.15 -29.66 76.92
CA VAL M 379 42.48 -30.25 77.01
C VAL M 379 42.42 -31.69 77.47
N ARG M 380 41.34 -32.09 78.13
CA ARG M 380 41.15 -33.48 78.56
C ARG M 380 40.53 -34.32 77.46
N ILE M 381 39.44 -33.85 76.85
CA ILE M 381 38.84 -34.56 75.72
C ILE M 381 39.85 -34.74 74.59
N LEU M 382 40.78 -33.80 74.45
CA LEU M 382 41.75 -33.85 73.35
C LEU M 382 42.83 -34.90 73.60
N THR M 383 43.14 -35.20 74.86
CA THR M 383 44.27 -36.07 75.19
C THR M 383 43.91 -37.27 76.05
N GLU M 384 42.98 -37.10 77.00
CA GLU M 384 42.80 -38.13 78.03
C GLU M 384 42.13 -39.40 77.51
N PRO M 385 40.98 -39.36 76.84
CA PRO M 385 40.26 -40.61 76.55
C PRO M 385 41.00 -41.48 75.56
N LYS M 386 40.73 -42.79 75.64
CA LYS M 386 41.24 -43.72 74.64
C LYS M 386 40.68 -43.36 73.28
N LEU M 387 41.54 -43.38 72.26
CA LEU M 387 41.21 -42.89 70.92
C LEU M 387 40.84 -41.42 70.95
N SER M 388 41.58 -40.63 71.73
CA SER M 388 41.38 -39.19 71.73
C SER M 388 41.76 -38.62 70.36
N LEU M 389 41.43 -37.35 70.16
CA LEU M 389 41.60 -36.75 68.84
C LEU M 389 43.07 -36.68 68.44
N ILE M 390 43.94 -36.25 69.36
CA ILE M 390 45.36 -36.21 69.02
C ILE M 390 45.95 -37.62 69.01
N LYS M 391 45.36 -38.54 69.77
CA LYS M 391 45.81 -39.93 69.72
C LYS M 391 45.57 -40.52 68.34
N GLN M 392 44.53 -40.05 67.63
CA GLN M 392 44.32 -40.48 66.25
C GLN M 392 45.35 -39.87 65.33
N TYR M 393 45.64 -38.57 65.49
CA TYR M 393 46.62 -37.91 64.65
C TYR M 393 48.03 -38.42 64.91
N GLU M 394 48.34 -38.75 66.18
CA GLU M 394 49.63 -39.36 66.48
C GLU M 394 49.79 -40.69 65.77
N ALA M 395 48.73 -41.51 65.77
CA ALA M 395 48.81 -42.83 65.14
C ALA M 395 48.72 -42.74 63.62
N LEU M 396 47.91 -41.80 63.10
CA LEU M 396 47.75 -41.67 61.66
C LEU M 396 49.05 -41.22 60.99
N LEU M 397 49.71 -40.21 61.57
CA LEU M 397 50.94 -39.71 60.97
C LEU M 397 52.11 -40.66 61.19
N GLN M 398 52.02 -41.56 62.18
CA GLN M 398 53.07 -42.56 62.35
C GLN M 398 52.99 -43.65 61.29
N THR M 399 51.86 -43.76 60.58
CA THR M 399 51.82 -44.62 59.40
C THR M 399 52.79 -44.12 58.34
N GLU M 400 52.94 -42.81 58.22
CA GLU M 400 53.95 -42.21 57.37
C GLU M 400 55.33 -42.20 58.01
N GLU M 401 55.53 -42.99 59.08
CA GLU M 401 56.79 -43.05 59.80
C GLU M 401 57.19 -41.67 60.36
N VAL M 402 56.20 -40.84 60.67
CA VAL M 402 56.41 -39.50 61.18
C VAL M 402 55.93 -39.46 62.62
N THR M 403 56.78 -38.96 63.52
CA THR M 403 56.46 -38.85 64.94
C THR M 403 56.08 -37.42 65.27
N VAL M 404 54.92 -37.25 65.91
CA VAL M 404 54.41 -35.94 66.29
C VAL M 404 54.27 -35.88 67.80
N ASN M 405 54.66 -34.75 68.39
CA ASN M 405 54.54 -34.53 69.82
C ASN M 405 53.89 -33.19 70.07
N PHE M 406 52.86 -33.18 70.91
CA PHE M 406 52.15 -31.97 71.29
C PHE M 406 52.50 -31.66 72.74
N THR M 407 53.21 -30.55 72.96
CA THR M 407 53.50 -30.12 74.32
C THR M 407 52.21 -29.75 75.04
N ASP M 408 52.19 -30.01 76.36
CA ASP M 408 51.00 -29.71 77.15
C ASP M 408 50.61 -28.25 77.04
N GLU M 409 51.58 -27.37 76.77
CA GLU M 409 51.27 -25.96 76.57
C GLU M 409 50.59 -25.73 75.22
N ALA M 410 50.95 -26.53 74.21
CA ALA M 410 50.29 -26.42 72.92
C ALA M 410 48.88 -26.98 72.95
N ILE M 411 48.67 -28.04 73.73
CA ILE M 411 47.31 -28.56 73.93
C ILE M 411 46.42 -27.52 74.58
N THR M 412 46.99 -26.74 75.51
CA THR M 412 46.21 -25.70 76.16
C THR M 412 45.84 -24.58 75.18
N ARG M 413 46.75 -24.25 74.27
CA ARG M 413 46.46 -23.20 73.30
C ARG M 413 45.51 -23.71 72.22
N LEU M 414 45.63 -24.98 71.83
CA LEU M 414 44.66 -25.56 70.91
C LEU M 414 43.25 -25.52 71.48
N ALA M 415 43.13 -25.75 72.79
CA ALA M 415 41.82 -25.72 73.44
C ALA M 415 41.33 -24.29 73.66
N GLU M 416 42.25 -23.35 73.93
CA GLU M 416 41.83 -21.97 74.19
C GLU M 416 41.25 -21.33 72.94
N ILE M 417 41.70 -21.74 71.75
CA ILE M 417 41.15 -21.19 70.52
C ILE M 417 39.78 -21.79 70.23
N ALA M 418 39.62 -23.10 70.46
CA ALA M 418 38.33 -23.74 70.25
C ALA M 418 37.26 -23.16 71.16
N TYR M 419 37.62 -22.90 72.42
CA TYR M 419 36.69 -22.24 73.33
C TYR M 419 36.43 -20.80 72.91
N GLN M 420 37.45 -20.14 72.34
CA GLN M 420 37.30 -18.73 71.95
C GLN M 420 36.43 -18.58 70.71
N VAL M 421 36.63 -19.44 69.70
CA VAL M 421 35.85 -19.33 68.48
C VAL M 421 34.39 -19.68 68.73
N ASN M 422 34.14 -20.66 69.61
CA ASN M 422 32.76 -20.96 69.99
C ASN M 422 32.09 -19.76 70.64
N GLN M 423 32.87 -18.90 71.30
CA GLN M 423 32.30 -17.68 71.86
C GLN M 423 32.12 -16.60 70.79
N ASP M 424 32.95 -16.60 69.75
CA ASP M 424 32.86 -15.56 68.73
C ASP M 424 31.79 -15.88 67.69
N THR M 425 31.72 -17.12 67.25
CA THR M 425 30.76 -17.52 66.21
C THR M 425 29.58 -18.27 66.82
N ASP M 426 29.42 -19.53 66.42
CA ASP M 426 28.39 -20.41 66.96
C ASP M 426 29.04 -21.38 67.94
N ASN M 427 28.52 -21.43 69.16
CA ASN M 427 29.08 -22.30 70.20
C ASN M 427 28.62 -23.72 69.94
N ILE M 428 29.45 -24.50 69.25
CA ILE M 428 29.14 -25.88 68.91
C ILE M 428 29.84 -26.87 69.86
N GLY M 429 30.34 -26.39 70.99
CA GLY M 429 30.92 -27.30 71.97
C GLY M 429 32.24 -27.89 71.50
N ALA M 430 32.44 -29.17 71.85
CA ALA M 430 33.68 -29.86 71.53
C ALA M 430 33.80 -30.27 70.07
N ARG M 431 32.75 -30.05 69.27
CA ARG M 431 32.84 -30.34 67.84
C ARG M 431 33.84 -29.45 67.13
N ARG M 432 34.19 -28.30 67.72
CA ARG M 432 35.13 -27.38 67.10
C ARG M 432 36.53 -27.95 67.00
N LEU M 433 36.85 -28.99 67.77
CA LEU M 433 38.21 -29.52 67.79
C LEU M 433 38.60 -30.16 66.45
N HIS M 434 37.64 -30.77 65.75
CA HIS M 434 37.96 -31.42 64.48
C HIS M 434 38.47 -30.40 63.46
N THR M 435 37.79 -29.26 63.36
CA THR M 435 38.20 -28.25 62.39
C THR M 435 39.50 -27.56 62.81
N ILE M 436 39.71 -27.40 64.12
CA ILE M 436 40.90 -26.71 64.60
C ILE M 436 42.15 -27.56 64.35
N LEU M 437 42.10 -28.84 64.74
CA LEU M 437 43.28 -29.68 64.64
C LEU M 437 43.65 -29.96 63.19
N GLU M 438 42.66 -30.31 62.36
CA GLU M 438 42.95 -30.61 60.95
C GLU M 438 43.53 -29.40 60.24
N LYS M 439 43.15 -28.19 60.67
CA LYS M 439 43.66 -26.99 60.01
C LYS M 439 45.14 -26.77 60.32
N MET M 440 45.51 -26.83 61.60
CA MET M 440 46.90 -26.55 61.97
C MET M 440 47.84 -27.67 61.55
N LEU M 441 47.33 -28.87 61.30
CA LEU M 441 48.13 -29.96 60.78
C LEU M 441 48.14 -30.01 59.26
N GLU M 442 47.73 -28.93 58.60
CA GLU M 442 47.58 -28.93 57.15
C GLU M 442 48.92 -29.16 56.46
N ASP M 443 49.89 -28.29 56.74
CA ASP M 443 51.19 -28.39 56.06
C ASP M 443 51.90 -29.68 56.45
N LEU M 444 51.77 -30.10 57.71
CA LEU M 444 52.43 -31.33 58.15
C LEU M 444 51.82 -32.56 57.49
N SER M 445 50.48 -32.62 57.40
CA SER M 445 49.84 -33.78 56.79
C SER M 445 50.14 -33.87 55.30
N PHE M 446 50.32 -32.72 54.63
CA PHE M 446 50.62 -32.74 53.20
C PHE M 446 52.06 -33.14 52.94
N GLU M 447 53.00 -32.63 53.73
CA GLU M 447 54.42 -32.90 53.56
C GLU M 447 54.86 -34.18 54.25
N ALA M 448 53.97 -34.85 54.98
CA ALA M 448 54.36 -36.03 55.75
C ALA M 448 54.95 -37.15 54.89
N PRO M 449 54.38 -37.54 53.74
CA PRO M 449 54.97 -38.65 52.98
C PRO M 449 56.37 -38.34 52.46
N SER M 450 56.65 -37.09 52.10
CA SER M 450 57.98 -36.67 51.66
C SER M 450 58.89 -36.33 52.83
N MET M 451 58.67 -36.90 54.00
CA MET M 451 59.39 -36.52 55.20
C MET M 451 59.43 -37.68 56.19
N PRO M 452 60.00 -38.83 55.83
CA PRO M 452 59.93 -40.00 56.70
C PRO M 452 61.01 -39.97 57.79
N ASN M 453 60.74 -40.76 58.84
CA ASN M 453 61.64 -40.86 60.00
C ASN M 453 61.88 -39.51 60.65
N ALA M 454 60.86 -38.66 60.64
CA ALA M 454 60.94 -37.32 61.19
C ALA M 454 60.32 -37.26 62.57
N VAL M 455 60.71 -36.23 63.32
CA VAL M 455 60.18 -35.96 64.65
C VAL M 455 59.81 -34.48 64.70
N VAL M 456 58.52 -34.18 64.78
CA VAL M 456 58.02 -32.82 64.77
C VAL M 456 57.45 -32.50 66.15
N ASP M 457 57.84 -31.34 66.69
CA ASP M 457 57.41 -30.90 68.01
C ASP M 457 56.40 -29.77 67.83
N ILE M 458 55.18 -29.98 68.30
CA ILE M 458 54.10 -29.00 68.17
C ILE M 458 54.12 -28.10 69.40
N THR M 459 54.52 -26.85 69.21
CA THR M 459 54.64 -25.87 70.28
C THR M 459 53.53 -24.83 70.18
N PRO M 460 53.24 -24.11 71.27
CA PRO M 460 52.21 -23.05 71.20
C PRO M 460 52.49 -22.00 70.15
N GLN M 461 53.76 -21.67 69.89
CA GLN M 461 54.07 -20.69 68.87
C GLN M 461 53.76 -21.22 67.48
N TYR M 462 53.84 -22.54 67.28
CA TYR M 462 53.44 -23.13 66.00
C TYR M 462 51.93 -23.13 65.84
N VAL M 463 51.19 -23.28 66.94
CA VAL M 463 49.73 -23.19 66.88
C VAL M 463 49.29 -21.79 66.48
N ASP M 464 49.88 -20.77 67.11
CA ASP M 464 49.54 -19.40 66.77
C ASP M 464 49.95 -19.04 65.34
N ASP M 465 51.01 -19.66 64.83
CA ASP M 465 51.47 -19.36 63.48
C ASP M 465 50.49 -19.81 62.40
N LYS M 466 49.45 -20.56 62.75
CA LYS M 466 48.48 -21.01 61.77
C LYS M 466 47.05 -20.64 62.13
N LEU M 467 46.69 -20.64 63.41
CA LEU M 467 45.32 -20.44 63.82
C LEU M 467 45.05 -19.04 64.38
N LYS M 468 46.02 -18.40 65.02
CA LYS M 468 45.78 -17.10 65.61
C LYS M 468 45.51 -16.03 64.56
N SER M 469 46.11 -16.17 63.37
CA SER M 469 45.82 -15.24 62.28
C SER M 469 44.36 -15.32 61.87
N ILE M 470 43.75 -16.48 62.06
CA ILE M 470 42.36 -16.69 61.69
C ILE M 470 41.43 -16.67 62.91
N SER M 471 41.94 -16.96 64.11
CA SER M 471 41.10 -16.99 65.29
C SER M 471 40.50 -15.61 65.59
N THR M 472 41.28 -14.55 65.41
CA THR M 472 40.82 -13.20 65.67
C THR M 472 39.99 -12.62 64.53
N ASN M 473 39.91 -13.31 63.39
CA ASN M 473 39.11 -12.86 62.25
C ASN M 473 37.76 -13.55 62.35
N LYS M 474 36.80 -12.89 63.01
CA LYS M 474 35.49 -13.49 63.23
C LYS M 474 34.78 -13.79 61.91
N ASP M 475 34.89 -12.87 60.95
CA ASP M 475 34.23 -13.07 59.66
C ASP M 475 34.89 -14.19 58.86
N LEU M 476 36.17 -14.44 59.10
CA LEU M 476 36.84 -15.56 58.46
C LEU M 476 36.58 -16.87 59.20
N SER M 477 36.60 -16.83 60.53
CA SER M 477 36.38 -18.03 61.33
C SER M 477 35.01 -18.64 61.12
N ALA M 478 34.05 -17.85 60.63
CA ALA M 478 32.74 -18.42 60.30
C ALA M 478 32.80 -19.33 59.08
N PHE M 479 33.81 -19.16 58.23
CA PHE M 479 33.91 -19.94 56.99
C PHE M 479 34.93 -21.07 57.11
N ILE M 480 36.21 -20.72 57.24
CA ILE M 480 37.27 -21.71 57.13
C ILE M 480 37.43 -22.56 58.38
N LEU M 481 36.83 -22.15 59.50
CA LEU M 481 37.17 -22.76 60.78
C LEU M 481 35.94 -23.12 61.61
N ALA N 18 48.82 -47.89 42.39
CA ALA N 18 47.49 -47.82 42.96
C ALA N 18 47.10 -46.38 43.24
N GLY N 19 45.80 -46.08 43.15
CA GLY N 19 45.30 -44.75 43.44
C GLY N 19 45.21 -44.47 44.93
N ILE N 20 44.81 -45.49 45.71
CA ILE N 20 44.77 -45.34 47.16
C ILE N 20 46.17 -45.15 47.72
N ARG N 21 47.18 -45.74 47.07
CA ARG N 21 48.56 -45.65 47.52
C ARG N 21 49.22 -44.33 47.11
N LEU N 22 48.54 -43.48 46.35
CA LEU N 22 49.13 -42.23 45.90
C LEU N 22 49.40 -41.30 47.08
N THR N 23 50.34 -40.40 46.87
CA THR N 23 50.73 -39.41 47.86
C THR N 23 50.05 -38.07 47.58
N PRO N 24 49.94 -37.19 48.58
CA PRO N 24 49.34 -35.87 48.33
C PRO N 24 49.99 -35.11 47.17
N LYS N 25 51.33 -35.08 47.11
CA LYS N 25 51.99 -34.37 46.04
C LYS N 25 51.77 -35.05 44.68
N GLU N 26 51.60 -36.38 44.68
CA GLU N 26 51.32 -37.08 43.43
C GLU N 26 49.91 -36.81 42.94
N ILE N 27 48.97 -36.54 43.85
CA ILE N 27 47.60 -36.25 43.44
C ILE N 27 47.51 -34.87 42.80
N VAL N 28 48.24 -33.89 43.35
CA VAL N 28 48.19 -32.54 42.82
C VAL N 28 48.75 -32.50 41.40
N SER N 29 49.77 -33.31 41.13
CA SER N 29 50.37 -33.33 39.79
C SER N 29 49.40 -33.90 38.76
N LYS N 30 48.69 -34.98 39.11
CA LYS N 30 47.72 -35.55 38.18
C LYS N 30 46.49 -34.67 38.04
N LEU N 31 46.17 -33.86 39.06
CA LEU N 31 45.06 -32.92 38.95
C LEU N 31 45.45 -31.65 38.19
N ASN N 32 46.74 -31.30 38.16
CA ASN N 32 47.19 -30.18 37.34
C ASN N 32 47.06 -30.47 35.86
N GLU N 33 46.89 -31.74 35.48
CA GLU N 33 46.72 -32.07 34.06
C GLU N 33 45.40 -31.55 33.51
N TYR N 34 44.39 -31.38 34.37
CA TYR N 34 43.06 -31.00 33.93
C TYR N 34 42.53 -29.71 34.54
N ILE N 35 43.07 -29.27 35.68
CA ILE N 35 42.57 -28.09 36.39
C ILE N 35 43.64 -27.02 36.36
N VAL N 36 43.22 -25.76 36.23
CA VAL N 36 44.10 -24.61 36.22
C VAL N 36 43.86 -23.81 37.49
N GLY N 37 44.94 -23.45 38.17
CA GLY N 37 44.80 -22.69 39.40
C GLY N 37 44.17 -23.53 40.50
N GLN N 38 43.63 -22.83 41.49
CA GLN N 38 42.98 -23.45 42.65
C GLN N 38 43.92 -24.46 43.32
N ASN N 39 45.12 -23.99 43.65
CA ASN N 39 46.10 -24.88 44.26
C ASN N 39 45.80 -25.16 45.73
N ASP N 40 45.25 -24.17 46.44
CA ASP N 40 44.86 -24.40 47.83
C ASP N 40 43.84 -25.51 47.95
N ALA N 41 42.97 -25.66 46.96
CA ALA N 41 41.96 -26.72 46.98
C ALA N 41 42.56 -28.07 46.64
N LYS N 42 43.48 -28.11 45.67
CA LYS N 42 44.09 -29.38 45.30
C LYS N 42 44.88 -29.99 46.44
N ARG N 43 45.45 -29.16 47.32
CA ARG N 43 46.19 -29.68 48.45
C ARG N 43 45.26 -30.30 49.49
N LYS N 44 44.22 -29.57 49.89
CA LYS N 44 43.33 -30.05 50.93
C LYS N 44 42.52 -31.25 50.46
N VAL N 45 42.13 -31.26 49.17
CA VAL N 45 41.43 -32.42 48.63
C VAL N 45 42.35 -33.63 48.57
N ALA N 46 43.67 -33.43 48.57
CA ALA N 46 44.62 -34.52 48.51
C ALA N 46 44.98 -35.06 49.89
N ILE N 47 45.04 -34.19 50.91
CA ILE N 47 45.30 -34.67 52.27
C ILE N 47 44.09 -35.34 52.89
N ALA N 48 42.92 -35.26 52.24
CA ALA N 48 41.77 -36.05 52.65
C ALA N 48 41.78 -37.44 52.05
N LEU N 49 42.39 -37.59 50.87
CA LEU N 49 42.57 -38.92 50.29
C LEU N 49 43.68 -39.68 50.99
N ARG N 50 44.70 -38.98 51.48
CA ARG N 50 45.79 -39.67 52.17
C ARG N 50 45.34 -40.23 53.51
N ASN N 51 44.45 -39.52 54.21
CA ASN N 51 43.92 -40.05 55.46
C ASN N 51 43.16 -41.36 55.24
N ARG N 52 42.62 -41.56 54.04
CA ARG N 52 42.03 -42.86 53.72
C ARG N 52 43.10 -43.93 53.61
N TYR N 53 44.28 -43.57 53.07
CA TYR N 53 45.40 -44.49 53.03
C TYR N 53 45.92 -44.76 54.44
N ARG N 54 46.20 -43.69 55.20
CA ARG N 54 46.69 -43.86 56.56
C ARG N 54 45.71 -44.66 57.42
N ARG N 55 44.43 -44.63 57.08
CA ARG N 55 43.45 -45.42 57.82
C ARG N 55 43.66 -46.91 57.62
N SER N 56 43.98 -47.32 56.40
CA SER N 56 44.06 -48.75 56.10
C SER N 56 45.20 -49.43 56.86
N LEU N 57 46.27 -48.69 57.17
CA LEU N 57 47.41 -49.26 57.90
C LEU N 57 47.30 -49.07 59.40
N LEU N 58 46.10 -49.17 59.98
CA LEU N 58 45.90 -48.98 61.41
C LEU N 58 45.17 -50.18 61.99
N ASP N 59 45.00 -50.16 63.31
CA ASP N 59 44.37 -51.25 64.03
C ASP N 59 42.87 -51.30 63.73
N GLU N 60 42.32 -52.52 63.75
CA GLU N 60 40.92 -52.72 63.35
C GLU N 60 39.97 -51.93 64.24
N GLU N 61 40.14 -52.02 65.55
CA GLU N 61 39.35 -51.22 66.48
C GLU N 61 39.87 -49.79 66.60
N SER N 62 40.79 -49.39 65.71
CA SER N 62 41.26 -48.01 65.63
C SER N 62 41.04 -47.38 64.27
N LYS N 63 40.94 -48.16 63.20
CA LYS N 63 40.66 -47.64 61.87
C LYS N 63 39.18 -47.63 61.53
N GLN N 64 38.33 -48.12 62.43
CA GLN N 64 36.89 -48.06 62.26
C GLN N 64 36.23 -47.05 63.19
N GLU N 65 37.03 -46.29 63.94
CA GLU N 65 36.51 -45.33 64.90
C GLU N 65 37.06 -43.92 64.68
N ILE N 66 37.67 -43.65 63.52
CA ILE N 66 38.10 -42.30 63.16
C ILE N 66 37.36 -41.90 61.89
N SER N 67 36.84 -40.68 61.88
CA SER N 67 35.93 -40.24 60.84
C SER N 67 36.71 -39.74 59.62
N PRO N 68 36.10 -39.80 58.44
CA PRO N 68 36.75 -39.26 57.24
C PRO N 68 36.92 -37.74 57.34
N LYS N 69 37.91 -37.24 56.60
CA LYS N 69 38.19 -35.81 56.57
C LYS N 69 37.44 -35.17 55.41
N ASN N 70 36.13 -35.03 55.62
CA ASN N 70 35.25 -34.46 54.60
C ASN N 70 35.65 -33.02 54.30
N ILE N 71 35.33 -32.57 53.08
CA ILE N 71 35.78 -31.29 52.57
C ILE N 71 34.57 -30.41 52.31
N LEU N 72 34.70 -29.11 52.59
CA LEU N 72 33.65 -28.13 52.36
C LEU N 72 34.22 -27.03 51.47
N MET N 73 33.89 -27.07 50.19
CA MET N 73 34.41 -26.12 49.21
C MET N 73 33.51 -24.88 49.14
N ILE N 74 34.13 -23.71 49.23
CA ILE N 74 33.42 -22.44 49.21
C ILE N 74 33.95 -21.60 48.06
N GLY N 75 33.07 -21.28 47.11
CA GLY N 75 33.45 -20.49 45.96
C GLY N 75 32.27 -20.18 45.06
N PRO N 76 32.48 -19.28 44.10
CA PRO N 76 31.41 -18.97 43.13
C PRO N 76 31.22 -20.07 42.10
N THR N 77 30.39 -19.82 41.10
CA THR N 77 30.15 -20.81 40.06
C THR N 77 31.26 -20.77 39.02
N GLY N 78 31.49 -21.90 38.36
CA GLY N 78 32.49 -21.98 37.32
C GLY N 78 33.92 -21.78 37.79
N VAL N 79 34.19 -21.97 39.08
CA VAL N 79 35.54 -21.88 39.61
C VAL N 79 36.20 -23.26 39.71
N GLY N 80 35.52 -24.30 39.25
CA GLY N 80 36.13 -25.61 39.14
C GLY N 80 36.09 -26.46 40.39
N LYS N 81 35.21 -26.15 41.35
CA LYS N 81 35.12 -26.96 42.55
C LYS N 81 34.32 -28.24 42.36
N THR N 82 33.72 -28.44 41.20
CA THR N 82 33.08 -29.71 40.87
C THR N 82 33.97 -30.61 40.03
N GLU N 83 34.73 -30.03 39.09
CA GLU N 83 35.67 -30.82 38.30
C GLU N 83 36.85 -31.30 39.15
N ILE N 84 37.18 -30.58 40.22
CA ILE N 84 38.22 -31.04 41.13
C ILE N 84 37.80 -32.35 41.78
N ALA N 85 36.63 -32.35 42.42
CA ALA N 85 36.15 -33.57 43.07
C ALA N 85 35.89 -34.69 42.07
N ARG N 86 35.47 -34.35 40.85
CA ARG N 86 35.17 -35.37 39.86
C ARG N 86 36.43 -36.10 39.41
N ARG N 87 37.44 -35.34 38.96
CA ARG N 87 38.67 -35.97 38.49
C ARG N 87 39.50 -36.51 39.64
N MET N 88 39.35 -35.96 40.84
CA MET N 88 40.07 -36.47 42.00
C MET N 88 39.65 -37.91 42.31
N ALA N 89 38.38 -38.25 42.10
CA ALA N 89 37.93 -39.62 42.23
C ALA N 89 38.37 -40.50 41.07
N LYS N 90 38.64 -39.90 39.91
CA LYS N 90 39.05 -40.67 38.74
C LYS N 90 40.52 -41.11 38.83
N VAL N 91 41.39 -40.24 39.34
CA VAL N 91 42.81 -40.57 39.39
C VAL N 91 43.07 -41.71 40.38
N VAL N 92 42.20 -41.85 41.39
CA VAL N 92 42.34 -42.94 42.36
C VAL N 92 41.35 -44.06 42.11
N GLY N 93 40.55 -43.98 41.05
CA GLY N 93 39.61 -45.03 40.75
C GLY N 93 38.46 -45.16 41.72
N ALA N 94 38.08 -44.06 42.37
CA ALA N 94 36.99 -44.08 43.34
C ALA N 94 35.66 -43.74 42.67
N PRO N 95 34.58 -44.44 43.04
CA PRO N 95 33.27 -44.09 42.49
C PRO N 95 32.84 -42.70 42.95
N PHE N 96 32.30 -41.93 42.02
CA PHE N 96 31.93 -40.55 42.27
C PHE N 96 30.47 -40.33 41.90
N ILE N 97 29.71 -39.72 42.79
CA ILE N 97 28.33 -39.34 42.54
C ILE N 97 28.17 -37.88 42.92
N LYS N 98 27.24 -37.21 42.23
CA LYS N 98 26.96 -35.80 42.48
C LYS N 98 25.46 -35.62 42.71
N VAL N 99 25.11 -35.01 43.83
CA VAL N 99 23.72 -34.69 44.13
C VAL N 99 23.61 -33.19 44.37
N GLU N 100 22.41 -32.68 44.15
CA GLU N 100 22.06 -31.30 44.46
C GLU N 100 21.19 -31.33 45.70
N ALA N 101 21.69 -30.76 46.80
CA ALA N 101 20.96 -30.77 48.06
C ALA N 101 19.61 -30.07 47.95
N THR N 102 19.46 -29.14 47.00
CA THR N 102 18.22 -28.42 46.79
C THR N 102 17.12 -29.28 46.19
N LYS N 103 17.38 -30.56 45.92
CA LYS N 103 16.34 -31.45 45.42
C LYS N 103 15.60 -32.17 46.55
N PHE N 104 16.21 -32.28 47.72
CA PHE N 104 15.60 -32.98 48.86
C PHE N 104 14.73 -32.08 49.72
N THR N 105 14.57 -30.81 49.37
CA THR N 105 13.84 -29.87 50.22
C THR N 105 12.36 -30.20 50.33
N GLU N 106 11.83 -31.06 49.47
CA GLU N 106 10.41 -31.42 49.53
C GLU N 106 10.22 -32.91 49.84
N ASP N 113 13.90 -38.49 50.52
CA ASP N 113 14.65 -39.73 50.49
C ASP N 113 16.14 -39.45 50.24
N VAL N 114 16.87 -39.17 51.32
CA VAL N 114 18.28 -38.86 51.19
C VAL N 114 19.13 -40.11 50.94
N GLU N 115 18.67 -41.28 51.34
CA GLU N 115 19.41 -42.51 51.11
C GLU N 115 19.64 -42.80 49.63
N SER N 116 18.98 -42.07 48.73
CA SER N 116 19.13 -42.34 47.30
C SER N 116 20.54 -42.06 46.81
N MET N 117 21.24 -41.12 47.45
CA MET N 117 22.60 -40.80 47.02
C MET N 117 23.55 -41.95 47.29
N VAL N 118 23.31 -42.73 48.36
CA VAL N 118 24.17 -43.87 48.66
C VAL N 118 23.91 -44.99 47.67
N ARG N 119 22.64 -45.21 47.31
CA ARG N 119 22.32 -46.26 46.34
C ARG N 119 22.86 -45.91 44.96
N ASP N 120 22.78 -44.63 44.57
CA ASP N 120 23.37 -44.22 43.30
C ASP N 120 24.89 -44.41 43.31
N LEU N 121 25.51 -44.31 44.49
CA LEU N 121 26.95 -44.54 44.58
C LEU N 121 27.28 -46.02 44.42
N VAL N 122 26.42 -46.90 44.95
CA VAL N 122 26.64 -48.33 44.78
C VAL N 122 26.44 -48.73 43.33
N ASP N 123 25.45 -48.13 42.66
CA ASP N 123 25.16 -48.49 41.27
C ASP N 123 26.29 -48.05 40.34
N VAL N 124 26.80 -46.83 40.52
CA VAL N 124 27.94 -46.41 39.72
C VAL N 124 29.19 -47.21 40.09
N SER N 125 29.23 -47.78 41.30
CA SER N 125 30.36 -48.60 41.70
C SER N 125 30.40 -49.91 40.92
N VAL N 126 29.26 -50.60 40.82
CA VAL N 126 29.23 -51.87 40.10
C VAL N 126 29.48 -51.67 38.61
N ARG N 127 29.27 -50.47 38.09
CA ARG N 127 29.65 -50.19 36.71
C ARG N 127 31.16 -50.15 36.55
N LEU N 128 31.86 -49.62 37.55
CA LEU N 128 33.31 -49.46 37.47
C LEU N 128 34.02 -50.81 37.43
N VAL N 129 33.72 -51.68 38.39
CA VAL N 129 34.43 -52.94 38.55
C VAL N 129 34.29 -53.86 37.35
N LYS N 130 33.34 -53.60 36.46
CA LYS N 130 33.19 -54.39 35.25
C LYS N 130 33.95 -53.75 34.09
N ALA N 285 33.92 -48.97 47.45
CA ALA N 285 32.72 -48.14 47.58
C ALA N 285 32.44 -47.84 49.05
N GLU N 286 32.50 -48.87 49.90
CA GLU N 286 32.34 -48.65 51.33
C GLU N 286 33.51 -47.86 51.91
N GLN N 287 34.73 -48.18 51.49
CA GLN N 287 35.94 -47.54 51.98
C GLN N 287 36.59 -46.63 50.94
N MET N 288 35.93 -46.41 49.80
CA MET N 288 36.57 -45.65 48.72
C MET N 288 35.66 -44.68 47.99
N GLY N 289 34.33 -44.82 48.04
CA GLY N 289 33.47 -43.96 47.28
C GLY N 289 33.50 -42.51 47.75
N ILE N 290 33.07 -41.62 46.84
CA ILE N 290 33.05 -40.18 47.09
C ILE N 290 31.67 -39.65 46.71
N ILE N 291 31.07 -38.87 47.61
CA ILE N 291 29.76 -38.25 47.40
C ILE N 291 29.92 -36.75 47.44
N PHE N 292 29.48 -36.08 46.37
CA PHE N 292 29.58 -34.63 46.24
C PHE N 292 28.19 -34.03 46.38
N ILE N 293 28.01 -33.17 47.40
CA ILE N 293 26.73 -32.54 47.66
C ILE N 293 26.81 -31.06 47.31
N ASP N 294 26.45 -30.72 46.08
CA ASP N 294 26.49 -29.34 45.64
C ASP N 294 25.33 -28.55 46.24
N GLU N 295 25.49 -27.23 46.27
CA GLU N 295 24.46 -26.31 46.76
C GLU N 295 24.09 -26.58 48.22
N ILE N 296 25.05 -27.08 49.00
CA ILE N 296 24.79 -27.39 50.40
C ILE N 296 24.54 -26.14 51.23
N ASP N 297 24.88 -24.96 50.72
CA ASP N 297 24.66 -23.72 51.46
C ASP N 297 23.20 -23.26 51.43
N LYS N 298 22.41 -23.75 50.46
CA LYS N 298 21.03 -23.32 50.34
C LYS N 298 20.10 -23.95 51.37
N VAL N 299 20.51 -25.05 52.00
CA VAL N 299 19.67 -25.74 52.96
C VAL N 299 20.10 -25.37 54.38
N ALA N 300 20.59 -24.15 54.55
CA ALA N 300 21.02 -23.68 55.85
C ALA N 300 19.93 -22.84 56.53
N GLN N 313 16.75 -27.29 57.05
CA GLN N 313 17.25 -27.99 58.23
C GLN N 313 16.68 -29.41 58.30
N GLY N 314 15.64 -29.66 57.51
CA GLY N 314 15.15 -31.02 57.37
C GLY N 314 16.08 -31.87 56.53
N VAL N 315 16.69 -31.27 55.51
CA VAL N 315 17.65 -31.99 54.68
C VAL N 315 18.92 -32.27 55.46
N GLN N 316 19.36 -31.29 56.27
CA GLN N 316 20.58 -31.45 57.05
C GLN N 316 20.48 -32.63 58.00
N ARG N 317 19.42 -32.68 58.80
CA ARG N 317 19.24 -33.75 59.77
C ARG N 317 18.80 -35.05 59.14
N ASP N 318 18.55 -35.07 57.83
CA ASP N 318 18.41 -36.31 57.07
C ASP N 318 19.69 -36.68 56.35
N ILE N 319 20.53 -35.71 56.02
CA ILE N 319 21.87 -35.98 55.50
C ILE N 319 22.78 -36.46 56.63
N LEU N 320 22.54 -35.99 57.85
CA LEU N 320 23.38 -36.36 59.01
C LEU N 320 23.59 -37.85 59.18
N PRO N 321 22.55 -38.71 59.20
CA PRO N 321 22.82 -40.15 59.39
C PRO N 321 23.72 -40.74 58.33
N ILE N 322 23.76 -40.15 57.14
CA ILE N 322 24.69 -40.62 56.12
C ILE N 322 26.12 -40.26 56.47
N LEU N 323 26.33 -39.06 57.02
CA LEU N 323 27.68 -38.64 57.38
C LEU N 323 28.16 -39.33 58.64
N GLU N 324 27.27 -39.51 59.63
CA GLU N 324 27.65 -40.22 60.85
C GLU N 324 27.99 -41.67 60.53
N GLY N 325 27.19 -42.33 59.70
CA GLY N 325 27.37 -43.73 59.41
C GLY N 325 26.12 -44.53 59.73
N SER N 326 25.55 -45.19 58.73
CA SER N 326 24.33 -45.96 58.91
C SER N 326 24.27 -47.06 57.86
N VAL N 327 23.32 -47.98 58.05
CA VAL N 327 23.11 -49.08 57.12
C VAL N 327 22.05 -48.66 56.10
N ILE N 328 22.36 -48.83 54.82
CA ILE N 328 21.49 -48.44 53.72
C ILE N 328 21.20 -49.67 52.88
N GLN N 329 19.92 -49.97 52.67
CA GLN N 329 19.52 -51.10 51.86
C GLN N 329 19.66 -50.74 50.38
N THR N 330 20.43 -51.54 49.64
CA THR N 330 20.54 -51.41 48.20
C THR N 330 19.83 -52.61 47.55
N LYS N 331 20.10 -52.84 46.26
CA LYS N 331 19.66 -54.06 45.62
C LYS N 331 20.77 -55.08 45.43
N TYR N 332 22.02 -54.62 45.37
CA TYR N 332 23.17 -55.53 45.35
C TYR N 332 23.54 -56.02 46.74
N GLY N 333 22.89 -55.52 47.79
CA GLY N 333 23.23 -55.85 49.16
C GLY N 333 23.07 -54.67 50.08
N THR N 334 23.94 -54.57 51.09
CA THR N 334 23.94 -53.43 52.01
C THR N 334 25.35 -52.88 52.13
N VAL N 335 25.44 -51.57 52.36
CA VAL N 335 26.72 -50.89 52.48
C VAL N 335 26.70 -50.00 53.72
N ASN N 336 27.90 -49.67 54.20
CA ASN N 336 28.08 -48.79 55.34
C ASN N 336 28.73 -47.50 54.87
N THR N 337 28.06 -46.38 55.10
CA THR N 337 28.52 -45.05 54.69
C THR N 337 29.39 -44.38 55.75
N GLU N 338 29.98 -45.16 56.66
CA GLU N 338 30.75 -44.58 57.74
C GLU N 338 32.04 -43.93 57.24
N HIS N 339 32.70 -44.56 56.27
CA HIS N 339 34.01 -44.12 55.82
C HIS N 339 33.98 -43.52 54.42
N MET N 340 32.80 -43.10 53.94
CA MET N 340 32.71 -42.45 52.65
C MET N 340 33.11 -40.98 52.76
N LEU N 341 33.84 -40.50 51.76
CA LEU N 341 34.30 -39.11 51.75
C LEU N 341 33.23 -38.22 51.15
N PHE N 342 32.81 -37.21 51.91
CA PHE N 342 31.77 -36.29 51.50
C PHE N 342 32.36 -34.92 51.21
N ILE N 343 31.90 -34.32 50.10
CA ILE N 343 32.34 -33.00 49.68
C ILE N 343 31.09 -32.16 49.48
N GLY N 344 30.91 -31.14 50.31
CA GLY N 344 29.81 -30.20 50.20
C GLY N 344 30.31 -28.86 49.68
N ALA N 345 29.64 -28.35 48.65
CA ALA N 345 30.08 -27.13 47.98
C ALA N 345 28.94 -26.13 47.92
N GLY N 346 29.31 -24.87 47.76
CA GLY N 346 28.34 -23.81 47.64
C GLY N 346 29.04 -22.46 47.60
N ALA N 347 28.27 -21.44 47.24
CA ALA N 347 28.79 -20.09 47.24
C ALA N 347 28.78 -19.47 48.63
N PHE N 348 27.84 -19.90 49.48
CA PHE N 348 27.71 -19.38 50.84
C PHE N 348 27.62 -17.86 50.84
N HIS N 349 26.83 -17.33 49.90
CA HIS N 349 26.56 -15.91 49.81
C HIS N 349 25.37 -15.49 50.67
N VAL N 350 24.43 -16.39 50.90
CA VAL N 350 23.27 -16.11 51.74
C VAL N 350 23.48 -16.58 53.17
N SER N 351 24.16 -17.71 53.35
CA SER N 351 24.42 -18.26 54.67
C SER N 351 25.89 -18.61 54.79
N LYS N 352 26.38 -18.63 56.03
CA LYS N 352 27.74 -19.01 56.32
C LYS N 352 27.80 -20.46 56.77
N PRO N 353 28.97 -21.11 56.69
CA PRO N 353 29.08 -22.48 57.22
C PRO N 353 28.75 -22.58 58.69
N SER N 354 28.87 -21.49 59.46
CA SER N 354 28.45 -21.48 60.85
C SER N 354 26.93 -21.58 61.00
N ASP N 355 26.18 -21.49 59.90
CA ASP N 355 24.74 -21.70 59.92
C ASP N 355 24.36 -23.16 59.70
N LEU N 356 25.29 -23.99 59.24
CA LEU N 356 25.05 -25.43 59.23
C LEU N 356 24.84 -25.93 60.65
N ILE N 357 24.08 -27.01 60.78
CA ILE N 357 23.81 -27.59 62.09
C ILE N 357 25.16 -28.01 62.68
N PRO N 358 25.33 -27.91 64.00
CA PRO N 358 26.66 -28.18 64.59
C PRO N 358 27.19 -29.56 64.29
N GLU N 359 26.33 -30.57 64.16
CA GLU N 359 26.82 -31.90 63.82
C GLU N 359 27.38 -31.95 62.40
N LEU N 360 26.89 -31.07 61.52
CA LEU N 360 27.45 -30.97 60.17
C LEU N 360 28.75 -30.18 60.17
N GLN N 361 28.83 -29.11 60.97
CA GLN N 361 30.05 -28.31 61.03
C GLN N 361 31.23 -29.16 61.51
N GLY N 362 30.99 -30.04 62.47
CA GLY N 362 32.08 -30.85 63.02
C GLY N 362 32.55 -31.97 62.12
N ARG N 363 31.75 -32.36 61.13
CA ARG N 363 32.09 -33.44 60.21
C ARG N 363 32.57 -32.93 58.86
N PHE N 364 32.92 -31.65 58.77
CA PHE N 364 33.63 -31.08 57.62
C PHE N 364 34.90 -30.43 58.15
N PRO N 365 35.88 -31.22 58.60
CA PRO N 365 37.08 -30.62 59.20
C PRO N 365 37.97 -29.91 58.20
N ILE N 366 37.97 -30.33 56.93
CA ILE N 366 38.75 -29.68 55.89
C ILE N 366 37.88 -28.67 55.18
N ARG N 367 38.26 -27.40 55.23
CA ARG N 367 37.48 -26.32 54.64
C ARG N 367 38.39 -25.49 53.73
N VAL N 368 37.97 -25.33 52.47
CA VAL N 368 38.76 -24.61 51.48
C VAL N 368 37.86 -23.56 50.83
N GLU N 369 38.50 -22.47 50.39
CA GLU N 369 37.81 -21.31 49.84
C GLU N 369 38.42 -21.01 48.48
N LEU N 370 37.74 -21.44 47.41
CA LEU N 370 38.29 -21.32 46.08
C LEU N 370 38.32 -19.86 45.61
N ASP N 371 39.35 -19.55 44.81
CA ASP N 371 39.57 -18.19 44.33
C ASP N 371 38.78 -17.91 43.07
N SER N 372 38.52 -16.63 42.83
CA SER N 372 37.86 -16.21 41.61
C SER N 372 38.83 -16.30 40.43
N LEU N 373 38.33 -15.99 39.25
CA LEU N 373 39.09 -16.14 38.00
C LEU N 373 39.34 -14.78 37.37
N SER N 374 40.56 -14.57 36.89
CA SER N 374 40.90 -13.41 36.09
C SER N 374 40.92 -13.79 34.62
N VAL N 375 41.05 -12.77 33.77
CA VAL N 375 41.08 -13.03 32.33
C VAL N 375 42.28 -13.87 31.95
N GLU N 376 43.41 -13.66 32.62
CA GLU N 376 44.59 -14.50 32.37
C GLU N 376 44.36 -15.93 32.85
N ASP N 377 43.49 -16.12 33.83
CA ASP N 377 43.07 -17.48 34.18
C ASP N 377 42.18 -18.07 33.09
N PHE N 378 41.36 -17.24 32.46
CA PHE N 378 40.48 -17.72 31.39
C PHE N 378 41.27 -18.17 30.18
N VAL N 379 42.36 -17.47 29.84
CA VAL N 379 43.19 -17.90 28.70
C VAL N 379 43.87 -19.22 28.99
N ARG N 380 44.01 -19.59 30.26
CA ARG N 380 44.66 -20.83 30.63
C ARG N 380 43.71 -22.02 30.62
N ILE N 381 42.43 -21.82 30.93
CA ILE N 381 41.48 -22.92 30.85
C ILE N 381 41.31 -23.40 29.42
N LEU N 382 41.53 -22.51 28.45
CA LEU N 382 41.25 -22.83 27.05
C LEU N 382 42.35 -23.67 26.40
N THR N 383 43.61 -23.46 26.79
CA THR N 383 44.74 -24.06 26.10
C THR N 383 45.49 -25.10 26.92
N GLU N 384 45.68 -24.84 28.22
CA GLU N 384 46.60 -25.67 29.00
C GLU N 384 46.02 -27.05 29.33
N PRO N 385 44.85 -27.17 29.96
CA PRO N 385 44.45 -28.46 30.52
C PRO N 385 44.21 -29.50 29.43
N LYS N 386 44.49 -30.75 29.77
CA LYS N 386 44.24 -31.86 28.86
C LYS N 386 42.77 -31.89 28.45
N LEU N 387 42.52 -32.04 27.14
CA LEU N 387 41.17 -32.02 26.59
C LEU N 387 40.45 -30.71 26.92
N SER N 388 41.16 -29.59 26.81
CA SER N 388 40.55 -28.29 26.98
C SER N 388 39.63 -28.00 25.81
N LEU N 389 39.01 -26.82 25.82
CA LEU N 389 37.95 -26.53 24.85
C LEU N 389 38.49 -26.43 23.43
N ILE N 390 39.53 -25.63 23.21
CA ILE N 390 40.03 -25.48 21.85
C ILE N 390 40.70 -26.75 21.37
N LYS N 391 41.25 -27.55 22.28
CA LYS N 391 41.76 -28.87 21.90
C LYS N 391 40.61 -29.76 21.42
N GLN N 392 39.44 -29.64 22.03
CA GLN N 392 38.29 -30.39 21.57
C GLN N 392 37.85 -29.94 20.19
N TYR N 393 37.77 -28.63 19.97
CA TYR N 393 37.36 -28.13 18.66
C TYR N 393 38.42 -28.39 17.61
N GLU N 394 39.70 -28.38 17.99
CA GLU N 394 40.75 -28.80 17.06
C GLU N 394 40.53 -30.26 16.64
N ALA N 395 40.35 -31.15 17.61
CA ALA N 395 40.15 -32.56 17.30
C ALA N 395 38.80 -32.80 16.62
N LEU N 396 37.78 -32.02 16.97
CA LEU N 396 36.47 -32.21 16.36
C LEU N 396 36.48 -31.81 14.89
N LEU N 397 37.06 -30.66 14.57
CA LEU N 397 37.12 -30.20 13.19
C LEU N 397 38.19 -30.93 12.40
N GLN N 398 39.14 -31.60 13.07
CA GLN N 398 40.05 -32.49 12.36
C GLN N 398 39.33 -33.71 11.79
N THR N 399 38.18 -34.08 12.37
CA THR N 399 37.36 -35.14 11.80
C THR N 399 36.87 -34.76 10.41
N GLU N 400 36.48 -33.50 10.21
CA GLU N 400 36.13 -33.00 8.90
C GLU N 400 37.35 -32.66 8.05
N GLU N 401 38.54 -33.02 8.52
CA GLU N 401 39.81 -32.77 7.82
C GLU N 401 40.04 -31.28 7.62
N VAL N 402 39.91 -30.52 8.71
CA VAL N 402 40.15 -29.09 8.73
C VAL N 402 41.10 -28.77 9.89
N THR N 403 42.21 -28.12 9.58
CA THR N 403 43.19 -27.76 10.59
C THR N 403 42.87 -26.37 11.12
N VAL N 404 42.45 -26.30 12.38
CA VAL N 404 42.11 -25.04 13.03
C VAL N 404 43.33 -24.56 13.80
N ASN N 405 43.61 -23.27 13.71
CA ASN N 405 44.77 -22.67 14.35
C ASN N 405 44.32 -21.49 15.19
N PHE N 406 44.51 -21.60 16.50
CA PHE N 406 44.13 -20.55 17.45
C PHE N 406 45.39 -19.78 17.83
N THR N 407 45.56 -18.61 17.21
CA THR N 407 46.69 -17.75 17.57
C THR N 407 46.59 -17.33 19.03
N ASP N 408 47.75 -17.22 19.68
CA ASP N 408 47.78 -16.88 21.10
C ASP N 408 47.13 -15.53 21.39
N GLU N 409 47.10 -14.63 20.40
CA GLU N 409 46.39 -13.36 20.58
C GLU N 409 44.87 -13.57 20.53
N ALA N 410 44.39 -14.50 19.72
CA ALA N 410 42.96 -14.77 19.67
C ALA N 410 42.45 -15.42 20.95
N ILE N 411 43.28 -16.25 21.59
CA ILE N 411 42.90 -16.84 22.86
C ILE N 411 42.70 -15.76 23.91
N THR N 412 43.56 -14.73 23.89
CA THR N 412 43.37 -13.60 24.79
C THR N 412 42.09 -12.85 24.48
N ARG N 413 41.71 -12.77 23.21
CA ARG N 413 40.49 -12.04 22.84
C ARG N 413 39.24 -12.83 23.20
N LEU N 414 39.28 -14.16 23.07
CA LEU N 414 38.15 -14.98 23.47
C LEU N 414 37.94 -14.92 24.99
N ALA N 415 39.01 -14.80 25.76
CA ALA N 415 38.88 -14.78 27.21
C ALA N 415 38.52 -13.39 27.72
N GLU N 416 39.04 -12.33 27.09
CA GLU N 416 38.69 -10.99 27.49
C GLU N 416 37.20 -10.73 27.31
N ILE N 417 36.57 -11.41 26.35
CA ILE N 417 35.14 -11.22 26.13
C ILE N 417 34.32 -12.04 27.11
N ALA N 418 34.69 -13.31 27.31
CA ALA N 418 34.01 -14.14 28.28
C ALA N 418 34.07 -13.53 29.68
N TYR N 419 35.25 -13.03 30.07
CA TYR N 419 35.38 -12.37 31.36
C TYR N 419 34.58 -11.07 31.40
N GLN N 420 34.35 -10.44 30.24
CA GLN N 420 33.61 -9.18 30.19
C GLN N 420 32.11 -9.41 30.27
N VAL N 421 31.61 -10.44 29.59
CA VAL N 421 30.18 -10.72 29.63
C VAL N 421 29.76 -11.19 31.02
N ASN N 422 30.64 -11.91 31.73
CA ASN N 422 30.34 -12.31 33.10
C ASN N 422 30.17 -11.10 34.01
N GLN N 423 30.92 -10.03 33.76
CA GLN N 423 30.81 -8.84 34.60
C GLN N 423 29.54 -8.04 34.31
N ASP N 424 29.02 -8.12 33.09
CA ASP N 424 27.88 -7.29 32.71
C ASP N 424 26.54 -7.94 33.02
N THR N 425 26.39 -9.24 32.75
CA THR N 425 25.13 -9.92 33.00
C THR N 425 25.20 -10.74 34.28
N ASP N 426 25.30 -12.06 34.14
CA ASP N 426 25.39 -12.98 35.26
C ASP N 426 26.76 -13.65 35.22
N ASN N 427 27.55 -13.47 36.27
CA ASN N 427 28.88 -14.07 36.34
C ASN N 427 28.75 -15.57 36.58
N ILE N 428 29.10 -16.36 35.57
CA ILE N 428 29.04 -17.82 35.67
C ILE N 428 30.43 -18.44 35.61
N GLY N 429 31.48 -17.64 35.76
CA GLY N 429 32.82 -18.19 35.80
C GLY N 429 33.22 -18.81 34.47
N ALA N 430 34.00 -19.89 34.55
CA ALA N 430 34.56 -20.54 33.37
C ALA N 430 33.52 -21.26 32.52
N ARG N 431 32.23 -21.19 32.89
CA ARG N 431 31.19 -21.77 32.06
C ARG N 431 30.87 -20.92 30.84
N ARG N 432 31.29 -19.65 30.85
CA ARG N 432 30.97 -18.76 29.74
C ARG N 432 31.66 -19.19 28.45
N LEU N 433 32.78 -19.93 28.55
CA LEU N 433 33.56 -20.25 27.37
C LEU N 433 32.80 -21.13 26.40
N HIS N 434 31.88 -21.98 26.90
CA HIS N 434 31.16 -22.90 26.01
C HIS N 434 30.32 -22.15 24.99
N THR N 435 29.61 -21.10 25.42
CA THR N 435 28.79 -20.32 24.50
C THR N 435 29.62 -19.41 23.61
N ILE N 436 30.79 -18.97 24.11
CA ILE N 436 31.61 -18.03 23.36
C ILE N 436 32.23 -18.70 22.13
N LEU N 437 32.78 -19.91 22.31
CA LEU N 437 33.44 -20.60 21.20
C LEU N 437 32.43 -20.98 20.12
N GLU N 438 31.41 -21.75 20.49
CA GLU N 438 30.42 -22.21 19.52
C GLU N 438 29.78 -21.06 18.75
N LYS N 439 29.84 -19.84 19.27
CA LYS N 439 29.32 -18.69 18.54
C LYS N 439 30.30 -18.23 17.48
N MET N 440 31.60 -18.24 17.78
CA MET N 440 32.57 -17.77 16.79
C MET N 440 32.96 -18.87 15.81
N LEU N 441 32.81 -20.14 16.21
CA LEU N 441 33.00 -21.26 15.30
C LEU N 441 31.75 -21.61 14.52
N GLU N 442 30.75 -20.71 14.49
CA GLU N 442 29.47 -21.00 13.85
C GLU N 442 29.65 -21.37 12.38
N ASP N 443 30.14 -20.42 11.58
CA ASP N 443 30.30 -20.67 10.15
C ASP N 443 31.27 -21.81 9.90
N LEU N 444 32.27 -22.00 10.76
CA LEU N 444 33.23 -23.07 10.57
C LEU N 444 32.57 -24.43 10.71
N SER N 445 31.80 -24.65 11.78
CA SER N 445 31.17 -25.93 12.01
C SER N 445 30.12 -26.27 10.96
N PHE N 446 29.66 -25.28 10.20
CA PHE N 446 28.61 -25.52 9.20
C PHE N 446 29.20 -25.92 7.85
N GLU N 447 30.07 -25.07 7.30
CA GLU N 447 30.69 -25.35 6.00
C GLU N 447 32.09 -25.92 6.16
N ALA N 448 32.22 -26.96 6.98
CA ALA N 448 33.50 -27.62 7.19
C ALA N 448 33.71 -28.77 6.22
N PRO N 449 32.75 -29.69 6.03
CA PRO N 449 32.95 -30.73 5.02
C PRO N 449 33.09 -30.18 3.61
N SER N 450 32.45 -29.05 3.31
CA SER N 450 32.65 -28.34 2.05
C SER N 450 33.96 -27.54 2.04
N MET N 451 34.85 -27.79 3.01
CA MET N 451 36.10 -27.08 3.13
C MET N 451 37.21 -28.04 3.57
N PRO N 452 37.41 -29.15 2.86
CA PRO N 452 38.32 -30.19 3.38
C PRO N 452 39.78 -29.90 3.08
N ASN N 453 40.64 -30.46 3.93
CA ASN N 453 42.09 -30.32 3.80
C ASN N 453 42.54 -28.87 3.74
N ALA N 454 41.81 -28.00 4.44
CA ALA N 454 42.09 -26.57 4.46
C ALA N 454 42.70 -26.18 5.81
N VAL N 455 43.21 -24.95 5.86
CA VAL N 455 43.82 -24.40 7.06
C VAL N 455 43.22 -23.03 7.31
N VAL N 456 42.60 -22.85 8.48
CA VAL N 456 41.96 -21.60 8.86
C VAL N 456 42.71 -21.02 10.05
N ASP N 457 43.01 -19.74 9.99
CA ASP N 457 43.67 -19.03 11.08
C ASP N 457 42.64 -18.20 11.83
N ILE N 458 42.54 -18.43 13.14
CA ILE N 458 41.64 -17.67 14.00
C ILE N 458 42.41 -16.45 14.49
N THR N 459 42.16 -15.32 13.88
CA THR N 459 42.75 -14.05 14.24
C THR N 459 41.86 -13.31 15.24
N PRO N 460 42.43 -12.45 16.09
CA PRO N 460 41.60 -11.70 17.03
C PRO N 460 40.60 -10.78 16.35
N GLN N 461 40.92 -10.27 15.15
CA GLN N 461 39.93 -9.50 14.41
C GLN N 461 38.75 -10.36 13.98
N TYR N 462 38.97 -11.65 13.78
CA TYR N 462 37.87 -12.56 13.46
C TYR N 462 37.00 -12.83 14.68
N VAL N 463 37.59 -12.84 15.87
CA VAL N 463 36.80 -12.98 17.09
C VAL N 463 35.92 -11.75 17.29
N ASP N 464 36.47 -10.57 17.06
CA ASP N 464 35.67 -9.35 17.14
C ASP N 464 34.64 -9.28 16.02
N ASP N 465 34.98 -9.80 14.84
CA ASP N 465 34.01 -9.85 13.75
C ASP N 465 32.79 -10.68 14.08
N LYS N 466 32.90 -11.57 15.07
CA LYS N 466 31.81 -12.46 15.44
C LYS N 466 31.04 -11.97 16.67
N LEU N 467 31.74 -11.74 17.78
CA LEU N 467 31.06 -11.50 19.05
C LEU N 467 31.56 -10.22 19.73
N LYS N 468 31.94 -9.21 18.96
CA LYS N 468 32.21 -7.93 19.59
C LYS N 468 30.95 -7.08 19.68
N SER N 469 30.16 -7.02 18.60
CA SER N 469 28.90 -6.30 18.66
C SER N 469 27.90 -7.00 19.58
N ILE N 470 28.02 -8.32 19.72
CA ILE N 470 27.11 -9.06 20.59
C ILE N 470 27.46 -8.85 22.06
N SER N 471 28.76 -9.00 22.40
CA SER N 471 29.16 -8.88 23.79
C SER N 471 28.90 -7.48 24.33
N THR N 472 29.19 -6.45 23.52
CA THR N 472 28.94 -5.08 23.93
C THR N 472 27.47 -4.76 24.08
N ASN N 473 26.58 -5.66 23.66
CA ASN N 473 25.14 -5.52 23.85
C ASN N 473 24.77 -6.35 25.08
N LYS N 474 24.51 -5.65 26.20
CA LYS N 474 24.23 -6.37 27.45
C LYS N 474 22.89 -7.08 27.40
N ASP N 475 21.88 -6.49 26.74
CA ASP N 475 20.56 -7.11 26.69
C ASP N 475 20.52 -8.28 25.72
N LEU N 476 21.28 -8.22 24.62
CA LEU N 476 21.30 -9.32 23.67
C LEU N 476 22.12 -10.49 24.19
N SER N 477 23.27 -10.22 24.82
CA SER N 477 24.12 -11.29 25.32
C SER N 477 23.47 -12.06 26.46
N ALA N 478 22.46 -11.49 27.11
CA ALA N 478 21.73 -12.22 28.14
C ALA N 478 20.89 -13.35 27.56
N PHE N 479 20.56 -13.28 26.27
CA PHE N 479 19.77 -14.29 25.59
C PHE N 479 20.63 -15.26 24.78
N ILE N 480 21.36 -14.74 23.79
CA ILE N 480 22.05 -15.59 22.82
C ILE N 480 23.50 -15.87 23.18
N LEU N 481 24.03 -15.23 24.22
CA LEU N 481 25.45 -15.40 24.54
C LEU N 481 25.64 -15.88 25.98
N ALA O 18 23.26 -44.26 10.38
CA ALA O 18 22.65 -44.04 9.07
C ALA O 18 22.73 -42.58 8.68
N GLY O 19 21.77 -41.79 9.15
CA GLY O 19 21.77 -40.36 8.91
C GLY O 19 22.76 -39.58 9.74
N ILE O 20 23.64 -40.25 10.49
CA ILE O 20 24.67 -39.57 11.26
C ILE O 20 25.63 -38.85 10.33
N ARG O 21 25.81 -39.35 9.11
CA ARG O 21 26.76 -38.78 8.17
C ARG O 21 26.19 -37.61 7.38
N LEU O 22 24.92 -37.27 7.57
CA LEU O 22 24.33 -36.14 6.86
C LEU O 22 25.03 -34.85 7.24
N THR O 23 25.66 -34.21 6.24
CA THR O 23 26.35 -32.96 6.48
C THR O 23 25.35 -31.88 6.89
N PRO O 24 25.82 -30.83 7.58
CA PRO O 24 24.90 -29.74 7.94
C PRO O 24 24.14 -29.17 6.76
N LYS O 25 24.80 -28.95 5.62
CA LYS O 25 24.09 -28.46 4.44
C LYS O 25 23.05 -29.47 3.96
N GLU O 26 23.35 -30.76 4.09
CA GLU O 26 22.37 -31.78 3.73
C GLU O 26 21.18 -31.76 4.69
N ILE O 27 21.44 -31.56 5.98
CA ILE O 27 20.36 -31.53 6.96
C ILE O 27 19.47 -30.31 6.73
N VAL O 28 20.07 -29.17 6.41
CA VAL O 28 19.28 -27.96 6.15
C VAL O 28 18.38 -28.16 4.93
N SER O 29 18.89 -28.84 3.90
CA SER O 29 18.08 -29.08 2.71
C SER O 29 16.92 -30.04 3.02
N LYS O 30 17.17 -31.05 3.84
CA LYS O 30 16.09 -31.99 4.18
C LYS O 30 15.04 -31.34 5.08
N LEU O 31 15.44 -30.38 5.90
CA LEU O 31 14.47 -29.66 6.73
C LEU O 31 13.66 -28.65 5.92
N ASN O 32 14.24 -28.10 4.86
CA ASN O 32 13.54 -27.11 4.05
C ASN O 32 12.34 -27.70 3.31
N GLU O 33 12.26 -29.02 3.19
CA GLU O 33 11.10 -29.66 2.58
C GLU O 33 9.90 -29.73 3.51
N TYR O 34 10.09 -29.47 4.80
CA TYR O 34 9.01 -29.54 5.79
C TYR O 34 8.78 -28.24 6.55
N ILE O 35 9.80 -27.40 6.71
CA ILE O 35 9.68 -26.18 7.49
C ILE O 35 9.93 -24.97 6.58
N VAL O 36 9.11 -23.95 6.74
CA VAL O 36 9.23 -22.72 5.98
C VAL O 36 10.03 -21.70 6.78
N GLY O 37 11.04 -21.11 6.15
CA GLY O 37 11.83 -20.09 6.81
C GLY O 37 12.68 -20.65 7.93
N GLN O 38 13.00 -19.78 8.89
CA GLN O 38 13.82 -20.14 10.04
C GLN O 38 15.15 -20.75 9.60
N ASN O 39 15.86 -20.01 8.74
CA ASN O 39 17.15 -20.50 8.26
C ASN O 39 18.17 -20.59 9.39
N ASP O 40 18.20 -19.57 10.25
CA ASP O 40 19.17 -19.56 11.34
C ASP O 40 18.98 -20.75 12.28
N ALA O 41 17.74 -21.20 12.46
CA ALA O 41 17.48 -22.32 13.35
C ALA O 41 17.97 -23.64 12.75
N LYS O 42 17.77 -23.83 11.44
CA LYS O 42 18.19 -25.08 10.81
C LYS O 42 19.71 -25.22 10.81
N ARG O 43 20.44 -24.12 10.70
CA ARG O 43 21.90 -24.20 10.68
C ARG O 43 22.45 -24.56 12.06
N LYS O 44 21.99 -23.85 13.10
CA LYS O 44 22.43 -24.18 14.45
C LYS O 44 21.96 -25.57 14.87
N VAL O 45 20.78 -25.98 14.41
CA VAL O 45 20.33 -27.35 14.62
C VAL O 45 21.26 -28.33 13.92
N ALA O 46 21.75 -27.96 12.73
CA ALA O 46 22.57 -28.89 11.96
C ALA O 46 23.97 -29.05 12.55
N ILE O 47 24.55 -27.97 13.07
CA ILE O 47 25.92 -28.01 13.57
C ILE O 47 25.93 -28.73 14.92
N ALA O 48 24.75 -29.11 15.40
CA ALA O 48 24.66 -29.88 16.63
C ALA O 48 24.63 -31.38 16.35
N LEU O 49 23.87 -31.80 15.33
CA LEU O 49 23.89 -33.20 14.93
C LEU O 49 25.23 -33.60 14.34
N ARG O 50 25.94 -32.65 13.71
CA ARG O 50 27.23 -32.98 13.10
C ARG O 50 28.29 -33.20 14.16
N ASN O 51 28.26 -32.43 15.25
CA ASN O 51 29.23 -32.65 16.33
C ASN O 51 29.07 -34.02 16.97
N ARG O 52 27.88 -34.64 16.87
CA ARG O 52 27.73 -36.01 17.33
C ARG O 52 28.45 -36.99 16.41
N TYR O 53 28.44 -36.72 15.10
CA TYR O 53 29.17 -37.58 14.18
C TYR O 53 30.67 -37.40 14.32
N ARG O 54 31.12 -36.16 14.56
CA ARG O 54 32.54 -35.90 14.76
C ARG O 54 33.03 -36.57 16.04
N ARG O 55 32.29 -36.42 17.13
CA ARG O 55 32.68 -37.03 18.40
C ARG O 55 32.78 -38.54 18.30
N SER O 56 31.91 -39.17 17.50
CA SER O 56 31.95 -40.62 17.33
C SER O 56 33.21 -41.10 16.64
N LEU O 57 33.97 -40.20 16.01
CA LEU O 57 35.19 -40.54 15.29
C LEU O 57 36.44 -40.11 16.06
N LEU O 58 36.43 -40.31 17.37
CA LEU O 58 37.53 -39.88 18.24
C LEU O 58 37.89 -41.00 19.20
N ASP O 59 39.07 -40.86 19.80
CA ASP O 59 39.56 -41.83 20.77
C ASP O 59 38.64 -41.86 22.00
N GLU O 60 38.68 -42.99 22.71
CA GLU O 60 37.74 -43.23 23.80
C GLU O 60 37.83 -42.19 24.92
N GLU O 61 38.94 -41.45 25.00
CA GLU O 61 39.03 -40.39 26.00
C GLU O 61 38.42 -39.09 25.50
N SER O 62 38.78 -38.67 24.28
CA SER O 62 38.18 -37.48 23.70
C SER O 62 36.71 -37.70 23.38
N LYS O 63 36.32 -38.95 23.09
CA LYS O 63 34.94 -39.23 22.70
C LYS O 63 33.99 -39.14 23.88
N GLN O 64 34.48 -39.40 25.09
CA GLN O 64 33.64 -39.40 26.29
C GLN O 64 34.07 -38.31 27.26
N GLU O 65 34.49 -37.17 26.73
CA GLU O 65 34.82 -36.02 27.57
C GLU O 65 34.29 -34.69 27.05
N ILE O 66 33.82 -34.61 25.81
CA ILE O 66 33.20 -33.40 25.31
C ILE O 66 31.70 -33.49 25.52
N SER O 67 31.07 -32.35 25.72
CA SER O 67 29.64 -32.32 26.00
C SER O 67 28.85 -32.09 24.71
N PRO O 68 27.59 -32.52 24.68
CA PRO O 68 26.76 -32.27 23.50
C PRO O 68 26.54 -30.77 23.30
N LYS O 69 26.28 -30.40 22.04
CA LYS O 69 26.00 -29.01 21.69
C LYS O 69 24.49 -28.77 21.75
N ASN O 70 23.98 -28.74 22.98
CA ASN O 70 22.55 -28.59 23.20
C ASN O 70 22.05 -27.24 22.70
N ILE O 71 20.79 -27.21 22.28
CA ILE O 71 20.19 -26.04 21.64
C ILE O 71 19.16 -25.44 22.60
N LEU O 72 19.19 -24.12 22.74
CA LEU O 72 18.20 -23.38 23.50
C LEU O 72 17.43 -22.51 22.52
N MET O 73 16.20 -22.92 22.19
CA MET O 73 15.39 -22.22 21.21
C MET O 73 14.59 -21.12 21.90
N ILE O 74 14.76 -19.89 21.43
CA ILE O 74 14.06 -18.72 21.96
C ILE O 74 13.12 -18.21 20.89
N GLY O 75 11.83 -18.15 21.20
CA GLY O 75 10.84 -17.68 20.26
C GLY O 75 9.43 -17.73 20.81
N PRO O 76 8.51 -17.03 20.14
CA PRO O 76 7.11 -17.05 20.58
C PRO O 76 6.40 -18.32 20.16
N THR O 77 5.09 -18.36 20.34
CA THR O 77 4.31 -19.53 19.96
C THR O 77 3.96 -19.47 18.48
N GLY O 78 3.89 -20.65 17.85
CA GLY O 78 3.50 -20.78 16.47
C GLY O 78 4.63 -20.65 15.46
N VAL O 79 5.82 -20.24 15.88
CA VAL O 79 6.93 -20.02 14.96
C VAL O 79 7.55 -21.34 14.54
N GLY O 80 7.07 -22.44 15.12
CA GLY O 80 7.47 -23.77 14.69
C GLY O 80 8.75 -24.30 15.29
N LYS O 81 9.10 -23.87 16.50
CA LYS O 81 10.33 -24.37 17.12
C LYS O 81 10.20 -25.82 17.59
N THR O 82 8.98 -26.31 17.81
CA THR O 82 8.81 -27.72 18.12
C THR O 82 8.92 -28.59 16.87
N GLU O 83 8.32 -28.15 15.76
CA GLU O 83 8.40 -28.91 14.52
C GLU O 83 9.83 -28.99 14.00
N ILE O 84 10.61 -27.93 14.17
CA ILE O 84 12.01 -27.96 13.73
C ILE O 84 12.76 -29.09 14.42
N ALA O 85 12.58 -29.23 15.73
CA ALA O 85 13.25 -30.29 16.46
C ALA O 85 12.63 -31.66 16.21
N ARG O 86 11.32 -31.71 15.96
CA ARG O 86 10.65 -32.98 15.71
C ARG O 86 11.03 -33.53 14.34
N ARG O 87 10.88 -32.71 13.29
CA ARG O 87 11.24 -33.15 11.95
C ARG O 87 12.72 -33.48 11.85
N MET O 88 13.56 -32.73 12.58
CA MET O 88 15.00 -32.97 12.54
C MET O 88 15.35 -34.38 13.01
N ALA O 89 14.63 -34.88 14.03
CA ALA O 89 14.88 -36.23 14.49
C ALA O 89 14.48 -37.26 13.45
N LYS O 90 13.51 -36.94 12.59
CA LYS O 90 13.07 -37.89 11.57
C LYS O 90 14.04 -37.98 10.41
N VAL O 91 14.76 -36.89 10.08
CA VAL O 91 15.69 -36.94 8.97
C VAL O 91 17.01 -37.62 9.34
N VAL O 92 17.26 -37.87 10.62
CA VAL O 92 18.44 -38.58 11.07
C VAL O 92 18.12 -39.89 11.76
N GLY O 93 16.85 -40.27 11.83
CA GLY O 93 16.47 -41.50 12.50
C GLY O 93 16.68 -41.51 13.99
N ALA O 94 16.48 -40.37 14.63
CA ALA O 94 16.70 -40.25 16.07
C ALA O 94 15.39 -40.42 16.84
N PRO O 95 15.45 -41.03 18.03
CA PRO O 95 14.26 -41.07 18.88
C PRO O 95 14.00 -39.71 19.50
N PHE O 96 12.77 -39.21 19.32
CA PHE O 96 12.40 -37.87 19.74
C PHE O 96 11.31 -37.92 20.79
N ILE O 97 11.51 -37.19 21.89
CA ILE O 97 10.54 -37.11 22.96
C ILE O 97 10.40 -35.65 23.37
N LYS O 98 9.15 -35.24 23.62
CA LYS O 98 8.83 -33.86 24.00
C LYS O 98 8.12 -33.89 25.35
N VAL O 99 8.64 -33.14 26.31
CA VAL O 99 8.06 -33.04 27.64
C VAL O 99 7.89 -31.57 28.00
N GLU O 100 6.90 -31.31 28.84
CA GLU O 100 6.67 -29.95 29.35
C GLU O 100 7.38 -29.81 30.69
N ALA O 101 8.26 -28.82 30.79
CA ALA O 101 9.01 -28.64 32.03
C ALA O 101 8.11 -28.24 33.18
N THR O 102 6.97 -27.61 32.90
CA THR O 102 6.07 -27.16 33.95
C THR O 102 5.37 -28.33 34.65
N LYS O 103 5.27 -29.49 34.00
CA LYS O 103 4.67 -30.65 34.64
C LYS O 103 5.50 -31.19 35.80
N PHE O 104 6.75 -30.75 35.93
CA PHE O 104 7.67 -31.25 36.95
C PHE O 104 7.56 -30.49 38.26
N THR O 105 6.47 -29.76 38.48
CA THR O 105 6.29 -29.02 39.73
C THR O 105 5.31 -29.79 40.63
N GLU O 106 5.82 -30.87 41.19
CA GLU O 106 5.04 -31.76 42.05
C GLU O 106 5.54 -31.71 43.48
N ARG O 112 10.03 -33.77 40.50
CA ARG O 112 9.74 -35.12 40.97
C ARG O 112 9.63 -36.10 39.80
N ASP O 113 10.39 -37.19 39.88
CA ASP O 113 10.45 -38.21 38.82
C ASP O 113 10.80 -37.57 37.48
N VAL O 114 11.90 -36.81 37.47
CA VAL O 114 12.34 -36.15 36.24
C VAL O 114 12.93 -37.13 35.24
N GLU O 115 13.23 -38.36 35.66
CA GLU O 115 13.83 -39.35 34.79
C GLU O 115 12.81 -40.05 33.89
N SER O 116 11.55 -39.63 33.92
CA SER O 116 10.56 -40.19 33.01
C SER O 116 10.78 -39.75 31.57
N MET O 117 11.59 -38.70 31.35
CA MET O 117 11.93 -38.30 29.98
C MET O 117 12.72 -39.40 29.28
N VAL O 118 13.69 -39.98 29.97
CA VAL O 118 14.54 -41.00 29.36
C VAL O 118 13.80 -42.32 29.25
N ARG O 119 12.98 -42.66 30.25
CA ARG O 119 12.17 -43.87 30.15
C ARG O 119 11.15 -43.76 29.03
N ASP O 120 10.67 -42.55 28.73
CA ASP O 120 9.82 -42.36 27.56
C ASP O 120 10.64 -42.44 26.28
N LEU O 121 11.90 -41.98 26.31
CA LEU O 121 12.72 -41.98 25.11
C LEU O 121 13.00 -43.40 24.64
N VAL O 122 13.24 -44.33 25.57
CA VAL O 122 13.43 -45.71 25.17
C VAL O 122 12.11 -46.34 24.76
N ASP O 123 11.00 -45.90 25.37
CA ASP O 123 9.69 -46.42 24.98
C ASP O 123 9.31 -46.02 23.57
N VAL O 124 9.81 -44.89 23.09
CA VAL O 124 9.61 -44.49 21.69
C VAL O 124 10.75 -44.94 20.79
N SER O 125 11.84 -45.44 21.37
CA SER O 125 12.95 -45.98 20.58
C SER O 125 12.80 -47.47 20.32
N VAL O 126 12.08 -48.20 21.18
CA VAL O 126 11.79 -49.59 20.88
C VAL O 126 10.80 -49.71 19.74
N ARG O 127 9.86 -48.77 19.63
CA ARG O 127 8.95 -48.71 18.49
C ARG O 127 9.63 -48.26 17.22
N LEU O 128 10.92 -47.89 17.30
CA LEU O 128 11.71 -47.47 16.16
C LEU O 128 12.55 -48.61 15.59
N VAL O 129 13.31 -49.29 16.44
CA VAL O 129 14.13 -50.42 15.99
C VAL O 129 13.26 -51.54 15.44
N LYS O 130 12.06 -51.73 16.01
CA LYS O 130 11.14 -52.73 15.49
C LYS O 130 10.74 -52.41 14.06
N ALA O 131 10.33 -51.17 13.80
CA ALA O 131 9.98 -50.77 12.44
C ALA O 131 11.20 -50.72 11.53
N GLN O 132 12.38 -50.45 12.10
CA GLN O 132 13.60 -50.49 11.29
C GLN O 132 14.02 -51.92 10.98
N LYS O 133 13.75 -52.86 11.91
CA LYS O 133 13.93 -54.27 11.60
C LYS O 133 12.82 -54.80 10.69
N LYS O 134 11.66 -54.15 10.70
CA LYS O 134 10.55 -54.54 9.85
C LYS O 134 10.45 -53.64 8.61
N GLU O 286 19.87 -43.02 23.31
CA GLU O 286 21.05 -43.85 23.53
C GLU O 286 22.32 -43.10 23.10
N GLN O 287 22.64 -43.19 21.82
CA GLN O 287 23.68 -42.39 21.20
C GLN O 287 23.13 -41.43 20.16
N MET O 288 21.80 -41.39 19.99
CA MET O 288 21.17 -40.55 18.99
C MET O 288 19.91 -39.86 19.51
N GLY O 289 19.50 -40.11 20.75
CA GLY O 289 18.24 -39.59 21.23
C GLY O 289 18.21 -38.08 21.32
N ILE O 290 17.00 -37.53 21.22
CA ILE O 290 16.77 -36.09 21.29
C ILE O 290 15.60 -35.83 22.22
N ILE O 291 15.80 -34.97 23.21
CA ILE O 291 14.77 -34.66 24.21
C ILE O 291 14.46 -33.18 24.11
N PHE O 292 13.17 -32.87 23.92
CA PHE O 292 12.69 -31.49 23.77
C PHE O 292 12.03 -31.07 25.08
N ILE O 293 12.66 -30.15 25.80
CA ILE O 293 12.16 -29.67 27.09
C ILE O 293 11.49 -28.32 26.84
N ASP O 294 10.18 -28.35 26.65
CA ASP O 294 9.43 -27.14 26.35
C ASP O 294 9.09 -26.39 27.63
N GLU O 295 8.73 -25.12 27.47
CA GLU O 295 8.38 -24.22 28.58
C GLU O 295 9.54 -24.09 29.57
N ILE O 296 10.77 -24.28 29.10
CA ILE O 296 11.91 -24.24 30.01
C ILE O 296 12.11 -22.86 30.60
N ASP O 297 11.53 -21.82 30.01
CA ASP O 297 11.62 -20.48 30.59
C ASP O 297 10.74 -20.34 31.83
N LYS O 298 9.84 -21.29 32.08
CA LYS O 298 8.91 -21.20 33.21
C LYS O 298 9.47 -21.82 34.49
N VAL O 299 10.55 -22.58 34.41
CA VAL O 299 11.14 -23.20 35.60
C VAL O 299 12.31 -22.34 36.09
N ALA O 300 12.27 -21.05 35.79
CA ALA O 300 13.30 -20.12 36.23
C ALA O 300 12.71 -18.92 36.95
N GLN O 313 13.85 -23.24 40.71
CA GLN O 313 15.22 -23.69 40.91
C GLN O 313 15.23 -25.09 41.51
N GLY O 314 14.12 -25.81 41.35
CA GLY O 314 14.01 -27.18 41.79
C GLY O 314 13.92 -28.13 40.62
N VAL O 315 13.13 -27.76 39.62
CA VAL O 315 13.06 -28.54 38.38
C VAL O 315 14.41 -28.50 37.66
N GLN O 316 15.04 -27.32 37.61
CA GLN O 316 16.34 -27.19 36.96
C GLN O 316 17.37 -28.12 37.60
N ARG O 317 17.48 -28.08 38.93
CA ARG O 317 18.43 -28.94 39.63
C ARG O 317 18.06 -30.41 39.55
N ASP O 318 16.83 -30.74 39.14
CA ASP O 318 16.45 -32.13 38.91
C ASP O 318 16.89 -32.62 37.54
N ILE O 319 16.71 -31.78 36.51
CA ILE O 319 17.17 -32.15 35.17
C ILE O 319 18.67 -32.04 35.03
N LEU O 320 19.34 -31.30 35.93
CA LEU O 320 20.79 -31.13 35.86
C LEU O 320 21.56 -32.44 35.73
N PRO O 321 21.36 -33.45 36.59
CA PRO O 321 22.10 -34.71 36.39
C PRO O 321 21.76 -35.39 35.07
N ILE O 322 20.58 -35.15 34.52
CA ILE O 322 20.21 -35.75 33.24
C ILE O 322 21.07 -35.17 32.12
N LEU O 323 21.32 -33.86 32.15
CA LEU O 323 22.18 -33.22 31.16
C LEU O 323 23.65 -33.50 31.41
N GLU O 324 24.05 -33.67 32.68
CA GLU O 324 25.43 -34.01 32.98
C GLU O 324 25.80 -35.37 32.43
N GLY O 325 24.90 -36.35 32.56
CA GLY O 325 25.15 -37.68 32.04
C GLY O 325 25.11 -38.75 33.11
N SER O 326 23.96 -38.91 33.76
CA SER O 326 23.77 -39.94 34.77
C SER O 326 23.18 -41.20 34.15
N VAL O 327 23.16 -42.27 34.94
CA VAL O 327 22.62 -43.55 34.50
C VAL O 327 21.15 -43.63 34.91
N ILE O 328 20.28 -43.87 33.93
CA ILE O 328 18.84 -43.88 34.13
C ILE O 328 18.33 -45.31 34.05
N GLN O 329 17.42 -45.66 34.96
CA GLN O 329 16.88 -47.00 35.05
C GLN O 329 15.63 -47.11 34.17
N THR O 330 15.64 -48.05 33.23
CA THR O 330 14.49 -48.37 32.39
C THR O 330 14.11 -49.83 32.62
N LYS O 331 13.11 -50.29 31.86
CA LYS O 331 12.69 -51.68 31.94
C LYS O 331 13.38 -52.57 30.92
N TYR O 332 14.04 -51.99 29.92
CA TYR O 332 14.87 -52.74 28.99
C TYR O 332 16.34 -52.72 29.39
N GLY O 333 16.65 -52.29 30.60
CA GLY O 333 18.02 -52.13 31.03
C GLY O 333 18.32 -50.70 31.42
N THR O 334 19.60 -50.34 31.46
CA THR O 334 20.03 -48.98 31.79
C THR O 334 20.52 -48.27 30.54
N VAL O 335 20.44 -46.94 30.59
CA VAL O 335 20.83 -46.09 29.47
C VAL O 335 21.76 -45.00 29.99
N ASN O 336 22.64 -44.53 29.11
CA ASN O 336 23.62 -43.49 29.43
C ASN O 336 23.22 -42.21 28.71
N THR O 337 22.75 -41.22 29.48
CA THR O 337 22.33 -39.94 28.94
C THR O 337 23.49 -38.97 28.74
N GLU O 338 24.73 -39.46 28.75
CA GLU O 338 25.88 -38.57 28.58
C GLU O 338 25.88 -37.91 27.21
N HIS O 339 25.44 -38.64 26.18
CA HIS O 339 25.54 -38.19 24.80
C HIS O 339 24.16 -38.09 24.16
N MET O 340 23.17 -37.66 24.93
CA MET O 340 21.84 -37.37 24.41
C MET O 340 21.72 -35.87 24.11
N LEU O 341 21.00 -35.55 23.04
CA LEU O 341 20.86 -34.17 22.60
C LEU O 341 19.62 -33.56 23.25
N PHE O 342 19.83 -32.52 24.04
CA PHE O 342 18.74 -31.82 24.71
C PHE O 342 18.45 -30.51 24.00
N ILE O 343 17.16 -30.20 23.83
CA ILE O 343 16.72 -29.00 23.13
C ILE O 343 15.71 -28.30 24.05
N GLY O 344 16.19 -27.41 24.92
CA GLY O 344 15.29 -26.59 25.70
C GLY O 344 14.74 -25.45 24.87
N ALA O 345 13.46 -25.15 25.10
CA ALA O 345 12.79 -24.12 24.33
C ALA O 345 11.85 -23.33 25.23
N GLY O 346 11.56 -22.11 24.79
CA GLY O 346 10.67 -21.25 25.55
C GLY O 346 10.54 -19.90 24.86
N ALA O 347 9.73 -19.04 25.46
CA ALA O 347 9.54 -17.68 24.96
C ALA O 347 10.35 -16.64 25.73
N PHE O 348 10.56 -16.86 27.02
CA PHE O 348 11.33 -15.95 27.87
C PHE O 348 10.72 -14.55 27.88
N HIS O 349 9.39 -14.48 27.92
CA HIS O 349 8.72 -13.21 28.16
C HIS O 349 8.84 -12.78 29.62
N VAL O 350 8.88 -13.74 30.55
CA VAL O 350 8.93 -13.47 31.97
C VAL O 350 10.30 -13.72 32.57
N SER O 351 11.25 -14.23 31.80
CA SER O 351 12.60 -14.50 32.29
C SER O 351 13.56 -14.41 31.12
N LYS O 352 14.82 -14.73 31.38
CA LYS O 352 15.89 -14.73 30.40
C LYS O 352 16.64 -16.04 30.48
N PRO O 353 17.39 -16.41 29.43
CA PRO O 353 18.37 -17.49 29.59
C PRO O 353 19.40 -17.16 30.66
N SER O 354 19.64 -15.88 30.90
CA SER O 354 20.52 -15.46 31.98
C SER O 354 19.96 -15.82 33.35
N ASP O 355 18.68 -16.17 33.43
CA ASP O 355 18.06 -16.56 34.69
C ASP O 355 18.10 -18.06 34.94
N LEU O 356 18.53 -18.85 33.96
CA LEU O 356 18.76 -20.27 34.18
C LEU O 356 19.90 -20.46 35.17
N ILE O 357 19.92 -21.64 35.80
CA ILE O 357 21.04 -21.93 36.71
C ILE O 357 22.33 -21.98 35.90
N PRO O 358 23.46 -21.51 36.45
CA PRO O 358 24.67 -21.39 35.63
C PRO O 358 25.12 -22.71 35.01
N GLU O 359 24.86 -23.85 35.66
CA GLU O 359 25.22 -25.13 35.08
C GLU O 359 24.42 -25.42 33.81
N LEU O 360 23.24 -24.83 33.66
CA LEU O 360 22.45 -25.01 32.45
C LEU O 360 22.83 -24.04 31.35
N GLN O 361 23.28 -22.83 31.70
CA GLN O 361 23.69 -21.87 30.68
C GLN O 361 24.94 -22.33 29.94
N GLY O 362 25.78 -23.12 30.59
CA GLY O 362 26.99 -23.63 29.96
C GLY O 362 26.76 -24.92 29.20
N ARG O 363 25.65 -25.60 29.49
CA ARG O 363 25.30 -26.84 28.82
C ARG O 363 24.30 -26.64 27.70
N PHE O 364 24.02 -25.39 27.32
CA PHE O 364 23.26 -25.07 26.11
C PHE O 364 24.10 -24.10 25.26
N PRO O 365 25.19 -24.59 24.67
CA PRO O 365 26.09 -23.67 23.96
C PRO O 365 25.51 -23.13 22.66
N ILE O 366 24.60 -23.85 22.04
CA ILE O 366 23.96 -23.39 20.81
C ILE O 366 22.68 -22.67 21.19
N ARG O 367 22.56 -21.40 20.77
CA ARG O 367 21.43 -20.56 21.13
C ARG O 367 20.87 -19.90 19.87
N VAL O 368 19.63 -20.24 19.53
CA VAL O 368 18.95 -19.71 18.35
C VAL O 368 17.75 -18.91 18.82
N GLU O 369 17.59 -17.71 18.27
CA GLU O 369 16.48 -16.81 18.60
C GLU O 369 15.61 -16.71 17.35
N LEU O 370 14.53 -17.50 17.33
CA LEU O 370 13.73 -17.66 16.13
C LEU O 370 12.99 -16.39 15.77
N ASP O 371 12.72 -16.23 14.48
CA ASP O 371 12.05 -15.04 13.97
C ASP O 371 10.54 -15.14 14.18
N SER O 372 9.89 -13.99 14.13
CA SER O 372 8.43 -13.95 14.16
C SER O 372 7.87 -14.36 12.80
N LEU O 373 6.55 -14.41 12.70
CA LEU O 373 5.87 -14.84 11.50
C LEU O 373 5.07 -13.67 10.90
N SER O 374 5.14 -13.54 9.59
CA SER O 374 4.41 -12.51 8.86
C SER O 374 3.25 -13.16 8.09
N VAL O 375 2.40 -12.29 7.54
CA VAL O 375 1.29 -12.77 6.73
C VAL O 375 1.82 -13.46 5.47
N GLU O 376 2.88 -12.93 4.87
CA GLU O 376 3.51 -13.59 3.74
C GLU O 376 4.10 -14.93 4.14
N ASP O 377 4.52 -15.07 5.40
CA ASP O 377 5.00 -16.37 5.87
C ASP O 377 3.86 -17.37 6.01
N PHE O 378 2.65 -16.90 6.33
CA PHE O 378 1.53 -17.82 6.51
C PHE O 378 1.15 -18.49 5.19
N VAL O 379 1.23 -17.75 4.07
CA VAL O 379 0.88 -18.35 2.79
C VAL O 379 1.90 -19.41 2.38
N ARG O 380 3.09 -19.40 2.97
CA ARG O 380 4.08 -20.44 2.71
C ARG O 380 3.93 -21.64 3.63
N ILE O 381 3.50 -21.43 4.89
CA ILE O 381 3.15 -22.57 5.73
C ILE O 381 1.98 -23.33 5.13
N LEU O 382 1.13 -22.64 4.36
CA LEU O 382 -0.07 -23.23 3.80
C LEU O 382 0.18 -23.95 2.48
N THR O 383 1.23 -23.61 1.75
CA THR O 383 1.39 -24.09 0.38
C THR O 383 2.70 -24.81 0.08
N GLU O 384 3.74 -24.64 0.90
CA GLU O 384 5.06 -25.12 0.50
C GLU O 384 5.49 -26.45 1.11
N PRO O 385 5.35 -26.66 2.43
CA PRO O 385 5.94 -27.87 3.03
C PRO O 385 5.35 -29.15 2.46
N LYS O 386 6.18 -30.20 2.45
CA LYS O 386 5.70 -31.53 2.12
C LYS O 386 4.63 -31.94 3.12
N LEU O 387 3.44 -32.27 2.62
CA LEU O 387 2.24 -32.47 3.44
C LEU O 387 1.89 -31.18 4.18
N SER O 388 1.66 -30.13 3.38
CA SER O 388 1.24 -28.83 3.90
C SER O 388 -0.20 -28.93 4.39
N LEU O 389 -0.80 -27.77 4.71
CA LEU O 389 -2.16 -27.78 5.22
C LEU O 389 -3.19 -27.95 4.10
N ILE O 390 -3.15 -27.08 3.09
CA ILE O 390 -4.11 -27.20 2.00
C ILE O 390 -3.87 -28.46 1.18
N LYS O 391 -2.65 -29.00 1.19
CA LYS O 391 -2.42 -30.28 0.54
C LYS O 391 -3.15 -31.41 1.27
N GLN O 392 -3.36 -31.26 2.58
CA GLN O 392 -4.14 -32.25 3.33
C GLN O 392 -5.61 -32.18 2.94
N TYR O 393 -6.18 -30.98 2.91
CA TYR O 393 -7.59 -30.84 2.56
C TYR O 393 -7.85 -31.20 1.10
N GLU O 394 -6.84 -31.05 0.24
CA GLU O 394 -6.95 -31.57 -1.12
C GLU O 394 -7.06 -33.09 -1.12
N ALA O 395 -6.23 -33.75 -0.32
CA ALA O 395 -6.24 -35.21 -0.28
C ALA O 395 -7.48 -35.73 0.45
N LEU O 396 -7.87 -35.08 1.55
CA LEU O 396 -9.02 -35.54 2.31
C LEU O 396 -10.30 -35.42 1.49
N LEU O 397 -10.45 -34.33 0.73
CA LEU O 397 -11.64 -34.15 -0.09
C LEU O 397 -11.53 -34.86 -1.43
N GLN O 398 -10.33 -35.26 -1.84
CA GLN O 398 -10.20 -36.12 -3.01
C GLN O 398 -10.77 -37.51 -2.74
N THR O 399 -10.77 -37.93 -1.47
CA THR O 399 -11.42 -39.18 -1.10
C THR O 399 -12.88 -39.20 -1.49
N GLU O 400 -13.58 -38.08 -1.29
CA GLU O 400 -14.97 -37.93 -1.72
C GLU O 400 -15.11 -37.74 -3.22
N GLU O 401 -14.05 -37.97 -4.00
CA GLU O 401 -14.03 -37.68 -5.44
C GLU O 401 -14.41 -36.22 -5.69
N VAL O 402 -13.75 -35.31 -4.97
CA VAL O 402 -14.01 -33.89 -5.06
C VAL O 402 -12.66 -33.17 -5.20
N THR O 403 -12.55 -32.30 -6.19
CA THR O 403 -11.33 -31.54 -6.47
C THR O 403 -11.54 -30.11 -6.01
N VAL O 404 -10.70 -29.66 -5.08
CA VAL O 404 -10.82 -28.33 -4.48
C VAL O 404 -9.73 -27.44 -5.07
N ASN O 405 -10.11 -26.25 -5.50
CA ASN O 405 -9.21 -25.28 -6.10
C ASN O 405 -8.99 -24.14 -5.09
N PHE O 406 -7.84 -24.16 -4.43
CA PHE O 406 -7.45 -23.07 -3.53
C PHE O 406 -6.74 -22.02 -4.38
N THR O 407 -7.47 -20.96 -4.74
CA THR O 407 -6.86 -19.88 -5.50
C THR O 407 -5.89 -19.10 -4.61
N ASP O 408 -4.79 -18.65 -5.21
CA ASP O 408 -3.80 -17.88 -4.45
C ASP O 408 -4.43 -16.62 -3.86
N GLU O 409 -5.42 -16.03 -4.54
CA GLU O 409 -6.13 -14.88 -3.99
C GLU O 409 -6.92 -15.24 -2.74
N ALA O 410 -7.32 -16.51 -2.59
CA ALA O 410 -7.97 -16.98 -1.38
C ALA O 410 -6.99 -17.53 -0.36
N ILE O 411 -5.90 -18.17 -0.81
CA ILE O 411 -4.85 -18.61 0.10
C ILE O 411 -4.29 -17.42 0.86
N THR O 412 -3.98 -16.34 0.16
CA THR O 412 -3.52 -15.12 0.81
C THR O 412 -4.60 -14.55 1.72
N ARG O 413 -5.86 -14.65 1.31
CA ARG O 413 -6.95 -14.11 2.11
C ARG O 413 -7.09 -14.85 3.43
N LEU O 414 -6.90 -16.17 3.41
CA LEU O 414 -6.92 -16.95 4.65
C LEU O 414 -5.79 -16.55 5.59
N ALA O 415 -4.64 -16.18 5.03
CA ALA O 415 -3.50 -15.80 5.86
C ALA O 415 -3.71 -14.44 6.50
N GLU O 416 -4.30 -13.50 5.77
CA GLU O 416 -4.55 -12.17 6.34
C GLU O 416 -5.58 -12.24 7.45
N ILE O 417 -6.64 -13.03 7.27
CA ILE O 417 -7.65 -13.15 8.30
C ILE O 417 -7.08 -13.87 9.53
N ALA O 418 -6.24 -14.88 9.32
CA ALA O 418 -5.60 -15.55 10.43
C ALA O 418 -4.61 -14.62 11.13
N TYR O 419 -3.84 -13.84 10.37
CA TYR O 419 -2.90 -12.90 10.96
C TYR O 419 -3.63 -11.78 11.69
N GLN O 420 -4.79 -11.35 11.18
CA GLN O 420 -5.53 -10.28 11.83
C GLN O 420 -6.07 -10.72 13.18
N VAL O 421 -6.79 -11.83 13.22
CA VAL O 421 -7.40 -12.31 14.45
C VAL O 421 -6.33 -12.70 15.48
N ASN O 422 -5.10 -12.95 15.03
CA ASN O 422 -4.00 -13.11 15.98
C ASN O 422 -3.68 -11.78 16.68
N GLN O 423 -3.77 -10.67 15.95
CA GLN O 423 -3.50 -9.38 16.57
C GLN O 423 -4.64 -8.94 17.48
N ASP O 424 -5.86 -9.44 17.24
CA ASP O 424 -7.02 -8.98 17.99
C ASP O 424 -7.14 -9.67 19.34
N THR O 425 -6.85 -10.98 19.40
CA THR O 425 -7.06 -11.74 20.62
C THR O 425 -5.73 -12.09 21.23
N ASP O 426 -5.13 -13.24 20.89
CA ASP O 426 -4.02 -13.78 21.65
C ASP O 426 -2.75 -14.03 20.85
N ASN O 427 -2.83 -14.09 19.52
CA ASN O 427 -1.68 -14.37 18.66
C ASN O 427 -1.04 -15.70 19.01
N ILE O 428 -1.62 -16.80 18.50
CA ILE O 428 -1.07 -18.14 18.70
C ILE O 428 -0.16 -18.55 17.56
N GLY O 429 0.19 -17.62 16.67
CA GLY O 429 1.12 -17.96 15.61
C GLY O 429 0.45 -18.73 14.48
N ALA O 430 1.18 -19.71 13.94
CA ALA O 430 0.67 -20.53 12.85
C ALA O 430 -0.41 -21.53 13.29
N ARG O 431 -0.69 -21.61 14.59
CA ARG O 431 -1.76 -22.49 15.05
C ARG O 431 -3.14 -21.93 14.72
N ARG O 432 -3.22 -20.63 14.41
CA ARG O 432 -4.50 -20.03 14.05
C ARG O 432 -5.06 -20.58 12.75
N LEU O 433 -4.20 -21.11 11.88
CA LEU O 433 -4.66 -21.55 10.56
C LEU O 433 -5.56 -22.77 10.65
N HIS O 434 -5.35 -23.65 11.64
CA HIS O 434 -6.14 -24.88 11.74
C HIS O 434 -7.63 -24.57 11.89
N THR O 435 -7.96 -23.62 12.75
CA THR O 435 -9.36 -23.27 12.97
C THR O 435 -9.94 -22.47 11.81
N ILE O 436 -9.12 -21.64 11.16
CA ILE O 436 -9.61 -20.83 10.05
C ILE O 436 -10.01 -21.70 8.87
N LEU O 437 -9.20 -22.72 8.57
CA LEU O 437 -9.50 -23.58 7.42
C LEU O 437 -10.73 -24.44 7.68
N GLU O 438 -10.84 -25.00 8.89
CA GLU O 438 -11.98 -25.87 9.19
C GLU O 438 -13.30 -25.12 9.22
N LYS O 439 -13.27 -23.80 9.45
CA LYS O 439 -14.52 -23.04 9.50
C LYS O 439 -15.01 -22.65 8.12
N MET O 440 -14.11 -22.37 7.17
CA MET O 440 -14.56 -22.00 5.83
C MET O 440 -14.79 -23.21 4.94
N LEU O 441 -14.09 -24.32 5.18
CA LEU O 441 -14.41 -25.58 4.54
C LEU O 441 -15.56 -26.31 5.20
N GLU O 442 -16.30 -25.60 6.05
CA GLU O 442 -17.36 -26.20 6.86
C GLU O 442 -18.43 -26.82 5.98
N ASP O 443 -19.06 -26.01 5.12
CA ASP O 443 -20.17 -26.51 4.31
C ASP O 443 -19.69 -27.46 3.22
N LEU O 444 -18.45 -27.31 2.78
CA LEU O 444 -17.91 -28.23 1.77
C LEU O 444 -17.74 -29.62 2.35
N SER O 445 -17.14 -29.72 3.54
CA SER O 445 -16.89 -31.03 4.14
C SER O 445 -18.19 -31.76 4.44
N PHE O 446 -19.22 -31.04 4.88
CA PHE O 446 -20.49 -31.67 5.19
C PHE O 446 -21.23 -32.09 3.93
N GLU O 447 -21.03 -31.36 2.82
CA GLU O 447 -21.77 -31.62 1.59
C GLU O 447 -20.99 -32.42 0.57
N ALA O 448 -19.70 -32.70 0.82
CA ALA O 448 -18.87 -33.33 -0.20
C ALA O 448 -19.39 -34.68 -0.69
N PRO O 449 -19.87 -35.60 0.16
CA PRO O 449 -20.41 -36.86 -0.37
C PRO O 449 -21.59 -36.66 -1.31
N SER O 450 -22.38 -35.59 -1.13
CA SER O 450 -23.52 -35.31 -1.97
C SER O 450 -23.16 -34.52 -3.23
N MET O 451 -21.90 -34.58 -3.66
CA MET O 451 -21.46 -33.89 -4.87
C MET O 451 -20.18 -34.56 -5.38
N PRO O 452 -20.28 -35.70 -6.04
CA PRO O 452 -19.07 -36.41 -6.49
C PRO O 452 -18.61 -35.97 -7.87
N ASN O 453 -17.31 -36.16 -8.10
CA ASN O 453 -16.65 -35.81 -9.37
C ASN O 453 -16.86 -34.34 -9.72
N ALA O 454 -16.98 -33.50 -8.70
CA ALA O 454 -17.13 -32.07 -8.87
C ALA O 454 -15.79 -31.36 -8.71
N VAL O 455 -15.74 -30.12 -9.18
CA VAL O 455 -14.58 -29.26 -9.02
C VAL O 455 -15.04 -27.98 -8.35
N VAL O 456 -14.50 -27.71 -7.16
CA VAL O 456 -14.93 -26.58 -6.34
C VAL O 456 -13.81 -25.53 -6.33
N ASP O 457 -14.20 -24.27 -6.51
CA ASP O 457 -13.27 -23.16 -6.53
C ASP O 457 -13.38 -22.38 -5.22
N ILE O 458 -12.31 -22.38 -4.44
CA ILE O 458 -12.23 -21.55 -3.25
C ILE O 458 -11.72 -20.18 -3.68
N THR O 459 -12.55 -19.17 -3.51
CA THR O 459 -12.26 -17.80 -3.89
C THR O 459 -12.23 -16.89 -2.67
N PRO O 460 -11.53 -15.76 -2.74
CA PRO O 460 -11.55 -14.82 -1.60
C PRO O 460 -12.93 -14.28 -1.30
N GLN O 461 -13.82 -14.22 -2.30
CA GLN O 461 -15.20 -13.83 -2.03
C GLN O 461 -15.90 -14.88 -1.16
N TYR O 462 -15.66 -16.16 -1.44
CA TYR O 462 -16.25 -17.21 -0.61
C TYR O 462 -15.59 -17.28 0.75
N VAL O 463 -14.28 -17.03 0.82
CA VAL O 463 -13.59 -16.97 2.11
C VAL O 463 -14.16 -15.85 2.97
N ASP O 464 -14.32 -14.66 2.38
CA ASP O 464 -14.89 -13.54 3.13
C ASP O 464 -16.34 -13.81 3.52
N ASP O 465 -17.09 -14.48 2.65
CA ASP O 465 -18.49 -14.79 2.99
C ASP O 465 -18.61 -15.79 4.12
N LYS O 466 -17.54 -16.54 4.41
CA LYS O 466 -17.59 -17.56 5.45
C LYS O 466 -17.03 -17.10 6.78
N LEU O 467 -16.09 -16.14 6.78
CA LEU O 467 -15.49 -15.72 8.04
C LEU O 467 -14.86 -14.34 8.02
N LYS O 468 -15.42 -13.41 7.24
CA LYS O 468 -15.00 -12.02 7.38
C LYS O 468 -15.84 -11.27 8.39
N SER O 469 -17.10 -11.65 8.56
CA SER O 469 -17.92 -11.07 9.61
C SER O 469 -17.43 -11.53 10.99
N ILE O 470 -17.01 -12.80 11.09
CA ILE O 470 -16.58 -13.34 12.38
C ILE O 470 -15.26 -12.72 12.81
N SER O 471 -14.33 -12.54 11.88
CA SER O 471 -13.05 -11.92 12.23
C SER O 471 -13.21 -10.47 12.67
N THR O 472 -14.27 -9.80 12.22
CA THR O 472 -14.56 -8.44 12.65
C THR O 472 -15.16 -8.39 14.05
N ASN O 473 -15.59 -9.52 14.60
CA ASN O 473 -16.21 -9.61 15.92
C ASN O 473 -15.19 -10.23 16.88
N LYS O 474 -14.50 -9.38 17.63
CA LYS O 474 -13.48 -9.87 18.55
C LYS O 474 -14.08 -10.80 19.61
N ASP O 475 -15.20 -10.39 20.22
CA ASP O 475 -15.81 -11.21 21.26
C ASP O 475 -16.25 -12.56 20.72
N LEU O 476 -16.71 -12.61 19.46
CA LEU O 476 -17.15 -13.87 18.89
C LEU O 476 -15.95 -14.72 18.44
N SER O 477 -14.94 -14.09 17.84
CA SER O 477 -13.78 -14.84 17.37
C SER O 477 -12.92 -15.36 18.51
N ALA O 478 -13.08 -14.82 19.72
CA ALA O 478 -12.38 -15.37 20.87
C ALA O 478 -12.88 -16.76 21.19
N PHE O 479 -14.13 -17.07 20.83
CA PHE O 479 -14.73 -18.37 21.05
C PHE O 479 -14.61 -19.31 19.86
N ILE O 480 -15.03 -18.85 18.67
CA ILE O 480 -15.25 -19.73 17.53
C ILE O 480 -14.10 -19.70 16.53
N LEU O 481 -13.11 -18.83 16.71
CA LEU O 481 -11.98 -18.77 15.78
C LEU O 481 -10.66 -19.16 16.45
N ALA P 18 -18.04 -51.13 10.92
CA ALA P 18 -17.53 -50.10 10.04
C ALA P 18 -18.54 -48.98 9.84
N GLY P 19 -18.84 -48.27 10.91
CA GLY P 19 -19.66 -47.07 10.82
C GLY P 19 -18.93 -45.84 10.32
N ILE P 20 -17.65 -46.00 9.96
CA ILE P 20 -16.88 -44.89 9.41
C ILE P 20 -17.50 -44.41 8.11
N ARG P 21 -18.01 -45.34 7.29
CA ARG P 21 -18.57 -45.06 5.97
C ARG P 21 -19.88 -44.28 6.01
N LEU P 22 -20.32 -43.79 7.16
CA LEU P 22 -21.58 -43.07 7.24
C LEU P 22 -21.41 -41.63 6.76
N THR P 23 -22.25 -41.23 5.82
CA THR P 23 -22.25 -39.87 5.30
C THR P 23 -22.59 -38.88 6.41
N PRO P 24 -21.94 -37.71 6.44
CA PRO P 24 -22.31 -36.70 7.44
C PRO P 24 -23.79 -36.38 7.47
N LYS P 25 -24.49 -36.47 6.34
CA LYS P 25 -25.93 -36.25 6.33
C LYS P 25 -26.66 -37.34 7.08
N GLU P 26 -26.30 -38.60 6.85
CA GLU P 26 -26.98 -39.70 7.54
C GLU P 26 -26.54 -39.84 8.99
N ILE P 27 -25.33 -39.38 9.34
CA ILE P 27 -24.95 -39.32 10.75
C ILE P 27 -25.87 -38.37 11.50
N VAL P 28 -26.25 -37.26 10.87
CA VAL P 28 -27.23 -36.36 11.47
C VAL P 28 -28.57 -37.06 11.62
N SER P 29 -29.01 -37.77 10.58
CA SER P 29 -30.27 -38.49 10.66
C SER P 29 -30.23 -39.60 11.70
N LYS P 30 -29.05 -40.17 11.95
CA LYS P 30 -28.92 -41.12 13.06
C LYS P 30 -29.07 -40.41 14.41
N LEU P 31 -28.59 -39.18 14.52
CA LEU P 31 -28.66 -38.43 15.76
C LEU P 31 -29.99 -37.70 15.96
N ASN P 32 -30.70 -37.41 14.87
CA ASN P 32 -32.00 -36.73 14.99
C ASN P 32 -33.05 -37.60 15.65
N GLU P 33 -32.82 -38.92 15.72
CA GLU P 33 -33.77 -39.80 16.39
C GLU P 33 -33.74 -39.59 17.90
N TYR P 34 -32.54 -39.38 18.46
CA TYR P 34 -32.36 -39.30 19.91
C TYR P 34 -32.23 -37.87 20.42
N ILE P 35 -31.71 -36.95 19.61
CA ILE P 35 -31.47 -35.57 20.04
C ILE P 35 -32.42 -34.66 19.29
N VAL P 36 -32.89 -33.61 19.98
CA VAL P 36 -33.78 -32.60 19.40
C VAL P 36 -33.03 -31.29 19.32
N GLY P 37 -33.07 -30.66 18.15
CA GLY P 37 -32.38 -29.40 17.98
C GLY P 37 -30.88 -29.58 17.90
N GLN P 38 -30.18 -28.46 18.11
CA GLN P 38 -28.71 -28.42 18.05
C GLN P 38 -28.21 -28.97 16.72
N ASN P 39 -28.80 -28.48 15.63
CA ASN P 39 -28.44 -29.00 14.32
C ASN P 39 -27.03 -28.60 13.93
N ASP P 40 -26.65 -27.34 14.18
CA ASP P 40 -25.28 -26.92 13.90
C ASP P 40 -24.28 -27.73 14.70
N ALA P 41 -24.66 -28.18 15.89
CA ALA P 41 -23.80 -29.07 16.67
C ALA P 41 -23.72 -30.45 16.03
N LYS P 42 -24.84 -30.95 15.48
CA LYS P 42 -24.82 -32.25 14.83
C LYS P 42 -24.04 -32.21 13.52
N ARG P 43 -24.03 -31.07 12.83
CA ARG P 43 -23.29 -30.96 11.58
C ARG P 43 -21.78 -30.98 11.84
N LYS P 44 -21.29 -30.05 12.65
CA LYS P 44 -19.86 -29.98 12.94
C LYS P 44 -19.34 -31.26 13.56
N VAL P 45 -20.20 -31.98 14.29
CA VAL P 45 -19.76 -33.23 14.90
C VAL P 45 -19.73 -34.35 13.88
N ALA P 46 -20.52 -34.24 12.81
CA ALA P 46 -20.55 -35.28 11.78
C ALA P 46 -19.39 -35.14 10.80
N ILE P 47 -18.90 -33.91 10.57
CA ILE P 47 -17.75 -33.74 9.70
C ILE P 47 -16.45 -34.14 10.41
N ALA P 48 -16.43 -34.11 11.74
CA ALA P 48 -15.24 -34.55 12.47
C ALA P 48 -15.05 -36.05 12.36
N LEU P 49 -16.14 -36.80 12.20
CA LEU P 49 -16.04 -38.24 12.01
C LEU P 49 -15.76 -38.58 10.56
N ARG P 50 -16.32 -37.82 9.63
CA ARG P 50 -16.05 -38.07 8.21
C ARG P 50 -14.57 -37.90 7.90
N ASN P 51 -13.89 -36.98 8.58
CA ASN P 51 -12.45 -36.84 8.42
C ASN P 51 -11.69 -38.07 8.88
N ARG P 52 -12.28 -38.86 9.78
CA ARG P 52 -11.63 -40.11 10.19
C ARG P 52 -11.72 -41.14 9.07
N TYR P 53 -12.83 -41.15 8.33
CA TYR P 53 -12.93 -42.01 7.15
C TYR P 53 -12.12 -41.48 5.99
N ARG P 54 -11.95 -40.15 5.91
CA ARG P 54 -11.11 -39.57 4.87
C ARG P 54 -9.63 -39.84 5.13
N ARG P 55 -9.21 -39.77 6.39
CA ARG P 55 -7.81 -40.03 6.71
C ARG P 55 -7.46 -41.50 6.45
N SER P 56 -8.40 -42.41 6.71
CA SER P 56 -8.14 -43.83 6.52
C SER P 56 -7.93 -44.22 5.07
N LEU P 57 -8.28 -43.35 4.12
CA LEU P 57 -8.21 -43.67 2.70
C LEU P 57 -7.04 -42.97 2.01
N LEU P 58 -6.02 -42.57 2.76
CA LEU P 58 -4.84 -41.92 2.21
C LEU P 58 -3.62 -42.83 2.39
N ASP P 59 -2.46 -42.34 1.98
CA ASP P 59 -1.24 -43.12 2.10
C ASP P 59 -0.82 -43.19 3.57
N GLU P 60 0.29 -43.89 3.83
CA GLU P 60 0.71 -44.11 5.21
C GLU P 60 1.21 -42.84 5.88
N GLU P 61 1.88 -41.96 5.12
CA GLU P 61 2.39 -40.75 5.75
C GLU P 61 1.29 -39.72 5.97
N SER P 62 0.36 -39.59 5.00
CA SER P 62 -0.76 -38.67 5.20
C SER P 62 -1.66 -39.13 6.34
N LYS P 63 -1.72 -40.44 6.60
CA LYS P 63 -2.46 -40.94 7.75
C LYS P 63 -1.84 -40.49 9.05
N GLN P 64 -0.51 -40.32 9.08
CA GLN P 64 0.19 -40.00 10.32
C GLN P 64 0.42 -38.51 10.52
N GLU P 65 0.37 -37.70 9.45
CA GLU P 65 0.76 -36.30 9.55
C GLU P 65 -0.42 -35.35 9.67
N ILE P 66 -1.66 -35.83 9.55
CA ILE P 66 -2.82 -34.99 9.79
C ILE P 66 -3.39 -35.32 11.16
N SER P 67 -3.80 -34.32 11.87
CA SER P 67 -4.27 -34.50 13.24
C SER P 67 -5.79 -34.57 13.27
N PRO P 68 -6.36 -35.24 14.27
CA PRO P 68 -7.82 -35.39 14.32
C PRO P 68 -8.53 -34.04 14.42
N LYS P 69 -9.76 -34.00 13.92
CA LYS P 69 -10.57 -32.78 13.95
C LYS P 69 -11.35 -32.76 15.26
N ASN P 70 -10.63 -32.39 16.34
CA ASN P 70 -11.25 -32.33 17.65
C ASN P 70 -12.21 -31.16 17.75
N ILE P 71 -13.24 -31.33 18.58
CA ILE P 71 -14.36 -30.42 18.65
C ILE P 71 -14.37 -29.76 20.02
N LEU P 72 -14.74 -28.48 20.05
CA LEU P 72 -14.90 -27.73 21.29
C LEU P 72 -16.36 -27.29 21.39
N MET P 73 -17.12 -27.95 22.25
CA MET P 73 -18.53 -27.63 22.44
C MET P 73 -18.67 -26.52 23.47
N ILE P 74 -19.34 -25.44 23.09
CA ILE P 74 -19.57 -24.30 23.96
C ILE P 74 -21.08 -24.17 24.17
N GLY P 75 -21.50 -23.98 25.42
CA GLY P 75 -22.90 -23.83 25.73
C GLY P 75 -23.18 -24.02 27.20
N PRO P 76 -24.38 -23.63 27.64
CA PRO P 76 -24.75 -23.82 29.05
C PRO P 76 -25.04 -25.28 29.37
N THR P 77 -25.36 -25.56 30.63
CA THR P 77 -25.68 -26.93 31.04
C THR P 77 -27.11 -27.27 30.65
N GLY P 78 -27.35 -28.57 30.45
CA GLY P 78 -28.67 -29.04 30.12
C GLY P 78 -29.09 -28.85 28.67
N VAL P 79 -28.22 -28.27 27.83
CA VAL P 79 -28.54 -28.13 26.41
C VAL P 79 -28.22 -29.40 25.63
N GLY P 80 -27.60 -30.38 26.27
CA GLY P 80 -27.36 -31.67 25.63
C GLY P 80 -26.09 -31.72 24.81
N LYS P 81 -24.99 -31.17 25.33
CA LYS P 81 -23.70 -31.26 24.66
C LYS P 81 -22.88 -32.47 25.12
N THR P 82 -23.51 -33.44 25.78
CA THR P 82 -22.88 -34.70 26.11
C THR P 82 -23.56 -35.88 25.44
N GLU P 83 -24.89 -35.91 25.41
CA GLU P 83 -25.59 -36.98 24.71
C GLU P 83 -25.37 -36.90 23.20
N ILE P 84 -25.13 -35.69 22.67
CA ILE P 84 -24.71 -35.57 21.28
C ILE P 84 -23.40 -36.32 21.07
N ALA P 85 -22.48 -36.21 22.03
CA ALA P 85 -21.26 -36.99 21.99
C ALA P 85 -21.49 -38.45 22.38
N ARG P 86 -22.42 -38.69 23.30
CA ARG P 86 -22.70 -40.06 23.73
C ARG P 86 -23.37 -40.85 22.62
N ARG P 87 -24.41 -40.29 22.01
CA ARG P 87 -25.11 -40.99 20.93
C ARG P 87 -24.25 -41.13 19.69
N MET P 88 -23.40 -40.14 19.41
CA MET P 88 -22.58 -40.20 18.21
C MET P 88 -21.61 -41.38 18.26
N ALA P 89 -21.07 -41.68 19.44
CA ALA P 89 -20.18 -42.83 19.57
C ALA P 89 -20.92 -44.14 19.35
N LYS P 90 -22.21 -44.19 19.67
CA LYS P 90 -22.98 -45.42 19.48
C LYS P 90 -23.40 -45.61 18.03
N VAL P 91 -23.81 -44.54 17.36
CA VAL P 91 -24.29 -44.67 15.97
C VAL P 91 -23.17 -45.15 15.05
N VAL P 92 -21.92 -44.84 15.37
CA VAL P 92 -20.80 -45.32 14.59
C VAL P 92 -20.07 -46.47 15.27
N GLY P 93 -20.51 -46.87 16.47
CA GLY P 93 -19.87 -47.95 17.19
C GLY P 93 -18.45 -47.59 17.56
N ALA P 94 -18.29 -46.75 18.58
CA ALA P 94 -16.99 -46.24 18.96
C ALA P 94 -16.83 -46.27 20.48
N PRO P 95 -15.63 -46.57 20.98
CA PRO P 95 -15.40 -46.49 22.42
C PRO P 95 -15.49 -45.04 22.89
N PHE P 96 -16.29 -44.81 23.93
CA PHE P 96 -16.56 -43.47 24.43
C PHE P 96 -16.29 -43.42 25.92
N ILE P 97 -15.76 -42.29 26.37
CA ILE P 97 -15.52 -42.04 27.79
C ILE P 97 -15.75 -40.55 28.04
N LYS P 98 -16.26 -40.24 29.23
CA LYS P 98 -16.46 -38.87 29.67
C LYS P 98 -15.71 -38.66 30.98
N VAL P 99 -14.88 -37.61 31.02
CA VAL P 99 -14.11 -37.29 32.22
C VAL P 99 -14.30 -35.82 32.53
N GLU P 100 -14.26 -35.50 33.83
CA GLU P 100 -14.32 -34.13 34.29
C GLU P 100 -12.90 -33.60 34.44
N ALA P 101 -12.57 -32.57 33.65
CA ALA P 101 -11.21 -32.04 33.66
C ALA P 101 -10.79 -31.50 35.02
N THR P 102 -11.77 -31.17 35.88
CA THR P 102 -11.44 -30.65 37.20
C THR P 102 -10.82 -31.72 38.11
N LYS P 103 -11.07 -33.00 37.85
CA LYS P 103 -10.57 -34.05 38.73
C LYS P 103 -9.06 -34.20 38.69
N PHE P 104 -8.38 -33.54 37.75
CA PHE P 104 -6.93 -33.52 37.69
C PHE P 104 -6.33 -32.26 38.31
N THR P 105 -7.17 -31.31 38.73
CA THR P 105 -6.66 -30.02 39.19
C THR P 105 -5.96 -30.15 40.54
N GLU P 106 -6.64 -30.76 41.52
CA GLU P 106 -6.07 -30.87 42.85
C GLU P 106 -4.87 -31.82 42.88
N LEU P 107 -4.82 -32.77 41.95
CA LEU P 107 -3.72 -33.72 41.87
C LEU P 107 -2.47 -33.05 41.29
N ARG P 112 -2.48 -35.07 38.06
CA ARG P 112 -1.76 -36.34 38.03
C ARG P 112 -2.57 -37.46 37.40
N ASP P 113 -1.86 -38.41 36.78
CA ASP P 113 -2.47 -39.58 36.15
C ASP P 113 -3.50 -39.17 35.10
N VAL P 114 -3.11 -38.22 34.24
CA VAL P 114 -3.97 -37.83 33.14
C VAL P 114 -4.13 -38.97 32.15
N GLU P 115 -3.13 -39.85 32.04
CA GLU P 115 -3.23 -41.01 31.16
C GLU P 115 -4.36 -41.95 31.55
N SER P 116 -5.01 -41.74 32.69
CA SER P 116 -6.09 -42.64 33.11
C SER P 116 -7.27 -42.60 32.15
N MET P 117 -7.54 -41.43 31.55
CA MET P 117 -8.67 -41.34 30.63
C MET P 117 -8.44 -42.20 29.39
N VAL P 118 -7.20 -42.32 28.94
CA VAL P 118 -6.89 -43.25 27.85
C VAL P 118 -6.95 -44.69 28.36
N ARG P 119 -6.47 -44.93 29.58
CA ARG P 119 -6.53 -46.25 30.17
C ARG P 119 -7.96 -46.67 30.46
N ASP P 120 -8.81 -45.72 30.87
CA ASP P 120 -10.22 -46.03 31.10
C ASP P 120 -10.95 -46.30 29.79
N LEU P 121 -10.50 -45.67 28.69
CA LEU P 121 -11.19 -45.85 27.41
C LEU P 121 -11.09 -47.28 26.92
N VAL P 122 -9.93 -47.91 27.11
CA VAL P 122 -9.77 -49.31 26.70
C VAL P 122 -10.68 -50.21 27.52
N ASP P 123 -10.89 -49.88 28.80
CA ASP P 123 -11.79 -50.67 29.63
C ASP P 123 -13.24 -50.60 29.16
N VAL P 124 -13.57 -49.64 28.30
CA VAL P 124 -14.86 -49.65 27.61
C VAL P 124 -14.70 -50.12 26.16
N SER P 125 -13.49 -50.11 25.63
CA SER P 125 -13.24 -50.65 24.30
C SER P 125 -13.21 -52.17 24.29
N VAL P 126 -12.79 -52.80 25.40
CA VAL P 126 -12.75 -54.25 25.45
C VAL P 126 -14.05 -54.83 26.00
N ARG P 127 -14.71 -54.16 26.95
CA ARG P 127 -16.02 -54.60 27.40
C ARG P 127 -17.08 -54.40 26.33
N LEU P 128 -16.75 -53.74 25.22
CA LEU P 128 -17.61 -53.63 24.05
C LEU P 128 -17.38 -54.77 23.07
N VAL P 129 -16.12 -55.09 22.80
CA VAL P 129 -15.80 -56.26 21.98
C VAL P 129 -16.24 -57.54 22.68
N LYS P 130 -16.34 -57.52 24.00
CA LYS P 130 -16.86 -58.66 24.75
C LYS P 130 -18.31 -59.00 24.41
N ALA P 131 -18.96 -58.17 23.60
CA ALA P 131 -20.33 -58.44 23.15
C ALA P 131 -20.59 -57.81 21.79
N LEU P 284 -8.98 -53.28 21.83
CA LEU P 284 -7.80 -52.45 21.62
C LEU P 284 -7.66 -52.08 20.14
N ALA P 285 -6.49 -51.58 19.77
CA ALA P 285 -6.21 -51.13 18.40
C ALA P 285 -7.31 -50.20 17.91
N GLU P 286 -7.59 -49.16 18.69
CA GLU P 286 -8.74 -48.31 18.46
C GLU P 286 -8.34 -47.04 17.72
N GLN P 287 -8.69 -46.98 16.45
CA GLN P 287 -8.78 -45.75 15.68
C GLN P 287 -10.16 -45.13 15.76
N MET P 288 -11.01 -45.61 16.67
CA MET P 288 -12.38 -45.15 16.81
C MET P 288 -12.65 -44.48 18.15
N GLY P 289 -11.70 -44.49 19.08
CA GLY P 289 -11.91 -43.95 20.41
C GLY P 289 -12.29 -42.48 20.46
N ILE P 290 -13.32 -42.16 21.25
CA ILE P 290 -13.82 -40.80 21.42
C ILE P 290 -13.74 -40.45 22.89
N ILE P 291 -12.96 -39.42 23.21
CA ILE P 291 -12.74 -38.99 24.59
C ILE P 291 -13.42 -37.63 24.79
N PHE P 292 -14.24 -37.53 25.83
CA PHE P 292 -15.02 -36.33 26.13
C PHE P 292 -14.47 -35.69 27.39
N ILE P 293 -13.77 -34.56 27.24
CA ILE P 293 -13.21 -33.82 28.36
C ILE P 293 -14.21 -32.72 28.72
N ASP P 294 -14.98 -32.95 29.78
CA ASP P 294 -15.96 -31.99 30.25
C ASP P 294 -15.31 -30.98 31.19
N GLU P 295 -15.97 -29.82 31.32
CA GLU P 295 -15.53 -28.75 32.21
C GLU P 295 -14.11 -28.27 31.86
N ILE P 296 -13.77 -28.31 30.57
CA ILE P 296 -12.44 -27.87 30.15
C ILE P 296 -12.26 -26.38 30.35
N ASP P 297 -13.36 -25.62 30.46
CA ASP P 297 -13.26 -24.19 30.74
C ASP P 297 -12.85 -23.90 32.17
N LYS P 298 -12.71 -24.92 33.01
CA LYS P 298 -12.30 -24.72 34.40
C LYS P 298 -10.79 -24.85 34.60
N VAL P 299 -10.08 -25.42 33.64
CA VAL P 299 -8.63 -25.53 33.71
C VAL P 299 -7.94 -24.41 32.94
N ALA P 300 -8.68 -23.38 32.54
CA ALA P 300 -8.13 -22.22 31.87
C ALA P 300 -8.37 -20.98 32.72
N THR P 301 -7.51 -19.97 32.55
CA THR P 301 -7.65 -18.72 33.30
C THR P 301 -7.22 -17.53 32.45
N GLY P 314 -1.20 -25.80 33.74
CA GLY P 314 -0.92 -26.90 34.65
C GLY P 314 -1.58 -28.20 34.23
N VAL P 315 -2.92 -28.19 34.19
CA VAL P 315 -3.66 -29.36 33.77
C VAL P 315 -3.58 -29.54 32.26
N GLN P 316 -3.70 -28.43 31.50
CA GLN P 316 -3.69 -28.51 30.05
C GLN P 316 -2.36 -29.04 29.52
N ARG P 317 -1.25 -28.74 30.22
CA ARG P 317 0.04 -29.21 29.76
C ARG P 317 0.24 -30.70 30.00
N ASP P 318 -0.55 -31.30 30.89
CA ASP P 318 -0.54 -32.74 31.05
C ASP P 318 -1.50 -33.42 30.08
N ILE P 319 -2.60 -32.76 29.72
CA ILE P 319 -3.49 -33.27 28.69
C ILE P 319 -2.89 -33.07 27.31
N LEU P 320 -1.98 -32.10 27.16
CA LEU P 320 -1.35 -31.82 25.86
C LEU P 320 -0.74 -33.05 25.18
N PRO P 321 0.13 -33.84 25.82
CA PRO P 321 0.70 -34.99 25.09
C PRO P 321 -0.34 -36.00 24.66
N ILE P 322 -1.48 -36.07 25.35
CA ILE P 322 -2.54 -36.98 24.93
C ILE P 322 -3.11 -36.54 23.59
N LEU P 323 -3.39 -35.24 23.45
CA LEU P 323 -3.89 -34.73 22.17
C LEU P 323 -2.79 -34.66 21.14
N GLU P 324 -1.57 -34.31 21.55
CA GLU P 324 -0.44 -34.31 20.62
C GLU P 324 -0.19 -35.72 20.07
N GLY P 325 -0.31 -36.73 20.92
CA GLY P 325 -0.12 -38.10 20.49
C GLY P 325 1.06 -38.80 21.13
N SER P 326 0.85 -39.32 22.33
CA SER P 326 1.86 -40.10 23.03
C SER P 326 1.40 -41.55 23.14
N VAL P 327 2.35 -42.41 23.50
CA VAL P 327 2.07 -43.83 23.69
C VAL P 327 1.77 -44.06 25.18
N ILE P 328 0.60 -44.62 25.47
CA ILE P 328 0.14 -44.83 26.84
C ILE P 328 0.11 -46.33 27.10
N GLN P 329 0.62 -46.74 28.26
CA GLN P 329 0.65 -48.15 28.63
C GLN P 329 -0.62 -48.52 29.39
N THR P 330 -1.25 -49.60 28.97
CA THR P 330 -2.40 -50.18 29.64
C THR P 330 -2.11 -51.65 29.95
N LYS P 331 -3.07 -52.31 30.59
CA LYS P 331 -2.90 -53.73 30.92
C LYS P 331 -2.80 -54.57 29.65
N TYR P 332 -3.75 -54.38 28.73
CA TYR P 332 -3.81 -55.17 27.51
C TYR P 332 -2.73 -54.79 26.50
N GLY P 333 -1.84 -53.88 26.83
CA GLY P 333 -0.77 -53.43 25.96
C GLY P 333 -0.74 -51.92 25.89
N THR P 334 0.05 -51.41 24.95
CA THR P 334 0.19 -49.97 24.76
C THR P 334 -0.76 -49.49 23.67
N VAL P 335 -1.04 -48.18 23.70
CA VAL P 335 -1.91 -47.54 22.73
C VAL P 335 -1.31 -46.18 22.35
N ASN P 336 -1.49 -45.80 21.09
CA ASN P 336 -1.10 -44.49 20.61
C ASN P 336 -2.33 -43.59 20.55
N THR P 337 -2.22 -42.40 21.12
CA THR P 337 -3.31 -41.44 21.18
C THR P 337 -3.25 -40.42 20.04
N GLU P 338 -2.50 -40.72 18.98
CA GLU P 338 -2.34 -39.76 17.90
C GLU P 338 -3.62 -39.58 17.10
N HIS P 339 -4.44 -40.62 16.99
CA HIS P 339 -5.63 -40.58 16.14
C HIS P 339 -6.91 -40.83 16.92
N MET P 340 -6.91 -40.45 18.19
CA MET P 340 -8.13 -40.47 18.99
C MET P 340 -8.85 -39.12 18.83
N LEU P 341 -10.17 -39.16 18.97
CA LEU P 341 -11.00 -37.99 18.77
C LEU P 341 -11.39 -37.40 20.13
N PHE P 342 -10.97 -36.17 20.38
CA PHE P 342 -11.26 -35.48 21.63
C PHE P 342 -12.36 -34.45 21.42
N ILE P 343 -13.19 -34.29 22.44
CA ILE P 343 -14.31 -33.34 22.43
C ILE P 343 -14.17 -32.48 23.68
N GLY P 344 -13.62 -31.29 23.53
CA GLY P 344 -13.63 -30.34 24.62
C GLY P 344 -15.03 -29.84 24.90
N ALA P 345 -15.31 -29.59 26.18
CA ALA P 345 -16.65 -29.18 26.59
C ALA P 345 -16.54 -28.17 27.72
N GLY P 346 -17.46 -27.20 27.72
CA GLY P 346 -17.49 -26.19 28.75
C GLY P 346 -18.51 -25.10 28.50
N ALA P 347 -18.89 -24.39 29.56
CA ALA P 347 -19.80 -23.27 29.44
C ALA P 347 -19.09 -21.97 29.12
N PHE P 348 -17.82 -21.83 29.54
CA PHE P 348 -17.00 -20.65 29.25
C PHE P 348 -17.67 -19.37 29.73
N HIS P 349 -18.04 -19.36 31.01
CA HIS P 349 -18.58 -18.17 31.66
C HIS P 349 -17.50 -17.36 32.35
N VAL P 350 -16.49 -18.02 32.92
CA VAL P 350 -15.39 -17.31 33.57
C VAL P 350 -14.18 -17.15 32.65
N SER P 351 -14.03 -18.00 31.65
CA SER P 351 -12.92 -17.94 30.71
C SER P 351 -13.46 -18.12 29.29
N LYS P 352 -12.58 -17.93 28.32
CA LYS P 352 -12.88 -18.12 26.91
C LYS P 352 -11.98 -19.18 26.33
N PRO P 353 -12.35 -19.78 25.19
CA PRO P 353 -11.42 -20.70 24.52
C PRO P 353 -10.10 -20.05 24.15
N SER P 354 -10.06 -18.73 24.01
CA SER P 354 -8.80 -18.03 23.78
C SER P 354 -7.87 -18.14 24.98
N ASP P 355 -8.43 -18.33 26.18
CA ASP P 355 -7.62 -18.46 27.39
C ASP P 355 -6.99 -19.84 27.53
N LEU P 356 -7.39 -20.81 26.71
CA LEU P 356 -6.68 -22.08 26.66
C LEU P 356 -5.26 -21.87 26.15
N ILE P 357 -4.39 -22.83 26.42
CA ILE P 357 -2.99 -22.74 26.01
C ILE P 357 -2.99 -22.79 24.48
N PRO P 358 -2.08 -22.07 23.82
CA PRO P 358 -2.13 -21.99 22.35
C PRO P 358 -2.07 -23.35 21.67
N GLU P 359 -1.33 -24.30 22.25
CA GLU P 359 -1.24 -25.62 21.65
C GLU P 359 -2.59 -26.32 21.61
N LEU P 360 -3.44 -26.07 22.61
CA LEU P 360 -4.77 -26.67 22.63
C LEU P 360 -5.72 -25.97 21.66
N GLN P 361 -5.59 -24.65 21.52
CA GLN P 361 -6.46 -23.93 20.59
C GLN P 361 -6.29 -24.43 19.15
N GLY P 362 -5.06 -24.81 18.77
CA GLY P 362 -4.84 -25.30 17.43
C GLY P 362 -5.34 -26.70 17.19
N ARG P 363 -5.42 -27.51 18.25
CA ARG P 363 -5.89 -28.88 18.13
C ARG P 363 -7.37 -29.03 18.41
N PHE P 364 -8.12 -27.92 18.40
CA PHE P 364 -9.58 -27.94 18.41
C PHE P 364 -10.07 -27.12 17.21
N PRO P 365 -9.89 -27.64 16.00
CA PRO P 365 -10.24 -26.85 14.80
C PRO P 365 -11.72 -26.64 14.64
N ILE P 366 -12.54 -27.54 15.19
CA ILE P 366 -13.98 -27.46 15.08
C ILE P 366 -14.52 -26.89 16.39
N ARG P 367 -15.28 -25.81 16.30
CA ARG P 367 -15.83 -25.15 17.48
C ARG P 367 -17.29 -24.79 17.24
N VAL P 368 -18.14 -25.14 18.20
CA VAL P 368 -19.59 -24.99 18.05
C VAL P 368 -20.15 -24.41 19.34
N GLU P 369 -21.09 -23.48 19.21
CA GLU P 369 -21.84 -22.93 20.33
C GLU P 369 -23.26 -23.48 20.28
N LEU P 370 -23.58 -24.35 21.23
CA LEU P 370 -24.92 -24.93 21.26
C LEU P 370 -25.95 -23.88 21.69
N ASP P 371 -27.19 -24.11 21.28
CA ASP P 371 -28.24 -23.14 21.48
C ASP P 371 -28.78 -23.19 22.91
N SER P 372 -29.43 -22.10 23.31
CA SER P 372 -30.19 -22.09 24.55
C SER P 372 -31.57 -22.66 24.30
N LEU P 373 -31.99 -23.59 25.14
CA LEU P 373 -33.28 -24.24 24.94
C LEU P 373 -34.41 -23.28 25.33
N SER P 374 -35.64 -23.72 25.05
CA SER P 374 -36.81 -22.90 25.32
C SER P 374 -37.95 -23.80 25.75
N VAL P 375 -39.06 -23.17 26.17
CA VAL P 375 -40.23 -23.93 26.56
C VAL P 375 -40.73 -24.79 25.41
N GLU P 376 -40.70 -24.24 24.19
CA GLU P 376 -41.07 -25.03 23.02
C GLU P 376 -40.05 -26.15 22.77
N ASP P 377 -38.78 -25.92 23.07
CA ASP P 377 -37.80 -26.99 22.96
C ASP P 377 -38.02 -28.05 24.03
N PHE P 378 -38.55 -27.66 25.20
CA PHE P 378 -38.80 -28.62 26.26
C PHE P 378 -39.91 -29.60 25.88
N VAL P 379 -40.98 -29.11 25.27
CA VAL P 379 -42.05 -29.99 24.83
C VAL P 379 -41.59 -30.91 23.71
N ARG P 380 -40.48 -30.58 23.03
CA ARG P 380 -39.93 -31.46 22.02
C ARG P 380 -39.05 -32.53 22.64
N ILE P 381 -38.17 -32.15 23.57
CA ILE P 381 -37.36 -33.12 24.28
C ILE P 381 -38.23 -34.10 25.05
N LEU P 382 -39.36 -33.63 25.57
CA LEU P 382 -40.23 -34.44 26.39
C LEU P 382 -41.03 -35.47 25.59
N THR P 383 -41.26 -35.23 24.30
CA THR P 383 -42.16 -36.05 23.50
C THR P 383 -41.51 -36.69 22.29
N GLU P 384 -40.64 -35.98 21.58
CA GLU P 384 -40.20 -36.43 20.26
C GLU P 384 -39.18 -37.58 20.28
N PRO P 385 -38.02 -37.43 20.92
CA PRO P 385 -36.92 -38.38 20.67
C PRO P 385 -37.28 -39.80 21.08
N LYS P 386 -36.59 -40.75 20.45
CA LYS P 386 -36.70 -42.14 20.86
C LYS P 386 -36.23 -42.28 22.30
N LEU P 387 -36.98 -43.04 23.09
CA LEU P 387 -36.70 -43.23 24.52
C LEU P 387 -36.76 -41.90 25.27
N SER P 388 -37.72 -41.05 24.89
CA SER P 388 -37.90 -39.78 25.58
C SER P 388 -38.47 -40.01 26.98
N LEU P 389 -38.57 -38.93 27.75
CA LEU P 389 -38.91 -39.04 29.16
C LEU P 389 -40.34 -39.58 29.34
N ILE P 390 -41.32 -38.94 28.72
CA ILE P 390 -42.70 -39.40 28.89
C ILE P 390 -42.89 -40.75 28.21
N LYS P 391 -42.08 -41.07 27.20
CA LYS P 391 -42.14 -42.40 26.61
C LYS P 391 -41.56 -43.44 27.55
N GLN P 392 -40.64 -43.05 28.44
CA GLN P 392 -40.15 -43.96 29.46
C GLN P 392 -41.21 -44.22 30.52
N TYR P 393 -41.87 -43.16 30.99
CA TYR P 393 -42.91 -43.34 32.00
C TYR P 393 -44.13 -44.06 31.44
N GLU P 394 -44.42 -43.88 30.16
CA GLU P 394 -45.50 -44.64 29.53
C GLU P 394 -45.16 -46.12 29.47
N ALA P 395 -43.92 -46.45 29.14
CA ALA P 395 -43.51 -47.86 29.04
C ALA P 395 -43.42 -48.50 30.43
N LEU P 396 -42.95 -47.73 31.42
CA LEU P 396 -42.79 -48.28 32.77
C LEU P 396 -44.15 -48.55 33.41
N LEU P 397 -45.07 -47.61 33.31
CA LEU P 397 -46.37 -47.77 33.97
C LEU P 397 -47.27 -48.75 33.26
N GLN P 398 -46.95 -49.15 32.02
CA GLN P 398 -47.72 -50.20 31.36
C GLN P 398 -47.26 -51.59 31.80
N THR P 399 -46.06 -51.71 32.37
CA THR P 399 -45.63 -52.98 32.95
C THR P 399 -46.63 -53.44 34.02
N GLU P 400 -47.17 -52.50 34.79
CA GLU P 400 -48.25 -52.78 35.72
C GLU P 400 -49.62 -52.50 35.12
N GLU P 401 -49.74 -52.63 33.80
CA GLU P 401 -51.03 -52.67 33.09
C GLU P 401 -51.82 -51.37 33.26
N VAL P 402 -51.13 -50.25 33.34
CA VAL P 402 -51.76 -48.93 33.38
C VAL P 402 -51.38 -48.18 32.11
N THR P 403 -52.38 -47.66 31.41
CA THR P 403 -52.18 -46.90 30.18
C THR P 403 -52.22 -45.42 30.52
N VAL P 404 -51.07 -44.76 30.41
CA VAL P 404 -50.97 -43.34 30.70
C VAL P 404 -51.13 -42.55 29.40
N ASN P 405 -51.85 -41.44 29.48
CA ASN P 405 -52.16 -40.62 28.31
C ASN P 405 -51.80 -39.18 28.63
N PHE P 406 -50.70 -38.71 28.06
CA PHE P 406 -50.27 -37.32 28.22
C PHE P 406 -50.95 -36.49 27.15
N THR P 407 -51.83 -35.58 27.58
CA THR P 407 -52.44 -34.66 26.62
C THR P 407 -51.40 -33.67 26.11
N ASP P 408 -51.69 -33.10 24.94
CA ASP P 408 -50.75 -32.16 24.33
C ASP P 408 -50.53 -30.95 25.24
N GLU P 409 -51.59 -30.45 25.87
CA GLU P 409 -51.48 -29.27 26.71
C GLU P 409 -50.83 -29.60 28.06
N ALA P 410 -50.82 -30.87 28.47
CA ALA P 410 -50.14 -31.22 29.71
C ALA P 410 -48.63 -31.17 29.54
N ILE P 411 -48.11 -31.62 28.40
CA ILE P 411 -46.68 -31.53 28.15
C ILE P 411 -46.24 -30.07 28.08
N THR P 412 -47.10 -29.20 27.56
CA THR P 412 -46.77 -27.77 27.50
C THR P 412 -46.70 -27.16 28.89
N ARG P 413 -47.70 -27.44 29.73
CA ARG P 413 -47.67 -26.92 31.09
C ARG P 413 -46.54 -27.53 31.90
N LEU P 414 -46.15 -28.77 31.59
CA LEU P 414 -44.97 -29.35 32.24
C LEU P 414 -43.70 -28.61 31.83
N ALA P 415 -43.63 -28.14 30.59
CA ALA P 415 -42.44 -27.44 30.13
C ALA P 415 -42.36 -26.03 30.73
N GLU P 416 -43.50 -25.33 30.78
CA GLU P 416 -43.51 -24.00 31.38
C GLU P 416 -43.07 -24.03 32.83
N ILE P 417 -43.49 -25.07 33.56
CA ILE P 417 -43.08 -25.21 34.95
C ILE P 417 -41.57 -25.41 35.05
N ALA P 418 -41.05 -26.34 34.25
CA ALA P 418 -39.61 -26.60 34.27
C ALA P 418 -38.82 -25.38 33.81
N TYR P 419 -39.34 -24.65 32.82
CA TYR P 419 -38.66 -23.46 32.35
C TYR P 419 -38.73 -22.33 33.38
N GLN P 420 -39.79 -22.30 34.20
CA GLN P 420 -39.95 -21.22 35.17
C GLN P 420 -38.99 -21.38 36.34
N VAL P 421 -39.02 -22.53 37.02
CA VAL P 421 -38.13 -22.74 38.15
C VAL P 421 -36.67 -22.81 37.74
N ASN P 422 -36.39 -22.98 36.44
CA ASN P 422 -35.03 -22.81 35.96
C ASN P 422 -34.59 -21.36 36.09
N GLN P 423 -35.45 -20.41 35.73
CA GLN P 423 -35.14 -19.00 35.92
C GLN P 423 -35.14 -18.64 37.39
N ASP P 424 -36.12 -19.14 38.15
CA ASP P 424 -36.32 -18.70 39.53
C ASP P 424 -35.16 -19.11 40.42
N THR P 425 -34.72 -20.37 40.31
CA THR P 425 -33.65 -20.86 41.16
C THR P 425 -32.37 -21.02 40.34
N ASP P 426 -31.99 -22.26 40.05
CA ASP P 426 -30.82 -22.57 39.26
C ASP P 426 -31.26 -22.98 37.86
N ASN P 427 -30.60 -22.42 36.84
CA ASN P 427 -30.91 -22.75 35.44
C ASN P 427 -30.09 -23.96 35.04
N ILE P 428 -30.68 -25.15 35.16
CA ILE P 428 -30.00 -26.39 34.85
C ILE P 428 -30.49 -27.00 33.53
N GLY P 429 -31.18 -26.20 32.71
CA GLY P 429 -31.55 -26.64 31.38
C GLY P 429 -32.62 -27.73 31.38
N ALA P 430 -32.51 -28.64 30.41
CA ALA P 430 -33.49 -29.71 30.25
C ALA P 430 -33.43 -30.71 31.39
N ARG P 431 -32.36 -30.71 32.18
CA ARG P 431 -32.26 -31.61 33.33
C ARG P 431 -33.39 -31.37 34.32
N ARG P 432 -34.04 -30.20 34.26
CA ARG P 432 -35.15 -29.92 35.17
C ARG P 432 -36.34 -30.83 34.94
N LEU P 433 -36.48 -31.40 33.74
CA LEU P 433 -37.65 -32.21 33.43
C LEU P 433 -37.75 -33.45 34.29
N HIS P 434 -36.61 -33.96 34.79
CA HIS P 434 -36.63 -35.17 35.59
C HIS P 434 -37.39 -34.96 36.90
N THR P 435 -36.98 -33.94 37.67
CA THR P 435 -37.63 -33.70 38.96
C THR P 435 -39.08 -33.24 38.79
N ILE P 436 -39.40 -32.63 37.65
CA ILE P 436 -40.75 -32.14 37.42
C ILE P 436 -41.70 -33.31 37.20
N LEU P 437 -41.31 -34.27 36.35
CA LEU P 437 -42.19 -35.38 36.01
C LEU P 437 -42.40 -36.31 37.18
N GLU P 438 -41.31 -36.83 37.76
CA GLU P 438 -41.42 -37.77 38.86
C GLU P 438 -42.21 -37.22 40.04
N LYS P 439 -42.34 -35.90 40.14
CA LYS P 439 -43.10 -35.30 41.23
C LYS P 439 -44.61 -35.40 41.02
N MET P 440 -45.07 -35.34 39.76
CA MET P 440 -46.50 -35.35 39.50
C MET P 440 -47.05 -36.73 39.17
N LEU P 441 -46.23 -37.63 38.63
CA LEU P 441 -46.59 -39.04 38.56
C LEU P 441 -46.37 -39.76 39.89
N GLU P 442 -46.06 -38.99 40.94
CA GLU P 442 -45.77 -39.56 42.26
C GLU P 442 -46.96 -40.36 42.79
N ASP P 443 -48.12 -39.72 42.88
CA ASP P 443 -49.32 -40.42 43.35
C ASP P 443 -49.71 -41.52 42.38
N LEU P 444 -49.43 -41.35 41.09
CA LEU P 444 -49.77 -42.38 40.11
C LEU P 444 -48.87 -43.59 40.26
N SER P 445 -47.56 -43.37 40.42
CA SER P 445 -46.61 -44.48 40.53
C SER P 445 -46.89 -45.32 41.78
N PHE P 446 -47.45 -44.72 42.82
CA PHE P 446 -47.69 -45.45 44.07
C PHE P 446 -48.96 -46.29 43.99
N GLU P 447 -49.95 -45.84 43.21
CA GLU P 447 -51.25 -46.50 43.14
C GLU P 447 -51.42 -47.35 41.88
N ALA P 448 -50.36 -47.51 41.08
CA ALA P 448 -50.49 -48.22 39.81
C ALA P 448 -50.79 -49.71 39.98
N PRO P 449 -50.08 -50.47 40.83
CA PRO P 449 -50.41 -51.90 40.96
C PRO P 449 -51.82 -52.15 41.47
N SER P 450 -52.42 -51.21 42.20
CA SER P 450 -53.81 -51.32 42.62
C SER P 450 -54.77 -50.79 41.57
N MET P 451 -54.29 -50.42 40.38
CA MET P 451 -55.14 -49.91 39.30
C MET P 451 -54.81 -50.62 38.00
N PRO P 452 -54.99 -51.93 37.92
CA PRO P 452 -54.70 -52.64 36.67
C PRO P 452 -55.75 -52.36 35.61
N ASN P 453 -55.33 -52.42 34.35
CA ASN P 453 -56.19 -52.21 33.18
C ASN P 453 -56.80 -50.81 33.15
N ALA P 454 -56.30 -49.89 33.96
CA ALA P 454 -56.83 -48.53 34.00
C ALA P 454 -56.16 -47.67 32.94
N VAL P 455 -56.92 -46.68 32.45
CA VAL P 455 -56.43 -45.70 31.49
C VAL P 455 -56.55 -44.34 32.15
N VAL P 456 -55.42 -43.79 32.59
CA VAL P 456 -55.38 -42.52 33.30
C VAL P 456 -55.02 -41.42 32.31
N ASP P 457 -55.75 -40.31 32.37
CA ASP P 457 -55.48 -39.15 31.52
C ASP P 457 -54.83 -38.05 32.36
N ILE P 458 -53.81 -37.41 31.78
CA ILE P 458 -53.08 -36.35 32.44
C ILE P 458 -53.55 -35.02 31.86
N THR P 459 -54.19 -34.21 32.68
CA THR P 459 -54.71 -32.92 32.26
C THR P 459 -53.85 -31.78 32.83
N PRO P 460 -53.76 -30.66 32.13
CA PRO P 460 -52.98 -29.53 32.66
C PRO P 460 -53.45 -29.05 34.02
N GLN P 461 -54.73 -29.23 34.34
CA GLN P 461 -55.18 -28.91 35.69
C GLN P 461 -54.72 -29.97 36.69
N TYR P 462 -54.43 -31.19 36.24
CA TYR P 462 -53.83 -32.18 37.13
C TYR P 462 -52.34 -31.92 37.30
N VAL P 463 -51.66 -31.50 36.23
CA VAL P 463 -50.26 -31.11 36.34
C VAL P 463 -50.11 -29.93 37.29
N ASP P 464 -51.09 -29.03 37.31
CA ASP P 464 -51.09 -27.91 38.25
C ASP P 464 -51.37 -28.35 39.69
N ASP P 465 -51.40 -29.65 40.02
CA ASP P 465 -51.40 -30.03 41.43
C ASP P 465 -50.15 -29.51 42.13
N LYS P 466 -49.03 -29.45 41.41
CA LYS P 466 -47.78 -28.89 41.90
C LYS P 466 -47.57 -27.45 41.41
N LEU P 467 -48.65 -26.75 41.06
CA LEU P 467 -48.54 -25.33 40.75
C LEU P 467 -48.12 -24.52 41.98
N LYS P 468 -48.34 -25.07 43.17
CA LYS P 468 -48.00 -24.35 44.41
C LYS P 468 -46.50 -24.45 44.71
N SER P 469 -45.90 -25.61 44.45
CA SER P 469 -44.47 -25.78 44.75
C SER P 469 -43.59 -24.91 43.87
N ILE P 470 -44.07 -24.57 42.67
CA ILE P 470 -43.27 -23.76 41.75
C ILE P 470 -43.37 -22.27 42.05
N SER P 471 -44.36 -21.86 42.85
CA SER P 471 -44.54 -20.46 43.20
C SER P 471 -43.71 -20.02 44.39
N THR P 472 -43.22 -20.96 45.19
CA THR P 472 -42.29 -20.66 46.29
C THR P 472 -40.85 -20.83 45.78
N ASN P 473 -40.48 -19.91 44.90
CA ASN P 473 -39.17 -19.98 44.25
C ASN P 473 -38.05 -19.73 45.26
N LYS P 474 -36.91 -20.39 45.02
CA LYS P 474 -35.71 -20.25 45.85
C LYS P 474 -35.97 -20.72 47.28
N ASP P 475 -37.21 -21.13 47.57
CA ASP P 475 -37.62 -21.57 48.90
C ASP P 475 -37.97 -23.05 48.86
N LEU P 476 -39.21 -23.36 48.48
CA LEU P 476 -39.62 -24.76 48.38
C LEU P 476 -39.07 -25.41 47.11
N SER P 477 -39.21 -24.72 45.97
CA SER P 477 -38.76 -25.27 44.70
C SER P 477 -37.24 -25.41 44.64
N ALA P 478 -36.50 -24.64 45.44
CA ALA P 478 -35.05 -24.82 45.51
C ALA P 478 -34.67 -26.14 46.17
N PHE P 479 -35.55 -26.71 46.98
CA PHE P 479 -35.29 -27.97 47.67
C PHE P 479 -35.96 -29.15 46.97
N ILE P 480 -37.29 -29.12 46.87
CA ILE P 480 -38.06 -30.29 46.43
C ILE P 480 -38.20 -30.37 44.91
N LEU P 481 -37.86 -29.31 44.19
CA LEU P 481 -38.00 -29.31 42.73
C LEU P 481 -36.68 -29.12 42.00
N GLY Q 19 -38.94 -61.11 46.17
CA GLY Q 19 -38.27 -60.07 46.93
C GLY Q 19 -38.25 -58.74 46.20
N ILE Q 20 -38.14 -58.82 44.87
CA ILE Q 20 -38.17 -57.62 44.03
C ILE Q 20 -39.60 -57.30 43.57
N ARG Q 21 -40.49 -58.29 43.54
CA ARG Q 21 -41.85 -58.13 43.05
C ARG Q 21 -42.74 -57.33 44.00
N LEU Q 22 -42.21 -56.87 45.13
CA LEU Q 22 -43.02 -56.14 46.11
C LEU Q 22 -43.60 -54.87 45.49
N THR Q 23 -44.81 -54.53 45.91
CA THR Q 23 -45.50 -53.33 45.45
C THR Q 23 -45.28 -52.19 46.45
N PRO Q 24 -45.44 -50.93 46.01
CA PRO Q 24 -45.16 -49.81 46.92
C PRO Q 24 -45.96 -49.84 48.22
N LYS Q 25 -47.26 -50.16 48.16
CA LYS Q 25 -48.04 -50.25 49.39
C LYS Q 25 -47.48 -51.34 50.31
N GLU Q 26 -47.01 -52.44 49.73
CA GLU Q 26 -46.42 -53.51 50.53
C GLU Q 26 -45.06 -53.12 51.08
N ILE Q 27 -44.33 -52.25 50.38
CA ILE Q 27 -43.05 -51.78 50.90
C ILE Q 27 -43.27 -50.90 52.13
N VAL Q 28 -44.25 -50.00 52.06
CA VAL Q 28 -44.56 -49.13 53.20
C VAL Q 28 -45.02 -49.97 54.38
N SER Q 29 -45.80 -51.02 54.12
CA SER Q 29 -46.26 -51.90 55.19
C SER Q 29 -45.09 -52.61 55.86
N LYS Q 30 -44.13 -53.10 55.07
CA LYS Q 30 -42.97 -53.75 55.66
C LYS Q 30 -42.06 -52.74 56.36
N LEU Q 31 -42.05 -51.49 55.89
CA LEU Q 31 -41.26 -50.46 56.55
C LEU Q 31 -41.94 -49.92 57.79
N ASN Q 32 -43.28 -49.99 57.86
CA ASN Q 32 -43.99 -49.52 59.04
C ASN Q 32 -43.73 -50.39 60.26
N GLU Q 33 -43.15 -51.58 60.09
CA GLU Q 33 -42.80 -52.42 61.23
C GLU Q 33 -41.69 -51.79 62.05
N TYR Q 34 -40.62 -51.34 61.40
CA TYR Q 34 -39.42 -50.89 62.09
C TYR Q 34 -39.28 -49.37 62.15
N ILE Q 35 -39.95 -48.63 61.28
CA ILE Q 35 -39.86 -47.18 61.23
C ILE Q 35 -41.21 -46.59 61.64
N VAL Q 36 -41.18 -45.58 62.49
CA VAL Q 36 -42.38 -44.87 62.93
C VAL Q 36 -42.42 -43.52 62.25
N GLY Q 37 -43.58 -43.18 61.68
CA GLY Q 37 -43.72 -41.89 61.03
C GLY Q 37 -43.01 -41.85 59.69
N GLN Q 38 -42.85 -40.63 59.17
CA GLN Q 38 -42.19 -40.38 57.90
C GLN Q 38 -42.86 -41.16 56.77
N ASN Q 39 -44.16 -40.91 56.59
CA ASN Q 39 -44.91 -41.66 55.59
C ASN Q 39 -44.55 -41.22 54.18
N ASP Q 40 -44.45 -39.90 53.95
CA ASP Q 40 -44.07 -39.42 52.62
C ASP Q 40 -42.69 -39.91 52.23
N ALA Q 41 -41.81 -40.14 53.20
CA ALA Q 41 -40.51 -40.71 52.89
C ALA Q 41 -40.61 -42.17 52.48
N LYS Q 42 -41.44 -42.95 53.19
CA LYS Q 42 -41.61 -44.35 52.83
C LYS Q 42 -42.27 -44.52 51.47
N ARG Q 43 -43.12 -43.57 51.07
CA ARG Q 43 -43.77 -43.66 49.77
C ARG Q 43 -42.80 -43.38 48.63
N LYS Q 44 -42.09 -42.25 48.70
CA LYS Q 44 -41.13 -41.91 47.66
C LYS Q 44 -40.00 -42.94 47.57
N VAL Q 45 -39.60 -43.50 48.72
CA VAL Q 45 -38.66 -44.62 48.71
C VAL Q 45 -39.27 -45.81 47.98
N ALA Q 46 -40.55 -46.10 48.24
CA ALA Q 46 -41.19 -47.27 47.65
C ALA Q 46 -41.30 -47.15 46.15
N ILE Q 47 -41.69 -45.97 45.64
CA ILE Q 47 -41.84 -45.82 44.19
C ILE Q 47 -40.49 -45.89 43.49
N ALA Q 48 -39.39 -45.71 44.22
CA ALA Q 48 -38.07 -45.86 43.61
C ALA Q 48 -37.73 -47.33 43.37
N LEU Q 49 -38.07 -48.19 44.32
CA LEU Q 49 -37.73 -49.61 44.19
C LEU Q 49 -38.69 -50.34 43.27
N ARG Q 50 -39.98 -49.98 43.31
CA ARG Q 50 -40.91 -50.52 42.34
C ARG Q 50 -40.51 -50.15 40.91
N ASN Q 51 -39.89 -48.97 40.75
CA ASN Q 51 -39.41 -48.56 39.43
C ASN Q 51 -38.32 -49.48 38.92
N ARG Q 52 -37.56 -50.11 39.83
CA ARG Q 52 -36.56 -51.07 39.39
C ARG Q 52 -37.21 -52.37 38.91
N TYR Q 53 -38.33 -52.75 39.52
CA TYR Q 53 -39.08 -53.90 39.01
C TYR Q 53 -39.67 -53.60 37.63
N ARG Q 54 -40.37 -52.47 37.49
CA ARG Q 54 -40.94 -52.08 36.21
C ARG Q 54 -39.87 -52.02 35.11
N ARG Q 55 -38.66 -51.57 35.48
CA ARG Q 55 -37.57 -51.49 34.51
C ARG Q 55 -37.18 -52.88 34.00
N SER Q 56 -37.23 -53.88 34.87
CA SER Q 56 -36.78 -55.22 34.49
C SER Q 56 -37.68 -55.84 33.42
N LEU Q 57 -38.96 -55.47 33.38
CA LEU Q 57 -39.89 -56.00 32.41
C LEU Q 57 -39.92 -55.19 31.12
N LEU Q 58 -38.79 -54.64 30.68
CA LEU Q 58 -38.74 -53.80 29.50
C LEU Q 58 -37.75 -54.36 28.48
N ASP Q 59 -37.78 -53.76 27.29
CA ASP Q 59 -36.90 -54.16 26.20
C ASP Q 59 -35.44 -53.80 26.53
N GLU Q 60 -34.53 -54.53 25.88
CA GLU Q 60 -33.11 -54.46 26.26
C GLU Q 60 -32.55 -53.05 26.16
N GLU Q 61 -33.10 -52.21 25.28
CA GLU Q 61 -32.63 -50.83 25.21
C GLU Q 61 -33.17 -50.03 26.40
N SER Q 62 -34.50 -49.93 26.52
CA SER Q 62 -35.09 -49.24 27.65
C SER Q 62 -34.64 -49.84 28.98
N LYS Q 63 -34.41 -51.15 29.02
CA LYS Q 63 -33.91 -51.78 30.24
C LYS Q 63 -32.55 -51.22 30.63
N GLN Q 64 -31.71 -50.90 29.64
CA GLN Q 64 -30.39 -50.36 29.93
C GLN Q 64 -30.23 -48.97 29.32
N GLU Q 65 -31.22 -48.09 29.52
CA GLU Q 65 -31.11 -46.72 29.04
C GLU Q 65 -31.83 -45.76 29.97
N ILE Q 66 -32.85 -46.24 30.69
CA ILE Q 66 -33.51 -45.42 31.69
C ILE Q 66 -32.66 -45.41 32.95
N SER Q 67 -32.63 -44.26 33.62
CA SER Q 67 -31.75 -44.10 34.77
C SER Q 67 -32.50 -44.33 36.08
N PRO Q 68 -31.79 -44.77 37.12
CA PRO Q 68 -32.46 -45.02 38.41
C PRO Q 68 -33.11 -43.75 38.96
N LYS Q 69 -34.11 -43.95 39.80
CA LYS Q 69 -34.82 -42.84 40.44
C LYS Q 69 -34.20 -42.57 41.81
N ASN Q 70 -32.99 -42.03 41.76
CA ASN Q 70 -32.23 -41.76 42.98
C ASN Q 70 -32.95 -40.74 43.85
N ILE Q 71 -32.82 -40.91 45.17
CA ILE Q 71 -33.56 -40.14 46.15
C ILE Q 71 -32.61 -39.19 46.86
N LEU Q 72 -33.07 -37.96 47.08
CA LEU Q 72 -32.35 -36.98 47.88
C LEU Q 72 -33.19 -36.66 49.11
N MET Q 73 -32.68 -37.02 50.28
CA MET Q 73 -33.39 -36.83 51.54
C MET Q 73 -32.94 -35.55 52.22
N ILE Q 74 -33.90 -34.68 52.55
CA ILE Q 74 -33.64 -33.39 53.18
C ILE Q 74 -34.28 -33.43 54.56
N GLY Q 75 -33.44 -33.42 55.60
CA GLY Q 75 -33.94 -33.44 56.95
C GLY Q 75 -32.83 -33.31 57.99
N PRO Q 76 -33.21 -32.90 59.21
CA PRO Q 76 -32.22 -32.80 60.29
C PRO Q 76 -31.72 -34.16 60.76
N THR Q 77 -30.95 -34.17 61.85
CA THR Q 77 -30.38 -35.40 62.36
C THR Q 77 -31.41 -36.20 63.15
N GLY Q 78 -31.22 -37.52 63.16
CA GLY Q 78 -32.05 -38.41 63.95
C GLY Q 78 -33.48 -38.56 63.48
N VAL Q 79 -33.86 -37.96 62.35
CA VAL Q 79 -35.24 -38.08 61.87
C VAL Q 79 -35.47 -39.39 61.14
N GLY Q 80 -34.45 -40.21 60.95
CA GLY Q 80 -34.59 -41.52 60.36
C GLY Q 80 -34.23 -41.62 58.88
N LYS Q 81 -33.32 -40.79 58.39
CA LYS Q 81 -32.96 -40.84 56.97
C LYS Q 81 -32.22 -42.13 56.63
N THR Q 82 -31.35 -42.59 57.52
CA THR Q 82 -30.54 -43.77 57.22
C THR Q 82 -31.31 -45.06 57.48
N GLU Q 83 -32.04 -45.14 58.59
CA GLU Q 83 -32.77 -46.37 58.90
C GLU Q 83 -33.83 -46.67 57.86
N ILE Q 84 -34.47 -45.63 57.32
CA ILE Q 84 -35.41 -45.83 56.21
C ILE Q 84 -34.68 -46.42 55.01
N ALA Q 85 -33.42 -46.05 54.81
CA ALA Q 85 -32.66 -46.56 53.67
C ALA Q 85 -32.07 -47.94 53.92
N ARG Q 86 -31.67 -48.22 55.17
CA ARG Q 86 -31.00 -49.49 55.47
C ARG Q 86 -32.01 -50.62 55.59
N ARG Q 87 -33.09 -50.40 56.34
CA ARG Q 87 -34.16 -51.40 56.42
C ARG Q 87 -34.85 -51.59 55.07
N MET Q 88 -34.82 -50.56 54.22
CA MET Q 88 -35.34 -50.70 52.86
C MET Q 88 -34.59 -51.80 52.10
N ALA Q 89 -33.26 -51.85 52.25
CA ALA Q 89 -32.48 -52.86 51.54
C ALA Q 89 -32.70 -54.26 52.12
N LYS Q 90 -33.05 -54.35 53.40
CA LYS Q 90 -33.26 -55.66 54.00
C LYS Q 90 -34.55 -56.31 53.50
N VAL Q 91 -35.61 -55.52 53.32
CA VAL Q 91 -36.89 -56.08 52.92
C VAL Q 91 -36.88 -56.52 51.46
N VAL Q 92 -35.92 -56.05 50.67
CA VAL Q 92 -35.79 -56.45 49.27
C VAL Q 92 -34.53 -57.27 49.02
N GLY Q 93 -33.69 -57.47 50.03
CA GLY Q 93 -32.49 -58.25 49.88
C GLY Q 93 -31.35 -57.55 49.16
N ALA Q 94 -31.37 -56.22 49.10
CA ALA Q 94 -30.37 -55.47 48.36
C ALA Q 94 -29.13 -55.24 49.23
N PRO Q 95 -27.93 -55.31 48.64
CA PRO Q 95 -26.73 -54.91 49.37
C PRO Q 95 -26.79 -53.42 49.68
N PHE Q 96 -26.24 -53.05 50.85
CA PHE Q 96 -26.31 -51.67 51.31
C PHE Q 96 -24.95 -51.25 51.86
N ILE Q 97 -24.47 -50.10 51.41
CA ILE Q 97 -23.29 -49.48 51.99
C ILE Q 97 -23.61 -48.01 52.25
N LYS Q 98 -23.03 -47.47 53.31
CA LYS Q 98 -23.20 -46.08 53.69
C LYS Q 98 -21.85 -45.39 53.66
N VAL Q 99 -21.82 -44.17 53.14
CA VAL Q 99 -20.59 -43.40 53.02
C VAL Q 99 -20.87 -41.95 53.38
N GLU Q 100 -19.85 -41.28 53.91
CA GLU Q 100 -19.91 -39.86 54.22
C GLU Q 100 -19.26 -39.08 53.08
N ALA Q 101 -20.02 -38.15 52.50
CA ALA Q 101 -19.49 -37.38 51.39
C ALA Q 101 -18.32 -36.50 51.83
N THR Q 102 -18.35 -35.99 53.06
CA THR Q 102 -17.27 -35.17 53.59
C THR Q 102 -16.01 -35.96 53.89
N LYS Q 103 -16.04 -37.28 53.73
CA LYS Q 103 -14.82 -38.07 53.88
C LYS Q 103 -13.83 -37.82 52.75
N PHE Q 104 -14.33 -37.42 51.58
CA PHE Q 104 -13.53 -37.39 50.36
C PHE Q 104 -12.87 -36.04 50.10
N THR Q 105 -13.04 -35.05 50.98
CA THR Q 105 -12.44 -33.74 50.76
C THR Q 105 -10.93 -33.84 50.97
N GLU Q 106 -10.26 -34.40 49.97
CA GLU Q 106 -8.82 -34.66 50.04
C GLU Q 106 -8.11 -34.09 48.81
N GLY Q 111 -5.13 -38.86 45.90
CA GLY Q 111 -6.37 -39.20 45.23
C GLY Q 111 -7.53 -39.42 46.19
N ARG Q 112 -8.75 -39.12 45.72
CA ARG Q 112 -9.92 -39.32 46.56
C ARG Q 112 -10.35 -40.78 46.61
N ASP Q 113 -10.29 -41.46 45.47
CA ASP Q 113 -10.70 -42.86 45.36
C ASP Q 113 -12.16 -43.04 45.76
N VAL Q 114 -13.03 -42.25 45.12
CA VAL Q 114 -14.46 -42.33 45.40
C VAL Q 114 -15.02 -43.68 44.99
N GLU Q 115 -14.36 -44.35 44.04
CA GLU Q 115 -14.77 -45.69 43.61
C GLU Q 115 -14.80 -46.70 44.76
N SER Q 116 -14.21 -46.37 45.91
CA SER Q 116 -14.22 -47.31 47.03
C SER Q 116 -15.62 -47.65 47.50
N MET Q 117 -16.58 -46.72 47.32
CA MET Q 117 -17.94 -46.99 47.76
C MET Q 117 -18.60 -48.08 46.91
N VAL Q 118 -18.16 -48.24 45.67
CA VAL Q 118 -18.66 -49.34 44.85
C VAL Q 118 -17.92 -50.63 45.18
N ARG Q 119 -16.61 -50.54 45.44
CA ARG Q 119 -15.85 -51.72 45.83
C ARG Q 119 -16.29 -52.25 47.19
N ASP Q 120 -16.64 -51.34 48.11
CA ASP Q 120 -17.19 -51.76 49.39
C ASP Q 120 -18.59 -52.33 49.28
N LEU Q 121 -19.32 -51.96 48.22
CA LEU Q 121 -20.63 -52.54 47.98
C LEU Q 121 -20.56 -53.95 47.41
N VAL Q 122 -19.47 -54.26 46.68
CA VAL Q 122 -19.30 -55.62 46.18
C VAL Q 122 -18.86 -56.54 47.31
N ASP Q 123 -18.04 -56.04 48.24
CA ASP Q 123 -17.59 -56.86 49.35
C ASP Q 123 -18.74 -57.26 50.26
N VAL Q 124 -19.77 -56.43 50.38
CA VAL Q 124 -20.97 -56.85 51.11
C VAL Q 124 -21.91 -57.64 50.21
N SER Q 125 -21.84 -57.45 48.90
CA SER Q 125 -22.64 -58.25 47.98
C SER Q 125 -22.22 -59.71 48.03
N VAL Q 126 -20.92 -59.98 47.97
CA VAL Q 126 -20.43 -61.35 48.07
C VAL Q 126 -20.67 -61.91 49.47
N ARG Q 127 -20.79 -61.05 50.49
CA ARG Q 127 -21.09 -61.53 51.83
C ARG Q 127 -22.51 -62.09 51.92
N LEU Q 128 -23.45 -61.47 51.20
CA LEU Q 128 -24.83 -61.95 51.23
C LEU Q 128 -24.98 -63.24 50.43
N VAL Q 129 -24.36 -63.31 49.25
CA VAL Q 129 -24.50 -64.48 48.40
C VAL Q 129 -23.80 -65.69 49.01
N LYS Q 130 -22.61 -65.48 49.59
CA LYS Q 130 -21.87 -66.58 50.20
C LYS Q 130 -22.63 -67.22 51.36
N ALA Q 131 -23.56 -66.50 51.98
CA ALA Q 131 -24.39 -67.05 53.05
C ALA Q 131 -25.76 -67.43 52.52
N GLN Q 287 -26.36 -54.22 40.19
CA GLN Q 287 -27.67 -54.04 39.54
C GLN Q 287 -28.80 -54.09 40.56
N MET Q 288 -28.48 -54.42 41.80
CA MET Q 288 -29.46 -54.44 42.88
C MET Q 288 -29.04 -53.64 44.12
N GLY Q 289 -27.77 -53.28 44.24
CA GLY Q 289 -27.28 -52.61 45.43
C GLY Q 289 -27.86 -51.22 45.61
N ILE Q 290 -27.61 -50.66 46.80
CA ILE Q 290 -28.10 -49.35 47.19
C ILE Q 290 -27.00 -48.65 47.97
N ILE Q 291 -26.61 -47.46 47.52
CA ILE Q 291 -25.55 -46.67 48.15
C ILE Q 291 -26.17 -45.45 48.78
N PHE Q 292 -25.86 -45.22 50.06
CA PHE Q 292 -26.33 -44.07 50.80
C PHE Q 292 -25.16 -43.11 51.00
N ILE Q 293 -25.27 -41.91 50.46
CA ILE Q 293 -24.25 -40.88 50.57
C ILE Q 293 -24.75 -39.85 51.57
N ASP Q 294 -24.16 -39.84 52.76
CA ASP Q 294 -24.57 -38.92 53.80
C ASP Q 294 -23.75 -37.64 53.72
N GLU Q 295 -24.33 -36.56 54.24
CA GLU Q 295 -23.67 -35.25 54.30
C GLU Q 295 -23.30 -34.76 52.90
N ILE Q 296 -24.16 -35.07 51.92
CA ILE Q 296 -23.93 -34.61 50.56
C ILE Q 296 -24.13 -33.11 50.44
N ASP Q 297 -24.79 -32.48 51.41
CA ASP Q 297 -24.96 -31.04 51.40
C ASP Q 297 -23.67 -30.30 51.73
N LYS Q 298 -22.70 -30.98 52.34
CA LYS Q 298 -21.47 -30.34 52.78
C LYS Q 298 -20.37 -30.37 51.71
N VAL Q 299 -20.53 -31.17 50.66
CA VAL Q 299 -19.60 -31.17 49.54
C VAL Q 299 -20.06 -30.20 48.45
N ALA Q 300 -20.96 -29.29 48.79
CA ALA Q 300 -21.43 -28.28 47.84
C ALA Q 300 -20.76 -26.92 48.09
N GLN Q 313 -17.52 -29.33 45.57
CA GLN Q 313 -17.34 -29.09 44.14
C GLN Q 313 -16.40 -30.12 43.54
N GLY Q 314 -15.29 -30.39 44.23
CA GLY Q 314 -14.37 -31.43 43.77
C GLY Q 314 -14.89 -32.83 44.02
N VAL Q 315 -15.68 -33.01 45.08
CA VAL Q 315 -16.24 -34.33 45.38
C VAL Q 315 -17.43 -34.63 44.48
N GLN Q 316 -18.28 -33.62 44.21
CA GLN Q 316 -19.45 -33.84 43.37
C GLN Q 316 -19.05 -34.31 41.98
N ARG Q 317 -18.05 -33.66 41.39
CA ARG Q 317 -17.60 -34.05 40.06
C ARG Q 317 -16.87 -35.39 40.11
N ASP Q 318 -16.26 -35.73 41.24
CA ASP Q 318 -15.70 -37.08 41.40
C ASP Q 318 -16.81 -38.10 41.62
N ILE Q 319 -17.85 -37.71 42.36
CA ILE Q 319 -18.98 -38.59 42.60
C ILE Q 319 -19.80 -38.77 41.32
N LEU Q 320 -19.84 -37.75 40.48
CA LEU Q 320 -20.72 -37.74 39.30
C LEU Q 320 -20.61 -38.98 38.42
N PRO Q 321 -19.43 -39.41 37.95
CA PRO Q 321 -19.40 -40.56 37.04
C PRO Q 321 -19.93 -41.85 37.66
N ILE Q 322 -19.98 -41.94 38.98
CA ILE Q 322 -20.47 -43.16 39.62
C ILE Q 322 -21.94 -43.36 39.33
N LEU Q 323 -22.77 -42.36 39.63
CA LEU Q 323 -24.19 -42.45 39.33
C LEU Q 323 -24.52 -41.99 37.92
N GLU Q 324 -23.53 -41.57 37.15
CA GLU Q 324 -23.73 -41.28 35.74
C GLU Q 324 -23.58 -42.53 34.88
N GLY Q 325 -23.00 -43.60 35.43
CA GLY Q 325 -22.81 -44.84 34.70
C GLY Q 325 -21.36 -45.06 34.30
N SER Q 326 -20.69 -45.97 35.00
CA SER Q 326 -19.30 -46.28 34.70
C SER Q 326 -18.97 -47.67 35.23
N VAL Q 327 -17.84 -48.21 34.76
CA VAL Q 327 -17.36 -49.52 35.15
C VAL Q 327 -16.21 -49.34 36.14
N ILE Q 328 -16.27 -50.06 37.26
CA ILE Q 328 -15.31 -49.94 38.34
C ILE Q 328 -14.65 -51.30 38.57
N GLN Q 329 -13.32 -51.30 38.70
CA GLN Q 329 -12.61 -52.52 39.03
C GLN Q 329 -12.81 -52.88 40.50
N THR Q 330 -13.12 -54.14 40.75
CA THR Q 330 -13.10 -54.70 42.10
C THR Q 330 -12.19 -55.92 42.11
N LYS Q 331 -11.79 -56.34 43.32
CA LYS Q 331 -10.93 -57.51 43.39
C LYS Q 331 -11.65 -58.80 43.00
N TYR Q 332 -12.97 -58.76 42.84
CA TYR Q 332 -13.74 -59.90 42.35
C TYR Q 332 -14.09 -59.80 40.87
N GLY Q 333 -13.94 -58.63 40.26
CA GLY Q 333 -14.31 -58.44 38.86
C GLY Q 333 -14.60 -56.98 38.58
N THR Q 334 -15.43 -56.75 37.57
CA THR Q 334 -15.83 -55.41 37.17
C THR Q 334 -17.34 -55.30 37.23
N VAL Q 335 -17.84 -54.39 38.05
CA VAL Q 335 -19.27 -54.14 38.18
C VAL Q 335 -19.59 -52.80 37.52
N ASN Q 336 -20.81 -52.70 36.99
CA ASN Q 336 -21.29 -51.48 36.36
C ASN Q 336 -22.23 -50.77 37.33
N THR Q 337 -21.99 -49.48 37.56
CA THR Q 337 -22.82 -48.66 38.42
C THR Q 337 -23.99 -48.02 37.67
N GLU Q 338 -24.38 -48.59 36.54
CA GLU Q 338 -25.37 -47.97 35.68
C GLU Q 338 -26.73 -47.87 36.37
N HIS Q 339 -27.12 -48.92 37.09
CA HIS Q 339 -28.47 -49.00 37.66
C HIS Q 339 -28.46 -49.18 39.17
N MET Q 340 -27.36 -48.80 39.83
CA MET Q 340 -27.34 -48.77 41.29
C MET Q 340 -28.16 -47.59 41.78
N LEU Q 341 -29.07 -47.84 42.72
CA LEU Q 341 -29.88 -46.77 43.29
C LEU Q 341 -29.09 -46.02 44.34
N PHE Q 342 -29.02 -44.70 44.20
CA PHE Q 342 -28.27 -43.85 45.12
C PHE Q 342 -29.24 -43.02 45.96
N ILE Q 343 -28.90 -42.85 47.23
CA ILE Q 343 -29.66 -42.01 48.15
C ILE Q 343 -28.68 -41.01 48.76
N GLY Q 344 -28.90 -39.72 48.48
CA GLY Q 344 -28.16 -38.66 49.12
C GLY Q 344 -28.97 -38.04 50.25
N ALA Q 345 -28.28 -37.53 51.26
CA ALA Q 345 -28.98 -36.97 52.41
C ALA Q 345 -28.13 -35.92 53.08
N GLY Q 346 -28.81 -35.00 53.76
CA GLY Q 346 -28.15 -33.96 54.50
C GLY Q 346 -29.18 -33.03 55.09
N ALA Q 347 -28.74 -32.22 56.05
CA ALA Q 347 -29.63 -31.24 56.65
C ALA Q 347 -29.92 -30.09 55.71
N PHE Q 348 -28.94 -29.72 54.88
CA PHE Q 348 -29.08 -28.60 53.93
C PHE Q 348 -29.39 -27.30 54.66
N HIS Q 349 -28.82 -27.13 55.85
CA HIS Q 349 -28.98 -25.88 56.58
C HIS Q 349 -28.05 -24.80 56.07
N VAL Q 350 -26.90 -25.19 55.51
CA VAL Q 350 -25.92 -24.24 55.01
C VAL Q 350 -25.99 -24.05 53.50
N SER Q 351 -26.52 -25.03 52.77
CA SER Q 351 -26.67 -24.92 51.32
C SER Q 351 -27.98 -25.61 50.92
N LYS Q 352 -28.40 -25.35 49.70
CA LYS Q 352 -29.63 -25.92 49.16
C LYS Q 352 -29.30 -27.01 48.14
N PRO Q 353 -30.26 -27.89 47.83
CA PRO Q 353 -30.09 -28.73 46.63
C PRO Q 353 -29.92 -27.91 45.36
N SER Q 354 -30.37 -26.65 45.38
CA SER Q 354 -30.12 -25.70 44.29
C SER Q 354 -28.65 -25.33 44.17
N ASP Q 355 -27.79 -25.79 45.08
CA ASP Q 355 -26.36 -25.51 45.04
C ASP Q 355 -25.51 -26.70 44.62
N LEU Q 356 -26.11 -27.87 44.43
CA LEU Q 356 -25.39 -28.98 43.84
C LEU Q 356 -25.11 -28.70 42.37
N ILE Q 357 -24.16 -29.45 41.80
CA ILE Q 357 -23.85 -29.30 40.38
C ILE Q 357 -25.07 -29.75 39.59
N PRO Q 358 -25.33 -29.15 38.41
CA PRO Q 358 -26.58 -29.48 37.69
C PRO Q 358 -26.72 -30.95 37.35
N GLU Q 359 -25.63 -31.65 37.04
CA GLU Q 359 -25.72 -33.07 36.71
C GLU Q 359 -26.30 -33.87 37.87
N LEU Q 360 -25.70 -33.74 39.06
CA LEU Q 360 -26.24 -34.40 40.24
C LEU Q 360 -27.65 -33.90 40.55
N GLN Q 361 -27.88 -32.60 40.38
CA GLN Q 361 -29.19 -32.02 40.68
C GLN Q 361 -30.28 -32.62 39.82
N GLY Q 362 -29.94 -33.13 38.65
CA GLY Q 362 -30.92 -33.72 37.76
C GLY Q 362 -31.03 -35.23 37.89
N ARG Q 363 -30.06 -35.84 38.57
CA ARG Q 363 -30.06 -37.28 38.79
C ARG Q 363 -30.68 -37.67 40.13
N PHE Q 364 -31.38 -36.74 40.79
CA PHE Q 364 -32.19 -37.03 41.97
C PHE Q 364 -33.62 -36.58 41.68
N PRO Q 365 -34.37 -37.34 40.87
CA PRO Q 365 -35.75 -36.92 40.57
C PRO Q 365 -36.67 -37.03 41.77
N ILE Q 366 -36.53 -38.09 42.54
CA ILE Q 366 -37.31 -38.29 43.77
C ILE Q 366 -36.64 -37.49 44.89
N ARG Q 367 -37.40 -36.58 45.49
CA ARG Q 367 -36.88 -35.75 46.58
C ARG Q 367 -37.91 -35.68 47.69
N VAL Q 368 -37.48 -35.96 48.91
CA VAL Q 368 -38.35 -35.97 50.09
C VAL Q 368 -37.75 -35.04 51.14
N GLU Q 369 -38.61 -34.30 51.83
CA GLU Q 369 -38.21 -33.43 52.93
C GLU Q 369 -38.82 -34.00 54.20
N LEU Q 370 -38.00 -34.74 54.96
CA LEU Q 370 -38.49 -35.48 56.12
C LEU Q 370 -38.90 -34.53 57.25
N ASP Q 371 -39.84 -35.00 58.07
CA ASP Q 371 -40.41 -34.21 59.14
C ASP Q 371 -39.56 -34.26 60.39
N SER Q 372 -39.53 -33.15 61.12
CA SER Q 372 -38.90 -33.15 62.44
C SER Q 372 -39.71 -33.98 63.42
N LEU Q 373 -39.05 -34.41 64.49
CA LEU Q 373 -39.66 -35.30 65.47
C LEU Q 373 -40.23 -34.50 66.63
N SER Q 374 -41.49 -34.76 66.95
CA SER Q 374 -42.15 -34.15 68.09
C SER Q 374 -41.99 -35.04 69.32
N VAL Q 375 -42.27 -34.48 70.49
CA VAL Q 375 -42.19 -35.23 71.73
C VAL Q 375 -43.13 -36.43 71.69
N GLU Q 376 -44.29 -36.26 71.06
CA GLU Q 376 -45.19 -37.40 70.86
C GLU Q 376 -44.59 -38.40 69.87
N ASP Q 377 -43.89 -37.91 68.85
CA ASP Q 377 -43.22 -38.81 67.92
C ASP Q 377 -42.17 -39.65 68.63
N PHE Q 378 -41.56 -39.12 69.69
CA PHE Q 378 -40.59 -39.88 70.45
C PHE Q 378 -41.22 -41.10 71.11
N VAL Q 379 -42.34 -40.90 71.82
CA VAL Q 379 -42.94 -41.99 72.58
C VAL Q 379 -43.31 -43.17 71.69
N ARG Q 380 -43.46 -42.92 70.39
CA ARG Q 380 -43.67 -44.02 69.45
C ARG Q 380 -42.35 -44.67 69.06
N ILE Q 381 -41.25 -43.92 69.06
CA ILE Q 381 -39.94 -44.50 68.75
C ILE Q 381 -39.47 -45.39 69.90
N LEU Q 382 -39.86 -45.08 71.14
CA LEU Q 382 -39.44 -45.89 72.28
C LEU Q 382 -40.15 -47.23 72.31
N THR Q 383 -41.41 -47.28 71.90
CA THR Q 383 -42.28 -48.41 72.17
C THR Q 383 -42.79 -49.11 70.92
N GLU Q 384 -43.19 -48.36 69.90
CA GLU Q 384 -44.01 -48.94 68.83
C GLU Q 384 -43.26 -49.90 67.92
N PRO Q 385 -42.13 -49.54 67.31
CA PRO Q 385 -41.60 -50.36 66.22
C PRO Q 385 -41.03 -51.69 66.72
N LYS Q 386 -40.88 -52.62 65.78
CA LYS Q 386 -40.16 -53.85 66.06
C LYS Q 386 -38.74 -53.54 66.49
N LEU Q 387 -38.30 -54.19 67.56
CA LEU Q 387 -36.95 -54.01 68.10
C LEU Q 387 -36.72 -52.56 68.54
N SER Q 388 -37.76 -51.94 69.10
CA SER Q 388 -37.60 -50.60 69.65
C SER Q 388 -36.65 -50.64 70.85
N LEU Q 389 -36.22 -49.45 71.27
CA LEU Q 389 -35.15 -49.37 72.27
C LEU Q 389 -35.54 -50.05 73.58
N ILE Q 390 -36.75 -49.77 74.09
CA ILE Q 390 -37.13 -50.39 75.36
C ILE Q 390 -37.44 -51.87 75.15
N LYS Q 391 -37.86 -52.27 73.95
CA LYS Q 391 -38.04 -53.69 73.67
C LYS Q 391 -36.73 -54.44 73.81
N GLN Q 392 -35.62 -53.83 73.37
CA GLN Q 392 -34.31 -54.42 73.56
C GLN Q 392 -33.98 -54.51 75.04
N TYR Q 393 -34.14 -53.39 75.76
CA TYR Q 393 -33.83 -53.38 77.19
C TYR Q 393 -34.73 -54.35 77.96
N GLU Q 394 -36.00 -54.47 77.55
CA GLU Q 394 -36.86 -55.48 78.14
C GLU Q 394 -36.31 -56.88 77.89
N ALA Q 395 -35.74 -57.11 76.70
CA ALA Q 395 -35.18 -58.41 76.39
C ALA Q 395 -33.80 -58.59 77.03
N LEU Q 396 -32.99 -57.53 77.05
CA LEU Q 396 -31.65 -57.64 77.61
C LEU Q 396 -31.69 -57.95 79.10
N LEU Q 397 -32.65 -57.38 79.82
CA LEU Q 397 -32.76 -57.59 81.25
C LEU Q 397 -33.50 -58.88 81.60
N GLN Q 398 -34.36 -59.37 80.70
CA GLN Q 398 -34.97 -60.68 80.92
C GLN Q 398 -33.97 -61.82 80.78
N THR Q 399 -32.81 -61.55 80.19
CA THR Q 399 -31.71 -62.52 80.21
C THR Q 399 -31.25 -62.77 81.64
N GLU Q 400 -31.25 -61.73 82.47
CA GLU Q 400 -30.94 -61.84 83.88
C GLU Q 400 -32.16 -62.20 84.72
N GLU Q 401 -33.22 -62.73 84.10
CA GLU Q 401 -34.49 -63.05 84.76
C GLU Q 401 -35.12 -61.83 85.42
N VAL Q 402 -34.81 -60.64 84.95
CA VAL Q 402 -35.36 -59.40 85.49
C VAL Q 402 -36.42 -58.88 84.54
N THR Q 403 -37.58 -58.52 85.08
CA THR Q 403 -38.69 -57.98 84.32
C THR Q 403 -38.81 -56.48 84.58
N VAL Q 404 -38.87 -55.70 83.50
CA VAL Q 404 -38.97 -54.25 83.58
C VAL Q 404 -40.25 -53.82 82.87
N ASN Q 405 -41.08 -53.05 83.56
CA ASN Q 405 -42.34 -52.54 83.03
C ASN Q 405 -42.25 -51.03 82.95
N PHE Q 406 -42.27 -50.49 81.73
CA PHE Q 406 -42.31 -49.05 81.52
C PHE Q 406 -43.77 -48.60 81.46
N THR Q 407 -44.15 -47.69 82.34
CA THR Q 407 -45.48 -47.13 82.28
C THR Q 407 -45.57 -46.09 81.17
N ASP Q 408 -46.78 -45.88 80.66
CA ASP Q 408 -46.97 -44.89 79.60
C ASP Q 408 -46.45 -43.52 80.02
N GLU Q 409 -46.67 -43.16 81.28
CA GLU Q 409 -46.19 -41.88 81.79
C GLU Q 409 -44.67 -41.86 81.90
N ALA Q 410 -44.06 -43.01 82.21
CA ALA Q 410 -42.60 -43.08 82.23
C ALA Q 410 -42.02 -42.97 80.83
N ILE Q 411 -42.69 -43.58 79.85
CA ILE Q 411 -42.25 -43.44 78.46
C ILE Q 411 -42.38 -41.98 78.01
N THR Q 412 -43.51 -41.35 78.34
CA THR Q 412 -43.71 -39.95 77.98
C THR Q 412 -42.64 -39.06 78.64
N ARG Q 413 -42.31 -39.34 79.89
CA ARG Q 413 -41.30 -38.54 80.58
C ARG Q 413 -39.93 -38.70 79.93
N LEU Q 414 -39.58 -39.92 79.53
CA LEU Q 414 -38.33 -40.13 78.80
C LEU Q 414 -38.31 -39.35 77.50
N ALA Q 415 -39.47 -39.22 76.85
CA ALA Q 415 -39.53 -38.48 75.59
C ALA Q 415 -39.42 -36.98 75.84
N GLU Q 416 -40.08 -36.48 76.88
CA GLU Q 416 -40.02 -35.04 77.17
C GLU Q 416 -38.60 -34.64 77.57
N ILE Q 417 -37.89 -35.51 78.29
CA ILE Q 417 -36.55 -35.17 78.74
C ILE Q 417 -35.59 -35.12 77.56
N ALA Q 418 -35.58 -36.18 76.73
CA ALA Q 418 -34.71 -36.19 75.55
C ALA Q 418 -35.04 -35.05 74.60
N TYR Q 419 -36.31 -34.63 74.55
CA TYR Q 419 -36.70 -33.51 73.71
C TYR Q 419 -36.17 -32.20 74.26
N GLN Q 420 -36.19 -32.04 75.59
CA GLN Q 420 -35.77 -30.79 76.20
C GLN Q 420 -34.26 -30.58 76.08
N VAL Q 421 -33.47 -31.62 76.35
CA VAL Q 421 -32.02 -31.49 76.25
C VAL Q 421 -31.59 -31.20 74.82
N ASN Q 422 -32.37 -31.66 73.84
CA ASN Q 422 -32.09 -31.29 72.45
C ASN Q 422 -32.40 -29.82 72.19
N GLN Q 423 -33.32 -29.24 72.96
CA GLN Q 423 -33.65 -27.83 72.82
C GLN Q 423 -32.66 -26.92 73.54
N ASP Q 424 -31.82 -27.47 74.42
CA ASP Q 424 -30.89 -26.68 75.21
C ASP Q 424 -29.44 -26.83 74.79
N THR Q 425 -29.05 -27.98 74.21
CA THR Q 425 -27.68 -28.19 73.78
C THR Q 425 -27.60 -28.24 72.26
N ASP Q 426 -27.30 -29.41 71.71
CA ASP Q 426 -27.29 -29.63 70.28
C ASP Q 426 -28.40 -30.63 69.94
N ASN Q 427 -29.32 -30.22 69.08
CA ASN Q 427 -30.44 -31.08 68.72
C ASN Q 427 -29.95 -32.25 67.88
N ILE Q 428 -30.01 -33.46 68.45
CA ILE Q 428 -29.60 -34.67 67.75
C ILE Q 428 -30.78 -35.58 67.45
N GLY Q 429 -32.01 -35.12 67.73
CA GLY Q 429 -33.19 -35.89 67.34
C GLY Q 429 -33.37 -37.14 68.17
N ALA Q 430 -33.81 -38.22 67.51
CA ALA Q 430 -34.05 -39.48 68.20
C ALA Q 430 -32.77 -40.16 68.66
N ARG Q 431 -31.60 -39.65 68.26
CA ARG Q 431 -30.34 -40.16 68.77
C ARG Q 431 -30.15 -39.89 70.25
N ARG Q 432 -30.95 -38.98 70.83
CA ARG Q 432 -30.86 -38.69 72.25
C ARG Q 432 -31.40 -39.81 73.12
N LEU Q 433 -32.26 -40.67 72.56
CA LEU Q 433 -32.89 -41.74 73.33
C LEU Q 433 -31.90 -42.78 73.84
N HIS Q 434 -30.64 -42.75 73.39
CA HIS Q 434 -29.66 -43.74 73.81
C HIS Q 434 -29.00 -43.36 75.13
N THR Q 435 -28.46 -42.15 75.21
CA THR Q 435 -27.86 -41.68 76.46
C THR Q 435 -28.91 -41.48 77.54
N ILE Q 436 -30.17 -41.26 77.16
CA ILE Q 436 -31.24 -41.09 78.13
C ILE Q 436 -31.61 -42.43 78.76
N LEU Q 437 -31.86 -43.44 77.93
CA LEU Q 437 -32.28 -44.75 78.44
C LEU Q 437 -31.17 -45.41 79.24
N GLU Q 438 -29.92 -45.28 78.79
CA GLU Q 438 -28.82 -45.91 79.50
C GLU Q 438 -28.58 -45.27 80.86
N LYS Q 439 -28.87 -43.98 81.00
CA LYS Q 439 -28.66 -43.31 82.28
C LYS Q 439 -29.69 -43.75 83.30
N MET Q 440 -30.94 -43.98 82.88
CA MET Q 440 -31.98 -44.39 83.81
C MET Q 440 -31.75 -45.81 84.31
N LEU Q 441 -31.49 -46.75 83.39
CA LEU Q 441 -31.24 -48.14 83.74
C LEU Q 441 -29.81 -48.39 84.18
N GLU Q 442 -29.10 -47.33 84.57
CA GLU Q 442 -27.71 -47.46 84.99
C GLU Q 442 -27.60 -48.23 86.31
N ASP Q 443 -28.30 -47.76 87.35
CA ASP Q 443 -28.24 -48.43 88.64
C ASP Q 443 -28.92 -49.79 88.62
N LEU Q 444 -29.82 -50.03 87.66
CA LEU Q 444 -30.51 -51.31 87.58
C LEU Q 444 -29.67 -52.36 86.85
N SER Q 445 -28.98 -51.96 85.78
CA SER Q 445 -28.21 -52.93 85.00
C SER Q 445 -27.02 -53.47 85.78
N PHE Q 446 -26.48 -52.69 86.72
CA PHE Q 446 -25.36 -53.14 87.54
C PHE Q 446 -25.80 -54.11 88.63
N GLU Q 447 -27.08 -54.13 88.97
CA GLU Q 447 -27.60 -54.96 90.04
C GLU Q 447 -28.48 -56.10 89.57
N ALA Q 448 -28.69 -56.24 88.26
CA ALA Q 448 -29.62 -57.24 87.72
C ALA Q 448 -29.19 -58.68 87.99
N PRO Q 449 -27.91 -59.06 87.81
CA PRO Q 449 -27.54 -60.45 88.10
C PRO Q 449 -27.76 -60.87 89.54
N SER Q 450 -27.62 -59.95 90.49
CA SER Q 450 -27.92 -60.23 91.90
C SER Q 450 -29.39 -59.99 92.23
N MET Q 451 -30.25 -59.86 91.23
CA MET Q 451 -31.65 -59.52 91.43
C MET Q 451 -32.55 -60.39 90.56
N PRO Q 452 -32.44 -61.71 90.60
CA PRO Q 452 -33.21 -62.54 89.67
C PRO Q 452 -34.68 -62.59 90.06
N ASN Q 453 -35.52 -62.88 89.06
CA ASN Q 453 -36.96 -63.09 89.19
C ASN Q 453 -37.70 -61.84 89.69
N ALA Q 454 -37.02 -60.70 89.76
CA ALA Q 454 -37.66 -59.47 90.19
C ALA Q 454 -38.58 -58.94 89.10
N VAL Q 455 -39.42 -57.98 89.48
CA VAL Q 455 -40.30 -57.26 88.55
C VAL Q 455 -40.24 -55.79 88.92
N VAL Q 456 -39.77 -54.96 87.99
CA VAL Q 456 -39.52 -53.54 88.23
C VAL Q 456 -40.49 -52.71 87.41
N ASP Q 457 -41.15 -51.77 88.06
CA ASP Q 457 -41.96 -50.76 87.38
C ASP Q 457 -41.20 -49.44 87.38
N ILE Q 458 -41.25 -48.74 86.25
CA ILE Q 458 -40.41 -47.56 86.04
C ILE Q 458 -41.06 -46.33 86.66
N THR Q 459 -42.16 -45.85 86.06
CA THR Q 459 -42.93 -44.68 86.49
C THR Q 459 -42.10 -43.39 86.35
N PRO Q 460 -42.75 -42.23 86.20
CA PRO Q 460 -41.99 -40.99 85.99
C PRO Q 460 -41.04 -40.64 87.13
N GLN Q 461 -41.32 -41.09 88.36
CA GLN Q 461 -40.46 -40.74 89.48
C GLN Q 461 -39.05 -41.30 89.30
N TYR Q 462 -38.96 -42.57 88.92
CA TYR Q 462 -37.65 -43.18 88.68
C TYR Q 462 -36.92 -42.50 87.54
N VAL Q 463 -37.67 -42.00 86.55
CA VAL Q 463 -37.04 -41.28 85.45
C VAL Q 463 -36.49 -39.94 85.93
N ASP Q 464 -37.19 -39.28 86.86
CA ASP Q 464 -36.83 -37.92 87.24
C ASP Q 464 -35.58 -37.87 88.11
N ASP Q 465 -35.54 -38.65 89.19
CA ASP Q 465 -34.38 -38.57 90.07
C ASP Q 465 -33.15 -39.23 89.47
N LYS Q 466 -33.22 -39.70 88.23
CA LYS Q 466 -32.05 -40.19 87.51
C LYS Q 466 -31.65 -39.28 86.35
N LEU Q 467 -32.43 -38.24 86.05
CA LEU Q 467 -32.20 -37.44 84.85
C LEU Q 467 -32.54 -35.97 85.03
N LYS Q 468 -33.56 -35.66 85.85
CA LYS Q 468 -34.07 -34.30 85.92
C LYS Q 468 -33.02 -33.34 86.46
N SER Q 469 -32.19 -33.79 87.41
CA SER Q 469 -31.11 -32.95 87.90
C SER Q 469 -30.06 -32.71 86.82
N ILE Q 470 -29.93 -33.63 85.87
CA ILE Q 470 -28.99 -33.45 84.77
C ILE Q 470 -29.64 -32.75 83.59
N SER Q 471 -30.96 -32.90 83.42
CA SER Q 471 -31.62 -32.30 82.27
C SER Q 471 -31.67 -30.77 82.38
N THR Q 472 -31.89 -30.25 83.59
CA THR Q 472 -31.95 -28.80 83.79
C THR Q 472 -30.56 -28.18 83.90
N ASN Q 473 -29.54 -28.96 84.24
CA ASN Q 473 -28.16 -28.49 84.25
C ASN Q 473 -27.62 -28.62 82.84
N LYS Q 474 -27.74 -27.54 82.06
CA LYS Q 474 -27.36 -27.59 80.65
C LYS Q 474 -25.86 -27.78 80.48
N ASP Q 475 -25.06 -27.31 81.44
CA ASP Q 475 -23.62 -27.51 81.35
C ASP Q 475 -23.23 -28.95 81.63
N LEU Q 476 -24.06 -29.69 82.35
CA LEU Q 476 -23.81 -31.12 82.58
C LEU Q 476 -24.26 -31.96 81.39
N SER Q 477 -25.42 -31.63 80.81
CA SER Q 477 -25.97 -32.42 79.72
C SER Q 477 -25.05 -32.46 78.52
N ALA Q 478 -24.22 -31.43 78.34
CA ALA Q 478 -23.28 -31.42 77.22
C ALA Q 478 -22.20 -32.50 77.37
N PHE Q 479 -21.99 -33.01 78.58
CA PHE Q 479 -20.98 -34.03 78.84
C PHE Q 479 -21.59 -35.40 79.13
N ILE Q 480 -22.62 -35.46 79.97
CA ILE Q 480 -23.15 -36.71 80.48
C ILE Q 480 -24.34 -37.20 79.68
N LEU Q 481 -25.19 -36.29 79.20
CA LEU Q 481 -26.40 -36.66 78.49
C LEU Q 481 -26.26 -36.50 76.97
N GLY R 19 -15.62 -66.71 81.04
CA GLY R 19 -14.90 -65.46 80.95
C GLY R 19 -15.79 -64.28 80.66
N ILE R 20 -16.79 -64.50 79.80
CA ILE R 20 -17.77 -63.46 79.51
C ILE R 20 -18.98 -63.55 80.45
N ARG R 21 -19.17 -64.69 81.11
CA ARG R 21 -20.22 -64.82 82.12
C ARG R 21 -19.98 -63.99 83.36
N LEU R 22 -18.82 -63.32 83.46
CA LEU R 22 -18.49 -62.55 84.64
C LEU R 22 -19.56 -61.50 84.94
N THR R 23 -19.95 -61.41 86.20
CA THR R 23 -20.91 -60.41 86.63
C THR R 23 -20.25 -59.04 86.71
N PRO R 24 -21.05 -57.97 86.67
CA PRO R 24 -20.45 -56.62 86.77
C PRO R 24 -19.65 -56.40 88.03
N LYS R 25 -20.10 -56.93 89.18
CA LYS R 25 -19.36 -56.73 90.41
C LYS R 25 -18.14 -57.63 90.50
N GLU R 26 -18.15 -58.79 89.82
CA GLU R 26 -16.93 -59.59 89.71
C GLU R 26 -15.84 -58.85 88.96
N ILE R 27 -16.22 -58.04 87.97
CA ILE R 27 -15.25 -57.24 87.24
C ILE R 27 -14.71 -56.12 88.14
N VAL R 28 -15.59 -55.49 88.92
CA VAL R 28 -15.17 -54.37 89.76
C VAL R 28 -14.14 -54.84 90.79
N SER R 29 -14.35 -56.02 91.38
CA SER R 29 -13.40 -56.54 92.35
C SER R 29 -12.04 -56.81 91.70
N LYS R 30 -12.04 -57.31 90.47
CA LYS R 30 -10.78 -57.52 89.77
C LYS R 30 -10.13 -56.20 89.37
N LEU R 31 -10.94 -55.22 88.97
CA LEU R 31 -10.39 -53.90 88.68
C LEU R 31 -9.87 -53.21 89.93
N ASN R 32 -10.49 -53.48 91.09
CA ASN R 32 -10.04 -52.89 92.34
C ASN R 32 -8.66 -53.39 92.76
N GLU R 33 -8.16 -54.47 92.16
CA GLU R 33 -6.82 -54.95 92.48
C GLU R 33 -5.75 -54.08 91.82
N TYR R 34 -6.01 -53.57 90.62
CA TYR R 34 -5.00 -52.87 89.84
C TYR R 34 -5.22 -51.37 89.77
N ILE R 35 -6.43 -50.88 90.00
CA ILE R 35 -6.75 -49.46 89.91
C ILE R 35 -7.25 -48.99 91.27
N VAL R 36 -6.81 -47.81 91.68
CA VAL R 36 -7.24 -47.19 92.94
C VAL R 36 -8.30 -46.15 92.62
N GLY R 37 -9.43 -46.23 93.31
CA GLY R 37 -10.50 -45.27 93.09
C GLY R 37 -11.18 -45.47 91.74
N GLN R 38 -11.87 -44.41 91.30
CA GLN R 38 -12.61 -44.41 90.04
C GLN R 38 -13.61 -45.58 89.98
N ASN R 39 -14.55 -45.55 90.92
CA ASN R 39 -15.51 -46.64 91.00
C ASN R 39 -16.60 -46.51 89.94
N ASP R 40 -17.10 -45.28 89.72
CA ASP R 40 -18.12 -45.08 88.69
C ASP R 40 -17.62 -45.46 87.31
N ALA R 41 -16.33 -45.24 87.04
CA ALA R 41 -15.76 -45.73 85.79
C ALA R 41 -15.72 -47.25 85.76
N LYS R 42 -15.28 -47.87 86.86
CA LYS R 42 -15.32 -49.33 86.95
C LYS R 42 -16.75 -49.84 86.82
N ARG R 43 -17.69 -49.18 87.49
CA ARG R 43 -19.10 -49.58 87.40
C ARG R 43 -19.60 -49.51 85.96
N LYS R 44 -19.34 -48.39 85.29
CA LYS R 44 -19.87 -48.20 83.94
C LYS R 44 -19.13 -49.03 82.92
N VAL R 45 -17.83 -49.30 83.14
CA VAL R 45 -17.08 -50.14 82.21
C VAL R 45 -17.49 -51.60 82.31
N ALA R 46 -18.23 -51.98 83.35
CA ALA R 46 -18.67 -53.36 83.54
C ALA R 46 -20.08 -53.61 83.00
N ILE R 47 -20.96 -52.62 83.05
CA ILE R 47 -22.30 -52.81 82.48
C ILE R 47 -22.25 -52.78 80.96
N ALA R 48 -21.33 -51.98 80.39
CA ALA R 48 -21.14 -52.02 78.95
C ALA R 48 -20.63 -53.38 78.50
N LEU R 49 -19.92 -54.08 79.38
CA LEU R 49 -19.35 -55.40 79.07
C LEU R 49 -20.33 -56.53 79.36
N ARG R 50 -21.12 -56.41 80.44
CA ARG R 50 -22.14 -57.41 80.73
C ARG R 50 -23.20 -57.46 79.64
N ASN R 51 -23.51 -56.30 79.05
CA ASN R 51 -24.48 -56.28 77.96
C ASN R 51 -24.02 -57.10 76.76
N ARG R 52 -22.72 -57.37 76.64
CA ARG R 52 -22.25 -58.26 75.60
C ARG R 52 -22.59 -59.72 75.91
N TYR R 53 -22.64 -60.08 77.19
CA TYR R 53 -23.13 -61.40 77.57
C TYR R 53 -24.63 -61.52 77.32
N ARG R 54 -25.40 -60.54 77.79
CA ARG R 54 -26.85 -60.60 77.69
C ARG R 54 -27.31 -60.69 76.25
N ARG R 55 -26.63 -59.98 75.34
CA ARG R 55 -27.02 -60.02 73.93
C ARG R 55 -26.85 -61.42 73.35
N SER R 56 -25.82 -62.14 73.78
CA SER R 56 -25.49 -63.43 73.19
C SER R 56 -26.59 -64.47 73.37
N LEU R 57 -27.45 -64.30 74.38
CA LEU R 57 -28.52 -65.26 74.62
C LEU R 57 -29.82 -64.92 73.90
N LEU R 58 -29.89 -63.78 73.20
CA LEU R 58 -31.12 -63.36 72.57
C LEU R 58 -31.28 -64.02 71.20
N ASP R 59 -32.45 -63.83 70.60
CA ASP R 59 -32.72 -64.35 69.28
C ASP R 59 -31.84 -63.66 68.24
N GLU R 60 -31.75 -64.28 67.06
CA GLU R 60 -30.74 -63.87 66.08
C GLU R 60 -30.98 -62.45 65.57
N GLU R 61 -32.24 -62.06 65.39
CA GLU R 61 -32.51 -60.71 64.91
C GLU R 61 -32.18 -59.68 65.97
N SER R 62 -32.71 -59.86 67.19
CA SER R 62 -32.39 -58.95 68.29
C SER R 62 -30.91 -58.98 68.64
N LYS R 63 -30.20 -60.04 68.29
CA LYS R 63 -28.77 -60.11 68.60
C LYS R 63 -27.95 -59.22 67.69
N GLN R 64 -28.40 -59.02 66.45
CA GLN R 64 -27.65 -58.22 65.48
C GLN R 64 -28.38 -56.92 65.13
N GLU R 65 -29.15 -56.39 66.07
CA GLU R 65 -29.78 -55.09 65.90
C GLU R 65 -29.54 -54.14 67.06
N ILE R 66 -29.15 -54.63 68.24
CA ILE R 66 -28.80 -53.77 69.36
C ILE R 66 -27.33 -53.45 69.27
N SER R 67 -26.96 -52.23 69.63
CA SER R 67 -25.56 -51.88 69.41
C SER R 67 -24.79 -51.92 70.72
N PRO R 68 -23.47 -52.16 70.65
CA PRO R 68 -22.66 -52.17 71.87
C PRO R 68 -22.75 -50.84 72.60
N LYS R 69 -22.66 -50.91 73.93
CA LYS R 69 -22.75 -49.71 74.77
C LYS R 69 -21.35 -49.11 74.89
N ASN R 70 -20.95 -48.41 73.83
CA ASN R 70 -19.66 -47.75 73.83
C ASN R 70 -19.58 -46.70 74.94
N ILE R 71 -18.39 -46.58 75.54
CA ILE R 71 -18.19 -45.74 76.71
C ILE R 71 -17.42 -44.49 76.30
N LEU R 72 -17.76 -43.36 76.92
CA LEU R 72 -17.06 -42.10 76.73
C LEU R 72 -16.48 -41.68 78.08
N MET R 73 -15.18 -41.90 78.27
CA MET R 73 -14.50 -41.50 79.50
C MET R 73 -14.05 -40.06 79.38
N ILE R 74 -14.43 -39.24 80.34
CA ILE R 74 -14.15 -37.80 80.34
C ILE R 74 -13.38 -37.51 81.64
N GLY R 75 -12.06 -37.39 81.54
CA GLY R 75 -11.25 -37.15 82.70
C GLY R 75 -9.87 -36.64 82.37
N PRO R 76 -9.20 -36.02 83.35
CA PRO R 76 -7.85 -35.50 83.12
C PRO R 76 -6.81 -36.60 82.95
N THR R 77 -5.56 -36.18 82.78
CA THR R 77 -4.46 -37.14 82.63
C THR R 77 -4.00 -37.64 83.99
N GLY R 78 -3.59 -38.90 84.03
CA GLY R 78 -3.13 -39.52 85.25
C GLY R 78 -4.22 -40.12 86.12
N VAL R 79 -5.48 -39.97 85.74
CA VAL R 79 -6.57 -40.56 86.51
C VAL R 79 -6.75 -42.04 86.24
N GLY R 80 -6.05 -42.58 85.25
CA GLY R 80 -6.06 -44.01 85.01
C GLY R 80 -7.24 -44.52 84.21
N LYS R 81 -7.69 -43.76 83.19
CA LYS R 81 -8.82 -44.22 82.39
C LYS R 81 -8.41 -45.20 81.31
N THR R 82 -7.16 -45.13 80.83
CA THR R 82 -6.69 -46.12 79.88
C THR R 82 -6.42 -47.45 80.56
N GLU R 83 -5.94 -47.41 81.81
CA GLU R 83 -5.65 -48.65 82.55
C GLU R 83 -6.93 -49.42 82.86
N ILE R 84 -8.04 -48.72 83.07
CA ILE R 84 -9.30 -49.41 83.38
C ILE R 84 -9.74 -50.24 82.18
N ALA R 85 -9.71 -49.65 80.99
CA ALA R 85 -10.13 -50.38 79.79
C ALA R 85 -9.15 -51.50 79.45
N ARG R 86 -7.85 -51.26 79.65
CA ARG R 86 -6.85 -52.27 79.34
C ARG R 86 -6.97 -53.46 80.29
N ARG R 87 -7.08 -53.20 81.59
CA ARG R 87 -7.22 -54.28 82.55
C ARG R 87 -8.55 -55.00 82.40
N MET R 88 -9.58 -54.30 81.91
CA MET R 88 -10.87 -54.96 81.68
C MET R 88 -10.75 -56.02 80.61
N ALA R 89 -9.94 -55.77 79.58
CA ALA R 89 -9.76 -56.77 78.53
C ALA R 89 -9.04 -58.01 79.05
N LYS R 90 -8.15 -57.84 80.03
CA LYS R 90 -7.43 -58.97 80.58
C LYS R 90 -8.36 -59.88 81.39
N VAL R 91 -9.13 -59.30 82.31
CA VAL R 91 -9.95 -60.09 83.21
C VAL R 91 -11.05 -60.86 82.48
N VAL R 92 -11.35 -60.46 81.24
CA VAL R 92 -12.33 -61.17 80.43
C VAL R 92 -11.71 -61.80 79.19
N GLY R 93 -10.40 -61.71 79.02
CA GLY R 93 -9.74 -62.30 77.87
C GLY R 93 -10.19 -61.71 76.56
N ALA R 94 -10.16 -60.37 76.47
CA ALA R 94 -10.60 -59.67 75.28
C ALA R 94 -9.42 -58.99 74.58
N PRO R 95 -9.42 -58.94 73.25
CA PRO R 95 -8.37 -58.19 72.55
C PRO R 95 -8.51 -56.70 72.81
N PHE R 96 -7.37 -56.05 73.02
CA PHE R 96 -7.34 -54.63 73.37
C PHE R 96 -6.38 -53.90 72.44
N ILE R 97 -6.77 -52.70 72.03
CA ILE R 97 -5.92 -51.83 71.23
C ILE R 97 -6.15 -50.40 71.67
N LYS R 98 -5.09 -49.59 71.63
CA LYS R 98 -5.14 -48.18 72.00
C LYS R 98 -4.56 -47.37 70.86
N VAL R 99 -5.35 -46.44 70.33
CA VAL R 99 -4.92 -45.56 69.25
C VAL R 99 -5.22 -44.13 69.65
N GLU R 100 -4.43 -43.20 69.12
CA GLU R 100 -4.67 -41.78 69.32
C GLU R 100 -5.53 -41.25 68.19
N ALA R 101 -6.59 -40.53 68.53
CA ALA R 101 -7.41 -39.91 67.49
C ALA R 101 -6.62 -38.87 66.72
N THR R 102 -5.61 -38.27 67.35
CA THR R 102 -4.74 -37.32 66.66
C THR R 102 -3.83 -37.98 65.64
N LYS R 103 -3.72 -39.31 65.67
CA LYS R 103 -2.90 -40.03 64.69
C LYS R 103 -3.50 -39.98 63.29
N PHE R 104 -4.82 -39.78 63.18
CA PHE R 104 -5.50 -39.80 61.89
C PHE R 104 -5.73 -38.40 61.33
N THR R 105 -4.90 -37.44 61.70
CA THR R 105 -5.03 -36.07 61.19
C THR R 105 -3.87 -35.73 60.26
N ARG R 112 -5.74 -41.14 55.24
CA ARG R 112 -6.35 -41.59 56.49
C ARG R 112 -6.64 -43.09 56.46
N ASP R 113 -5.83 -43.86 57.17
CA ASP R 113 -6.05 -45.30 57.27
C ASP R 113 -6.72 -45.61 58.60
N VAL R 114 -8.00 -45.25 58.67
CA VAL R 114 -8.75 -45.42 59.91
C VAL R 114 -9.04 -46.89 60.18
N GLU R 115 -9.09 -47.71 59.13
CA GLU R 115 -9.29 -49.15 59.32
C GLU R 115 -8.10 -49.83 59.97
N SER R 116 -7.03 -49.10 60.28
CA SER R 116 -5.85 -49.71 60.90
C SER R 116 -6.18 -50.24 62.29
N MET R 117 -7.06 -49.54 63.03
CA MET R 117 -7.38 -49.96 64.39
C MET R 117 -8.03 -51.33 64.41
N VAL R 118 -8.85 -51.63 63.40
CA VAL R 118 -9.49 -52.95 63.33
C VAL R 118 -8.49 -54.02 62.95
N ARG R 119 -7.47 -53.68 62.16
CA ARG R 119 -6.47 -54.66 61.76
C ARG R 119 -5.54 -54.99 62.93
N ASP R 120 -5.07 -53.97 63.65
CA ASP R 120 -4.24 -54.22 64.82
C ASP R 120 -4.99 -55.00 65.89
N LEU R 121 -6.31 -54.80 65.98
CA LEU R 121 -7.12 -55.62 66.87
C LEU R 121 -7.07 -57.08 66.46
N VAL R 122 -7.11 -57.35 65.16
CA VAL R 122 -6.99 -58.72 64.67
C VAL R 122 -5.58 -59.24 64.90
N ASP R 123 -4.57 -58.39 64.70
CA ASP R 123 -3.19 -58.83 64.90
C ASP R 123 -2.94 -59.24 66.35
N VAL R 124 -3.50 -58.50 67.31
CA VAL R 124 -3.39 -58.89 68.72
C VAL R 124 -4.47 -59.89 69.11
N SER R 125 -5.31 -60.32 68.17
CA SER R 125 -6.30 -61.37 68.41
C SER R 125 -5.78 -62.73 67.99
N VAL R 126 -5.28 -62.85 66.75
CA VAL R 126 -4.75 -64.13 66.30
C VAL R 126 -3.51 -64.52 67.08
N ARG R 127 -2.78 -63.54 67.62
CA ARG R 127 -1.65 -63.85 68.48
C ARG R 127 -2.13 -64.35 69.84
N LEU R 128 -3.25 -63.80 70.34
CA LEU R 128 -3.79 -64.24 71.62
C LEU R 128 -4.49 -65.59 71.50
N VAL R 129 -5.11 -65.87 70.35
CA VAL R 129 -5.82 -67.14 70.20
C VAL R 129 -4.84 -68.30 70.08
N LYS R 130 -3.68 -68.09 69.45
CA LYS R 130 -2.69 -69.15 69.34
C LYS R 130 -1.98 -69.29 70.69
N ALA R 131 -2.59 -70.08 71.57
CA ALA R 131 -2.03 -70.36 72.90
C ALA R 131 -2.72 -71.58 73.49
N ALA R 281 -10.93 -67.34 66.37
CA ALA R 281 -9.82 -66.41 66.10
C ALA R 281 -10.36 -65.05 65.66
N LEU R 282 -10.82 -64.98 64.42
CA LEU R 282 -11.48 -63.77 63.94
C LEU R 282 -12.79 -63.52 64.68
N GLU R 283 -13.47 -64.59 65.09
CA GLU R 283 -14.75 -64.45 65.79
C GLU R 283 -14.57 -63.79 67.15
N LEU R 284 -13.38 -63.90 67.75
CA LEU R 284 -13.12 -63.25 69.03
C LEU R 284 -13.15 -61.73 68.90
N ALA R 285 -12.50 -61.19 67.87
CA ALA R 285 -12.48 -59.75 67.69
C ALA R 285 -13.85 -59.23 67.29
N GLU R 286 -14.59 -59.99 66.48
CA GLU R 286 -15.92 -59.56 66.06
C GLU R 286 -16.90 -59.52 67.23
N GLN R 287 -16.68 -60.35 68.24
CA GLN R 287 -17.63 -60.50 69.34
C GLN R 287 -17.10 -60.01 70.69
N MET R 288 -15.78 -59.91 70.86
CA MET R 288 -15.20 -59.56 72.15
C MET R 288 -14.13 -58.48 72.02
N GLY R 289 -14.17 -57.68 70.96
CA GLY R 289 -13.14 -56.69 70.72
C GLY R 289 -13.40 -55.38 71.46
N ILE R 290 -12.31 -54.76 71.91
CA ILE R 290 -12.35 -53.48 72.62
C ILE R 290 -11.30 -52.57 71.99
N ILE R 291 -11.74 -51.43 71.47
CA ILE R 291 -10.84 -50.45 70.84
C ILE R 291 -10.89 -49.17 71.67
N PHE R 292 -9.74 -48.77 72.21
CA PHE R 292 -9.61 -47.57 73.03
C PHE R 292 -9.13 -46.43 72.14
N ILE R 293 -9.98 -45.44 71.93
CA ILE R 293 -9.68 -44.28 71.10
C ILE R 293 -9.27 -43.15 72.04
N ASP R 294 -7.97 -42.96 72.22
CA ASP R 294 -7.47 -41.91 73.07
C ASP R 294 -7.52 -40.57 72.36
N GLU R 295 -7.65 -39.50 73.16
CA GLU R 295 -7.57 -38.12 72.67
C GLU R 295 -8.65 -37.85 71.62
N ILE R 296 -9.85 -38.40 71.83
CA ILE R 296 -10.93 -38.20 70.88
C ILE R 296 -11.51 -36.79 70.94
N ASP R 297 -11.22 -36.04 72.01
CA ASP R 297 -11.70 -34.67 72.08
C ASP R 297 -10.96 -33.76 71.10
N LYS R 298 -9.74 -34.13 70.71
CA LYS R 298 -8.94 -33.33 69.80
C LYS R 298 -9.38 -33.44 68.34
N VAL R 299 -10.40 -34.25 68.04
CA VAL R 299 -10.95 -34.33 66.69
C VAL R 299 -12.38 -33.81 66.65
N ALA R 300 -12.75 -32.94 67.59
CA ALA R 300 -14.07 -32.33 67.61
C ALA R 300 -14.00 -30.88 67.13
N SER R 311 -12.32 -30.33 58.22
CA SER R 311 -11.47 -31.48 57.96
C SER R 311 -11.18 -32.26 59.25
N ARG R 312 -11.37 -31.60 60.39
CA ARG R 312 -11.30 -32.30 61.66
C ARG R 312 -12.53 -33.17 61.89
N GLN R 313 -13.67 -32.77 61.33
CA GLN R 313 -14.85 -33.63 61.32
C GLN R 313 -14.65 -34.84 60.41
N GLY R 314 -13.71 -34.78 59.48
CA GLY R 314 -13.45 -35.92 58.61
C GLY R 314 -12.93 -37.12 59.34
N VAL R 315 -12.18 -36.91 60.42
CA VAL R 315 -11.71 -38.04 61.23
C VAL R 315 -12.89 -38.72 61.91
N GLN R 316 -13.79 -37.94 62.51
CA GLN R 316 -15.01 -38.49 63.07
C GLN R 316 -15.81 -39.22 62.00
N ARG R 317 -15.96 -38.61 60.83
CA ARG R 317 -16.75 -39.19 59.75
C ARG R 317 -16.05 -40.38 59.11
N ASP R 318 -14.74 -40.53 59.33
CA ASP R 318 -14.03 -41.73 58.91
C ASP R 318 -14.01 -42.80 59.99
N ILE R 319 -13.98 -42.37 61.26
CA ILE R 319 -14.14 -43.30 62.36
C ILE R 319 -15.57 -43.83 62.42
N LEU R 320 -16.54 -42.95 62.09
CA LEU R 320 -17.96 -43.26 62.20
C LEU R 320 -18.37 -44.59 61.59
N PRO R 321 -17.97 -44.95 60.36
CA PRO R 321 -18.40 -46.27 59.83
C PRO R 321 -17.91 -47.44 60.65
N ILE R 322 -16.75 -47.32 61.31
CA ILE R 322 -16.26 -48.41 62.15
C ILE R 322 -17.24 -48.69 63.28
N LEU R 323 -17.67 -47.63 63.98
CA LEU R 323 -18.59 -47.80 65.10
C LEU R 323 -19.98 -48.23 64.65
N GLU R 324 -20.35 -47.93 63.41
CA GLU R 324 -21.64 -48.38 62.90
C GLU R 324 -21.57 -49.85 62.51
N GLY R 325 -21.54 -50.13 61.20
CA GLY R 325 -21.46 -51.50 60.74
C GLY R 325 -20.76 -51.63 59.40
N SER R 326 -19.48 -52.00 59.43
CA SER R 326 -18.68 -52.09 58.21
C SER R 326 -17.79 -53.33 58.27
N VAL R 327 -17.48 -53.87 57.09
CA VAL R 327 -16.60 -55.01 56.94
C VAL R 327 -15.21 -54.51 56.57
N ILE R 328 -14.19 -55.01 57.25
CA ILE R 328 -12.81 -54.55 57.09
C ILE R 328 -11.98 -55.70 56.55
N GLN R 329 -11.17 -55.43 55.53
CA GLN R 329 -10.23 -56.42 55.01
C GLN R 329 -9.04 -56.54 55.95
N THR R 330 -8.69 -57.78 56.28
CA THR R 330 -7.50 -58.06 57.07
C THR R 330 -6.68 -59.13 56.37
N LYS R 331 -5.42 -59.25 56.79
CA LYS R 331 -4.55 -60.26 56.20
C LYS R 331 -5.05 -61.67 56.50
N TYR R 332 -5.80 -61.84 57.58
CA TYR R 332 -6.33 -63.14 57.98
C TYR R 332 -7.77 -63.36 57.53
N GLY R 333 -8.33 -62.44 56.76
CA GLY R 333 -9.68 -62.56 56.24
C GLY R 333 -10.45 -61.28 56.44
N THR R 334 -11.77 -61.42 56.55
CA THR R 334 -12.68 -60.30 56.76
C THR R 334 -13.27 -60.37 58.16
N VAL R 335 -13.48 -59.20 58.76
CA VAL R 335 -14.12 -59.07 60.07
C VAL R 335 -15.19 -58.01 59.97
N ASN R 336 -16.19 -58.12 60.86
CA ASN R 336 -17.31 -57.19 60.93
C ASN R 336 -17.30 -56.50 62.28
N THR R 337 -17.33 -55.16 62.27
CA THR R 337 -17.13 -54.35 63.46
C THR R 337 -18.43 -53.92 64.12
N GLU R 338 -19.55 -54.58 63.81
CA GLU R 338 -20.83 -54.16 64.38
C GLU R 338 -20.87 -54.36 65.89
N HIS R 339 -20.13 -55.32 66.42
CA HIS R 339 -20.24 -55.72 67.82
C HIS R 339 -18.92 -55.58 68.56
N MET R 340 -18.06 -54.66 68.14
CA MET R 340 -16.86 -54.33 68.89
C MET R 340 -17.14 -53.21 69.87
N LEU R 341 -16.45 -53.23 70.99
CA LEU R 341 -16.64 -52.23 72.05
C LEU R 341 -15.65 -51.09 71.87
N PHE R 342 -16.12 -49.86 72.10
CA PHE R 342 -15.31 -48.67 71.89
C PHE R 342 -15.31 -47.81 73.13
N ILE R 343 -14.11 -47.41 73.57
CA ILE R 343 -13.94 -46.53 74.72
C ILE R 343 -13.26 -45.26 74.19
N GLY R 344 -14.03 -44.18 74.07
CA GLY R 344 -13.47 -42.89 73.69
C GLY R 344 -13.10 -42.10 74.94
N ALA R 345 -11.89 -41.57 74.95
CA ALA R 345 -11.36 -40.86 76.11
C ALA R 345 -10.92 -39.45 75.73
N GLY R 346 -10.78 -38.62 76.75
CA GLY R 346 -10.34 -37.24 76.56
C GLY R 346 -10.64 -36.38 77.77
N ALA R 347 -9.87 -35.31 77.95
CA ALA R 347 -10.11 -34.41 79.07
C ALA R 347 -11.23 -33.42 78.75
N PHE R 348 -11.43 -33.11 77.48
CA PHE R 348 -12.51 -32.22 77.03
C PHE R 348 -12.42 -30.85 77.71
N HIS R 349 -11.19 -30.32 77.79
CA HIS R 349 -11.00 -28.98 78.35
C HIS R 349 -11.31 -27.88 77.33
N VAL R 350 -11.19 -28.19 76.04
CA VAL R 350 -11.44 -27.22 74.98
C VAL R 350 -12.78 -27.46 74.28
N SER R 351 -13.10 -28.72 74.01
CA SER R 351 -14.36 -29.07 73.36
C SER R 351 -15.19 -29.94 74.29
N LYS R 352 -16.49 -29.96 74.03
CA LYS R 352 -17.44 -30.75 74.81
C LYS R 352 -17.87 -31.98 74.01
N PRO R 353 -18.30 -33.07 74.68
CA PRO R 353 -18.82 -34.23 73.95
C PRO R 353 -19.98 -33.87 73.04
N SER R 354 -20.69 -32.78 73.35
CA SER R 354 -21.74 -32.30 72.46
C SER R 354 -21.17 -31.74 71.16
N ASP R 355 -19.87 -31.43 71.12
CA ASP R 355 -19.24 -30.97 69.90
C ASP R 355 -18.87 -32.11 68.95
N LEU R 356 -19.00 -33.36 69.38
CA LEU R 356 -18.85 -34.48 68.47
C LEU R 356 -20.01 -34.49 67.48
N ILE R 357 -19.80 -35.20 66.37
CA ILE R 357 -20.85 -35.34 65.37
C ILE R 357 -22.01 -36.08 66.01
N PRO R 358 -23.26 -35.77 65.66
CA PRO R 358 -24.40 -36.37 66.37
C PRO R 358 -24.44 -37.88 66.30
N GLU R 359 -23.97 -38.48 65.20
CA GLU R 359 -23.92 -39.93 65.10
C GLU R 359 -22.99 -40.52 66.15
N LEU R 360 -21.86 -39.87 66.40
CA LEU R 360 -20.94 -40.33 67.45
C LEU R 360 -21.53 -40.14 68.84
N GLN R 361 -22.35 -39.12 69.04
CA GLN R 361 -22.95 -38.88 70.35
C GLN R 361 -23.90 -40.01 70.71
N GLY R 362 -24.81 -40.36 69.80
CA GLY R 362 -25.78 -41.42 70.06
C GLY R 362 -25.15 -42.79 70.19
N ARG R 363 -23.96 -42.99 69.64
CA ARG R 363 -23.25 -44.27 69.72
C ARG R 363 -22.27 -44.33 70.87
N PHE R 364 -22.34 -43.37 71.81
CA PHE R 364 -21.62 -43.43 73.07
C PHE R 364 -22.62 -43.26 74.20
N PRO R 365 -23.46 -44.28 74.44
CA PRO R 365 -24.55 -44.11 75.42
C PRO R 365 -24.05 -44.04 76.85
N ILE R 366 -22.97 -44.72 77.18
CA ILE R 366 -22.41 -44.72 78.53
C ILE R 366 -21.34 -43.65 78.61
N ARG R 367 -21.52 -42.70 79.53
CA ARG R 367 -20.59 -41.59 79.68
C ARG R 367 -20.24 -41.43 81.15
N VAL R 368 -18.93 -41.44 81.44
CA VAL R 368 -18.41 -41.35 82.79
C VAL R 368 -17.47 -40.15 82.86
N GLU R 369 -17.60 -39.37 83.94
CA GLU R 369 -16.74 -38.23 84.20
C GLU R 369 -15.83 -38.62 85.37
N LEU R 370 -14.58 -38.97 85.05
CA LEU R 370 -13.67 -39.44 86.07
C LEU R 370 -13.26 -38.30 87.01
N ASP R 371 -12.77 -38.70 88.18
CA ASP R 371 -12.43 -37.77 89.25
C ASP R 371 -10.94 -37.47 89.25
N SER R 372 -10.59 -36.27 89.70
CA SER R 372 -9.19 -35.92 89.93
C SER R 372 -8.68 -36.66 91.16
N LEU R 373 -7.35 -36.66 91.31
CA LEU R 373 -6.70 -37.36 92.41
C LEU R 373 -6.15 -36.36 93.42
N SER R 374 -6.11 -36.79 94.67
CA SER R 374 -5.56 -36.00 95.77
C SER R 374 -4.35 -36.72 96.35
N VAL R 375 -3.70 -36.06 97.32
CA VAL R 375 -2.55 -36.67 97.98
C VAL R 375 -2.94 -37.99 98.64
N GLU R 376 -4.17 -38.07 99.17
CA GLU R 376 -4.65 -39.33 99.73
C GLU R 376 -4.74 -40.40 98.66
N ASP R 377 -5.21 -40.05 97.46
CA ASP R 377 -5.25 -41.02 96.38
C ASP R 377 -3.86 -41.39 95.90
N PHE R 378 -2.89 -40.48 96.04
CA PHE R 378 -1.53 -40.75 95.58
C PHE R 378 -0.84 -41.80 96.45
N VAL R 379 -1.08 -41.77 97.77
CA VAL R 379 -0.46 -42.76 98.64
C VAL R 379 -1.04 -44.15 98.41
N ARG R 380 -2.22 -44.23 97.78
CA ARG R 380 -2.87 -45.51 97.52
C ARG R 380 -2.48 -46.08 96.15
N ILE R 381 -2.34 -45.23 95.14
CA ILE R 381 -1.72 -45.66 93.88
C ILE R 381 -0.30 -46.14 94.16
N LEU R 382 0.33 -45.62 95.20
CA LEU R 382 1.72 -45.92 95.50
C LEU R 382 1.89 -47.21 96.30
N THR R 383 0.85 -47.66 97.02
CA THR R 383 1.00 -48.81 97.90
C THR R 383 -0.03 -49.90 97.65
N GLU R 384 -1.30 -49.51 97.56
CA GLU R 384 -2.40 -50.49 97.57
C GLU R 384 -2.34 -51.51 96.45
N PRO R 385 -2.31 -51.13 95.16
CA PRO R 385 -2.65 -52.10 94.13
C PRO R 385 -1.54 -53.11 93.89
N LYS R 386 -1.93 -54.27 93.39
CA LYS R 386 -0.96 -55.28 92.96
C LYS R 386 0.00 -54.67 91.94
N LEU R 387 1.28 -54.99 92.08
CA LEU R 387 2.33 -54.42 91.23
C LEU R 387 2.39 -52.91 91.36
N SER R 388 2.27 -52.43 92.60
CA SER R 388 2.41 -51.01 92.88
C SER R 388 3.85 -50.55 92.62
N LEU R 389 4.01 -49.23 92.54
CA LEU R 389 5.32 -48.68 92.19
C LEU R 389 6.36 -48.98 93.26
N ILE R 390 6.00 -48.84 94.54
CA ILE R 390 6.96 -49.18 95.59
C ILE R 390 7.11 -50.69 95.69
N LYS R 391 6.05 -51.44 95.37
CA LYS R 391 6.16 -52.90 95.29
C LYS R 391 6.89 -53.36 94.05
N GLN R 392 7.16 -52.47 93.09
CA GLN R 392 8.01 -52.77 91.95
C GLN R 392 9.48 -52.55 92.28
N TYR R 393 9.82 -51.41 92.90
CA TYR R 393 11.20 -51.15 93.27
C TYR R 393 11.66 -52.05 94.40
N GLU R 394 10.72 -52.53 95.24
CA GLU R 394 11.10 -53.49 96.29
C GLU R 394 11.59 -54.79 95.69
N ALA R 395 10.88 -55.30 94.67
CA ALA R 395 11.27 -56.58 94.08
C ALA R 395 12.50 -56.43 93.19
N LEU R 396 12.63 -55.29 92.50
CA LEU R 396 13.79 -55.05 91.64
C LEU R 396 15.07 -55.05 92.46
N LEU R 397 15.06 -54.40 93.63
CA LEU R 397 16.22 -54.39 94.49
C LEU R 397 16.39 -55.68 95.28
N GLN R 398 15.33 -56.51 95.35
CA GLN R 398 15.46 -57.83 95.96
C GLN R 398 16.31 -58.77 95.14
N THR R 399 16.61 -58.42 93.89
CA THR R 399 17.58 -59.19 93.10
C THR R 399 19.00 -58.79 93.44
N GLU R 400 19.21 -57.58 93.95
CA GLU R 400 20.49 -57.15 94.48
C GLU R 400 20.69 -57.57 95.94
N GLU R 401 19.83 -58.46 96.44
CA GLU R 401 19.84 -58.94 97.82
C GLU R 401 19.62 -57.82 98.83
N VAL R 402 19.09 -56.68 98.38
CA VAL R 402 18.78 -55.55 99.25
C VAL R 402 17.29 -55.56 99.55
N THR R 403 16.95 -55.32 100.80
CA THR R 403 15.56 -55.23 101.24
C THR R 403 15.26 -53.79 101.65
N VAL R 404 14.29 -53.18 100.99
CA VAL R 404 13.91 -51.79 101.22
C VAL R 404 12.55 -51.76 101.91
N ASN R 405 12.47 -51.05 103.03
CA ASN R 405 11.23 -50.87 103.76
C ASN R 405 10.82 -49.41 103.66
N PHE R 406 9.63 -49.15 103.13
CA PHE R 406 9.11 -47.80 102.99
C PHE R 406 8.21 -47.49 104.19
N THR R 407 8.59 -46.49 104.96
CA THR R 407 7.75 -46.06 106.07
C THR R 407 6.53 -45.33 105.55
N ASP R 408 5.43 -45.43 106.30
CA ASP R 408 4.16 -44.85 105.85
C ASP R 408 4.24 -43.33 105.74
N GLU R 409 5.08 -42.70 106.56
CA GLU R 409 5.22 -41.25 106.46
C GLU R 409 6.08 -40.84 105.27
N ALA R 410 7.07 -41.65 104.90
CA ALA R 410 7.84 -41.37 103.70
C ALA R 410 7.00 -41.55 102.45
N ILE R 411 6.12 -42.56 102.43
CA ILE R 411 5.16 -42.70 101.34
C ILE R 411 4.25 -41.48 101.28
N THR R 412 3.74 -41.05 102.43
CA THR R 412 2.90 -39.86 102.48
C THR R 412 3.66 -38.60 102.11
N ARG R 413 4.98 -38.60 102.29
CA ARG R 413 5.78 -37.45 101.88
C ARG R 413 6.08 -37.48 100.39
N LEU R 414 6.26 -38.67 99.83
CA LEU R 414 6.44 -38.79 98.38
C LEU R 414 5.21 -38.29 97.63
N ALA R 415 4.01 -38.64 98.12
CA ALA R 415 2.79 -38.20 97.46
C ALA R 415 2.63 -36.69 97.52
N GLU R 416 2.98 -36.09 98.66
CA GLU R 416 2.85 -34.64 98.80
C GLU R 416 3.74 -33.91 97.82
N ILE R 417 4.90 -34.48 97.48
CA ILE R 417 5.80 -33.83 96.53
C ILE R 417 5.29 -33.97 95.10
N ALA R 418 4.84 -35.18 94.74
CA ALA R 418 4.27 -35.39 93.41
C ALA R 418 3.05 -34.52 93.19
N TYR R 419 2.18 -34.44 94.20
CA TYR R 419 1.02 -33.57 94.09
C TYR R 419 1.43 -32.10 94.07
N GLN R 420 2.52 -31.75 94.74
CA GLN R 420 2.96 -30.36 94.80
C GLN R 420 3.47 -29.90 93.44
N VAL R 421 4.42 -30.64 92.86
CA VAL R 421 4.96 -30.26 91.56
C VAL R 421 3.91 -30.34 90.47
N ASN R 422 2.87 -31.16 90.66
CA ASN R 422 1.73 -31.16 89.74
C ASN R 422 0.98 -29.83 89.76
N GLN R 423 1.19 -29.02 90.79
CA GLN R 423 0.56 -27.71 90.88
C GLN R 423 1.50 -26.57 90.48
N ASP R 424 2.80 -26.72 90.73
CA ASP R 424 3.75 -25.65 90.42
C ASP R 424 3.90 -25.46 88.91
N THR R 425 3.87 -26.54 88.15
CA THR R 425 4.06 -26.45 86.70
C THR R 425 2.86 -27.02 85.96
N ASP R 426 3.01 -28.20 85.37
CA ASP R 426 1.96 -28.85 84.60
C ASP R 426 1.51 -30.12 85.32
N ASN R 427 0.19 -30.28 85.46
CA ASN R 427 -0.39 -31.41 86.20
C ASN R 427 -0.48 -32.62 85.27
N ILE R 428 0.33 -33.64 85.54
CA ILE R 428 0.31 -34.87 84.76
C ILE R 428 -0.24 -36.04 85.58
N GLY R 429 -0.89 -35.75 86.71
CA GLY R 429 -1.57 -36.80 87.45
C GLY R 429 -0.59 -37.78 88.09
N ALA R 430 -1.01 -39.05 88.13
CA ALA R 430 -0.19 -40.10 88.74
C ALA R 430 1.08 -40.38 87.97
N ARG R 431 1.17 -39.91 86.71
CA ARG R 431 2.38 -40.11 85.93
C ARG R 431 3.58 -39.43 86.55
N ARG R 432 3.36 -38.50 87.49
CA ARG R 432 4.46 -37.86 88.20
C ARG R 432 5.18 -38.80 89.14
N LEU R 433 4.52 -39.87 89.60
CA LEU R 433 5.13 -40.78 90.56
C LEU R 433 6.36 -41.47 90.00
N HIS R 434 6.40 -41.71 88.68
CA HIS R 434 7.54 -42.40 88.10
C HIS R 434 8.83 -41.60 88.28
N THR R 435 8.77 -40.29 88.02
CA THR R 435 9.98 -39.48 88.10
C THR R 435 10.32 -39.09 89.54
N ILE R 436 9.32 -39.05 90.42
CA ILE R 436 9.56 -38.72 91.81
C ILE R 436 10.30 -39.84 92.52
N LEU R 437 9.89 -41.09 92.29
CA LEU R 437 10.51 -42.22 92.96
C LEU R 437 11.94 -42.45 92.46
N GLU R 438 12.17 -42.28 91.16
CA GLU R 438 13.48 -42.61 90.60
C GLU R 438 14.55 -41.64 91.04
N LYS R 439 14.21 -40.36 91.16
CA LYS R 439 15.21 -39.37 91.56
C LYS R 439 15.64 -39.58 93.01
N MET R 440 14.70 -39.96 93.88
CA MET R 440 15.06 -40.20 95.27
C MET R 440 15.83 -41.51 95.42
N LEU R 441 15.40 -42.55 94.69
CA LEU R 441 16.10 -43.83 94.66
C LEU R 441 17.35 -43.80 93.78
N GLU R 442 17.84 -42.61 93.43
CA GLU R 442 18.97 -42.50 92.51
C GLU R 442 20.21 -43.18 93.06
N ASP R 443 20.59 -42.84 94.30
CA ASP R 443 21.83 -43.35 94.86
C ASP R 443 21.71 -44.79 95.33
N LEU R 444 20.54 -45.17 95.85
CA LEU R 444 20.37 -46.54 96.32
C LEU R 444 20.47 -47.54 95.17
N SER R 445 19.90 -47.20 94.02
CA SER R 445 19.98 -48.10 92.87
C SER R 445 21.40 -48.22 92.35
N PHE R 446 22.21 -47.16 92.48
CA PHE R 446 23.59 -47.19 92.01
C PHE R 446 24.49 -47.97 92.96
N GLU R 447 24.28 -47.82 94.27
CA GLU R 447 25.11 -48.45 95.28
C GLU R 447 24.52 -49.75 95.80
N ALA R 448 23.55 -50.33 95.10
CA ALA R 448 22.95 -51.59 95.53
C ALA R 448 23.81 -52.80 95.19
N PRO R 449 24.36 -52.92 93.97
CA PRO R 449 25.16 -54.12 93.68
C PRO R 449 26.42 -54.23 94.52
N SER R 450 27.03 -53.11 94.92
CA SER R 450 28.18 -53.13 95.81
C SER R 450 27.79 -53.13 97.28
N MET R 451 26.54 -53.48 97.59
CA MET R 451 26.03 -53.45 98.96
C MET R 451 24.91 -54.47 99.09
N PRO R 452 25.25 -55.76 99.08
CA PRO R 452 24.23 -56.80 99.17
C PRO R 452 23.94 -57.20 100.61
N ASN R 453 22.80 -57.89 100.77
CA ASN R 453 22.33 -58.34 102.08
C ASN R 453 22.29 -57.18 103.07
N ALA R 454 21.69 -56.07 102.64
CA ALA R 454 21.52 -54.89 103.46
C ALA R 454 20.04 -54.52 103.53
N VAL R 455 19.68 -53.82 104.61
CA VAL R 455 18.31 -53.37 104.83
C VAL R 455 18.33 -51.86 104.99
N VAL R 456 17.59 -51.16 104.14
CA VAL R 456 17.51 -49.71 104.16
C VAL R 456 16.07 -49.30 104.45
N ASP R 457 15.89 -48.42 105.42
CA ASP R 457 14.58 -47.84 105.72
C ASP R 457 14.52 -46.43 105.14
N ILE R 458 13.50 -46.17 104.35
CA ILE R 458 13.31 -44.87 103.72
C ILE R 458 12.41 -44.03 104.62
N THR R 459 12.99 -42.98 105.22
CA THR R 459 12.28 -42.05 106.09
C THR R 459 11.90 -40.79 105.32
N PRO R 460 10.84 -40.10 105.75
CA PRO R 460 10.50 -38.82 105.11
C PRO R 460 11.62 -37.79 105.17
N GLN R 461 12.52 -37.90 106.14
CA GLN R 461 13.69 -37.02 106.18
C GLN R 461 14.72 -37.39 105.12
N TYR R 462 14.67 -38.62 104.60
CA TYR R 462 15.51 -39.00 103.47
C TYR R 462 14.91 -38.55 102.14
N VAL R 463 13.60 -38.34 102.09
CA VAL R 463 12.97 -37.83 100.87
C VAL R 463 13.28 -36.34 100.70
N ASP R 464 13.24 -35.57 101.78
CA ASP R 464 13.57 -34.15 101.70
C ASP R 464 15.04 -33.93 101.39
N ASP R 465 15.90 -34.87 101.75
CA ASP R 465 17.32 -34.75 101.40
C ASP R 465 17.55 -34.81 99.90
N LYS R 466 16.60 -35.33 99.14
CA LYS R 466 16.72 -35.50 97.70
C LYS R 466 15.81 -34.58 96.90
N LEU R 467 14.57 -34.38 97.35
CA LEU R 467 13.55 -33.74 96.54
C LEU R 467 13.12 -32.37 97.03
N LYS R 468 13.39 -32.02 98.29
CA LYS R 468 12.88 -30.76 98.84
C LYS R 468 13.50 -29.56 98.13
N SER R 469 14.83 -29.55 97.97
CA SER R 469 15.48 -28.42 97.34
C SER R 469 15.16 -28.29 95.85
N ILE R 470 14.68 -29.36 95.23
CA ILE R 470 14.36 -29.35 93.81
C ILE R 470 12.88 -29.10 93.55
N SER R 471 12.01 -29.75 94.33
CA SER R 471 10.58 -29.52 94.16
C SER R 471 10.18 -28.09 94.50
N THR R 472 10.85 -27.48 95.48
CA THR R 472 10.61 -26.09 95.81
C THR R 472 11.19 -25.14 94.77
N ASN R 473 11.98 -25.65 93.82
CA ASN R 473 12.52 -24.85 92.73
C ASN R 473 11.69 -25.13 91.48
N LYS R 474 10.84 -24.16 91.10
CA LYS R 474 9.89 -24.37 90.01
C LYS R 474 10.61 -24.68 88.70
N ASP R 475 11.41 -23.73 88.20
CA ASP R 475 11.99 -23.84 86.87
C ASP R 475 12.96 -25.00 86.74
N LEU R 476 13.48 -25.53 87.85
CA LEU R 476 14.28 -26.76 87.75
C LEU R 476 13.38 -27.99 87.70
N SER R 477 12.28 -27.96 88.45
CA SER R 477 11.34 -29.09 88.42
C SER R 477 10.66 -29.23 87.07
N ALA R 478 10.60 -28.16 86.27
CA ALA R 478 10.09 -28.28 84.91
C ALA R 478 11.03 -29.05 84.00
N PHE R 479 12.26 -29.32 84.44
CA PHE R 479 13.26 -30.01 83.65
C PHE R 479 13.62 -31.39 84.19
N ILE R 480 13.88 -31.50 85.49
CA ILE R 480 14.59 -32.65 86.02
C ILE R 480 13.70 -33.70 86.68
N LEU R 481 12.48 -33.35 87.08
CA LEU R 481 11.61 -34.34 87.70
C LEU R 481 10.12 -33.98 87.58
N ARG S 21 -23.69 23.46 24.30
CA ARG S 21 -24.96 23.36 23.57
C ARG S 21 -24.72 23.08 22.08
N LEU S 22 -23.62 22.40 21.78
CA LEU S 22 -23.28 22.10 20.40
C LEU S 22 -24.19 21.01 19.84
N THR S 23 -24.03 20.74 18.55
CA THR S 23 -24.66 19.71 17.74
C THR S 23 -23.74 18.51 17.60
N PRO S 24 -24.26 17.29 17.74
CA PRO S 24 -23.41 16.09 17.61
C PRO S 24 -22.52 16.09 16.37
N LYS S 25 -23.05 16.54 15.23
CA LYS S 25 -22.21 16.63 14.03
C LYS S 25 -21.09 17.65 14.19
N GLU S 26 -21.34 18.72 14.95
CA GLU S 26 -20.30 19.72 15.17
C GLU S 26 -19.23 19.21 16.13
N ILE S 27 -19.59 18.28 17.02
CA ILE S 27 -18.64 17.75 17.97
C ILE S 27 -17.70 16.75 17.29
N VAL S 28 -18.25 15.83 16.49
CA VAL S 28 -17.43 14.89 15.76
C VAL S 28 -16.46 15.63 14.84
N SER S 29 -16.92 16.73 14.23
CA SER S 29 -16.03 17.52 13.38
C SER S 29 -14.88 18.11 14.20
N LYS S 30 -15.20 18.76 15.33
CA LYS S 30 -14.15 19.32 16.17
C LYS S 30 -13.29 18.24 16.81
N LEU S 31 -13.82 17.02 16.95
CA LEU S 31 -13.00 15.91 17.42
C LEU S 31 -12.07 15.37 16.34
N ASN S 32 -12.41 15.56 15.06
CA ASN S 32 -11.59 15.05 13.98
C ASN S 32 -10.33 15.88 13.75
N GLU S 33 -10.28 17.11 14.28
CA GLU S 33 -9.07 17.91 14.15
C GLU S 33 -7.92 17.36 14.97
N TYR S 34 -8.20 16.52 15.96
CA TYR S 34 -7.19 16.04 16.89
C TYR S 34 -7.08 14.52 16.93
N ILE S 35 -8.19 13.80 16.81
CA ILE S 35 -8.22 12.35 16.93
C ILE S 35 -8.43 11.74 15.55
N VAL S 36 -7.66 10.70 15.25
CA VAL S 36 -7.73 10.01 13.96
C VAL S 36 -8.62 8.79 14.11
N GLY S 37 -9.63 8.70 13.24
CA GLY S 37 -10.50 7.53 13.23
C GLY S 37 -11.40 7.47 14.44
N GLN S 38 -11.80 6.25 14.79
CA GLN S 38 -12.69 5.99 15.93
C GLN S 38 -13.97 6.82 15.83
N ASN S 39 -14.59 6.77 14.64
CA ASN S 39 -15.81 7.56 14.44
C ASN S 39 -16.98 7.01 15.23
N ASP S 40 -17.05 5.68 15.40
CA ASP S 40 -18.11 5.11 16.23
C ASP S 40 -18.01 5.60 17.66
N ALA S 41 -16.79 5.70 18.18
CA ALA S 41 -16.60 6.24 19.53
C ALA S 41 -16.93 7.74 19.56
N LYS S 42 -16.43 8.49 18.57
CA LYS S 42 -16.77 9.91 18.48
C LYS S 42 -18.26 10.12 18.38
N ARG S 43 -18.96 9.26 17.64
CA ARG S 43 -20.41 9.36 17.53
C ARG S 43 -21.08 9.23 18.88
N LYS S 44 -20.80 8.13 19.59
CA LYS S 44 -21.48 7.86 20.84
C LYS S 44 -21.05 8.80 21.95
N VAL S 45 -19.78 9.22 21.95
CA VAL S 45 -19.33 10.20 22.94
C VAL S 45 -19.98 11.56 22.69
N ALA S 46 -20.54 11.78 21.50
CA ALA S 46 -21.19 13.04 21.18
C ALA S 46 -22.70 13.01 21.44
N ILE S 47 -23.33 11.84 21.32
CA ILE S 47 -24.75 11.74 21.66
C ILE S 47 -24.97 11.60 23.15
N ALA S 48 -23.90 11.36 23.92
CA ALA S 48 -24.00 11.43 25.37
C ALA S 48 -24.00 12.87 25.88
N LEU S 49 -23.38 13.78 25.13
CA LEU S 49 -23.38 15.19 25.50
C LEU S 49 -24.66 15.89 25.04
N ARG S 50 -25.15 15.54 23.85
CA ARG S 50 -26.40 16.14 23.38
C ARG S 50 -27.57 15.75 24.27
N ASN S 51 -27.56 14.52 24.79
CA ASN S 51 -28.60 14.11 25.74
C ASN S 51 -28.56 14.94 27.01
N ARG S 52 -27.46 15.63 27.29
CA ARG S 52 -27.39 16.55 28.41
C ARG S 52 -27.84 17.95 28.04
N TYR S 53 -27.84 18.30 26.75
CA TYR S 53 -28.50 19.52 26.30
C TYR S 53 -29.97 19.29 25.98
N ARG S 54 -30.34 18.08 25.57
CA ARG S 54 -31.75 17.71 25.51
C ARG S 54 -32.35 17.68 26.91
N ARG S 55 -31.65 17.05 27.85
CA ARG S 55 -31.90 17.31 29.26
C ARG S 55 -31.58 18.77 29.57
N SER S 56 -32.05 19.25 30.72
CA SER S 56 -31.93 20.63 31.16
C SER S 56 -32.76 21.59 30.31
N LEU S 57 -33.47 21.10 29.30
CA LEU S 57 -34.44 21.88 28.56
C LEU S 57 -35.84 21.30 28.72
N LEU S 58 -36.07 20.52 29.76
CA LEU S 58 -37.33 19.83 30.01
C LEU S 58 -37.93 20.29 31.34
N ASP S 59 -39.05 19.67 31.70
CA ASP S 59 -39.68 19.92 32.98
C ASP S 59 -38.74 19.49 34.12
N GLU S 60 -38.80 20.22 35.23
CA GLU S 60 -37.95 19.88 36.37
C GLU S 60 -38.29 18.51 36.94
N GLU S 61 -39.54 18.05 36.77
CA GLU S 61 -39.88 16.69 37.14
C GLU S 61 -39.14 15.69 36.24
N SER S 62 -38.98 16.01 34.97
CA SER S 62 -38.25 15.17 34.04
C SER S 62 -36.77 15.50 33.97
N LYS S 63 -36.39 16.73 34.32
CA LYS S 63 -34.98 17.09 34.32
C LYS S 63 -34.23 16.43 35.47
N GLN S 64 -34.89 16.24 36.61
CA GLN S 64 -34.29 15.65 37.80
C GLN S 64 -34.57 14.15 37.90
N GLU S 65 -34.98 13.51 36.81
CA GLU S 65 -35.33 12.10 36.85
C GLU S 65 -34.86 11.32 35.63
N ILE S 66 -34.07 11.92 34.75
CA ILE S 66 -33.47 11.21 33.61
C ILE S 66 -31.97 11.13 33.84
N SER S 67 -31.42 9.91 33.74
CA SER S 67 -30.04 9.65 34.09
C SER S 67 -29.10 10.06 32.95
N PRO S 68 -27.88 10.48 33.28
CA PRO S 68 -26.90 10.78 32.23
C PRO S 68 -26.58 9.53 31.41
N LYS S 69 -26.50 9.70 30.10
CA LYS S 69 -26.20 8.61 29.19
C LYS S 69 -24.69 8.32 29.26
N ASN S 70 -24.29 7.70 30.37
CA ASN S 70 -22.89 7.40 30.60
C ASN S 70 -22.37 6.41 29.57
N ILE S 71 -21.06 6.44 29.37
CA ILE S 71 -20.40 5.70 28.30
C ILE S 71 -19.49 4.65 28.89
N LEU S 72 -19.31 3.56 28.15
CA LEU S 72 -18.41 2.47 28.52
C LEU S 72 -17.54 2.14 27.31
N MET S 73 -16.33 2.68 27.29
CA MET S 73 -15.41 2.42 26.20
C MET S 73 -14.67 1.10 26.42
N ILE S 74 -14.53 0.31 25.36
CA ILE S 74 -13.89 -1.00 25.41
C ILE S 74 -12.84 -1.06 24.31
N GLY S 75 -11.57 -1.16 24.71
CA GLY S 75 -10.52 -1.27 23.72
C GLY S 75 -9.12 -1.44 24.27
N PRO S 76 -8.16 -1.77 23.40
CA PRO S 76 -6.77 -1.91 23.87
C PRO S 76 -6.12 -0.56 24.18
N THR S 77 -4.86 -0.60 24.58
CA THR S 77 -4.12 0.61 24.87
C THR S 77 -3.71 1.30 23.57
N GLY S 78 -3.59 2.61 23.64
CA GLY S 78 -3.14 3.41 22.51
C GLY S 78 -4.12 3.54 21.37
N VAL S 79 -5.39 3.15 21.56
CA VAL S 79 -6.41 3.35 20.54
C VAL S 79 -7.05 4.73 20.64
N GLY S 80 -6.85 5.43 21.74
CA GLY S 80 -7.26 6.81 21.86
C GLY S 80 -8.53 7.08 22.64
N LYS S 81 -8.93 6.18 23.56
CA LYS S 81 -10.19 6.40 24.25
C LYS S 81 -10.09 7.53 25.28
N THR S 82 -8.95 7.64 25.96
CA THR S 82 -8.76 8.77 26.87
C THR S 82 -8.73 10.08 26.10
N GLU S 83 -8.12 10.09 24.92
CA GLU S 83 -8.01 11.33 24.14
C GLU S 83 -9.38 11.78 23.64
N ILE S 84 -10.23 10.85 23.19
CA ILE S 84 -11.58 11.22 22.79
C ILE S 84 -12.30 11.92 23.94
N ALA S 85 -12.16 11.40 25.16
CA ALA S 85 -12.87 11.98 26.29
C ALA S 85 -12.22 13.26 26.77
N ARG S 86 -10.88 13.30 26.76
CA ARG S 86 -10.18 14.50 27.21
C ARG S 86 -10.40 15.66 26.26
N ARG S 87 -10.37 15.39 24.95
CA ARG S 87 -10.57 16.46 23.97
C ARG S 87 -12.03 16.90 23.90
N MET S 88 -12.96 15.95 24.06
CA MET S 88 -14.38 16.30 24.01
C MET S 88 -14.74 17.30 25.09
N ALA S 89 -14.15 17.15 26.29
CA ALA S 89 -14.41 18.11 27.35
C ALA S 89 -13.84 19.48 27.03
N LYS S 90 -12.75 19.53 26.26
CA LYS S 90 -12.14 20.81 25.92
C LYS S 90 -12.87 21.54 24.80
N VAL S 91 -13.60 20.83 23.94
CA VAL S 91 -14.35 21.49 22.88
C VAL S 91 -15.73 21.96 23.33
N VAL S 92 -16.22 21.47 24.47
CA VAL S 92 -17.46 21.95 25.05
C VAL S 92 -17.22 22.70 26.35
N GLY S 93 -15.95 22.93 26.71
CA GLY S 93 -15.61 23.67 27.91
C GLY S 93 -16.04 23.00 29.20
N ALA S 94 -15.75 21.70 29.33
CA ALA S 94 -16.18 20.99 30.52
C ALA S 94 -14.97 20.55 31.35
N PRO S 95 -15.08 20.57 32.68
CA PRO S 95 -13.99 20.07 33.52
C PRO S 95 -13.85 18.55 33.39
N PHE S 96 -12.64 18.11 33.07
CA PHE S 96 -12.34 16.70 32.83
C PHE S 96 -11.38 16.18 33.88
N ILE S 97 -11.66 14.99 34.41
CA ILE S 97 -10.79 14.31 35.34
C ILE S 97 -10.64 12.87 34.89
N LYS S 98 -9.45 12.30 35.11
CA LYS S 98 -9.17 10.90 34.79
C LYS S 98 -8.64 10.23 36.04
N VAL S 99 -9.36 9.21 36.51
CA VAL S 99 -8.96 8.44 37.67
C VAL S 99 -8.75 7.00 37.24
N GLU S 100 -7.87 6.30 37.95
CA GLU S 100 -7.61 4.89 37.71
C GLU S 100 -8.39 4.08 38.75
N ALA S 101 -9.25 3.19 38.28
CA ALA S 101 -10.08 2.40 39.19
C ALA S 101 -9.24 1.56 40.13
N THR S 102 -8.09 1.05 39.66
CA THR S 102 -7.20 0.24 40.49
C THR S 102 -6.33 1.14 41.35
N LYS S 103 -7.00 1.85 42.27
CA LYS S 103 -6.31 2.63 43.28
C LYS S 103 -7.18 2.71 44.51
N PHE S 104 -8.42 2.25 44.40
CA PHE S 104 -9.39 2.25 45.49
C PHE S 104 -9.51 0.89 46.15
N THR S 105 -8.45 0.09 46.12
CA THR S 105 -8.46 -1.23 46.76
C THR S 105 -7.28 -1.39 47.72
N ARG S 112 -10.27 4.29 51.13
CA ARG S 112 -11.11 4.40 49.93
C ARG S 112 -11.17 5.84 49.44
N ASP S 113 -12.13 6.59 49.96
CA ASP S 113 -12.34 8.00 49.58
C ASP S 113 -12.54 8.13 48.07
N VAL S 114 -13.46 7.33 47.54
CA VAL S 114 -13.76 7.37 46.11
C VAL S 114 -14.27 8.74 45.69
N GLU S 115 -14.79 9.52 46.64
CA GLU S 115 -15.27 10.87 46.37
C GLU S 115 -14.15 11.83 45.99
N SER S 116 -12.90 11.40 46.05
CA SER S 116 -11.79 12.26 45.65
C SER S 116 -11.85 12.61 44.17
N MET S 117 -12.46 11.74 43.36
CA MET S 117 -12.64 12.05 41.94
C MET S 117 -13.58 13.24 41.76
N VAL S 118 -14.56 13.39 42.65
CA VAL S 118 -15.45 14.54 42.57
C VAL S 118 -14.77 15.78 43.18
N ARG S 119 -13.95 15.60 44.21
CA ARG S 119 -13.26 16.72 44.80
C ARG S 119 -12.16 17.26 43.88
N ASP S 120 -11.49 16.36 43.16
CA ASP S 120 -10.51 16.81 42.16
C ASP S 120 -11.20 17.47 40.97
N LEU S 121 -12.44 17.08 40.68
CA LEU S 121 -13.17 17.67 39.57
C LEU S 121 -13.46 19.16 39.80
N VAL S 122 -13.64 19.56 41.06
CA VAL S 122 -13.86 20.97 41.34
C VAL S 122 -12.55 21.75 41.31
N ASP S 123 -11.44 21.13 41.75
CA ASP S 123 -10.15 21.80 41.70
C ASP S 123 -9.76 22.17 40.27
N VAL S 124 -10.16 21.37 39.29
CA VAL S 124 -9.94 21.73 37.91
C VAL S 124 -11.10 22.58 37.37
N SER S 125 -12.31 22.37 37.89
CA SER S 125 -13.45 23.22 37.49
C SER S 125 -13.20 24.68 37.84
N VAL S 126 -12.43 24.94 38.90
CA VAL S 126 -12.08 26.32 39.24
C VAL S 126 -10.82 26.78 38.51
N ARG S 127 -10.03 25.86 37.94
CA ARG S 127 -8.85 26.25 37.19
C ARG S 127 -9.25 26.86 35.84
N LEU S 128 -10.15 26.21 35.11
CA LEU S 128 -10.59 26.72 33.83
C LEU S 128 -11.77 27.69 33.95
N VAL S 129 -12.22 27.99 35.16
CA VAL S 129 -13.19 29.06 35.33
C VAL S 129 -12.50 30.40 35.55
N LYS S 130 -11.22 30.40 35.90
CA LYS S 130 -10.41 31.61 36.00
C LYS S 130 -9.39 31.68 34.87
N ALA S 131 -9.80 31.30 33.67
CA ALA S 131 -8.94 31.35 32.49
C ALA S 131 -9.70 31.92 31.31
N GLN S 287 -21.85 20.35 37.12
CA GLN S 287 -23.09 20.41 36.35
C GLN S 287 -22.90 19.91 34.92
N MET S 288 -21.66 19.98 34.42
CA MET S 288 -21.37 19.39 33.11
C MET S 288 -19.96 18.82 33.03
N GLY S 289 -19.31 18.57 34.17
CA GLY S 289 -18.00 17.94 34.15
C GLY S 289 -18.08 16.47 33.79
N ILE S 290 -16.95 15.95 33.31
CA ILE S 290 -16.83 14.56 32.87
C ILE S 290 -15.79 13.86 33.72
N ILE S 291 -16.16 12.73 34.30
CA ILE S 291 -15.27 11.89 35.10
C ILE S 291 -14.95 10.64 34.29
N PHE S 292 -13.66 10.40 34.05
CA PHE S 292 -13.18 9.30 33.23
C PHE S 292 -12.57 8.25 34.14
N ILE S 293 -13.26 7.14 34.33
CA ILE S 293 -12.82 6.08 35.23
C ILE S 293 -12.19 4.98 34.36
N ASP S 294 -10.88 5.06 34.18
CA ASP S 294 -10.15 4.06 33.42
C ASP S 294 -9.85 2.84 34.29
N GLU S 295 -9.49 1.74 33.61
CA GLU S 295 -9.21 0.46 34.26
C GLU S 295 -10.41 -0.05 35.06
N ILE S 296 -11.62 0.30 34.61
CA ILE S 296 -12.83 -0.14 35.28
C ILE S 296 -13.06 -1.62 35.08
N ASP S 297 -12.47 -2.22 34.05
CA ASP S 297 -12.57 -3.66 33.85
C ASP S 297 -11.76 -4.44 34.88
N LYS S 298 -10.89 -3.77 35.64
CA LYS S 298 -10.03 -4.42 36.62
C LYS S 298 -10.61 -4.40 38.03
N VAL S 299 -11.77 -3.76 38.23
CA VAL S 299 -12.44 -3.80 39.53
C VAL S 299 -13.69 -4.66 39.38
N ALA S 300 -13.65 -5.63 38.47
CA ALA S 300 -14.77 -6.52 38.24
C ALA S 300 -14.33 -7.98 38.32
N GLN S 313 -14.84 -5.79 44.43
CA GLN S 313 -16.25 -5.53 44.17
C GLN S 313 -16.73 -4.33 44.98
N GLY S 314 -16.04 -4.07 46.10
CA GLY S 314 -16.41 -2.93 46.92
C GLY S 314 -16.22 -1.60 46.20
N VAL S 315 -15.30 -1.55 45.23
CA VAL S 315 -15.10 -0.33 44.47
C VAL S 315 -16.34 -0.01 43.64
N GLN S 316 -16.93 -1.03 43.01
CA GLN S 316 -18.15 -0.82 42.24
C GLN S 316 -19.29 -0.31 43.13
N ARG S 317 -19.39 -0.83 44.35
CA ARG S 317 -20.40 -0.36 45.29
C ARG S 317 -20.06 1.02 45.84
N ASP S 318 -18.77 1.38 45.86
CA ASP S 318 -18.38 2.72 46.28
C ASP S 318 -18.54 3.75 45.18
N ILE S 319 -18.39 3.33 43.92
CA ILE S 319 -18.62 4.23 42.79
C ILE S 319 -20.13 4.44 42.59
N LEU S 320 -20.95 3.46 42.99
CA LEU S 320 -22.39 3.52 42.77
C LEU S 320 -23.05 4.79 43.27
N PRO S 321 -22.89 5.22 44.53
CA PRO S 321 -23.60 6.43 44.97
C PRO S 321 -23.24 7.66 44.17
N ILE S 322 -21.99 7.75 43.69
CA ILE S 322 -21.59 8.88 42.87
C ILE S 322 -22.31 8.86 41.53
N LEU S 323 -22.60 7.66 41.00
CA LEU S 323 -23.36 7.57 39.75
C LEU S 323 -24.85 7.78 39.99
N GLU S 324 -25.37 7.26 41.11
CA GLU S 324 -26.79 7.43 41.40
C GLU S 324 -27.14 8.87 41.72
N GLY S 325 -26.16 9.65 42.19
CA GLY S 325 -26.40 11.02 42.57
C GLY S 325 -26.32 11.23 44.07
N SER S 326 -25.23 11.86 44.52
CA SER S 326 -25.02 12.16 45.93
C SER S 326 -24.45 13.56 46.06
N VAL S 327 -24.25 13.99 47.30
CA VAL S 327 -23.70 15.31 47.61
C VAL S 327 -22.35 15.11 48.29
N ILE S 328 -21.31 15.75 47.75
CA ILE S 328 -19.94 15.61 48.22
C ILE S 328 -19.48 16.95 48.76
N GLN S 329 -18.90 16.93 49.96
CA GLN S 329 -18.39 18.15 50.59
C GLN S 329 -17.01 18.47 50.04
N THR S 330 -16.91 19.50 49.22
CA THR S 330 -15.63 20.04 48.80
C THR S 330 -15.20 21.16 49.73
N LYS S 331 -13.99 21.66 49.52
CA LYS S 331 -13.56 22.82 50.29
C LYS S 331 -14.20 24.11 49.79
N TYR S 332 -14.77 24.08 48.58
CA TYR S 332 -15.49 25.22 48.04
C TYR S 332 -16.99 25.17 48.32
N GLY S 333 -17.49 24.08 48.88
CA GLY S 333 -18.90 23.93 49.16
C GLY S 333 -19.31 22.47 49.02
N THR S 334 -20.55 22.27 48.55
CA THR S 334 -21.11 20.95 48.33
C THR S 334 -21.67 20.88 46.92
N VAL S 335 -21.20 19.91 46.14
CA VAL S 335 -21.62 19.76 44.75
C VAL S 335 -22.54 18.54 44.63
N ASN S 336 -23.13 18.39 43.44
CA ASN S 336 -24.09 17.34 43.16
C ASN S 336 -23.64 16.55 41.94
N THR S 337 -23.38 15.26 42.13
CA THR S 337 -22.93 14.37 41.06
C THR S 337 -24.09 13.71 40.33
N GLU S 338 -25.30 14.24 40.48
CA GLU S 338 -26.48 13.58 39.92
C GLU S 338 -26.47 13.60 38.39
N HIS S 339 -25.90 14.66 37.79
CA HIS S 339 -25.90 14.80 36.34
C HIS S 339 -24.50 15.06 35.80
N MET S 340 -23.48 14.52 36.46
CA MET S 340 -22.15 14.49 35.89
C MET S 340 -22.03 13.32 34.91
N LEU S 341 -21.24 13.52 33.87
CA LEU S 341 -21.07 12.49 32.84
C LEU S 341 -19.90 11.58 33.22
N PHE S 342 -20.16 10.28 33.24
CA PHE S 342 -19.15 9.30 33.60
C PHE S 342 -18.81 8.44 32.38
N ILE S 343 -17.52 8.17 32.20
CA ILE S 343 -17.02 7.40 31.07
C ILE S 343 -16.16 6.29 31.64
N GLY S 344 -16.73 5.08 31.73
CA GLY S 344 -15.93 3.92 32.07
C GLY S 344 -15.15 3.42 30.87
N ALA S 345 -13.93 2.95 31.12
CA ALA S 345 -13.06 2.52 30.04
C ALA S 345 -12.16 1.40 30.53
N GLY S 346 -11.85 0.47 29.62
CA GLY S 346 -10.98 -0.64 29.94
C GLY S 346 -10.86 -1.56 28.75
N ALA S 347 -9.86 -2.45 28.81
CA ALA S 347 -9.66 -3.41 27.74
C ALA S 347 -10.62 -4.59 27.83
N PHE S 348 -11.01 -4.97 29.05
CA PHE S 348 -11.92 -6.09 29.27
C PHE S 348 -11.38 -7.39 28.69
N HIS S 349 -10.08 -7.61 28.86
CA HIS S 349 -9.49 -8.89 28.51
C HIS S 349 -9.76 -9.93 29.59
N VAL S 350 -9.60 -9.55 30.85
CA VAL S 350 -9.82 -10.49 31.94
C VAL S 350 -11.31 -10.66 32.25
N SER S 351 -12.11 -9.62 32.08
CA SER S 351 -13.52 -9.66 32.42
C SER S 351 -14.35 -9.06 31.28
N LYS S 352 -15.65 -9.04 31.48
CA LYS S 352 -16.61 -8.50 30.52
C LYS S 352 -17.46 -7.42 31.20
N PRO S 353 -18.09 -6.54 30.43
CA PRO S 353 -19.09 -5.64 31.03
C PRO S 353 -20.26 -6.38 31.64
N SER S 354 -20.53 -7.61 31.22
CA SER S 354 -21.53 -8.43 31.89
C SER S 354 -21.11 -8.80 33.31
N ASP S 355 -19.81 -8.73 33.61
CA ASP S 355 -19.29 -9.05 34.93
C ASP S 355 -19.35 -7.88 35.90
N LEU S 356 -19.83 -6.71 35.46
CA LEU S 356 -20.05 -5.61 36.38
C LEU S 356 -21.27 -5.88 37.24
N ILE S 357 -21.39 -5.11 38.33
CA ILE S 357 -22.57 -5.22 39.18
C ILE S 357 -23.75 -4.70 38.36
N PRO S 358 -24.94 -5.27 38.54
CA PRO S 358 -26.08 -4.88 37.67
C PRO S 358 -26.39 -3.40 37.69
N GLU S 359 -26.16 -2.73 38.82
CA GLU S 359 -26.43 -1.30 38.88
C GLU S 359 -25.53 -0.50 37.95
N LEU S 360 -24.29 -0.95 37.76
CA LEU S 360 -23.39 -0.27 36.86
C LEU S 360 -23.67 -0.61 35.40
N GLN S 361 -24.19 -1.81 35.13
CA GLN S 361 -24.57 -2.15 33.77
C GLN S 361 -25.73 -1.29 33.29
N GLY S 362 -26.73 -1.08 34.14
CA GLY S 362 -27.88 -0.28 33.75
C GLY S 362 -27.60 1.21 33.67
N ARG S 363 -26.56 1.70 34.35
CA ARG S 363 -26.21 3.11 34.34
C ARG S 363 -25.08 3.42 33.37
N PHE S 364 -24.70 2.46 32.52
CA PHE S 364 -23.76 2.68 31.41
C PHE S 364 -24.48 2.30 30.11
N PRO S 365 -25.44 3.13 29.68
CA PRO S 365 -26.26 2.73 28.53
C PRO S 365 -25.51 2.78 27.21
N ILE S 366 -24.57 3.71 27.07
CA ILE S 366 -23.80 3.87 25.84
C ILE S 366 -22.53 3.04 25.94
N ARG S 367 -22.34 2.13 24.99
CA ARG S 367 -21.17 1.27 24.97
C ARG S 367 -20.63 1.18 23.56
N VAL S 368 -19.31 1.30 23.42
CA VAL S 368 -18.65 1.33 22.12
C VAL S 368 -17.38 0.51 22.20
N GLU S 369 -17.12 -0.28 21.15
CA GLU S 369 -15.89 -1.06 21.03
C GLU S 369 -14.99 -0.37 20.02
N LEU S 370 -13.90 0.22 20.50
CA LEU S 370 -12.98 0.94 19.64
C LEU S 370 -12.20 -0.04 18.77
N ASP S 371 -11.65 0.49 17.68
CA ASP S 371 -10.94 -0.31 16.70
C ASP S 371 -9.45 -0.36 16.99
N SER S 372 -8.82 -1.48 16.62
CA SER S 372 -7.38 -1.61 16.73
C SER S 372 -6.70 -0.88 15.58
N LEU S 373 -5.53 -0.32 15.86
CA LEU S 373 -4.77 0.41 14.84
C LEU S 373 -3.96 -0.56 13.99
N SER S 374 -3.87 -0.27 12.70
CA SER S 374 -2.98 -0.95 11.78
C SER S 374 -1.80 -0.05 11.46
N VAL S 375 -0.86 -0.58 10.68
CA VAL S 375 0.29 0.21 10.28
C VAL S 375 -0.16 1.43 9.48
N GLU S 376 -1.21 1.26 8.68
CA GLU S 376 -1.75 2.40 7.93
C GLU S 376 -2.33 3.46 8.85
N ASP S 377 -2.79 3.08 10.04
CA ASP S 377 -3.33 4.07 10.98
C ASP S 377 -2.23 4.86 11.65
N PHE S 378 -1.04 4.29 11.79
CA PHE S 378 0.06 5.02 12.44
C PHE S 378 0.51 6.20 11.58
N VAL S 379 0.53 6.02 10.24
CA VAL S 379 0.90 7.15 9.39
C VAL S 379 -0.17 8.24 9.46
N ARG S 380 -1.42 7.87 9.77
CA ARG S 380 -2.45 8.88 9.99
C ARG S 380 -2.26 9.57 11.33
N ILE S 381 -2.07 8.79 12.41
CA ILE S 381 -1.76 9.36 13.71
C ILE S 381 -0.56 10.30 13.63
N LEU S 382 0.36 10.03 12.70
CA LEU S 382 1.60 10.77 12.60
C LEU S 382 1.50 12.05 11.80
N THR S 383 0.56 12.14 10.85
CA THR S 383 0.50 13.29 9.94
C THR S 383 -0.87 13.94 9.82
N GLU S 384 -1.95 13.29 10.26
CA GLU S 384 -3.29 13.79 10.03
C GLU S 384 -3.75 14.83 11.05
N PRO S 385 -3.60 14.61 12.37
CA PRO S 385 -4.17 15.56 13.33
C PRO S 385 -3.49 16.93 13.28
N LYS S 386 -4.08 17.86 14.03
CA LYS S 386 -3.54 19.22 14.09
C LYS S 386 -2.14 19.22 14.70
N LEU S 387 -2.03 18.78 15.95
CA LEU S 387 -0.74 18.72 16.63
C LEU S 387 -0.13 17.33 16.53
N SER S 388 -0.07 16.80 15.30
CA SER S 388 0.50 15.48 15.09
C SER S 388 1.96 15.46 15.56
N LEU S 389 2.46 14.25 15.79
CA LEU S 389 3.78 14.11 16.42
C LEU S 389 4.87 14.74 15.57
N ILE S 390 4.83 14.52 14.25
CA ILE S 390 5.85 15.13 13.40
C ILE S 390 5.58 16.62 13.18
N LYS S 391 4.33 17.07 13.34
CA LYS S 391 4.08 18.50 13.28
C LYS S 391 4.58 19.23 14.52
N GLN S 392 4.77 18.51 15.63
CA GLN S 392 5.39 19.12 16.80
C GLN S 392 6.89 19.29 16.58
N TYR S 393 7.55 18.26 16.05
CA TYR S 393 9.00 18.33 15.87
C TYR S 393 9.38 19.38 14.83
N GLU S 394 8.56 19.54 13.79
CA GLU S 394 8.82 20.60 12.82
C GLU S 394 8.78 21.97 13.50
N ALA S 395 7.75 22.21 14.33
CA ALA S 395 7.67 23.47 15.07
C ALA S 395 8.81 23.59 16.07
N LEU S 396 9.21 22.46 16.69
CA LEU S 396 10.29 22.51 17.67
C LEU S 396 11.62 22.83 16.99
N LEU S 397 11.95 22.11 15.91
CA LEU S 397 13.23 22.31 15.25
C LEU S 397 13.27 23.58 14.40
N GLN S 398 12.10 24.12 14.02
CA GLN S 398 12.10 25.42 13.35
C GLN S 398 12.54 26.54 14.29
N THR S 399 12.44 26.33 15.60
CA THR S 399 12.94 27.31 16.55
C THR S 399 14.46 27.47 16.43
N GLU S 400 15.16 26.38 16.16
CA GLU S 400 16.60 26.41 15.93
C GLU S 400 16.97 26.87 14.53
N GLU S 401 16.02 27.41 13.77
CA GLU S 401 16.22 27.76 12.36
C GLU S 401 16.66 26.54 11.55
N VAL S 402 16.07 25.39 11.85
CA VAL S 402 16.33 24.15 11.12
C VAL S 402 15.02 23.63 10.56
N THR S 403 15.01 23.31 9.28
CA THR S 403 13.82 22.82 8.60
C THR S 403 13.95 21.31 8.40
N VAL S 404 13.00 20.55 8.95
CA VAL S 404 12.95 19.10 8.79
C VAL S 404 11.81 18.79 7.83
N ASN S 405 12.13 18.12 6.74
CA ASN S 405 11.16 17.68 5.75
C ASN S 405 11.05 16.16 5.87
N PHE S 406 9.95 15.70 6.47
CA PHE S 406 9.70 14.27 6.60
C PHE S 406 9.09 13.76 5.30
N THR S 407 9.79 12.87 4.61
CA THR S 407 9.23 12.29 3.40
C THR S 407 8.13 11.30 3.74
N ASP S 408 7.12 11.23 2.86
CA ASP S 408 6.01 10.32 3.09
C ASP S 408 6.49 8.88 3.16
N GLU S 409 7.60 8.56 2.49
CA GLU S 409 8.15 7.20 2.57
C GLU S 409 8.83 6.96 3.90
N ALA S 410 9.38 7.99 4.52
CA ALA S 410 9.94 7.85 5.86
C ALA S 410 8.86 7.84 6.93
N ILE S 411 7.75 8.56 6.69
CA ILE S 411 6.61 8.49 7.59
C ILE S 411 6.04 7.07 7.62
N THR S 412 5.96 6.43 6.45
CA THR S 412 5.52 5.04 6.39
C THR S 412 6.53 4.11 7.08
N ARG S 413 7.81 4.45 7.02
CA ARG S 413 8.83 3.58 7.60
C ARG S 413 8.79 3.63 9.13
N LEU S 414 8.55 4.82 9.70
CA LEU S 414 8.44 4.94 11.15
C LEU S 414 7.23 4.18 11.68
N ALA S 415 6.16 4.09 10.89
CA ALA S 415 4.99 3.34 11.30
C ALA S 415 5.26 1.85 11.35
N GLU S 416 5.96 1.33 10.33
CA GLU S 416 6.26 -0.10 10.30
C GLU S 416 7.15 -0.51 11.46
N ILE S 417 8.14 0.34 11.79
CA ILE S 417 9.03 0.03 12.91
C ILE S 417 8.26 0.05 14.23
N ALA S 418 7.40 1.06 14.41
CA ALA S 418 6.59 1.11 15.63
C ALA S 418 5.61 -0.05 15.70
N TYR S 419 4.98 -0.39 14.56
CA TYR S 419 4.07 -1.53 14.54
C TYR S 419 4.82 -2.84 14.77
N GLN S 420 6.08 -2.93 14.34
CA GLN S 420 6.82 -4.18 14.47
C GLN S 420 7.18 -4.45 15.93
N VAL S 421 7.77 -3.47 16.61
CA VAL S 421 8.20 -3.70 17.99
C VAL S 421 7.02 -3.90 18.94
N ASN S 422 5.82 -3.46 18.55
CA ASN S 422 4.64 -3.83 19.32
C ASN S 422 4.29 -5.31 19.14
N GLN S 423 4.74 -5.93 18.06
CA GLN S 423 4.57 -7.37 17.85
C GLN S 423 5.65 -8.18 18.53
N ASP S 424 6.86 -7.64 18.65
CA ASP S 424 7.97 -8.36 19.25
C ASP S 424 8.04 -8.18 20.76
N THR S 425 7.52 -7.07 21.28
CA THR S 425 7.57 -6.82 22.72
C THR S 425 6.16 -6.70 23.29
N ASP S 426 5.78 -5.49 23.71
CA ASP S 426 4.48 -5.24 24.31
C ASP S 426 3.70 -4.28 23.43
N ASN S 427 2.48 -4.67 23.04
CA ASN S 427 1.65 -3.85 22.16
C ASN S 427 1.09 -2.68 22.96
N ILE S 428 1.70 -1.51 22.83
CA ILE S 428 1.26 -0.32 23.52
C ILE S 428 0.54 0.65 22.59
N GLY S 429 0.21 0.22 21.37
CA GLY S 429 -0.60 1.05 20.48
C GLY S 429 0.18 2.22 19.90
N ALA S 430 -0.53 3.33 19.70
CA ALA S 430 0.08 4.54 19.15
C ALA S 430 1.08 5.18 20.10
N ARG S 431 1.11 4.77 21.37
CA ARG S 431 2.08 5.29 22.31
C ARG S 431 3.52 4.96 21.90
N ARG S 432 3.70 3.95 21.04
CA ARG S 432 5.04 3.55 20.65
C ARG S 432 5.75 4.62 19.84
N LEU S 433 4.99 5.47 19.13
CA LEU S 433 5.59 6.45 18.23
C LEU S 433 6.46 7.47 18.96
N HIS S 434 6.23 7.69 20.26
CA HIS S 434 7.05 8.64 21.02
C HIS S 434 8.50 8.18 21.09
N THR S 435 8.72 6.94 21.54
CA THR S 435 10.08 6.42 21.65
C THR S 435 10.74 6.26 20.30
N ILE S 436 9.95 5.96 19.26
CA ILE S 436 10.52 5.73 17.93
C ILE S 436 11.04 7.02 17.33
N LEU S 437 10.25 8.09 17.42
CA LEU S 437 10.61 9.33 16.75
C LEU S 437 11.74 10.06 17.46
N GLU S 438 11.72 10.08 18.79
CA GLU S 438 12.77 10.78 19.53
C GLU S 438 14.14 10.15 19.26
N LYS S 439 14.18 8.81 19.09
CA LYS S 439 15.46 8.14 18.88
C LYS S 439 16.10 8.55 17.56
N MET S 440 15.36 8.43 16.46
CA MET S 440 15.93 8.73 15.15
C MET S 440 16.09 10.23 14.92
N LEU S 441 15.51 11.06 15.78
CA LEU S 441 15.64 12.51 15.69
C LEU S 441 16.64 13.06 16.69
N GLU S 442 17.44 12.20 17.32
CA GLU S 442 18.30 12.63 18.41
C GLU S 442 19.58 13.31 17.91
N ASP S 443 20.27 12.70 16.95
CA ASP S 443 21.47 13.32 16.40
C ASP S 443 21.17 14.62 15.68
N LEU S 444 19.91 14.85 15.31
CA LEU S 444 19.49 16.13 14.75
C LEU S 444 19.13 17.13 15.86
N SER S 445 18.37 16.68 16.86
CA SER S 445 18.02 17.55 17.98
C SER S 445 19.24 18.05 18.73
N PHE S 446 20.34 17.30 18.68
CA PHE S 446 21.55 17.70 19.40
C PHE S 446 22.33 18.76 18.63
N GLU S 447 22.65 18.49 17.37
CA GLU S 447 23.38 19.44 16.52
C GLU S 447 22.43 20.32 15.71
N ALA S 448 21.47 20.93 16.40
CA ALA S 448 20.51 21.82 15.74
C ALA S 448 20.87 23.29 15.96
N PRO S 449 21.23 23.72 17.18
CA PRO S 449 21.71 25.11 17.33
C PRO S 449 22.98 25.40 16.56
N SER S 450 23.71 24.37 16.14
CA SER S 450 24.93 24.54 15.35
C SER S 450 24.67 24.43 13.85
N MET S 451 23.42 24.23 13.43
CA MET S 451 23.07 24.14 12.02
C MET S 451 21.92 25.10 11.70
N PRO S 452 22.11 26.41 11.90
CA PRO S 452 21.03 27.35 11.61
C PRO S 452 20.86 27.52 10.10
N ASN S 453 19.62 27.77 9.69
CA ASN S 453 19.24 27.92 8.29
C ASN S 453 19.64 26.67 7.50
N ALA S 454 19.04 25.54 7.89
CA ALA S 454 19.34 24.25 7.28
C ALA S 454 18.05 23.55 6.87
N VAL S 455 18.18 22.62 5.94
CA VAL S 455 17.08 21.81 5.44
C VAL S 455 17.53 20.36 5.50
N VAL S 456 16.91 19.57 6.36
CA VAL S 456 17.27 18.17 6.56
C VAL S 456 16.14 17.30 5.99
N ASP S 457 16.48 16.46 5.01
CA ASP S 457 15.52 15.57 4.38
C ASP S 457 15.58 14.22 5.10
N ILE S 458 14.49 13.85 5.76
CA ILE S 458 14.39 12.56 6.45
C ILE S 458 13.90 11.53 5.45
N THR S 459 14.81 10.68 4.99
CA THR S 459 14.57 9.59 4.06
C THR S 459 14.43 8.26 4.80
N PRO S 460 13.74 7.27 4.20
CA PRO S 460 13.70 5.93 4.81
C PRO S 460 15.07 5.34 5.07
N GLN S 461 16.10 5.86 4.40
CA GLN S 461 17.46 5.40 4.66
C GLN S 461 18.05 6.04 5.92
N TYR S 462 17.62 7.27 6.25
CA TYR S 462 18.05 7.89 7.49
C TYR S 462 17.33 7.29 8.70
N VAL S 463 16.18 6.66 8.49
CA VAL S 463 15.46 6.04 9.59
C VAL S 463 16.02 4.66 9.89
N ASP S 464 16.32 3.87 8.86
CA ASP S 464 16.78 2.50 9.08
C ASP S 464 18.15 2.47 9.75
N ASP S 465 19.13 3.20 9.18
CA ASP S 465 20.46 3.23 9.79
C ASP S 465 20.45 3.88 11.17
N LYS S 466 19.34 4.50 11.57
CA LYS S 466 19.18 5.05 12.90
C LYS S 466 18.26 4.21 13.78
N LEU S 467 17.54 3.25 13.20
CA LEU S 467 16.59 2.45 13.97
C LEU S 467 16.55 0.97 13.61
N LYS S 468 16.96 0.57 12.41
CA LYS S 468 16.80 -0.83 12.00
C LYS S 468 17.62 -1.77 12.88
N SER S 469 18.78 -1.32 13.37
CA SER S 469 19.58 -2.16 14.25
C SER S 469 18.86 -2.41 15.58
N ILE S 470 18.28 -1.37 16.17
CA ILE S 470 17.63 -1.52 17.46
C ILE S 470 16.29 -2.23 17.31
N SER S 471 15.58 -1.98 16.22
CA SER S 471 14.26 -2.58 16.04
C SER S 471 14.37 -4.08 15.80
N THR S 472 15.37 -4.53 15.03
CA THR S 472 15.57 -5.95 14.82
C THR S 472 16.06 -6.64 16.08
N ASN S 473 16.77 -5.91 16.94
CA ASN S 473 17.21 -6.46 18.22
C ASN S 473 16.02 -6.63 19.15
N LYS S 474 15.43 -7.82 19.14
CA LYS S 474 14.21 -8.06 19.89
C LYS S 474 14.40 -7.83 21.38
N ASP S 475 15.61 -8.02 21.89
CA ASP S 475 15.89 -7.83 23.31
C ASP S 475 16.29 -6.41 23.66
N LEU S 476 16.81 -5.64 22.72
CA LEU S 476 17.19 -4.26 23.00
C LEU S 476 15.97 -3.34 22.98
N SER S 477 15.06 -3.55 22.02
CA SER S 477 13.87 -2.72 21.92
C SER S 477 12.99 -2.83 23.15
N ALA S 478 13.14 -3.90 23.95
CA ALA S 478 12.41 -3.99 25.21
C ALA S 478 12.91 -2.97 26.22
N PHE S 479 14.10 -2.40 26.02
CA PHE S 479 14.62 -1.37 26.90
C PHE S 479 14.53 0.03 26.30
N ILE S 480 14.47 0.16 24.98
CA ILE S 480 14.22 1.45 24.34
C ILE S 480 13.52 1.26 23.01
N GLY T 19 21.29 30.99 30.87
CA GLY T 19 21.46 29.68 31.49
C GLY T 19 20.32 28.73 31.16
N ILE T 20 19.11 29.28 31.07
CA ILE T 20 17.95 28.48 30.69
C ILE T 20 18.00 28.14 29.20
N ARG T 21 18.65 28.99 28.42
CA ARG T 21 18.76 28.83 26.97
C ARG T 21 20.09 28.21 26.54
N LEU T 22 20.66 27.35 27.37
CA LEU T 22 21.90 26.68 27.01
C LEU T 22 21.68 25.73 25.84
N THR T 23 22.66 25.66 24.95
CA THR T 23 22.61 24.67 23.89
C THR T 23 22.95 23.29 24.43
N PRO T 24 22.50 22.23 23.77
CA PRO T 24 22.85 20.87 24.24
C PRO T 24 24.35 20.63 24.31
N LYS T 25 25.14 21.27 23.46
CA LYS T 25 26.58 21.07 23.51
C LYS T 25 27.19 21.75 24.73
N GLU T 26 26.66 22.91 25.12
CA GLU T 26 27.16 23.58 26.32
C GLU T 26 26.80 22.81 27.58
N ILE T 27 25.57 22.31 27.66
CA ILE T 27 25.15 21.53 28.83
C ILE T 27 26.07 20.35 29.05
N VAL T 28 26.48 19.68 27.97
CA VAL T 28 27.43 18.59 28.09
C VAL T 28 28.76 19.09 28.64
N SER T 29 29.20 20.26 28.17
CA SER T 29 30.46 20.83 28.66
C SER T 29 30.36 21.19 30.14
N LYS T 30 29.22 21.72 30.58
CA LYS T 30 29.06 22.05 31.99
C LYS T 30 28.88 20.78 32.83
N LEU T 31 28.26 19.75 32.26
CA LEU T 31 28.16 18.47 32.98
C LEU T 31 29.50 17.75 33.03
N ASN T 32 30.37 17.98 32.03
CA ASN T 32 31.69 17.37 32.02
C ASN T 32 32.59 17.87 33.14
N GLU T 33 32.20 18.94 33.83
CA GLU T 33 33.01 19.46 34.94
C GLU T 33 32.82 18.67 36.21
N TYR T 34 31.70 17.94 36.35
CA TYR T 34 31.41 17.18 37.55
C TYR T 34 31.23 15.68 37.30
N ILE T 35 30.75 15.29 36.12
CA ILE T 35 30.50 13.89 35.79
C ILE T 35 31.55 13.43 34.80
N VAL T 36 32.04 12.20 35.00
CA VAL T 36 33.05 11.59 34.14
C VAL T 36 32.37 10.55 33.26
N GLY T 37 32.67 10.58 31.97
CA GLY T 37 32.11 9.59 31.06
C GLY T 37 30.62 9.79 30.86
N GLN T 38 29.95 8.70 30.51
CA GLN T 38 28.50 8.70 30.24
C GLN T 38 28.14 9.78 29.23
N ASN T 39 28.83 9.74 28.08
CA ASN T 39 28.58 10.73 27.05
C ASN T 39 27.16 10.62 26.50
N ASP T 40 26.68 9.39 26.31
CA ASP T 40 25.35 9.19 25.76
C ASP T 40 24.27 9.68 26.72
N ALA T 41 24.48 9.50 28.02
CA ALA T 41 23.52 10.00 29.01
C ALA T 41 23.48 11.52 29.01
N LYS T 42 24.64 12.16 28.90
CA LYS T 42 24.69 13.62 28.88
C LYS T 42 24.00 14.18 27.65
N ARG T 43 24.23 13.56 26.48
CA ARG T 43 23.58 14.00 25.25
C ARG T 43 22.05 13.96 25.39
N LYS T 44 21.51 12.80 25.75
CA LYS T 44 20.06 12.66 25.84
C LYS T 44 19.49 13.51 26.97
N VAL T 45 20.26 13.76 28.02
CA VAL T 45 19.81 14.67 29.07
C VAL T 45 19.77 16.10 28.57
N ALA T 46 20.73 16.47 27.72
CA ALA T 46 20.79 17.84 27.22
C ALA T 46 19.60 18.17 26.32
N ILE T 47 19.28 17.28 25.38
CA ILE T 47 18.19 17.54 24.45
C ILE T 47 16.82 17.41 25.09
N ALA T 48 16.74 16.94 26.34
CA ALA T 48 15.48 17.01 27.07
C ALA T 48 15.27 18.41 27.65
N LEU T 49 16.35 19.06 28.09
CA LEU T 49 16.26 20.43 28.58
C LEU T 49 16.14 21.43 27.45
N ARG T 50 16.64 21.09 26.26
CA ARG T 50 16.53 22.01 25.13
C ARG T 50 15.10 22.10 24.62
N ASN T 51 14.35 20.99 24.67
CA ASN T 51 12.96 21.02 24.22
C ASN T 51 12.11 21.92 25.11
N ARG T 52 12.48 22.07 26.39
CA ARG T 52 11.78 23.01 27.25
C ARG T 52 11.98 24.45 26.76
N TYR T 53 13.18 24.76 26.26
CA TYR T 53 13.40 26.06 25.63
C TYR T 53 12.64 26.15 24.32
N ARG T 54 12.70 25.08 23.51
CA ARG T 54 11.99 25.07 22.23
C ARG T 54 10.49 25.15 22.42
N ARG T 55 9.96 24.58 23.50
CA ARG T 55 8.52 24.64 23.74
C ARG T 55 8.08 26.03 24.16
N SER T 56 8.98 26.82 24.77
CA SER T 56 8.60 28.15 25.24
C SER T 56 8.44 29.13 24.08
N LEU T 57 9.05 28.86 22.93
CA LEU T 57 9.01 29.77 21.79
C LEU T 57 7.89 29.46 20.81
N LEU T 58 7.02 28.49 21.12
CA LEU T 58 5.92 28.14 20.24
C LEU T 58 4.67 28.95 20.61
N ASP T 59 3.61 28.80 19.82
CA ASP T 59 2.37 29.49 20.10
C ASP T 59 1.69 28.89 21.33
N GLU T 60 0.61 29.53 21.76
CA GLU T 60 -0.04 29.15 23.01
C GLU T 60 -0.58 27.73 22.96
N GLU T 61 -1.10 27.31 21.81
CA GLU T 61 -1.68 25.96 21.73
C GLU T 61 -0.60 24.90 21.69
N SER T 62 0.45 25.11 20.87
CA SER T 62 1.52 24.12 20.78
C SER T 62 2.31 24.03 22.08
N LYS T 63 2.62 25.18 22.68
CA LYS T 63 3.36 25.20 23.94
C LYS T 63 2.62 24.42 25.03
N GLN T 64 1.29 24.51 25.04
CA GLN T 64 0.49 23.89 26.09
C GLN T 64 -0.16 22.58 25.64
N GLU T 65 0.47 21.86 24.72
CA GLU T 65 -0.10 20.61 24.25
C GLU T 65 0.91 19.53 23.89
N ILE T 66 2.22 19.81 23.93
CA ILE T 66 3.22 18.77 23.76
C ILE T 66 3.78 18.43 25.13
N SER T 67 4.10 17.15 25.32
CA SER T 67 4.51 16.65 26.63
C SER T 67 6.03 16.69 26.78
N PRO T 68 6.53 16.73 28.02
CA PRO T 68 7.97 16.80 28.22
C PRO T 68 8.67 15.53 27.75
N LYS T 69 9.94 15.69 27.37
CA LYS T 69 10.76 14.56 26.92
C LYS T 69 11.39 13.91 28.15
N ASN T 70 10.57 13.13 28.86
CA ASN T 70 11.02 12.47 30.07
C ASN T 70 12.07 11.41 29.74
N ILE T 71 12.97 11.17 30.70
CA ILE T 71 14.10 10.29 30.51
C ILE T 71 13.93 9.07 31.40
N LEU T 72 14.37 7.92 30.88
CA LEU T 72 14.38 6.66 31.63
C LEU T 72 15.80 6.15 31.63
N MET T 73 16.51 6.36 32.74
CA MET T 73 17.90 5.94 32.85
C MET T 73 17.99 4.48 33.28
N ILE T 74 18.75 3.69 32.52
CA ILE T 74 18.91 2.27 32.78
C ILE T 74 20.40 2.02 32.98
N GLY T 75 20.75 1.48 34.15
CA GLY T 75 22.13 1.18 34.46
C GLY T 75 22.33 0.67 35.87
N PRO T 76 23.52 0.11 36.15
CA PRO T 76 23.80 -0.42 37.48
C PRO T 76 23.93 0.67 38.53
N THR T 77 24.35 0.28 39.74
CA THR T 77 24.50 1.24 40.83
C THR T 77 25.81 1.98 40.72
N GLY T 78 25.81 3.24 41.17
CA GLY T 78 27.01 4.04 41.24
C GLY T 78 27.67 4.31 39.90
N VAL T 79 26.90 4.82 38.96
CA VAL T 79 27.42 5.16 37.63
C VAL T 79 27.22 6.63 37.28
N GLY T 80 26.36 7.36 38.00
CA GLY T 80 26.12 8.75 37.71
C GLY T 80 24.68 9.01 37.29
N LYS T 81 23.79 8.07 37.57
CA LYS T 81 22.38 8.25 37.19
C LYS T 81 21.77 9.44 37.92
N THR T 82 21.88 9.46 39.25
CA THR T 82 21.23 10.53 40.02
C THR T 82 22.00 11.85 39.89
N GLU T 83 23.34 11.79 39.95
CA GLU T 83 24.12 13.02 39.95
C GLU T 83 23.96 13.79 38.65
N ILE T 84 23.88 13.08 37.52
CA ILE T 84 23.61 13.74 36.24
C ILE T 84 22.28 14.48 36.32
N ALA T 85 21.24 13.80 36.83
CA ALA T 85 19.92 14.43 36.92
C ALA T 85 19.92 15.60 37.89
N ARG T 86 20.74 15.54 38.93
CA ARG T 86 20.80 16.61 39.93
C ARG T 86 21.73 17.74 39.51
N ARG T 87 22.89 17.40 38.93
CA ARG T 87 23.80 18.43 38.46
C ARG T 87 23.18 19.20 37.28
N MET T 88 22.49 18.49 36.39
CA MET T 88 21.87 19.14 35.24
C MET T 88 20.79 20.12 35.67
N ALA T 89 20.06 19.81 36.75
CA ALA T 89 19.07 20.74 37.25
C ALA T 89 19.69 21.98 37.88
N LYS T 90 20.93 21.89 38.36
CA LYS T 90 21.59 23.01 39.01
C LYS T 90 22.26 23.95 38.02
N VAL T 91 22.74 23.44 36.89
CA VAL T 91 23.35 24.28 35.86
C VAL T 91 22.31 25.09 35.09
N VAL T 92 21.02 24.83 35.31
CA VAL T 92 19.95 25.60 34.71
C VAL T 92 19.02 26.21 35.74
N GLY T 93 19.32 26.08 37.03
CA GLY T 93 18.50 26.65 38.07
C GLY T 93 17.13 25.99 38.18
N ALA T 94 17.10 24.67 38.14
CA ALA T 94 15.84 23.95 38.15
C ALA T 94 15.60 23.34 39.52
N PRO T 95 14.43 23.57 40.13
CA PRO T 95 14.12 22.88 41.38
C PRO T 95 14.13 21.37 41.18
N PHE T 96 14.90 20.69 42.02
CA PHE T 96 15.14 19.25 41.87
C PHE T 96 14.69 18.52 43.12
N ILE T 97 13.90 17.48 42.94
CA ILE T 97 13.50 16.59 44.03
C ILE T 97 13.80 15.17 43.60
N LYS T 98 14.19 14.33 44.57
CA LYS T 98 14.44 12.92 44.33
C LYS T 98 13.60 12.11 45.30
N VAL T 99 12.85 11.14 44.77
CA VAL T 99 12.00 10.27 45.57
C VAL T 99 12.32 8.82 45.23
N GLU T 100 12.08 7.94 46.20
CA GLU T 100 12.24 6.51 45.99
C GLU T 100 10.87 5.92 45.62
N ALA T 101 10.81 5.23 44.49
CA ALA T 101 9.56 4.61 44.08
C ALA T 101 9.13 3.53 45.05
N THR T 102 10.08 2.93 45.77
CA THR T 102 9.79 1.81 46.67
C THR T 102 9.13 2.25 47.96
N LYS T 103 9.09 3.54 48.26
CA LYS T 103 8.48 4.01 49.51
C LYS T 103 6.95 4.12 49.42
N PHE T 104 6.36 3.74 48.30
CA PHE T 104 4.91 3.86 48.10
C PHE T 104 4.20 2.53 48.26
N THR T 105 4.62 1.70 49.20
CA THR T 105 3.99 0.41 49.42
C THR T 105 3.74 0.16 50.92
N ARG T 112 0.57 5.43 48.85
CA ARG T 112 -0.74 5.90 49.27
C ARG T 112 -0.85 7.41 49.10
N ASP T 113 0.31 8.08 49.05
CA ASP T 113 0.39 9.52 48.81
C ASP T 113 1.52 9.74 47.82
N VAL T 114 1.19 9.81 46.54
CA VAL T 114 2.20 10.02 45.52
C VAL T 114 2.37 11.51 45.17
N GLU T 115 1.42 12.36 45.55
CA GLU T 115 1.58 13.79 45.34
C GLU T 115 2.67 14.39 46.22
N SER T 116 3.31 13.60 47.08
CA SER T 116 4.38 14.12 47.91
C SER T 116 5.54 14.65 47.07
N MET T 117 5.74 14.09 45.88
CA MET T 117 6.81 14.57 45.01
C MET T 117 6.57 16.01 44.58
N VAL T 118 5.33 16.35 44.21
CA VAL T 118 5.03 17.69 43.75
C VAL T 118 5.04 18.67 44.93
N ARG T 119 4.54 18.24 46.09
CA ARG T 119 4.58 19.09 47.27
C ARG T 119 6.01 19.38 47.69
N ASP T 120 6.87 18.36 47.67
CA ASP T 120 8.27 18.57 48.00
C ASP T 120 9.03 19.30 46.90
N LEU T 121 8.53 19.26 45.65
CA LEU T 121 9.16 20.04 44.60
C LEU T 121 8.85 21.52 44.75
N VAL T 122 7.60 21.85 45.11
CA VAL T 122 7.28 23.23 45.44
C VAL T 122 7.98 23.65 46.72
N ASP T 123 8.26 22.70 47.61
CA ASP T 123 8.99 23.01 48.84
C ASP T 123 10.39 23.51 48.54
N VAL T 124 11.13 22.79 47.70
CA VAL T 124 12.49 23.21 47.36
C VAL T 124 12.49 24.39 46.39
N SER T 125 11.35 24.72 45.78
CA SER T 125 11.26 25.84 44.86
C SER T 125 10.95 27.15 45.56
N VAL T 126 10.14 27.14 46.61
CA VAL T 126 9.90 28.36 47.37
C VAL T 126 11.14 28.73 48.17
N ARG T 127 11.93 27.73 48.59
CA ARG T 127 13.23 27.99 49.21
C ARG T 127 14.24 28.54 48.21
N LEU T 128 13.96 28.45 46.91
CA LEU T 128 14.90 28.85 45.88
C LEU T 128 14.70 30.31 45.46
N VAL T 129 13.45 30.77 45.37
CA VAL T 129 13.20 32.15 44.96
C VAL T 129 13.22 33.11 46.16
N LYS T 130 12.93 32.61 47.37
CA LYS T 130 13.02 33.47 48.54
C LYS T 130 14.47 33.76 48.90
N ALA T 131 15.35 32.77 48.75
CA ALA T 131 16.78 33.01 48.85
C ALA T 131 17.35 33.69 47.61
N GLN T 132 16.49 34.10 46.68
CA GLN T 132 16.88 34.85 45.49
C GLN T 132 16.36 36.29 45.54
N LYS T 133 15.73 36.70 46.64
CA LYS T 133 15.23 38.05 46.80
C LYS T 133 16.29 39.01 47.34
N LYS T 134 17.38 38.48 47.89
CA LYS T 134 18.45 39.33 48.41
C LYS T 134 19.71 39.22 47.54
N ALA T 277 8.10 36.61 44.80
CA ALA T 277 6.81 36.20 45.30
C ALA T 277 6.63 34.69 45.22
N ASN T 278 5.63 34.18 45.93
CA ASN T 278 5.35 32.74 45.88
C ASN T 278 4.84 32.30 44.52
N GLN T 279 4.26 33.22 43.74
CA GLN T 279 3.77 32.87 42.41
C GLN T 279 4.91 32.49 41.48
N GLU T 280 6.08 33.11 41.63
CA GLU T 280 7.21 32.77 40.78
C GLU T 280 7.66 31.33 40.99
N ALA T 281 7.66 30.88 42.24
CA ALA T 281 8.09 29.51 42.53
C ALA T 281 7.09 28.50 41.98
N LEU T 282 5.79 28.75 42.17
CA LEU T 282 4.77 27.83 41.65
C LEU T 282 4.84 27.74 40.13
N GLU T 283 5.21 28.84 39.45
CA GLU T 283 5.44 28.78 38.01
C GLU T 283 6.84 28.27 37.67
N LEU T 284 7.80 28.39 38.60
CA LEU T 284 9.12 27.83 38.37
C LEU T 284 9.10 26.31 38.50
N ALA T 285 8.31 25.79 39.44
CA ALA T 285 8.26 24.35 39.66
C ALA T 285 7.55 23.62 38.52
N GLU T 286 6.55 24.24 37.91
CA GLU T 286 5.77 23.59 36.87
C GLU T 286 6.29 23.88 35.46
N GLN T 287 7.05 24.95 35.27
CA GLN T 287 7.64 25.25 33.98
C GLN T 287 9.15 25.00 33.94
N MET T 288 9.79 24.79 35.10
CA MET T 288 11.22 24.59 35.13
C MET T 288 11.65 23.59 36.22
N GLY T 289 10.74 22.75 36.70
CA GLY T 289 11.05 21.79 37.74
C GLY T 289 11.39 20.42 37.17
N ILE T 290 12.18 19.67 37.94
CA ILE T 290 12.65 18.35 37.54
C ILE T 290 12.45 17.39 38.70
N ILE T 291 11.81 16.25 38.43
CA ILE T 291 11.53 15.24 39.44
C ILE T 291 12.24 13.95 39.03
N PHE T 292 12.97 13.36 39.98
CA PHE T 292 13.76 12.16 39.74
C PHE T 292 13.17 11.01 40.55
N ILE T 293 12.73 9.96 39.86
CA ILE T 293 12.12 8.79 40.49
C ILE T 293 13.10 7.63 40.37
N ASP T 294 13.66 7.21 41.50
CA ASP T 294 14.61 6.11 41.52
C ASP T 294 13.92 4.81 41.91
N GLU T 295 14.54 3.69 41.51
CA GLU T 295 14.02 2.35 41.77
C GLU T 295 12.63 2.16 41.17
N ILE T 296 12.37 2.81 40.03
CA ILE T 296 11.09 2.63 39.37
C ILE T 296 10.98 1.25 38.74
N ASP T 297 12.10 0.54 38.58
CA ASP T 297 12.05 -0.83 38.08
C ASP T 297 11.53 -1.79 39.13
N LYS T 298 11.55 -1.41 40.41
CA LYS T 298 11.06 -2.27 41.48
C LYS T 298 9.54 -2.24 41.61
N VAL T 299 8.87 -1.26 41.01
CA VAL T 299 7.41 -1.18 41.06
C VAL T 299 6.77 -1.78 39.80
N ALA T 300 7.56 -2.44 38.96
CA ALA T 300 7.06 -3.07 37.75
C ALA T 300 6.98 -4.59 37.93
N THR T 301 6.24 -5.23 37.03
CA THR T 301 6.07 -6.67 37.06
C THR T 301 6.29 -7.29 35.68
N GLN T 313 1.58 -2.87 40.87
CA GLN T 313 1.15 -2.05 39.73
C GLN T 313 0.39 -0.83 40.22
N GLY T 314 -0.18 -0.92 41.43
CA GLY T 314 -0.93 0.20 41.98
C GLY T 314 -0.10 1.46 42.14
N VAL T 315 1.21 1.31 42.32
CA VAL T 315 2.09 2.47 42.43
C VAL T 315 2.20 3.18 41.09
N GLN T 316 2.42 2.42 40.01
CA GLN T 316 2.53 3.03 38.68
C GLN T 316 1.25 3.76 38.31
N ARG T 317 0.09 3.14 38.56
CA ARG T 317 -1.18 3.78 38.22
C ARG T 317 -1.47 4.98 39.12
N ASP T 318 -0.78 5.09 40.25
CA ASP T 318 -0.84 6.30 41.06
C ASP T 318 0.21 7.33 40.67
N ILE T 319 1.33 6.88 40.10
CA ILE T 319 2.33 7.80 39.57
C ILE T 319 1.88 8.39 38.25
N LEU T 320 1.09 7.63 37.46
CA LEU T 320 0.65 8.00 36.12
C LEU T 320 0.04 9.39 36.07
N PRO T 321 -1.00 9.71 36.86
CA PRO T 321 -1.64 11.03 36.71
C PRO T 321 -0.70 12.19 37.00
N ILE T 322 0.39 11.96 37.73
CA ILE T 322 1.35 13.03 38.01
C ILE T 322 2.01 13.50 36.72
N LEU T 323 2.68 12.59 36.01
CA LEU T 323 3.32 12.96 34.76
C LEU T 323 2.37 12.92 33.57
N GLU T 324 1.14 12.44 33.76
CA GLU T 324 0.14 12.56 32.70
C GLU T 324 -0.38 13.98 32.58
N GLY T 325 -0.50 14.69 33.70
CA GLY T 325 -0.97 16.05 33.69
C GLY T 325 -2.14 16.31 34.60
N SER T 326 -1.89 16.35 35.91
CA SER T 326 -2.91 16.65 36.91
C SER T 326 -2.50 17.89 37.69
N VAL T 327 -3.45 18.41 38.46
CA VAL T 327 -3.26 19.61 39.27
C VAL T 327 -3.14 19.19 40.72
N ILE T 328 -2.01 19.54 41.36
CA ILE T 328 -1.68 19.08 42.70
C ILE T 328 -1.95 20.20 43.70
N GLN T 329 -2.51 19.84 44.85
CA GLN T 329 -2.83 20.79 45.90
C GLN T 329 -1.63 20.96 46.81
N THR T 330 -1.14 22.19 46.93
CA THR T 330 -0.05 22.53 47.84
C THR T 330 -0.50 23.64 48.78
N LYS T 331 0.31 23.88 49.82
CA LYS T 331 0.01 24.93 50.79
C LYS T 331 0.28 26.33 50.26
N TYR T 332 0.71 26.47 49.02
CA TYR T 332 0.87 27.76 48.37
C TYR T 332 -0.12 27.99 47.24
N GLY T 333 -0.97 27.00 46.94
CA GLY T 333 -1.89 27.01 45.83
C GLY T 333 -1.78 25.73 45.05
N THR T 334 -2.44 25.70 43.89
CA THR T 334 -2.47 24.52 43.05
C THR T 334 -1.50 24.68 41.89
N VAL T 335 -0.84 23.57 41.53
CA VAL T 335 0.12 23.54 40.44
C VAL T 335 -0.25 22.40 39.49
N ASN T 336 -0.11 22.66 38.19
CA ASN T 336 -0.34 21.64 37.17
C ASN T 336 1.00 20.99 36.84
N THR T 337 1.04 19.66 36.90
CA THR T 337 2.27 18.89 36.73
C THR T 337 2.37 18.28 35.34
N GLU T 338 1.98 19.02 34.29
CA GLU T 338 1.98 18.48 32.94
C GLU T 338 3.21 18.89 32.13
N HIS T 339 3.95 19.91 32.57
CA HIS T 339 5.17 20.32 31.89
C HIS T 339 6.42 20.09 32.72
N MET T 340 6.29 19.47 33.90
CA MET T 340 7.46 19.11 34.69
C MET T 340 8.21 17.97 34.02
N LEU T 341 9.52 17.95 34.23
CA LEU T 341 10.38 16.92 33.64
C LEU T 341 10.57 15.78 34.64
N PHE T 342 10.40 14.55 34.16
CA PHE T 342 10.53 13.37 35.00
C PHE T 342 11.66 12.48 34.49
N ILE T 343 12.47 11.99 35.42
CA ILE T 343 13.58 11.11 35.11
C ILE T 343 13.42 9.86 35.97
N GLY T 344 13.17 8.72 35.33
CA GLY T 344 13.10 7.45 36.01
C GLY T 344 14.39 6.67 35.84
N ALA T 345 14.85 6.06 36.93
CA ALA T 345 16.10 5.33 36.95
C ALA T 345 15.86 3.90 37.42
N GLY T 346 16.90 3.10 37.40
CA GLY T 346 16.85 1.72 37.84
C GLY T 346 17.82 0.87 37.06
N ALA T 347 18.20 -0.26 37.65
CA ALA T 347 19.07 -1.20 36.97
C ALA T 347 18.30 -2.07 35.98
N PHE T 348 17.01 -2.29 36.23
CA PHE T 348 16.16 -3.13 35.39
C PHE T 348 16.77 -4.53 35.24
N HIS T 349 17.24 -5.08 36.36
CA HIS T 349 17.85 -6.40 36.35
C HIS T 349 16.81 -7.51 36.40
N VAL T 350 15.66 -7.26 37.03
CA VAL T 350 14.60 -8.26 37.13
C VAL T 350 13.47 -7.98 36.15
N SER T 351 13.02 -6.73 36.06
CA SER T 351 11.97 -6.34 35.14
C SER T 351 12.53 -5.44 34.04
N LYS T 352 11.82 -5.38 32.93
CA LYS T 352 12.20 -4.58 31.79
C LYS T 352 11.32 -3.35 31.67
N PRO T 353 11.77 -2.33 30.94
CA PRO T 353 10.88 -1.20 30.63
C PRO T 353 9.63 -1.62 29.88
N SER T 354 9.66 -2.75 29.18
CA SER T 354 8.47 -3.30 28.56
C SER T 354 7.48 -3.84 29.58
N ASP T 355 7.83 -3.85 30.87
CA ASP T 355 6.93 -4.30 31.92
C ASP T 355 6.26 -3.17 32.68
N LEU T 356 6.62 -1.91 32.39
CA LEU T 356 5.88 -0.79 32.93
C LEU T 356 4.49 -0.72 32.29
N ILE T 357 3.59 0.00 32.95
CA ILE T 357 2.25 0.19 32.40
C ILE T 357 2.41 0.97 31.09
N PRO T 358 1.58 0.70 30.08
CA PRO T 358 1.83 1.29 28.75
C PRO T 358 1.85 2.80 28.75
N GLU T 359 1.04 3.46 29.58
CA GLU T 359 1.04 4.91 29.61
C GLU T 359 2.37 5.45 30.11
N LEU T 360 2.91 4.86 31.18
CA LEU T 360 4.26 5.21 31.62
C LEU T 360 5.28 4.91 30.53
N GLN T 361 5.14 3.74 29.88
CA GLN T 361 6.05 3.34 28.83
C GLN T 361 6.04 4.30 27.65
N GLY T 362 4.96 5.06 27.47
CA GLY T 362 4.86 6.00 26.37
C GLY T 362 5.29 7.41 26.74
N ARG T 363 5.26 7.73 28.03
CA ARG T 363 5.64 9.05 28.50
C ARG T 363 7.11 9.13 28.91
N PHE T 364 7.92 8.14 28.55
CA PHE T 364 9.37 8.19 28.68
C PHE T 364 9.98 8.06 27.29
N PRO T 365 9.89 9.10 26.47
CA PRO T 365 10.37 8.99 25.08
C PRO T 365 11.86 8.79 24.97
N ILE T 366 12.63 9.40 25.87
CA ILE T 366 14.09 9.31 25.85
C ILE T 366 14.51 8.20 26.79
N ARG T 367 15.32 7.28 26.29
CA ARG T 367 15.83 6.18 27.09
C ARG T 367 17.31 6.01 26.80
N VAL T 368 18.09 5.80 27.86
CA VAL T 368 19.54 5.68 27.76
C VAL T 368 19.99 4.54 28.67
N GLU T 369 20.84 3.66 28.14
CA GLU T 369 21.50 2.62 28.93
C GLU T 369 22.90 3.09 29.25
N LEU T 370 23.18 3.33 30.52
CA LEU T 370 24.50 3.78 30.93
C LEU T 370 25.49 2.62 30.90
N ASP T 371 26.78 2.97 30.98
CA ASP T 371 27.86 2.01 30.82
C ASP T 371 28.39 1.57 32.17
N SER T 372 28.92 0.35 32.21
CA SER T 372 29.55 -0.17 33.41
C SER T 372 30.96 0.41 33.55
N LEU T 373 31.30 0.84 34.76
CA LEU T 373 32.58 1.48 34.99
C LEU T 373 33.72 0.51 34.80
N SER T 374 34.79 0.98 34.16
CA SER T 374 36.00 0.19 33.96
C SER T 374 36.91 0.39 35.18
N VAL T 375 38.21 0.13 35.01
CA VAL T 375 39.16 0.47 36.07
C VAL T 375 39.77 1.85 35.83
N GLU T 376 39.98 2.22 34.56
CA GLU T 376 40.42 3.58 34.25
C GLU T 376 39.30 4.60 34.46
N ASP T 377 38.06 4.15 34.56
CA ASP T 377 36.97 5.07 34.88
C ASP T 377 37.08 5.60 36.29
N PHE T 378 37.51 4.75 37.24
CA PHE T 378 37.64 5.19 38.62
C PHE T 378 38.74 6.23 38.79
N VAL T 379 39.86 6.06 38.08
CA VAL T 379 40.96 7.02 38.22
C VAL T 379 40.54 8.40 37.72
N ARG T 380 39.58 8.45 36.79
CA ARG T 380 39.05 9.73 36.35
C ARG T 380 37.98 10.22 37.32
N ILE T 381 37.14 9.32 37.83
CA ILE T 381 36.19 9.67 38.88
C ILE T 381 36.94 10.19 40.10
N LEU T 382 38.12 9.67 40.36
CA LEU T 382 38.85 10.00 41.58
C LEU T 382 39.53 11.36 41.53
N THR T 383 39.84 11.87 40.33
CA THR T 383 40.65 13.08 40.20
C THR T 383 39.98 14.19 39.39
N GLU T 384 39.34 13.86 38.27
CA GLU T 384 38.98 14.85 37.26
C GLU T 384 37.82 15.78 37.63
N PRO T 385 36.71 15.31 38.22
CA PRO T 385 35.58 16.21 38.48
C PRO T 385 35.98 17.42 39.32
N LYS T 386 35.19 18.48 39.18
CA LYS T 386 35.54 19.78 39.76
C LYS T 386 35.79 19.68 41.26
N LEU T 387 35.09 18.78 41.95
CA LEU T 387 35.41 18.45 43.35
C LEU T 387 35.26 16.93 43.49
N SER T 388 36.28 16.21 43.04
CA SER T 388 36.30 14.76 43.14
C SER T 388 36.53 14.35 44.60
N LEU T 389 36.75 13.06 44.82
CA LEU T 389 36.92 12.57 46.19
C LEU T 389 38.25 13.01 46.77
N ILE T 390 39.36 12.75 46.06
CA ILE T 390 40.66 13.12 46.61
C ILE T 390 40.82 14.63 46.67
N LYS T 391 40.16 15.37 45.78
CA LYS T 391 40.21 16.83 45.86
C LYS T 391 39.47 17.34 47.10
N GLN T 392 38.50 16.57 47.60
CA GLN T 392 37.84 16.93 48.84
C GLN T 392 38.70 16.63 50.06
N TYR T 393 39.47 15.54 50.00
CA TYR T 393 40.35 15.22 51.12
C TYR T 393 41.57 16.13 51.16
N GLU T 394 42.01 16.63 50.01
CA GLU T 394 43.04 17.66 50.00
C GLU T 394 42.59 18.90 50.75
N ALA T 395 41.41 19.43 50.39
CA ALA T 395 40.90 20.64 51.02
C ALA T 395 40.48 20.41 52.46
N LEU T 396 40.12 19.17 52.83
CA LEU T 396 39.73 18.88 54.21
C LEU T 396 40.95 18.86 55.14
N LEU T 397 41.97 18.11 54.76
CA LEU T 397 43.19 18.05 55.56
C LEU T 397 44.01 19.34 55.46
N GLN T 398 43.81 20.12 54.40
CA GLN T 398 44.45 21.42 54.31
C GLN T 398 43.98 22.34 55.43
N THR T 399 42.77 22.13 55.95
CA THR T 399 42.31 22.87 57.12
C THR T 399 43.24 22.64 58.30
N GLU T 400 43.69 21.41 58.50
CA GLU T 400 44.63 21.07 59.56
C GLU T 400 46.08 21.42 59.18
N GLU T 401 46.27 22.35 58.24
CA GLU T 401 47.57 22.76 57.73
C GLU T 401 48.35 21.60 57.12
N VAL T 402 47.71 20.48 56.84
CA VAL T 402 48.35 19.30 56.29
C VAL T 402 48.13 19.30 54.78
N THR T 403 49.21 19.09 54.03
CA THR T 403 49.16 19.00 52.57
C THR T 403 49.30 17.54 52.16
N VAL T 404 48.39 17.08 51.32
CA VAL T 404 48.38 15.70 50.84
C VAL T 404 48.51 15.71 49.32
N ASN T 405 49.27 14.74 48.80
CA ASN T 405 49.45 14.60 47.36
C ASN T 405 49.47 13.11 47.02
N PHE T 406 48.50 12.69 46.22
CA PHE T 406 48.44 11.31 45.76
C PHE T 406 49.23 11.19 44.46
N THR T 407 50.18 10.26 44.43
CA THR T 407 50.89 9.98 43.19
C THR T 407 49.96 9.27 42.22
N ASP T 408 50.28 9.37 40.93
CA ASP T 408 49.43 8.78 39.90
C ASP T 408 49.38 7.26 40.02
N GLU T 409 50.41 6.65 40.61
CA GLU T 409 50.38 5.20 40.81
C GLU T 409 49.47 4.80 41.96
N ALA T 410 49.35 5.64 42.98
CA ALA T 410 48.39 5.37 44.06
C ALA T 410 46.96 5.56 43.55
N ILE T 411 46.74 6.56 42.70
CA ILE T 411 45.42 6.74 42.09
C ILE T 411 45.03 5.50 41.29
N THR T 412 45.99 4.94 40.54
CA THR T 412 45.73 3.72 39.80
C THR T 412 45.50 2.54 40.73
N ARG T 413 46.33 2.43 41.78
CA ARG T 413 46.24 1.29 42.69
C ARG T 413 44.96 1.34 43.52
N LEU T 414 44.57 2.53 43.98
CA LEU T 414 43.31 2.68 44.70
C LEU T 414 42.14 2.24 43.85
N ALA T 415 42.15 2.62 42.56
CA ALA T 415 41.05 2.25 41.67
C ALA T 415 41.04 0.74 41.41
N GLU T 416 42.22 0.12 41.28
CA GLU T 416 42.28 -1.32 41.07
C GLU T 416 41.68 -2.09 42.24
N ILE T 417 41.78 -1.55 43.45
CA ILE T 417 41.24 -2.24 44.61
C ILE T 417 39.72 -2.10 44.67
N ALA T 418 39.20 -0.90 44.40
CA ALA T 418 37.75 -0.72 44.40
C ALA T 418 37.09 -1.52 43.29
N TYR T 419 37.74 -1.59 42.13
CA TYR T 419 37.20 -2.40 41.04
C TYR T 419 37.29 -3.89 41.36
N GLN T 420 38.28 -4.30 42.15
CA GLN T 420 38.45 -5.70 42.50
C GLN T 420 37.43 -6.15 43.53
N VAL T 421 37.25 -5.38 44.61
CA VAL T 421 36.32 -5.76 45.66
C VAL T 421 34.87 -5.61 45.19
N ASN T 422 34.61 -4.76 44.19
CA ASN T 422 33.27 -4.69 43.62
C ASN T 422 32.89 -6.01 42.96
N GLN T 423 33.87 -6.74 42.41
CA GLN T 423 33.60 -8.04 41.82
C GLN T 423 33.48 -9.13 42.88
N ASP T 424 34.33 -9.07 43.91
CA ASP T 424 34.40 -10.14 44.89
C ASP T 424 33.17 -10.23 45.78
N THR T 425 32.39 -9.15 45.87
CA THR T 425 31.17 -9.17 46.66
C THR T 425 30.01 -8.55 45.88
N ASP T 426 29.55 -7.38 46.32
CA ASP T 426 28.46 -6.66 45.67
C ASP T 426 29.05 -5.47 44.91
N ASN T 427 28.75 -5.39 43.61
CA ASN T 427 29.29 -4.34 42.75
C ASN T 427 28.44 -3.09 42.93
N ILE T 428 28.87 -2.22 43.85
CA ILE T 428 28.15 -1.00 44.16
C ILE T 428 28.67 0.15 43.31
N GLY T 429 29.45 -0.17 42.28
CA GLY T 429 29.91 0.84 41.35
C GLY T 429 30.94 1.76 41.98
N ALA T 430 30.88 3.04 41.59
CA ALA T 430 31.81 4.04 42.10
C ALA T 430 31.65 4.30 43.59
N ARG T 431 30.55 3.85 44.20
CA ARG T 431 30.34 4.06 45.63
C ARG T 431 31.39 3.35 46.47
N ARG T 432 32.14 2.42 45.89
CA ARG T 432 33.18 1.73 46.63
C ARG T 432 34.31 2.66 47.04
N LEU T 433 34.58 3.70 46.24
CA LEU T 433 35.66 4.61 46.55
C LEU T 433 35.46 5.35 47.87
N HIS T 434 34.22 5.48 48.34
CA HIS T 434 33.97 6.21 49.58
C HIS T 434 34.58 5.50 50.78
N THR T 435 34.48 4.17 50.83
CA THR T 435 34.98 3.44 51.98
C THR T 435 36.48 3.13 51.85
N ILE T 436 36.99 3.05 50.62
CA ILE T 436 38.41 2.78 50.42
C ILE T 436 39.22 4.01 50.78
N LEU T 437 38.80 5.19 50.31
CA LEU T 437 39.54 6.42 50.57
C LEU T 437 39.53 6.81 52.04
N GLU T 438 38.60 6.27 52.82
CA GLU T 438 38.57 6.55 54.25
C GLU T 438 39.43 5.58 55.05
N LYS T 439 39.56 4.33 54.57
CA LYS T 439 40.30 3.33 55.34
C LYS T 439 41.78 3.67 55.43
N MET T 440 42.45 3.82 54.28
CA MET T 440 43.89 4.07 54.31
C MET T 440 44.21 5.47 54.81
N LEU T 441 43.28 6.42 54.71
CA LEU T 441 43.47 7.76 55.23
C LEU T 441 43.10 7.89 56.70
N GLU T 442 42.76 6.78 57.36
CA GLU T 442 42.36 6.85 58.77
C GLU T 442 43.53 7.26 59.65
N ASP T 443 44.71 6.70 59.42
CA ASP T 443 45.89 7.07 60.20
C ASP T 443 46.25 8.54 59.98
N LEU T 444 46.16 9.01 58.74
CA LEU T 444 46.48 10.40 58.44
C LEU T 444 45.42 11.33 59.02
N SER T 445 44.13 10.99 58.86
CA SER T 445 43.07 11.83 59.38
C SER T 445 43.12 11.94 60.89
N PHE T 446 43.57 10.88 61.57
CA PHE T 446 43.68 10.92 63.03
C PHE T 446 44.87 11.75 63.48
N GLU T 447 45.92 11.81 62.67
CA GLU T 447 47.17 12.47 63.04
C GLU T 447 47.35 13.83 62.40
N ALA T 448 46.34 14.33 61.67
CA ALA T 448 46.50 15.62 61.00
C ALA T 448 46.64 16.80 61.95
N PRO T 449 45.86 16.93 63.03
CA PRO T 449 46.03 18.12 63.90
C PRO T 449 47.41 18.23 64.52
N SER T 450 48.08 17.12 64.81
CA SER T 450 49.44 17.14 65.35
C SER T 450 50.50 17.19 64.26
N MET T 451 50.13 17.56 63.03
CA MET T 451 51.05 17.56 61.90
C MET T 451 50.98 18.88 61.13
N PRO T 452 51.15 20.02 61.81
CA PRO T 452 50.94 21.30 61.13
C PRO T 452 52.02 21.58 60.11
N ASN T 453 51.59 22.10 58.95
CA ASN T 453 52.49 22.46 57.85
C ASN T 453 53.29 21.27 57.34
N ALA T 454 52.76 20.05 57.52
CA ALA T 454 53.38 18.86 56.98
C ALA T 454 52.95 18.64 55.54
N VAL T 455 53.77 17.88 54.81
CA VAL T 455 53.48 17.51 53.42
C VAL T 455 53.58 16.00 53.35
N VAL T 456 52.44 15.34 53.15
CA VAL T 456 52.35 13.89 53.14
C VAL T 456 52.16 13.43 51.70
N ASP T 457 53.13 12.69 51.18
CA ASP T 457 53.00 12.04 49.88
C ASP T 457 52.43 10.64 50.08
N ILE T 458 51.46 10.28 49.26
CA ILE T 458 50.78 8.98 49.36
C ILE T 458 51.16 8.16 48.14
N THR T 459 51.84 7.04 48.38
CA THR T 459 52.37 6.15 47.36
C THR T 459 51.56 4.86 47.27
N PRO T 460 51.67 4.12 46.17
CA PRO T 460 50.92 2.85 46.08
C PRO T 460 51.30 1.83 47.13
N GLN T 461 52.52 1.90 47.69
CA GLN T 461 52.87 1.00 48.79
C GLN T 461 52.06 1.34 50.03
N TYR T 462 51.87 2.63 50.32
CA TYR T 462 51.02 3.03 51.43
C TYR T 462 49.60 2.52 51.23
N VAL T 463 49.13 2.50 49.98
CA VAL T 463 47.80 1.95 49.70
C VAL T 463 47.78 0.46 49.99
N ASP T 464 48.81 -0.27 49.57
CA ASP T 464 48.88 -1.70 49.84
C ASP T 464 49.10 -1.99 51.33
N ASP T 465 49.56 -1.01 52.11
CA ASP T 465 49.71 -1.22 53.54
C ASP T 465 48.37 -1.47 54.20
N LYS T 466 47.39 -0.63 53.91
CA LYS T 466 46.12 -0.66 54.63
C LYS T 466 45.04 -1.48 53.95
N LEU T 467 45.04 -1.53 52.61
CA LEU T 467 43.90 -2.11 51.88
C LEU T 467 44.20 -3.45 51.22
N LYS T 468 45.46 -3.83 51.04
CA LYS T 468 45.76 -5.07 50.36
C LYS T 468 45.51 -6.29 51.26
N SER T 469 45.71 -6.14 52.58
CA SER T 469 45.40 -7.22 53.49
C SER T 469 43.92 -7.50 53.59
N ILE T 470 43.07 -6.52 53.25
CA ILE T 470 41.63 -6.65 53.38
C ILE T 470 40.98 -7.00 52.03
N SER T 471 41.46 -6.39 50.95
CA SER T 471 40.88 -6.67 49.63
C SER T 471 41.03 -8.13 49.25
N THR T 472 42.12 -8.77 49.68
CA THR T 472 42.31 -10.20 49.42
C THR T 472 41.52 -11.08 50.38
N ASN T 473 40.69 -10.49 51.23
CA ASN T 473 39.84 -11.23 52.17
C ASN T 473 38.39 -10.90 51.84
N LYS T 474 37.71 -11.83 51.16
CA LYS T 474 36.35 -11.57 50.71
C LYS T 474 35.39 -11.44 51.88
N ASP T 475 35.59 -12.24 52.94
CA ASP T 475 34.66 -12.23 54.06
C ASP T 475 34.82 -11.00 54.93
N LEU T 476 36.01 -10.39 54.95
CA LEU T 476 36.23 -9.21 55.77
C LEU T 476 35.77 -7.95 55.07
N SER T 477 36.08 -7.81 53.78
CA SER T 477 35.66 -6.63 53.03
C SER T 477 34.15 -6.53 52.88
N ALA T 478 33.42 -7.63 53.12
CA ALA T 478 31.98 -7.57 53.19
C ALA T 478 31.48 -6.79 54.41
N PHE T 479 32.35 -6.54 55.38
CA PHE T 479 32.00 -5.82 56.60
C PHE T 479 32.67 -4.46 56.69
N ILE T 480 33.98 -4.38 56.50
CA ILE T 480 34.71 -3.15 56.76
C ILE T 480 35.01 -2.34 55.50
N LEU T 481 34.89 -2.93 54.31
CA LEU T 481 35.20 -2.22 53.08
C LEU T 481 33.96 -2.02 52.20
N ILE U 20 33.60 21.17 69.40
CA ILE U 20 33.72 20.86 67.98
C ILE U 20 35.17 20.98 67.53
N ARG U 21 35.92 21.86 68.20
CA ARG U 21 37.32 22.09 67.88
C ARG U 21 38.25 21.02 68.45
N LEU U 22 37.69 19.98 69.07
CA LEU U 22 38.53 18.96 69.70
C LEU U 22 39.28 18.16 68.65
N THR U 23 40.53 17.82 68.97
CA THR U 23 41.33 16.97 68.09
C THR U 23 40.99 15.50 68.33
N PRO U 24 41.20 14.64 67.32
CA PRO U 24 40.87 13.22 67.50
C PRO U 24 41.54 12.57 68.71
N LYS U 25 42.83 12.86 68.95
CA LYS U 25 43.49 12.33 70.14
C LYS U 25 42.85 12.88 71.42
N GLU U 26 42.37 14.12 71.39
CA GLU U 26 41.70 14.68 72.55
C GLU U 26 40.35 14.01 72.80
N ILE U 27 39.67 13.57 71.74
CA ILE U 27 38.36 12.95 71.92
C ILE U 27 38.51 11.56 72.53
N VAL U 28 39.56 10.84 72.14
CA VAL U 28 39.77 9.49 72.67
C VAL U 28 40.03 9.52 74.16
N SER U 29 40.84 10.48 74.61
CA SER U 29 41.18 10.55 76.03
C SER U 29 39.96 10.91 76.87
N LYS U 30 39.08 11.77 76.36
CA LYS U 30 37.85 12.07 77.08
C LYS U 30 36.86 10.92 77.03
N LEU U 31 37.02 9.99 76.08
CA LEU U 31 36.23 8.77 76.06
C LEU U 31 36.83 7.67 76.92
N ASN U 32 38.14 7.73 77.19
CA ASN U 32 38.77 6.72 78.04
C ASN U 32 38.33 6.82 79.50
N GLU U 33 37.78 7.96 79.92
CA GLU U 33 37.30 8.08 81.29
C GLU U 33 36.07 7.23 81.53
N TYR U 34 35.28 6.95 80.49
CA TYR U 34 34.01 6.25 80.65
C TYR U 34 33.98 4.89 79.98
N ILE U 35 34.66 4.71 78.85
CA ILE U 35 34.62 3.48 78.08
C ILE U 35 35.93 2.73 78.27
N VAL U 36 35.84 1.42 78.47
CA VAL U 36 36.99 0.54 78.63
C VAL U 36 37.17 -0.26 77.36
N GLY U 37 38.39 -0.31 76.85
CA GLY U 37 38.64 -0.98 75.59
C GLY U 37 38.03 -0.23 74.43
N GLN U 38 37.92 -0.93 73.31
CA GLN U 38 37.36 -0.38 72.07
C GLN U 38 38.15 0.85 71.62
N ASN U 39 39.48 0.72 71.57
CA ASN U 39 40.32 1.82 71.12
C ASN U 39 40.11 2.11 69.64
N ASP U 40 39.95 1.05 68.84
CA ASP U 40 39.70 1.25 67.42
C ASP U 40 38.36 1.92 67.16
N ALA U 41 37.38 1.67 68.04
CA ALA U 41 36.10 2.37 67.94
C ALA U 41 36.27 3.85 68.25
N LYS U 42 36.88 4.17 69.40
CA LYS U 42 37.09 5.56 69.78
C LYS U 42 37.88 6.31 68.72
N ARG U 43 38.88 5.65 68.11
CA ARG U 43 39.65 6.25 67.04
C ARG U 43 38.76 6.68 65.88
N LYS U 44 38.10 5.70 65.24
CA LYS U 44 37.28 6.01 64.08
C LYS U 44 36.08 6.87 64.44
N VAL U 45 35.60 6.78 65.69
CA VAL U 45 34.54 7.68 66.14
C VAL U 45 35.03 9.11 66.17
N ALA U 46 36.26 9.33 66.65
CA ALA U 46 36.78 10.70 66.77
C ALA U 46 37.03 11.31 65.40
N ILE U 47 37.55 10.53 64.46
CA ILE U 47 37.83 11.07 63.13
C ILE U 47 36.56 11.44 62.39
N ALA U 48 35.42 10.84 62.75
CA ALA U 48 34.16 11.25 62.16
C ALA U 48 33.71 12.61 62.69
N LEU U 49 33.91 12.83 63.99
CA LEU U 49 33.63 14.15 64.55
C LEU U 49 34.58 15.20 63.98
N ARG U 50 35.87 14.86 63.89
CA ARG U 50 36.86 15.84 63.43
C ARG U 50 36.55 16.31 62.01
N ASN U 51 35.97 15.44 61.17
CA ASN U 51 35.64 15.85 59.81
C ASN U 51 34.50 16.86 59.77
N ARG U 52 33.65 16.90 60.79
CA ARG U 52 32.62 17.94 60.84
C ARG U 52 33.24 19.30 61.07
N TYR U 53 34.28 19.38 61.93
CA TYR U 53 34.99 20.64 62.11
C TYR U 53 35.78 21.02 60.86
N ARG U 54 36.38 20.02 60.20
CA ARG U 54 37.09 20.29 58.95
C ARG U 54 36.14 20.80 57.88
N ARG U 55 34.98 20.14 57.74
CA ARG U 55 33.98 20.58 56.76
C ARG U 55 33.48 21.98 57.08
N SER U 56 33.33 22.30 58.37
CA SER U 56 32.81 23.59 58.80
C SER U 56 33.73 24.76 58.44
N LEU U 57 34.96 24.50 58.01
CA LEU U 57 35.94 25.54 57.72
C LEU U 57 36.28 25.62 56.24
N LEU U 58 35.33 25.30 55.37
CA LEU U 58 35.54 25.30 53.93
C LEU U 58 34.56 26.26 53.26
N ASP U 59 34.76 26.44 51.95
CA ASP U 59 33.89 27.30 51.16
C ASP U 59 32.51 26.68 51.00
N GLU U 60 31.55 27.50 50.55
CA GLU U 60 30.17 27.03 50.42
C GLU U 60 30.06 25.91 49.40
N GLU U 61 30.74 26.02 48.27
CA GLU U 61 30.66 24.99 47.25
C GLU U 61 31.33 23.69 47.68
N SER U 62 32.19 23.74 48.70
CA SER U 62 32.84 22.54 49.24
C SER U 62 32.20 22.08 50.54
N LYS U 63 31.97 23.00 51.48
CA LYS U 63 31.34 22.63 52.75
C LYS U 63 29.96 22.03 52.53
N GLN U 64 29.17 22.65 51.65
CA GLN U 64 27.80 22.22 51.39
C GLN U 64 27.70 21.25 50.21
N GLU U 65 28.78 20.53 49.89
CA GLU U 65 28.74 19.52 48.85
C GLU U 65 29.60 18.30 49.18
N ILE U 66 30.01 18.14 50.43
CA ILE U 66 30.66 16.92 50.87
C ILE U 66 29.76 16.25 51.91
N SER U 67 29.84 14.94 51.98
CA SER U 67 28.93 14.23 52.87
C SER U 67 29.64 13.86 54.16
N PRO U 68 28.90 13.82 55.28
CA PRO U 68 29.52 13.40 56.54
C PRO U 68 30.00 11.95 56.45
N LYS U 69 31.11 11.68 57.13
CA LYS U 69 31.67 10.33 57.18
C LYS U 69 30.98 9.60 58.33
N ASN U 70 29.83 8.98 58.02
CA ASN U 70 29.05 8.31 59.03
C ASN U 70 29.74 7.02 59.49
N ILE U 71 29.31 6.54 60.65
CA ILE U 71 29.94 5.40 61.32
C ILE U 71 28.99 4.21 61.28
N LEU U 72 29.56 3.04 61.00
CA LEU U 72 28.84 1.77 61.11
C LEU U 72 29.56 0.91 62.14
N MET U 73 28.88 0.60 63.24
CA MET U 73 29.46 -0.18 64.33
C MET U 73 28.95 -1.62 64.24
N ILE U 74 29.88 -2.57 64.27
CA ILE U 74 29.57 -3.99 64.19
C ILE U 74 30.12 -4.67 65.44
N GLY U 75 29.25 -5.34 66.19
CA GLY U 75 29.67 -6.04 67.38
C GLY U 75 28.53 -6.70 68.13
N PRO U 76 28.86 -7.56 69.10
CA PRO U 76 27.82 -8.23 69.89
C PRO U 76 27.09 -7.25 70.81
N THR U 77 26.18 -7.78 71.62
CA THR U 77 25.44 -6.94 72.55
C THR U 77 26.30 -6.64 73.78
N GLY U 78 26.10 -5.44 74.33
CA GLY U 78 26.81 -5.05 75.54
C GLY U 78 28.29 -4.89 75.37
N VAL U 79 28.74 -4.31 74.26
CA VAL U 79 30.14 -4.06 74.00
C VAL U 79 30.44 -2.57 73.87
N GLY U 80 29.45 -1.71 74.12
CA GLY U 80 29.67 -0.28 74.12
C GLY U 80 29.32 0.44 72.84
N LYS U 81 28.54 -0.18 71.95
CA LYS U 81 28.19 0.48 70.69
C LYS U 81 27.35 1.73 70.91
N THR U 82 26.59 1.76 72.00
CA THR U 82 25.76 2.93 72.31
C THR U 82 26.44 3.90 73.26
N GLU U 83 27.15 3.40 74.28
CA GLU U 83 27.81 4.27 75.24
C GLU U 83 28.86 5.15 74.56
N ILE U 84 29.58 4.59 73.58
CA ILE U 84 30.55 5.40 72.83
C ILE U 84 29.84 6.53 72.10
N ALA U 85 28.74 6.20 71.41
CA ALA U 85 27.98 7.24 70.71
C ALA U 85 27.24 8.15 71.69
N ARG U 86 26.82 7.62 72.84
CA ARG U 86 26.09 8.43 73.81
C ARG U 86 27.04 9.34 74.59
N ARG U 87 28.26 8.87 74.89
CA ARG U 87 29.21 9.70 75.62
C ARG U 87 29.90 10.69 74.71
N MET U 88 30.33 10.25 73.52
CA MET U 88 31.00 11.15 72.58
C MET U 88 30.12 12.34 72.23
N ALA U 89 28.80 12.16 72.22
CA ALA U 89 27.90 13.30 72.04
C ALA U 89 27.90 14.20 73.26
N LYS U 90 28.13 13.63 74.45
CA LYS U 90 28.20 14.43 75.66
C LYS U 90 29.49 15.25 75.71
N VAL U 91 30.63 14.61 75.43
CA VAL U 91 31.92 15.25 75.58
C VAL U 91 32.15 16.39 74.59
N VAL U 92 31.28 16.53 73.58
CA VAL U 92 31.38 17.61 72.62
C VAL U 92 30.17 18.53 72.68
N GLY U 93 29.29 18.34 73.67
CA GLY U 93 28.09 19.15 73.80
C GLY U 93 27.20 19.07 72.58
N ALA U 94 26.66 17.88 72.32
CA ALA U 94 25.91 17.64 71.09
C ALA U 94 24.58 16.95 71.40
N PRO U 95 23.52 17.29 70.65
CA PRO U 95 22.26 16.57 70.82
C PRO U 95 22.38 15.15 70.29
N PHE U 96 21.85 14.20 71.05
CA PHE U 96 21.95 12.79 70.73
C PHE U 96 20.57 12.14 70.84
N ILE U 97 20.22 11.35 69.84
CA ILE U 97 18.98 10.57 69.84
C ILE U 97 19.28 9.16 69.36
N LYS U 98 18.57 8.19 69.93
CA LYS U 98 18.75 6.78 69.61
C LYS U 98 17.41 6.21 69.18
N VAL U 99 17.35 5.72 67.94
CA VAL U 99 16.12 5.15 67.39
C VAL U 99 16.38 3.69 67.02
N GLU U 100 15.33 2.88 67.14
CA GLU U 100 15.37 1.47 66.77
C GLU U 100 14.85 1.33 65.35
N ALA U 101 15.75 0.96 64.42
CA ALA U 101 15.36 0.86 63.02
C ALA U 101 14.28 -0.18 62.79
N THR U 102 14.13 -1.15 63.69
CA THR U 102 13.11 -2.17 63.53
C THR U 102 11.71 -1.61 63.79
N LYS U 103 11.60 -0.55 64.58
CA LYS U 103 10.28 0.01 64.87
C LYS U 103 9.67 0.72 63.67
N PHE U 104 10.43 0.92 62.59
CA PHE U 104 9.93 1.55 61.39
C PHE U 104 9.33 0.57 60.40
N THR U 105 9.23 -0.71 60.76
CA THR U 105 8.54 -1.71 59.94
C THR U 105 7.06 -1.65 60.30
N GLU U 106 6.39 -0.62 59.77
CA GLU U 106 4.97 -0.39 60.05
C GLU U 106 4.11 -1.44 59.36
N ASP U 113 6.48 6.65 59.00
CA ASP U 113 6.96 7.97 59.41
C ASP U 113 8.36 7.88 59.98
N VAL U 114 9.37 8.00 59.11
CA VAL U 114 10.76 7.90 59.54
C VAL U 114 11.35 9.27 59.89
N GLU U 115 10.68 10.35 59.54
CA GLU U 115 11.16 11.69 59.85
C GLU U 115 11.14 12.01 61.34
N SER U 116 10.58 11.12 62.17
CA SER U 116 10.53 11.38 63.61
C SER U 116 11.92 11.36 64.24
N MET U 117 12.92 10.78 63.58
CA MET U 117 14.28 10.80 64.11
C MET U 117 14.79 12.23 64.28
N VAL U 118 14.70 13.03 63.22
CA VAL U 118 15.10 14.43 63.33
C VAL U 118 14.16 15.19 64.25
N ARG U 119 12.87 14.89 64.17
CA ARG U 119 11.89 15.56 65.03
C ARG U 119 12.13 15.24 66.50
N ASP U 120 12.60 14.03 66.80
CA ASP U 120 12.98 13.69 68.17
C ASP U 120 14.36 14.20 68.54
N LEU U 121 15.18 14.60 67.57
CA LEU U 121 16.48 15.19 67.86
C LEU U 121 16.40 16.68 68.09
N VAL U 122 15.55 17.38 67.34
CA VAL U 122 15.33 18.80 67.60
C VAL U 122 14.64 18.99 68.95
N ASP U 123 13.85 18.00 69.38
CA ASP U 123 13.19 18.09 70.68
C ASP U 123 14.21 18.02 71.81
N VAL U 124 15.22 17.16 71.69
CA VAL U 124 16.29 17.14 72.69
C VAL U 124 17.35 18.19 72.44
N SER U 125 17.27 18.92 71.32
CA SER U 125 18.17 20.04 71.09
C SER U 125 17.69 21.31 71.77
N VAL U 126 16.43 21.37 72.20
CA VAL U 126 15.91 22.51 72.93
C VAL U 126 15.72 22.21 74.41
N ARG U 127 15.40 20.96 74.78
CA ARG U 127 15.38 20.56 76.17
C ARG U 127 16.79 20.38 76.73
N LEU U 128 17.82 20.68 75.93
CA LEU U 128 19.21 20.69 76.35
C LEU U 128 19.78 22.10 76.46
N VAL U 129 19.45 22.98 75.51
CA VAL U 129 19.92 24.36 75.57
C VAL U 129 19.37 25.06 76.82
N LYS U 130 18.06 24.94 77.04
CA LYS U 130 17.43 25.56 78.19
C LYS U 130 17.52 24.65 79.42
N ALA U 285 22.52 22.13 66.49
CA ALA U 285 21.44 21.15 66.35
C ALA U 285 21.55 20.39 65.03
N GLU U 286 21.27 21.08 63.94
CA GLU U 286 21.39 20.51 62.61
C GLU U 286 22.81 20.53 62.08
N GLN U 287 23.76 21.08 62.85
CA GLN U 287 25.16 21.04 62.51
C GLN U 287 25.99 20.29 63.55
N MET U 288 25.39 19.91 64.69
CA MET U 288 26.10 19.22 65.75
C MET U 288 25.37 17.98 66.24
N GLY U 289 24.28 17.58 65.59
CA GLY U 289 23.47 16.48 66.09
C GLY U 289 24.02 15.12 65.70
N ILE U 290 23.83 14.15 66.61
CA ILE U 290 24.20 12.77 66.39
C ILE U 290 22.93 11.92 66.45
N ILE U 291 22.73 11.06 65.46
CA ILE U 291 21.58 10.17 65.40
C ILE U 291 22.09 8.74 65.34
N PHE U 292 21.83 7.97 66.41
CA PHE U 292 22.26 6.58 66.51
C PHE U 292 21.10 5.68 66.09
N ILE U 293 21.29 4.97 64.98
CA ILE U 293 20.27 4.08 64.44
C ILE U 293 20.64 2.66 64.87
N ASP U 294 20.00 2.18 65.93
CA ASP U 294 20.30 0.86 66.46
C ASP U 294 19.55 -0.22 65.69
N GLU U 295 20.10 -1.42 65.70
CA GLU U 295 19.47 -2.60 65.10
C GLU U 295 19.21 -2.38 63.61
N ILE U 296 20.19 -1.79 62.93
CA ILE U 296 20.05 -1.53 61.49
C ILE U 296 20.39 -2.76 60.66
N ASP U 297 21.08 -3.75 61.23
CA ASP U 297 21.37 -4.98 60.52
C ASP U 297 20.12 -5.78 60.20
N LYS U 298 18.98 -5.43 60.80
CA LYS U 298 17.76 -6.20 60.65
C LYS U 298 16.82 -5.64 59.59
N VAL U 299 17.13 -4.49 59.00
CA VAL U 299 16.41 -3.99 57.84
C VAL U 299 17.13 -4.34 56.54
N ALA U 300 18.19 -5.14 56.62
CA ALA U 300 18.90 -5.63 55.45
C ALA U 300 18.51 -7.08 55.16
N THR U 301 18.77 -7.51 53.93
CA THR U 301 18.42 -8.86 53.50
C THR U 301 19.49 -9.43 52.57
N GLN U 313 13.77 -3.39 53.07
CA GLN U 313 14.48 -2.48 52.18
C GLN U 313 13.77 -1.13 52.12
N GLY U 314 12.45 -1.15 52.27
CA GLY U 314 11.68 0.08 52.26
C GLY U 314 12.05 1.02 53.40
N VAL U 315 12.47 0.46 54.54
CA VAL U 315 12.93 1.29 55.64
C VAL U 315 14.23 1.98 55.28
N GLN U 316 15.17 1.24 54.65
CA GLN U 316 16.42 1.85 54.21
C GLN U 316 16.16 2.93 53.17
N ARG U 317 15.22 2.69 52.25
CA ARG U 317 14.85 3.69 51.25
C ARG U 317 14.14 4.88 51.88
N ASP U 318 13.57 4.71 53.07
CA ASP U 318 13.05 5.85 53.83
C ASP U 318 14.13 6.50 54.69
N ILE U 319 15.12 5.73 55.12
CA ILE U 319 16.24 6.31 55.86
C ILE U 319 17.17 7.07 54.92
N LEU U 320 17.27 6.64 53.66
CA LEU U 320 18.14 7.28 52.67
C LEU U 320 17.99 8.80 52.59
N PRO U 321 16.79 9.37 52.40
CA PRO U 321 16.71 10.83 52.25
C PRO U 321 17.24 11.60 53.45
N ILE U 322 17.23 11.01 54.65
CA ILE U 322 17.81 11.68 55.80
C ILE U 322 19.33 11.66 55.73
N LEU U 323 19.90 10.54 55.26
CA LEU U 323 21.34 10.47 55.10
C LEU U 323 21.80 11.27 53.88
N GLU U 324 21.00 11.27 52.81
CA GLU U 324 21.33 12.08 51.64
C GLU U 324 21.35 13.55 51.99
N GLY U 325 20.26 14.05 52.57
CA GLY U 325 20.15 15.45 52.91
C GLY U 325 18.85 16.06 52.45
N SER U 326 17.89 16.20 53.37
CA SER U 326 16.61 16.82 53.09
C SER U 326 16.30 17.84 54.19
N VAL U 327 15.14 18.46 54.08
CA VAL U 327 14.65 19.41 55.08
C VAL U 327 13.36 18.85 55.65
N ILE U 328 13.30 18.74 56.98
CA ILE U 328 12.20 18.08 57.67
C ILE U 328 11.44 19.12 58.50
N GLN U 329 10.11 19.08 58.41
CA GLN U 329 9.26 20.04 59.10
C GLN U 329 9.10 19.62 60.56
N THR U 330 9.70 20.39 61.47
CA THR U 330 9.46 20.25 62.90
C THR U 330 8.48 21.32 63.36
N LYS U 331 7.88 21.10 64.53
CA LYS U 331 6.97 22.11 65.06
C LYS U 331 7.69 23.36 65.54
N TYR U 332 9.02 23.36 65.55
CA TYR U 332 9.80 24.56 65.84
C TYR U 332 10.31 25.26 64.58
N GLY U 333 10.10 24.66 63.41
CA GLY U 333 10.57 25.22 62.16
C GLY U 333 11.33 24.18 61.34
N THR U 334 11.61 24.57 60.10
CA THR U 334 12.32 23.69 59.18
C THR U 334 13.78 23.57 59.57
N VAL U 335 14.34 22.37 59.41
CA VAL U 335 15.74 22.10 59.71
C VAL U 335 16.33 21.22 58.62
N ASN U 336 17.53 21.56 58.18
CA ASN U 336 18.27 20.71 57.25
C ASN U 336 18.84 19.50 57.99
N THR U 337 19.42 18.59 57.22
CA THR U 337 20.03 17.41 57.82
C THR U 337 21.30 16.95 57.11
N GLU U 338 21.84 17.73 56.17
CA GLU U 338 23.06 17.32 55.47
C GLU U 338 24.26 17.28 56.41
N HIS U 339 24.24 18.07 57.48
CA HIS U 339 25.36 18.17 58.41
C HIS U 339 25.23 17.27 59.61
N MET U 340 24.18 16.45 59.68
CA MET U 340 23.99 15.55 60.81
C MET U 340 24.83 14.29 60.64
N LEU U 341 25.36 13.78 61.75
CA LEU U 341 26.18 12.58 61.75
C LEU U 341 25.32 11.40 62.18
N PHE U 342 25.30 10.35 61.36
CA PHE U 342 24.53 9.15 61.64
C PHE U 342 25.46 8.00 62.03
N ILE U 343 24.99 7.15 62.95
CA ILE U 343 25.75 6.02 63.45
C ILE U 343 24.81 4.81 63.39
N GLY U 344 25.00 3.95 62.39
CA GLY U 344 24.28 2.68 62.34
C GLY U 344 25.07 1.61 63.07
N ALA U 345 24.33 0.72 63.74
CA ALA U 345 24.98 -0.30 64.55
C ALA U 345 24.09 -1.54 64.64
N GLY U 346 24.73 -2.70 64.63
CA GLY U 346 24.01 -3.96 64.76
C GLY U 346 24.99 -5.09 64.95
N ALA U 347 24.45 -6.24 65.36
CA ALA U 347 25.28 -7.42 65.54
C ALA U 347 25.73 -7.98 64.20
N PHE U 348 24.87 -7.92 63.18
CA PHE U 348 25.15 -8.46 61.85
C PHE U 348 25.46 -9.96 61.92
N HIS U 349 24.69 -10.67 62.75
CA HIS U 349 24.84 -12.12 62.86
C HIS U 349 24.24 -12.84 61.66
N VAL U 350 23.16 -12.31 61.09
CA VAL U 350 22.45 -12.98 60.00
C VAL U 350 22.57 -12.24 58.67
N SER U 351 22.99 -10.99 58.67
CA SER U 351 23.19 -10.24 57.43
C SER U 351 24.51 -9.49 57.50
N LYS U 352 25.08 -9.24 56.33
CA LYS U 352 26.34 -8.51 56.23
C LYS U 352 26.09 -7.06 55.83
N PRO U 353 27.01 -6.15 56.16
CA PRO U 353 26.87 -4.78 55.65
C PRO U 353 26.88 -4.69 54.14
N SER U 354 27.37 -5.73 53.45
CA SER U 354 27.26 -5.81 52.00
C SER U 354 25.85 -6.14 51.53
N ASP U 355 24.92 -6.38 52.45
CA ASP U 355 23.52 -6.61 52.13
C ASP U 355 22.67 -5.36 52.29
N LEU U 356 23.25 -4.25 52.71
CA LEU U 356 22.53 -2.99 52.73
C LEU U 356 22.35 -2.47 51.30
N ILE U 357 21.44 -1.53 51.14
CA ILE U 357 21.32 -0.89 49.82
C ILE U 357 22.60 -0.14 49.52
N PRO U 358 23.11 -0.17 48.28
CA PRO U 358 24.44 0.40 48.01
C PRO U 358 24.55 1.87 48.36
N GLU U 359 23.45 2.62 48.34
CA GLU U 359 23.51 4.02 48.73
C GLU U 359 23.90 4.17 50.19
N LEU U 360 23.44 3.25 51.05
CA LEU U 360 23.85 3.28 52.45
C LEU U 360 25.28 2.78 52.64
N GLN U 361 25.71 1.82 51.81
CA GLN U 361 27.09 1.35 51.88
C GLN U 361 28.08 2.46 51.57
N GLY U 362 27.68 3.41 50.72
CA GLY U 362 28.56 4.50 50.35
C GLY U 362 28.51 5.67 51.32
N ARG U 363 27.42 5.77 52.08
CA ARG U 363 27.26 6.85 53.05
C ARG U 363 27.61 6.42 54.46
N PHE U 364 28.09 5.19 54.65
CA PHE U 364 28.74 4.78 55.89
C PHE U 364 30.21 4.48 55.59
N PRO U 365 31.03 5.51 55.37
CA PRO U 365 32.42 5.26 54.95
C PRO U 365 33.29 4.78 56.09
N ILE U 366 33.04 5.22 57.31
CA ILE U 366 33.80 4.80 58.48
C ILE U 366 33.12 3.58 59.07
N ARG U 367 33.90 2.51 59.25
CA ARG U 367 33.35 1.25 59.75
C ARG U 367 34.29 0.66 60.78
N VAL U 368 33.74 0.34 61.95
CA VAL U 368 34.50 -0.28 63.03
C VAL U 368 33.83 -1.59 63.41
N GLU U 369 34.65 -2.56 63.82
CA GLU U 369 34.21 -3.91 64.17
C GLU U 369 34.61 -4.16 65.62
N LEU U 370 33.71 -3.86 66.54
CA LEU U 370 34.01 -3.97 67.96
C LEU U 370 34.27 -5.43 68.35
N ASP U 371 35.18 -5.61 69.30
CA ASP U 371 35.56 -6.94 69.76
C ASP U 371 34.62 -7.40 70.86
N SER U 372 34.60 -8.71 71.09
CA SER U 372 33.83 -9.26 72.18
C SER U 372 34.53 -8.98 73.51
N LEU U 373 33.78 -9.10 74.60
CA LEU U 373 34.27 -8.76 75.93
C LEU U 373 34.72 -10.01 76.66
N SER U 374 35.95 -10.00 77.16
CA SER U 374 36.47 -11.11 77.94
C SER U 374 36.26 -10.86 79.43
N VAL U 375 36.57 -11.88 80.23
CA VAL U 375 36.44 -11.75 81.69
C VAL U 375 37.40 -10.69 82.21
N GLU U 376 38.54 -10.49 81.53
CA GLU U 376 39.48 -9.46 81.95
C GLU U 376 38.87 -8.08 81.82
N ASP U 377 38.13 -7.83 80.73
CA ASP U 377 37.52 -6.52 80.52
C ASP U 377 36.39 -6.24 81.50
N PHE U 378 35.75 -7.28 82.04
CA PHE U 378 34.67 -7.06 83.00
C PHE U 378 35.19 -6.41 84.28
N VAL U 379 36.27 -6.96 84.85
CA VAL U 379 36.84 -6.35 86.06
C VAL U 379 37.31 -4.93 85.77
N ARG U 380 37.70 -4.65 84.52
CA ARG U 380 37.99 -3.27 84.14
C ARG U 380 36.70 -2.46 84.02
N ILE U 381 35.64 -3.07 83.48
CA ILE U 381 34.35 -2.38 83.41
C ILE U 381 33.81 -2.12 84.82
N LEU U 382 34.03 -3.06 85.73
CA LEU U 382 33.48 -2.92 87.08
C LEU U 382 34.10 -1.76 87.83
N THR U 383 35.39 -1.50 87.62
CA THR U 383 36.15 -0.62 88.49
C THR U 383 36.66 0.64 87.80
N GLU U 384 37.31 0.50 86.65
CA GLU U 384 38.11 1.57 86.07
C GLU U 384 37.34 2.80 85.58
N PRO U 385 36.21 2.67 84.88
CA PRO U 385 35.57 3.87 84.33
C PRO U 385 35.03 4.78 85.43
N LYS U 386 35.01 6.07 85.13
CA LYS U 386 34.36 7.03 86.01
C LYS U 386 32.88 6.70 86.10
N LEU U 387 32.34 6.71 87.32
CA LEU U 387 30.96 6.29 87.58
C LEU U 387 30.73 4.86 87.09
N SER U 388 31.62 3.97 87.51
CA SER U 388 31.48 2.55 87.19
C SER U 388 30.38 1.94 88.06
N LEU U 389 30.18 0.64 87.91
CA LEU U 389 29.07 -0.01 88.60
C LEU U 389 29.34 -0.15 90.09
N ILE U 390 30.59 -0.45 90.48
CA ILE U 390 30.89 -0.49 91.91
C ILE U 390 30.94 0.91 92.49
N LYS U 391 31.38 1.90 91.70
CA LYS U 391 31.36 3.29 92.17
C LYS U 391 29.94 3.76 92.45
N GLN U 392 28.97 3.29 91.66
CA GLN U 392 27.58 3.61 91.92
C GLN U 392 27.12 3.02 93.24
N TYR U 393 27.39 1.74 93.47
CA TYR U 393 26.99 1.12 94.72
C TYR U 393 27.83 1.61 95.89
N GLU U 394 29.07 2.01 95.65
CA GLU U 394 29.85 2.67 96.69
C GLU U 394 29.20 3.98 97.12
N ALA U 395 28.85 4.83 96.15
CA ALA U 395 28.31 6.14 96.46
C ALA U 395 26.86 6.09 96.93
N LEU U 396 26.07 5.13 96.45
CA LEU U 396 24.68 5.04 96.86
C LEU U 396 24.55 4.68 98.33
N LEU U 397 25.31 3.67 98.77
CA LEU U 397 25.27 3.24 100.16
C LEU U 397 26.02 4.20 101.09
N GLN U 398 26.85 5.09 100.53
CA GLN U 398 27.41 6.17 101.34
C GLN U 398 26.34 7.16 101.78
N THR U 399 25.23 7.25 101.03
CA THR U 399 24.08 8.04 101.48
C THR U 399 23.47 7.42 102.73
N GLU U 400 23.38 6.10 102.79
CA GLU U 400 22.93 5.39 103.98
C GLU U 400 24.02 5.30 105.04
N GLU U 401 25.06 6.12 104.92
CA GLU U 401 26.16 6.22 105.87
C GLU U 401 26.99 4.94 105.95
N VAL U 402 26.88 4.05 104.96
CA VAL U 402 27.64 2.81 104.92
C VAL U 402 28.79 2.96 103.93
N THR U 403 29.93 2.34 104.24
CA THR U 403 31.11 2.35 103.39
C THR U 403 31.38 0.91 102.94
N VAL U 404 31.06 0.60 101.69
CA VAL U 404 31.23 -0.73 101.14
C VAL U 404 32.55 -0.80 100.39
N ASN U 405 33.29 -1.88 100.60
CA ASN U 405 34.62 -2.06 100.01
C ASN U 405 34.66 -3.37 99.26
N PHE U 406 34.85 -3.30 97.94
CA PHE U 406 35.00 -4.48 97.11
C PHE U 406 36.49 -4.81 96.96
N THR U 407 36.86 -6.04 97.29
CA THR U 407 38.25 -6.45 97.20
C THR U 407 38.61 -6.82 95.76
N ASP U 408 39.92 -6.84 95.48
CA ASP U 408 40.39 -7.17 94.14
C ASP U 408 40.03 -8.60 93.76
N GLU U 409 40.14 -9.54 94.70
CA GLU U 409 39.81 -10.93 94.40
C GLU U 409 38.31 -11.12 94.21
N ALA U 410 37.48 -10.31 94.88
CA ALA U 410 36.04 -10.43 94.72
C ALA U 410 35.56 -9.79 93.43
N ILE U 411 36.19 -8.68 93.01
CA ILE U 411 35.88 -8.08 91.73
C ILE U 411 36.13 -9.09 90.61
N THR U 412 37.15 -9.94 90.76
CA THR U 412 37.40 -10.97 89.76
C THR U 412 36.30 -12.03 89.77
N ARG U 413 35.99 -12.58 90.95
CA ARG U 413 34.97 -13.63 91.03
C ARG U 413 33.61 -13.11 90.58
N LEU U 414 33.32 -11.83 90.81
CA LEU U 414 32.07 -11.24 90.35
C LEU U 414 32.00 -11.26 88.83
N ALA U 415 33.10 -10.95 88.15
CA ALA U 415 33.14 -10.98 86.70
C ALA U 415 33.09 -12.40 86.17
N GLU U 416 33.76 -13.33 86.84
CA GLU U 416 33.75 -14.72 86.41
C GLU U 416 32.33 -15.29 86.40
N ILE U 417 31.52 -14.91 87.39
CA ILE U 417 30.16 -15.43 87.47
C ILE U 417 29.29 -14.84 86.36
N ALA U 418 29.49 -13.55 86.05
CA ALA U 418 28.75 -12.94 84.96
C ALA U 418 29.20 -13.51 83.61
N TYR U 419 30.50 -13.78 83.47
CA TYR U 419 31.00 -14.35 82.22
C TYR U 419 30.53 -15.80 82.04
N GLN U 420 30.37 -16.54 83.14
CA GLN U 420 29.92 -17.92 83.04
C GLN U 420 28.46 -18.00 82.60
N VAL U 421 27.59 -17.23 83.26
CA VAL U 421 26.16 -17.30 82.97
C VAL U 421 25.86 -16.78 81.57
N ASN U 422 26.71 -15.90 81.04
CA ASN U 422 26.54 -15.46 79.66
C ASN U 422 26.72 -16.61 78.68
N GLN U 423 27.49 -17.64 79.07
CA GLN U 423 27.67 -18.81 78.22
C GLN U 423 26.59 -19.87 78.48
N ASP U 424 26.13 -20.01 79.72
CA ASP U 424 25.07 -20.96 80.00
C ASP U 424 23.74 -20.48 79.42
N THR U 425 23.31 -19.28 79.81
CA THR U 425 22.09 -18.70 79.25
C THR U 425 22.42 -17.88 78.01
N ASP U 426 21.65 -16.82 77.76
CA ASP U 426 21.91 -15.95 76.62
C ASP U 426 23.02 -14.98 76.94
N ASN U 427 23.94 -14.79 76.00
CA ASN U 427 25.07 -13.88 76.17
C ASN U 427 24.58 -12.45 75.94
N ILE U 428 24.57 -11.65 77.01
CA ILE U 428 24.18 -10.25 76.93
C ILE U 428 25.35 -9.31 77.22
N GLY U 429 26.56 -9.85 77.36
CA GLY U 429 27.73 -9.00 77.52
C GLY U 429 27.74 -8.27 78.85
N ALA U 430 28.19 -7.02 78.81
CA ALA U 430 28.33 -6.21 80.02
C ALA U 430 27.00 -5.92 80.70
N ARG U 431 25.87 -6.13 80.01
CA ARG U 431 24.56 -5.93 80.64
C ARG U 431 24.27 -6.97 81.71
N ARG U 432 25.10 -8.00 81.83
CA ARG U 432 24.88 -9.02 82.85
C ARG U 432 25.26 -8.52 84.24
N LEU U 433 26.21 -7.59 84.32
CA LEU U 433 26.69 -7.13 85.62
C LEU U 433 25.60 -6.40 86.40
N HIS U 434 24.67 -5.74 85.70
CA HIS U 434 23.60 -5.01 86.38
C HIS U 434 22.81 -5.92 87.31
N THR U 435 22.49 -7.12 86.85
CA THR U 435 21.70 -8.05 87.65
C THR U 435 22.55 -8.86 88.62
N ILE U 436 23.83 -9.06 88.28
CA ILE U 436 24.72 -9.83 89.15
C ILE U 436 25.02 -9.06 90.43
N LEU U 437 25.21 -7.74 90.32
CA LEU U 437 25.59 -6.94 91.48
C LEU U 437 24.45 -6.81 92.48
N GLU U 438 23.25 -6.47 91.99
CA GLU U 438 22.12 -6.27 92.88
C GLU U 438 21.75 -7.53 93.64
N LYS U 439 22.13 -8.71 93.15
CA LYS U 439 21.78 -9.95 93.82
C LYS U 439 22.64 -10.19 95.06
N MET U 440 23.95 -9.90 94.97
CA MET U 440 24.79 -10.10 96.14
C MET U 440 24.68 -8.94 97.12
N LEU U 441 24.43 -7.73 96.63
CA LEU U 441 24.17 -6.57 97.49
C LEU U 441 22.72 -6.50 97.93
N GLU U 442 22.02 -7.64 97.91
CA GLU U 442 20.61 -7.67 98.27
C GLU U 442 20.40 -7.34 99.74
N ASP U 443 20.94 -8.18 100.62
CA ASP U 443 20.74 -7.99 102.05
C ASP U 443 21.44 -6.74 102.57
N LEU U 444 22.55 -6.35 101.92
CA LEU U 444 23.25 -5.15 102.35
C LEU U 444 22.44 -3.90 102.04
N SER U 445 21.85 -3.83 100.84
CA SER U 445 21.05 -2.66 100.49
C SER U 445 19.79 -2.58 101.35
N PHE U 446 19.21 -3.73 101.71
CA PHE U 446 18.00 -3.72 102.51
C PHE U 446 18.26 -3.23 103.92
N GLU U 447 19.35 -3.70 104.55
CA GLU U 447 19.66 -3.39 105.93
C GLU U 447 20.65 -2.24 106.07
N ALA U 448 20.85 -1.45 105.00
CA ALA U 448 21.79 -0.34 105.08
C ALA U 448 21.33 0.76 106.03
N PRO U 449 20.08 1.22 106.01
CA PRO U 449 19.69 2.26 106.98
C PRO U 449 19.74 1.79 108.42
N SER U 450 19.36 0.54 108.69
CA SER U 450 19.44 -0.02 110.03
C SER U 450 20.86 -0.39 110.43
N MET U 451 21.84 -0.15 109.58
CA MET U 451 23.24 -0.50 109.83
C MET U 451 24.10 0.69 109.42
N PRO U 452 24.03 1.79 110.16
CA PRO U 452 24.77 3.00 109.76
C PRO U 452 26.20 3.03 110.27
N ASN U 453 27.05 3.71 109.50
CA ASN U 453 28.47 3.90 109.77
C ASN U 453 29.26 2.60 109.86
N ALA U 454 28.64 1.47 109.54
CA ALA U 454 29.36 0.22 109.49
C ALA U 454 30.20 0.14 108.22
N VAL U 455 31.23 -0.70 108.26
CA VAL U 455 32.12 -0.92 107.13
C VAL U 455 32.02 -2.39 106.74
N VAL U 456 31.60 -2.65 105.51
CA VAL U 456 31.39 -4.01 105.01
C VAL U 456 32.42 -4.29 103.93
N ASP U 457 33.05 -5.46 104.02
CA ASP U 457 34.02 -5.91 103.02
C ASP U 457 33.38 -6.99 102.17
N ILE U 458 33.54 -6.87 100.85
CA ILE U 458 33.01 -7.84 99.91
C ILE U 458 34.12 -8.85 99.64
N THR U 459 34.05 -9.99 100.30
CA THR U 459 35.00 -11.06 100.07
C THR U 459 34.54 -11.96 98.94
N PRO U 460 35.45 -12.61 98.23
CA PRO U 460 35.04 -13.54 97.16
C PRO U 460 34.18 -14.69 97.66
N GLN U 461 34.15 -14.94 98.97
CA GLN U 461 33.29 -15.99 99.51
C GLN U 461 31.86 -15.50 99.67
N TYR U 462 31.68 -14.25 100.09
CA TYR U 462 30.33 -13.68 100.15
C TYR U 462 29.71 -13.58 98.77
N VAL U 463 30.52 -13.35 97.74
CA VAL U 463 30.04 -13.43 96.37
C VAL U 463 29.55 -14.84 96.06
N ASP U 464 30.37 -15.84 96.39
CA ASP U 464 29.95 -17.22 96.22
C ASP U 464 28.73 -17.53 97.09
N ASP U 465 28.76 -17.12 98.36
CA ASP U 465 27.63 -17.37 99.25
C ASP U 465 26.34 -16.71 98.76
N LYS U 466 26.42 -15.84 97.74
CA LYS U 466 25.23 -15.23 97.15
C LYS U 466 24.98 -15.64 95.71
N LEU U 467 25.96 -16.27 95.03
CA LEU U 467 25.78 -16.63 93.64
C LEU U 467 26.34 -18.00 93.27
N LYS U 468 26.74 -18.82 94.25
CA LYS U 468 27.31 -20.12 93.92
C LYS U 468 26.27 -21.04 93.28
N SER U 469 25.03 -20.98 93.76
CA SER U 469 24.01 -21.96 93.39
C SER U 469 22.99 -21.44 92.39
N ILE U 470 22.72 -20.13 92.36
CA ILE U 470 21.79 -19.58 91.40
C ILE U 470 22.51 -19.31 90.09
N SER U 471 23.78 -19.69 90.01
CA SER U 471 24.54 -19.62 88.77
C SER U 471 24.80 -20.98 88.13
N THR U 472 24.98 -22.03 88.94
CA THR U 472 25.06 -23.38 88.42
C THR U 472 23.71 -23.96 88.03
N ASN U 473 22.64 -23.18 88.18
CA ASN U 473 21.28 -23.59 87.85
C ASN U 473 20.85 -22.83 86.60
N LYS U 474 21.13 -23.42 85.43
CA LYS U 474 20.76 -22.78 84.17
C LYS U 474 19.27 -22.46 84.13
N ASP U 475 18.44 -23.36 84.67
CA ASP U 475 17.01 -23.12 84.66
C ASP U 475 16.62 -21.95 85.57
N LEU U 476 17.33 -21.78 86.68
CA LEU U 476 17.03 -20.67 87.59
C LEU U 476 17.66 -19.36 87.11
N SER U 477 18.88 -19.43 86.57
CA SER U 477 19.53 -18.22 86.08
C SER U 477 18.82 -17.61 84.89
N ALA U 478 18.03 -18.39 84.15
CA ALA U 478 17.23 -17.82 83.07
C ALA U 478 16.15 -16.89 83.60
N PHE U 479 15.77 -17.04 84.87
CA PHE U 479 14.78 -16.18 85.51
C PHE U 479 15.40 -15.20 86.49
N ILE U 480 16.23 -15.69 87.41
CA ILE U 480 16.64 -14.90 88.56
C ILE U 480 17.90 -14.09 88.34
N LEU U 481 18.64 -14.34 87.25
CA LEU U 481 19.95 -13.71 87.09
C LEU U 481 20.12 -13.08 85.71
N GLY V 19 7.46 10.50 103.67
CA GLY V 19 6.97 10.00 102.40
C GLY V 19 7.99 9.21 101.62
N ILE V 20 9.04 9.89 101.15
CA ILE V 20 10.09 9.23 100.38
C ILE V 20 11.18 8.63 101.28
N ARG V 21 11.37 9.17 102.49
CA ARG V 21 12.42 8.74 103.39
C ARG V 21 12.09 7.46 104.16
N LEU V 22 11.12 6.68 103.70
CA LEU V 22 10.79 5.43 104.38
C LEU V 22 11.89 4.40 104.16
N THR V 23 12.17 3.63 105.20
CA THR V 23 13.21 2.61 105.13
C THR V 23 12.65 1.31 104.60
N PRO V 24 13.49 0.45 104.01
CA PRO V 24 12.97 -0.82 103.47
C PRO V 24 12.24 -1.65 104.51
N LYS V 25 12.81 -1.81 105.70
CA LYS V 25 12.13 -2.58 106.75
C LYS V 25 10.83 -1.91 107.17
N GLU V 26 10.73 -0.59 107.01
CA GLU V 26 9.47 0.10 107.27
C GLU V 26 8.48 -0.08 106.13
N ILE V 27 8.97 -0.24 104.89
CA ILE V 27 8.07 -0.45 103.76
C ILE V 27 7.42 -1.83 103.86
N VAL V 28 8.19 -2.85 104.23
CA VAL V 28 7.65 -4.19 104.40
C VAL V 28 6.57 -4.19 105.48
N SER V 29 6.73 -3.36 106.52
CA SER V 29 5.72 -3.30 107.56
C SER V 29 4.43 -2.66 107.04
N LYS V 30 4.55 -1.57 106.28
CA LYS V 30 3.37 -0.90 105.73
C LYS V 30 2.64 -1.81 104.75
N LEU V 31 3.39 -2.55 103.93
CA LEU V 31 2.77 -3.48 102.99
C LEU V 31 2.25 -4.73 103.65
N ASN V 32 2.68 -5.02 104.89
CA ASN V 32 2.15 -6.17 105.61
C ASN V 32 0.73 -5.93 106.11
N GLU V 33 0.29 -4.68 106.18
CA GLU V 33 -1.10 -4.41 106.55
C GLU V 33 -2.07 -4.92 105.49
N TYR V 34 -1.67 -4.90 104.22
CA TYR V 34 -2.57 -5.16 103.11
C TYR V 34 -2.29 -6.45 102.35
N ILE V 35 -1.05 -6.95 102.37
CA ILE V 35 -0.66 -8.11 101.56
C ILE V 35 -0.24 -9.24 102.50
N VAL V 36 -0.70 -10.44 102.19
CA VAL V 36 -0.40 -11.65 102.97
C VAL V 36 0.71 -12.42 102.27
N GLY V 37 1.73 -12.81 103.04
CA GLY V 37 2.82 -13.56 102.47
C GLY V 37 3.67 -12.67 101.55
N GLN V 38 4.38 -13.35 100.65
CA GLN V 38 5.24 -12.68 99.66
C GLN V 38 6.24 -11.76 100.34
N ASN V 39 7.02 -12.32 101.25
CA ASN V 39 8.03 -11.53 101.94
C ASN V 39 9.19 -11.18 101.01
N ASP V 40 9.67 -12.16 100.23
CA ASP V 40 10.77 -11.90 99.32
C ASP V 40 10.40 -10.85 98.28
N ALA V 41 9.12 -10.72 97.95
CA ALA V 41 8.67 -9.68 97.02
C ALA V 41 8.63 -8.33 97.70
N LYS V 42 8.09 -8.26 98.91
CA LYS V 42 8.07 -6.99 99.65
C LYS V 42 9.48 -6.50 99.94
N ARG V 43 10.43 -7.41 100.13
CA ARG V 43 11.82 -7.01 100.31
C ARG V 43 12.35 -6.34 99.06
N LYS V 44 12.35 -7.06 97.94
CA LYS V 44 12.96 -6.54 96.71
C LYS V 44 12.22 -5.32 96.19
N VAL V 45 10.91 -5.25 96.38
CA VAL V 45 10.14 -4.09 95.95
C VAL V 45 10.44 -2.86 96.80
N ALA V 46 11.08 -3.04 97.96
CA ALA V 46 11.45 -1.95 98.85
C ALA V 46 12.87 -1.45 98.62
N ILE V 47 13.82 -2.35 98.33
CA ILE V 47 15.17 -1.91 98.04
C ILE V 47 15.22 -1.15 96.72
N ALA V 48 14.25 -1.36 95.83
CA ALA V 48 14.14 -0.55 94.62
C ALA V 48 13.61 0.84 94.93
N LEU V 49 12.80 0.97 95.97
CA LEU V 49 12.23 2.27 96.33
C LEU V 49 13.21 3.12 97.12
N ARG V 50 14.02 2.49 97.97
CA ARG V 50 15.03 3.23 98.72
C ARG V 50 16.19 3.66 97.83
N ASN V 51 16.45 2.91 96.75
CA ASN V 51 17.50 3.30 95.82
C ASN V 51 17.23 4.65 95.16
N ARG V 52 15.98 5.11 95.16
CA ARG V 52 15.70 6.45 94.65
C ARG V 52 15.94 7.51 95.73
N TYR V 53 15.79 7.15 97.01
CA TYR V 53 16.16 8.06 98.08
C TYR V 53 17.66 8.29 98.09
N ARG V 54 18.44 7.21 98.00
CA ARG V 54 19.90 7.34 97.92
C ARG V 54 20.30 8.13 96.67
N ARG V 55 19.53 8.02 95.60
CA ARG V 55 19.86 8.76 94.38
C ARG V 55 19.65 10.26 94.56
N SER V 56 18.56 10.65 95.23
CA SER V 56 18.22 12.07 95.37
C SER V 56 19.25 12.85 96.18
N LEU V 57 20.18 12.17 96.86
CA LEU V 57 21.15 12.82 97.72
C LEU V 57 22.58 12.70 97.18
N LEU V 58 22.75 12.70 95.87
CA LEU V 58 24.05 12.51 95.24
C LEU V 58 24.38 13.68 94.32
N ASP V 59 25.52 13.57 93.64
CA ASP V 59 26.02 14.63 92.78
C ASP V 59 25.08 14.84 91.59
N GLU V 60 25.07 16.07 91.08
CA GLU V 60 24.21 16.42 89.95
C GLU V 60 24.49 15.52 88.75
N GLU V 61 25.77 15.32 88.41
CA GLU V 61 26.13 14.45 87.31
C GLU V 61 26.17 12.98 87.70
N SER V 62 26.14 12.67 89.00
CA SER V 62 26.11 11.29 89.44
C SER V 62 24.69 10.79 89.67
N LYS V 63 23.86 11.59 90.35
CA LYS V 63 22.50 11.17 90.63
C LYS V 63 21.61 11.17 89.39
N GLN V 64 21.97 11.95 88.36
CA GLN V 64 21.22 12.03 87.12
C GLN V 64 21.88 11.22 86.01
N GLU V 65 22.63 10.18 86.37
CA GLU V 65 23.28 9.35 85.36
C GLU V 65 23.40 7.89 85.77
N ILE V 66 22.68 7.43 86.80
CA ILE V 66 22.59 6.02 87.14
C ILE V 66 21.15 5.58 86.95
N SER V 67 20.98 4.32 86.52
CA SER V 67 19.68 3.82 86.13
C SER V 67 18.87 3.37 87.34
N PRO V 68 17.53 3.42 87.25
CA PRO V 68 16.70 2.92 88.35
C PRO V 68 16.83 1.42 88.51
N LYS V 69 16.38 0.94 89.66
CA LYS V 69 16.39 -0.50 89.96
C LYS V 69 14.98 -1.02 89.69
N ASN V 70 14.72 -1.34 88.43
CA ASN V 70 13.43 -1.84 88.02
C ASN V 70 13.27 -3.31 88.43
N ILE V 71 12.03 -3.71 88.65
CA ILE V 71 11.71 -5.03 89.19
C ILE V 71 11.03 -5.86 88.12
N LEU V 72 11.26 -7.18 88.19
CA LEU V 72 10.63 -8.14 87.28
C LEU V 72 10.00 -9.23 88.15
N MET V 73 8.67 -9.17 88.30
CA MET V 73 7.95 -10.11 89.13
C MET V 73 7.52 -11.32 88.29
N ILE V 74 7.78 -12.51 88.83
CA ILE V 74 7.58 -13.77 88.11
C ILE V 74 6.68 -14.65 88.96
N GLY V 75 5.43 -14.83 88.53
CA GLY V 75 4.50 -15.65 89.25
C GLY V 75 3.14 -15.78 88.57
N PRO V 76 2.34 -16.75 88.99
CA PRO V 76 1.02 -16.94 88.39
C PRO V 76 0.03 -15.83 88.74
N THR V 77 -1.22 -16.00 88.32
CA THR V 77 -2.25 -15.01 88.61
C THR V 77 -2.82 -15.24 90.00
N GLY V 78 -3.22 -14.16 90.65
CA GLY V 78 -3.82 -14.25 91.97
C GLY V 78 -2.84 -14.47 93.09
N VAL V 79 -1.61 -13.99 92.96
CA VAL V 79 -0.62 -14.06 94.04
C VAL V 79 -0.30 -12.71 94.64
N GLY V 80 -0.77 -11.62 94.03
CA GLY V 80 -0.61 -10.30 94.60
C GLY V 80 0.47 -9.43 94.01
N LYS V 81 1.06 -9.81 92.87
CA LYS V 81 2.13 -9.00 92.30
C LYS V 81 1.64 -7.70 91.68
N THR V 82 0.34 -7.40 91.76
CA THR V 82 -0.19 -6.10 91.39
C THR V 82 -0.60 -5.27 92.59
N GLU V 83 -1.18 -5.89 93.62
CA GLU V 83 -1.43 -5.19 94.87
C GLU V 83 -0.14 -4.79 95.57
N ILE V 84 0.91 -5.61 95.41
CA ILE V 84 2.22 -5.27 95.97
C ILE V 84 2.73 -3.98 95.35
N ALA V 85 2.64 -3.86 94.02
CA ALA V 85 3.11 -2.66 93.34
C ALA V 85 2.16 -1.50 93.52
N ARG V 86 0.85 -1.76 93.65
CA ARG V 86 -0.12 -0.67 93.76
C ARG V 86 -0.08 -0.04 95.14
N ARG V 87 -0.16 -0.86 96.19
CA ARG V 87 -0.10 -0.33 97.55
C ARG V 87 1.25 0.30 97.85
N MET V 88 2.33 -0.23 97.26
CA MET V 88 3.64 0.39 97.42
C MET V 88 3.62 1.84 96.97
N ALA V 89 3.00 2.12 95.83
CA ALA V 89 2.86 3.49 95.37
C ALA V 89 1.94 4.30 96.29
N LYS V 90 1.04 3.63 97.01
CA LYS V 90 0.16 4.34 97.94
C LYS V 90 0.90 4.75 99.21
N VAL V 91 1.68 3.83 99.79
CA VAL V 91 2.36 4.11 101.05
C VAL V 91 3.44 5.18 100.89
N VAL V 92 3.89 5.44 99.67
CA VAL V 92 4.88 6.48 99.41
C VAL V 92 4.31 7.63 98.60
N GLY V 93 3.02 7.61 98.30
CA GLY V 93 2.42 8.70 97.55
C GLY V 93 2.89 8.82 96.12
N ALA V 94 3.44 7.75 95.55
CA ALA V 94 3.91 7.79 94.17
C ALA V 94 2.74 7.54 93.22
N PRO V 95 2.74 8.19 92.05
CA PRO V 95 1.71 7.90 91.05
C PRO V 95 1.91 6.52 90.45
N PHE V 96 0.81 5.76 90.34
CA PHE V 96 0.86 4.39 89.86
C PHE V 96 -0.06 4.23 88.65
N ILE V 97 0.48 3.65 87.59
CA ILE V 97 -0.30 3.29 86.41
C ILE V 97 0.02 1.85 86.07
N LYS V 98 -0.99 1.14 85.57
CA LYS V 98 -0.84 -0.25 85.16
C LYS V 98 -1.31 -0.39 83.72
N VAL V 99 -0.43 -0.92 82.86
CA VAL V 99 -0.75 -1.13 81.46
C VAL V 99 -0.59 -2.61 81.15
N GLU V 100 -1.14 -3.01 80.01
CA GLU V 100 -1.04 -4.37 79.52
C GLU V 100 -0.13 -4.37 78.30
N ALA V 101 0.98 -5.11 78.38
CA ALA V 101 1.90 -5.18 77.25
C ALA V 101 1.27 -5.85 76.05
N THR V 102 0.29 -6.73 76.27
CA THR V 102 -0.40 -7.41 75.18
C THR V 102 -1.30 -6.49 74.38
N LYS V 103 -1.57 -5.27 74.86
CA LYS V 103 -2.43 -4.35 74.14
C LYS V 103 -1.70 -3.54 73.09
N PHE V 104 -0.36 -3.51 73.11
CA PHE V 104 0.43 -2.76 72.13
C PHE V 104 0.72 -3.66 70.92
N THR V 105 -0.34 -3.93 70.17
CA THR V 105 -0.22 -4.77 68.98
C THR V 105 -1.34 -4.47 67.97
N ARG V 112 1.69 0.41 69.34
CA ARG V 112 1.59 1.64 68.55
C ARG V 112 1.89 2.86 69.42
N ASP V 113 0.88 3.32 70.15
CA ASP V 113 1.04 4.47 71.05
C ASP V 113 1.58 4.00 72.40
N VAL V 114 2.81 3.49 72.35
CA VAL V 114 3.47 2.97 73.56
C VAL V 114 3.70 4.09 74.56
N GLU V 115 3.91 5.32 74.08
CA GLU V 115 4.11 6.46 74.97
C GLU V 115 2.89 6.80 75.80
N SER V 116 1.73 6.22 75.50
CA SER V 116 0.51 6.55 76.24
C SER V 116 0.65 6.23 77.72
N MET V 117 1.42 5.20 78.07
CA MET V 117 1.56 4.83 79.48
C MET V 117 2.19 5.95 80.29
N VAL V 118 2.99 6.81 79.66
CA VAL V 118 3.59 7.94 80.36
C VAL V 118 2.57 9.05 80.55
N ARG V 119 1.84 9.39 79.48
CA ARG V 119 0.80 10.41 79.59
C ARG V 119 -0.28 9.98 80.57
N ASP V 120 -0.61 8.69 80.59
CA ASP V 120 -1.54 8.18 81.60
C ASP V 120 -0.97 8.35 83.00
N LEU V 121 0.34 8.15 83.15
CA LEU V 121 0.97 8.33 84.45
C LEU V 121 1.00 9.80 84.86
N VAL V 122 1.23 10.70 83.90
CA VAL V 122 1.22 12.12 84.21
C VAL V 122 -0.19 12.56 84.59
N ASP V 123 -1.21 12.03 83.91
CA ASP V 123 -2.58 12.43 84.21
C ASP V 123 -3.00 11.99 85.61
N VAL V 124 -2.68 10.75 85.99
CA VAL V 124 -2.96 10.32 87.36
C VAL V 124 -2.05 11.01 88.37
N SER V 125 -0.99 11.66 87.91
CA SER V 125 -0.13 12.44 88.80
C SER V 125 -0.65 13.85 89.03
N VAL V 126 -1.38 14.42 88.07
CA VAL V 126 -2.00 15.72 88.30
C VAL V 126 -3.32 15.57 89.05
N ARG V 127 -3.99 14.42 88.90
CA ARG V 127 -5.21 14.17 89.67
C ARG V 127 -4.88 13.91 91.13
N LEU V 128 -3.73 13.32 91.41
CA LEU V 128 -3.33 13.06 92.79
C LEU V 128 -2.93 14.36 93.50
N VAL V 129 -2.27 15.27 92.78
CA VAL V 129 -1.88 16.54 93.37
C VAL V 129 -3.12 17.39 93.67
N LYS V 130 -4.12 17.33 92.79
CA LYS V 130 -5.36 18.07 93.03
C LYS V 130 -6.05 17.57 94.30
N ALA V 131 -6.15 16.25 94.45
CA ALA V 131 -6.77 15.69 95.65
C ALA V 131 -5.95 15.95 96.91
N GLN V 132 -4.65 16.23 96.76
CA GLN V 132 -3.82 16.52 97.93
C GLN V 132 -3.89 17.99 98.30
N LYS V 133 -3.81 18.89 97.32
CA LYS V 133 -3.82 20.32 97.61
C LYS V 133 -5.22 20.82 97.95
N LYS V 134 -6.23 20.34 97.23
CA LYS V 134 -7.61 20.74 97.50
C LYS V 134 -8.22 19.88 98.59
N GLU V 275 -3.29 25.59 88.26
CA GLU V 275 -2.39 25.74 87.12
C GLU V 275 -0.93 25.64 87.58
N SER V 276 -0.66 26.11 88.80
CA SER V 276 0.67 26.02 89.35
C SER V 276 1.02 24.61 89.79
N ALA V 277 0.02 23.74 89.96
CA ALA V 277 0.28 22.37 90.39
C ALA V 277 0.90 21.51 89.30
N ASN V 278 0.80 21.93 88.04
CA ASN V 278 1.37 21.14 86.94
C ASN V 278 2.88 20.98 87.11
N GLN V 279 3.58 22.05 87.49
CA GLN V 279 5.02 21.95 87.72
C GLN V 279 5.33 21.02 88.88
N GLU V 280 4.48 21.02 89.90
CA GLU V 280 4.64 20.08 91.00
C GLU V 280 4.18 18.67 90.63
N ALA V 281 3.30 18.54 89.64
CA ALA V 281 2.80 17.23 89.23
C ALA V 281 3.70 16.57 88.20
N LEU V 282 4.45 17.34 87.41
CA LEU V 282 5.40 16.74 86.48
C LEU V 282 6.61 16.19 87.22
N GLU V 283 7.18 16.98 88.14
CA GLU V 283 8.33 16.51 88.92
C GLU V 283 7.96 15.29 89.74
N LEU V 284 6.73 15.23 90.24
CA LEU V 284 6.29 14.06 91.00
C LEU V 284 6.36 12.79 90.15
N ALA V 285 5.77 12.84 88.95
CA ALA V 285 5.82 11.68 88.07
C ALA V 285 7.23 11.47 87.51
N GLU V 286 8.02 12.54 87.40
CA GLU V 286 9.34 12.42 86.79
C GLU V 286 10.31 11.69 87.71
N GLN V 287 10.21 11.89 89.02
CA GLN V 287 11.17 11.35 89.97
C GLN V 287 10.53 10.51 91.07
N MET V 288 9.33 9.98 90.83
CA MET V 288 8.67 9.19 91.85
C MET V 288 7.65 8.22 91.26
N GLY V 289 7.21 8.48 90.02
CA GLY V 289 6.16 7.67 89.42
C GLY V 289 6.56 6.22 89.25
N ILE V 290 5.55 5.37 89.20
CA ILE V 290 5.72 3.92 89.08
C ILE V 290 4.82 3.43 87.95
N ILE V 291 5.41 2.76 86.96
CA ILE V 291 4.68 2.22 85.82
C ILE V 291 4.70 0.71 85.91
N PHE V 292 3.52 0.10 85.98
CA PHE V 292 3.38 -1.34 86.04
C PHE V 292 3.01 -1.86 84.65
N ILE V 293 3.88 -2.68 84.07
CA ILE V 293 3.69 -3.23 82.75
C ILE V 293 3.40 -4.72 82.91
N ASP V 294 2.13 -5.09 82.77
CA ASP V 294 1.68 -6.47 82.97
C ASP V 294 1.75 -7.25 81.66
N GLU V 295 1.86 -8.58 81.80
CA GLU V 295 1.87 -9.51 80.67
C GLU V 295 3.03 -9.21 79.72
N ILE V 296 4.22 -9.03 80.29
CA ILE V 296 5.40 -8.75 79.47
C ILE V 296 6.06 -10.01 78.94
N ASP V 297 5.74 -11.18 79.50
CA ASP V 297 6.29 -12.42 78.97
C ASP V 297 5.68 -12.77 77.61
N LYS V 298 4.54 -12.18 77.28
CA LYS V 298 3.87 -12.47 76.01
C LYS V 298 4.50 -11.76 74.83
N VAL V 299 5.31 -10.73 75.08
CA VAL V 299 6.01 -10.03 74.02
C VAL V 299 7.46 -10.50 73.89
N ALA V 300 7.76 -11.68 74.41
CA ALA V 300 9.11 -12.26 74.30
C ALA V 300 9.22 -13.11 73.05
N GLN V 313 8.31 -9.08 69.65
CA GLN V 313 9.65 -8.54 69.39
C GLN V 313 9.57 -7.04 69.11
N GLY V 314 8.43 -6.60 68.57
CA GLY V 314 8.26 -5.19 68.27
C GLY V 314 7.84 -4.37 69.47
N VAL V 315 7.06 -4.96 70.37
CA VAL V 315 6.61 -4.23 71.56
C VAL V 315 7.80 -3.89 72.45
N GLN V 316 8.73 -4.82 72.61
CA GLN V 316 9.86 -4.61 73.52
C GLN V 316 10.73 -3.44 73.07
N ARG V 317 10.91 -3.27 71.76
CA ARG V 317 11.80 -2.25 71.24
C ARG V 317 11.11 -0.89 71.09
N ASP V 318 9.87 -0.77 71.54
CA ASP V 318 9.25 0.54 71.72
C ASP V 318 9.08 0.92 73.18
N ILE V 319 9.04 -0.07 74.08
CA ILE V 319 9.19 0.21 75.51
C ILE V 319 10.63 0.59 75.82
N LEU V 320 11.58 0.21 74.96
CA LEU V 320 12.99 0.49 75.21
C LEU V 320 13.31 1.96 75.40
N PRO V 321 12.90 2.88 74.52
CA PRO V 321 13.23 4.31 74.75
C PRO V 321 12.63 4.86 76.03
N ILE V 322 11.59 4.23 76.58
CA ILE V 322 11.03 4.69 77.84
C ILE V 322 11.92 4.29 79.01
N LEU V 323 12.41 3.05 79.01
CA LEU V 323 13.31 2.61 80.07
C LEU V 323 14.68 3.28 79.94
N GLU V 324 15.17 3.44 78.71
CA GLU V 324 16.44 4.12 78.51
C GLU V 324 16.36 5.59 78.91
N GLY V 325 15.17 6.18 78.89
CA GLY V 325 15.02 7.59 79.18
C GLY V 325 14.83 8.40 77.91
N SER V 326 13.70 9.10 77.81
CA SER V 326 13.42 9.89 76.63
C SER V 326 12.36 10.93 76.99
N VAL V 327 12.28 11.97 76.16
CA VAL V 327 11.33 13.06 76.38
C VAL V 327 10.00 12.68 75.74
N ILE V 328 8.93 12.79 76.53
CA ILE V 328 7.58 12.44 76.10
C ILE V 328 6.73 13.70 76.09
N GLN V 329 6.00 13.91 75.00
CA GLN V 329 5.13 15.07 74.85
C GLN V 329 3.78 14.79 75.50
N THR V 330 3.44 15.56 76.53
CA THR V 330 2.12 15.55 77.14
C THR V 330 1.49 16.92 76.95
N LYS V 331 0.27 17.07 77.48
CA LYS V 331 -0.42 18.35 77.39
C LYS V 331 -0.03 19.31 78.51
N TYR V 332 0.48 18.80 79.62
CA TYR V 332 0.94 19.64 80.73
C TYR V 332 2.42 20.00 80.60
N GLY V 333 3.08 19.59 79.52
CA GLY V 333 4.49 19.82 79.29
C GLY V 333 5.17 18.56 78.85
N THR V 334 6.50 18.64 78.77
CA THR V 334 7.33 17.50 78.36
C THR V 334 8.05 16.94 79.58
N VAL V 335 8.02 15.62 79.73
CA VAL V 335 8.67 14.94 80.85
C VAL V 335 9.60 13.86 80.30
N ASN V 336 10.58 13.50 81.12
CA ASN V 336 11.50 12.41 80.79
C ASN V 336 11.27 11.24 81.73
N THR V 337 11.42 10.03 81.20
CA THR V 337 11.22 8.80 81.94
C THR V 337 12.54 8.20 82.42
N GLU V 338 13.56 9.03 82.60
CA GLU V 338 14.88 8.53 82.97
C GLU V 338 14.87 7.85 84.33
N HIS V 339 14.11 8.40 85.28
CA HIS V 339 14.12 7.91 86.66
C HIS V 339 12.77 7.35 87.09
N MET V 340 11.87 7.08 86.15
CA MET V 340 10.63 6.40 86.49
C MET V 340 10.90 4.93 86.83
N LEU V 341 10.16 4.41 87.79
CA LEU V 341 10.34 3.02 88.24
C LEU V 341 9.39 2.12 87.46
N PHE V 342 9.95 1.12 86.78
CA PHE V 342 9.18 0.19 85.98
C PHE V 342 9.14 -1.17 86.66
N ILE V 343 8.01 -1.86 86.48
CA ILE V 343 7.79 -3.18 87.06
C ILE V 343 7.18 -4.06 85.99
N GLY V 344 7.92 -5.10 85.58
CA GLY V 344 7.43 -6.05 84.61
C GLY V 344 6.95 -7.31 85.30
N ALA V 345 5.72 -7.71 84.99
CA ALA V 345 5.10 -8.88 85.59
C ALA V 345 4.79 -9.92 84.51
N GLY V 346 4.60 -11.15 84.95
CA GLY V 346 4.27 -12.23 84.05
C GLY V 346 4.47 -13.60 84.66
N ALA V 347 3.64 -14.57 84.25
CA ALA V 347 3.81 -15.94 84.72
C ALA V 347 5.03 -16.61 84.10
N PHE V 348 5.46 -16.15 82.93
CA PHE V 348 6.65 -16.67 82.25
C PHE V 348 6.59 -18.19 82.11
N HIS V 349 5.38 -18.71 81.89
CA HIS V 349 5.20 -20.15 81.75
C HIS V 349 5.54 -20.63 80.34
N VAL V 350 5.42 -19.76 79.34
CA VAL V 350 5.75 -20.11 77.97
C VAL V 350 7.06 -19.51 77.50
N SER V 351 7.54 -18.44 78.13
CA SER V 351 8.81 -17.82 77.78
C SER V 351 9.57 -17.48 79.05
N LYS V 352 10.87 -17.37 78.93
CA LYS V 352 11.72 -17.04 80.06
C LYS V 352 12.14 -15.58 80.02
N PRO V 353 12.49 -15.00 81.16
CA PRO V 353 13.06 -13.64 81.15
C PRO V 353 14.32 -13.52 80.32
N SER V 354 15.02 -14.64 80.09
CA SER V 354 16.15 -14.65 79.18
C SER V 354 15.74 -14.51 77.72
N ASP V 355 14.44 -14.66 77.41
CA ASP V 355 13.93 -14.44 76.07
C ASP V 355 13.60 -12.98 75.80
N LEU V 356 13.71 -12.12 76.81
CA LEU V 356 13.56 -10.69 76.59
C LEU V 356 14.78 -10.14 75.84
N ILE V 357 14.59 -8.98 75.23
CA ILE V 357 15.71 -8.37 74.52
C ILE V 357 16.79 -8.00 75.52
N PRO V 358 18.09 -8.13 75.19
CA PRO V 358 19.13 -7.89 76.20
C PRO V 358 19.09 -6.50 76.80
N GLU V 359 18.64 -5.50 76.05
CA GLU V 359 18.54 -4.15 76.60
C GLU V 359 17.54 -4.09 77.75
N LEU V 360 16.50 -4.93 77.70
CA LEU V 360 15.53 -4.98 78.78
C LEU V 360 15.94 -5.91 79.91
N GLN V 361 16.77 -6.92 79.62
CA GLN V 361 17.24 -7.82 80.69
C GLN V 361 18.10 -7.06 81.70
N GLY V 362 18.99 -6.21 81.23
CA GLY V 362 19.85 -5.44 82.09
C GLY V 362 19.23 -4.22 82.72
N ARG V 363 17.99 -3.90 82.37
CA ARG V 363 17.27 -2.80 82.99
C ARG V 363 16.21 -3.28 83.97
N PHE V 364 16.16 -4.58 84.25
CA PHE V 364 15.40 -5.15 85.36
C PHE V 364 16.38 -5.87 86.28
N PRO V 365 17.20 -5.12 87.02
CA PRO V 365 18.22 -5.77 87.87
C PRO V 365 17.63 -6.54 89.04
N ILE V 366 16.43 -6.21 89.47
CA ILE V 366 15.78 -6.85 90.60
C ILE V 366 14.73 -7.81 90.07
N ARG V 367 14.84 -9.08 90.46
CA ARG V 367 13.95 -10.13 89.97
C ARG V 367 13.54 -11.04 91.11
N VAL V 368 12.26 -11.35 91.20
CA VAL V 368 11.71 -12.15 92.30
C VAL V 368 10.66 -13.10 91.74
N GLU V 369 10.75 -14.37 92.12
CA GLU V 369 9.73 -15.36 91.80
C GLU V 369 8.76 -15.42 92.98
N LEU V 370 7.56 -14.86 92.80
CA LEU V 370 6.58 -14.83 93.87
C LEU V 370 6.13 -16.25 94.22
N ASP V 371 5.50 -16.36 95.39
CA ASP V 371 5.12 -17.65 95.94
C ASP V 371 3.74 -18.08 95.44
N SER V 372 3.59 -19.40 95.30
CA SER V 372 2.29 -19.97 94.98
C SER V 372 1.45 -20.05 96.26
N LEU V 373 0.15 -19.81 96.12
CA LEU V 373 -0.73 -19.77 97.28
C LEU V 373 -1.13 -21.18 97.70
N SER V 374 -1.68 -21.28 98.91
CA SER V 374 -2.15 -22.54 99.47
C SER V 374 -3.53 -22.33 100.08
N VAL V 375 -4.12 -23.43 100.57
CA VAL V 375 -5.43 -23.34 101.21
C VAL V 375 -5.32 -22.56 102.52
N GLU V 376 -4.25 -22.78 103.28
CA GLU V 376 -3.99 -21.97 104.47
C GLU V 376 -3.65 -20.53 104.11
N ASP V 377 -3.29 -20.26 102.86
CA ASP V 377 -3.06 -18.88 102.44
C ASP V 377 -4.36 -18.15 102.18
N PHE V 378 -5.36 -18.84 101.62
CA PHE V 378 -6.64 -18.19 101.35
C PHE V 378 -7.30 -17.69 102.62
N VAL V 379 -7.30 -18.51 103.68
CA VAL V 379 -7.86 -18.07 104.95
C VAL V 379 -7.09 -16.86 105.48
N ARG V 380 -5.77 -16.82 105.26
CA ARG V 380 -5.01 -15.63 105.59
C ARG V 380 -5.41 -14.46 104.69
N ILE V 381 -5.54 -14.70 103.38
CA ILE V 381 -5.99 -13.66 102.46
C ILE V 381 -7.41 -13.22 102.81
N LEU V 382 -8.21 -14.12 103.38
CA LEU V 382 -9.63 -13.86 103.59
C LEU V 382 -9.91 -13.14 104.90
N THR V 383 -9.05 -13.29 105.91
CA THR V 383 -9.33 -12.76 107.24
C THR V 383 -8.34 -11.73 107.75
N GLU V 384 -7.10 -11.76 107.28
CA GLU V 384 -6.04 -10.99 107.91
C GLU V 384 -5.86 -9.56 107.38
N PRO V 385 -5.78 -9.33 106.06
CA PRO V 385 -5.41 -7.98 105.59
C PRO V 385 -6.42 -6.93 106.01
N LYS V 386 -5.93 -5.70 106.15
CA LYS V 386 -6.81 -4.57 106.42
C LYS V 386 -7.80 -4.40 105.27
N LEU V 387 -9.09 -4.41 105.61
CA LEU V 387 -10.16 -4.38 104.61
C LEU V 387 -10.06 -5.57 103.67
N SER V 388 -10.03 -6.77 104.25
CA SER V 388 -10.05 -7.99 103.47
C SER V 388 -11.46 -8.23 102.93
N LEU V 389 -11.64 -9.38 102.27
CA LEU V 389 -12.92 -9.65 101.61
C LEU V 389 -14.06 -9.77 102.62
N ILE V 390 -13.89 -10.63 103.63
CA ILE V 390 -14.98 -10.81 104.60
C ILE V 390 -15.15 -9.58 105.47
N LYS V 391 -14.13 -8.75 105.61
CA LYS V 391 -14.29 -7.51 106.37
C LYS V 391 -15.18 -6.51 105.63
N GLN V 392 -15.08 -6.49 104.30
CA GLN V 392 -15.98 -5.65 103.52
C GLN V 392 -17.42 -6.12 103.66
N TYR V 393 -17.66 -7.43 103.59
CA TYR V 393 -19.01 -7.94 103.71
C TYR V 393 -19.57 -7.72 105.11
N GLU V 394 -18.72 -7.83 106.13
CA GLU V 394 -19.16 -7.49 107.48
C GLU V 394 -19.58 -6.04 107.58
N ALA V 395 -18.84 -5.14 106.92
CA ALA V 395 -19.18 -3.72 106.94
C ALA V 395 -20.35 -3.41 106.02
N LEU V 396 -20.38 -4.01 104.82
CA LEU V 396 -21.47 -3.77 103.89
C LEU V 396 -22.80 -4.25 104.46
N LEU V 397 -22.85 -5.50 104.91
CA LEU V 397 -24.09 -6.05 105.45
C LEU V 397 -24.49 -5.42 106.78
N GLN V 398 -23.58 -4.72 107.46
CA GLN V 398 -23.95 -4.00 108.67
C GLN V 398 -24.63 -2.67 108.36
N THR V 399 -24.45 -2.13 107.15
CA THR V 399 -25.24 -0.97 106.74
C THR V 399 -26.73 -1.28 106.79
N GLU V 400 -27.11 -2.52 106.48
CA GLU V 400 -28.47 -3.00 106.67
C GLU V 400 -28.74 -3.44 108.10
N GLU V 401 -27.86 -3.08 109.04
CA GLU V 401 -27.99 -3.46 110.45
C GLU V 401 -28.03 -4.98 110.63
N VAL V 402 -27.30 -5.70 109.79
CA VAL V 402 -27.19 -7.16 109.89
C VAL V 402 -25.77 -7.51 110.27
N THR V 403 -25.61 -8.31 111.30
CA THR V 403 -24.30 -8.70 111.82
C THR V 403 -23.99 -10.12 111.36
N VAL V 404 -23.04 -10.24 110.43
CA VAL V 404 -22.64 -11.55 109.91
C VAL V 404 -21.44 -12.04 110.70
N ASN V 405 -21.52 -13.28 111.17
CA ASN V 405 -20.49 -13.90 111.98
C ASN V 405 -19.90 -15.06 111.19
N PHE V 406 -18.64 -14.91 110.77
CA PHE V 406 -17.93 -15.97 110.03
C PHE V 406 -17.13 -16.78 111.04
N THR V 407 -17.67 -17.93 111.45
CA THR V 407 -16.89 -18.85 112.27
C THR V 407 -15.72 -19.36 111.46
N ASP V 408 -14.50 -19.17 111.97
CA ASP V 408 -13.30 -19.44 111.18
C ASP V 408 -13.17 -20.90 110.75
N GLU V 409 -14.04 -21.78 111.25
CA GLU V 409 -14.15 -23.11 110.67
C GLU V 409 -14.84 -23.08 109.32
N ALA V 410 -15.65 -22.06 109.05
CA ALA V 410 -16.26 -21.87 107.75
C ALA V 410 -15.35 -21.12 106.78
N ILE V 411 -14.47 -20.25 107.30
CA ILE V 411 -13.46 -19.62 106.45
C ILE V 411 -12.55 -20.67 105.86
N THR V 412 -12.23 -21.72 106.62
CA THR V 412 -11.46 -22.83 106.09
C THR V 412 -12.23 -23.56 105.00
N ARG V 413 -13.55 -23.69 105.16
CA ARG V 413 -14.36 -24.34 104.13
C ARG V 413 -14.42 -23.49 102.87
N LEU V 414 -14.55 -22.17 103.02
CA LEU V 414 -14.54 -21.28 101.87
C LEU V 414 -13.20 -21.35 101.14
N ALA V 415 -12.11 -21.51 101.87
CA ALA V 415 -10.80 -21.61 101.25
C ALA V 415 -10.63 -22.96 100.55
N GLU V 416 -11.01 -24.04 101.24
CA GLU V 416 -10.92 -25.37 100.63
C GLU V 416 -11.71 -25.43 99.33
N ILE V 417 -12.88 -24.80 99.30
CA ILE V 417 -13.71 -24.84 98.09
C ILE V 417 -13.06 -24.01 96.98
N ALA V 418 -12.63 -22.80 97.30
CA ALA V 418 -12.00 -21.94 96.29
C ALA V 418 -10.70 -22.55 95.78
N TYR V 419 -9.96 -23.27 96.63
CA TYR V 419 -8.73 -23.89 96.18
C TYR V 419 -9.02 -25.07 95.26
N GLN V 420 -10.09 -25.83 95.54
CA GLN V 420 -10.37 -27.03 94.76
C GLN V 420 -10.92 -26.69 93.37
N VAL V 421 -11.78 -25.68 93.28
CA VAL V 421 -12.33 -25.31 91.98
C VAL V 421 -11.23 -24.75 91.08
N ASN V 422 -10.29 -24.00 91.66
CA ASN V 422 -9.09 -23.63 90.90
C ASN V 422 -8.30 -24.86 90.51
N GLN V 423 -8.28 -25.88 91.36
CA GLN V 423 -7.56 -27.11 91.08
C GLN V 423 -8.25 -27.95 90.00
N ASP V 424 -9.53 -27.73 89.75
CA ASP V 424 -10.30 -28.58 88.84
C ASP V 424 -10.57 -27.94 87.48
N THR V 425 -10.68 -26.60 87.40
CA THR V 425 -10.95 -25.94 86.13
C THR V 425 -9.70 -25.16 85.75
N ASP V 426 -9.68 -23.84 85.91
CA ASP V 426 -8.51 -23.02 85.63
C ASP V 426 -8.06 -22.35 86.91
N ASN V 427 -6.77 -22.43 87.20
CA ASN V 427 -6.20 -21.90 88.44
C ASN V 427 -6.00 -20.40 88.30
N ILE V 428 -6.95 -19.61 88.78
CA ILE V 428 -6.86 -18.16 88.72
C ILE V 428 -6.33 -17.56 90.02
N GLY V 429 -5.79 -18.40 90.92
CA GLY V 429 -5.22 -17.87 92.14
C GLY V 429 -6.29 -17.40 93.11
N ALA V 430 -6.04 -16.24 93.72
CA ALA V 430 -6.92 -15.68 94.75
C ALA V 430 -8.09 -14.88 94.17
N ARG V 431 -8.26 -14.89 92.84
CA ARG V 431 -9.43 -14.26 92.26
C ARG V 431 -10.69 -15.10 92.42
N ARG V 432 -10.54 -16.36 92.84
CA ARG V 432 -11.69 -17.25 92.97
C ARG V 432 -12.59 -16.83 94.12
N LEU V 433 -12.03 -16.17 95.14
CA LEU V 433 -12.79 -15.86 96.35
C LEU V 433 -13.93 -14.90 96.07
N HIS V 434 -13.80 -14.05 95.03
CA HIS V 434 -14.85 -13.09 94.73
C HIS V 434 -16.14 -13.78 94.29
N THR V 435 -16.03 -14.80 93.44
CA THR V 435 -17.21 -15.55 93.04
C THR V 435 -17.69 -16.46 94.16
N ILE V 436 -16.75 -17.03 94.92
CA ILE V 436 -17.12 -17.97 95.99
C ILE V 436 -17.93 -17.25 97.06
N LEU V 437 -17.47 -16.06 97.48
CA LEU V 437 -18.13 -15.36 98.57
C LEU V 437 -19.51 -14.84 98.17
N GLU V 438 -19.61 -14.21 97.00
CA GLU V 438 -20.89 -13.64 96.58
C GLU V 438 -21.97 -14.71 96.46
N LYS V 439 -21.60 -15.92 96.04
CA LYS V 439 -22.59 -16.99 95.92
C LYS V 439 -23.08 -17.44 97.30
N MET V 440 -22.24 -17.34 98.32
CA MET V 440 -22.67 -17.76 99.66
C MET V 440 -23.49 -16.67 100.35
N LEU V 441 -23.05 -15.42 100.27
CA LEU V 441 -23.84 -14.32 100.81
C LEU V 441 -25.00 -13.94 99.89
N GLU V 442 -25.33 -14.79 98.91
CA GLU V 442 -26.37 -14.46 97.95
C GLU V 442 -27.75 -14.44 98.61
N ASP V 443 -28.13 -15.54 99.26
CA ASP V 443 -29.41 -15.61 99.94
C ASP V 443 -29.50 -14.64 101.11
N LEU V 444 -28.35 -14.17 101.60
CA LEU V 444 -28.36 -13.21 102.70
C LEU V 444 -28.53 -11.79 102.20
N SER V 445 -27.78 -11.41 101.17
CA SER V 445 -27.79 -10.02 100.69
C SER V 445 -29.17 -9.62 100.17
N PHE V 446 -29.93 -10.57 99.63
CA PHE V 446 -31.25 -10.24 99.11
C PHE V 446 -32.23 -9.93 100.24
N GLU V 447 -32.24 -10.77 101.27
CA GLU V 447 -33.17 -10.65 102.39
C GLU V 447 -32.64 -9.77 103.52
N ALA V 448 -31.48 -9.12 103.34
CA ALA V 448 -30.88 -8.37 104.43
C ALA V 448 -31.70 -7.17 104.85
N PRO V 449 -32.18 -6.30 103.96
CA PRO V 449 -32.99 -5.15 104.42
C PRO V 449 -34.22 -5.55 105.21
N SER V 450 -34.86 -6.67 104.88
CA SER V 450 -36.01 -7.16 105.62
C SER V 450 -35.60 -8.02 106.82
N MET V 451 -34.34 -7.96 107.24
CA MET V 451 -33.83 -8.81 108.32
C MET V 451 -32.96 -7.98 109.26
N PRO V 452 -33.51 -6.89 109.81
CA PRO V 452 -32.68 -5.96 110.58
C PRO V 452 -32.38 -6.47 111.98
N ASN V 453 -31.25 -6.00 112.51
CA ASN V 453 -30.81 -6.28 113.88
C ASN V 453 -30.61 -7.78 114.13
N ALA V 454 -30.51 -8.57 113.06
CA ALA V 454 -30.29 -10.00 113.20
C ALA V 454 -28.80 -10.31 113.28
N VAL V 455 -28.49 -11.55 113.65
CA VAL V 455 -27.11 -12.04 113.74
C VAL V 455 -27.06 -13.38 113.03
N VAL V 456 -26.16 -13.50 112.05
CA VAL V 456 -26.05 -14.68 111.21
C VAL V 456 -24.74 -15.38 111.52
N ASP V 457 -24.83 -16.65 111.91
CA ASP V 457 -23.66 -17.46 112.24
C ASP V 457 -23.35 -18.35 111.04
N ILE V 458 -22.31 -17.97 110.28
CA ILE V 458 -21.92 -18.72 109.09
C ILE V 458 -21.04 -19.89 109.54
N THR V 459 -21.57 -21.09 109.48
CA THR V 459 -20.86 -22.31 109.81
C THR V 459 -20.49 -23.07 108.54
N PRO V 460 -19.54 -24.02 108.63
CA PRO V 460 -19.22 -24.83 107.44
C PRO V 460 -20.41 -25.55 106.84
N GLN V 461 -21.46 -25.83 107.62
CA GLN V 461 -22.68 -26.38 107.05
C GLN V 461 -23.42 -25.34 106.22
N TYR V 462 -23.31 -24.06 106.59
CA TYR V 462 -23.92 -23.01 105.78
C TYR V 462 -23.20 -22.86 104.44
N VAL V 463 -21.86 -22.91 104.47
CA VAL V 463 -21.09 -22.85 103.23
C VAL V 463 -21.42 -24.05 102.34
N ASP V 464 -21.49 -25.23 102.95
CA ASP V 464 -21.78 -26.44 102.18
C ASP V 464 -23.18 -26.39 101.58
N ASP V 465 -24.15 -25.85 102.33
CA ASP V 465 -25.52 -25.80 101.82
C ASP V 465 -25.67 -24.89 100.61
N LYS V 466 -24.60 -24.25 100.14
CA LYS V 466 -24.65 -23.39 98.96
C LYS V 466 -23.58 -23.69 97.93
N LEU V 467 -22.50 -24.39 98.29
CA LEU V 467 -21.33 -24.46 97.42
C LEU V 467 -20.90 -25.88 97.04
N LYS V 468 -20.91 -26.84 97.97
CA LYS V 468 -20.40 -28.17 97.62
C LYS V 468 -21.27 -28.87 96.58
N SER V 469 -22.53 -28.44 96.43
CA SER V 469 -23.33 -28.95 95.32
C SER V 469 -22.82 -28.45 93.98
N ILE V 470 -22.22 -27.26 93.97
CA ILE V 470 -21.71 -26.66 92.73
C ILE V 470 -20.20 -26.90 92.63
N SER V 471 -19.53 -27.00 93.79
CA SER V 471 -18.10 -27.26 93.78
C SER V 471 -17.78 -28.65 93.24
N THR V 472 -18.68 -29.60 93.45
CA THR V 472 -18.47 -30.94 92.90
C THR V 472 -18.67 -30.96 91.39
N ASN V 473 -19.63 -30.19 90.90
CA ASN V 473 -19.97 -30.14 89.48
C ASN V 473 -18.96 -29.24 88.77
N LYS V 474 -17.93 -29.85 88.18
CA LYS V 474 -16.92 -29.04 87.51
C LYS V 474 -17.43 -28.43 86.22
N ASP V 475 -18.43 -29.05 85.59
CA ASP V 475 -19.00 -28.48 84.37
C ASP V 475 -19.87 -27.27 84.69
N LEU V 476 -20.52 -27.27 85.86
CA LEU V 476 -21.30 -26.12 86.28
C LEU V 476 -20.41 -25.00 86.80
N SER V 477 -19.38 -25.34 87.57
CA SER V 477 -18.52 -24.35 88.18
C SER V 477 -17.61 -23.64 87.19
N ALA V 478 -17.50 -24.15 85.96
CA ALA V 478 -16.80 -23.41 84.91
C ALA V 478 -17.63 -22.26 84.37
N PHE V 479 -18.90 -22.16 84.75
CA PHE V 479 -19.79 -21.10 84.30
C PHE V 479 -20.15 -20.14 85.43
N ILE V 480 -20.72 -20.65 86.52
CA ILE V 480 -21.25 -19.80 87.58
C ILE V 480 -20.27 -19.61 88.74
N LEU V 481 -19.16 -20.33 88.76
CA LEU V 481 -18.24 -20.26 89.89
C LEU V 481 -16.85 -19.80 89.48
N ILE W 20 -31.95 4.70 94.44
CA ILE W 20 -30.77 4.00 94.96
C ILE W 20 -31.09 3.41 96.33
N ARG W 21 -32.01 4.05 97.05
CA ARG W 21 -32.43 3.57 98.35
C ARG W 21 -33.39 2.38 98.27
N LEU W 22 -33.72 1.93 97.05
CA LEU W 22 -34.66 0.83 96.90
C LEU W 22 -34.03 -0.49 97.35
N THR W 23 -34.85 -1.32 98.00
CA THR W 23 -34.40 -2.64 98.43
C THR W 23 -34.44 -3.61 97.26
N PRO W 24 -33.68 -4.72 97.36
CA PRO W 24 -33.73 -5.72 96.28
C PRO W 24 -35.12 -6.23 95.98
N LYS W 25 -35.97 -6.39 97.01
CA LYS W 25 -37.33 -6.82 96.78
C LYS W 25 -38.12 -5.78 96.00
N GLU W 26 -37.91 -4.50 96.31
CA GLU W 26 -38.60 -3.45 95.57
C GLU W 26 -38.15 -3.41 94.11
N ILE W 27 -36.86 -3.68 93.86
CA ILE W 27 -36.36 -3.70 92.48
C ILE W 27 -36.99 -4.86 91.70
N VAL W 28 -37.03 -6.05 92.31
CA VAL W 28 -37.63 -7.20 91.65
C VAL W 28 -39.11 -6.95 91.36
N SER W 29 -39.80 -6.31 92.31
CA SER W 29 -41.23 -6.07 92.13
C SER W 29 -41.49 -5.01 91.06
N LYS W 30 -40.63 -3.99 90.98
CA LYS W 30 -40.78 -3.01 89.91
C LYS W 30 -40.44 -3.62 88.55
N LEU W 31 -39.45 -4.50 88.50
CA LEU W 31 -39.10 -5.17 87.25
C LEU W 31 -40.17 -6.18 86.82
N ASN W 32 -40.96 -6.70 87.76
CA ASN W 32 -42.00 -7.66 87.41
C ASN W 32 -43.18 -7.03 86.66
N GLU W 33 -43.20 -5.71 86.51
CA GLU W 33 -44.21 -5.05 85.71
C GLU W 33 -43.87 -5.06 84.22
N TYR W 34 -42.59 -5.19 83.88
CA TYR W 34 -42.14 -5.16 82.49
C TYR W 34 -41.52 -6.46 81.99
N ILE W 35 -40.99 -7.30 82.88
CA ILE W 35 -40.32 -8.53 82.49
C ILE W 35 -41.09 -9.71 83.05
N VAL W 36 -41.10 -10.81 82.29
CA VAL W 36 -41.81 -12.04 82.65
C VAL W 36 -40.79 -13.12 82.97
N GLY W 37 -41.00 -13.83 84.07
CA GLY W 37 -40.09 -14.88 84.44
C GLY W 37 -38.72 -14.32 84.80
N GLN W 38 -37.71 -15.18 84.67
CA GLN W 38 -36.32 -14.84 84.94
C GLN W 38 -36.17 -14.21 86.34
N ASN W 39 -36.57 -14.99 87.34
CA ASN W 39 -36.51 -14.48 88.71
C ASN W 39 -35.09 -14.50 89.25
N ASP W 40 -34.34 -15.56 88.96
CA ASP W 40 -32.94 -15.63 89.42
C ASP W 40 -32.13 -14.46 88.88
N ALA W 41 -32.37 -14.09 87.61
CA ALA W 41 -31.67 -12.95 87.04
C ALA W 41 -32.12 -11.64 87.68
N LYS W 42 -33.42 -11.51 87.94
CA LYS W 42 -33.93 -10.30 88.57
C LYS W 42 -33.40 -10.16 90.00
N ARG W 43 -33.24 -11.28 90.70
CA ARG W 43 -32.70 -11.21 92.06
C ARG W 43 -31.22 -10.82 92.05
N LYS W 44 -30.42 -11.50 91.22
CA LYS W 44 -28.99 -11.22 91.19
C LYS W 44 -28.70 -9.79 90.74
N VAL W 45 -29.45 -9.30 89.75
CA VAL W 45 -29.25 -7.93 89.30
C VAL W 45 -29.70 -6.92 90.35
N ALA W 46 -30.53 -7.34 91.32
CA ALA W 46 -30.99 -6.43 92.35
C ALA W 46 -30.00 -6.31 93.49
N ILE W 47 -29.35 -7.41 93.86
CA ILE W 47 -28.35 -7.36 94.93
C ILE W 47 -27.07 -6.67 94.50
N ALA W 48 -26.87 -6.47 93.20
CA ALA W 48 -25.72 -5.70 92.73
C ALA W 48 -25.97 -4.20 92.84
N LEU W 49 -27.24 -3.77 92.83
CA LEU W 49 -27.57 -2.37 93.03
C LEU W 49 -27.59 -2.01 94.51
N ARG W 50 -28.03 -2.94 95.36
CA ARG W 50 -27.97 -2.73 96.80
C ARG W 50 -26.53 -2.65 97.28
N ASN W 51 -25.63 -3.41 96.67
CA ASN W 51 -24.22 -3.36 97.03
C ASN W 51 -23.56 -2.03 96.70
N ARG W 52 -24.20 -1.21 95.87
CA ARG W 52 -23.72 0.15 95.65
C ARG W 52 -24.32 1.15 96.63
N TYR W 53 -25.45 0.81 97.25
CA TYR W 53 -25.98 1.64 98.32
C TYR W 53 -25.31 1.34 99.65
N ARG W 54 -25.00 0.07 99.90
CA ARG W 54 -24.30 -0.28 101.13
C ARG W 54 -22.86 0.24 101.13
N ARG W 55 -22.26 0.38 99.94
CA ARG W 55 -20.90 0.91 99.86
C ARG W 55 -20.88 2.40 100.17
N SER W 56 -21.90 3.13 99.75
CA SER W 56 -21.90 4.59 99.91
C SER W 56 -21.99 4.99 101.37
N LEU W 57 -22.56 4.14 102.24
CA LEU W 57 -22.69 4.42 103.65
C LEU W 57 -21.50 3.94 104.47
N LEU W 58 -20.38 3.66 103.84
CA LEU W 58 -19.16 3.25 104.54
C LEU W 58 -18.18 4.41 104.61
N ASP W 59 -17.10 4.20 105.36
CA ASP W 59 -16.04 5.19 105.46
C ASP W 59 -15.37 5.38 104.10
N GLU W 60 -14.73 6.54 103.92
CA GLU W 60 -14.17 6.88 102.61
C GLU W 60 -13.08 5.91 102.19
N GLU W 61 -12.39 5.28 103.15
CA GLU W 61 -11.37 4.30 102.79
C GLU W 61 -11.98 3.03 102.21
N SER W 62 -13.05 2.52 102.84
CA SER W 62 -13.73 1.35 102.32
C SER W 62 -14.61 1.68 101.12
N LYS W 63 -15.20 2.89 101.12
CA LYS W 63 -16.04 3.30 100.01
C LYS W 63 -15.28 3.31 98.68
N GLN W 64 -13.96 3.53 98.73
CA GLN W 64 -13.12 3.60 97.54
C GLN W 64 -12.23 2.38 97.38
N GLU W 65 -12.58 1.25 97.98
CA GLU W 65 -11.74 0.06 97.91
C GLU W 65 -12.48 -1.24 97.69
N ILE W 66 -13.82 -1.24 97.66
CA ILE W 66 -14.59 -2.43 97.33
C ILE W 66 -14.95 -2.37 95.86
N SER W 67 -14.84 -3.50 95.18
CA SER W 67 -15.15 -3.45 93.76
C SER W 67 -16.63 -3.74 93.54
N PRO W 68 -17.24 -3.12 92.53
CA PRO W 68 -18.66 -3.36 92.25
C PRO W 68 -18.91 -4.82 91.91
N LYS W 69 -20.08 -5.29 92.33
CA LYS W 69 -20.47 -6.69 92.12
C LYS W 69 -21.02 -6.84 90.70
N ASN W 70 -20.11 -6.83 89.74
CA ASN W 70 -20.49 -6.91 88.34
C ASN W 70 -21.14 -8.26 88.03
N ILE W 71 -21.99 -8.27 87.01
CA ILE W 71 -22.85 -9.41 86.72
C ILE W 71 -22.44 -10.02 85.38
N LEU W 72 -22.57 -11.34 85.28
CA LEU W 72 -22.29 -12.09 84.06
C LEU W 72 -23.52 -12.93 83.72
N MET W 73 -24.34 -12.44 82.80
CA MET W 73 -25.56 -13.13 82.39
C MET W 73 -25.25 -14.13 81.28
N ILE W 74 -25.69 -15.38 81.47
CA ILE W 74 -25.45 -16.45 80.52
C ILE W 74 -26.79 -17.02 80.09
N GLY W 75 -27.07 -16.97 78.79
CA GLY W 75 -28.31 -17.49 78.26
C GLY W 75 -28.43 -17.30 76.77
N PRO W 76 -29.44 -17.95 76.16
CA PRO W 76 -29.66 -17.80 74.72
C PRO W 76 -30.28 -16.45 74.36
N THR W 77 -30.63 -16.28 73.09
CA THR W 77 -31.26 -15.05 72.65
C THR W 77 -32.76 -15.06 72.97
N GLY W 78 -33.33 -13.86 73.04
CA GLY W 78 -34.75 -13.74 73.27
C GLY W 78 -35.23 -14.11 74.66
N VAL W 79 -34.31 -14.34 75.59
CA VAL W 79 -34.72 -14.61 76.97
C VAL W 79 -34.89 -13.33 77.78
N GLY W 80 -34.39 -12.20 77.29
CA GLY W 80 -34.58 -10.92 77.92
C GLY W 80 -33.48 -10.46 78.86
N LYS W 81 -32.23 -10.89 78.64
CA LYS W 81 -31.15 -10.47 79.53
C LYS W 81 -30.65 -9.06 79.23
N THR W 82 -31.09 -8.44 78.14
CA THR W 82 -30.79 -7.04 77.90
C THR W 82 -31.89 -6.13 78.43
N GLU W 83 -33.16 -6.57 78.31
CA GLU W 83 -34.26 -5.80 78.88
C GLU W 83 -34.15 -5.73 80.40
N ILE W 84 -33.65 -6.80 81.03
CA ILE W 84 -33.49 -6.79 82.48
C ILE W 84 -32.48 -5.73 82.90
N ALA W 85 -31.35 -5.63 82.19
CA ALA W 85 -30.34 -4.65 82.54
C ALA W 85 -30.82 -3.23 82.25
N ARG W 86 -31.49 -3.03 81.12
CA ARG W 86 -31.92 -1.69 80.75
C ARG W 86 -33.07 -1.21 81.62
N ARG W 87 -34.04 -2.09 81.90
CA ARG W 87 -35.15 -1.70 82.77
C ARG W 87 -34.69 -1.49 84.20
N MET W 88 -33.76 -2.33 84.68
CA MET W 88 -33.20 -2.14 86.01
C MET W 88 -32.53 -0.77 86.14
N ALA W 89 -32.01 -0.23 85.05
CA ALA W 89 -31.40 1.10 85.09
C ALA W 89 -32.46 2.20 85.13
N LYS W 90 -33.59 2.01 84.45
CA LYS W 90 -34.63 3.05 84.42
C LYS W 90 -35.28 3.21 85.78
N VAL W 91 -35.52 2.10 86.49
CA VAL W 91 -36.21 2.17 87.77
C VAL W 91 -35.39 2.84 88.86
N VAL W 92 -34.10 3.06 88.62
CA VAL W 92 -33.23 3.75 89.58
C VAL W 92 -32.66 5.04 89.03
N GLY W 93 -32.97 5.40 87.79
CA GLY W 93 -32.45 6.62 87.21
C GLY W 93 -30.95 6.59 86.96
N ALA W 94 -30.43 5.47 86.47
CA ALA W 94 -29.00 5.34 86.23
C ALA W 94 -28.71 5.42 84.74
N PRO W 95 -27.60 6.07 84.36
CA PRO W 95 -27.22 6.09 82.95
C PRO W 95 -26.88 4.68 82.47
N PHE W 96 -27.24 4.40 81.22
CA PHE W 96 -27.14 3.05 80.68
C PHE W 96 -26.62 3.10 79.24
N ILE W 97 -25.66 2.23 78.94
CA ILE W 97 -25.16 2.05 77.58
C ILE W 97 -25.09 0.55 77.29
N LYS W 98 -25.29 0.20 76.03
CA LYS W 98 -25.20 -1.19 75.56
C LYS W 98 -24.20 -1.25 74.43
N VAL W 99 -23.07 -1.90 74.66
CA VAL W 99 -22.00 -2.01 73.67
C VAL W 99 -21.86 -3.46 73.25
N GLU W 100 -21.44 -3.65 72.00
CA GLU W 100 -21.16 -4.96 71.45
C GLU W 100 -19.67 -5.22 71.54
N ALA W 101 -19.28 -6.27 72.28
CA ALA W 101 -17.87 -6.59 72.42
C ALA W 101 -17.23 -6.98 71.09
N THR W 102 -18.03 -7.42 70.12
CA THR W 102 -17.49 -7.90 68.85
C THR W 102 -16.91 -6.77 68.01
N LYS W 103 -17.41 -5.54 68.17
CA LYS W 103 -16.97 -4.44 67.32
C LYS W 103 -15.52 -4.03 67.60
N PHE W 104 -14.96 -4.46 68.72
CA PHE W 104 -13.62 -4.02 69.12
C PHE W 104 -12.53 -4.88 68.48
N THR W 105 -12.80 -5.43 67.30
CA THR W 105 -11.81 -6.26 66.61
C THR W 105 -11.68 -5.85 65.14
N ASP W 113 -10.48 1.59 70.11
CA ASP W 113 -10.93 2.52 71.13
C ASP W 113 -12.00 1.89 72.00
N VAL W 114 -11.60 1.46 73.20
CA VAL W 114 -12.53 0.83 74.12
C VAL W 114 -13.14 1.84 75.10
N GLU W 115 -12.52 3.01 75.27
CA GLU W 115 -13.04 4.03 76.17
C GLU W 115 -14.25 4.76 75.61
N SER W 116 -14.68 4.43 74.39
CA SER W 116 -15.86 5.08 73.82
C SER W 116 -17.12 4.71 74.59
N MET W 117 -17.15 3.54 75.24
CA MET W 117 -18.31 3.19 76.05
C MET W 117 -18.50 4.19 77.19
N VAL W 118 -17.41 4.54 77.87
CA VAL W 118 -17.50 5.47 78.99
C VAL W 118 -17.89 6.86 78.51
N ARG W 119 -17.30 7.31 77.39
CA ARG W 119 -17.63 8.64 76.87
C ARG W 119 -19.07 8.70 76.38
N ASP W 120 -19.59 7.60 75.82
CA ASP W 120 -21.00 7.54 75.46
C ASP W 120 -21.88 7.35 76.68
N LEU W 121 -21.34 6.74 77.75
CA LEU W 121 -22.09 6.65 79.00
C LEU W 121 -22.28 8.04 79.62
N VAL W 122 -21.20 8.83 79.65
CA VAL W 122 -21.31 10.22 80.11
C VAL W 122 -22.27 10.99 79.21
N ASP W 123 -22.28 10.69 77.91
CA ASP W 123 -23.23 11.30 76.99
C ASP W 123 -24.66 11.02 77.44
N VAL W 124 -24.95 9.79 77.81
CA VAL W 124 -26.30 9.45 78.28
C VAL W 124 -26.56 10.08 79.65
N SER W 125 -25.52 10.25 80.45
CA SER W 125 -25.72 10.73 81.82
C SER W 125 -26.22 12.17 81.85
N VAL W 126 -25.66 13.04 81.02
CA VAL W 126 -26.07 14.44 81.04
C VAL W 126 -27.41 14.62 80.33
N ARG W 127 -27.72 13.79 79.33
CA ARG W 127 -29.01 13.89 78.66
C ARG W 127 -30.15 13.43 79.54
N LEU W 128 -29.86 12.63 80.58
CA LEU W 128 -30.91 12.23 81.51
C LEU W 128 -31.35 13.43 82.35
N VAL W 129 -30.41 14.15 82.94
CA VAL W 129 -30.70 15.28 83.81
C VAL W 129 -30.17 16.54 83.13
N LYS W 130 -31.05 17.22 82.41
CA LYS W 130 -30.76 18.54 81.84
C LYS W 130 -32.05 19.17 81.32
N ALA W 277 -23.99 21.46 87.76
CA ALA W 277 -25.03 21.02 86.83
C ALA W 277 -24.55 19.81 86.03
N ASN W 278 -23.79 20.08 84.96
CA ASN W 278 -23.21 18.99 84.18
C ASN W 278 -22.16 18.24 84.98
N GLN W 279 -21.43 18.94 85.85
CA GLN W 279 -20.45 18.28 86.70
C GLN W 279 -21.13 17.33 87.67
N GLU W 280 -22.21 17.79 88.31
CA GLU W 280 -22.97 16.92 89.19
C GLU W 280 -23.70 15.82 88.41
N ALA W 281 -24.00 16.07 87.12
CA ALA W 281 -24.47 15.00 86.26
C ALA W 281 -23.32 14.13 85.78
N LEU W 282 -22.11 14.70 85.68
CA LEU W 282 -20.94 13.91 85.32
C LEU W 282 -20.63 12.87 86.39
N GLU W 283 -20.49 13.31 87.64
CA GLU W 283 -20.22 12.40 88.75
C GLU W 283 -21.38 11.46 89.04
N LEU W 284 -22.53 11.65 88.40
CA LEU W 284 -23.65 10.72 88.57
C LEU W 284 -23.33 9.36 87.97
N ALA W 285 -22.94 9.33 86.70
CA ALA W 285 -22.56 8.07 86.06
C ALA W 285 -21.32 7.45 86.70
N GLU W 286 -20.61 8.19 87.55
CA GLU W 286 -19.43 7.68 88.21
C GLU W 286 -19.79 6.72 89.34
N GLN W 287 -20.74 7.12 90.19
CA GLN W 287 -21.21 6.31 91.30
C GLN W 287 -22.47 5.54 90.97
N MET W 288 -22.95 5.60 89.72
CA MET W 288 -24.25 5.02 89.37
C MET W 288 -24.30 4.58 87.91
N GLY W 289 -23.17 4.16 87.35
CA GLY W 289 -23.08 3.83 85.93
C GLY W 289 -23.25 2.35 85.68
N ILE W 290 -24.03 2.02 84.64
CA ILE W 290 -24.29 0.65 84.23
C ILE W 290 -23.94 0.51 82.76
N ILE W 291 -22.94 -0.30 82.46
CA ILE W 291 -22.48 -0.53 81.09
C ILE W 291 -22.74 -1.99 80.76
N PHE W 292 -23.49 -2.23 79.69
CA PHE W 292 -23.93 -3.57 79.30
C PHE W 292 -23.11 -4.03 78.10
N ILE W 293 -22.09 -4.84 78.36
CA ILE W 293 -21.25 -5.41 77.31
C ILE W 293 -21.93 -6.69 76.82
N ASP W 294 -22.55 -6.61 75.64
CA ASP W 294 -23.24 -7.74 75.05
C ASP W 294 -22.28 -8.57 74.21
N GLU W 295 -22.58 -9.87 74.12
CA GLU W 295 -21.81 -10.79 73.28
C GLU W 295 -20.36 -10.87 73.73
N ILE W 296 -20.14 -10.80 75.03
CA ILE W 296 -18.78 -10.84 75.58
C ILE W 296 -18.15 -12.22 75.49
N ASP W 297 -18.93 -13.25 75.14
CA ASP W 297 -18.38 -14.59 75.01
C ASP W 297 -17.58 -14.74 73.72
N LYS W 298 -17.73 -13.82 72.77
CA LYS W 298 -17.08 -13.94 71.47
C LYS W 298 -15.71 -13.26 71.42
N VAL W 299 -15.21 -12.78 72.56
CA VAL W 299 -13.85 -12.26 72.64
C VAL W 299 -12.94 -13.19 73.45
N ALA W 300 -13.35 -14.45 73.62
CA ALA W 300 -12.55 -15.42 74.34
C ALA W 300 -12.20 -16.61 73.45
N GLN W 313 -7.83 -11.98 72.64
CA GLN W 313 -7.57 -11.66 74.03
C GLN W 313 -7.25 -10.18 74.19
N GLY W 314 -6.84 -9.55 73.08
CA GLY W 314 -6.53 -8.13 73.13
C GLY W 314 -7.73 -7.27 73.47
N VAL W 315 -8.94 -7.73 73.12
CA VAL W 315 -10.14 -7.01 73.50
C VAL W 315 -10.37 -7.09 75.00
N GLN W 316 -10.10 -8.24 75.60
CA GLN W 316 -10.23 -8.38 77.06
C GLN W 316 -9.19 -7.54 77.78
N ARG W 317 -7.93 -7.61 77.35
CA ARG W 317 -6.87 -6.82 77.97
C ARG W 317 -7.07 -5.34 77.78
N ASP W 318 -7.90 -4.93 76.82
CA ASP W 318 -8.21 -3.52 76.63
C ASP W 318 -9.43 -3.10 77.44
N ILE W 319 -10.39 -4.01 77.64
CA ILE W 319 -11.50 -3.74 78.54
C ILE W 319 -11.03 -3.76 80.00
N LEU W 320 -9.98 -4.53 80.29
CA LEU W 320 -9.46 -4.66 81.65
C LEU W 320 -9.21 -3.34 82.37
N PRO W 321 -8.47 -2.37 81.82
CA PRO W 321 -8.23 -1.13 82.57
C PRO W 321 -9.50 -0.39 82.90
N ILE W 322 -10.56 -0.55 82.11
CA ILE W 322 -11.82 0.14 82.40
C ILE W 322 -12.46 -0.44 83.65
N LEU W 323 -12.51 -1.78 83.75
CA LEU W 323 -13.14 -2.41 84.90
C LEU W 323 -12.26 -2.36 86.14
N GLU W 324 -10.93 -2.33 85.97
CA GLU W 324 -10.02 -2.32 87.11
C GLU W 324 -9.77 -0.92 87.65
N GLY W 325 -10.45 0.10 87.13
CA GLY W 325 -10.36 1.43 87.68
C GLY W 325 -9.35 2.33 86.99
N SER W 326 -9.81 3.07 85.99
CA SER W 326 -8.98 4.05 85.30
C SER W 326 -9.80 5.30 85.04
N VAL W 327 -9.11 6.41 84.83
CA VAL W 327 -9.75 7.70 84.59
C VAL W 327 -9.80 7.93 83.08
N ILE W 328 -10.98 8.29 82.59
CA ILE W 328 -11.23 8.54 81.17
C ILE W 328 -11.48 10.02 80.96
N GLN W 329 -10.85 10.59 79.93
CA GLN W 329 -11.03 12.00 79.60
C GLN W 329 -12.21 12.14 78.65
N THR W 330 -13.17 12.98 79.04
CA THR W 330 -14.35 13.26 78.22
C THR W 330 -14.40 14.75 77.88
N LYS W 331 -15.27 15.09 76.95
CA LYS W 331 -15.46 16.48 76.58
C LYS W 331 -16.10 17.30 77.70
N TYR W 332 -16.63 16.65 78.73
CA TYR W 332 -17.16 17.34 79.89
C TYR W 332 -16.20 17.35 81.08
N GLY W 333 -15.20 16.49 81.07
CA GLY W 333 -14.26 16.40 82.17
C GLY W 333 -13.74 14.98 82.30
N THR W 334 -12.87 14.79 83.28
CA THR W 334 -12.27 13.50 83.55
C THR W 334 -13.19 12.69 84.46
N VAL W 335 -13.26 11.38 84.20
CA VAL W 335 -14.08 10.46 84.99
C VAL W 335 -13.30 9.18 85.22
N ASN W 336 -13.24 8.74 86.48
CA ASN W 336 -12.72 7.43 86.81
C ASN W 336 -13.86 6.42 86.87
N THR W 337 -13.54 5.16 86.57
CA THR W 337 -14.54 4.12 86.45
C THR W 337 -14.43 3.06 87.54
N GLU W 338 -14.05 3.47 88.76
CA GLU W 338 -13.88 2.51 89.84
C GLU W 338 -15.21 1.87 90.22
N HIS W 339 -16.28 2.65 90.25
CA HIS W 339 -17.57 2.21 90.80
C HIS W 339 -18.66 2.15 89.75
N MET W 340 -18.31 2.05 88.48
CA MET W 340 -19.30 1.82 87.43
C MET W 340 -19.64 0.33 87.38
N LEU W 341 -20.94 0.03 87.38
CA LEU W 341 -21.38 -1.35 87.30
C LEU W 341 -21.29 -1.83 85.85
N PHE W 342 -20.70 -3.02 85.66
CA PHE W 342 -20.55 -3.61 84.34
C PHE W 342 -21.35 -4.91 84.29
N ILE W 343 -22.09 -5.09 83.20
CA ILE W 343 -22.88 -6.31 82.98
C ILE W 343 -22.42 -6.91 81.66
N GLY W 344 -21.74 -8.06 81.75
CA GLY W 344 -21.36 -8.81 80.56
C GLY W 344 -22.35 -9.94 80.32
N ALA W 345 -22.83 -10.03 79.09
CA ALA W 345 -23.79 -11.05 78.70
C ALA W 345 -23.25 -11.86 77.55
N GLY W 346 -23.71 -13.10 77.45
CA GLY W 346 -23.30 -13.97 76.37
C GLY W 346 -24.11 -15.24 76.35
N ALA W 347 -23.99 -15.98 75.25
CA ALA W 347 -24.61 -17.28 75.11
C ALA W 347 -23.70 -18.41 75.57
N PHE W 348 -22.39 -18.27 75.35
CA PHE W 348 -21.40 -19.24 75.81
C PHE W 348 -21.68 -20.64 75.27
N HIS W 349 -21.83 -20.72 73.95
CA HIS W 349 -22.02 -21.99 73.27
C HIS W 349 -20.72 -22.62 72.78
N VAL W 350 -19.64 -21.83 72.71
CA VAL W 350 -18.36 -22.33 72.23
C VAL W 350 -17.28 -22.00 73.24
N SER W 351 -17.45 -20.90 73.96
CA SER W 351 -16.53 -20.49 75.00
C SER W 351 -17.21 -20.54 76.36
N LYS W 352 -16.43 -20.86 77.37
CA LYS W 352 -16.93 -20.86 78.73
C LYS W 352 -16.49 -19.59 79.46
N PRO W 353 -17.21 -19.18 80.51
CA PRO W 353 -16.70 -18.08 81.35
C PRO W 353 -15.35 -18.37 81.95
N SER W 354 -14.99 -19.65 82.10
CA SER W 354 -13.65 -20.01 82.54
C SER W 354 -12.59 -19.65 81.52
N ASP W 355 -12.97 -19.42 80.27
CA ASP W 355 -12.03 -19.07 79.21
C ASP W 355 -11.76 -17.58 79.12
N LEU W 356 -12.31 -16.78 80.03
CA LEU W 356 -11.94 -15.38 80.12
C LEU W 356 -10.63 -15.24 80.88
N ILE W 357 -9.98 -14.09 80.73
CA ILE W 357 -8.74 -13.82 81.44
C ILE W 357 -9.06 -13.82 82.93
N PRO W 358 -8.13 -14.27 83.78
CA PRO W 358 -8.44 -14.35 85.23
C PRO W 358 -8.83 -13.02 85.85
N GLU W 359 -8.26 -11.91 85.38
CA GLU W 359 -8.62 -10.62 85.92
C GLU W 359 -10.09 -10.29 85.65
N LEU W 360 -10.59 -10.67 84.46
CA LEU W 360 -12.00 -10.47 84.17
C LEU W 360 -12.89 -11.43 84.95
N GLN W 361 -12.39 -12.62 85.27
CA GLN W 361 -13.18 -13.56 86.05
C GLN W 361 -13.43 -13.04 87.46
N GLY W 362 -12.37 -12.59 88.13
CA GLY W 362 -12.50 -12.06 89.48
C GLY W 362 -13.28 -10.78 89.57
N ARG W 363 -13.54 -10.11 88.46
CA ARG W 363 -14.29 -8.87 88.45
C ARG W 363 -15.70 -9.03 87.89
N PHE W 364 -16.17 -10.28 87.74
CA PHE W 364 -17.56 -10.59 87.48
C PHE W 364 -18.05 -11.56 88.57
N PRO W 365 -18.20 -11.08 89.81
CA PRO W 365 -18.53 -12.00 90.91
C PRO W 365 -19.91 -12.60 90.79
N ILE W 366 -20.91 -11.79 90.45
CA ILE W 366 -22.27 -12.27 90.27
C ILE W 366 -22.37 -12.92 88.89
N ARG W 367 -22.79 -14.17 88.86
CA ARG W 367 -22.98 -14.90 87.60
C ARG W 367 -24.32 -15.60 87.65
N VAL W 368 -25.13 -15.40 86.61
CA VAL W 368 -26.47 -15.95 86.53
C VAL W 368 -26.65 -16.62 85.18
N GLU W 369 -27.36 -17.75 85.17
CA GLU W 369 -27.72 -18.45 83.95
C GLU W 369 -29.23 -18.30 83.76
N LEU W 370 -29.62 -17.58 82.72
CA LEU W 370 -31.03 -17.34 82.46
C LEU W 370 -31.68 -18.55 81.84
N ASP W 371 -32.96 -18.74 82.15
CA ASP W 371 -33.69 -19.91 81.68
C ASP W 371 -34.21 -19.69 80.26
N SER W 372 -34.45 -20.80 79.57
CA SER W 372 -35.08 -20.72 78.26
C SER W 372 -36.56 -20.40 78.41
N LEU W 373 -37.21 -20.12 77.28
CA LEU W 373 -38.62 -19.77 77.26
C LEU W 373 -39.45 -20.98 76.82
N SER W 374 -40.54 -21.23 77.53
CA SER W 374 -41.49 -22.26 77.17
C SER W 374 -42.67 -21.65 76.43
N VAL W 375 -43.48 -22.50 75.81
CA VAL W 375 -44.66 -22.02 75.08
C VAL W 375 -45.58 -21.25 76.02
N GLU W 376 -45.67 -21.67 77.28
CA GLU W 376 -46.49 -20.92 78.23
C GLU W 376 -45.84 -19.59 78.61
N ASP W 377 -44.51 -19.51 78.53
CA ASP W 377 -43.84 -18.24 78.79
C ASP W 377 -44.09 -17.25 77.67
N PHE W 378 -44.31 -17.72 76.45
CA PHE W 378 -44.60 -16.82 75.34
C PHE W 378 -45.90 -16.09 75.55
N VAL W 379 -46.94 -16.78 76.04
CA VAL W 379 -48.23 -16.13 76.24
C VAL W 379 -48.14 -15.08 77.35
N ARG W 380 -47.25 -15.30 78.32
CA ARG W 380 -47.07 -14.31 79.38
C ARG W 380 -46.30 -13.10 78.87
N ILE W 381 -45.24 -13.33 78.08
CA ILE W 381 -44.58 -12.25 77.36
C ILE W 381 -45.58 -11.52 76.46
N LEU W 382 -46.59 -12.25 75.97
CA LEU W 382 -47.53 -11.68 75.02
C LEU W 382 -48.60 -10.83 75.71
N THR W 383 -49.10 -11.29 76.86
CA THR W 383 -50.25 -10.67 77.52
C THR W 383 -49.88 -9.82 78.72
N GLU W 384 -49.10 -10.37 79.65
CA GLU W 384 -48.98 -9.82 81.01
C GLU W 384 -48.43 -8.39 81.08
N PRO W 385 -47.17 -8.14 80.71
CA PRO W 385 -46.50 -6.92 81.15
C PRO W 385 -47.09 -5.68 80.49
N LYS W 386 -46.73 -4.52 81.04
CA LYS W 386 -47.08 -3.26 80.42
C LYS W 386 -46.45 -3.16 79.03
N LEU W 387 -47.16 -2.49 78.12
CA LEU W 387 -46.65 -2.22 76.77
C LEU W 387 -46.29 -3.50 76.02
N SER W 388 -46.92 -4.62 76.38
CA SER W 388 -46.67 -5.87 75.68
C SER W 388 -47.17 -5.75 74.23
N LEU W 389 -46.79 -6.74 73.42
CA LEU W 389 -47.04 -6.67 71.98
C LEU W 389 -48.53 -6.54 71.67
N ILE W 390 -49.35 -7.45 72.21
CA ILE W 390 -50.78 -7.39 71.92
C ILE W 390 -51.43 -6.16 72.52
N LYS W 391 -50.81 -5.54 73.53
CA LYS W 391 -51.34 -4.28 74.04
C LYS W 391 -50.97 -3.11 73.14
N GLN W 392 -49.80 -3.16 72.49
CA GLN W 392 -49.41 -2.10 71.56
C GLN W 392 -50.35 -2.08 70.36
N TYR W 393 -50.62 -3.25 69.78
CA TYR W 393 -51.51 -3.32 68.62
C TYR W 393 -52.93 -2.91 68.97
N GLU W 394 -53.37 -3.18 70.20
CA GLU W 394 -54.64 -2.64 70.67
C GLU W 394 -54.62 -1.12 70.63
N ALA W 395 -53.57 -0.52 71.19
CA ALA W 395 -53.47 0.94 71.21
C ALA W 395 -53.15 1.51 69.83
N LEU W 396 -52.32 0.81 69.06
CA LEU W 396 -51.99 1.29 67.72
C LEU W 396 -53.21 1.30 66.81
N LEU W 397 -53.98 0.21 66.81
CA LEU W 397 -55.19 0.15 66.02
C LEU W 397 -56.36 0.89 66.66
N GLN W 398 -56.21 1.32 67.92
CA GLN W 398 -57.20 2.21 68.50
C GLN W 398 -57.08 3.62 67.93
N THR W 399 -55.92 3.98 67.38
CA THR W 399 -55.77 5.25 66.70
C THR W 399 -56.68 5.34 65.48
N GLU W 400 -56.89 4.21 64.80
CA GLU W 400 -57.82 4.15 63.68
C GLU W 400 -59.26 3.90 64.12
N GLU W 401 -59.55 4.02 65.42
CA GLU W 401 -60.87 3.72 65.97
C GLU W 401 -61.30 2.30 65.64
N VAL W 402 -60.35 1.37 65.74
CA VAL W 402 -60.60 -0.05 65.48
C VAL W 402 -60.27 -0.83 66.74
N THR W 403 -61.28 -1.46 67.33
CA THR W 403 -61.10 -2.26 68.53
C THR W 403 -60.75 -3.69 68.14
N VAL W 404 -59.58 -4.16 68.56
CA VAL W 404 -59.11 -5.51 68.28
C VAL W 404 -59.20 -6.31 69.57
N ASN W 405 -59.82 -7.48 69.50
CA ASN W 405 -60.01 -8.35 70.65
C ASN W 405 -59.22 -9.63 70.43
N PHE W 406 -58.26 -9.89 71.33
CA PHE W 406 -57.45 -11.09 71.30
C PHE W 406 -58.01 -12.06 72.33
N THR W 407 -58.66 -13.12 71.85
CA THR W 407 -59.14 -14.15 72.76
C THR W 407 -57.95 -14.83 73.43
N ASP W 408 -58.15 -15.26 74.68
CA ASP W 408 -57.11 -15.98 75.40
C ASP W 408 -56.78 -17.32 74.76
N GLU W 409 -57.49 -17.72 73.71
CA GLU W 409 -57.26 -18.96 72.99
C GLU W 409 -56.46 -18.77 71.71
N ALA W 410 -56.54 -17.59 71.09
CA ALA W 410 -55.68 -17.28 69.95
C ALA W 410 -54.30 -16.81 70.38
N ILE W 411 -54.18 -16.26 71.60
CA ILE W 411 -52.86 -15.93 72.14
C ILE W 411 -52.06 -17.20 72.35
N THR W 412 -52.71 -18.27 72.81
CA THR W 412 -52.03 -19.54 73.02
C THR W 412 -51.57 -20.14 71.70
N ARG W 413 -52.29 -19.87 70.60
CA ARG W 413 -51.93 -20.42 69.31
C ARG W 413 -50.75 -19.66 68.69
N LEU W 414 -50.72 -18.34 68.87
CA LEU W 414 -49.57 -17.56 68.42
C LEU W 414 -48.29 -18.03 69.10
N ALA W 415 -48.37 -18.36 70.39
CA ALA W 415 -47.20 -18.84 71.12
C ALA W 415 -46.73 -20.18 70.58
N GLU W 416 -47.66 -21.09 70.28
CA GLU W 416 -47.28 -22.37 69.69
C GLU W 416 -46.58 -22.16 68.35
N ILE W 417 -47.06 -21.22 67.55
CA ILE W 417 -46.51 -21.02 66.21
C ILE W 417 -45.15 -20.34 66.29
N ALA W 418 -44.99 -19.38 67.22
CA ALA W 418 -43.69 -18.77 67.42
C ALA W 418 -42.69 -19.77 68.01
N TYR W 419 -43.13 -20.55 69.00
CA TYR W 419 -42.24 -21.54 69.62
C TYR W 419 -41.85 -22.62 68.61
N GLN W 420 -42.71 -22.91 67.64
CA GLN W 420 -42.44 -23.99 66.70
C GLN W 420 -41.35 -23.61 65.70
N VAL W 421 -41.54 -22.49 65.00
CA VAL W 421 -40.59 -22.10 63.96
C VAL W 421 -39.21 -21.85 64.55
N ASN W 422 -39.15 -21.43 65.81
CA ASN W 422 -37.85 -21.26 66.47
C ASN W 422 -37.12 -22.59 66.67
N GLN W 423 -37.83 -23.71 66.60
CA GLN W 423 -37.17 -25.01 66.64
C GLN W 423 -37.00 -25.63 65.26
N ASP W 424 -37.73 -25.15 64.26
CA ASP W 424 -37.63 -25.67 62.90
C ASP W 424 -36.55 -24.99 62.07
N THR W 425 -36.26 -23.70 62.36
CA THR W 425 -35.25 -22.97 61.62
C THR W 425 -34.22 -22.48 62.62
N ASP W 426 -34.24 -21.20 62.99
CA ASP W 426 -33.30 -20.64 63.95
C ASP W 426 -34.05 -20.20 65.21
N ASN W 427 -33.45 -20.47 66.37
CA ASN W 427 -34.08 -20.16 67.65
C ASN W 427 -33.64 -18.77 68.09
N ILE W 428 -34.58 -17.82 68.06
CA ILE W 428 -34.30 -16.44 68.43
C ILE W 428 -35.12 -16.00 69.65
N GLY W 429 -35.73 -16.94 70.36
CA GLY W 429 -36.45 -16.59 71.58
C GLY W 429 -37.70 -15.79 71.31
N ALA W 430 -37.93 -14.77 72.14
CA ALA W 430 -39.12 -13.94 72.03
C ALA W 430 -39.10 -13.01 70.83
N ARG W 431 -37.94 -12.82 70.20
CA ARG W 431 -37.86 -11.99 69.00
C ARG W 431 -38.62 -12.59 67.81
N ARG W 432 -39.10 -13.82 67.94
CA ARG W 432 -39.93 -14.40 66.89
C ARG W 432 -41.34 -13.82 66.91
N LEU W 433 -41.79 -13.31 68.06
CA LEU W 433 -43.14 -12.79 68.18
C LEU W 433 -43.37 -11.57 67.30
N HIS W 434 -42.32 -10.77 67.06
CA HIS W 434 -42.49 -9.54 66.31
C HIS W 434 -42.92 -9.80 64.87
N THR W 435 -42.40 -10.87 64.27
CA THR W 435 -42.73 -11.20 62.89
C THR W 435 -44.00 -12.03 62.78
N ILE W 436 -44.28 -12.89 63.78
CA ILE W 436 -45.50 -13.70 63.75
C ILE W 436 -46.73 -12.81 63.80
N LEU W 437 -46.72 -11.82 64.69
CA LEU W 437 -47.90 -10.97 64.88
C LEU W 437 -48.18 -10.12 63.64
N GLU W 438 -47.15 -9.50 63.08
CA GLU W 438 -47.33 -8.61 61.94
C GLU W 438 -47.87 -9.33 60.72
N LYS W 439 -47.78 -10.67 60.67
CA LYS W 439 -48.27 -11.40 59.51
C LYS W 439 -49.79 -11.47 59.49
N MET W 440 -50.39 -11.91 60.60
CA MET W 440 -51.84 -12.06 60.62
C MET W 440 -52.56 -10.71 60.68
N LEU W 441 -51.89 -9.67 61.18
CA LEU W 441 -52.48 -8.35 61.25
C LEU W 441 -52.24 -7.53 59.99
N GLU W 442 -51.72 -8.16 58.92
CA GLU W 442 -51.51 -7.46 57.66
C GLU W 442 -52.82 -6.86 57.15
N ASP W 443 -53.79 -7.72 56.83
CA ASP W 443 -55.05 -7.24 56.26
C ASP W 443 -55.77 -6.29 57.21
N LEU W 444 -55.65 -6.52 58.51
CA LEU W 444 -56.28 -5.63 59.48
C LEU W 444 -55.62 -4.26 59.46
N SER W 445 -54.29 -4.22 59.53
CA SER W 445 -53.59 -2.95 59.56
C SER W 445 -53.78 -2.18 58.26
N PHE W 446 -53.79 -2.88 57.12
CA PHE W 446 -53.97 -2.21 55.84
C PHE W 446 -55.41 -1.74 55.66
N GLU W 447 -56.37 -2.52 56.12
CA GLU W 447 -57.79 -2.20 55.99
C GLU W 447 -58.39 -1.72 57.30
N ALA W 448 -57.65 -0.90 58.05
CA ALA W 448 -58.12 -0.36 59.32
C ALA W 448 -58.74 1.02 59.15
N PRO W 449 -58.10 1.99 58.48
CA PRO W 449 -58.71 3.32 58.37
C PRO W 449 -60.02 3.33 57.61
N SER W 450 -60.24 2.37 56.71
CA SER W 450 -61.54 2.21 56.04
C SER W 450 -62.44 1.24 56.78
N MET W 451 -62.48 1.35 58.11
CA MET W 451 -63.18 0.42 58.99
C MET W 451 -63.40 1.10 60.33
N PRO W 452 -64.14 2.20 60.39
CA PRO W 452 -64.15 3.03 61.60
C PRO W 452 -65.13 2.53 62.65
N ASN W 453 -64.73 2.70 63.91
CA ASN W 453 -65.56 2.38 65.07
C ASN W 453 -66.05 0.92 65.05
N ALA W 454 -65.27 0.05 64.42
CA ALA W 454 -65.58 -1.36 64.34
C ALA W 454 -64.87 -2.13 65.44
N VAL W 455 -65.34 -3.34 65.70
CA VAL W 455 -64.78 -4.21 66.73
C VAL W 455 -64.48 -5.56 66.10
N VAL W 456 -63.20 -5.95 66.12
CA VAL W 456 -62.74 -7.20 65.50
C VAL W 456 -62.37 -8.17 66.60
N ASP W 457 -62.64 -9.46 66.35
CA ASP W 457 -62.32 -10.53 67.29
C ASP W 457 -61.37 -11.50 66.61
N ILE W 458 -60.20 -11.70 67.21
CA ILE W 458 -59.14 -12.53 66.63
C ILE W 458 -59.28 -13.93 67.22
N THR W 459 -59.91 -14.82 66.48
CA THR W 459 -60.08 -16.20 66.89
C THR W 459 -58.89 -17.04 66.44
N PRO W 460 -58.68 -18.22 67.04
CA PRO W 460 -57.56 -19.07 66.60
C PRO W 460 -57.66 -19.51 65.14
N GLN W 461 -58.87 -19.55 64.57
CA GLN W 461 -59.00 -19.93 63.17
C GLN W 461 -58.42 -18.88 62.24
N TYR W 462 -58.47 -17.60 62.65
CA TYR W 462 -57.80 -16.56 61.86
C TYR W 462 -56.28 -16.70 61.94
N VAL W 463 -55.76 -17.19 63.06
CA VAL W 463 -54.32 -17.34 63.21
C VAL W 463 -53.81 -18.48 62.34
N ASP W 464 -54.47 -19.64 62.40
CA ASP W 464 -54.08 -20.76 61.54
C ASP W 464 -54.33 -20.46 60.07
N ASP W 465 -55.27 -19.56 59.76
CA ASP W 465 -55.48 -19.18 58.37
C ASP W 465 -54.30 -18.39 57.83
N LYS W 466 -53.78 -17.45 58.62
CA LYS W 466 -52.78 -16.52 58.10
C LYS W 466 -51.39 -17.13 58.02
N LEU W 467 -51.03 -18.03 58.96
CA LEU W 467 -49.65 -18.51 58.94
C LEU W 467 -49.45 -19.93 59.46
N LYS W 468 -50.47 -20.80 59.46
CA LYS W 468 -50.18 -22.19 59.81
C LYS W 468 -49.59 -22.93 58.63
N SER W 469 -50.08 -22.66 57.42
CA SER W 469 -49.45 -23.23 56.23
C SER W 469 -48.06 -22.66 56.01
N ILE W 470 -47.84 -21.38 56.38
CA ILE W 470 -46.52 -20.80 56.30
C ILE W 470 -45.61 -21.42 57.36
N SER W 471 -46.15 -21.68 58.56
CA SER W 471 -45.35 -22.24 59.64
C SER W 471 -44.88 -23.65 59.30
N THR W 472 -45.72 -24.42 58.60
CA THR W 472 -45.36 -25.81 58.29
C THR W 472 -44.30 -25.88 57.20
N ASN W 473 -44.21 -24.87 56.34
CA ASN W 473 -43.22 -24.84 55.27
C ASN W 473 -41.91 -24.30 55.83
N LYS W 474 -40.95 -25.20 56.07
CA LYS W 474 -39.69 -24.80 56.69
C LYS W 474 -38.93 -23.81 55.83
N ASP W 475 -38.84 -24.07 54.53
CA ASP W 475 -38.01 -23.24 53.67
C ASP W 475 -38.61 -21.85 53.45
N LEU W 476 -39.93 -21.74 53.48
CA LEU W 476 -40.56 -20.43 53.32
C LEU W 476 -40.44 -19.60 54.59
N SER W 477 -40.61 -20.22 55.76
CA SER W 477 -40.50 -19.49 57.02
C SER W 477 -39.08 -19.05 57.34
N ALA W 478 -38.08 -19.53 56.60
CA ALA W 478 -36.72 -19.03 56.78
C ALA W 478 -36.54 -17.64 56.19
N PHE W 479 -37.41 -17.24 55.26
CA PHE W 479 -37.36 -15.93 54.64
C PHE W 479 -38.46 -14.99 55.15
N ILE W 480 -39.71 -15.46 55.13
CA ILE W 480 -40.85 -14.57 55.39
C ILE W 480 -41.18 -14.42 56.86
N LEU W 481 -40.76 -15.36 57.71
CA LEU W 481 -41.06 -15.28 59.14
C LEU W 481 -39.79 -15.21 59.97
N ILE X 20 -47.87 11.88 55.38
CA ILE X 20 -47.84 11.21 56.68
C ILE X 20 -49.25 10.81 57.10
N ARG X 21 -50.19 11.76 56.95
CA ARG X 21 -51.59 11.48 57.24
C ARG X 21 -52.21 10.50 56.25
N LEU X 22 -51.47 10.10 55.23
CA LEU X 22 -52.02 9.25 54.17
C LEU X 22 -52.38 7.87 54.71
N THR X 23 -53.47 7.32 54.18
CA THR X 23 -53.89 5.97 54.51
C THR X 23 -53.08 4.96 53.68
N PRO X 24 -53.01 3.71 54.14
CA PRO X 24 -52.29 2.70 53.34
C PRO X 24 -52.86 2.51 51.95
N LYS X 25 -54.18 2.65 51.77
CA LYS X 25 -54.77 2.47 50.45
C LYS X 25 -54.36 3.59 49.51
N GLU X 26 -54.24 4.82 50.02
CA GLU X 26 -53.85 5.95 49.18
C GLU X 26 -52.35 5.97 48.92
N ILE X 27 -51.55 5.39 49.82
CA ILE X 27 -50.11 5.31 49.57
C ILE X 27 -49.82 4.40 48.38
N VAL X 28 -50.55 3.29 48.28
CA VAL X 28 -50.40 2.41 47.12
C VAL X 28 -50.84 3.11 45.85
N SER X 29 -51.85 3.98 45.94
CA SER X 29 -52.36 4.68 44.76
C SER X 29 -51.26 5.51 44.11
N LYS X 30 -50.46 6.20 44.93
CA LYS X 30 -49.39 7.04 44.38
C LYS X 30 -48.19 6.20 43.93
N LEU X 31 -47.95 5.06 44.59
CA LEU X 31 -46.88 4.17 44.14
C LEU X 31 -47.22 3.52 42.80
N ASN X 32 -48.51 3.29 42.54
CA ASN X 32 -48.91 2.76 41.24
C ASN X 32 -48.67 3.74 40.11
N GLU X 33 -48.52 5.03 40.42
CA GLU X 33 -48.16 6.02 39.41
C GLU X 33 -46.71 5.90 38.96
N TYR X 34 -45.91 5.05 39.59
CA TYR X 34 -44.48 5.00 39.30
C TYR X 34 -43.96 3.57 39.15
N ILE X 35 -44.51 2.63 39.91
CA ILE X 35 -44.01 1.26 39.96
C ILE X 35 -45.06 0.32 39.38
N VAL X 36 -44.60 -0.62 38.56
CA VAL X 36 -45.46 -1.61 37.91
C VAL X 36 -45.46 -2.88 38.75
N GLY X 37 -46.66 -3.35 39.10
CA GLY X 37 -46.76 -4.60 39.85
C GLY X 37 -46.28 -4.46 41.28
N GLN X 38 -45.83 -5.58 41.84
CA GLN X 38 -45.32 -5.64 43.21
C GLN X 38 -46.36 -5.13 44.21
N ASN X 39 -47.59 -5.63 44.07
CA ASN X 39 -48.66 -5.19 44.95
C ASN X 39 -48.40 -5.60 46.39
N ASP X 40 -47.91 -6.84 46.59
CA ASP X 40 -47.62 -7.29 47.95
C ASP X 40 -46.54 -6.44 48.60
N ALA X 41 -45.53 -6.03 47.82
CA ALA X 41 -44.51 -5.14 48.34
C ALA X 41 -45.07 -3.75 48.59
N LYS X 42 -45.95 -3.26 47.69
CA LYS X 42 -46.53 -1.93 47.86
C LYS X 42 -47.40 -1.85 49.10
N ARG X 43 -48.12 -2.93 49.41
CA ARG X 43 -49.00 -2.91 50.58
C ARG X 43 -48.20 -2.99 51.86
N LYS X 44 -47.22 -3.90 51.92
CA LYS X 44 -46.41 -4.02 53.13
C LYS X 44 -45.57 -2.77 53.37
N VAL X 45 -45.09 -2.14 52.29
CA VAL X 45 -44.36 -0.89 52.44
C VAL X 45 -45.29 0.26 52.83
N ALA X 46 -46.60 0.08 52.65
CA ALA X 46 -47.56 1.11 53.01
C ALA X 46 -47.99 1.02 54.47
N ILE X 47 -48.23 -0.19 54.97
CA ILE X 47 -48.62 -0.34 56.37
C ILE X 47 -47.47 -0.02 57.33
N ALA X 48 -46.24 0.10 56.82
CA ALA X 48 -45.12 0.48 57.67
C ALA X 48 -45.14 1.97 57.98
N LEU X 49 -45.67 2.79 57.08
CA LEU X 49 -45.73 4.22 57.29
C LEU X 49 -46.99 4.66 58.01
N ARG X 50 -48.08 3.89 57.88
CA ARG X 50 -49.27 4.18 58.68
C ARG X 50 -49.01 3.98 60.16
N ASN X 51 -48.06 3.11 60.51
CA ASN X 51 -47.72 2.91 61.92
C ASN X 51 -47.02 4.13 62.51
N ARG X 52 -46.20 4.82 61.72
CA ARG X 52 -45.56 6.03 62.20
C ARG X 52 -46.56 7.15 62.46
N TYR X 53 -47.70 7.12 61.77
CA TYR X 53 -48.79 8.05 62.08
C TYR X 53 -49.48 7.67 63.38
N ARG X 54 -49.78 6.37 63.55
CA ARG X 54 -50.45 5.92 64.76
C ARG X 54 -49.55 6.09 65.99
N ARG X 55 -48.25 5.87 65.83
CA ARG X 55 -47.33 5.95 66.96
C ARG X 55 -47.27 7.37 67.51
N SER X 56 -47.00 8.36 66.64
CA SER X 56 -46.91 9.74 67.08
C SER X 56 -48.20 10.24 67.73
N LEU X 57 -49.31 9.53 67.55
CA LEU X 57 -50.58 9.87 68.16
C LEU X 57 -50.89 9.03 69.40
N LEU X 58 -49.93 8.24 69.88
CA LEU X 58 -50.18 7.31 70.97
C LEU X 58 -50.01 8.02 72.32
N ASP X 59 -49.99 7.24 73.40
CA ASP X 59 -50.15 7.76 74.75
C ASP X 59 -48.79 8.11 75.35
N GLU X 60 -48.28 9.27 74.94
CA GLU X 60 -47.13 9.90 75.58
C GLU X 60 -45.90 9.00 75.59
N GLU X 61 -45.55 8.47 76.76
CA GLU X 61 -44.39 7.59 76.87
C GLU X 61 -44.64 6.22 76.27
N SER X 62 -45.90 5.82 76.11
CA SER X 62 -46.19 4.57 75.41
C SER X 62 -45.75 4.62 73.95
N LYS X 63 -45.77 5.81 73.35
CA LYS X 63 -45.31 5.98 71.98
C LYS X 63 -43.80 6.08 71.87
N GLN X 64 -43.10 6.19 72.99
CA GLN X 64 -41.64 6.24 73.01
C GLN X 64 -41.01 4.88 73.28
N GLU X 65 -41.81 3.81 73.38
CA GLU X 65 -41.29 2.49 73.70
C GLU X 65 -41.86 1.42 72.77
N ILE X 66 -42.19 1.80 71.53
CA ILE X 66 -42.56 0.84 70.50
C ILE X 66 -41.60 1.04 69.32
N SER X 67 -41.19 -0.07 68.71
CA SER X 67 -40.17 0.07 67.67
C SER X 67 -40.81 0.13 66.29
N PRO X 68 -40.18 0.83 65.35
CA PRO X 68 -40.73 0.92 64.00
C PRO X 68 -40.79 -0.45 63.33
N LYS X 69 -41.80 -0.63 62.47
CA LYS X 69 -41.99 -1.88 61.73
C LYS X 69 -41.13 -1.83 60.47
N ASN X 70 -39.83 -2.07 60.66
CA ASN X 70 -38.88 -2.05 59.54
C ASN X 70 -39.22 -3.16 58.54
N ILE X 71 -38.82 -2.93 57.30
CA ILE X 71 -39.17 -3.80 56.19
C ILE X 71 -37.91 -4.49 55.67
N LEU X 72 -38.03 -5.77 55.34
CA LEU X 72 -36.95 -6.53 54.72
C LEU X 72 -37.42 -6.99 53.35
N MET X 73 -36.84 -6.41 52.30
CA MET X 73 -37.21 -6.73 50.93
C MET X 73 -36.33 -7.86 50.39
N ILE X 74 -36.98 -8.89 49.83
CA ILE X 74 -36.29 -10.04 49.28
C ILE X 74 -36.65 -10.13 47.79
N GLY X 75 -35.63 -10.21 46.95
CA GLY X 75 -35.86 -10.33 45.52
C GLY X 75 -34.60 -10.10 44.71
N PRO X 76 -34.59 -10.57 43.46
CA PRO X 76 -33.42 -10.37 42.61
C PRO X 76 -33.28 -8.93 42.16
N THR X 77 -32.21 -8.63 41.42
CA THR X 77 -32.02 -7.29 40.89
C THR X 77 -32.99 -7.03 39.75
N GLY X 78 -33.27 -5.75 39.51
CA GLY X 78 -34.12 -5.32 38.42
C GLY X 78 -35.60 -5.30 38.74
N VAL X 79 -36.03 -5.98 39.80
CA VAL X 79 -37.44 -5.95 40.19
C VAL X 79 -37.86 -4.62 40.78
N GLY X 80 -36.91 -3.72 41.03
CA GLY X 80 -37.21 -2.37 41.48
C GLY X 80 -37.64 -2.28 42.93
N LYS X 81 -36.87 -2.86 43.84
CA LYS X 81 -37.18 -2.72 45.26
C LYS X 81 -36.63 -1.42 45.84
N THR X 82 -35.52 -0.92 45.29
CA THR X 82 -35.02 0.38 45.72
C THR X 82 -35.96 1.50 45.32
N GLU X 83 -36.53 1.43 44.11
CA GLU X 83 -37.46 2.46 43.66
C GLU X 83 -38.71 2.48 44.53
N ILE X 84 -39.18 1.32 44.99
CA ILE X 84 -40.35 1.30 45.87
C ILE X 84 -40.06 2.08 47.14
N ALA X 85 -38.88 1.87 47.73
CA ALA X 85 -38.55 2.60 48.95
C ALA X 85 -38.29 4.08 48.67
N ARG X 86 -37.62 4.38 47.56
CA ARG X 86 -37.21 5.75 47.27
C ARG X 86 -38.41 6.62 46.92
N ARG X 87 -39.22 6.17 45.95
CA ARG X 87 -40.38 6.96 45.52
C ARG X 87 -41.43 7.07 46.64
N MET X 88 -41.58 6.01 47.43
CA MET X 88 -42.50 6.07 48.56
C MET X 88 -42.09 7.14 49.55
N ALA X 89 -40.79 7.22 49.86
CA ALA X 89 -40.29 8.30 50.70
C ALA X 89 -40.50 9.66 50.05
N LYS X 90 -40.64 9.70 48.72
CA LYS X 90 -40.87 10.96 48.03
C LYS X 90 -42.33 11.39 48.10
N VAL X 91 -43.27 10.43 48.08
CA VAL X 91 -44.67 10.80 48.16
C VAL X 91 -45.10 11.16 49.58
N VAL X 92 -44.33 10.73 50.59
CA VAL X 92 -44.61 11.12 51.97
C VAL X 92 -43.74 12.28 52.44
N GLY X 93 -42.75 12.69 51.66
CA GLY X 93 -41.92 13.84 51.98
C GLY X 93 -40.74 13.55 52.89
N ALA X 94 -40.53 12.30 53.29
CA ALA X 94 -39.46 11.98 54.21
C ALA X 94 -38.10 11.94 53.48
N PRO X 95 -37.03 12.32 54.16
CA PRO X 95 -35.69 12.15 53.58
C PRO X 95 -35.37 10.68 53.35
N PHE X 96 -34.42 10.45 52.46
CA PHE X 96 -34.12 9.10 52.01
C PHE X 96 -32.63 8.98 51.71
N ILE X 97 -32.06 7.84 52.07
CA ILE X 97 -30.66 7.54 51.79
C ILE X 97 -30.55 6.06 51.48
N LYS X 98 -29.75 5.73 50.46
CA LYS X 98 -29.44 4.35 50.10
C LYS X 98 -27.97 4.09 50.37
N VAL X 99 -27.68 3.10 51.22
CA VAL X 99 -26.31 2.72 51.52
C VAL X 99 -26.10 1.27 51.10
N GLU X 100 -24.87 0.97 50.72
CA GLU X 100 -24.47 -0.39 50.37
C GLU X 100 -23.82 -1.02 51.60
N ALA X 101 -24.45 -2.07 52.13
CA ALA X 101 -23.95 -2.71 53.34
C ALA X 101 -22.54 -3.27 53.15
N THR X 102 -22.15 -3.57 51.92
CA THR X 102 -20.83 -4.14 51.64
C THR X 102 -19.71 -3.11 51.73
N LYS X 103 -20.03 -1.83 51.92
CA LYS X 103 -19.00 -0.81 52.07
C LYS X 103 -18.36 -0.81 53.46
N PHE X 104 -18.95 -1.51 54.43
CA PHE X 104 -18.51 -1.44 55.82
C PHE X 104 -17.64 -2.62 56.23
N THR X 105 -17.10 -3.37 55.26
CA THR X 105 -16.19 -4.48 55.55
C THR X 105 -14.78 -3.91 55.63
N GLU X 106 -14.48 -3.27 56.75
CA GLU X 106 -13.19 -2.62 56.97
C GLU X 106 -12.98 -2.29 58.44
N LEU X 107 -13.42 -3.18 59.33
CA LEU X 107 -13.26 -2.97 60.77
C LEU X 107 -11.81 -3.14 61.21
N ASP X 113 -17.17 3.14 60.30
CA ASP X 113 -17.98 4.34 60.47
C ASP X 113 -19.41 4.09 60.00
N VAL X 114 -20.10 3.17 60.67
CA VAL X 114 -21.46 2.84 60.28
C VAL X 114 -22.43 3.97 60.58
N GLU X 115 -22.06 4.90 61.47
CA GLU X 115 -22.90 6.05 61.78
C GLU X 115 -23.04 7.01 60.60
N SER X 116 -22.30 6.80 59.52
CA SER X 116 -22.37 7.69 58.37
C SER X 116 -23.72 7.58 57.64
N MET X 117 -24.49 6.52 57.88
CA MET X 117 -25.81 6.43 57.29
C MET X 117 -26.70 7.57 57.79
N VAL X 118 -26.73 7.78 59.10
CA VAL X 118 -27.57 8.82 59.68
C VAL X 118 -27.03 10.20 59.32
N ARG X 119 -25.70 10.35 59.30
CA ARG X 119 -25.11 11.63 58.99
C ARG X 119 -25.44 12.05 57.56
N ASP X 120 -25.35 11.12 56.61
CA ASP X 120 -25.79 11.41 55.25
C ASP X 120 -27.30 11.62 55.17
N LEU X 121 -28.05 10.98 56.07
CA LEU X 121 -29.50 11.15 56.07
C LEU X 121 -29.90 12.52 56.60
N VAL X 122 -29.20 13.01 57.64
CA VAL X 122 -29.51 14.33 58.17
C VAL X 122 -29.08 15.41 57.18
N ASP X 123 -28.09 15.12 56.34
CA ASP X 123 -27.67 16.08 55.32
C ASP X 123 -28.82 16.39 54.36
N VAL X 124 -29.49 15.35 53.87
CA VAL X 124 -30.63 15.57 52.98
C VAL X 124 -31.87 16.03 53.74
N SER X 125 -31.92 15.79 55.06
CA SER X 125 -33.05 16.26 55.86
C SER X 125 -33.16 17.78 55.82
N VAL X 126 -32.05 18.47 56.06
CA VAL X 126 -32.05 19.93 55.94
C VAL X 126 -32.02 20.37 54.48
N ARG X 127 -31.57 19.50 53.57
CA ARG X 127 -31.58 19.84 52.15
C ARG X 127 -33.00 19.91 51.61
N LEU X 128 -33.91 19.10 52.16
CA LEU X 128 -35.31 19.18 51.76
C LEU X 128 -35.98 20.42 52.33
N VAL X 129 -35.77 20.69 53.62
CA VAL X 129 -36.33 21.89 54.22
C VAL X 129 -35.69 23.15 53.64
N LYS X 130 -34.53 23.02 52.99
CA LYS X 130 -33.97 24.10 52.19
C LYS X 130 -34.57 24.09 50.78
N ALA X 131 -35.89 23.98 50.73
CA ALA X 131 -36.63 23.95 49.47
C ALA X 131 -38.12 24.12 49.74
N GLU X 283 -33.52 17.57 61.86
CA GLU X 283 -34.58 17.62 62.86
C GLU X 283 -35.82 16.88 62.37
N LEU X 284 -36.01 16.87 61.05
CA LEU X 284 -37.11 16.13 60.46
C LEU X 284 -36.78 14.65 60.28
N ALA X 285 -35.49 14.33 60.11
CA ALA X 285 -35.08 12.96 59.83
C ALA X 285 -35.52 12.01 60.94
N GLU X 286 -35.22 12.36 62.19
CA GLU X 286 -35.54 11.46 63.30
C GLU X 286 -37.04 11.30 63.52
N GLN X 287 -37.85 12.19 62.96
CA GLN X 287 -39.30 12.06 63.04
C GLN X 287 -39.84 11.24 61.88
N MET X 288 -39.46 11.58 60.65
CA MET X 288 -39.85 10.83 59.46
C MET X 288 -38.59 10.68 58.59
N GLY X 289 -37.87 9.59 58.79
CA GLY X 289 -36.69 9.30 58.01
C GLY X 289 -36.66 7.85 57.59
N ILE X 290 -36.04 7.60 56.44
CA ILE X 290 -35.98 6.26 55.86
C ILE X 290 -34.56 5.99 55.38
N ILE X 291 -33.99 4.89 55.85
CA ILE X 291 -32.64 4.47 55.46
C ILE X 291 -32.76 3.12 54.76
N PHE X 292 -32.25 3.05 53.53
CA PHE X 292 -32.31 1.85 52.71
C PHE X 292 -30.93 1.21 52.69
N ILE X 293 -30.82 -0.01 53.22
CA ILE X 293 -29.56 -0.73 53.33
C ILE X 293 -29.60 -1.86 52.30
N ASP X 294 -28.87 -1.67 51.20
CA ASP X 294 -28.81 -2.65 50.12
C ASP X 294 -27.68 -3.65 50.36
N GLU X 295 -27.83 -4.83 49.75
CA GLU X 295 -26.84 -5.91 49.85
C GLU X 295 -26.62 -6.34 51.29
N ILE X 296 -27.68 -6.31 52.10
CA ILE X 296 -27.60 -6.75 53.48
C ILE X 296 -27.50 -8.27 53.61
N ASP X 297 -27.79 -9.00 52.53
CA ASP X 297 -27.60 -10.45 52.54
C ASP X 297 -26.14 -10.84 52.43
N LYS X 298 -25.28 -9.93 51.96
CA LYS X 298 -23.86 -10.22 51.84
C LYS X 298 -23.14 -10.15 53.19
N VAL X 299 -23.68 -9.41 54.15
CA VAL X 299 -23.14 -9.39 55.51
C VAL X 299 -23.88 -10.41 56.36
N ALA X 300 -24.03 -11.62 55.83
CA ALA X 300 -24.72 -12.70 56.53
C ALA X 300 -23.87 -13.95 56.52
N THR X 301 -24.02 -14.77 57.57
CA THR X 301 -23.24 -15.98 57.71
C THR X 301 -24.08 -17.22 57.39
N GLN X 313 -19.94 -10.30 60.09
CA GLN X 313 -20.60 -10.60 61.36
C GLN X 313 -20.61 -9.37 62.26
N GLY X 314 -19.52 -8.59 62.21
CA GLY X 314 -19.44 -7.36 62.97
C GLY X 314 -20.14 -6.18 62.34
N VAL X 315 -20.52 -6.30 61.06
CA VAL X 315 -21.24 -5.21 60.40
C VAL X 315 -22.68 -5.15 60.90
N GLN X 316 -23.30 -6.31 61.13
CA GLN X 316 -24.63 -6.34 61.70
C GLN X 316 -24.64 -5.82 63.13
N ARG X 317 -23.57 -6.07 63.88
CA ARG X 317 -23.48 -5.60 65.25
C ARG X 317 -23.21 -4.10 65.33
N ASP X 318 -22.60 -3.52 64.29
CA ASP X 318 -22.45 -2.06 64.24
C ASP X 318 -23.71 -1.38 63.71
N ILE X 319 -24.43 -2.04 62.80
CA ILE X 319 -25.73 -1.54 62.37
C ILE X 319 -26.74 -1.62 63.51
N LEU X 320 -26.56 -2.59 64.41
CA LEU X 320 -27.53 -2.85 65.48
C LEU X 320 -27.88 -1.61 66.32
N PRO X 321 -26.94 -0.86 66.90
CA PRO X 321 -27.35 0.26 67.76
C PRO X 321 -28.16 1.31 67.03
N ILE X 322 -27.92 1.50 65.74
CA ILE X 322 -28.71 2.46 64.97
C ILE X 322 -30.17 2.03 64.91
N LEU X 323 -30.41 0.74 64.70
CA LEU X 323 -31.78 0.24 64.74
C LEU X 323 -32.28 0.09 66.16
N GLU X 324 -31.40 -0.19 67.12
CA GLU X 324 -31.79 -0.21 68.52
C GLU X 324 -32.24 1.16 68.99
N GLY X 325 -31.68 2.23 68.41
CA GLY X 325 -32.03 3.57 68.81
C GLY X 325 -30.93 4.22 69.64
N SER X 326 -30.06 4.99 68.98
CA SER X 326 -28.95 5.65 69.63
C SER X 326 -28.86 7.10 69.15
N VAL X 327 -28.13 7.91 69.92
CA VAL X 327 -27.93 9.32 69.62
C VAL X 327 -26.68 9.46 68.77
N ILE X 328 -26.82 10.06 67.58
CA ILE X 328 -25.75 10.15 66.60
C ILE X 328 -25.29 11.60 66.51
N GLN X 329 -23.97 11.77 66.43
CA GLN X 329 -23.37 13.10 66.32
C GLN X 329 -23.32 13.52 64.86
N THR X 330 -23.94 14.66 64.55
CA THR X 330 -23.86 15.26 63.22
C THR X 330 -23.15 16.60 63.34
N LYS X 331 -23.40 17.51 62.39
CA LYS X 331 -22.87 18.85 62.49
C LYS X 331 -23.93 19.90 62.78
N TYR X 332 -25.20 19.62 62.50
CA TYR X 332 -26.30 20.49 62.85
C TYR X 332 -26.85 20.20 64.25
N GLY X 333 -26.21 19.28 64.98
CA GLY X 333 -26.69 18.86 66.28
C GLY X 333 -26.60 17.37 66.45
N THR X 334 -27.45 16.79 67.30
CA THR X 334 -27.49 15.35 67.51
C THR X 334 -28.92 14.86 67.33
N VAL X 335 -29.10 13.83 66.51
CA VAL X 335 -30.39 13.20 66.30
C VAL X 335 -30.36 11.81 66.91
N ASN X 336 -31.55 11.28 67.18
CA ASN X 336 -31.70 9.93 67.70
C ASN X 336 -32.44 9.08 66.67
N THR X 337 -31.93 7.87 66.42
CA THR X 337 -32.47 6.97 65.42
C THR X 337 -33.52 6.02 65.97
N GLU X 338 -34.23 6.43 67.04
CA GLU X 338 -35.23 5.56 67.64
C GLU X 338 -36.41 5.33 66.69
N HIS X 339 -36.81 6.36 65.96
CA HIS X 339 -38.02 6.31 65.15
C HIS X 339 -37.77 6.45 63.66
N MET X 340 -36.53 6.32 63.21
CA MET X 340 -36.25 6.24 61.79
C MET X 340 -36.60 4.86 61.26
N LEU X 341 -37.08 4.82 60.02
CA LEU X 341 -37.52 3.58 59.39
C LEU X 341 -36.38 3.00 58.56
N PHE X 342 -36.09 1.71 58.77
CA PHE X 342 -35.02 1.03 58.06
C PHE X 342 -35.62 -0.01 57.12
N ILE X 343 -35.02 -0.12 55.93
CA ILE X 343 -35.45 -1.07 54.91
C ILE X 343 -34.22 -1.80 54.41
N GLY X 344 -34.18 -3.11 54.61
CA GLY X 344 -33.09 -3.94 54.14
C GLY X 344 -33.50 -4.72 52.90
N ALA X 345 -32.58 -4.80 51.94
CA ALA X 345 -32.84 -5.49 50.68
C ALA X 345 -31.76 -6.53 50.43
N GLY X 346 -31.93 -7.29 49.37
CA GLY X 346 -31.01 -8.33 48.99
C GLY X 346 -31.73 -9.46 48.30
N ALA X 347 -30.98 -10.21 47.49
CA ALA X 347 -31.55 -11.37 46.80
C ALA X 347 -31.53 -12.63 47.64
N PHE X 348 -30.60 -12.71 48.61
CA PHE X 348 -30.47 -13.87 49.48
C PHE X 348 -30.27 -15.16 48.67
N HIS X 349 -29.32 -15.11 47.73
CA HIS X 349 -28.94 -16.30 46.99
C HIS X 349 -27.94 -17.15 47.76
N VAL X 350 -27.07 -16.52 48.55
CA VAL X 350 -26.02 -17.22 49.27
C VAL X 350 -26.34 -17.34 50.75
N SER X 351 -27.42 -16.75 51.23
CA SER X 351 -27.77 -16.80 52.63
C SER X 351 -29.30 -16.75 52.75
N LYS X 352 -29.78 -16.59 53.97
CA LYS X 352 -31.20 -16.50 54.28
C LYS X 352 -31.40 -15.39 55.29
N PRO X 353 -32.60 -14.83 55.37
CA PRO X 353 -32.88 -13.87 56.46
C PRO X 353 -32.69 -14.47 57.84
N SER X 354 -32.86 -15.79 57.98
CA SER X 354 -32.62 -16.46 59.25
C SER X 354 -31.14 -16.52 59.60
N ASP X 355 -30.24 -16.20 58.65
CA ASP X 355 -28.82 -16.14 58.94
C ASP X 355 -28.39 -14.82 59.55
N LEU X 356 -29.27 -13.82 59.57
CA LEU X 356 -28.96 -12.56 60.25
C LEU X 356 -28.92 -12.79 61.76
N ILE X 357 -28.23 -11.90 62.46
CA ILE X 357 -28.16 -11.97 63.91
C ILE X 357 -29.59 -11.86 64.43
N PRO X 358 -29.93 -12.55 65.53
CA PRO X 358 -31.33 -12.53 66.00
C PRO X 358 -31.85 -11.14 66.30
N GLU X 359 -30.97 -10.23 66.76
CA GLU X 359 -31.42 -8.86 67.03
C GLU X 359 -31.89 -8.16 65.77
N LEU X 360 -31.16 -8.32 64.67
CA LEU X 360 -31.62 -7.79 63.39
C LEU X 360 -32.79 -8.61 62.86
N GLN X 361 -32.77 -9.93 63.08
CA GLN X 361 -33.82 -10.79 62.57
C GLN X 361 -35.18 -10.45 63.17
N GLY X 362 -35.20 -9.96 64.42
CA GLY X 362 -36.43 -9.57 65.06
C GLY X 362 -36.86 -8.13 64.88
N ARG X 363 -35.98 -7.28 64.36
CA ARG X 363 -36.30 -5.89 64.11
C ARG X 363 -36.69 -5.63 62.65
N PHE X 364 -37.06 -6.68 61.93
CA PHE X 364 -37.63 -6.57 60.59
C PHE X 364 -38.93 -7.36 60.55
N PRO X 365 -39.99 -6.83 61.18
CA PRO X 365 -41.25 -7.61 61.26
C PRO X 365 -41.94 -7.71 59.91
N ILE X 366 -41.93 -6.64 59.13
CA ILE X 366 -42.54 -6.63 57.82
C ILE X 366 -41.55 -7.21 56.82
N ARG X 367 -41.92 -8.30 56.16
CA ARG X 367 -41.07 -8.96 55.20
C ARG X 367 -41.86 -9.32 53.95
N VAL X 368 -41.27 -9.06 52.79
CA VAL X 368 -41.92 -9.33 51.51
C VAL X 368 -40.89 -9.90 50.54
N GLU X 369 -41.26 -10.98 49.84
CA GLU X 369 -40.47 -11.51 48.73
C GLU X 369 -41.05 -10.95 47.44
N LEU X 370 -40.32 -10.04 46.80
CA LEU X 370 -40.81 -9.41 45.58
C LEU X 370 -40.89 -10.42 44.45
N ASP X 371 -41.68 -10.06 43.43
CA ASP X 371 -41.97 -10.95 42.32
C ASP X 371 -40.97 -10.75 41.19
N SER X 372 -40.63 -11.84 40.51
CA SER X 372 -39.79 -11.74 39.33
C SER X 372 -40.55 -11.10 38.18
N LEU X 373 -39.80 -10.50 37.26
CA LEU X 373 -40.39 -9.77 36.16
C LEU X 373 -40.54 -10.67 34.93
N SER X 374 -41.57 -10.40 34.16
CA SER X 374 -41.84 -11.11 32.92
C SER X 374 -41.79 -10.13 31.75
N VAL X 375 -41.78 -10.69 30.54
CA VAL X 375 -41.84 -9.86 29.35
C VAL X 375 -43.12 -9.02 29.34
N GLU X 376 -44.20 -9.56 29.92
CA GLU X 376 -45.43 -8.80 30.06
C GLU X 376 -45.24 -7.64 31.06
N ASP X 377 -44.38 -7.82 32.06
CA ASP X 377 -44.08 -6.73 32.97
C ASP X 377 -43.23 -5.67 32.28
N PHE X 378 -42.32 -6.08 31.39
CA PHE X 378 -41.43 -5.13 30.75
C PHE X 378 -42.20 -4.16 29.85
N VAL X 379 -43.21 -4.65 29.12
CA VAL X 379 -44.01 -3.74 28.30
C VAL X 379 -44.80 -2.78 29.16
N ARG X 380 -45.08 -3.13 30.42
CA ARG X 380 -45.75 -2.20 31.32
C ARG X 380 -44.77 -1.22 31.94
N ILE X 381 -43.58 -1.69 32.33
CA ILE X 381 -42.56 -0.79 32.85
C ILE X 381 -42.06 0.17 31.78
N LEU X 382 -42.23 -0.19 30.51
CA LEU X 382 -41.75 0.64 29.41
C LEU X 382 -42.75 1.71 28.98
N THR X 383 -44.04 1.54 29.29
CA THR X 383 -45.08 2.45 28.82
C THR X 383 -45.92 3.04 29.94
N GLU X 384 -46.29 2.24 30.96
CA GLU X 384 -47.28 2.69 31.93
C GLU X 384 -46.78 3.83 32.81
N PRO X 385 -45.69 3.67 33.58
CA PRO X 385 -45.44 4.63 34.67
C PRO X 385 -45.15 6.02 34.17
N LYS X 386 -45.56 7.01 34.97
CA LYS X 386 -45.15 8.37 34.72
C LYS X 386 -43.62 8.45 34.71
N LEU X 387 -43.08 9.26 33.79
CA LEU X 387 -41.64 9.39 33.62
C LEU X 387 -40.99 8.05 33.23
N SER X 388 -41.71 7.22 32.49
CA SER X 388 -41.14 5.98 32.01
C SER X 388 -40.11 6.27 30.91
N LEU X 389 -39.40 5.21 30.50
CA LEU X 389 -38.25 5.39 29.62
C LEU X 389 -38.66 6.00 28.28
N ILE X 390 -39.76 5.53 27.69
CA ILE X 390 -40.16 6.08 26.39
C ILE X 390 -40.72 7.49 26.56
N LYS X 391 -41.34 7.79 27.70
CA LYS X 391 -41.75 9.15 27.97
C LYS X 391 -40.54 10.07 28.07
N GLN X 392 -39.44 9.55 28.66
CA GLN X 392 -38.21 10.33 28.72
C GLN X 392 -37.64 10.58 27.34
N TYR X 393 -37.60 9.54 26.49
CA TYR X 393 -37.04 9.70 25.17
C TYR X 393 -37.94 10.54 24.26
N GLU X 394 -39.26 10.37 24.39
CA GLU X 394 -40.17 11.22 23.63
C GLU X 394 -40.02 12.68 24.03
N ALA X 395 -39.77 12.94 25.31
CA ALA X 395 -39.54 14.31 25.76
C ALA X 395 -38.18 14.82 25.32
N LEU X 396 -37.15 13.97 25.36
CA LEU X 396 -35.81 14.40 24.99
C LEU X 396 -35.73 14.78 23.51
N LEU X 397 -36.31 13.95 22.64
CA LEU X 397 -36.27 14.24 21.21
C LEU X 397 -37.26 15.32 20.80
N GLN X 398 -38.28 15.59 21.62
CA GLN X 398 -39.14 16.74 21.37
C GLN X 398 -38.37 18.05 21.52
N THR X 399 -37.31 18.05 22.33
CA THR X 399 -36.46 19.23 22.44
C THR X 399 -35.76 19.53 21.12
N GLU X 400 -35.41 18.49 20.36
CA GLU X 400 -34.89 18.67 19.00
C GLU X 400 -36.01 18.93 17.99
N GLU X 401 -37.23 19.21 18.46
CA GLU X 401 -38.40 19.40 17.60
C GLU X 401 -38.67 18.17 16.74
N VAL X 402 -38.38 16.99 17.27
CA VAL X 402 -38.62 15.72 16.59
C VAL X 402 -39.66 14.96 17.37
N THR X 403 -40.71 14.51 16.69
CA THR X 403 -41.78 13.74 17.30
C THR X 403 -41.56 12.27 16.95
N VAL X 404 -41.35 11.45 17.97
CA VAL X 404 -41.09 10.02 17.80
C VAL X 404 -42.24 9.23 18.43
N ASN X 405 -42.73 8.23 17.69
CA ASN X 405 -43.84 7.42 18.14
C ASN X 405 -43.45 5.95 18.12
N PHE X 406 -43.82 5.24 19.18
CA PHE X 406 -43.53 3.82 19.33
C PHE X 406 -44.82 3.04 19.14
N THR X 407 -44.91 2.27 18.06
CA THR X 407 -46.05 1.39 17.87
C THR X 407 -46.07 0.34 18.98
N ASP X 408 -47.28 0.04 19.47
CA ASP X 408 -47.41 -0.87 20.61
C ASP X 408 -46.85 -2.26 20.34
N GLU X 409 -46.60 -2.59 19.07
CA GLU X 409 -45.95 -3.86 18.75
C GLU X 409 -44.44 -3.74 18.70
N ALA X 410 -43.91 -2.55 18.44
CA ALA X 410 -42.47 -2.34 18.55
C ALA X 410 -42.04 -2.25 20.01
N ILE X 411 -42.89 -1.67 20.88
CA ILE X 411 -42.64 -1.71 22.31
C ILE X 411 -42.60 -3.15 22.80
N THR X 412 -43.53 -3.98 22.33
CA THR X 412 -43.55 -5.38 22.72
C THR X 412 -42.31 -6.11 22.23
N ARG X 413 -41.76 -5.70 21.09
CA ARG X 413 -40.55 -6.34 20.58
C ARG X 413 -39.31 -5.91 21.36
N LEU X 414 -39.29 -4.68 21.88
CA LEU X 414 -38.17 -4.24 22.70
C LEU X 414 -38.10 -5.03 24.01
N ALA X 415 -39.26 -5.34 24.60
CA ALA X 415 -39.28 -6.07 25.86
C ALA X 415 -38.82 -7.51 25.67
N GLU X 416 -39.19 -8.13 24.55
CA GLU X 416 -38.78 -9.50 24.29
C GLU X 416 -37.26 -9.61 24.19
N ILE X 417 -36.63 -8.68 23.46
CA ILE X 417 -35.18 -8.71 23.32
C ILE X 417 -34.50 -8.46 24.67
N ALA X 418 -35.01 -7.50 25.45
CA ALA X 418 -34.46 -7.25 26.77
C ALA X 418 -34.69 -8.43 27.69
N TYR X 419 -35.83 -9.11 27.55
CA TYR X 419 -36.08 -10.30 28.37
C TYR X 419 -35.23 -11.47 27.90
N GLN X 420 -35.08 -11.62 26.58
CA GLN X 420 -34.30 -12.74 26.04
C GLN X 420 -32.84 -12.64 26.46
N VAL X 421 -32.22 -11.48 26.23
CA VAL X 421 -30.80 -11.31 26.51
C VAL X 421 -30.49 -11.35 28.00
N ASN X 422 -31.51 -11.27 28.86
CA ASN X 422 -31.31 -11.52 30.28
C ASN X 422 -31.17 -13.01 30.57
N GLN X 423 -31.55 -13.87 29.63
CA GLN X 423 -31.41 -15.32 29.82
C GLN X 423 -30.09 -15.83 29.26
N ASP X 424 -29.65 -15.31 28.11
CA ASP X 424 -28.44 -15.80 27.47
C ASP X 424 -27.21 -15.50 28.31
N THR X 425 -27.00 -14.23 28.66
CA THR X 425 -25.89 -13.87 29.53
C THR X 425 -26.31 -14.03 30.99
N ASP X 426 -26.42 -12.93 31.73
CA ASP X 426 -26.91 -12.97 33.10
C ASP X 426 -28.04 -11.97 33.26
N ASN X 427 -28.94 -12.24 34.20
CA ASN X 427 -30.17 -11.48 34.36
C ASN X 427 -29.92 -10.28 35.26
N ILE X 428 -30.26 -9.09 34.76
CA ILE X 428 -30.22 -7.86 35.54
C ILE X 428 -31.59 -7.21 35.65
N GLY X 429 -32.65 -7.92 35.27
CA GLY X 429 -33.99 -7.41 35.45
C GLY X 429 -34.30 -6.25 34.52
N ALA X 430 -35.04 -5.27 35.05
CA ALA X 430 -35.46 -4.12 34.25
C ALA X 430 -34.31 -3.18 33.91
N ARG X 431 -33.11 -3.41 34.46
CA ARG X 431 -31.95 -2.59 34.10
C ARG X 431 -31.48 -2.86 32.67
N ARG X 432 -31.95 -3.93 32.05
CA ARG X 432 -31.57 -4.22 30.67
C ARG X 432 -32.20 -3.24 29.68
N LEU X 433 -33.22 -2.49 30.10
CA LEU X 433 -33.93 -1.62 29.16
C LEU X 433 -33.09 -0.42 28.75
N HIS X 434 -32.35 0.18 29.68
CA HIS X 434 -31.62 1.41 29.37
C HIS X 434 -30.58 1.18 28.28
N THR X 435 -29.98 0.00 28.23
CA THR X 435 -29.02 -0.31 27.18
C THR X 435 -29.69 -0.71 25.87
N ILE X 436 -30.96 -1.13 25.92
CA ILE X 436 -31.67 -1.51 24.70
C ILE X 436 -32.21 -0.29 23.99
N LEU X 437 -32.92 0.59 24.72
CA LEU X 437 -33.47 1.79 24.10
C LEU X 437 -32.38 2.68 23.53
N GLU X 438 -31.24 2.78 24.21
CA GLU X 438 -30.17 3.64 23.74
C GLU X 438 -29.50 3.07 22.49
N LYS X 439 -29.50 1.73 22.34
CA LYS X 439 -28.81 1.13 21.22
C LYS X 439 -29.58 1.34 19.91
N MET X 440 -30.91 1.27 19.96
CA MET X 440 -31.69 1.38 18.73
C MET X 440 -32.17 2.80 18.44
N LEU X 441 -32.21 3.67 19.45
CA LEU X 441 -32.33 5.11 19.25
C LEU X 441 -30.98 5.77 18.95
N GLU X 442 -29.99 4.96 18.58
CA GLU X 442 -28.64 5.46 18.37
C GLU X 442 -28.59 6.44 17.19
N ASP X 443 -28.96 5.98 16.00
CA ASP X 443 -28.89 6.82 14.82
C ASP X 443 -29.88 7.98 14.89
N LEU X 444 -31.01 7.78 15.56
CA LEU X 444 -31.97 8.87 15.71
C LEU X 444 -31.41 9.99 16.58
N SER X 445 -30.75 9.63 17.68
CA SER X 445 -30.21 10.64 18.58
C SER X 445 -29.11 11.47 17.92
N PHE X 446 -28.34 10.86 17.01
CA PHE X 446 -27.26 11.60 16.37
C PHE X 446 -27.77 12.50 15.24
N GLU X 447 -28.83 12.08 14.54
CA GLU X 447 -29.35 12.80 13.40
C GLU X 447 -30.51 13.72 13.74
N ALA X 448 -30.94 13.75 15.01
CA ALA X 448 -32.13 14.53 15.38
C ALA X 448 -31.98 16.02 15.15
N PRO X 449 -30.89 16.69 15.56
CA PRO X 449 -30.82 18.15 15.36
C PRO X 449 -30.80 18.57 13.90
N SER X 450 -30.37 17.69 12.99
CA SER X 450 -30.43 17.94 11.56
C SER X 450 -31.70 17.38 10.93
N MET X 451 -32.77 17.24 11.72
CA MET X 451 -34.00 16.61 11.26
C MET X 451 -35.20 17.18 12.01
N PRO X 452 -35.43 18.49 11.95
CA PRO X 452 -36.48 19.10 12.77
C PRO X 452 -37.86 18.90 12.16
N ASN X 453 -38.87 19.04 13.02
CA ASN X 453 -40.28 18.96 12.68
C ASN X 453 -40.67 17.62 12.06
N ALA X 454 -39.77 16.65 12.01
CA ALA X 454 -40.04 15.38 11.37
C ALA X 454 -40.90 14.49 12.27
N VAL X 455 -41.37 13.40 11.68
CA VAL X 455 -42.15 12.39 12.39
C VAL X 455 -41.49 11.04 12.16
N VAL X 456 -41.04 10.40 13.24
CA VAL X 456 -40.33 9.13 13.19
C VAL X 456 -41.18 8.08 13.87
N ASP X 457 -41.55 7.04 13.14
CA ASP X 457 -42.34 5.94 13.68
C ASP X 457 -41.42 4.75 13.93
N ILE X 458 -41.42 4.25 15.15
CA ILE X 458 -40.61 3.09 15.53
C ILE X 458 -41.42 1.84 15.23
N THR X 459 -41.05 1.14 14.19
CA THR X 459 -41.72 -0.09 13.82
C THR X 459 -40.94 -1.29 14.33
N PRO X 460 -41.62 -2.40 14.63
CA PRO X 460 -40.91 -3.59 15.13
C PRO X 460 -39.85 -4.10 14.18
N GLN X 461 -39.98 -3.85 12.87
CA GLN X 461 -38.92 -4.27 11.95
C GLN X 461 -37.67 -3.43 12.14
N TYR X 462 -37.82 -2.15 12.50
CA TYR X 462 -36.65 -1.32 12.76
C TYR X 462 -35.94 -1.74 14.04
N VAL X 463 -36.68 -2.22 15.03
CA VAL X 463 -36.07 -2.75 16.24
C VAL X 463 -35.15 -3.92 15.90
N ASP X 464 -35.63 -4.83 15.05
CA ASP X 464 -34.80 -5.95 14.63
C ASP X 464 -33.62 -5.49 13.79
N ASP X 465 -33.80 -4.44 12.98
CA ASP X 465 -32.71 -3.91 12.18
C ASP X 465 -31.56 -3.41 13.05
N LYS X 466 -31.83 -3.06 14.29
CA LYS X 466 -30.80 -2.56 15.20
C LYS X 466 -30.30 -3.61 16.18
N LEU X 467 -31.17 -4.53 16.62
CA LEU X 467 -30.86 -5.39 17.75
C LEU X 467 -30.98 -6.89 17.49
N LYS X 468 -31.72 -7.31 16.47
CA LYS X 468 -31.91 -8.75 16.25
C LYS X 468 -30.57 -9.45 16.04
N SER X 469 -29.70 -8.86 15.22
CA SER X 469 -28.43 -9.52 14.89
C SER X 469 -27.51 -9.62 16.11
N ILE X 470 -27.56 -8.64 17.01
CA ILE X 470 -26.65 -8.62 18.15
C ILE X 470 -27.29 -9.11 19.44
N SER X 471 -28.59 -9.41 19.44
CA SER X 471 -29.20 -10.06 20.59
C SER X 471 -29.02 -11.57 20.54
N THR X 472 -28.86 -12.12 19.35
CA THR X 472 -28.55 -13.54 19.18
C THR X 472 -27.06 -13.82 19.33
N ASN X 473 -26.22 -12.79 19.36
CA ASN X 473 -24.79 -12.93 19.56
C ASN X 473 -24.52 -12.97 21.05
N LYS X 474 -24.35 -14.18 21.59
CA LYS X 474 -24.08 -14.34 23.02
C LYS X 474 -22.81 -13.63 23.43
N ASP X 475 -21.74 -13.80 22.66
CA ASP X 475 -20.45 -13.23 23.04
C ASP X 475 -20.43 -11.71 22.90
N LEU X 476 -21.19 -11.18 21.94
CA LEU X 476 -21.19 -9.73 21.71
C LEU X 476 -22.11 -9.00 22.69
N SER X 477 -23.24 -9.62 23.06
CA SER X 477 -24.17 -8.97 23.98
C SER X 477 -23.56 -8.78 25.36
N ALA X 478 -22.57 -9.60 25.74
CA ALA X 478 -21.90 -9.41 27.02
C ALA X 478 -21.11 -8.11 27.08
N PHE X 479 -20.86 -7.45 25.96
CA PHE X 479 -20.11 -6.21 25.90
C PHE X 479 -20.95 -5.00 25.54
N ILE X 480 -21.93 -5.15 24.65
CA ILE X 480 -22.70 -4.02 24.13
C ILE X 480 -24.05 -3.90 24.80
N LEU X 481 -24.77 -5.01 24.98
CA LEU X 481 -26.12 -4.97 25.50
C LEU X 481 -26.20 -5.31 26.99
#